data_8JCH
#
_entry.id   8JCH
#
_cell.length_a   1.00
_cell.length_b   1.00
_cell.length_c   1.00
_cell.angle_alpha   90.00
_cell.angle_beta   90.00
_cell.angle_gamma   90.00
#
_symmetry.space_group_name_H-M   'P 1'
#
loop_
_entity.id
_entity.type
_entity.pdbx_description
1 polymer 'DNA-directed RNA polymerase II subunit RPB1'
2 polymer 'DNA-directed RNA polymerase II subunit RPB2'
3 polymer 'DNA-directed RNA polymerase II subunit RPB3'
4 polymer 'DNA-directed RNA polymerase II subunit RPB4'
5 polymer 'DNA-directed RNA polymerases I, II, and III subunit RPABC1'
6 polymer 'DNA-directed RNA polymerases I, II, and III subunit RPABC2'
7 polymer 'DNA-directed RNA polymerase II subunit RPB7'
8 polymer 'DNA-directed RNA polymerases I, II, and III subunit RPABC3'
9 polymer 'DNA-directed RNA polymerase II subunit RPB9'
10 polymer 'DNA-directed RNA polymerases I, II, and III subunit RPABC5'
11 polymer 'DNA-directed RNA polymerase II subunit RPB11'
12 polymer 'DNA-directed RNA polymerases I, II, and III subunit RPABC4'
13 polymer "5'-3' exoribonuclease 2"
14 polymer 'DNA (38-MER)'
15 polymer 'Decapping nuclease RAI1'
16 polymer RNA
17 polymer 'DNA (38-MER)'
18 polymer 'Transcription elongation factor SPT5'
19 non-polymer 'ZINC ION'
20 non-polymer 'MAGNESIUM ION'
#
loop_
_entity_poly.entity_id
_entity_poly.type
_entity_poly.pdbx_seq_one_letter_code
_entity_poly.pdbx_strand_id
1 'polypeptide(L)'
;MVGQQYSSAPLRTVKEVQFGLFSPEEVRAISVAKIRFPETMDETQTRAKIGGLNDPRLGSIDRNLKCQTCQEGMNECPGH
FGHIDLAKPVFHVGFIAKIKKVCECVCMHCGKLLLDEHNELMRQALAIKDSKKRFAAIWTLCKTKMVCETDVPSEDDPTQ
LVSRGGCGNTQPTIRKDGLKLVGSWKKDRATGDADEPELRVLSTEEILNIFKHISVKDFTSLGFNEVFSRPEWMILTCLP
VPPPPVRPSISFNESQRGEDDLTFKLADILKANISLETLEHNGAPHHAIEEAESLLQFHVATYMDNDIAGQPQALQKSGR
PVKSIRARLKGKEGRIRGNLMGKRVDFSARTVISGDPNLELDQVGVPKSIAKTLTYPEVVTPYNIDRLTQLVRNGPNEHP
GAKYVIRDSGDRIDLRYSKRAGDIQLQYGWKVERHIMDNDPVLFNRQPSLHKMSMMAHRVKVIPYSTFRLNLSVTSPYNA
DFDGDEMNLHVPQSEETRAELSQLCAVPLQIVSPQSNKPCMGIVQDTLCGIRKLTLRDTFIELDQVLNMLYWVPDWDGVI
PTPAIIKPKPLWSGKQILSVAIPNGIHLQRFDEGTTLLSPKDNGMLIIDGQIIFGVVEKKTVGSSNGGLIHVVTREKGPQ
VCAKLFGNIQKVVNFWLLHNGFSTGIGDTIADGPTMREITETIAEAKKKVLDVTKEAQANLLTAKHGMTLRESFEDNVVR
FLNEARDKAGRLAEVNLKDLNNVKQMVMAGSKGSFINIAQMSACVGQQSVEGKRIAFGFVDRTLPHFSKDDYSPESKGFV
ENSYLRGLTPQEFFFHAMGGREGLIDTAVKTAETGYIQRRLVKALEDIMVHYDNTTRNSLGNVIQFIYGEDGMDAAHIEK
QSLDTIGGSDAAFEKRYRVDLLNTDHTLDPSLLESGSEILGDLKLQVLLDEEYKQLVKDRKFLREVFVDGEANWPLPVNI
RRIIQNAQQTFHIDHTKPSDLTIKDIVLGVKDLQENLLVLRGKNEIIQNAQRDAVTLFCCLLRSRLATRRVLQEYRLTKQ
AFDWVLSNIEAQFLRSVVHPGEMVGVLAAQSIGEPATQMTLNTFHFAGVASKKVTSGVPRLKEILNVAKNMKTPSLTVYL
EPGHAADQEQAKLIRSAIEHTTLKSVTIASEIYYDPDPRSTVIPEDEEIIQLHFSLLDEEAEQSFDQQSPWLLRLELDRA
AMNDKDLTMGQVGERIKQTFKNDLFVIWSEDNDEKLIIRCRVVRPKSLDAETEAEEDHMLKKIENTMLENITLRGVENIE
RVVMMKYDRKVPSPTGEYVKEPEWVLETDGVNLSEVMTVPGIDPTRIYTNSFIDIMEVLGIEAGRAALYKEVYNVIASDG
SYVNYRHMALLVDVMTTQGGLTSVTRHGFNRSNTGALMRCSFEETVEILFEAGASAELDDCRGVSENVILGQMAPIGTGA
FDVMIDEESLVKYMPEQKITEIEDGQDGGVTPYSNESGLVNADLDVKDELMFSPLVDSGSNDAMAGGFTAYGGADYGEAT
SPFGAYGEAPTSPGFGVSSPGFSPTSPTYSPTSPAYSPTSPSYSPTSPSYSPTSPSYSPTSPSYSPTSPSYSPTSPSYSP
TSPSYSPTSPSYSPTSPSYSPTSPSYSPTSPSYSPTSPSYSPTSPSYSPTSPSYSPTSPAYSPTSPSYSPTSPSYSPTSP
SYSPTSPSYSPTSPNYSPTSPSYSPTSPGYSPGSPAYSPKQDEQKHNENENSR
;
A
2 'polypeptide(L)'
;MSDLANSEKYYDEDPYGFEDESAPITAEDSWAVISAFFREKGLVSQQLDSFNQFVDYTLQDIICEDSTLILEQLAQHTTE
SDNISRKYEISFGKIYVTKPMVNESDGVTHALYPQEARLRNLTYSSGLFVDVKKRTYEAIDVPGRELKYELIAEESEDDS
ESGKVFIGRLPIMLRSKNCYLSEATESDLYKLKECPFDMGGYFIINGSEKVLIAQERSAGNIVQVFKKAAPSPISHVAEI
RSALEKGSRFISTLQVKLYGREGSSARTIKATLPYIKQDIPIVIIFRALGIIPDGEILEHICYDVNDWQMLEMLKPCVED
GFVIQDRETALDFIGRRGTALGIKKEKRIQYAKDILQKEFLPHITQLEGFESRKAFFLGYMINRLLLCALDRKDQDDRDH
FGKKRLDLAGPLLAQLFKTLFKKLTKDIFRYMQRTVEEAHDFNMKLAINAKTITSGLKYALATGNWGEQKKAMSSRAGVS
QVLNRYTYSSTLSHLRRTNTPIGRDGKLAKPRQLHNTHWGLVCPAETPEGQACGLVKNLSLMSCISVGTDPMPIITFLSE
WGMEPLEDYVPHQSPDATRVFVNGVWHGVHRNPARLMETLRTLRRKGDINPEVSMIRDIREKELKIFTDAGRVYRPLFIV
EDDESLGHKELKVRKGHIAKLMATEYQDIEGGFEDVEEYTWSSLLNEGLVEYIDAEEEESILIAMQPEDLEPAEANEEND
LDVDPAKRIRVSHHATTFTHCEIHPSMILGVAASIIPFPDHNQSPRNTYQSAMGKQAMGVFLTNYNVRMDTMANILYYPQ
KPLGTTRAMEYLKFRELPAGQNAIVAIACYSGYNQEDSMIMNQSSIDRGLFRSLFFRSYMDQEKKYGMSITETFEKPQRT
NTLRMKHGTYDKLDDDGLIAPGVRVSGEDVIIGKTTPISPDEEELGQRTAYHSKRDASTPLRSTENGIVDQVLVTTNQDG
LKFVKVRVRTTKIPQIGDKFASRHGQKGTIGITYRREDMPFTAEGIVPDLIINPHAIPSRMTVAHLIECLLSKVAALSGN
EGDASPFTDITVEGISKLLREHGYQSRGFEVMYNGHTGKKLMAQIFFGPTYYQRLRHMVDDKIHARARGPMQVLTRQPVE
GRSRDGGLRFGEMERDCMIAHGAASFLKERLMEASDAFRVHICGICGLMTVIAKLNHNQFECKGCDNKIDIYQIHIPYAA
KLLFQELMAMNITPRLYTDRSRDFENLYFQGHHHHHHDYKDHDGDYKDHDIDYKDDDDK
;
B
3 'polypeptide(L)'
;MSEEGPQVKIREASKDNVDFILSNVDLAMANSLRRVMIAEIPTLAIDSVEVETNTTVLADEFIAHRLGLIPLQSMDIEQL
EYSRDCFCEDHCDKCSVVLTLQAFGESESTTNVYSKDLVIVSNLMGRNIGHPIIQDKEGNGVLICKLRKGQELKLTCVAK
KGIAKEHAKWGPAAAIEFEYDPWNKLKHTDYWYEQDSAKEWPQSKNCEYEDPPNEGDPFDYKAQADTFYMNVESVGSIPV
DQVVVRGIDTLQKKVASILLALTQMDQDKVNFASGDNNTASNMLGSNEDVMMTGAEQDPYSNASQMGNTGSGGYDNAW
;
C
4 'polypeptide(L)'
;MNVSTSTFQTRRRRLKKVEEEENAATLQLGQEFQLKQINHQGEEEELIALNLSEARLVIKEALVERRRAFKRSQKKHKKK
HLKHENANDETTAVEDEDDDLDEDDVNADDDDFMHSETREKELESIDVLLEQTTGGNNKDLKNTMQYLTNFSRFRDQETV
GAVIQLLKSTGLHPFEVAQLGSLACDTADEAKTLIPSLNNKISDDELERILKELSNLETLY
;
D
5 'polypeptide(L)'
;MDQENERNISRLWRAFRTVKEMVKDRGYFITQEEVELPLEDFKAKYCDSMGRPQRKMMSFQANPTEESISKFPDMGSLWV
EFCDEPSVGVKTMKTFVIHIQEKNFQTGIFVYQNNITPSAMKLVPSIPPATIETFNEAALVVNITHHELVPKHIRLSSDE
KRELLKRYRLKESQLPRIQRADPVALYLGLKRGEVVKIIRKSETSGRYASYRICM
;
E
6 'polypeptide(L)'
;MSDYEEAFNDGNENFEDFDVEHFSDEETYEEKPQFKDGETTDANGKTIVTGGNGPEDFQQHEQIRRKTLKEKAIPKDQRA
TTPYMTKYERARILGTRALQISMNAPVFVDLEGETDPLRIAMKELAEKKIPLVIRRYLPDGSFEDWSVEELIVDL
;
F
7 'polypeptide(L)'
;MFFIKDLSLNITLHPSFFGPRMKQYLKTKLLEEVEGSCTGKFGYILCVLDYDNIDIQRGRILPTDGSAEFNVKYRAVVFK
PFKGEVVDGTVVSCSQHGFEVQVGPMKVFVTKHLMPQDLTFNAGSNPPSYQSSEDVITIKSRIRVKIEGCISQVSSIHAI
GSIKEDYLGAI
;
G
8 'polypeptide(L)'
;MSNTLFDDIFQVSEVDPGRYNKVCRIEAASTTQDQCKLTLDINVELFPVAAQDSLTVTIASSLNLEDTPANDSSATRSWR
PPQAGDRSLADDYDYVMYGTAYKFEEVSKDLIAVYYSFGGLLMRLEGNYRNLNNLKQENAYLLIRR
;
H
9 'polypeptide(L)'
;MTTFRFCRDCNNMLYPREDKENNRLLFECRTCSYVEEAGSPLVYRHELITNIGETAGVVQDIGSDPTLPRSDRECPKCHS
RENVFFQSQQRRKDTSMVLFFVCLSCSHIFTSDQKNKRTQFS
;
I
10 'polypeptide(L)' MIVPVRCFSCGKVVGDKWESYLNLLQEDELDEGTALSRLGLKRYCCRRMILTHVDLIEKFLRYNPLEKRD J
11 'polypeptide(L)'
;MNAPDRFELFLLGEGESKLKIDPDTKAPNAVVITFEKEDHTLGNLIRAELLNDRKVLFAAYKVEHPFFARFKLRIQTTEG
YDPKDALKNACNSIINKLGALKTNFETEWNLQTLAADDAF
;
K
12 'polypeptide(L)' MSREGFQIPTNLDAAAAGTSQARTATLKYICAECSSKLSLSRTDAVRCKDCGHRILLKARTKRLVQFEAR L
13 'polypeptide(L)'
;MGSSHHHHHHSQDMGVPSFFRWLSRKYPKIISPVLEEQPQIVDGVILPLDYSASNPNGELDNLYLDMNGIVHPCSHPENK
PPPETEDEMLLAVFEYTNRVLNMARPRKVLVMAVDGVAPRAKMNQQRARRFRSARDAQIENEAREEIMRQREEVGEIIDD
AVRNKKTWDSNAITPGTPFMDKLAAALRYWTAFKLATDPGWKNLQVIISDATVPGEGEHKIMNFIRSQRADPEYNPNTTH
CIYGLDADLIFLGLATHEPHFKILREDVFAQDNRKRNNLKDTINMTEEEKQFLQKQNSEQPFLWLHINVLREYLSAELWV
PGLPFTFDLERAIDDWVFMCFFCGNDFLPHLPCLDVRENSIDILLDIWKVVLPKLKTYMTCDGVLNLPSVETLLQHLGSR
EGDIFKTRHIQEARKKEAFERRKAQKNMSKGQDRHPTVATEQLQMYDTQGNLAKGSWNLTTSDMVRLKKELMLANEGNEE
AIAKVKQQSDKNNELMKDISKEEIDDAVSKANKTNFNLAEVMKQKIINKKHRLEKDNEEEEIAKDSKKVKTEKAESECDL
DAEIKDEIVADVNDRENSETTEVSRDSPVHSTVNVSEGPKNGVFDTDEFVKLFEPGYHERYYTAKFHVTPQDIEQLRKDM
VKCYIEGVAWVLMYYYQGCASWNWFYPYHYAPLATDFHGFSHLEIKFEEGTPFLPYEQLMSVLPAASGHALPKIFRSLMS
EPDSEIIDFYPEEFPIDMNGKKMSWQGIALLPFIDQDRLLTAVRAQYPLLSDAERARNIRGEPVLLISNKNANYERFSKK
LYSKENNNNNVVVKFQHFKSGLSGIVSKDVEGFELNGKIVCPIQGGSLPNLSTTLILKMSYRLIPLPSRNKSIILNGFIP
SEPVLTAYDLDSIMYKYNNQNYSRRWNFGNDLKQNIVPVGPKGITQYKPRTGGYRAFFYFAELSRNNVQPAHNYGRNSYN
SQPGFNNSRYDGGNNNYRQNSNYRNNNYSGNRNSGQYSGNSYSRNNKQSRYDNSRANRR
;
M
14 'polydeoxyribonucleotide'
;(DC)(DC)(DG)(DT)(DG)(DT)(DC)(DT)(DA)(DG)(DC)(DA)(DC)(DA)(DG)(DG)(DT)(DA)(DA)(DA)
(DT)(DG)(DG)(DT)(DT)(DT)(DG)(DT)(DG)(DT)(DC)(DT)(DG)(DC)(DT)(DT)(DA)(DT)(DC)(DG)
(DG)(DT)(DA)(DG)(DA)(DG)(DT)(DG)
;
N
15 'polypeptide(L)'
;MGVSANLFVKQRGSTTALKQPKEIGFYSRTKDEEYLISDDTNLNYYYLPDAELDRKLDLSSGFQKFKDYYKDFEDRCSLR
GLLETIESSERHKGKKINADIITFRGIARKLISCAFDSPSFNTVDLRIVSFNGQLFIKEVPEAVNAAKASSATEAGRNIN
QDLNVFTGYKFETLATLSNPLQYTPREVIEKRTKRIVSHGDEYISVVRTGVGNCKLILGAEVDCIFDFKENGRDNLKHYA
ELKCTQQVANISDTHKFERKLFRTWLQCFLVGIPRIIYGFKDDHYVLKTVEEFSTEEVPVLLKNNNPQVGSACLEAIKWY
GLLTEWLLKMIPRDEDPHSQIRAFKLVFENNHLRLSEIEESDEEYSGLIDGEHILSNGFKEWRKSLK
;
O
16 'polyribonucleotide' ACAGAUCGUGUCCAUCGAGAGGU P
17 'polydeoxyribonucleotide'
;(DC)(DA)(DC)(DT)(DC)(DT)(DA)(DC)(DC)(DG)(DA)(DT)(DA)(DA)(DG)(DC)(DA)(DG)(DA)(DC)
(DA)(DT)(DA)(DC)(DC)(DT)(DC)(DT)(DC)(DG)(DA)(DT)(DC)(DC)(DT)(DG)(DT)(DG)(DC)(DT)
(DA)(DG)(DA)(DC)(DA)(DC)(DG)(DG)
;
T
18 'polypeptide(L)'
;MSDNSDTNVSMQDHDQQFADPVVVPQSTDTKDENTSDKDTVDSGNVTTTESTERAESTSNIPPLDGEEKEAKSEPQQPED
NAETAATEQVSSSNGPATDDAQATLNTDSSEANEIVKKEEGSDERKRPREEDTKNSDGDTKDEGDNKDEDDDEDDDDDDD
DEDDDDEAPTKRRRQERNRFLDIEAEVSDDEDEDEDEEDSELVREGFITHGDDEDDEASAPGARRDDRLHRQLDQDLNKT
SEEDAQRLAKELRERYGRSSSKQYRAAAQDGYVPQRFLLPSVDTATIWGVRCRPGKEKELIRKLLKKKFNLDRAMGKKKL
KILSIFQRDNYTGRIYIEAPKQSVIEKFCNGVPDIYISQKLLIPVQELPLLLKPNKSDDVALEEGSYVRIKRGIYKGDLA
MVDQISENNLEVMLKIVPRLDYGKFDEIDPTTQQRKSRRPTFAHRAPPQLFNPTMALRLDQANLYKRDDRHFTYKNEDYI
DGYLYKSFRIQHVETKNIQPTVEELARFGSKEGAVDLTSVSQSIKKAQAAKVTFQPGDRIEVLNGEQRGSKGIVTRTTKD
IATIKLNGFTTPLEFPISTLRKIFEPGDHVTVINGEHQGDAGLVLMVEQGQVTFMSTQTSREVTITANNLSKSIDTTATS
SEYALHDIVELSAKNVACIIQAGHDIFKVIDETGKVSTITKGSILSKINTARARVSSVDANGNEIKIGDTIVEKVGSRRE
GQVLYIQTQQIFVVSKKIVENAGVFVVNPSNVEAVASKDNMLSNKMDLSKMNPEIISKMGPPSSKTFQQPIQSRGGREVA
LGKTVRIRSAGYKGQLGIVKDVNGDKATVELHSKNKHITIDKHKLTYYNREGGEGITYDELVNRRGRVPQARMGPSYVSA
PRNMATGGIAAGAAATSSGLSGGMTPGWSSFDGGKTPAVNAHGGSGGGGVSSWGGASTWGGQGNGGASAWGGAGGGASAW
GGQGTGATSTWGGASAWGNKSSWGGASTWASGGESNGAMSTWGGTGDRSAYGGASTWGGNNNNKSTRDGGASAWGNQDDG
NRSAWNNQGNKSNYGGNSTWGGH
;
W
#
# COMPACT_ATOMS: atom_id res chain seq x y z
N GLN A 5 -11.41 -18.93 -14.29
CA GLN A 5 -10.75 -20.22 -14.49
C GLN A 5 -10.95 -21.12 -13.28
N TYR A 6 -11.17 -22.41 -13.53
CA TYR A 6 -11.39 -23.39 -12.48
C TYR A 6 -10.39 -24.52 -12.65
N SER A 7 -9.71 -24.87 -11.55
CA SER A 7 -8.73 -25.95 -11.55
C SER A 7 -9.20 -27.04 -10.59
N SER A 8 -9.18 -28.29 -11.06
CA SER A 8 -9.62 -29.41 -10.23
C SER A 8 -8.62 -29.76 -9.13
N ALA A 9 -7.42 -29.20 -9.17
CA ALA A 9 -6.42 -29.49 -8.14
C ALA A 9 -6.90 -28.94 -6.79
N PRO A 10 -6.74 -29.69 -5.71
CA PRO A 10 -7.16 -29.20 -4.39
C PRO A 10 -6.35 -27.99 -3.97
N LEU A 11 -7.01 -27.09 -3.23
CA LEU A 11 -6.38 -25.87 -2.75
C LEU A 11 -5.81 -26.09 -1.36
N ARG A 12 -4.52 -25.81 -1.20
CA ARG A 12 -3.83 -26.00 0.07
C ARG A 12 -2.98 -24.78 0.36
N THR A 13 -2.55 -24.67 1.61
CA THR A 13 -1.68 -23.59 2.06
C THR A 13 -0.30 -24.13 2.38
N VAL A 14 0.73 -23.34 2.07
CA VAL A 14 2.11 -23.76 2.31
C VAL A 14 2.36 -23.82 3.80
N LYS A 15 2.89 -24.96 4.26
CA LYS A 15 3.18 -25.16 5.68
C LYS A 15 4.66 -25.09 6.00
N GLU A 16 5.54 -25.44 5.07
CA GLU A 16 6.98 -25.38 5.31
C GLU A 16 7.70 -25.22 3.99
N VAL A 17 8.93 -24.72 4.06
CA VAL A 17 9.77 -24.49 2.90
C VAL A 17 11.10 -25.19 3.13
N GLN A 18 11.50 -26.03 2.17
CA GLN A 18 12.75 -26.78 2.24
C GLN A 18 13.73 -26.18 1.24
N PHE A 19 14.80 -25.60 1.75
CA PHE A 19 15.84 -25.04 0.91
C PHE A 19 16.88 -26.10 0.56
N GLY A 20 17.61 -25.85 -0.52
CA GLY A 20 18.63 -26.78 -0.95
C GLY A 20 19.21 -26.36 -2.28
N LEU A 21 20.23 -27.10 -2.70
CA LEU A 21 20.90 -26.85 -3.97
C LEU A 21 20.18 -27.59 -5.09
N PHE A 22 20.50 -27.20 -6.32
CA PHE A 22 19.88 -27.78 -7.51
C PHE A 22 20.84 -28.77 -8.14
N SER A 23 20.45 -30.04 -8.17
CA SER A 23 21.30 -31.07 -8.76
C SER A 23 21.36 -30.89 -10.28
N PRO A 24 22.51 -31.22 -10.89
CA PRO A 24 22.62 -31.08 -12.35
C PRO A 24 21.63 -31.94 -13.11
N GLU A 25 21.19 -33.06 -12.54
CA GLU A 25 20.20 -33.90 -13.23
C GLU A 25 18.80 -33.30 -13.13
N GLU A 26 18.47 -32.68 -11.98
CA GLU A 26 17.12 -32.18 -11.76
C GLU A 26 16.80 -31.02 -12.70
N VAL A 27 17.76 -30.11 -12.92
CA VAL A 27 17.52 -28.98 -13.81
C VAL A 27 17.26 -29.47 -15.23
N ARG A 28 18.04 -30.44 -15.69
CA ARG A 28 17.81 -31.01 -17.01
C ARG A 28 16.46 -31.72 -17.07
N ALA A 29 16.08 -32.41 -16.00
CA ALA A 29 14.80 -33.13 -15.99
C ALA A 29 13.63 -32.17 -16.07
N ILE A 30 13.68 -31.06 -15.33
CA ILE A 30 12.57 -30.11 -15.34
C ILE A 30 12.63 -29.13 -16.50
N SER A 31 13.75 -29.05 -17.20
CA SER A 31 13.87 -28.13 -18.33
C SER A 31 12.98 -28.57 -19.48
N VAL A 32 12.31 -27.59 -20.10
CA VAL A 32 11.44 -27.86 -21.24
C VAL A 32 12.13 -27.61 -22.57
N ALA A 33 13.28 -26.94 -22.58
CA ALA A 33 13.98 -26.66 -23.82
C ALA A 33 15.47 -26.46 -23.51
N LYS A 34 16.28 -26.58 -24.55
CA LYS A 34 17.71 -26.37 -24.47
C LYS A 34 18.07 -25.12 -25.25
N ILE A 35 18.82 -24.22 -24.60
CA ILE A 35 19.20 -22.94 -25.20
C ILE A 35 20.62 -23.06 -25.70
N ARG A 36 20.81 -22.86 -27.01
CA ARG A 36 22.13 -22.94 -27.63
C ARG A 36 22.47 -21.71 -28.44
N PHE A 37 21.50 -21.10 -29.11
CA PHE A 37 21.75 -19.94 -29.96
C PHE A 37 21.70 -18.67 -29.13
N PRO A 38 22.78 -17.88 -29.08
CA PRO A 38 22.79 -16.67 -28.25
C PRO A 38 22.02 -15.50 -28.82
N GLU A 39 21.50 -15.60 -30.04
CA GLU A 39 20.75 -14.52 -30.67
C GLU A 39 19.27 -14.85 -30.66
N THR A 40 18.45 -13.83 -30.39
CA THR A 40 17.00 -13.97 -30.36
C THR A 40 16.37 -13.20 -31.51
N MET A 41 15.23 -13.72 -31.99
CA MET A 41 14.50 -13.14 -33.11
C MET A 41 15.38 -13.02 -34.35
N ASP A 42 15.96 -14.15 -34.75
CA ASP A 42 16.85 -14.20 -35.90
C ASP A 42 16.12 -14.45 -37.21
N GLU A 43 14.81 -14.66 -37.17
CA GLU A 43 14.01 -14.91 -38.38
C GLU A 43 13.57 -13.58 -39.00
N THR A 44 14.56 -12.80 -39.43
CA THR A 44 14.34 -11.48 -40.03
C THR A 44 13.50 -10.60 -39.12
N GLN A 45 13.86 -10.58 -37.84
CA GLN A 45 13.21 -9.82 -36.78
C GLN A 45 11.69 -9.87 -36.85
N THR A 46 11.15 -11.03 -37.20
CA THR A 46 9.70 -11.24 -37.27
C THR A 46 9.20 -12.21 -36.21
N ARG A 47 9.79 -13.39 -36.12
CA ARG A 47 9.40 -14.41 -35.15
C ARG A 47 10.56 -14.67 -34.19
N ALA A 48 10.34 -15.60 -33.26
CA ALA A 48 11.32 -15.96 -32.26
C ALA A 48 12.10 -17.20 -32.69
N LYS A 49 13.41 -17.15 -32.50
CA LYS A 49 14.27 -18.26 -32.90
C LYS A 49 14.01 -19.48 -32.01
N ILE A 50 13.98 -20.65 -32.62
CA ILE A 50 13.81 -21.90 -31.88
C ILE A 50 15.13 -22.27 -31.25
N GLY A 51 15.10 -22.52 -29.94
CA GLY A 51 16.30 -22.82 -29.19
C GLY A 51 17.10 -21.62 -28.74
N GLY A 52 16.64 -20.41 -29.03
CA GLY A 52 17.31 -19.20 -28.58
C GLY A 52 16.85 -18.75 -27.22
N LEU A 53 17.24 -17.52 -26.87
CA LEU A 53 16.88 -16.95 -25.57
C LEU A 53 15.40 -16.60 -25.47
N ASN A 54 14.67 -16.59 -26.58
CA ASN A 54 13.25 -16.28 -26.56
C ASN A 54 12.44 -17.44 -27.13
N ASP A 55 12.76 -18.65 -26.70
CA ASP A 55 12.07 -19.82 -27.21
C ASP A 55 10.59 -19.77 -26.83
N PRO A 56 9.69 -20.11 -27.76
CA PRO A 56 8.25 -20.09 -27.42
C PRO A 56 7.89 -21.03 -26.28
N ARG A 57 8.60 -22.15 -26.13
CA ARG A 57 8.30 -23.07 -25.05
C ARG A 57 8.62 -22.49 -23.67
N LEU A 58 9.43 -21.43 -23.62
CA LEU A 58 9.78 -20.84 -22.34
C LEU A 58 8.62 -20.07 -21.72
N GLY A 59 7.69 -19.60 -22.52
CA GLY A 59 6.53 -18.88 -22.01
C GLY A 59 5.99 -17.92 -23.04
N SER A 60 4.77 -17.46 -22.78
CA SER A 60 4.11 -16.52 -23.68
C SER A 60 4.78 -15.15 -23.62
N ILE A 61 4.81 -14.46 -24.74
CA ILE A 61 5.41 -13.14 -24.83
C ILE A 61 4.38 -12.02 -24.97
N ASP A 62 3.16 -12.32 -25.40
CA ASP A 62 2.11 -11.33 -25.50
C ASP A 62 0.79 -12.03 -25.18
N ARG A 63 -0.18 -11.22 -24.70
CA ARG A 63 -1.35 -11.78 -24.03
C ARG A 63 -2.24 -12.60 -24.96
N ASN A 64 -2.37 -12.20 -26.22
CA ASN A 64 -3.35 -12.84 -27.08
C ASN A 64 -2.96 -14.29 -27.40
N LEU A 65 -1.70 -14.54 -27.72
CA LEU A 65 -1.30 -15.92 -28.02
C LEU A 65 -1.09 -16.69 -26.72
N LYS A 66 -1.06 -18.01 -26.84
CA LYS A 66 -0.92 -18.91 -25.72
C LYS A 66 0.47 -19.54 -25.70
N CYS A 67 0.83 -20.07 -24.53
CA CYS A 67 2.11 -20.74 -24.36
C CYS A 67 2.00 -22.18 -24.81
N GLN A 68 2.91 -22.60 -25.69
CA GLN A 68 2.81 -23.93 -26.28
C GLN A 68 2.86 -25.04 -25.23
N THR A 69 3.63 -24.82 -24.16
CA THR A 69 3.85 -25.88 -23.18
C THR A 69 2.58 -26.21 -22.39
N CYS A 70 1.86 -25.18 -21.92
CA CYS A 70 0.71 -25.39 -21.06
C CYS A 70 -0.59 -24.84 -21.61
N GLN A 71 -0.55 -23.96 -22.61
CA GLN A 71 -1.74 -23.43 -23.28
C GLN A 71 -2.57 -22.51 -22.38
N GLU A 72 -1.90 -21.54 -21.75
CA GLU A 72 -2.55 -20.35 -21.21
C GLU A 72 -1.84 -19.11 -21.72
N GLY A 73 -2.41 -17.96 -21.39
CA GLY A 73 -1.82 -16.67 -21.71
C GLY A 73 -0.88 -16.21 -20.61
N MET A 74 -0.40 -14.96 -20.76
CA MET A 74 0.57 -14.42 -19.80
C MET A 74 -0.01 -14.33 -18.40
N ASN A 75 -1.29 -13.93 -18.28
CA ASN A 75 -1.89 -13.74 -16.97
C ASN A 75 -1.98 -15.04 -16.17
N GLU A 76 -1.97 -16.19 -16.84
CA GLU A 76 -2.03 -17.47 -16.16
C GLU A 76 -0.74 -18.28 -16.24
N CYS A 77 0.04 -18.12 -17.31
CA CYS A 77 1.25 -18.92 -17.47
C CYS A 77 2.34 -18.41 -16.52
N PRO A 78 2.86 -19.26 -15.62
CA PRO A 78 3.92 -18.81 -14.71
C PRO A 78 5.30 -18.81 -15.34
N GLY A 79 5.46 -19.31 -16.55
CA GLY A 79 6.76 -19.42 -17.18
C GLY A 79 7.38 -20.79 -16.97
N HIS A 80 8.33 -21.12 -17.85
CA HIS A 80 9.01 -22.40 -17.81
C HIS A 80 10.51 -22.19 -17.89
N PHE A 81 11.24 -23.11 -17.26
CA PHE A 81 12.69 -22.99 -17.12
C PHE A 81 13.40 -23.84 -18.17
N GLY A 82 14.45 -23.28 -18.75
CA GLY A 82 15.33 -24.00 -19.64
C GLY A 82 16.62 -24.41 -18.96
N HIS A 83 17.61 -24.75 -19.79
CA HIS A 83 18.92 -25.13 -19.24
C HIS A 83 19.99 -24.86 -20.29
N ILE A 84 21.21 -24.70 -19.81
CA ILE A 84 22.38 -24.48 -20.66
C ILE A 84 23.45 -25.50 -20.27
N ASP A 85 23.97 -26.22 -21.24
CA ASP A 85 25.00 -27.23 -21.00
C ASP A 85 26.36 -26.56 -21.10
N LEU A 86 26.96 -26.25 -19.94
CA LEU A 86 28.26 -25.61 -19.91
C LEU A 86 29.34 -26.57 -20.39
N ALA A 87 30.28 -26.04 -21.19
CA ALA A 87 31.38 -26.86 -21.68
C ALA A 87 32.28 -27.33 -20.55
N LYS A 88 32.55 -26.46 -19.58
CA LYS A 88 33.42 -26.77 -18.45
C LYS A 88 32.72 -26.36 -17.15
N PRO A 89 33.02 -27.05 -16.06
CA PRO A 89 32.44 -26.67 -14.77
C PRO A 89 32.89 -25.27 -14.35
N VAL A 90 31.98 -24.54 -13.70
CA VAL A 90 32.20 -23.17 -13.28
C VAL A 90 31.91 -23.06 -11.80
N PHE A 91 32.82 -22.42 -11.06
CA PHE A 91 32.63 -22.22 -9.64
C PHE A 91 31.45 -21.29 -9.37
N HIS A 92 30.68 -21.61 -8.34
CA HIS A 92 29.62 -20.70 -7.90
C HIS A 92 30.22 -19.52 -7.18
N VAL A 93 29.78 -18.30 -7.54
CA VAL A 93 30.35 -17.10 -6.97
C VAL A 93 30.04 -17.00 -5.48
N GLY A 94 28.84 -17.42 -5.08
CA GLY A 94 28.44 -17.35 -3.69
C GLY A 94 28.90 -18.49 -2.81
N PHE A 95 29.60 -19.48 -3.36
CA PHE A 95 30.05 -20.64 -2.61
C PHE A 95 31.56 -20.83 -2.67
N ILE A 96 32.30 -19.80 -3.09
CA ILE A 96 33.75 -19.93 -3.19
C ILE A 96 34.36 -20.17 -1.81
N ALA A 97 33.93 -19.39 -0.82
CA ALA A 97 34.45 -19.55 0.54
C ALA A 97 34.11 -20.93 1.10
N LYS A 98 32.88 -21.38 0.90
CA LYS A 98 32.49 -22.71 1.39
C LYS A 98 33.27 -23.80 0.69
N ILE A 99 33.48 -23.66 -0.63
CA ILE A 99 34.26 -24.64 -1.37
C ILE A 99 35.69 -24.69 -0.86
N LYS A 100 36.29 -23.53 -0.61
CA LYS A 100 37.65 -23.51 -0.07
C LYS A 100 37.71 -24.14 1.30
N LYS A 101 36.74 -23.85 2.16
CA LYS A 101 36.75 -24.41 3.51
C LYS A 101 36.59 -25.92 3.49
N VAL A 102 35.67 -26.43 2.65
CA VAL A 102 35.48 -27.87 2.60
C VAL A 102 36.66 -28.56 1.94
N CYS A 103 37.33 -27.89 1.00
CA CYS A 103 38.55 -28.45 0.43
C CYS A 103 39.66 -28.52 1.46
N GLU A 104 39.76 -27.51 2.33
CA GLU A 104 40.72 -27.56 3.42
C GLU A 104 40.37 -28.67 4.40
N CYS A 105 39.08 -28.88 4.66
CA CYS A 105 38.68 -29.89 5.63
C CYS A 105 39.06 -31.30 5.18
N VAL A 106 38.84 -31.61 3.91
CA VAL A 106 39.05 -32.95 3.39
C VAL A 106 40.38 -33.02 2.67
N CYS A 107 40.85 -34.25 2.44
CA CYS A 107 42.09 -34.45 1.70
C CYS A 107 41.90 -34.12 0.23
N MET A 108 42.96 -33.57 -0.38
CA MET A 108 42.89 -33.18 -1.79
C MET A 108 43.15 -34.35 -2.73
N HIS A 109 43.54 -35.51 -2.23
CA HIS A 109 43.77 -36.68 -3.06
C HIS A 109 42.80 -37.81 -2.81
N CYS A 110 42.21 -37.88 -1.61
CA CYS A 110 41.23 -38.90 -1.27
C CYS A 110 40.06 -38.25 -0.56
N GLY A 111 38.90 -38.92 -0.63
CA GLY A 111 37.70 -38.39 -0.01
C GLY A 111 37.62 -38.54 1.49
N LYS A 112 38.57 -39.25 2.10
CA LYS A 112 38.57 -39.43 3.53
C LYS A 112 38.86 -38.12 4.24
N LEU A 113 38.22 -37.92 5.39
CA LEU A 113 38.44 -36.73 6.19
C LEU A 113 39.85 -36.73 6.76
N LEU A 114 40.38 -35.53 7.02
CA LEU A 114 41.72 -35.41 7.59
C LEU A 114 41.78 -36.00 8.99
N LEU A 115 40.73 -35.80 9.78
CA LEU A 115 40.65 -36.33 11.13
C LEU A 115 39.40 -37.21 11.27
N ASP A 116 39.51 -38.25 12.08
CA ASP A 116 38.40 -39.19 12.27
C ASP A 116 38.08 -39.35 13.75
N GLU A 117 37.18 -40.28 14.06
CA GLU A 117 36.71 -40.47 15.43
C GLU A 117 37.80 -40.97 16.38
N HIS A 118 38.94 -41.43 15.85
CA HIS A 118 40.02 -41.88 16.71
C HIS A 118 40.56 -40.75 17.58
N ASN A 119 40.70 -39.55 17.02
CA ASN A 119 41.18 -38.41 17.78
C ASN A 119 40.14 -37.99 18.81
N GLU A 120 40.61 -37.71 20.03
CA GLU A 120 39.70 -37.28 21.09
C GLU A 120 39.10 -35.91 20.79
N LEU A 121 39.91 -34.98 20.29
CA LEU A 121 39.39 -33.66 19.94
C LEU A 121 38.35 -33.75 18.83
N MET A 122 38.60 -34.59 17.82
CA MET A 122 37.63 -34.76 16.75
C MET A 122 36.34 -35.38 17.27
N ARG A 123 36.46 -36.34 18.20
CA ARG A 123 35.28 -36.95 18.80
C ARG A 123 34.47 -35.93 19.58
N GLN A 124 35.15 -35.06 20.34
CA GLN A 124 34.44 -34.01 21.07
C GLN A 124 33.77 -33.03 20.12
N ALA A 125 34.45 -32.67 19.02
CA ALA A 125 33.88 -31.74 18.06
C ALA A 125 32.67 -32.34 17.34
N LEU A 126 32.69 -33.65 17.08
CA LEU A 126 31.58 -34.29 16.39
C LEU A 126 30.43 -34.59 17.35
N ALA A 127 30.00 -33.60 18.13
CA ALA A 127 28.89 -33.77 19.05
C ALA A 127 27.88 -32.62 19.00
N ILE A 128 28.17 -31.53 18.32
CA ILE A 128 27.27 -30.38 18.29
C ILE A 128 26.10 -30.67 17.35
N LYS A 129 24.88 -30.49 17.86
CA LYS A 129 23.70 -30.71 17.03
C LYS A 129 23.59 -29.66 15.93
N ASP A 130 24.01 -28.42 16.19
CA ASP A 130 23.94 -27.37 15.19
C ASP A 130 24.89 -27.67 14.04
N SER A 131 24.40 -27.49 12.81
CA SER A 131 25.23 -27.80 11.64
C SER A 131 26.34 -26.77 11.45
N LYS A 132 26.01 -25.48 11.60
CA LYS A 132 27.02 -24.44 11.38
C LYS A 132 28.13 -24.52 12.41
N LYS A 133 27.77 -24.69 13.68
CA LYS A 133 28.78 -24.79 14.74
C LYS A 133 29.66 -26.02 14.55
N ARG A 134 29.04 -27.15 14.19
CA ARG A 134 29.81 -28.37 13.96
C ARG A 134 30.76 -28.20 12.78
N PHE A 135 30.29 -27.57 11.70
CA PHE A 135 31.16 -27.35 10.55
C PHE A 135 32.32 -26.42 10.90
N ALA A 136 32.04 -25.36 11.67
CA ALA A 136 33.11 -24.47 12.09
C ALA A 136 34.14 -25.18 12.96
N ALA A 137 33.67 -26.02 13.88
CA ALA A 137 34.59 -26.77 14.73
C ALA A 137 35.44 -27.73 13.90
N ILE A 138 34.81 -28.42 12.95
CA ILE A 138 35.55 -29.36 12.10
C ILE A 138 36.60 -28.62 11.29
N TRP A 139 36.23 -27.46 10.72
CA TRP A 139 37.18 -26.69 9.92
C TRP A 139 38.34 -26.20 10.78
N THR A 140 38.06 -25.72 11.99
CA THR A 140 39.12 -25.25 12.86
C THR A 140 40.06 -26.38 13.26
N LEU A 141 39.50 -27.57 13.52
CA LEU A 141 40.33 -28.69 13.93
C LEU A 141 41.13 -29.29 12.78
N CYS A 142 40.60 -29.25 11.55
CA CYS A 142 41.24 -29.90 10.42
C CYS A 142 42.12 -28.98 9.58
N LYS A 143 41.97 -27.65 9.72
CA LYS A 143 42.81 -26.75 8.94
C LYS A 143 44.27 -26.81 9.36
N THR A 144 44.57 -27.27 10.58
CA THR A 144 45.95 -27.39 11.01
C THR A 144 46.63 -28.58 10.35
N LYS A 145 45.91 -29.69 10.19
CA LYS A 145 46.48 -30.87 9.55
C LYS A 145 46.79 -30.59 8.09
N MET A 146 47.98 -31.01 7.65
CA MET A 146 48.45 -30.76 6.29
C MET A 146 48.92 -32.03 5.58
N VAL A 147 48.64 -33.21 6.12
CA VAL A 147 49.08 -34.45 5.50
C VAL A 147 48.17 -35.58 6.00
N CYS A 148 47.85 -36.50 5.09
CA CYS A 148 47.11 -37.69 5.47
C CYS A 148 47.98 -38.55 6.38
N GLU A 149 47.33 -39.21 7.35
CA GLU A 149 48.06 -39.96 8.37
C GLU A 149 48.24 -41.42 7.98
N THR A 150 47.13 -42.13 7.74
CA THR A 150 47.06 -43.55 7.40
C THR A 150 47.47 -44.46 8.54
N ASP A 151 47.91 -43.91 9.68
CA ASP A 151 48.26 -44.72 10.84
C ASP A 151 48.02 -43.86 12.07
N VAL A 152 46.86 -44.01 12.68
CA VAL A 152 46.44 -43.23 13.84
C VAL A 152 46.54 -44.13 15.07
N PRO A 153 47.32 -43.76 16.09
CA PRO A 153 47.37 -44.57 17.31
C PRO A 153 46.00 -44.66 17.98
N SER A 154 45.71 -45.82 18.54
CA SER A 154 44.43 -46.04 19.19
C SER A 154 44.35 -45.26 20.49
N GLU A 155 43.11 -45.00 20.94
CA GLU A 155 42.91 -44.29 22.20
C GLU A 155 43.48 -45.08 23.37
N ASP A 156 43.27 -46.39 23.38
CA ASP A 156 43.85 -47.28 24.37
C ASP A 156 45.08 -47.95 23.79
N ASP A 157 46.05 -48.24 24.67
CA ASP A 157 47.34 -48.82 24.29
C ASP A 157 48.00 -47.97 23.21
N PRO A 158 48.52 -46.79 23.55
CA PRO A 158 49.12 -45.93 22.53
C PRO A 158 50.35 -46.54 21.87
N THR A 159 50.96 -47.55 22.47
CA THR A 159 52.15 -48.16 21.88
C THR A 159 51.83 -48.77 20.50
N GLN A 160 50.70 -49.45 20.38
CA GLN A 160 50.29 -50.04 19.12
C GLN A 160 49.49 -49.03 18.30
N LEU A 161 49.66 -49.08 16.99
CA LEU A 161 49.01 -48.15 16.08
C LEU A 161 47.93 -48.87 15.27
N VAL A 162 46.99 -48.08 14.76
CA VAL A 162 45.88 -48.59 13.97
C VAL A 162 45.93 -47.93 12.59
N SER A 163 45.87 -48.75 11.54
CA SER A 163 45.91 -48.24 10.17
C SER A 163 44.62 -47.49 9.86
N ARG A 164 44.74 -46.17 9.65
CA ARG A 164 43.57 -45.37 9.34
C ARG A 164 42.95 -45.76 8.01
N GLY A 165 43.78 -46.01 7.01
CA GLY A 165 43.30 -46.37 5.69
C GLY A 165 43.27 -45.26 4.67
N GLY A 166 44.03 -44.19 4.87
CA GLY A 166 44.07 -43.08 3.95
C GLY A 166 45.04 -43.30 2.80
N CYS A 167 45.44 -42.19 2.18
CA CYS A 167 46.36 -42.23 1.05
C CYS A 167 47.79 -41.87 1.43
N GLY A 168 47.98 -40.98 2.41
CA GLY A 168 49.30 -40.59 2.85
C GLY A 168 49.89 -39.38 2.13
N ASN A 169 49.24 -38.89 1.09
CA ASN A 169 49.74 -37.72 0.38
C ASN A 169 49.59 -36.47 1.23
N THR A 170 50.52 -35.53 1.04
CA THR A 170 50.47 -34.28 1.77
C THR A 170 49.34 -33.39 1.24
N GLN A 171 48.97 -32.40 2.05
CA GLN A 171 47.91 -31.48 1.67
C GLN A 171 48.48 -30.09 1.36
N PRO A 172 47.89 -29.37 0.44
CA PRO A 172 48.36 -28.02 0.10
C PRO A 172 47.67 -26.96 0.95
N THR A 173 48.16 -25.73 0.80
CA THR A 173 47.57 -24.56 1.45
C THR A 173 46.75 -23.81 0.40
N ILE A 174 45.45 -24.07 0.38
CA ILE A 174 44.59 -23.46 -0.62
C ILE A 174 44.40 -21.98 -0.31
N ARG A 175 44.61 -21.14 -1.32
CA ARG A 175 44.49 -19.70 -1.18
C ARG A 175 43.59 -19.17 -2.28
N LYS A 176 42.70 -18.24 -1.91
CA LYS A 176 41.76 -17.65 -2.84
C LYS A 176 42.40 -16.46 -3.55
N ASP A 177 42.39 -16.50 -4.88
CA ASP A 177 42.93 -15.42 -5.71
C ASP A 177 41.92 -15.12 -6.81
N GLY A 178 41.14 -14.06 -6.62
CA GLY A 178 40.11 -13.73 -7.59
C GLY A 178 39.04 -14.81 -7.62
N LEU A 179 38.79 -15.34 -8.81
CA LEU A 179 37.80 -16.40 -9.00
C LEU A 179 38.45 -17.78 -9.12
N LYS A 180 39.74 -17.90 -8.80
CA LYS A 180 40.46 -19.16 -8.90
C LYS A 180 41.10 -19.49 -7.57
N LEU A 181 41.29 -20.79 -7.33
CA LEU A 181 41.92 -21.28 -6.11
C LEU A 181 43.31 -21.81 -6.44
N VAL A 182 44.31 -21.36 -5.69
CA VAL A 182 45.68 -21.79 -5.87
C VAL A 182 46.12 -22.58 -4.65
N GLY A 183 47.05 -23.50 -4.85
CA GLY A 183 47.53 -24.35 -3.79
C GLY A 183 49.04 -24.41 -3.69
N SER A 184 49.59 -23.99 -2.55
CA SER A 184 51.03 -24.01 -2.33
C SER A 184 51.42 -25.40 -1.83
N TRP A 185 51.80 -26.28 -2.76
CA TRP A 185 52.18 -27.64 -2.42
C TRP A 185 53.62 -27.63 -1.91
N LYS A 186 53.80 -27.84 -0.61
CA LYS A 186 55.11 -27.87 0.01
C LYS A 186 55.23 -29.10 0.88
N LYS A 187 56.37 -29.79 0.78
CA LYS A 187 56.62 -31.00 1.56
C LYS A 187 57.45 -30.68 2.79
N PRO A 197 58.50 -24.64 -3.18
CA PRO A 197 57.10 -25.04 -3.05
C PRO A 197 56.32 -24.92 -4.36
N GLU A 198 55.66 -26.00 -4.77
CA GLU A 198 54.89 -25.99 -5.99
C GLU A 198 53.66 -25.09 -5.86
N LEU A 199 53.39 -24.31 -6.90
CA LEU A 199 52.25 -23.39 -6.94
C LEU A 199 51.44 -23.73 -8.19
N ARG A 200 50.46 -24.61 -8.04
CA ARG A 200 49.61 -25.05 -9.13
C ARG A 200 48.19 -24.60 -8.87
N VAL A 201 47.56 -24.01 -9.90
CA VAL A 201 46.17 -23.56 -9.77
C VAL A 201 45.25 -24.78 -9.79
N LEU A 202 44.39 -24.88 -8.78
CA LEU A 202 43.47 -26.00 -8.67
C LEU A 202 42.35 -25.86 -9.69
N SER A 203 42.26 -26.81 -10.61
CA SER A 203 41.20 -26.78 -11.61
C SER A 203 39.86 -27.17 -11.00
N THR A 204 38.79 -26.73 -11.65
CA THR A 204 37.45 -27.07 -11.17
C THR A 204 37.14 -28.55 -11.35
N GLU A 205 37.67 -29.17 -12.41
CA GLU A 205 37.36 -30.57 -12.69
C GLU A 205 37.88 -31.48 -11.57
N GLU A 206 39.12 -31.27 -11.13
CA GLU A 206 39.68 -32.11 -10.08
C GLU A 206 38.97 -31.88 -8.75
N ILE A 207 38.58 -30.64 -8.47
CA ILE A 207 37.84 -30.36 -7.25
C ILE A 207 36.48 -31.05 -7.27
N LEU A 208 35.80 -31.01 -8.41
CA LEU A 208 34.52 -31.71 -8.54
C LEU A 208 34.70 -33.21 -8.39
N ASN A 209 35.77 -33.77 -8.98
CA ASN A 209 36.03 -35.20 -8.84
C ASN A 209 36.29 -35.57 -7.38
N ILE A 210 37.04 -34.74 -6.66
CA ILE A 210 37.28 -34.99 -5.24
C ILE A 210 35.98 -34.92 -4.46
N PHE A 211 35.13 -33.94 -4.77
CA PHE A 211 33.85 -33.81 -4.08
C PHE A 211 32.97 -35.04 -4.32
N LYS A 212 32.97 -35.55 -5.56
CA LYS A 212 32.19 -36.74 -5.86
C LYS A 212 32.69 -37.97 -5.11
N HIS A 213 33.95 -37.99 -4.69
CA HIS A 213 34.51 -39.10 -3.97
C HIS A 213 34.30 -39.00 -2.45
N ILE A 214 33.71 -37.91 -1.98
CA ILE A 214 33.47 -37.75 -0.55
C ILE A 214 32.37 -38.70 -0.11
N SER A 215 32.61 -39.43 0.99
CA SER A 215 31.63 -40.36 1.51
C SER A 215 30.42 -39.62 2.07
N VAL A 216 29.30 -40.33 2.15
CA VAL A 216 28.06 -39.72 2.61
C VAL A 216 28.20 -39.24 4.05
N LYS A 217 28.80 -40.06 4.91
CA LYS A 217 28.95 -39.69 6.31
C LYS A 217 29.83 -38.45 6.48
N ASP A 218 30.83 -38.29 5.61
CA ASP A 218 31.76 -37.17 5.75
C ASP A 218 31.05 -35.83 5.62
N PHE A 219 30.30 -35.63 4.54
CA PHE A 219 29.60 -34.36 4.39
C PHE A 219 28.30 -34.33 5.19
N THR A 220 27.79 -35.47 5.63
CA THR A 220 26.70 -35.45 6.60
C THR A 220 27.16 -34.85 7.92
N SER A 221 28.35 -35.23 8.37
CA SER A 221 28.93 -34.61 9.56
C SER A 221 29.32 -33.17 9.29
N LEU A 222 29.82 -32.89 8.08
CA LEU A 222 30.20 -31.53 7.71
C LEU A 222 29.01 -30.60 7.67
N GLY A 223 27.80 -31.12 7.47
CA GLY A 223 26.61 -30.28 7.46
C GLY A 223 25.75 -30.47 6.24
N PHE A 224 26.35 -30.95 5.15
CA PHE A 224 25.60 -31.14 3.91
C PHE A 224 24.64 -32.32 4.04
N ASN A 225 23.54 -32.24 3.29
CA ASN A 225 22.51 -33.28 3.30
C ASN A 225 22.60 -34.07 2.00
N GLU A 226 22.65 -35.39 2.12
CA GLU A 226 22.83 -36.27 0.97
C GLU A 226 21.65 -36.26 0.02
N VAL A 227 20.50 -35.72 0.43
CA VAL A 227 19.30 -35.74 -0.39
C VAL A 227 19.03 -34.39 -1.05
N PHE A 228 19.17 -33.30 -0.29
CA PHE A 228 18.78 -31.99 -0.76
C PHE A 228 19.94 -31.12 -1.25
N SER A 229 21.12 -31.24 -0.64
CA SER A 229 22.25 -30.38 -1.03
C SER A 229 23.54 -31.17 -0.81
N ARG A 230 24.01 -31.81 -1.88
CA ARG A 230 25.29 -32.51 -1.84
C ARG A 230 26.43 -31.51 -2.03
N PRO A 231 27.60 -31.80 -1.47
CA PRO A 231 28.74 -30.88 -1.64
C PRO A 231 29.16 -30.69 -3.09
N GLU A 232 29.02 -31.73 -3.92
CA GLU A 232 29.45 -31.63 -5.32
C GLU A 232 28.50 -30.79 -6.16
N TRP A 233 27.31 -30.45 -5.65
CA TRP A 233 26.35 -29.68 -6.42
C TRP A 233 26.66 -28.18 -6.43
N MET A 234 27.65 -27.74 -5.64
CA MET A 234 28.04 -26.33 -5.65
C MET A 234 28.77 -25.93 -6.93
N ILE A 235 29.20 -26.89 -7.74
CA ILE A 235 29.88 -26.61 -8.99
C ILE A 235 28.85 -26.54 -10.11
N LEU A 236 28.89 -25.47 -10.89
CA LEU A 236 27.91 -25.24 -11.94
C LEU A 236 28.28 -26.05 -13.18
N THR A 237 27.42 -27.00 -13.55
CA THR A 237 27.57 -27.75 -14.78
C THR A 237 26.38 -27.63 -15.72
N CYS A 238 25.23 -27.17 -15.24
CA CYS A 238 24.05 -26.97 -16.08
C CYS A 238 23.30 -25.77 -15.50
N LEU A 239 23.44 -24.62 -16.17
CA LEU A 239 22.86 -23.38 -15.66
C LEU A 239 21.46 -23.18 -16.25
N PRO A 240 20.41 -23.17 -15.44
CA PRO A 240 19.07 -22.91 -15.98
C PRO A 240 18.91 -21.46 -16.35
N VAL A 241 18.00 -21.21 -17.29
CA VAL A 241 17.71 -19.84 -17.74
C VAL A 241 16.34 -19.42 -17.23
N PRO A 242 16.19 -18.17 -16.77
CA PRO A 242 14.89 -17.73 -16.28
C PRO A 242 13.90 -17.60 -17.42
N PRO A 243 12.60 -17.74 -17.15
CA PRO A 243 11.59 -17.58 -18.19
C PRO A 243 11.44 -16.12 -18.56
N PRO A 244 10.78 -15.82 -19.68
CA PRO A 244 10.59 -14.42 -20.11
C PRO A 244 9.87 -13.58 -19.07
N PRO A 245 8.93 -14.13 -18.28
CA PRO A 245 8.35 -13.31 -17.21
C PRO A 245 9.38 -12.75 -16.23
N VAL A 246 10.45 -13.47 -15.96
CA VAL A 246 11.48 -12.96 -15.05
C VAL A 246 12.21 -11.77 -15.67
N ARG A 247 12.46 -11.84 -16.98
CA ARG A 247 13.19 -10.79 -17.70
C ARG A 247 12.32 -10.32 -18.86
N PRO A 248 11.36 -9.43 -18.60
CA PRO A 248 10.45 -8.99 -19.66
C PRO A 248 11.14 -8.02 -20.60
N SER A 249 10.42 -7.69 -21.68
CA SER A 249 10.90 -6.76 -22.69
C SER A 249 10.34 -5.37 -22.41
N ILE A 250 11.22 -4.37 -22.40
CA ILE A 250 10.84 -2.99 -22.15
C ILE A 250 10.42 -2.37 -23.48
N SER A 251 9.16 -1.93 -23.55
CA SER A 251 8.66 -1.37 -24.81
C SER A 251 9.35 -0.05 -25.14
N PHE A 252 9.37 0.89 -24.20
CA PHE A 252 10.10 2.15 -24.32
C PHE A 252 9.48 3.04 -25.40
N ASN A 253 9.58 4.36 -25.23
CA ASN A 253 9.00 5.28 -26.20
C ASN A 253 9.55 5.03 -27.59
N GLU A 254 8.67 5.06 -28.60
CA GLU A 254 8.98 4.70 -29.98
C GLU A 254 9.27 3.20 -30.08
N SER A 255 8.95 2.60 -31.23
CA SER A 255 9.00 1.16 -31.36
C SER A 255 10.44 0.63 -31.40
N GLN A 256 11.02 0.42 -30.22
CA GLN A 256 12.33 -0.20 -30.06
C GLN A 256 12.23 -1.30 -29.01
N ARG A 257 12.89 -2.42 -29.27
CA ARG A 257 12.81 -3.58 -28.38
C ARG A 257 13.96 -3.55 -27.39
N GLY A 258 13.84 -2.68 -26.39
CA GLY A 258 14.80 -2.65 -25.31
C GLY A 258 14.67 -3.91 -24.45
N GLU A 259 15.81 -4.52 -24.13
CA GLU A 259 15.84 -5.78 -23.42
C GLU A 259 16.50 -5.62 -22.06
N ASP A 260 16.16 -6.54 -21.15
CA ASP A 260 16.70 -6.51 -19.81
C ASP A 260 18.19 -6.90 -19.82
N ASP A 261 18.89 -6.49 -18.77
CA ASP A 261 20.30 -6.82 -18.63
C ASP A 261 20.52 -8.31 -18.47
N LEU A 262 19.55 -9.02 -17.87
CA LEU A 262 19.68 -10.46 -17.69
C LEU A 262 19.74 -11.18 -19.04
N THR A 263 18.93 -10.73 -20.01
CA THR A 263 18.97 -11.33 -21.34
C THR A 263 20.33 -11.11 -22.00
N PHE A 264 20.88 -9.90 -21.88
CA PHE A 264 22.19 -9.63 -22.45
C PHE A 264 23.28 -10.49 -21.79
N LYS A 265 23.20 -10.64 -20.46
CA LYS A 265 24.19 -11.48 -19.77
C LYS A 265 24.05 -12.94 -20.18
N LEU A 266 22.83 -13.42 -20.36
CA LEU A 266 22.62 -14.79 -20.82
C LEU A 266 23.18 -14.99 -22.22
N ALA A 267 22.96 -14.01 -23.10
CA ALA A 267 23.51 -14.08 -24.45
C ALA A 267 25.03 -14.08 -24.41
N ASP A 268 25.63 -13.27 -23.53
CA ASP A 268 27.08 -13.25 -23.38
C ASP A 268 27.59 -14.61 -22.91
N ILE A 269 26.90 -15.21 -21.93
CA ILE A 269 27.30 -16.51 -21.43
C ILE A 269 27.22 -17.56 -22.54
N LEU A 270 26.14 -17.52 -23.33
CA LEU A 270 25.99 -18.46 -24.43
C LEU A 270 27.10 -18.28 -25.47
N LYS A 271 27.43 -17.03 -25.79
CA LYS A 271 28.50 -16.78 -26.74
C LYS A 271 29.84 -17.30 -26.22
N ALA A 272 30.11 -17.06 -24.93
CA ALA A 272 31.36 -17.56 -24.35
C ALA A 272 31.40 -19.09 -24.37
N ASN A 273 30.28 -19.74 -24.06
CA ASN A 273 30.24 -21.20 -24.09
C ASN A 273 30.48 -21.73 -25.50
N ILE A 274 29.85 -21.10 -26.50
CA ILE A 274 30.03 -21.52 -27.88
C ILE A 274 31.48 -21.34 -28.31
N SER A 275 32.08 -20.20 -27.95
CA SER A 275 33.47 -19.95 -28.30
C SER A 275 34.40 -20.97 -27.65
N LEU A 276 34.16 -21.29 -26.37
CA LEU A 276 34.99 -22.27 -25.69
C LEU A 276 34.83 -23.65 -26.34
N GLU A 277 33.60 -24.03 -26.68
CA GLU A 277 33.38 -25.33 -27.32
C GLU A 277 34.09 -25.42 -28.67
N THR A 278 33.98 -24.37 -29.48
CA THR A 278 34.63 -24.36 -30.78
C THR A 278 36.16 -24.39 -30.62
N LEU A 279 36.68 -23.62 -29.66
CA LEU A 279 38.13 -23.58 -29.44
C LEU A 279 38.66 -24.93 -28.97
N GLU A 280 37.87 -25.64 -28.15
CA GLU A 280 38.29 -26.97 -27.72
C GLU A 280 38.19 -27.97 -28.84
N HIS A 281 37.16 -27.87 -29.68
CA HIS A 281 36.96 -28.86 -30.73
C HIS A 281 37.98 -28.71 -31.85
N ASN A 282 38.24 -27.48 -32.30
CA ASN A 282 39.13 -27.28 -33.44
C ASN A 282 40.60 -27.40 -33.09
N GLY A 283 40.95 -27.49 -31.81
CA GLY A 283 42.34 -27.59 -31.42
C GLY A 283 42.98 -26.24 -31.18
N ALA A 284 43.53 -26.03 -29.99
CA ALA A 284 44.12 -24.75 -29.62
C ALA A 284 45.10 -24.99 -28.48
N PRO A 285 46.05 -24.08 -28.26
CA PRO A 285 46.96 -24.22 -27.13
C PRO A 285 46.24 -24.09 -25.80
N HIS A 286 46.91 -24.55 -24.75
CA HIS A 286 46.31 -24.57 -23.42
C HIS A 286 46.00 -23.15 -22.93
N HIS A 287 46.79 -22.16 -23.36
CA HIS A 287 46.54 -20.78 -22.94
C HIS A 287 45.19 -20.28 -23.42
N ALA A 288 44.83 -20.62 -24.66
CA ALA A 288 43.53 -20.20 -25.18
C ALA A 288 42.38 -20.84 -24.41
N ILE A 289 42.51 -22.14 -24.08
CA ILE A 289 41.50 -22.81 -23.29
C ILE A 289 41.39 -22.15 -21.91
N GLU A 290 42.53 -21.84 -21.30
CA GLU A 290 42.52 -21.22 -19.97
C GLU A 290 41.84 -19.87 -20.00
N GLU A 291 42.17 -19.03 -20.99
CA GLU A 291 41.57 -17.71 -21.04
C GLU A 291 40.08 -17.78 -21.36
N ALA A 292 39.68 -18.72 -22.23
CA ALA A 292 38.26 -18.87 -22.54
C ALA A 292 37.47 -19.32 -21.32
N GLU A 293 38.00 -20.29 -20.57
CA GLU A 293 37.28 -20.75 -19.38
C GLU A 293 37.27 -19.68 -18.30
N SER A 294 38.34 -18.90 -18.18
CA SER A 294 38.34 -17.79 -17.23
C SER A 294 37.29 -16.75 -17.60
N LEU A 295 37.18 -16.43 -18.89
CA LEU A 295 36.16 -15.48 -19.33
C LEU A 295 34.76 -16.01 -19.07
N LEU A 296 34.52 -17.30 -19.34
CA LEU A 296 33.21 -17.87 -19.08
C LEU A 296 32.87 -17.84 -17.60
N GLN A 297 33.84 -18.20 -16.74
CA GLN A 297 33.61 -18.17 -15.31
C GLN A 297 33.33 -16.75 -14.82
N PHE A 298 34.08 -15.77 -15.33
CA PHE A 298 33.86 -14.38 -14.93
C PHE A 298 32.47 -13.92 -15.36
N HIS A 299 32.05 -14.26 -16.58
CA HIS A 299 30.74 -13.84 -17.06
C HIS A 299 29.62 -14.49 -16.24
N VAL A 300 29.77 -15.78 -15.91
CA VAL A 300 28.75 -16.44 -15.09
C VAL A 300 28.68 -15.80 -13.71
N ALA A 301 29.85 -15.53 -13.11
CA ALA A 301 29.87 -14.93 -11.78
C ALA A 301 29.25 -13.55 -11.79
N THR A 302 29.55 -12.74 -12.80
CA THR A 302 28.94 -11.41 -12.90
C THR A 302 27.44 -11.50 -13.15
N TYR A 303 27.00 -12.52 -13.89
CA TYR A 303 25.58 -12.74 -14.05
C TYR A 303 24.91 -13.04 -12.71
N MET A 304 25.58 -13.83 -11.87
CA MET A 304 25.03 -14.15 -10.55
C MET A 304 25.38 -13.12 -9.49
N ASP A 305 26.47 -12.38 -9.64
CA ASP A 305 26.88 -11.38 -8.65
C ASP A 305 27.79 -10.37 -9.32
N ASN A 306 27.34 -9.11 -9.40
CA ASN A 306 28.11 -8.06 -10.03
C ASN A 306 28.93 -7.24 -9.04
N ASP A 307 28.95 -7.61 -7.77
CA ASP A 307 29.68 -6.89 -6.74
C ASP A 307 30.80 -7.73 -6.15
N ILE A 308 31.54 -8.42 -7.02
CA ILE A 308 32.63 -9.27 -6.56
C ILE A 308 33.78 -8.42 -6.07
N ALA A 309 34.28 -8.75 -4.88
CA ALA A 309 35.41 -8.01 -4.32
C ALA A 309 36.70 -8.39 -5.02
N GLY A 310 37.56 -7.40 -5.23
CA GLY A 310 38.84 -7.64 -5.87
C GLY A 310 38.75 -8.00 -7.34
N GLN A 311 37.63 -7.70 -7.98
CA GLN A 311 37.42 -8.00 -9.40
C GLN A 311 36.81 -6.78 -10.07
N PRO A 312 37.09 -6.59 -11.36
CA PRO A 312 36.49 -5.46 -12.07
C PRO A 312 35.02 -5.71 -12.37
N GLN A 313 34.23 -4.64 -12.29
CA GLN A 313 32.80 -4.74 -12.53
C GLN A 313 32.53 -4.98 -14.02
N ALA A 314 31.32 -5.46 -14.31
CA ALA A 314 30.91 -5.72 -15.68
C ALA A 314 30.15 -4.50 -16.21
N LEU A 315 30.59 -3.99 -17.36
CA LEU A 315 30.00 -2.83 -17.98
C LEU A 315 29.50 -3.19 -19.38
N GLN A 316 28.31 -2.72 -19.72
CA GLN A 316 27.75 -2.91 -21.05
C GLN A 316 28.15 -1.74 -21.95
N LYS A 317 27.52 -1.66 -23.12
CA LYS A 317 27.85 -0.58 -24.05
C LYS A 317 27.49 0.79 -23.49
N SER A 318 26.48 0.85 -22.62
CA SER A 318 26.07 2.13 -22.04
C SER A 318 27.07 2.66 -21.03
N GLY A 319 27.94 1.80 -20.50
CA GLY A 319 28.94 2.20 -19.52
C GLY A 319 28.50 2.06 -18.07
N ARG A 320 27.23 1.80 -17.82
CA ARG A 320 26.77 1.61 -16.46
C ARG A 320 27.04 0.18 -16.01
N PRO A 321 27.18 -0.06 -14.70
CA PRO A 321 27.31 -1.44 -14.22
C PRO A 321 26.08 -2.26 -14.55
N VAL A 322 26.30 -3.53 -14.87
CA VAL A 322 25.18 -4.39 -15.21
C VAL A 322 24.39 -4.74 -13.95
N LYS A 323 23.13 -5.11 -14.15
CA LYS A 323 22.22 -5.41 -13.05
C LYS A 323 22.16 -6.92 -12.86
N SER A 324 22.48 -7.37 -11.65
CA SER A 324 22.43 -8.78 -11.28
C SER A 324 21.24 -9.04 -10.37
N ILE A 325 20.88 -10.32 -10.26
CA ILE A 325 19.75 -10.69 -9.41
C ILE A 325 20.05 -10.41 -7.95
N ARG A 326 21.31 -10.59 -7.54
CA ARG A 326 21.70 -10.17 -6.20
C ARG A 326 21.49 -8.67 -6.03
N ALA A 327 21.86 -7.88 -7.03
CA ALA A 327 21.55 -6.46 -7.00
C ALA A 327 20.05 -6.22 -7.14
N ARG A 328 19.34 -7.14 -7.78
CA ARG A 328 17.88 -7.00 -7.88
C ARG A 328 17.23 -7.09 -6.50
N LEU A 329 17.73 -7.98 -5.65
CA LEU A 329 17.22 -8.13 -4.29
C LEU A 329 18.39 -7.95 -3.30
N LYS A 330 18.72 -6.71 -3.00
CA LYS A 330 19.79 -6.43 -2.05
C LYS A 330 19.38 -5.46 -0.95
N GLY A 331 18.57 -4.45 -1.26
CA GLY A 331 18.23 -3.42 -0.29
C GLY A 331 16.73 -3.24 -0.11
N LYS A 332 16.30 -2.03 0.22
CA LYS A 332 14.88 -1.77 0.43
C LYS A 332 14.11 -1.55 -0.88
N GLU A 333 14.81 -1.48 -2.02
CA GLU A 333 14.14 -1.53 -3.31
C GLU A 333 14.08 -2.94 -3.88
N GLY A 334 14.55 -3.93 -3.13
CA GLY A 334 14.60 -5.29 -3.62
C GLY A 334 13.25 -5.97 -3.65
N ARG A 335 13.28 -7.24 -4.07
CA ARG A 335 12.04 -8.00 -4.20
C ARG A 335 11.41 -8.28 -2.84
N ILE A 336 12.21 -8.34 -1.78
CA ILE A 336 11.69 -8.72 -0.47
C ILE A 336 11.42 -7.52 0.41
N ARG A 337 12.36 -6.59 0.49
CA ARG A 337 12.18 -5.39 1.31
C ARG A 337 11.43 -4.29 0.58
N GLY A 338 11.13 -4.47 -0.70
CA GLY A 338 10.44 -3.43 -1.47
C GLY A 338 9.25 -3.94 -2.25
N ASN A 339 9.08 -5.26 -2.30
CA ASN A 339 7.96 -5.84 -3.03
C ASN A 339 7.27 -6.98 -2.29
N LEU A 340 7.76 -7.39 -1.12
CA LEU A 340 7.14 -8.48 -0.37
C LEU A 340 6.55 -8.00 0.94
N MET A 341 7.34 -7.36 1.81
CA MET A 341 6.82 -6.80 3.04
C MET A 341 6.33 -5.37 2.88
N GLY A 342 6.55 -4.76 1.72
CA GLY A 342 6.02 -3.45 1.43
C GLY A 342 5.65 -3.33 -0.03
N LYS A 343 4.40 -2.94 -0.31
CA LYS A 343 3.93 -2.89 -1.69
C LYS A 343 2.82 -1.85 -1.80
N ARG A 344 2.62 -1.37 -3.03
CA ARG A 344 1.52 -0.46 -3.31
C ARG A 344 0.20 -1.24 -3.32
N VAL A 345 -0.86 -0.55 -2.88
CA VAL A 345 -2.16 -1.19 -2.71
C VAL A 345 -3.23 -0.37 -3.41
N ASP A 346 -4.36 -1.02 -3.67
CA ASP A 346 -5.51 -0.37 -4.28
C ASP A 346 -6.46 0.14 -3.21
N PHE A 347 -7.49 0.86 -3.66
CA PHE A 347 -8.55 1.39 -2.79
C PHE A 347 -7.95 2.23 -1.66
N SER A 348 -7.08 3.16 -2.03
CA SER A 348 -6.43 4.05 -1.09
C SER A 348 -6.44 5.47 -1.64
N ALA A 349 -6.37 6.44 -0.73
CA ALA A 349 -6.41 7.85 -1.11
C ALA A 349 -5.51 8.64 -0.17
N ARG A 350 -5.14 9.83 -0.62
CA ARG A 350 -4.26 10.71 0.15
C ARG A 350 -4.53 12.15 -0.23
N THR A 351 -4.83 12.98 0.77
CA THR A 351 -5.11 14.39 0.53
C THR A 351 -4.80 15.16 1.82
N VAL A 352 -4.75 16.49 1.68
CA VAL A 352 -4.36 17.35 2.79
C VAL A 352 -5.39 17.28 3.90
N ILE A 353 -4.92 17.15 5.14
CA ILE A 353 -5.79 17.05 6.30
C ILE A 353 -6.10 18.43 6.83
N SER A 354 -7.17 18.52 7.62
CA SER A 354 -7.59 19.79 8.22
C SER A 354 -8.38 19.49 9.48
N GLY A 355 -8.56 20.52 10.31
CA GLY A 355 -9.28 20.38 11.54
C GLY A 355 -10.75 20.73 11.42
N ASP A 356 -11.56 20.09 12.25
CA ASP A 356 -13.01 20.33 12.26
C ASP A 356 -13.53 20.05 13.66
N PRO A 357 -13.76 21.09 14.46
CA PRO A 357 -14.27 20.88 15.83
C PRO A 357 -15.67 20.27 15.88
N ASN A 358 -16.44 20.38 14.81
CA ASN A 358 -17.81 19.86 14.80
C ASN A 358 -17.89 18.37 14.50
N LEU A 359 -16.77 17.73 14.13
CA LEU A 359 -16.77 16.30 13.87
C LEU A 359 -16.64 15.52 15.17
N GLU A 360 -17.05 14.26 15.12
CA GLU A 360 -16.95 13.38 16.28
C GLU A 360 -15.51 12.90 16.44
N LEU A 361 -15.25 12.26 17.58
CA LEU A 361 -13.90 11.76 17.86
C LEU A 361 -13.48 10.72 16.84
N ASP A 362 -14.37 9.80 16.50
CA ASP A 362 -14.11 8.76 15.49
C ASP A 362 -14.92 9.10 14.25
N GLN A 363 -14.36 9.97 13.41
CA GLN A 363 -15.02 10.40 12.18
C GLN A 363 -13.99 11.14 11.33
N VAL A 364 -14.02 10.89 10.03
CA VAL A 364 -13.11 11.51 9.08
C VAL A 364 -13.93 12.12 7.96
N GLY A 365 -13.61 13.37 7.59
CA GLY A 365 -14.31 14.03 6.51
C GLY A 365 -13.75 13.66 5.15
N VAL A 366 -14.46 12.82 4.43
CA VAL A 366 -14.01 12.33 3.11
C VAL A 366 -14.57 13.23 2.02
N PRO A 367 -13.74 13.76 1.13
CA PRO A 367 -14.25 14.57 0.03
C PRO A 367 -15.14 13.74 -0.90
N LYS A 368 -16.06 14.45 -1.57
CA LYS A 368 -17.02 13.77 -2.44
C LYS A 368 -16.32 13.05 -3.59
N SER A 369 -15.26 13.65 -4.13
CA SER A 369 -14.53 13.01 -5.23
C SER A 369 -13.90 11.70 -4.78
N ILE A 370 -13.29 11.68 -3.59
CA ILE A 370 -12.69 10.46 -3.08
C ILE A 370 -13.74 9.39 -2.86
N ALA A 371 -14.89 9.77 -2.30
CA ALA A 371 -15.98 8.82 -2.10
C ALA A 371 -16.48 8.27 -3.42
N LYS A 372 -16.60 9.11 -4.44
CA LYS A 372 -17.05 8.66 -5.75
C LYS A 372 -15.99 7.79 -6.44
N THR A 373 -14.72 7.94 -6.08
CA THR A 373 -13.68 7.12 -6.68
C THR A 373 -13.55 5.77 -5.97
N LEU A 374 -13.34 5.80 -4.66
CA LEU A 374 -13.21 4.57 -3.89
C LEU A 374 -14.54 3.84 -3.83
N THR A 375 -14.48 2.51 -3.90
CA THR A 375 -15.68 1.68 -3.91
C THR A 375 -15.50 0.51 -2.96
N TYR A 376 -16.64 -0.03 -2.50
CA TYR A 376 -16.66 -1.18 -1.62
C TYR A 376 -17.62 -2.22 -2.21
N PRO A 377 -17.18 -3.46 -2.41
CA PRO A 377 -18.06 -4.48 -3.00
C PRO A 377 -19.01 -5.04 -1.95
N GLU A 378 -20.31 -4.98 -2.24
CA GLU A 378 -21.35 -5.46 -1.34
C GLU A 378 -22.12 -6.57 -2.03
N VAL A 379 -22.27 -7.70 -1.34
CA VAL A 379 -23.02 -8.84 -1.88
C VAL A 379 -24.51 -8.56 -1.71
N VAL A 380 -25.26 -8.72 -2.80
CA VAL A 380 -26.70 -8.44 -2.77
C VAL A 380 -27.39 -9.46 -1.88
N THR A 381 -28.25 -8.99 -0.98
CA THR A 381 -28.94 -9.81 -0.02
C THR A 381 -30.38 -9.32 0.06
N PRO A 382 -31.33 -10.19 0.40
CA PRO A 382 -32.72 -9.73 0.59
C PRO A 382 -32.86 -8.52 1.49
N TYR A 383 -31.94 -8.31 2.43
CA TYR A 383 -32.03 -7.15 3.32
C TYR A 383 -31.55 -5.86 2.68
N ASN A 384 -30.87 -5.92 1.53
CA ASN A 384 -30.39 -4.71 0.89
C ASN A 384 -30.63 -4.71 -0.62
N ILE A 385 -31.55 -5.53 -1.12
CA ILE A 385 -31.79 -5.61 -2.56
C ILE A 385 -32.31 -4.28 -3.09
N ASP A 386 -33.28 -3.68 -2.38
CA ASP A 386 -33.82 -2.40 -2.83
C ASP A 386 -32.78 -1.29 -2.80
N ARG A 387 -31.97 -1.25 -1.74
CA ARG A 387 -30.92 -0.24 -1.65
C ARG A 387 -29.90 -0.40 -2.77
N LEU A 388 -29.49 -1.64 -3.05
CA LEU A 388 -28.51 -1.87 -4.11
C LEU A 388 -29.09 -1.53 -5.47
N THR A 389 -30.37 -1.85 -5.71
CA THR A 389 -31.00 -1.48 -6.97
C THR A 389 -31.07 0.03 -7.13
N GLN A 390 -31.40 0.75 -6.05
CA GLN A 390 -31.42 2.20 -6.11
C GLN A 390 -30.03 2.76 -6.39
N LEU A 391 -29.00 2.21 -5.75
CA LEU A 391 -27.64 2.67 -6.00
C LEU A 391 -27.22 2.41 -7.43
N VAL A 392 -27.58 1.25 -7.98
CA VAL A 392 -27.25 0.95 -9.37
C VAL A 392 -27.96 1.91 -10.31
N ARG A 393 -29.24 2.18 -10.04
CA ARG A 393 -29.99 3.12 -10.86
C ARG A 393 -29.40 4.52 -10.78
N ASN A 394 -28.82 4.88 -9.62
CA ASN A 394 -28.19 6.20 -9.49
C ASN A 394 -27.02 6.35 -10.45
N GLY A 395 -26.21 5.31 -10.62
CA GLY A 395 -25.08 5.34 -11.51
C GLY A 395 -23.85 5.94 -10.86
N PRO A 396 -22.70 5.86 -11.55
CA PRO A 396 -21.44 6.39 -11.02
C PRO A 396 -21.26 7.89 -11.28
N ASN A 397 -22.29 8.66 -11.02
CA ASN A 397 -22.26 10.12 -11.16
C ASN A 397 -22.52 10.83 -9.84
N GLU A 398 -23.58 10.45 -9.14
CA GLU A 398 -23.85 10.98 -7.81
C GLU A 398 -23.11 10.17 -6.76
N HIS A 399 -22.92 10.78 -5.59
CA HIS A 399 -22.21 10.11 -4.51
C HIS A 399 -22.91 8.83 -4.06
N PRO A 400 -24.22 8.81 -3.79
CA PRO A 400 -24.83 7.51 -3.43
C PRO A 400 -25.12 6.66 -4.66
N GLY A 401 -24.07 6.13 -5.26
CA GLY A 401 -24.20 5.32 -6.45
C GLY A 401 -23.26 4.14 -6.48
N ALA A 402 -23.16 3.48 -7.64
CA ALA A 402 -22.30 2.32 -7.80
C ALA A 402 -21.53 2.45 -9.10
N LYS A 403 -20.38 1.78 -9.16
CA LYS A 403 -19.50 1.82 -10.33
C LYS A 403 -19.48 0.52 -11.12
N TYR A 404 -19.54 -0.63 -10.45
CA TYR A 404 -19.44 -1.91 -11.12
C TYR A 404 -20.48 -2.87 -10.55
N VAL A 405 -20.90 -3.81 -11.39
CA VAL A 405 -21.80 -4.89 -10.99
C VAL A 405 -21.15 -6.21 -11.41
N ILE A 406 -20.95 -7.11 -10.45
CA ILE A 406 -20.26 -8.37 -10.68
C ILE A 406 -21.30 -9.49 -10.66
N ARG A 407 -21.37 -10.24 -11.76
CA ARG A 407 -22.25 -11.38 -11.86
C ARG A 407 -21.45 -12.66 -11.55
N ASP A 408 -22.08 -13.82 -11.78
CA ASP A 408 -21.43 -15.08 -11.47
C ASP A 408 -20.24 -15.32 -12.40
N SER A 409 -19.17 -15.88 -11.82
CA SER A 409 -17.94 -16.19 -12.55
C SER A 409 -17.35 -14.94 -13.21
N GLY A 410 -17.00 -13.97 -12.36
CA GLY A 410 -16.43 -12.73 -12.86
C GLY A 410 -17.43 -11.98 -13.71
N ASP A 411 -17.02 -11.66 -14.94
CA ASP A 411 -17.86 -10.99 -15.93
C ASP A 411 -18.35 -9.65 -15.37
N ARG A 412 -17.38 -8.74 -15.16
CA ARG A 412 -17.67 -7.43 -14.61
C ARG A 412 -18.51 -6.61 -15.57
N ILE A 413 -19.41 -5.81 -15.02
CA ILE A 413 -20.28 -4.93 -15.80
C ILE A 413 -20.00 -3.49 -15.39
N ASP A 414 -19.75 -2.64 -16.37
CA ASP A 414 -19.45 -1.22 -16.14
C ASP A 414 -20.73 -0.41 -16.28
N LEU A 415 -21.00 0.42 -15.28
CA LEU A 415 -22.22 1.22 -15.24
C LEU A 415 -22.07 2.59 -15.89
N ARG A 416 -20.88 2.94 -16.36
CA ARG A 416 -20.65 4.24 -16.98
C ARG A 416 -20.47 4.18 -18.49
N TYR A 417 -20.11 3.01 -19.05
CA TYR A 417 -20.03 2.84 -20.49
C TYR A 417 -21.22 2.09 -21.06
N SER A 418 -21.71 1.06 -20.37
CA SER A 418 -22.83 0.28 -20.89
C SER A 418 -24.11 1.09 -20.90
N LYS A 419 -24.33 1.91 -19.87
CA LYS A 419 -25.50 2.78 -19.70
C LYS A 419 -26.80 1.97 -19.61
N ARG A 420 -26.69 0.64 -19.61
CA ARG A 420 -27.85 -0.24 -19.54
C ARG A 420 -28.47 -0.31 -18.13
N ALA A 421 -28.09 0.59 -17.24
CA ALA A 421 -28.64 0.59 -15.89
C ALA A 421 -30.13 0.91 -15.92
N GLY A 422 -30.82 0.48 -14.89
CA GLY A 422 -32.27 0.63 -14.81
C GLY A 422 -33.05 -0.55 -15.33
N ASP A 423 -32.66 -1.09 -16.48
CA ASP A 423 -33.27 -2.28 -17.05
C ASP A 423 -32.53 -3.56 -16.68
N ILE A 424 -31.73 -3.53 -15.62
CA ILE A 424 -30.96 -4.68 -15.16
C ILE A 424 -31.47 -5.08 -13.79
N GLN A 425 -31.82 -6.35 -13.64
CA GLN A 425 -32.36 -6.89 -12.40
C GLN A 425 -31.26 -7.63 -11.65
N LEU A 426 -31.06 -7.27 -10.38
CA LEU A 426 -30.01 -7.85 -9.56
C LEU A 426 -30.51 -9.15 -8.94
N GLN A 427 -29.92 -10.26 -9.35
CA GLN A 427 -30.22 -11.55 -8.76
C GLN A 427 -29.34 -11.81 -7.54
N TYR A 428 -29.81 -12.71 -6.69
CA TYR A 428 -29.12 -12.99 -5.43
C TYR A 428 -27.74 -13.58 -5.69
N GLY A 429 -26.79 -13.24 -4.82
CA GLY A 429 -25.44 -13.75 -4.92
C GLY A 429 -24.47 -12.88 -5.70
N TRP A 430 -24.96 -11.84 -6.37
CA TRP A 430 -24.08 -10.94 -7.12
C TRP A 430 -23.37 -9.99 -6.17
N LYS A 431 -22.46 -9.20 -6.73
CA LYS A 431 -21.72 -8.20 -5.98
C LYS A 431 -21.86 -6.84 -6.66
N VAL A 432 -22.05 -5.80 -5.87
CA VAL A 432 -22.19 -4.43 -6.37
C VAL A 432 -21.11 -3.58 -5.72
N GLU A 433 -20.34 -2.88 -6.55
CA GLU A 433 -19.28 -2.00 -6.06
C GLU A 433 -19.87 -0.61 -5.86
N ARG A 434 -20.46 -0.40 -4.69
CA ARG A 434 -21.05 0.88 -4.36
C ARG A 434 -19.99 1.86 -3.87
N HIS A 435 -20.34 3.14 -3.88
CA HIS A 435 -19.45 4.17 -3.39
C HIS A 435 -19.33 4.08 -1.87
N ILE A 436 -18.29 4.72 -1.34
CA ILE A 436 -18.09 4.76 0.10
C ILE A 436 -19.14 5.67 0.72
N MET A 437 -20.00 5.10 1.55
CA MET A 437 -21.09 5.82 2.17
C MET A 437 -20.74 6.20 3.60
N ASP A 438 -21.71 6.79 4.30
CA ASP A 438 -21.49 7.25 5.66
C ASP A 438 -21.37 6.05 6.61
N ASN A 439 -20.68 6.29 7.73
CA ASN A 439 -20.48 5.30 8.78
C ASN A 439 -19.74 4.06 8.26
N ASP A 440 -18.90 4.24 7.25
CA ASP A 440 -18.11 3.15 6.72
C ASP A 440 -16.76 3.11 7.43
N PRO A 441 -16.40 2.01 8.10
CA PRO A 441 -15.12 1.95 8.81
C PRO A 441 -13.96 1.88 7.82
N VAL A 442 -13.04 2.85 7.94
CA VAL A 442 -11.86 2.92 7.07
C VAL A 442 -10.64 3.13 7.94
N LEU A 443 -9.47 2.80 7.38
CA LEU A 443 -8.21 2.93 8.08
C LEU A 443 -7.56 4.27 7.74
N PHE A 444 -7.12 4.98 8.78
CA PHE A 444 -6.58 6.33 8.64
C PHE A 444 -5.16 6.32 9.20
N ASN A 445 -4.19 6.71 8.37
CA ASN A 445 -2.78 6.51 8.69
C ASN A 445 -1.98 7.78 8.40
N ARG A 446 -0.94 8.00 9.22
CA ARG A 446 0.02 9.06 8.99
C ARG A 446 1.43 8.50 9.01
N GLN A 447 2.28 9.00 8.12
CA GLN A 447 3.66 8.54 8.11
C GLN A 447 4.59 9.57 8.73
N PRO A 448 5.63 9.15 9.46
CA PRO A 448 6.02 7.77 9.77
C PRO A 448 5.11 7.14 10.82
N SER A 449 4.91 5.83 10.76
CA SER A 449 4.06 5.11 11.73
C SER A 449 4.98 4.49 12.77
N LEU A 450 5.14 5.17 13.89
CA LEU A 450 6.03 4.70 14.95
C LEU A 450 5.32 3.74 15.90
N HIS A 451 4.22 4.18 16.51
CA HIS A 451 3.44 3.37 17.42
C HIS A 451 2.13 2.94 16.76
N LYS A 452 1.42 2.04 17.45
CA LYS A 452 0.17 1.52 16.91
C LYS A 452 -0.92 2.59 16.82
N MET A 453 -0.81 3.67 17.59
CA MET A 453 -1.79 4.74 17.52
C MET A 453 -1.75 5.50 16.21
N SER A 454 -0.68 5.35 15.42
CA SER A 454 -0.64 5.99 14.11
C SER A 454 -1.62 5.37 13.13
N MET A 455 -2.15 4.19 13.44
CA MET A 455 -3.17 3.53 12.62
C MET A 455 -4.47 3.52 13.43
N MET A 456 -5.51 4.11 12.87
CA MET A 456 -6.81 4.17 13.53
C MET A 456 -7.91 3.92 12.51
N ALA A 457 -9.04 3.43 13.00
CA ALA A 457 -10.23 3.19 12.20
C ALA A 457 -11.27 4.25 12.54
N HIS A 458 -11.71 5.00 11.53
CA HIS A 458 -12.66 6.07 11.69
C HIS A 458 -13.95 5.73 10.94
N ARG A 459 -14.93 6.62 11.06
CA ARG A 459 -16.20 6.49 10.36
C ARG A 459 -16.27 7.55 9.26
N VAL A 460 -16.63 7.13 8.05
CA VAL A 460 -16.62 8.02 6.90
C VAL A 460 -17.78 9.00 6.99
N LYS A 461 -17.47 10.29 6.85
CA LYS A 461 -18.47 11.34 6.71
C LYS A 461 -18.15 12.13 5.46
N VAL A 462 -19.07 12.14 4.51
CA VAL A 462 -18.85 12.84 3.24
C VAL A 462 -18.99 14.33 3.45
N ILE A 463 -18.01 15.09 2.96
CA ILE A 463 -17.99 16.54 3.14
C ILE A 463 -17.88 17.21 1.77
N PRO A 464 -18.37 18.44 1.61
CA PRO A 464 -18.41 19.05 0.27
C PRO A 464 -17.12 19.73 -0.15
N TYR A 465 -16.00 19.44 0.49
CA TYR A 465 -14.73 20.06 0.15
C TYR A 465 -13.64 19.01 0.02
N SER A 466 -12.63 19.32 -0.80
CA SER A 466 -11.58 18.37 -1.15
C SER A 466 -10.43 18.47 -0.14
N THR A 467 -10.72 17.98 1.06
CA THR A 467 -9.73 17.91 2.13
C THR A 467 -10.17 16.87 3.15
N PHE A 468 -9.23 16.45 3.99
CA PHE A 468 -9.51 15.51 5.06
C PHE A 468 -9.76 16.29 6.34
N ARG A 469 -10.88 15.99 7.01
CA ARG A 469 -11.26 16.67 8.23
C ARG A 469 -11.30 15.66 9.37
N LEU A 470 -10.66 16.01 10.49
CA LEU A 470 -10.60 15.12 11.65
C LEU A 470 -10.76 15.95 12.92
N ASN A 471 -11.15 15.28 13.99
CA ASN A 471 -11.29 15.94 15.28
C ASN A 471 -9.95 16.41 15.80
N LEU A 472 -9.97 17.53 16.52
CA LEU A 472 -8.74 18.11 17.03
C LEU A 472 -8.08 17.27 18.12
N SER A 473 -8.83 16.39 18.77
CA SER A 473 -8.28 15.58 19.86
C SER A 473 -7.49 14.38 19.37
N VAL A 474 -7.63 14.01 18.09
CA VAL A 474 -6.89 12.86 17.56
C VAL A 474 -5.57 13.25 16.93
N THR A 475 -5.23 14.55 16.92
CA THR A 475 -3.97 14.97 16.34
C THR A 475 -2.78 14.56 17.22
N SER A 476 -2.96 14.53 18.53
CA SER A 476 -1.87 14.18 19.43
C SER A 476 -1.36 12.75 19.20
N PRO A 477 -2.21 11.71 19.17
CA PRO A 477 -1.67 10.38 18.83
C PRO A 477 -1.10 10.31 17.43
N TYR A 478 -1.66 11.06 16.49
CA TYR A 478 -1.12 11.08 15.13
C TYR A 478 0.17 11.90 15.04
N ASN A 479 0.39 12.82 15.99
CA ASN A 479 1.52 13.74 15.93
C ASN A 479 1.52 14.53 14.61
N ALA A 480 0.37 15.13 14.31
CA ALA A 480 0.16 15.84 13.06
C ALA A 480 -0.44 17.21 13.32
N ASP A 481 -0.13 18.15 12.43
CA ASP A 481 -0.72 19.48 12.47
C ASP A 481 -1.37 19.79 11.13
N PHE A 482 -1.79 21.04 10.92
CA PHE A 482 -2.52 21.43 9.72
C PHE A 482 -1.75 22.52 8.95
N ASP A 483 -0.44 22.33 8.82
CA ASP A 483 0.40 23.24 8.04
C ASP A 483 0.76 22.68 6.68
N GLY A 484 0.07 21.63 6.23
CA GLY A 484 0.38 21.01 4.95
C GLY A 484 0.66 19.53 5.05
N ASP A 485 0.18 18.90 6.12
CA ASP A 485 0.44 17.48 6.34
C ASP A 485 -0.34 16.63 5.34
N GLU A 486 0.17 15.43 5.09
CA GLU A 486 -0.44 14.48 4.17
C GLU A 486 -0.67 13.18 4.91
N MET A 487 -1.86 12.61 4.76
CA MET A 487 -2.19 11.37 5.44
C MET A 487 -2.97 10.45 4.51
N ASN A 488 -2.80 9.15 4.70
CA ASN A 488 -3.34 8.14 3.81
C ASN A 488 -4.60 7.52 4.40
N LEU A 489 -5.51 7.10 3.51
CA LEU A 489 -6.76 6.47 3.89
C LEU A 489 -6.90 5.15 3.14
N HIS A 490 -7.23 4.09 3.87
CA HIS A 490 -7.42 2.76 3.31
C HIS A 490 -8.82 2.25 3.65
N VAL A 491 -9.46 1.62 2.69
CA VAL A 491 -10.80 1.07 2.90
C VAL A 491 -10.75 -0.45 2.83
N PRO A 492 -11.56 -1.15 3.62
CA PRO A 492 -11.61 -2.60 3.53
C PRO A 492 -12.40 -3.07 2.31
N GLN A 493 -12.17 -4.33 1.94
CA GLN A 493 -12.82 -4.92 0.77
C GLN A 493 -13.60 -6.18 1.11
N SER A 494 -13.81 -6.47 2.39
CA SER A 494 -14.54 -7.68 2.78
C SER A 494 -15.15 -7.47 4.16
N GLU A 495 -16.10 -8.34 4.49
CA GLU A 495 -16.74 -8.25 5.81
C GLU A 495 -15.76 -8.61 6.92
N GLU A 496 -14.85 -9.56 6.67
CA GLU A 496 -13.87 -9.93 7.68
C GLU A 496 -13.05 -8.72 8.11
N THR A 497 -12.46 -8.03 7.14
CA THR A 497 -11.59 -6.90 7.45
C THR A 497 -12.38 -5.75 8.05
N ARG A 498 -13.58 -5.48 7.54
CA ARG A 498 -14.40 -4.40 8.09
C ARG A 498 -14.74 -4.66 9.55
N ALA A 499 -15.21 -5.88 9.86
CA ALA A 499 -15.58 -6.18 11.22
C ALA A 499 -14.37 -6.16 12.16
N GLU A 500 -13.24 -6.72 11.72
CA GLU A 500 -12.07 -6.74 12.58
C GLU A 500 -11.49 -5.34 12.79
N LEU A 501 -11.57 -4.48 11.77
CA LEU A 501 -11.14 -3.09 11.94
C LEU A 501 -12.06 -2.35 12.90
N SER A 502 -13.37 -2.58 12.78
CA SER A 502 -14.31 -1.90 13.67
C SER A 502 -14.14 -2.35 15.11
N GLN A 503 -13.89 -3.64 15.33
CA GLN A 503 -13.82 -4.17 16.68
C GLN A 503 -12.41 -4.20 17.26
N LEU A 504 -11.39 -3.84 16.49
CA LEU A 504 -10.04 -3.91 17.04
C LEU A 504 -9.27 -2.60 16.94
N CYS A 505 -9.43 -1.85 15.85
CA CYS A 505 -8.64 -0.64 15.62
C CYS A 505 -9.47 0.63 15.73
N ALA A 506 -10.63 0.57 16.38
CA ALA A 506 -11.48 1.74 16.52
C ALA A 506 -10.80 2.82 17.36
N VAL A 507 -11.09 4.08 17.04
CA VAL A 507 -10.48 5.19 17.75
C VAL A 507 -10.80 5.18 19.24
N PRO A 508 -12.07 5.03 19.67
CA PRO A 508 -12.33 5.00 21.12
C PRO A 508 -11.69 3.82 21.83
N LEU A 509 -11.39 2.73 21.13
CA LEU A 509 -10.77 1.57 21.76
C LEU A 509 -9.31 1.81 22.13
N GLN A 510 -8.70 2.87 21.64
CA GLN A 510 -7.30 3.17 21.92
C GLN A 510 -7.14 4.49 22.68
N ILE A 511 -8.10 4.82 23.53
CA ILE A 511 -8.00 6.04 24.34
C ILE A 511 -6.83 5.94 25.29
N VAL A 512 -6.69 4.80 25.97
CA VAL A 512 -5.62 4.59 26.94
C VAL A 512 -4.45 3.91 26.23
N SER A 513 -3.30 4.58 26.21
CA SER A 513 -2.13 4.04 25.54
C SER A 513 -1.43 3.03 26.43
N PRO A 514 -1.19 1.80 25.95
CA PRO A 514 -0.47 0.82 26.78
C PRO A 514 1.01 1.14 26.95
N GLN A 515 1.55 2.10 26.20
CA GLN A 515 2.98 2.41 26.30
C GLN A 515 3.29 3.15 27.59
N SER A 516 2.67 4.31 27.79
CA SER A 516 2.93 5.15 28.96
C SER A 516 1.92 4.92 30.07
N ASN A 517 0.99 3.98 29.91
CA ASN A 517 -0.04 3.69 30.91
C ASN A 517 -0.91 4.90 31.19
N LYS A 518 -1.01 5.81 30.22
CA LYS A 518 -1.79 7.04 30.35
C LYS A 518 -2.58 7.23 29.07
N PRO A 519 -3.70 7.97 29.13
CA PRO A 519 -4.43 8.27 27.90
C PRO A 519 -3.57 9.04 26.92
N CYS A 520 -3.69 8.70 25.64
CA CYS A 520 -2.94 9.34 24.58
C CYS A 520 -3.73 10.46 23.89
N MET A 521 -4.95 10.71 24.33
CA MET A 521 -5.79 11.74 23.75
C MET A 521 -6.39 12.60 24.86
N GLY A 522 -6.54 13.89 24.57
CA GLY A 522 -7.07 14.81 25.57
C GLY A 522 -7.43 16.13 24.94
N ILE A 523 -7.87 17.05 25.79
CA ILE A 523 -8.24 18.40 25.35
C ILE A 523 -6.96 19.20 25.13
N VAL A 524 -6.81 19.75 23.93
CA VAL A 524 -5.60 20.48 23.54
C VAL A 524 -6.01 21.77 22.84
N GLN A 525 -5.00 22.59 22.55
CA GLN A 525 -5.13 23.84 21.77
C GLN A 525 -6.05 24.81 22.53
N ASP A 526 -6.84 25.59 21.79
CA ASP A 526 -7.65 26.64 22.40
C ASP A 526 -8.78 26.08 23.26
N THR A 527 -9.14 24.80 23.08
CA THR A 527 -10.16 24.21 23.93
C THR A 527 -9.71 24.18 25.38
N LEU A 528 -8.41 23.91 25.62
CA LEU A 528 -7.90 23.89 26.98
C LEU A 528 -8.00 25.26 27.63
N CYS A 529 -7.59 26.31 26.91
CA CYS A 529 -7.69 27.66 27.47
C CYS A 529 -9.13 28.09 27.67
N GLY A 530 -10.01 27.69 26.75
CA GLY A 530 -11.43 27.99 26.91
C GLY A 530 -12.03 27.31 28.13
N ILE A 531 -11.66 26.04 28.36
CA ILE A 531 -12.16 25.34 29.54
C ILE A 531 -11.56 25.91 30.81
N ARG A 532 -10.34 26.45 30.75
CA ARG A 532 -9.76 27.09 31.92
C ARG A 532 -10.45 28.40 32.24
N LYS A 533 -10.75 29.21 31.22
CA LYS A 533 -11.41 30.49 31.44
C LYS A 533 -12.88 30.29 31.83
N LEU A 534 -13.52 29.24 31.33
CA LEU A 534 -14.93 29.02 31.62
C LEU A 534 -15.14 28.60 33.07
N THR A 535 -14.21 27.83 33.63
CA THR A 535 -14.34 27.30 34.98
C THR A 535 -13.83 28.26 36.04
N LEU A 536 -13.54 29.51 35.68
CA LEU A 536 -13.12 30.49 36.67
C LEU A 536 -14.26 30.81 37.62
N ARG A 537 -13.89 31.22 38.84
CA ARG A 537 -14.90 31.48 39.87
C ARG A 537 -15.80 32.65 39.48
N ASP A 538 -15.23 33.69 38.87
CA ASP A 538 -15.99 34.89 38.54
C ASP A 538 -16.74 34.79 37.22
N THR A 539 -16.62 33.67 36.50
CA THR A 539 -17.30 33.52 35.22
C THR A 539 -18.77 33.21 35.45
N PHE A 540 -19.65 34.04 34.88
CA PHE A 540 -21.09 33.86 34.98
C PHE A 540 -21.72 34.01 33.61
N ILE A 541 -22.80 33.26 33.38
CA ILE A 541 -23.46 33.21 32.08
C ILE A 541 -24.93 33.58 32.25
N GLU A 542 -25.44 34.36 31.31
CA GLU A 542 -26.83 34.81 31.35
C GLU A 542 -27.75 33.70 30.85
N LEU A 543 -29.06 33.99 30.85
CA LEU A 543 -30.05 32.95 30.57
C LEU A 543 -30.00 32.51 29.11
N ASP A 544 -29.97 33.45 28.17
CA ASP A 544 -30.03 33.11 26.76
C ASP A 544 -28.80 32.30 26.34
N GLN A 545 -27.61 32.75 26.78
CA GLN A 545 -26.40 32.01 26.45
C GLN A 545 -26.40 30.64 27.11
N VAL A 546 -26.92 30.54 28.33
CA VAL A 546 -27.01 29.24 28.99
C VAL A 546 -27.90 28.29 28.20
N LEU A 547 -29.04 28.78 27.72
CA LEU A 547 -29.93 27.96 26.92
C LEU A 547 -29.24 27.51 25.62
N ASN A 548 -28.53 28.43 24.98
CA ASN A 548 -27.83 28.07 23.74
C ASN A 548 -26.77 27.01 23.98
N MET A 549 -25.98 27.16 25.05
CA MET A 549 -24.95 26.16 25.37
C MET A 549 -25.57 24.82 25.73
N LEU A 550 -26.69 24.84 26.47
CA LEU A 550 -27.36 23.59 26.82
C LEU A 550 -27.87 22.88 25.57
N TYR A 551 -28.47 23.63 24.63
CA TYR A 551 -28.96 23.00 23.42
C TYR A 551 -27.82 22.52 22.53
N TRP A 552 -26.67 23.20 22.56
CA TRP A 552 -25.54 22.78 21.74
C TRP A 552 -25.03 21.40 22.15
N VAL A 553 -25.01 21.12 23.44
CA VAL A 553 -24.55 19.82 23.93
C VAL A 553 -25.60 18.77 23.58
N PRO A 554 -25.23 17.71 22.86
CA PRO A 554 -26.22 16.67 22.52
C PRO A 554 -26.52 15.78 23.72
N ASP A 555 -27.36 14.77 23.51
CA ASP A 555 -27.79 13.82 24.55
C ASP A 555 -28.18 14.52 25.85
N TRP A 556 -28.70 15.74 25.73
CA TRP A 556 -29.12 16.52 26.88
C TRP A 556 -30.53 16.11 27.30
N ASP A 557 -30.72 15.92 28.60
CA ASP A 557 -32.01 15.45 29.11
C ASP A 557 -33.11 16.49 29.02
N GLY A 558 -32.78 17.74 28.69
CA GLY A 558 -33.80 18.76 28.58
C GLY A 558 -34.22 19.38 29.89
N VAL A 559 -33.44 19.19 30.96
CA VAL A 559 -33.75 19.73 32.27
C VAL A 559 -32.78 20.89 32.53
N ILE A 560 -33.33 22.07 32.75
CA ILE A 560 -32.52 23.26 33.00
C ILE A 560 -32.06 23.25 34.46
N PRO A 561 -30.75 23.27 34.72
CA PRO A 561 -30.28 23.29 36.11
C PRO A 561 -30.63 24.60 36.80
N THR A 562 -30.80 24.51 38.12
CA THR A 562 -31.11 25.69 38.91
C THR A 562 -29.91 26.63 38.93
N PRO A 563 -30.08 27.91 38.62
CA PRO A 563 -28.94 28.83 38.64
C PRO A 563 -28.36 28.99 40.04
N ALA A 564 -27.06 29.28 40.08
CA ALA A 564 -26.38 29.47 41.37
C ALA A 564 -26.92 30.68 42.09
N ILE A 565 -27.17 31.77 41.37
CA ILE A 565 -27.69 33.01 41.94
C ILE A 565 -29.07 33.28 41.34
N ILE A 566 -30.07 33.45 42.20
CA ILE A 566 -31.46 33.52 41.73
C ILE A 566 -32.11 34.85 42.09
N LYS A 567 -31.70 35.47 43.19
CA LYS A 567 -32.48 36.60 43.69
C LYS A 567 -32.25 37.89 42.88
N PRO A 568 -31.01 38.41 42.78
CA PRO A 568 -30.84 39.66 42.02
C PRO A 568 -31.06 39.47 40.53
N LYS A 569 -30.46 38.41 39.99
CA LYS A 569 -30.60 38.07 38.57
C LYS A 569 -30.20 36.61 38.38
N PRO A 570 -30.98 35.82 37.64
CA PRO A 570 -30.61 34.42 37.41
C PRO A 570 -29.29 34.29 36.67
N LEU A 571 -28.28 33.74 37.33
CA LEU A 571 -26.95 33.58 36.75
C LEU A 571 -26.46 32.16 37.00
N TRP A 572 -25.90 31.55 35.96
CA TRP A 572 -25.34 30.20 36.04
C TRP A 572 -23.82 30.28 36.06
N SER A 573 -23.20 29.57 36.98
CA SER A 573 -21.76 29.53 37.05
C SER A 573 -21.19 28.76 35.85
N GLY A 574 -19.93 29.05 35.54
CA GLY A 574 -19.28 28.37 34.43
C GLY A 574 -19.15 26.87 34.63
N LYS A 575 -18.96 26.44 35.87
CA LYS A 575 -18.80 25.03 36.14
C LYS A 575 -20.09 24.24 35.97
N GLN A 576 -21.25 24.90 36.05
CA GLN A 576 -22.52 24.19 35.94
C GLN A 576 -22.70 23.59 34.55
N ILE A 577 -22.36 24.35 33.50
CA ILE A 577 -22.51 23.85 32.15
C ILE A 577 -21.57 22.68 31.89
N LEU A 578 -20.33 22.79 32.37
CA LEU A 578 -19.38 21.69 32.22
C LEU A 578 -19.85 20.45 32.97
N SER A 579 -20.41 20.63 34.16
CA SER A 579 -20.96 19.49 34.90
C SER A 579 -22.14 18.87 34.16
N VAL A 580 -22.93 19.70 33.49
CA VAL A 580 -24.01 19.17 32.64
C VAL A 580 -23.43 18.33 31.51
N ALA A 581 -22.36 18.81 30.89
CA ALA A 581 -21.70 18.04 29.84
C ALA A 581 -21.15 16.72 30.37
N ILE A 582 -20.56 16.76 31.56
CA ILE A 582 -19.97 15.54 32.14
C ILE A 582 -21.09 14.58 32.54
N PRO A 583 -21.02 13.32 32.14
CA PRO A 583 -22.05 12.36 32.54
C PRO A 583 -22.01 12.07 34.03
N ASN A 584 -23.16 11.63 34.55
CA ASN A 584 -23.29 11.35 35.97
C ASN A 584 -22.60 10.03 36.32
N GLY A 585 -22.38 9.84 37.62
CA GLY A 585 -21.77 8.63 38.13
C GLY A 585 -20.26 8.65 38.24
N ILE A 586 -19.60 9.73 37.82
CA ILE A 586 -18.15 9.83 37.86
C ILE A 586 -17.74 10.71 39.03
N HIS A 587 -16.85 10.21 39.87
CA HIS A 587 -16.34 10.94 41.03
C HIS A 587 -14.83 11.05 40.93
N LEU A 588 -14.31 12.27 41.08
CA LEU A 588 -12.88 12.53 41.01
C LEU A 588 -12.49 13.45 42.16
N GLN A 589 -11.28 13.25 42.67
CA GLN A 589 -10.77 14.05 43.78
C GLN A 589 -9.27 14.14 43.67
N ARG A 590 -8.76 15.34 43.37
CA ARG A 590 -7.33 15.59 43.28
C ARG A 590 -6.98 16.77 44.17
N PHE A 591 -5.95 16.60 44.98
CA PHE A 591 -5.50 17.63 45.91
C PHE A 591 -4.14 18.15 45.46
N ASP A 592 -4.05 19.44 45.20
CA ASP A 592 -2.81 20.08 44.82
C ASP A 592 -2.10 20.62 46.06
N GLU A 593 -1.06 21.41 45.85
CA GLU A 593 -0.33 22.00 46.98
C GLU A 593 -1.18 23.05 47.66
N GLY A 594 -1.31 22.95 48.97
CA GLY A 594 -2.13 23.89 49.73
C GLY A 594 -3.59 23.87 49.35
N THR A 595 -4.14 22.68 49.13
CA THR A 595 -5.54 22.52 48.72
C THR A 595 -6.32 21.87 49.86
N THR A 596 -7.41 22.52 50.26
CA THR A 596 -8.28 21.98 51.30
C THR A 596 -9.71 21.90 50.79
N LEU A 597 -10.65 21.53 51.67
CA LEU A 597 -12.06 21.47 51.28
C LEU A 597 -12.63 22.87 51.04
N LEU A 598 -11.94 23.91 51.49
CA LEU A 598 -12.34 25.30 51.28
C LEU A 598 -11.19 26.09 50.67
N SER A 599 -10.60 25.53 49.62
CA SER A 599 -9.41 26.10 49.00
C SER A 599 -9.69 27.50 48.47
N PRO A 600 -8.91 28.52 48.89
CA PRO A 600 -9.17 29.88 48.38
C PRO A 600 -8.58 30.15 47.02
N LYS A 601 -7.59 29.37 46.57
CA LYS A 601 -6.97 29.57 45.28
C LYS A 601 -7.69 28.85 44.15
N ASP A 602 -8.78 28.14 44.46
CA ASP A 602 -9.55 27.40 43.46
C ASP A 602 -8.68 26.38 42.72
N ASN A 603 -7.75 25.77 43.43
CA ASN A 603 -6.90 24.73 42.88
C ASN A 603 -7.46 23.36 43.22
N GLY A 604 -6.78 22.32 42.74
CA GLY A 604 -7.27 20.98 42.97
C GLY A 604 -8.48 20.66 42.11
N MET A 605 -9.15 19.57 42.48
CA MET A 605 -10.33 19.13 41.75
C MET A 605 -11.18 18.26 42.66
N LEU A 606 -12.50 18.39 42.53
CA LEU A 606 -13.43 17.55 43.28
C LEU A 606 -14.73 17.47 42.51
N ILE A 607 -15.07 16.28 42.04
CA ILE A 607 -16.28 16.03 41.27
C ILE A 607 -17.09 14.96 41.99
N ILE A 608 -18.37 15.24 42.22
CA ILE A 608 -19.27 14.31 42.89
C ILE A 608 -20.50 14.13 42.01
N ASP A 609 -20.78 12.88 41.64
CA ASP A 609 -21.93 12.54 40.79
C ASP A 609 -21.91 13.34 39.49
N GLY A 610 -20.72 13.49 38.92
CA GLY A 610 -20.58 14.25 37.68
C GLY A 610 -20.91 15.71 37.82
N GLN A 611 -20.61 16.31 38.97
CA GLN A 611 -20.84 17.73 39.21
C GLN A 611 -19.57 18.35 39.76
N ILE A 612 -19.15 19.46 39.15
CA ILE A 612 -17.94 20.15 39.58
C ILE A 612 -18.25 20.95 40.83
N ILE A 613 -17.46 20.71 41.89
CA ILE A 613 -17.66 21.39 43.17
C ILE A 613 -16.73 22.59 43.24
N PHE A 614 -15.43 22.35 43.11
CA PHE A 614 -14.46 23.44 43.10
C PHE A 614 -13.24 23.00 42.30
N GLY A 615 -12.46 24.00 41.86
CA GLY A 615 -11.26 23.73 41.09
C GLY A 615 -11.39 24.13 39.64
N VAL A 616 -10.42 24.89 39.14
CA VAL A 616 -10.41 25.31 37.75
C VAL A 616 -9.87 24.16 36.91
N VAL A 617 -10.60 23.77 35.86
CA VAL A 617 -10.18 22.68 35.00
C VAL A 617 -9.00 23.12 34.17
N GLU A 618 -7.94 22.31 34.16
CA GLU A 618 -6.70 22.65 33.47
C GLU A 618 -6.20 21.41 32.75
N LYS A 619 -4.92 21.45 32.33
CA LYS A 619 -4.33 20.31 31.64
C LYS A 619 -4.16 19.10 32.55
N LYS A 620 -4.24 19.27 33.87
CA LYS A 620 -4.10 18.16 34.80
C LYS A 620 -5.41 17.40 35.00
N THR A 621 -6.51 17.84 34.41
CA THR A 621 -7.80 17.17 34.55
C THR A 621 -8.31 16.62 33.23
N VAL A 622 -8.34 17.43 32.18
CA VAL A 622 -8.85 17.00 30.88
C VAL A 622 -7.70 16.79 29.89
N GLY A 623 -6.49 16.63 30.37
CA GLY A 623 -5.33 16.37 29.54
C GLY A 623 -5.01 14.90 29.44
N SER A 624 -3.71 14.59 29.35
CA SER A 624 -3.24 13.22 29.26
C SER A 624 -2.73 12.69 30.60
N SER A 625 -3.18 13.27 31.70
CA SER A 625 -2.74 12.82 33.02
C SER A 625 -3.29 11.43 33.32
N ASN A 626 -2.52 10.67 34.12
CA ASN A 626 -2.93 9.31 34.47
C ASN A 626 -4.20 9.33 35.31
N GLY A 627 -4.31 10.27 36.24
CA GLY A 627 -5.46 10.35 37.11
C GLY A 627 -6.50 11.34 36.64
N GLY A 628 -6.45 11.70 35.37
CA GLY A 628 -7.34 12.70 34.82
C GLY A 628 -8.76 12.18 34.65
N LEU A 629 -9.63 13.10 34.23
CA LEU A 629 -11.04 12.76 34.03
C LEU A 629 -11.22 11.76 32.90
N ILE A 630 -10.41 11.88 31.84
CA ILE A 630 -10.55 10.98 30.70
C ILE A 630 -10.27 9.54 31.11
N HIS A 631 -9.21 9.33 31.89
CA HIS A 631 -8.88 7.98 32.34
C HIS A 631 -9.97 7.38 33.20
N VAL A 632 -10.52 8.18 34.12
CA VAL A 632 -11.57 7.69 35.01
C VAL A 632 -12.83 7.35 34.21
N VAL A 633 -13.20 8.21 33.25
CA VAL A 633 -14.38 7.94 32.44
C VAL A 633 -14.18 6.69 31.61
N THR A 634 -12.98 6.52 31.02
CA THR A 634 -12.72 5.34 30.20
C THR A 634 -12.74 4.06 31.04
N ARG A 635 -12.22 4.12 32.27
CA ARG A 635 -12.19 2.93 33.10
C ARG A 635 -13.57 2.59 33.65
N GLU A 636 -14.37 3.61 33.98
CA GLU A 636 -15.68 3.37 34.57
C GLU A 636 -16.72 3.04 33.49
N LYS A 637 -16.92 3.97 32.55
CA LYS A 637 -17.88 3.78 31.48
C LYS A 637 -17.18 3.24 30.24
N GLY A 638 -17.94 3.01 29.18
CA GLY A 638 -17.40 2.49 27.95
C GLY A 638 -16.64 3.54 27.17
N PRO A 639 -15.82 3.09 26.20
CA PRO A 639 -15.10 4.05 25.35
C PRO A 639 -16.03 4.96 24.55
N GLN A 640 -17.22 4.47 24.19
CA GLN A 640 -18.18 5.32 23.48
C GLN A 640 -18.60 6.49 24.36
N VAL A 641 -18.79 6.24 25.66
CA VAL A 641 -19.12 7.32 26.58
C VAL A 641 -17.99 8.34 26.64
N CYS A 642 -16.74 7.86 26.62
CA CYS A 642 -15.61 8.78 26.63
C CYS A 642 -15.56 9.62 25.37
N ALA A 643 -15.83 9.02 24.22
CA ALA A 643 -15.86 9.78 22.97
C ALA A 643 -16.98 10.81 22.98
N LYS A 644 -18.15 10.43 23.49
CA LYS A 644 -19.26 11.38 23.60
C LYS A 644 -18.91 12.53 24.53
N LEU A 645 -18.24 12.23 25.64
CA LEU A 645 -17.81 13.29 26.56
C LEU A 645 -16.82 14.22 25.88
N PHE A 646 -15.87 13.66 25.12
CA PHE A 646 -14.94 14.47 24.34
C PHE A 646 -15.68 15.43 23.43
N GLY A 647 -16.62 14.89 22.65
CA GLY A 647 -17.36 15.73 21.70
C GLY A 647 -18.17 16.81 22.39
N ASN A 648 -18.88 16.45 23.47
CA ASN A 648 -19.71 17.43 24.17
C ASN A 648 -18.86 18.53 24.78
N ILE A 649 -17.74 18.18 25.42
CA ILE A 649 -16.87 19.17 26.02
C ILE A 649 -16.30 20.09 24.95
N GLN A 650 -15.84 19.52 23.84
CA GLN A 650 -15.29 20.34 22.76
C GLN A 650 -16.34 21.30 22.23
N LYS A 651 -17.56 20.82 21.98
CA LYS A 651 -18.61 21.65 21.43
C LYS A 651 -18.96 22.79 22.37
N VAL A 652 -19.16 22.49 23.66
CA VAL A 652 -19.59 23.52 24.60
C VAL A 652 -18.49 24.55 24.81
N VAL A 653 -17.23 24.11 24.92
CA VAL A 653 -16.13 25.05 25.12
C VAL A 653 -15.94 25.92 23.89
N ASN A 654 -16.03 25.34 22.70
CA ASN A 654 -15.87 26.12 21.48
C ASN A 654 -16.99 27.15 21.35
N PHE A 655 -18.23 26.76 21.67
CA PHE A 655 -19.33 27.71 21.59
C PHE A 655 -19.15 28.85 22.59
N TRP A 656 -18.72 28.54 23.81
CA TRP A 656 -18.49 29.60 24.79
C TRP A 656 -17.36 30.53 24.36
N LEU A 657 -16.29 29.97 23.80
CA LEU A 657 -15.14 30.78 23.42
C LEU A 657 -15.44 31.62 22.18
N LEU A 658 -16.35 31.16 21.31
CA LEU A 658 -16.67 31.93 20.11
C LEU A 658 -17.27 33.29 20.46
N HIS A 659 -18.16 33.32 21.44
CA HIS A 659 -18.82 34.55 21.84
C HIS A 659 -18.07 35.31 22.93
N ASN A 660 -16.99 34.75 23.46
CA ASN A 660 -16.15 35.44 24.43
C ASN A 660 -14.91 36.04 23.80
N GLY A 661 -14.12 35.24 23.09
CA GLY A 661 -12.95 35.73 22.40
C GLY A 661 -11.67 35.58 23.19
N PHE A 662 -10.59 35.20 22.50
CA PHE A 662 -9.26 35.12 23.08
C PHE A 662 -8.25 35.56 22.05
N SER A 663 -7.30 36.40 22.46
CA SER A 663 -6.33 36.97 21.54
C SER A 663 -4.98 37.07 22.22
N THR A 664 -4.01 37.60 21.48
CA THR A 664 -2.69 37.91 22.02
C THR A 664 -2.12 39.08 21.25
N GLY A 665 -1.14 39.76 21.85
CA GLY A 665 -0.60 40.96 21.24
C GLY A 665 0.84 41.19 21.64
N ILE A 666 1.43 42.24 21.07
CA ILE A 666 2.81 42.59 21.36
C ILE A 666 2.96 43.04 22.81
N GLY A 667 1.95 43.75 23.33
CA GLY A 667 2.02 44.25 24.69
C GLY A 667 2.03 43.18 25.76
N ASP A 668 1.62 41.96 25.41
CA ASP A 668 1.64 40.87 26.39
C ASP A 668 3.05 40.50 26.80
N THR A 669 4.07 40.88 26.03
CA THR A 669 5.46 40.60 26.35
C THR A 669 6.21 41.84 26.84
N ILE A 670 5.48 42.85 27.30
CA ILE A 670 6.06 44.11 27.75
C ILE A 670 5.89 44.22 29.26
N ALA A 671 7.00 44.46 29.96
CA ALA A 671 6.98 44.66 31.40
C ALA A 671 7.13 46.15 31.72
N ASP A 672 6.78 46.50 32.95
CA ASP A 672 6.83 47.89 33.39
C ASP A 672 8.27 48.30 33.66
N GLY A 673 8.45 49.58 33.98
CA GLY A 673 9.76 50.15 34.21
C GLY A 673 10.54 49.54 35.36
N PRO A 674 9.93 49.47 36.55
CA PRO A 674 10.65 48.89 37.69
C PRO A 674 11.09 47.45 37.46
N THR A 675 10.28 46.64 36.78
CA THR A 675 10.67 45.26 36.53
C THR A 675 11.88 45.19 35.62
N MET A 676 11.91 46.01 34.57
CA MET A 676 13.07 46.03 33.68
C MET A 676 14.30 46.56 34.40
N ARG A 677 14.12 47.54 35.29
CA ARG A 677 15.22 48.04 36.09
C ARG A 677 15.79 46.94 36.98
N GLU A 678 14.92 46.16 37.63
CA GLU A 678 15.38 45.06 38.46
C GLU A 678 16.09 43.99 37.63
N ILE A 679 15.58 43.70 36.44
CA ILE A 679 16.23 42.73 35.57
C ILE A 679 17.62 43.22 35.18
N THR A 680 17.73 44.49 34.82
CA THR A 680 19.04 45.06 34.46
C THR A 680 19.99 45.03 35.65
N GLU A 681 19.48 45.32 36.85
CA GLU A 681 20.33 45.25 38.04
C GLU A 681 20.82 43.84 38.29
N THR A 682 19.96 42.83 38.12
CA THR A 682 20.37 41.45 38.29
C THR A 682 21.43 41.06 37.26
N ILE A 683 21.24 41.47 36.01
CA ILE A 683 22.22 41.17 34.97
C ILE A 683 23.55 41.83 35.28
N ALA A 684 23.52 43.07 35.75
CA ALA A 684 24.75 43.78 36.10
C ALA A 684 25.46 43.10 37.27
N GLU A 685 24.70 42.64 38.27
CA GLU A 685 25.29 41.93 39.39
C GLU A 685 25.94 40.63 38.94
N ALA A 686 25.27 39.89 38.04
CA ALA A 686 25.86 38.66 37.51
C ALA A 686 27.14 38.96 36.73
N LYS A 687 27.14 40.02 35.93
CA LYS A 687 28.34 40.39 35.19
C LYS A 687 29.47 40.77 36.13
N LYS A 688 29.15 41.48 37.21
CA LYS A 688 30.17 41.83 38.21
C LYS A 688 30.73 40.59 38.87
N LYS A 689 29.88 39.62 39.20
CA LYS A 689 30.36 38.37 39.78
C LYS A 689 31.27 37.62 38.81
N VAL A 690 30.89 37.58 37.53
CA VAL A 690 31.72 36.92 36.53
C VAL A 690 33.06 37.62 36.40
N LEU A 691 33.05 38.96 36.40
CA LEU A 691 34.30 39.72 36.33
C LEU A 691 35.19 39.44 37.53
N ASP A 692 34.59 39.37 38.73
CA ASP A 692 35.37 39.05 39.92
C ASP A 692 35.97 37.66 39.83
N VAL A 693 35.21 36.68 39.31
CA VAL A 693 35.73 35.34 39.15
C VAL A 693 36.90 35.33 38.16
N THR A 694 36.76 36.06 37.05
CA THR A 694 37.85 36.14 36.08
C THR A 694 39.09 36.78 36.69
N LYS A 695 38.91 37.84 37.46
CA LYS A 695 40.04 38.50 38.10
C LYS A 695 40.73 37.57 39.10
N GLU A 696 39.95 36.81 39.86
CA GLU A 696 40.53 35.86 40.80
C GLU A 696 41.29 34.76 40.07
N ALA A 697 40.74 34.26 38.96
CA ALA A 697 41.39 33.18 38.21
C ALA A 697 42.68 33.68 37.56
N GLN A 698 42.67 34.91 37.05
CA GLN A 698 43.86 35.44 36.38
C GLN A 698 45.04 35.64 37.33
N ALA A 699 44.77 35.81 38.62
CA ALA A 699 45.81 35.97 39.61
C ALA A 699 46.27 34.65 40.20
N ASN A 700 45.77 33.52 39.69
CA ASN A 700 46.11 32.19 40.17
C ASN A 700 45.74 32.01 41.64
N LEU A 701 44.73 32.75 42.10
CA LEU A 701 44.25 32.66 43.47
C LEU A 701 43.01 31.79 43.60
N LEU A 702 42.55 31.17 42.52
CA LEU A 702 41.33 30.37 42.53
C LEU A 702 41.72 28.89 42.59
N THR A 703 41.19 28.19 43.59
CA THR A 703 41.45 26.77 43.72
C THR A 703 40.70 25.98 42.66
N ALA A 704 41.28 24.86 42.26
CA ALA A 704 40.69 23.99 41.25
C ALA A 704 39.97 22.83 41.91
N LYS A 705 38.72 22.60 41.49
CA LYS A 705 37.94 21.49 42.02
C LYS A 705 38.58 20.17 41.62
N HIS A 706 38.60 19.22 42.55
CA HIS A 706 39.20 17.92 42.29
C HIS A 706 38.47 17.22 41.15
N GLY A 707 39.24 16.56 40.28
CA GLY A 707 38.69 15.90 39.12
C GLY A 707 38.61 16.75 37.87
N MET A 708 38.96 18.03 37.94
CA MET A 708 38.91 18.91 36.79
C MET A 708 40.00 19.96 36.92
N THR A 709 40.36 20.55 35.78
CA THR A 709 41.38 21.59 35.76
C THR A 709 40.76 22.95 36.09
N LEU A 710 41.60 23.99 36.08
CA LEU A 710 41.12 25.33 36.40
C LEU A 710 40.16 25.84 35.33
N ARG A 711 40.45 25.56 34.06
CA ARG A 711 39.60 26.05 32.98
C ARG A 711 38.19 25.49 33.07
N GLU A 712 38.06 24.19 33.32
CA GLU A 712 36.75 23.57 33.39
C GLU A 712 35.94 24.13 34.57
N SER A 713 36.57 24.27 35.73
CA SER A 713 35.88 24.83 36.89
C SER A 713 35.46 26.27 36.64
N PHE A 714 36.34 27.07 36.01
CA PHE A 714 36.00 28.45 35.70
C PHE A 714 34.82 28.54 34.74
N GLU A 715 34.84 27.71 33.69
CA GLU A 715 33.72 27.71 32.74
C GLU A 715 32.43 27.26 33.41
N ASP A 716 32.51 26.25 34.27
CA ASP A 716 31.32 25.79 34.98
C ASP A 716 30.75 26.88 35.88
N ASN A 717 31.62 27.59 36.60
CA ASN A 717 31.15 28.69 37.44
C ASN A 717 30.50 29.79 36.60
N VAL A 718 31.11 30.13 35.47
CA VAL A 718 30.58 31.20 34.62
C VAL A 718 29.20 30.82 34.09
N VAL A 719 29.06 29.58 33.58
CA VAL A 719 27.78 29.18 33.01
C VAL A 719 26.72 29.04 34.09
N ARG A 720 27.11 28.59 35.28
CA ARG A 720 26.16 28.51 36.39
C ARG A 720 25.66 29.89 36.77
N PHE A 721 26.56 30.87 36.87
CA PHE A 721 26.15 32.22 37.20
C PHE A 721 25.22 32.80 36.14
N LEU A 722 25.56 32.59 34.86
CA LEU A 722 24.74 33.13 33.79
C LEU A 722 23.36 32.50 33.77
N ASN A 723 23.28 31.17 33.95
CA ASN A 723 22.00 30.49 33.98
C ASN A 723 21.16 30.94 35.17
N GLU A 724 21.79 31.10 36.34
CA GLU A 724 21.06 31.57 37.51
C GLU A 724 20.52 32.97 37.30
N ALA A 725 21.31 33.85 36.69
CA ALA A 725 20.85 35.20 36.41
C ALA A 725 19.67 35.19 35.44
N ARG A 726 19.76 34.38 34.38
CA ARG A 726 18.67 34.30 33.42
C ARG A 726 17.40 33.77 34.08
N ASP A 727 17.53 32.74 34.92
CA ASP A 727 16.37 32.20 35.61
C ASP A 727 15.75 33.21 36.56
N LYS A 728 16.58 33.95 37.29
CA LYS A 728 16.06 34.97 38.21
C LYS A 728 15.34 36.07 37.45
N ALA A 729 15.91 36.53 36.33
CA ALA A 729 15.25 37.57 35.54
C ALA A 729 13.93 37.07 34.98
N GLY A 730 13.91 35.83 34.49
CA GLY A 730 12.66 35.27 33.99
C GLY A 730 11.61 35.13 35.07
N ARG A 731 12.01 34.70 36.26
CA ARG A 731 11.07 34.59 37.37
C ARG A 731 10.50 35.94 37.76
N LEU A 732 11.36 36.97 37.79
CA LEU A 732 10.88 38.31 38.08
C LEU A 732 9.89 38.79 37.02
N ALA A 733 10.20 38.57 35.75
CA ALA A 733 9.30 38.98 34.68
C ALA A 733 7.97 38.25 34.77
N GLU A 734 8.00 36.94 35.05
CA GLU A 734 6.76 36.17 35.18
C GLU A 734 5.94 36.65 36.37
N VAL A 735 6.59 36.95 37.50
CA VAL A 735 5.88 37.44 38.67
C VAL A 735 5.22 38.78 38.37
N ASN A 736 5.93 39.67 37.67
CA ASN A 736 5.38 40.98 37.37
C ASN A 736 4.13 40.90 36.51
N LEU A 737 4.04 39.90 35.64
CA LEU A 737 2.92 39.80 34.72
C LEU A 737 1.60 39.63 35.47
N LYS A 738 0.57 40.33 34.98
CA LYS A 738 -0.74 40.30 35.62
C LYS A 738 -1.52 39.06 35.17
N ASP A 739 -2.68 38.87 35.80
CA ASP A 739 -3.52 37.71 35.49
C ASP A 739 -4.22 37.85 34.15
N LEU A 740 -4.38 39.07 33.64
CA LEU A 740 -5.04 39.27 32.36
C LEU A 740 -4.11 39.08 31.17
N ASN A 741 -2.82 38.83 31.40
CA ASN A 741 -1.89 38.61 30.31
C ASN A 741 -2.26 37.37 29.52
N ASN A 742 -2.27 37.49 28.19
CA ASN A 742 -2.66 36.38 27.35
C ASN A 742 -1.63 35.26 27.39
N VAL A 743 -0.35 35.61 27.34
CA VAL A 743 0.70 34.59 27.40
C VAL A 743 0.66 33.87 28.74
N LYS A 744 0.48 34.62 29.83
CA LYS A 744 0.37 33.99 31.14
C LYS A 744 -0.86 33.10 31.22
N GLN A 745 -1.98 33.55 30.66
CA GLN A 745 -3.20 32.75 30.67
C GLN A 745 -3.00 31.44 29.91
N MET A 746 -2.30 31.50 28.77
CA MET A 746 -1.98 30.27 28.04
C MET A 746 -1.05 29.39 28.85
N VAL A 747 -0.12 29.99 29.60
CA VAL A 747 0.81 29.21 30.41
C VAL A 747 0.07 28.44 31.51
N MET A 748 -0.87 29.11 32.20
CA MET A 748 -1.63 28.43 33.24
C MET A 748 -2.43 27.26 32.69
N ALA A 749 -3.07 27.45 31.54
CA ALA A 749 -3.85 26.37 30.94
C ALA A 749 -2.97 25.21 30.50
N GLY A 750 -1.72 25.50 30.11
CA GLY A 750 -0.82 24.47 29.65
C GLY A 750 -0.97 24.09 28.19
N SER A 751 -1.83 24.78 27.44
CA SER A 751 -2.01 24.46 26.03
C SER A 751 -0.74 24.74 25.24
N LYS A 752 -0.09 25.86 25.50
CA LYS A 752 1.12 26.23 24.78
C LYS A 752 1.91 27.20 25.64
N GLY A 753 3.23 27.24 25.40
CA GLY A 753 4.11 28.14 26.11
C GLY A 753 4.67 27.54 27.38
N SER A 754 5.66 28.24 27.93
CA SER A 754 6.33 27.80 29.15
C SER A 754 6.99 28.99 29.81
N PHE A 755 7.56 28.76 30.99
CA PHE A 755 8.25 29.83 31.71
C PHE A 755 9.46 30.33 30.94
N ILE A 756 10.21 29.41 30.30
CA ILE A 756 11.39 29.81 29.56
C ILE A 756 11.02 30.68 28.36
N ASN A 757 9.88 30.41 27.73
CA ASN A 757 9.43 31.24 26.62
C ASN A 757 9.18 32.67 27.07
N ILE A 758 8.48 32.83 28.21
CA ILE A 758 8.23 34.17 28.75
C ILE A 758 9.53 34.85 29.11
N ALA A 759 10.45 34.11 29.73
CA ALA A 759 11.74 34.68 30.10
C ALA A 759 12.48 35.20 28.87
N GLN A 760 12.61 34.37 27.84
CA GLN A 760 13.37 34.77 26.66
C GLN A 760 12.65 35.85 25.87
N MET A 761 11.32 35.94 25.98
CA MET A 761 10.57 36.94 25.23
C MET A 761 10.46 38.27 25.94
N SER A 762 10.61 38.31 27.26
CA SER A 762 10.38 39.55 28.00
C SER A 762 11.59 40.06 28.76
N ALA A 763 12.41 39.18 29.34
CA ALA A 763 13.46 39.61 30.25
C ALA A 763 14.86 39.46 29.66
N CYS A 764 15.24 38.25 29.24
CA CYS A 764 16.60 38.03 28.78
C CYS A 764 16.69 36.67 28.11
N VAL A 765 17.51 36.59 27.08
CA VAL A 765 17.78 35.34 26.37
C VAL A 765 18.94 34.63 27.05
N GLY A 766 18.90 33.30 27.04
CA GLY A 766 19.93 32.53 27.71
C GLY A 766 21.26 32.59 26.98
N GLN A 767 22.29 32.11 27.66
CA GLN A 767 23.63 32.05 27.06
C GLN A 767 23.65 31.03 25.93
N GLN A 768 24.16 31.44 24.78
CA GLN A 768 24.23 30.55 23.63
C GLN A 768 25.36 29.54 23.83
N SER A 769 25.06 28.27 23.59
CA SER A 769 26.02 27.20 23.78
C SER A 769 26.10 26.33 22.53
N VAL A 770 27.31 25.94 22.15
CA VAL A 770 27.56 25.05 21.03
C VAL A 770 28.37 23.87 21.54
N GLU A 771 27.89 22.66 21.26
CA GLU A 771 28.52 21.41 21.73
C GLU A 771 28.63 21.37 23.25
N GLY A 772 27.67 21.98 23.95
CA GLY A 772 27.66 21.99 25.39
C GLY A 772 28.60 22.98 26.05
N LYS A 773 29.31 23.78 25.26
CA LYS A 773 30.23 24.78 25.79
C LYS A 773 29.88 26.14 25.18
N ARG A 774 30.55 27.17 25.68
CA ARG A 774 30.35 28.51 25.16
C ARG A 774 30.92 28.62 23.75
N ILE A 775 30.76 29.79 23.15
CA ILE A 775 31.23 30.00 21.78
C ILE A 775 32.75 29.88 21.74
N ALA A 776 33.24 28.95 20.93
CA ALA A 776 34.67 28.69 20.86
C ALA A 776 35.38 29.81 20.10
N PHE A 777 36.70 29.83 20.23
CA PHE A 777 37.54 30.82 19.58
C PHE A 777 37.76 30.40 18.13
N GLY A 778 36.84 30.81 17.26
CA GLY A 778 36.98 30.50 15.85
C GLY A 778 38.20 31.14 15.23
N PHE A 779 38.47 32.39 15.59
CA PHE A 779 39.68 33.08 15.16
C PHE A 779 40.81 32.74 16.12
N VAL A 780 41.96 33.40 15.96
CA VAL A 780 43.11 33.19 16.83
C VAL A 780 42.82 33.90 18.16
N ASP A 781 42.41 33.13 19.16
CA ASP A 781 42.10 33.62 20.50
C ASP A 781 40.97 34.65 20.50
N ARG A 782 40.14 34.65 19.46
CA ARG A 782 39.01 35.57 19.36
C ARG A 782 37.79 34.83 18.85
N THR A 783 36.62 35.33 19.23
CA THR A 783 35.36 34.80 18.70
C THR A 783 34.90 35.54 17.45
N LEU A 784 35.06 36.87 17.44
CA LEU A 784 34.70 37.69 16.29
C LEU A 784 35.79 38.72 16.09
N PRO A 785 35.95 39.23 14.86
CA PRO A 785 36.98 40.24 14.61
C PRO A 785 36.76 41.54 15.37
N HIS A 786 35.54 41.79 15.87
CA HIS A 786 35.23 43.03 16.58
C HIS A 786 35.64 42.99 18.05
N PHE A 787 36.17 41.87 18.53
CA PHE A 787 36.62 41.74 19.90
C PHE A 787 38.14 41.72 19.97
N SER A 788 38.66 41.90 21.18
CA SER A 788 40.10 41.83 21.42
C SER A 788 40.50 40.41 21.77
N LYS A 789 41.80 40.14 21.67
CA LYS A 789 42.32 38.83 21.95
C LYS A 789 42.25 38.52 23.45
N ASP A 790 42.04 37.23 23.76
CA ASP A 790 41.98 36.75 25.14
C ASP A 790 40.91 37.48 25.94
N ASP A 791 39.72 37.57 25.36
CA ASP A 791 38.57 38.20 26.00
C ASP A 791 37.62 37.11 26.47
N TYR A 792 37.51 36.94 27.79
CA TYR A 792 36.67 35.92 28.40
C TYR A 792 35.39 36.51 29.00
N SER A 793 35.05 37.75 28.65
CA SER A 793 33.82 38.35 29.13
C SER A 793 32.61 37.61 28.58
N PRO A 794 31.51 37.57 29.33
CA PRO A 794 30.32 36.84 28.83
C PRO A 794 29.78 37.37 27.52
N GLU A 795 29.87 38.68 27.26
CA GLU A 795 29.35 39.22 26.01
C GLU A 795 30.12 38.67 24.82
N SER A 796 31.46 38.56 24.95
CA SER A 796 32.28 38.06 23.85
C SER A 796 32.18 36.56 23.67
N LYS A 797 31.75 35.82 24.70
CA LYS A 797 31.68 34.37 24.64
C LYS A 797 30.30 33.85 24.29
N GLY A 798 29.33 34.73 24.04
CA GLY A 798 28.03 34.29 23.57
C GLY A 798 26.90 34.40 24.56
N PHE A 799 26.90 35.46 25.38
CA PHE A 799 25.80 35.73 26.30
C PHE A 799 24.94 36.84 25.73
N VAL A 800 23.65 36.56 25.57
CA VAL A 800 22.70 37.52 25.02
C VAL A 800 21.99 38.16 26.20
N GLU A 801 22.42 39.37 26.57
CA GLU A 801 21.82 40.08 27.68
C GLU A 801 20.55 40.83 27.27
N ASN A 802 20.19 40.82 25.99
CA ASN A 802 19.00 41.51 25.51
C ASN A 802 17.82 40.54 25.51
N SER A 803 16.69 40.97 24.94
CA SER A 803 15.50 40.16 24.81
C SER A 803 14.98 40.27 23.38
N TYR A 804 14.08 39.35 23.02
CA TYR A 804 13.53 39.35 21.67
C TYR A 804 12.73 40.63 21.41
N LEU A 805 11.96 41.09 22.39
CA LEU A 805 11.21 42.33 22.22
C LEU A 805 12.14 43.52 22.07
N ARG A 806 13.22 43.56 22.86
CA ARG A 806 14.15 44.68 22.79
C ARG A 806 14.96 44.67 21.50
N GLY A 807 15.33 43.49 21.03
CA GLY A 807 16.17 43.36 19.86
C GLY A 807 17.55 42.84 20.21
N LEU A 808 18.26 42.36 19.19
CA LEU A 808 19.56 41.72 19.36
C LEU A 808 20.63 42.49 18.61
N THR A 809 21.79 42.63 19.23
CA THR A 809 22.95 43.20 18.57
C THR A 809 23.51 42.20 17.56
N PRO A 810 24.30 42.66 16.58
CA PRO A 810 24.81 41.73 15.55
C PRO A 810 25.59 40.55 16.11
N GLN A 811 26.39 40.75 17.16
CA GLN A 811 27.19 39.66 17.68
C GLN A 811 26.32 38.56 18.29
N GLU A 812 25.37 38.95 19.16
CA GLU A 812 24.47 37.96 19.73
C GLU A 812 23.54 37.39 18.68
N PHE A 813 23.23 38.16 17.63
CA PHE A 813 22.46 37.62 16.52
C PHE A 813 23.22 36.49 15.83
N PHE A 814 24.52 36.69 15.59
CA PHE A 814 25.34 35.63 14.99
C PHE A 814 25.43 34.43 15.91
N PHE A 815 25.59 34.66 17.21
CA PHE A 815 25.66 33.55 18.17
C PHE A 815 24.36 32.76 18.20
N HIS A 816 23.22 33.46 18.17
CA HIS A 816 21.93 32.78 18.13
C HIS A 816 21.76 32.00 16.84
N ALA A 817 22.22 32.55 15.72
CA ALA A 817 22.16 31.83 14.45
C ALA A 817 22.99 30.55 14.51
N MET A 818 24.18 30.63 15.12
CA MET A 818 25.02 29.43 15.26
C MET A 818 24.33 28.38 16.14
N GLY A 819 23.72 28.82 17.24
CA GLY A 819 23.00 27.88 18.08
C GLY A 819 21.84 27.22 17.37
N GLY A 820 21.08 28.01 16.60
CA GLY A 820 19.97 27.44 15.84
C GLY A 820 20.43 26.47 14.78
N ARG A 821 21.54 26.78 14.12
CA ARG A 821 22.09 25.84 13.13
C ARG A 821 22.51 24.54 13.79
N GLU A 822 23.15 24.64 14.96
CA GLU A 822 23.54 23.42 15.69
C GLU A 822 22.32 22.60 16.06
N GLY A 823 21.26 23.27 16.55
CA GLY A 823 20.05 22.54 16.89
C GLY A 823 19.42 21.85 15.69
N LEU A 824 19.34 22.55 14.55
CA LEU A 824 18.77 21.96 13.35
C LEU A 824 19.57 20.75 12.90
N ILE A 825 20.90 20.85 12.92
CA ILE A 825 21.74 19.71 12.54
C ILE A 825 21.52 18.54 13.49
N ASP A 826 21.40 18.85 14.79
CA ASP A 826 21.17 17.79 15.77
C ASP A 826 19.87 17.04 15.50
N THR A 827 18.78 17.78 15.26
CA THR A 827 17.51 17.11 14.96
C THR A 827 17.60 16.33 13.65
N ALA A 828 18.27 16.88 12.65
CA ALA A 828 18.37 16.21 11.36
C ALA A 828 19.11 14.88 11.47
N VAL A 829 20.18 14.82 12.27
CA VAL A 829 20.86 13.55 12.48
C VAL A 829 20.02 12.63 13.35
N LYS A 830 19.41 13.17 14.41
CA LYS A 830 18.72 12.35 15.39
C LYS A 830 17.52 11.65 14.81
N THR A 831 16.76 12.30 13.91
CA THR A 831 15.58 11.65 13.36
C THR A 831 15.96 10.39 12.60
N ALA A 832 17.01 10.46 11.77
CA ALA A 832 17.47 9.28 11.04
C ALA A 832 18.00 8.21 11.98
N GLU A 833 18.79 8.62 12.98
CA GLU A 833 19.36 7.62 13.89
C GLU A 833 18.26 6.89 14.66
N THR A 834 17.28 7.62 15.17
CA THR A 834 16.19 6.99 15.91
C THR A 834 15.30 6.16 15.00
N GLY A 835 15.13 6.56 13.74
CA GLY A 835 14.40 5.74 12.80
C GLY A 835 15.07 4.39 12.58
N TYR A 836 16.39 4.41 12.37
CA TYR A 836 17.11 3.15 12.20
C TYR A 836 17.04 2.31 13.47
N ILE A 837 17.17 2.94 14.64
CA ILE A 837 17.09 2.20 15.90
C ILE A 837 15.72 1.57 16.07
N GLN A 838 14.66 2.31 15.73
CA GLN A 838 13.31 1.77 15.83
C GLN A 838 13.10 0.60 14.88
N ARG A 839 13.62 0.70 13.66
CA ARG A 839 13.51 -0.41 12.72
C ARG A 839 14.21 -1.65 13.26
N ARG A 840 15.43 -1.48 13.80
CA ARG A 840 16.16 -2.61 14.35
C ARG A 840 15.41 -3.23 15.53
N LEU A 841 14.87 -2.38 16.41
CA LEU A 841 14.13 -2.89 17.57
C LEU A 841 12.88 -3.65 17.14
N VAL A 842 12.17 -3.14 16.15
CA VAL A 842 10.98 -3.83 15.64
C VAL A 842 11.37 -5.18 15.05
N LYS A 843 12.46 -5.21 14.28
CA LYS A 843 12.92 -6.47 13.71
C LYS A 843 13.33 -7.47 14.78
N ALA A 844 13.90 -6.98 15.88
CA ALA A 844 14.37 -7.89 16.93
C ALA A 844 13.22 -8.62 17.61
N LEU A 845 12.11 -7.93 17.86
CA LEU A 845 11.01 -8.49 18.63
C LEU A 845 9.72 -8.55 17.82
N GLU A 846 9.81 -9.00 16.58
CA GLU A 846 8.65 -9.04 15.69
C GLU A 846 7.88 -10.35 15.75
N ASP A 847 8.31 -11.30 16.58
CA ASP A 847 7.67 -12.62 16.62
C ASP A 847 7.43 -13.08 18.06
N ILE A 848 7.26 -12.15 18.99
CA ILE A 848 6.98 -12.48 20.38
C ILE A 848 5.48 -12.61 20.57
N MET A 849 5.04 -13.73 21.13
CA MET A 849 3.64 -14.07 21.27
C MET A 849 3.32 -14.40 22.71
N VAL A 850 2.15 -13.99 23.17
CA VAL A 850 1.57 -14.47 24.41
C VAL A 850 0.59 -15.57 24.06
N HIS A 851 0.89 -16.79 24.49
CA HIS A 851 0.10 -17.95 24.12
C HIS A 851 -0.99 -18.22 25.16
N TYR A 852 -1.79 -19.25 24.90
CA TYR A 852 -2.93 -19.56 25.76
C TYR A 852 -2.52 -20.15 27.11
N ASP A 853 -1.24 -20.49 27.29
CA ASP A 853 -0.73 -20.93 28.58
C ASP A 853 -0.13 -19.79 29.39
N ASN A 854 -0.40 -18.55 29.00
CA ASN A 854 0.10 -17.35 29.69
C ASN A 854 1.62 -17.32 29.74
N THR A 855 2.26 -17.76 28.66
CA THR A 855 3.70 -17.70 28.51
C THR A 855 4.03 -16.97 27.22
N THR A 856 5.13 -16.21 27.24
CA THR A 856 5.58 -15.47 26.07
C THR A 856 6.69 -16.25 25.38
N ARG A 857 6.46 -16.60 24.11
CA ARG A 857 7.41 -17.38 23.34
C ARG A 857 7.60 -16.75 21.97
N ASN A 858 8.75 -17.03 21.37
CA ASN A 858 9.08 -16.53 20.04
C ASN A 858 8.55 -17.49 18.99
N SER A 859 8.96 -17.29 17.73
CA SER A 859 8.51 -18.16 16.65
C SER A 859 9.02 -19.58 16.84
N LEU A 860 10.26 -19.74 17.31
CA LEU A 860 10.84 -21.05 17.52
C LEU A 860 10.21 -21.79 18.69
N GLY A 861 9.39 -21.13 19.50
CA GLY A 861 8.79 -21.75 20.66
C GLY A 861 9.59 -21.64 21.93
N ASN A 862 10.78 -21.05 21.88
CA ASN A 862 11.58 -20.87 23.08
C ASN A 862 10.88 -19.93 24.05
N VAL A 863 10.93 -20.27 25.33
CA VAL A 863 10.28 -19.48 26.37
C VAL A 863 11.23 -18.39 26.82
N ILE A 864 10.78 -17.14 26.74
CA ILE A 864 11.55 -16.00 27.23
C ILE A 864 10.95 -15.40 28.49
N GLN A 865 9.71 -15.72 28.83
CA GLN A 865 9.08 -15.22 30.04
C GLN A 865 7.92 -16.16 30.38
N PHE A 866 8.01 -16.82 31.53
CA PHE A 866 6.98 -17.80 31.90
C PHE A 866 5.63 -17.14 32.16
N ILE A 867 5.60 -15.84 32.38
CA ILE A 867 4.35 -15.09 32.49
C ILE A 867 4.62 -13.66 32.02
N TYR A 868 3.70 -13.11 31.25
CA TYR A 868 3.91 -11.80 30.64
C TYR A 868 3.98 -10.72 31.71
N GLY A 869 5.04 -9.91 31.65
CA GLY A 869 5.22 -8.84 32.61
C GLY A 869 5.40 -9.31 34.03
N GLU A 870 5.72 -10.60 34.22
CA GLU A 870 5.93 -11.20 35.54
C GLU A 870 4.66 -11.16 36.39
N ASP A 871 3.56 -10.68 35.82
CA ASP A 871 2.28 -10.66 36.52
C ASP A 871 1.09 -11.08 35.65
N GLY A 872 1.24 -11.16 34.33
CA GLY A 872 0.14 -11.54 33.48
C GLY A 872 -0.99 -10.53 33.42
N MET A 873 -0.68 -9.25 33.36
CA MET A 873 -1.67 -8.19 33.33
C MET A 873 -1.46 -7.32 32.10
N ASP A 874 -2.57 -6.89 31.50
CA ASP A 874 -2.51 -6.00 30.35
C ASP A 874 -1.99 -4.63 30.78
N ALA A 875 -1.17 -4.03 29.91
CA ALA A 875 -0.58 -2.74 30.24
C ALA A 875 -1.63 -1.65 30.35
N ALA A 876 -2.64 -1.68 29.49
CA ALA A 876 -3.65 -0.63 29.45
C ALA A 876 -4.60 -0.67 30.64
N HIS A 877 -4.57 -1.72 31.45
CA HIS A 877 -5.47 -1.88 32.59
C HIS A 877 -4.73 -1.80 33.92
N ILE A 878 -3.74 -0.91 34.00
CA ILE A 878 -2.93 -0.73 35.19
C ILE A 878 -2.95 0.74 35.58
N GLU A 879 -3.14 1.01 36.87
CA GLU A 879 -3.17 2.38 37.38
C GLU A 879 -2.23 2.50 38.57
N LYS A 880 -1.64 3.69 38.74
CA LYS A 880 -0.75 3.93 39.85
C LYS A 880 -1.53 4.01 41.15
N GLN A 881 -1.04 3.30 42.17
CA GLN A 881 -1.69 3.26 43.47
C GLN A 881 -0.65 3.29 44.58
N SER A 882 -1.08 3.69 45.77
CA SER A 882 -0.21 3.84 46.92
C SER A 882 -0.45 2.68 47.89
N LEU A 883 0.65 2.08 48.36
CA LEU A 883 0.59 1.04 49.37
C LEU A 883 0.78 1.69 50.75
N ASP A 884 -0.24 1.59 51.60
CA ASP A 884 -0.19 2.23 52.90
C ASP A 884 0.58 1.42 53.94
N THR A 885 0.85 0.14 53.67
CA THR A 885 1.52 -0.69 54.66
C THR A 885 3.01 -0.38 54.74
N ILE A 886 3.65 -0.16 53.60
CA ILE A 886 5.10 0.05 53.59
C ILE A 886 5.47 1.35 54.30
N GLY A 887 4.72 2.42 54.04
CA GLY A 887 5.02 3.71 54.62
C GLY A 887 4.54 3.84 56.05
N GLY A 888 4.84 5.00 56.64
CA GLY A 888 4.43 5.28 57.99
C GLY A 888 5.39 4.72 59.03
N SER A 889 5.05 4.97 60.29
CA SER A 889 5.83 4.51 61.43
C SER A 889 5.20 3.27 62.04
N ASP A 890 5.96 2.61 62.92
CA ASP A 890 5.45 1.43 63.60
C ASP A 890 4.25 1.75 64.47
N ALA A 891 4.33 2.86 65.22
CA ALA A 891 3.20 3.26 66.04
C ALA A 891 1.98 3.62 65.20
N ALA A 892 2.19 4.36 64.11
CA ALA A 892 1.09 4.70 63.22
C ALA A 892 0.49 3.46 62.57
N PHE A 893 1.35 2.52 62.15
CA PHE A 893 0.85 1.28 61.56
C PHE A 893 0.02 0.48 62.56
N GLU A 894 0.51 0.38 63.80
CA GLU A 894 -0.24 -0.33 64.84
C GLU A 894 -1.57 0.35 65.12
N LYS A 895 -1.58 1.67 65.21
CA LYS A 895 -2.82 2.40 65.46
C LYS A 895 -3.81 2.20 64.31
N ARG A 896 -3.33 2.22 63.07
CA ARG A 896 -4.21 2.12 61.92
C ARG A 896 -4.66 0.70 61.62
N TYR A 897 -3.96 -0.31 62.12
CA TYR A 897 -4.29 -1.68 61.74
C TYR A 897 -4.58 -2.61 62.92
N ARG A 898 -3.85 -2.49 64.02
CA ARG A 898 -4.00 -3.43 65.12
C ARG A 898 -5.30 -3.19 65.86
N VAL A 899 -6.08 -4.26 66.04
CA VAL A 899 -7.33 -4.22 66.79
C VAL A 899 -7.33 -5.39 67.77
N ASP A 900 -7.56 -5.10 69.05
CA ASP A 900 -7.64 -6.13 70.08
C ASP A 900 -8.96 -5.99 70.81
N LEU A 901 -9.68 -7.11 70.97
CA LEU A 901 -10.96 -7.13 71.65
C LEU A 901 -10.85 -7.43 73.14
N LEU A 902 -9.64 -7.61 73.66
CA LEU A 902 -9.42 -7.89 75.07
C LEU A 902 -8.88 -6.70 75.83
N ASN A 903 -7.85 -6.05 75.30
CA ASN A 903 -7.25 -4.89 75.96
C ASN A 903 -8.05 -3.64 75.60
N THR A 904 -7.53 -2.47 75.97
CA THR A 904 -8.22 -1.21 75.70
C THR A 904 -7.34 -0.18 74.99
N ASP A 905 -6.06 -0.48 74.76
CA ASP A 905 -5.20 0.47 74.07
C ASP A 905 -5.65 0.72 72.64
N HIS A 906 -6.04 -0.35 71.93
CA HIS A 906 -6.51 -0.26 70.56
C HIS A 906 -7.89 -0.88 70.43
N THR A 907 -8.75 -0.61 71.41
CA THR A 907 -10.09 -1.19 71.41
C THR A 907 -10.94 -0.59 70.29
N LEU A 908 -11.94 -1.35 69.88
CA LEU A 908 -12.85 -0.94 68.82
C LEU A 908 -14.11 -0.33 69.41
N ASP A 909 -14.54 0.79 68.84
CA ASP A 909 -15.73 1.47 69.33
C ASP A 909 -16.96 0.61 69.11
N PRO A 910 -17.75 0.30 70.15
CA PRO A 910 -18.95 -0.53 69.95
C PRO A 910 -19.99 0.08 69.03
N SER A 911 -20.01 1.42 68.89
CA SER A 911 -21.00 2.07 68.05
C SER A 911 -20.71 1.92 66.56
N LEU A 912 -19.52 1.44 66.20
CA LEU A 912 -19.18 1.29 64.77
C LEU A 912 -20.07 0.26 64.09
N LEU A 913 -20.34 -0.86 64.77
CA LEU A 913 -21.14 -1.93 64.22
C LEU A 913 -22.24 -2.32 65.19
N GLU A 914 -23.29 -2.93 64.65
CA GLU A 914 -24.45 -3.30 65.46
C GLU A 914 -24.11 -4.32 66.53
N SER A 915 -23.04 -5.10 66.35
CA SER A 915 -22.63 -6.11 67.31
C SER A 915 -21.68 -5.56 68.36
N GLY A 916 -21.72 -4.25 68.62
CA GLY A 916 -20.87 -3.68 69.64
C GLY A 916 -21.26 -4.13 71.03
N SER A 917 -20.29 -4.08 71.95
CA SER A 917 -20.39 -4.48 73.35
C SER A 917 -20.62 -5.98 73.52
N GLU A 918 -20.70 -6.74 72.43
CA GLU A 918 -20.83 -8.19 72.48
C GLU A 918 -19.62 -8.92 71.94
N ILE A 919 -18.92 -8.34 70.96
CA ILE A 919 -17.72 -8.97 70.43
C ILE A 919 -16.56 -8.95 71.42
N LEU A 920 -16.64 -8.10 72.43
CA LEU A 920 -15.59 -8.02 73.44
C LEU A 920 -15.55 -9.28 74.27
N GLY A 921 -14.33 -9.76 74.55
CA GLY A 921 -14.13 -10.96 75.33
C GLY A 921 -14.14 -12.25 74.54
N ASP A 922 -14.46 -12.21 73.25
CA ASP A 922 -14.46 -13.41 72.44
C ASP A 922 -13.04 -13.85 72.12
N LEU A 923 -12.89 -15.14 71.84
CA LEU A 923 -11.58 -15.73 71.57
C LEU A 923 -11.35 -16.02 70.09
N LYS A 924 -12.36 -16.53 69.39
CA LYS A 924 -12.20 -16.79 67.95
C LYS A 924 -11.97 -15.50 67.19
N LEU A 925 -12.72 -14.44 67.52
CA LEU A 925 -12.50 -13.15 66.88
C LEU A 925 -11.12 -12.62 67.20
N GLN A 926 -10.66 -12.79 68.44
CA GLN A 926 -9.34 -12.31 68.82
C GLN A 926 -8.24 -13.03 68.06
N VAL A 927 -8.34 -14.36 67.93
CA VAL A 927 -7.30 -15.09 67.21
C VAL A 927 -7.34 -14.76 65.73
N LEU A 928 -8.53 -14.56 65.15
CA LEU A 928 -8.61 -14.11 63.77
C LEU A 928 -7.96 -12.75 63.59
N LEU A 929 -8.21 -11.83 64.52
CA LEU A 929 -7.65 -10.48 64.42
C LEU A 929 -6.13 -10.51 64.53
N ASP A 930 -5.58 -11.30 65.47
CA ASP A 930 -4.14 -11.34 65.58
C ASP A 930 -3.50 -12.09 64.41
N GLU A 931 -4.20 -13.07 63.83
CA GLU A 931 -3.67 -13.70 62.63
C GLU A 931 -3.62 -12.69 61.49
N GLU A 932 -4.67 -11.86 61.35
CA GLU A 932 -4.67 -10.82 60.33
C GLU A 932 -3.56 -9.80 60.56
N TYR A 933 -3.33 -9.41 61.82
CA TYR A 933 -2.26 -8.47 62.12
C TYR A 933 -0.89 -9.08 61.80
N LYS A 934 -0.70 -10.36 62.11
CA LYS A 934 0.55 -11.03 61.77
C LYS A 934 0.76 -11.07 60.27
N GLN A 935 -0.30 -11.37 59.51
CA GLN A 935 -0.19 -11.35 58.06
C GLN A 935 0.16 -9.96 57.55
N LEU A 936 -0.44 -8.93 58.16
CA LEU A 936 -0.17 -7.55 57.73
C LEU A 936 1.28 -7.16 58.00
N VAL A 937 1.81 -7.52 59.17
CA VAL A 937 3.20 -7.16 59.47
C VAL A 937 4.16 -7.97 58.60
N LYS A 938 3.82 -9.22 58.29
CA LYS A 938 4.63 -9.98 57.35
C LYS A 938 4.64 -9.34 55.97
N ASP A 939 3.47 -8.86 55.52
CA ASP A 939 3.40 -8.15 54.25
C ASP A 939 4.22 -6.87 54.28
N ARG A 940 4.19 -6.15 55.41
CA ARG A 940 5.01 -4.95 55.55
C ARG A 940 6.49 -5.27 55.44
N LYS A 941 6.92 -6.33 56.11
CA LYS A 941 8.33 -6.73 56.05
C LYS A 941 8.71 -7.13 54.62
N PHE A 942 7.84 -7.87 53.94
CA PHE A 942 8.12 -8.27 52.57
C PHE A 942 8.22 -7.06 51.65
N LEU A 943 7.31 -6.09 51.81
CA LEU A 943 7.35 -4.89 50.99
C LEU A 943 8.60 -4.07 51.27
N ARG A 944 9.00 -3.97 52.53
CA ARG A 944 10.24 -3.28 52.86
C ARG A 944 11.45 -3.96 52.23
N GLU A 945 11.47 -5.29 52.24
CA GLU A 945 12.55 -6.02 51.60
C GLU A 945 12.56 -5.78 50.09
N VAL A 946 11.39 -5.77 49.47
CA VAL A 946 11.30 -5.62 48.02
C VAL A 946 11.73 -4.21 47.61
N PHE A 947 11.20 -3.20 48.28
CA PHE A 947 11.48 -1.79 47.97
C PHE A 947 12.38 -1.24 49.06
N VAL A 948 13.69 -1.15 48.77
CA VAL A 948 14.63 -0.63 49.75
C VAL A 948 14.41 0.86 49.98
N ASP A 949 14.08 1.59 48.92
CA ASP A 949 13.89 3.03 49.03
C ASP A 949 12.59 3.43 49.72
N GLY A 950 11.66 2.49 49.88
CA GLY A 950 10.41 2.78 50.56
C GLY A 950 9.37 3.48 49.73
N GLU A 951 9.48 3.44 48.40
CA GLU A 951 8.48 4.06 47.55
C GLU A 951 7.15 3.32 47.69
N ALA A 952 6.05 4.10 47.74
CA ALA A 952 4.72 3.54 47.93
C ALA A 952 3.84 3.62 46.69
N ASN A 953 4.10 4.57 45.78
CA ASN A 953 3.30 4.74 44.58
C ASN A 953 3.83 3.82 43.49
N TRP A 954 3.09 2.76 43.20
CA TRP A 954 3.47 1.80 42.17
C TRP A 954 2.24 1.48 41.32
N PRO A 955 2.43 1.22 40.03
CA PRO A 955 1.29 0.87 39.17
C PRO A 955 0.74 -0.50 39.50
N LEU A 956 -0.58 -0.60 39.61
CA LEU A 956 -1.25 -1.84 39.97
C LEU A 956 -2.51 -1.99 39.13
N PRO A 957 -2.96 -3.23 38.88
CA PRO A 957 -4.08 -3.45 37.95
C PRO A 957 -5.38 -2.76 38.33
N VAL A 958 -5.92 -3.05 39.51
CA VAL A 958 -7.26 -2.63 39.89
C VAL A 958 -7.17 -1.50 40.90
N ASN A 959 -7.97 -0.47 40.70
CA ASN A 959 -8.00 0.69 41.60
C ASN A 959 -9.06 0.43 42.68
N ILE A 960 -8.60 0.08 43.88
CA ILE A 960 -9.53 -0.19 44.97
C ILE A 960 -10.20 1.09 45.44
N ARG A 961 -9.46 2.21 45.44
CA ARG A 961 -10.00 3.45 45.96
C ARG A 961 -11.20 3.94 45.15
N ARG A 962 -11.12 3.85 43.82
CA ARG A 962 -12.25 4.23 42.99
C ARG A 962 -13.45 3.34 43.26
N ILE A 963 -13.23 2.04 43.44
CA ILE A 963 -14.32 1.10 43.68
C ILE A 963 -15.01 1.44 45.00
N ILE A 964 -14.23 1.67 46.06
CA ILE A 964 -14.83 1.96 47.36
C ILE A 964 -15.52 3.31 47.34
N GLN A 965 -14.97 4.29 46.61
CA GLN A 965 -15.64 5.58 46.50
C GLN A 965 -16.97 5.45 45.77
N ASN A 966 -17.01 4.66 44.70
CA ASN A 966 -18.26 4.44 43.98
C ASN A 966 -19.27 3.72 44.87
N ALA A 967 -18.82 2.73 45.64
CA ALA A 967 -19.71 2.00 46.53
C ALA A 967 -20.17 2.84 47.71
N GLN A 968 -19.42 3.87 48.08
CA GLN A 968 -19.89 4.83 49.08
C GLN A 968 -20.90 5.80 48.49
N GLN A 969 -20.66 6.25 47.25
CA GLN A 969 -21.59 7.17 46.61
C GLN A 969 -22.93 6.50 46.35
N THR A 970 -22.92 5.31 45.76
CA THR A 970 -24.12 4.50 45.70
C THR A 970 -24.33 3.82 47.06
N PHE A 971 -25.51 3.23 47.23
CA PHE A 971 -25.88 2.59 48.50
C PHE A 971 -25.61 3.54 49.66
N HIS A 972 -26.35 4.64 49.66
CA HIS A 972 -26.09 5.82 50.49
C HIS A 972 -25.71 5.45 51.92
N ILE A 973 -24.53 5.89 52.34
CA ILE A 973 -24.00 5.59 53.67
C ILE A 973 -24.43 6.69 54.63
N ASP A 974 -25.07 6.28 55.73
CA ASP A 974 -25.57 7.27 56.69
C ASP A 974 -24.44 7.88 57.51
N HIS A 975 -23.32 7.16 57.67
CA HIS A 975 -22.13 7.64 58.37
C HIS A 975 -22.41 7.75 59.88
N THR A 976 -23.66 7.50 60.28
CA THR A 976 -24.05 7.58 61.69
C THR A 976 -24.57 6.27 62.24
N LYS A 977 -25.37 5.53 61.48
CA LYS A 977 -25.90 4.26 61.95
C LYS A 977 -24.79 3.22 62.05
N PRO A 978 -24.89 2.30 62.99
CA PRO A 978 -23.86 1.25 63.10
C PRO A 978 -23.84 0.35 61.88
N SER A 979 -22.64 -0.14 61.55
CA SER A 979 -22.47 -1.00 60.39
C SER A 979 -23.01 -2.39 60.66
N ASP A 980 -23.19 -3.16 59.58
CA ASP A 980 -23.69 -4.52 59.66
C ASP A 980 -22.62 -5.59 59.52
N LEU A 981 -21.42 -5.22 59.06
CA LEU A 981 -20.36 -6.20 58.87
C LEU A 981 -19.86 -6.74 60.20
N THR A 982 -19.53 -8.03 60.22
CA THR A 982 -18.89 -8.68 61.35
C THR A 982 -17.44 -8.97 61.00
N ILE A 983 -16.63 -9.19 62.03
CA ILE A 983 -15.21 -9.50 61.83
C ILE A 983 -15.05 -10.77 61.02
N LYS A 984 -15.80 -11.81 61.38
CA LYS A 984 -15.73 -13.07 60.65
C LYS A 984 -16.15 -12.88 59.19
N ASP A 985 -17.21 -12.12 58.95
CA ASP A 985 -17.67 -11.90 57.58
C ASP A 985 -16.61 -11.18 56.76
N ILE A 986 -16.00 -10.15 57.32
CA ILE A 986 -14.98 -9.39 56.59
C ILE A 986 -13.78 -10.27 56.29
N VAL A 987 -13.30 -11.02 57.29
CA VAL A 987 -12.12 -11.86 57.09
C VAL A 987 -12.39 -12.94 56.04
N LEU A 988 -13.56 -13.60 56.15
CA LEU A 988 -13.90 -14.65 55.20
C LEU A 988 -14.06 -14.10 53.79
N GLY A 989 -14.68 -12.93 53.66
CA GLY A 989 -14.82 -12.32 52.34
C GLY A 989 -13.48 -11.96 51.73
N VAL A 990 -12.57 -11.41 52.53
CA VAL A 990 -11.24 -11.07 52.03
C VAL A 990 -10.51 -12.33 51.58
N LYS A 991 -10.57 -13.39 52.39
CA LYS A 991 -9.91 -14.64 52.02
C LYS A 991 -10.50 -15.24 50.75
N ASP A 992 -11.83 -15.21 50.62
CA ASP A 992 -12.48 -15.73 49.42
C ASP A 992 -12.10 -14.92 48.19
N LEU A 993 -12.03 -13.59 48.33
CA LEU A 993 -11.61 -12.76 47.21
C LEU A 993 -10.18 -13.05 46.81
N GLN A 994 -9.30 -13.26 47.80
CA GLN A 994 -7.92 -13.62 47.48
C GLN A 994 -7.85 -14.96 46.75
N GLU A 995 -8.63 -15.93 47.19
CA GLU A 995 -8.64 -17.25 46.53
C GLU A 995 -9.29 -17.22 45.16
N ASN A 996 -10.17 -16.25 44.91
CA ASN A 996 -10.91 -16.22 43.65
C ASN A 996 -10.14 -15.56 42.50
N LEU A 997 -8.98 -14.96 42.77
CA LEU A 997 -8.19 -14.32 41.72
C LEU A 997 -7.41 -15.39 40.96
N LEU A 998 -7.80 -15.62 39.70
CA LEU A 998 -7.19 -16.63 38.86
C LEU A 998 -6.52 -15.95 37.67
N VAL A 999 -5.27 -16.32 37.41
CA VAL A 999 -4.52 -15.76 36.29
C VAL A 999 -3.90 -16.89 35.48
N LEU A 1000 -3.87 -18.09 36.05
CA LEU A 1000 -3.28 -19.25 35.39
C LEU A 1000 -4.25 -20.40 35.20
N ARG A 1001 -5.08 -20.69 36.21
CA ARG A 1001 -6.09 -21.75 36.14
C ARG A 1001 -5.45 -23.11 35.84
N GLY A 1002 -4.61 -23.56 36.77
CA GLY A 1002 -3.97 -24.86 36.67
C GLY A 1002 -4.43 -25.80 37.77
N LYS A 1003 -3.85 -27.00 37.74
CA LYS A 1003 -4.19 -28.04 38.71
C LYS A 1003 -2.95 -28.61 39.38
N ASN A 1004 -1.83 -28.61 38.66
CA ASN A 1004 -0.60 -29.17 39.21
C ASN A 1004 0.04 -28.20 40.19
N GLU A 1005 1.05 -28.70 40.92
CA GLU A 1005 1.67 -27.91 41.98
C GLU A 1005 2.43 -26.71 41.42
N ILE A 1006 3.12 -26.90 40.28
CA ILE A 1006 3.96 -25.83 39.74
C ILE A 1006 3.10 -24.64 39.29
N ILE A 1007 2.04 -24.91 38.55
CA ILE A 1007 1.16 -23.84 38.09
C ILE A 1007 0.46 -23.18 39.27
N GLN A 1008 0.10 -23.98 40.28
CA GLN A 1008 -0.52 -23.41 41.48
C GLN A 1008 0.44 -22.46 42.19
N ASN A 1009 1.70 -22.85 42.33
CA ASN A 1009 2.68 -21.97 42.97
C ASN A 1009 2.91 -20.70 42.14
N ALA A 1010 2.97 -20.85 40.82
CA ALA A 1010 3.15 -19.68 39.96
C ALA A 1010 1.97 -18.72 40.09
N GLN A 1011 0.75 -19.25 40.10
CA GLN A 1011 -0.42 -18.40 40.29
C GLN A 1011 -0.41 -17.74 41.66
N ARG A 1012 0.01 -18.48 42.69
CA ARG A 1012 0.03 -17.93 44.05
C ARG A 1012 1.03 -16.78 44.17
N ASP A 1013 2.22 -16.93 43.59
CA ASP A 1013 3.24 -15.91 43.75
C ASP A 1013 3.25 -14.87 42.64
N ALA A 1014 2.36 -14.98 41.65
CA ALA A 1014 2.22 -13.94 40.63
C ALA A 1014 1.24 -12.84 41.02
N VAL A 1015 0.58 -12.96 42.18
CA VAL A 1015 -0.41 -11.96 42.59
C VAL A 1015 -0.09 -11.50 44.01
N THR A 1016 1.18 -11.64 44.42
CA THR A 1016 1.55 -11.27 45.78
C THR A 1016 1.36 -9.78 46.04
N LEU A 1017 1.77 -8.94 45.08
CA LEU A 1017 1.62 -7.49 45.26
C LEU A 1017 0.16 -7.09 45.34
N PHE A 1018 -0.68 -7.66 44.47
CA PHE A 1018 -2.11 -7.34 44.50
C PHE A 1018 -2.74 -7.83 45.79
N CYS A 1019 -2.34 -9.00 46.28
CA CYS A 1019 -2.87 -9.49 47.56
C CYS A 1019 -2.46 -8.57 48.70
N CYS A 1020 -1.22 -8.10 48.69
CA CYS A 1020 -0.77 -7.16 49.73
C CYS A 1020 -1.57 -5.87 49.68
N LEU A 1021 -1.80 -5.34 48.48
CA LEU A 1021 -2.58 -4.12 48.35
C LEU A 1021 -4.02 -4.33 48.83
N LEU A 1022 -4.61 -5.47 48.48
CA LEU A 1022 -5.98 -5.77 48.90
C LEU A 1022 -6.07 -5.89 50.42
N ARG A 1023 -5.08 -6.54 51.04
CA ARG A 1023 -5.04 -6.64 52.49
C ARG A 1023 -4.90 -5.26 53.13
N SER A 1024 -4.06 -4.40 52.55
CA SER A 1024 -3.88 -3.06 53.08
C SER A 1024 -5.17 -2.24 52.98
N ARG A 1025 -5.88 -2.35 51.86
CA ARG A 1025 -7.05 -1.52 51.62
C ARG A 1025 -8.34 -2.10 52.17
N LEU A 1026 -8.33 -3.35 52.64
CA LEU A 1026 -9.54 -4.00 53.14
C LEU A 1026 -9.32 -4.54 54.54
N ALA A 1027 -8.64 -3.78 55.39
CA ALA A 1027 -8.47 -4.16 56.78
C ALA A 1027 -9.78 -3.97 57.54
N THR A 1028 -9.93 -4.74 58.62
CA THR A 1028 -11.14 -4.66 59.42
C THR A 1028 -11.32 -3.28 60.03
N ARG A 1029 -10.24 -2.72 60.59
CA ARG A 1029 -10.32 -1.39 61.18
C ARG A 1029 -10.65 -0.33 60.13
N ARG A 1030 -10.02 -0.43 58.95
CA ARG A 1030 -10.29 0.55 57.89
C ARG A 1030 -11.75 0.50 57.46
N VAL A 1031 -12.29 -0.72 57.27
CA VAL A 1031 -13.67 -0.85 56.86
C VAL A 1031 -14.61 -0.34 57.95
N LEU A 1032 -14.34 -0.67 59.21
CA LEU A 1032 -15.24 -0.31 60.29
C LEU A 1032 -15.11 1.14 60.73
N GLN A 1033 -14.06 1.85 60.32
CA GLN A 1033 -13.88 3.24 60.72
C GLN A 1033 -14.01 4.21 59.56
N GLU A 1034 -13.24 4.04 58.50
CA GLU A 1034 -13.23 5.01 57.40
C GLU A 1034 -14.22 4.63 56.30
N TYR A 1035 -14.03 3.45 55.70
CA TYR A 1035 -14.90 2.98 54.63
C TYR A 1035 -16.08 2.21 55.23
N ARG A 1036 -16.94 2.97 55.92
CA ARG A 1036 -18.11 2.39 56.57
C ARG A 1036 -19.11 1.93 55.51
N LEU A 1037 -19.27 0.62 55.37
CA LEU A 1037 -20.18 0.04 54.38
C LEU A 1037 -21.09 -0.96 55.07
N THR A 1038 -22.09 -1.42 54.32
CA THR A 1038 -23.00 -2.46 54.76
C THR A 1038 -22.61 -3.79 54.13
N LYS A 1039 -23.34 -4.85 54.49
CA LYS A 1039 -23.04 -6.17 53.96
C LYS A 1039 -23.22 -6.21 52.44
N GLN A 1040 -24.32 -5.62 51.94
CA GLN A 1040 -24.53 -5.57 50.49
C GLN A 1040 -23.44 -4.75 49.81
N ALA A 1041 -23.05 -3.63 50.41
CA ALA A 1041 -21.97 -2.82 49.85
C ALA A 1041 -20.66 -3.58 49.82
N PHE A 1042 -20.35 -4.32 50.89
CA PHE A 1042 -19.13 -5.11 50.92
C PHE A 1042 -19.14 -6.20 49.86
N ASP A 1043 -20.27 -6.89 49.70
CA ASP A 1043 -20.37 -7.91 48.67
C ASP A 1043 -20.22 -7.31 47.28
N TRP A 1044 -20.83 -6.14 47.06
CA TRP A 1044 -20.69 -5.46 45.77
C TRP A 1044 -19.25 -5.07 45.50
N VAL A 1045 -18.55 -4.60 46.53
CA VAL A 1045 -17.14 -4.24 46.39
C VAL A 1045 -16.31 -5.46 46.01
N LEU A 1046 -16.54 -6.57 46.70
CA LEU A 1046 -15.79 -7.79 46.41
C LEU A 1046 -16.06 -8.27 44.99
N SER A 1047 -17.33 -8.28 44.58
CA SER A 1047 -17.67 -8.73 43.23
C SER A 1047 -17.06 -7.83 42.17
N ASN A 1048 -17.11 -6.51 42.39
CA ASN A 1048 -16.53 -5.58 41.42
C ASN A 1048 -15.02 -5.76 41.33
N ILE A 1049 -14.35 -5.94 42.48
CA ILE A 1049 -12.90 -6.14 42.46
C ILE A 1049 -12.55 -7.41 41.69
N GLU A 1050 -13.28 -8.50 41.96
CA GLU A 1050 -13.01 -9.75 41.25
C GLU A 1050 -13.25 -9.61 39.76
N ALA A 1051 -14.34 -8.95 39.36
CA ALA A 1051 -14.64 -8.78 37.95
C ALA A 1051 -13.59 -7.93 37.26
N GLN A 1052 -13.16 -6.84 37.89
CA GLN A 1052 -12.14 -5.98 37.29
C GLN A 1052 -10.80 -6.72 37.17
N PHE A 1053 -10.43 -7.48 38.20
CA PHE A 1053 -9.19 -8.24 38.13
C PHE A 1053 -9.23 -9.28 37.02
N LEU A 1054 -10.37 -9.97 36.87
CA LEU A 1054 -10.48 -10.98 35.81
C LEU A 1054 -10.52 -10.33 34.43
N ARG A 1055 -11.06 -9.12 34.32
CA ARG A 1055 -11.09 -8.42 33.05
C ARG A 1055 -9.78 -7.72 32.72
N SER A 1056 -8.87 -7.58 33.70
CA SER A 1056 -7.60 -6.91 33.47
C SER A 1056 -6.49 -7.85 33.04
N VAL A 1057 -6.78 -9.15 32.87
CA VAL A 1057 -5.75 -10.10 32.46
C VAL A 1057 -5.43 -9.92 30.98
N VAL A 1058 -4.16 -10.13 30.63
CA VAL A 1058 -3.72 -9.97 29.25
C VAL A 1058 -4.35 -11.06 28.39
N HIS A 1059 -4.89 -10.65 27.25
CA HIS A 1059 -5.53 -11.60 26.33
C HIS A 1059 -4.47 -12.37 25.56
N PRO A 1060 -4.51 -13.70 25.58
CA PRO A 1060 -3.54 -14.47 24.78
C PRO A 1060 -3.69 -14.20 23.29
N GLY A 1061 -2.56 -14.21 22.59
CA GLY A 1061 -2.53 -13.88 21.19
C GLY A 1061 -2.12 -12.47 20.86
N GLU A 1062 -1.68 -11.70 21.86
CA GLU A 1062 -1.29 -10.31 21.65
C GLU A 1062 0.20 -10.22 21.32
N MET A 1063 0.52 -9.32 20.39
CA MET A 1063 1.91 -9.07 19.99
C MET A 1063 2.56 -8.16 21.03
N VAL A 1064 3.19 -8.77 22.04
CA VAL A 1064 3.81 -7.96 23.07
C VAL A 1064 5.19 -7.50 22.65
N GLY A 1065 5.87 -8.26 21.78
CA GLY A 1065 7.18 -7.84 21.33
C GLY A 1065 7.14 -6.58 20.48
N VAL A 1066 6.19 -6.52 19.54
CA VAL A 1066 6.05 -5.33 18.71
C VAL A 1066 5.61 -4.14 19.55
N LEU A 1067 4.71 -4.38 20.51
CA LEU A 1067 4.29 -3.30 21.41
C LEU A 1067 5.46 -2.76 22.22
N ALA A 1068 6.30 -3.66 22.75
CA ALA A 1068 7.47 -3.23 23.50
C ALA A 1068 8.44 -2.45 22.61
N ALA A 1069 8.68 -2.95 21.40
CA ALA A 1069 9.59 -2.26 20.49
C ALA A 1069 9.10 -0.85 20.16
N GLN A 1070 7.79 -0.71 19.89
CA GLN A 1070 7.25 0.61 19.60
C GLN A 1070 7.29 1.51 20.82
N SER A 1071 6.95 0.97 22.00
CA SER A 1071 6.95 1.75 23.23
C SER A 1071 8.36 2.19 23.63
N ILE A 1072 9.39 1.47 23.20
CA ILE A 1072 10.75 1.90 23.46
C ILE A 1072 11.25 2.87 22.39
N GLY A 1073 10.87 2.64 21.13
CA GLY A 1073 11.36 3.49 20.06
C GLY A 1073 10.69 4.84 19.94
N GLU A 1074 9.45 4.95 20.38
CA GLU A 1074 8.75 6.25 20.31
C GLU A 1074 9.42 7.33 21.14
N PRO A 1075 9.76 7.12 22.42
CA PRO A 1075 10.50 8.15 23.15
C PRO A 1075 11.86 8.46 22.54
N ALA A 1076 12.48 7.48 21.87
CA ALA A 1076 13.76 7.74 21.22
C ALA A 1076 13.62 8.81 20.14
N THR A 1077 12.58 8.70 19.31
CA THR A 1077 12.32 9.74 18.32
C THR A 1077 11.87 11.03 18.98
N GLN A 1078 11.08 10.93 20.06
CA GLN A 1078 10.54 12.11 20.72
C GLN A 1078 11.56 12.86 21.56
N MET A 1079 12.73 12.28 21.82
CA MET A 1079 13.73 12.97 22.63
C MET A 1079 14.36 14.12 21.86
N THR A 1080 14.83 15.11 22.60
CA THR A 1080 15.54 16.25 22.03
C THR A 1080 17.02 15.88 21.86
N LEU A 1081 17.86 16.89 21.61
CA LEU A 1081 19.29 16.65 21.47
C LEU A 1081 19.85 16.04 22.76
N ASN A 1082 20.72 15.06 22.60
CA ASN A 1082 21.28 14.32 23.73
C ASN A 1082 22.77 14.09 23.53
N THR A 1083 23.48 15.12 23.09
CA THR A 1083 24.92 15.02 22.85
C THR A 1083 25.76 15.63 23.98
N PHE A 1084 25.18 16.53 24.78
CA PHE A 1084 25.93 17.22 25.81
C PHE A 1084 24.97 17.56 26.95
N HIS A 1085 25.40 18.44 27.84
CA HIS A 1085 24.63 18.96 28.98
C HIS A 1085 24.33 17.90 30.03
N PHE A 1086 24.92 16.72 29.92
CA PHE A 1086 24.73 15.67 30.92
C PHE A 1086 25.89 15.68 31.93
N ALA A 1087 25.99 16.78 32.66
CA ALA A 1087 27.05 16.96 33.64
C ALA A 1087 26.44 17.49 34.95
N GLY A 1088 26.91 16.94 36.07
CA GLY A 1088 26.44 17.36 37.37
C GLY A 1088 27.42 18.30 38.06
N VAL A 1089 27.89 17.89 39.25
CA VAL A 1089 28.88 18.69 39.96
C VAL A 1089 30.19 18.74 39.18
N ALA A 1090 30.61 17.61 38.64
CA ALA A 1090 31.82 17.52 37.83
C ALA A 1090 31.43 17.33 36.37
N SER A 1091 32.03 18.12 35.49
CA SER A 1091 31.73 18.07 34.05
C SER A 1091 32.47 16.88 33.44
N LYS A 1092 31.93 15.69 33.69
CA LYS A 1092 32.49 14.47 33.16
C LYS A 1092 32.00 14.14 31.75
N LYS A 1093 31.01 14.89 31.24
CA LYS A 1093 30.44 14.64 29.92
C LYS A 1093 29.94 13.21 29.79
N VAL A 1094 29.08 12.82 30.72
CA VAL A 1094 28.54 11.45 30.72
C VAL A 1094 27.62 11.26 29.53
N THR A 1095 27.83 10.18 28.79
CA THR A 1095 27.01 9.90 27.62
C THR A 1095 25.59 9.51 28.04
N SER A 1096 24.60 10.13 27.43
CA SER A 1096 23.21 9.82 27.72
C SER A 1096 22.36 10.13 26.50
N GLY A 1097 21.19 9.49 26.43
CA GLY A 1097 20.26 9.74 25.35
C GLY A 1097 20.43 8.82 24.16
N VAL A 1098 20.31 9.38 22.95
CA VAL A 1098 20.34 8.55 21.74
C VAL A 1098 21.68 7.83 21.57
N PRO A 1099 22.84 8.49 21.67
CA PRO A 1099 24.09 7.74 21.55
C PRO A 1099 24.24 6.64 22.60
N ARG A 1100 23.83 6.92 23.84
CA ARG A 1100 23.90 5.91 24.88
C ARG A 1100 22.98 4.73 24.58
N LEU A 1101 21.77 5.02 24.11
CA LEU A 1101 20.85 3.94 23.75
C LEU A 1101 21.40 3.11 22.59
N LYS A 1102 22.01 3.77 21.60
CA LYS A 1102 22.59 3.05 20.48
C LYS A 1102 23.73 2.15 20.93
N GLU A 1103 24.61 2.66 21.80
CA GLU A 1103 25.74 1.85 22.25
C GLU A 1103 25.28 0.74 23.18
N ILE A 1104 24.16 0.93 23.89
CA ILE A 1104 23.61 -0.14 24.71
C ILE A 1104 23.02 -1.24 23.83
N LEU A 1105 22.26 -0.84 22.80
CA LEU A 1105 21.67 -1.83 21.90
C LEU A 1105 22.74 -2.60 21.14
N ASN A 1106 23.78 -1.91 20.68
CA ASN A 1106 24.86 -2.57 19.97
C ASN A 1106 25.81 -3.32 20.90
N VAL A 1107 25.68 -3.14 22.21
CA VAL A 1107 26.56 -3.75 23.20
C VAL A 1107 28.00 -3.43 22.86
N ALA A 1108 28.36 -2.15 22.92
CA ALA A 1108 29.70 -1.73 22.58
C ALA A 1108 30.68 -2.15 23.67
N LYS A 1109 31.81 -2.72 23.26
CA LYS A 1109 32.83 -3.14 24.21
C LYS A 1109 33.68 -1.98 24.71
N ASN A 1110 33.63 -0.83 24.04
CA ASN A 1110 34.39 0.36 24.43
C ASN A 1110 33.43 1.54 24.46
N MET A 1111 32.80 1.76 25.60
CA MET A 1111 31.90 2.90 25.75
C MET A 1111 32.71 4.19 25.86
N LYS A 1112 32.03 5.31 25.55
CA LYS A 1112 32.71 6.60 25.54
C LYS A 1112 33.15 7.00 26.94
N THR A 1113 32.26 6.87 27.93
CA THR A 1113 32.53 7.30 29.31
C THR A 1113 32.21 6.17 30.27
N PRO A 1114 33.11 5.19 30.41
CA PRO A 1114 32.92 4.17 31.44
C PRO A 1114 32.96 4.79 32.83
N SER A 1115 32.15 4.23 33.73
CA SER A 1115 32.03 4.75 35.08
C SER A 1115 31.95 3.60 36.07
N LEU A 1116 32.17 3.93 37.34
CA LEU A 1116 32.12 2.94 38.41
C LEU A 1116 31.74 3.65 39.71
N THR A 1117 30.89 3.01 40.49
CA THR A 1117 30.41 3.56 41.75
C THR A 1117 30.80 2.65 42.89
N VAL A 1118 31.37 3.23 43.95
CA VAL A 1118 31.84 2.48 45.12
C VAL A 1118 31.13 3.04 46.35
N TYR A 1119 30.58 2.13 47.16
CA TYR A 1119 29.92 2.49 48.40
C TYR A 1119 30.75 2.01 49.57
N LEU A 1120 30.92 2.86 50.59
CA LEU A 1120 31.73 2.53 51.74
C LEU A 1120 31.00 1.54 52.65
N GLU A 1121 31.69 1.10 53.70
CA GLU A 1121 31.09 0.19 54.65
C GLU A 1121 29.97 0.88 55.41
N PRO A 1122 28.94 0.12 55.82
CA PRO A 1122 27.82 0.75 56.54
C PRO A 1122 28.22 1.44 57.83
N GLY A 1123 29.20 0.89 58.56
CA GLY A 1123 29.63 1.54 59.78
C GLY A 1123 30.31 2.88 59.53
N HIS A 1124 31.29 2.89 58.62
CA HIS A 1124 32.00 4.12 58.27
C HIS A 1124 31.42 4.70 56.98
N ALA A 1125 30.17 5.17 57.09
CA ALA A 1125 29.47 5.74 55.95
C ALA A 1125 29.70 7.24 55.83
N ALA A 1126 29.33 7.99 56.86
CA ALA A 1126 29.49 9.45 56.86
C ALA A 1126 30.81 9.86 57.51
N ASP A 1127 31.90 9.29 57.02
CA ASP A 1127 33.25 9.58 57.52
C ASP A 1127 34.08 10.12 56.36
N GLN A 1128 34.40 11.41 56.39
CA GLN A 1128 35.22 12.00 55.35
C GLN A 1128 36.62 11.40 55.36
N GLU A 1129 37.20 11.22 56.55
CA GLU A 1129 38.53 10.65 56.65
C GLU A 1129 38.59 9.24 56.09
N GLN A 1130 37.58 8.42 56.40
CA GLN A 1130 37.54 7.06 55.88
C GLN A 1130 37.40 7.06 54.36
N ALA A 1131 36.58 7.97 53.82
CA ALA A 1131 36.44 8.07 52.38
C ALA A 1131 37.75 8.47 51.71
N LYS A 1132 38.46 9.44 52.30
CA LYS A 1132 39.76 9.84 51.74
C LYS A 1132 40.76 8.69 51.80
N LEU A 1133 40.77 7.94 52.92
CA LEU A 1133 41.68 6.81 53.04
C LEU A 1133 41.35 5.73 52.01
N ILE A 1134 40.06 5.47 51.79
CA ILE A 1134 39.65 4.48 50.80
C ILE A 1134 40.00 4.95 49.40
N ARG A 1135 40.00 6.26 49.18
CA ARG A 1135 40.31 6.83 47.86
C ARG A 1135 41.74 6.51 47.44
N SER A 1136 42.49 5.82 48.29
CA SER A 1136 43.82 5.35 47.91
C SER A 1136 43.70 4.07 47.10
N ALA A 1137 42.86 4.10 46.07
CA ALA A 1137 42.76 3.03 45.09
C ALA A 1137 42.94 3.51 43.66
N ILE A 1138 42.86 4.81 43.40
CA ILE A 1138 43.17 5.34 42.09
C ILE A 1138 44.65 5.11 41.80
N GLU A 1139 44.93 4.64 40.58
CA GLU A 1139 46.32 4.42 40.17
C GLU A 1139 47.02 5.77 40.09
N HIS A 1140 47.90 6.03 41.06
CA HIS A 1140 48.65 7.28 41.05
C HIS A 1140 49.79 7.26 40.03
N THR A 1141 49.84 6.27 39.15
CA THR A 1141 50.77 6.21 38.04
C THR A 1141 52.20 6.09 38.59
N THR A 1142 53.20 6.07 37.71
CA THR A 1142 54.58 5.98 38.12
C THR A 1142 55.05 7.35 38.61
N LEU A 1143 56.36 7.51 38.78
CA LEU A 1143 56.91 8.81 39.16
C LEU A 1143 56.61 9.88 38.14
N LYS A 1144 56.26 9.51 36.90
CA LYS A 1144 55.97 10.49 35.87
C LYS A 1144 54.83 11.41 36.27
N SER A 1145 53.94 10.94 37.15
CA SER A 1145 52.86 11.78 37.64
C SER A 1145 53.32 12.74 38.74
N VAL A 1146 54.50 12.51 39.31
CA VAL A 1146 55.02 13.34 40.38
C VAL A 1146 56.40 13.91 40.09
N THR A 1147 57.13 13.37 39.11
CA THR A 1147 58.46 13.88 38.82
C THR A 1147 58.39 15.11 37.94
N ILE A 1148 59.50 15.86 37.91
CA ILE A 1148 59.59 17.06 37.11
C ILE A 1148 60.65 16.88 36.03
N ALA A 1149 61.68 16.09 36.34
CA ALA A 1149 62.77 15.87 35.39
C ALA A 1149 63.50 14.60 35.76
N SER A 1150 64.26 14.08 34.79
CA SER A 1150 65.09 12.90 34.98
C SER A 1150 66.48 13.19 34.40
N GLU A 1151 67.51 12.66 35.08
CA GLU A 1151 68.89 12.90 34.67
C GLU A 1151 69.62 11.57 34.54
N ILE A 1152 70.61 11.55 33.65
CA ILE A 1152 71.44 10.37 33.41
C ILE A 1152 72.89 10.78 33.69
N TYR A 1153 73.08 11.64 34.69
CA TYR A 1153 74.39 12.14 35.06
C TYR A 1153 75.42 11.02 35.13
N TYR A 1154 76.58 11.24 34.52
CA TYR A 1154 77.66 10.27 34.52
C TYR A 1154 78.66 10.60 35.61
N ASP A 1155 79.00 9.60 36.42
CA ASP A 1155 79.97 9.77 37.51
C ASP A 1155 80.62 8.42 37.78
N PRO A 1156 81.83 8.20 37.26
CA PRO A 1156 82.51 6.92 37.51
C PRO A 1156 82.81 6.66 38.97
N ASP A 1157 82.89 7.69 39.80
CA ASP A 1157 83.19 7.50 41.22
C ASP A 1157 81.96 6.95 41.93
N PRO A 1158 82.04 5.77 42.55
CA PRO A 1158 80.87 5.23 43.25
C PRO A 1158 80.52 6.00 44.50
N ARG A 1159 81.52 6.26 45.35
CA ARG A 1159 81.29 6.87 46.65
C ARG A 1159 81.27 8.39 46.62
N SER A 1160 81.60 9.01 45.50
CA SER A 1160 81.63 10.46 45.38
C SER A 1160 80.89 10.89 44.13
N THR A 1161 80.28 12.07 44.20
CA THR A 1161 79.52 12.62 43.09
C THR A 1161 79.93 14.08 42.88
N VAL A 1162 79.88 14.51 41.61
CA VAL A 1162 80.27 15.88 41.28
C VAL A 1162 79.23 16.89 41.74
N ILE A 1163 77.99 16.47 41.96
CA ILE A 1163 76.93 17.37 42.40
C ILE A 1163 77.07 17.61 43.90
N PRO A 1164 77.28 18.85 44.33
CA PRO A 1164 77.40 19.11 45.78
C PRO A 1164 76.14 18.75 46.56
N GLU A 1165 74.96 18.89 45.95
CA GLU A 1165 73.71 18.62 46.67
C GLU A 1165 73.61 17.16 47.09
N ASP A 1166 74.00 16.24 46.21
CA ASP A 1166 73.90 14.81 46.49
C ASP A 1166 75.18 14.29 47.14
N GLU A 1167 75.50 14.88 48.29
CA GLU A 1167 76.68 14.49 49.06
C GLU A 1167 76.34 14.11 50.50
N GLU A 1168 75.43 14.84 51.14
CA GLU A 1168 75.08 14.53 52.52
C GLU A 1168 74.42 13.16 52.63
N ILE A 1169 73.53 12.83 51.69
CA ILE A 1169 72.86 11.53 51.74
C ILE A 1169 73.85 10.41 51.47
N ILE A 1170 74.81 10.63 50.57
CA ILE A 1170 75.84 9.64 50.32
C ILE A 1170 76.71 9.43 51.56
N GLN A 1171 77.05 10.53 52.24
CA GLN A 1171 77.82 10.42 53.48
C GLN A 1171 77.05 9.65 54.54
N LEU A 1172 75.74 9.91 54.65
CA LEU A 1172 74.91 9.16 55.60
C LEU A 1172 74.89 7.68 55.25
N HIS A 1173 74.74 7.35 53.96
CA HIS A 1173 74.78 5.95 53.55
C HIS A 1173 76.17 5.36 53.76
N PHE A 1174 77.22 6.10 53.42
CA PHE A 1174 78.59 5.61 53.56
C PHE A 1174 79.31 6.30 54.71
N ASP A 1186 81.34 -5.72 40.22
CA ASP A 1186 79.90 -5.96 40.23
C ASP A 1186 79.22 -5.06 41.25
N GLN A 1187 79.89 -3.97 41.63
CA GLN A 1187 79.36 -3.02 42.60
C GLN A 1187 79.47 -1.58 42.17
N GLN A 1188 80.36 -1.24 41.24
CA GLN A 1188 80.54 0.15 40.81
C GLN A 1188 79.65 0.46 39.62
N SER A 1189 78.88 1.54 39.73
CA SER A 1189 77.98 1.97 38.66
C SER A 1189 78.46 3.30 38.09
N PRO A 1190 79.10 3.30 36.91
CA PRO A 1190 79.57 4.58 36.34
C PRO A 1190 78.44 5.53 35.96
N TRP A 1191 77.22 5.03 35.77
CA TRP A 1191 76.09 5.84 35.36
C TRP A 1191 75.13 6.04 36.52
N LEU A 1192 74.69 7.29 36.70
CA LEU A 1192 73.79 7.66 37.78
C LEU A 1192 72.50 8.23 37.20
N LEU A 1193 71.38 7.88 37.80
CA LEU A 1193 70.07 8.34 37.37
C LEU A 1193 69.39 9.05 38.53
N ARG A 1194 68.79 10.21 38.26
CA ARG A 1194 68.21 11.06 39.28
C ARG A 1194 66.79 11.45 38.92
N LEU A 1195 65.93 11.53 39.94
CA LEU A 1195 64.56 11.99 39.78
C LEU A 1195 64.31 13.17 40.72
N GLU A 1196 63.55 14.14 40.23
CA GLU A 1196 63.17 15.30 41.03
C GLU A 1196 61.67 15.43 41.03
N LEU A 1197 61.06 15.43 42.22
CA LEU A 1197 59.63 15.53 42.37
C LEU A 1197 59.24 16.99 42.64
N ASP A 1198 57.97 17.22 42.97
CA ASP A 1198 57.46 18.55 43.24
C ASP A 1198 56.55 18.49 44.46
N ARG A 1199 55.83 19.58 44.71
CA ARG A 1199 54.91 19.65 45.85
C ARG A 1199 53.64 18.84 45.62
N ALA A 1200 53.40 18.34 44.40
CA ALA A 1200 52.21 17.56 44.14
C ALA A 1200 52.19 16.23 44.89
N ALA A 1201 53.35 15.77 45.34
CA ALA A 1201 53.42 14.54 46.13
C ALA A 1201 52.94 14.72 47.56
N MET A 1202 52.76 15.97 48.01
CA MET A 1202 52.31 16.20 49.39
C MET A 1202 50.87 15.78 49.61
N ASN A 1203 50.01 15.93 48.59
CA ASN A 1203 48.60 15.59 48.71
C ASN A 1203 48.22 14.36 47.89
N ASP A 1204 48.54 14.35 46.59
CA ASP A 1204 48.20 13.19 45.76
C ASP A 1204 48.94 11.95 46.23
N LYS A 1205 50.23 12.09 46.56
CA LYS A 1205 51.04 10.99 47.04
C LYS A 1205 51.22 11.01 48.55
N ASP A 1206 50.46 11.85 49.25
CA ASP A 1206 50.51 12.02 50.71
C ASP A 1206 51.93 12.01 51.27
N LEU A 1207 52.85 12.69 50.57
CA LEU A 1207 54.24 12.81 50.99
C LEU A 1207 54.88 11.44 51.22
N THR A 1208 54.65 10.52 50.29
CA THR A 1208 55.25 9.19 50.34
C THR A 1208 56.71 9.31 49.92
N MET A 1209 57.55 9.68 50.88
CA MET A 1209 58.97 9.88 50.58
C MET A 1209 59.69 8.55 50.37
N GLY A 1210 59.64 7.67 51.36
CA GLY A 1210 60.33 6.39 51.26
C GLY A 1210 59.52 5.32 50.58
N GLN A 1211 58.20 5.50 50.52
CA GLN A 1211 57.33 4.49 49.93
C GLN A 1211 57.61 4.31 48.45
N VAL A 1212 57.83 5.40 47.72
CA VAL A 1212 58.15 5.30 46.30
C VAL A 1212 59.48 4.60 46.10
N GLY A 1213 60.45 4.89 46.96
CA GLY A 1213 61.74 4.21 46.87
C GLY A 1213 61.60 2.70 47.11
N GLU A 1214 60.83 2.33 48.12
CA GLU A 1214 60.60 0.90 48.38
C GLU A 1214 59.90 0.25 47.20
N ARG A 1215 58.91 0.92 46.62
CA ARG A 1215 58.21 0.37 45.46
C ARG A 1215 59.16 0.17 44.29
N ILE A 1216 60.05 1.13 44.06
CA ILE A 1216 61.05 0.99 42.99
C ILE A 1216 61.96 -0.19 43.29
N LYS A 1217 62.37 -0.35 44.55
CA LYS A 1217 63.23 -1.47 44.93
C LYS A 1217 62.56 -2.80 44.62
N GLN A 1218 61.30 -2.96 45.03
CA GLN A 1218 60.61 -4.22 44.79
C GLN A 1218 60.38 -4.44 43.30
N THR A 1219 60.00 -3.41 42.55
CA THR A 1219 59.71 -3.59 41.13
C THR A 1219 60.97 -3.94 40.34
N PHE A 1220 62.09 -3.29 40.65
CA PHE A 1220 63.31 -3.51 39.89
C PHE A 1220 64.17 -4.62 40.49
N LYS A 1221 64.58 -4.46 41.74
CA LYS A 1221 65.45 -5.41 42.43
C LYS A 1221 66.73 -5.65 41.63
N ASN A 1222 67.17 -6.91 41.56
CA ASN A 1222 68.37 -7.29 40.81
C ASN A 1222 69.56 -6.51 41.37
N ASP A 1223 70.26 -5.71 40.58
CA ASP A 1223 71.40 -4.92 41.03
C ASP A 1223 71.12 -3.43 40.89
N LEU A 1224 69.89 -3.03 41.18
CA LEU A 1224 69.47 -1.63 41.06
C LEU A 1224 69.75 -0.91 42.38
N PHE A 1225 70.66 0.06 42.34
CA PHE A 1225 71.03 0.85 43.51
C PHE A 1225 70.24 2.15 43.45
N VAL A 1226 69.23 2.27 44.31
CA VAL A 1226 68.36 3.44 44.35
C VAL A 1226 68.37 4.02 45.76
N ILE A 1227 68.57 5.33 45.86
CA ILE A 1227 68.62 6.04 47.13
C ILE A 1227 67.66 7.22 47.05
N TRP A 1228 66.84 7.39 48.09
CA TRP A 1228 65.84 8.45 48.14
C TRP A 1228 66.09 9.32 49.36
N SER A 1229 65.87 10.63 49.20
CA SER A 1229 65.96 11.53 50.33
C SER A 1229 64.80 11.28 51.30
N GLU A 1230 65.11 11.35 52.59
CA GLU A 1230 64.11 11.05 53.63
C GLU A 1230 63.36 12.30 54.06
N ASP A 1231 62.82 13.03 53.08
CA ASP A 1231 61.98 14.21 53.32
C ASP A 1231 62.68 15.23 54.20
N ASN A 1232 64.01 15.32 54.10
CA ASN A 1232 64.79 16.25 54.90
C ASN A 1232 65.16 17.51 54.13
N ASP A 1233 65.84 17.34 52.99
CA ASP A 1233 66.22 18.47 52.16
C ASP A 1233 65.02 18.99 51.38
N GLU A 1234 65.02 20.29 51.11
CA GLU A 1234 63.95 20.88 50.33
C GLU A 1234 63.92 20.31 48.91
N LYS A 1235 65.09 20.16 48.30
CA LYS A 1235 65.20 19.60 46.95
C LYS A 1235 65.32 18.09 47.08
N LEU A 1236 64.23 17.37 46.85
CA LEU A 1236 64.19 15.93 47.01
C LEU A 1236 64.73 15.26 45.76
N ILE A 1237 65.75 14.43 45.92
CA ILE A 1237 66.40 13.71 44.83
C ILE A 1237 66.17 12.22 45.02
N ILE A 1238 65.74 11.54 43.96
CA ILE A 1238 65.66 10.09 43.97
C ILE A 1238 66.81 9.53 43.14
N ARG A 1239 67.93 9.25 43.81
CA ARG A 1239 69.11 8.74 43.12
C ARG A 1239 68.90 7.29 42.72
N CYS A 1240 69.35 6.94 41.50
CA CYS A 1240 69.25 5.58 41.01
C CYS A 1240 70.56 5.19 40.34
N ARG A 1241 70.90 3.91 40.45
CA ARG A 1241 72.11 3.37 39.85
C ARG A 1241 71.87 1.91 39.51
N VAL A 1242 72.68 1.40 38.57
CA VAL A 1242 72.56 0.01 38.12
C VAL A 1242 73.95 -0.50 37.77
N VAL A 1243 74.28 -1.70 38.23
CA VAL A 1243 75.56 -2.34 37.95
C VAL A 1243 75.29 -3.63 37.18
N ARG A 1244 75.98 -3.79 36.05
CA ARG A 1244 75.83 -4.99 35.23
C ARG A 1244 76.43 -6.21 35.93
N ASP A 1257 75.51 3.40 27.38
CA ASP A 1257 74.62 4.37 28.01
C ASP A 1257 73.16 4.10 27.66
N HIS A 1258 72.94 3.21 26.69
CA HIS A 1258 71.59 2.91 26.24
C HIS A 1258 70.82 2.03 27.21
N MET A 1259 71.51 1.29 28.09
CA MET A 1259 70.80 0.46 29.05
C MET A 1259 70.08 1.31 30.10
N LEU A 1260 70.60 2.49 30.38
CA LEU A 1260 69.92 3.38 31.34
C LEU A 1260 68.65 3.96 30.73
N LYS A 1261 68.67 4.27 29.44
CA LYS A 1261 67.51 4.88 28.80
C LYS A 1261 66.31 3.94 28.80
N LYS A 1262 66.52 2.66 28.48
CA LYS A 1262 65.41 1.72 28.43
C LYS A 1262 64.83 1.47 29.82
N ILE A 1263 65.68 1.31 30.83
CA ILE A 1263 65.18 1.07 32.17
C ILE A 1263 64.47 2.30 32.71
N GLU A 1264 64.96 3.49 32.38
CA GLU A 1264 64.26 4.72 32.77
C GLU A 1264 62.90 4.81 32.10
N ASN A 1265 62.84 4.49 30.81
CA ASN A 1265 61.57 4.51 30.10
C ASN A 1265 60.59 3.52 30.70
N THR A 1266 61.05 2.31 31.04
CA THR A 1266 60.18 1.33 31.67
C THR A 1266 59.71 1.81 33.04
N MET A 1267 60.60 2.42 33.82
CA MET A 1267 60.20 2.99 35.10
C MET A 1267 59.24 4.16 34.94
N LEU A 1268 59.19 4.75 33.74
CA LEU A 1268 58.37 5.94 33.54
C LEU A 1268 56.88 5.64 33.42
N GLU A 1269 56.49 4.50 32.86
CA GLU A 1269 55.07 4.35 32.52
C GLU A 1269 54.42 3.08 33.05
N ASN A 1270 55.18 2.03 33.34
CA ASN A 1270 54.59 0.77 33.79
C ASN A 1270 55.19 0.28 35.09
N ILE A 1271 55.42 1.20 36.03
CA ILE A 1271 55.85 0.85 37.39
C ILE A 1271 54.88 1.55 38.34
N THR A 1272 53.80 0.85 38.71
CA THR A 1272 52.79 1.43 39.57
C THR A 1272 53.28 1.50 41.02
N LEU A 1273 52.95 2.59 41.69
CA LEU A 1273 53.32 2.77 43.09
C LEU A 1273 52.25 2.23 44.03
N ARG A 1274 50.98 2.57 43.77
CA ARG A 1274 49.87 2.14 44.60
C ARG A 1274 48.58 2.42 43.85
N GLY A 1275 47.57 1.57 44.08
CA GLY A 1275 46.28 1.77 43.48
C GLY A 1275 45.77 0.59 42.67
N VAL A 1276 44.78 0.83 41.82
CA VAL A 1276 44.18 -0.20 40.98
C VAL A 1276 44.32 0.24 39.52
N GLU A 1277 44.73 -0.68 38.67
CA GLU A 1277 44.93 -0.37 37.26
C GLU A 1277 43.61 -0.01 36.59
N ASN A 1278 43.73 0.63 35.42
CA ASN A 1278 42.59 1.07 34.61
C ASN A 1278 41.72 2.09 35.32
N ILE A 1279 42.27 2.77 36.34
CA ILE A 1279 41.57 3.82 37.07
C ILE A 1279 42.45 5.05 37.09
N GLU A 1280 41.90 6.18 36.65
CA GLU A 1280 42.68 7.41 36.55
C GLU A 1280 42.05 8.61 37.25
N ARG A 1281 40.80 8.53 37.69
CA ARG A 1281 40.15 9.67 38.33
C ARG A 1281 39.04 9.17 39.25
N VAL A 1282 39.13 9.49 40.54
CA VAL A 1282 38.11 9.16 41.52
C VAL A 1282 37.62 10.46 42.15
N VAL A 1283 36.31 10.66 42.13
CA VAL A 1283 35.68 11.87 42.64
C VAL A 1283 34.72 11.49 43.76
N MET A 1284 34.89 12.09 44.92
CA MET A 1284 34.01 11.85 46.05
C MET A 1284 32.76 12.71 45.96
N MET A 1285 31.62 12.13 46.28
CA MET A 1285 30.34 12.84 46.28
C MET A 1285 29.57 12.49 47.55
N LYS A 1286 28.70 13.40 47.95
CA LYS A 1286 27.86 13.23 49.13
C LYS A 1286 26.43 12.97 48.67
N TYR A 1287 26.04 11.70 48.65
CA TYR A 1287 24.71 11.29 48.23
C TYR A 1287 23.84 11.03 49.45
N ASP A 1288 22.52 11.03 49.22
CA ASP A 1288 21.54 10.81 50.27
C ASP A 1288 20.80 9.51 50.00
N ARG A 1289 20.67 8.68 51.05
CA ARG A 1289 20.00 7.40 50.96
C ARG A 1289 18.83 7.37 51.93
N LYS A 1290 17.71 6.78 51.48
CA LYS A 1290 16.50 6.71 52.29
C LYS A 1290 16.60 5.51 53.23
N VAL A 1291 17.45 5.65 54.23
CA VAL A 1291 17.62 4.61 55.24
C VAL A 1291 16.46 4.69 56.23
N PRO A 1292 15.74 3.60 56.49
CA PRO A 1292 14.65 3.64 57.46
C PRO A 1292 15.14 4.01 58.85
N SER A 1293 14.35 4.82 59.55
CA SER A 1293 14.70 5.24 60.89
C SER A 1293 14.47 4.12 61.89
N PRO A 1294 15.20 4.12 63.01
CA PRO A 1294 14.96 3.09 64.04
C PRO A 1294 13.55 3.12 64.60
N THR A 1295 12.91 4.29 64.61
CA THR A 1295 11.56 4.42 65.14
C THR A 1295 10.50 3.95 64.14
N GLY A 1296 10.85 3.73 62.88
CA GLY A 1296 9.90 3.20 61.92
C GLY A 1296 9.79 3.98 60.62
N GLU A 1297 9.92 5.30 60.70
CA GLU A 1297 9.75 6.14 59.52
C GLU A 1297 10.97 6.00 58.61
N TYR A 1298 10.89 6.66 57.45
CA TYR A 1298 11.97 6.70 56.48
C TYR A 1298 12.60 8.09 56.50
N VAL A 1299 13.92 8.15 56.66
CA VAL A 1299 14.65 9.41 56.75
C VAL A 1299 15.81 9.38 55.77
N LYS A 1300 16.29 10.57 55.42
CA LYS A 1300 17.40 10.73 54.49
C LYS A 1300 18.70 10.74 55.27
N GLU A 1301 19.54 9.74 55.04
CA GLU A 1301 20.84 9.65 55.71
C GLU A 1301 21.94 9.93 54.72
N PRO A 1302 22.60 11.08 54.77
CA PRO A 1302 23.69 11.36 53.83
C PRO A 1302 24.84 10.38 54.00
N GLU A 1303 25.49 10.07 52.88
CA GLU A 1303 26.62 9.15 52.88
C GLU A 1303 27.58 9.55 51.77
N TRP A 1304 28.83 9.11 51.91
CA TRP A 1304 29.86 9.40 50.93
C TRP A 1304 29.87 8.33 49.85
N VAL A 1305 29.90 8.76 48.59
CA VAL A 1305 29.87 7.87 47.44
C VAL A 1305 31.06 8.21 46.56
N LEU A 1306 31.84 7.19 46.21
CA LEU A 1306 33.01 7.35 45.35
C LEU A 1306 32.64 7.06 43.91
N GLU A 1307 32.94 8.00 43.02
CA GLU A 1307 32.68 7.87 41.59
C GLU A 1307 34.00 7.71 40.86
N THR A 1308 34.09 6.68 40.01
CA THR A 1308 35.31 6.35 39.31
C THR A 1308 35.10 6.47 37.80
N ASP A 1309 36.18 6.83 37.10
CA ASP A 1309 36.15 6.97 35.65
C ASP A 1309 36.72 5.75 34.94
N GLY A 1310 36.99 4.66 35.67
CA GLY A 1310 37.51 3.45 35.07
C GLY A 1310 36.65 2.26 35.46
N VAL A 1311 36.83 1.18 34.70
CA VAL A 1311 36.06 -0.05 34.90
C VAL A 1311 37.05 -1.16 35.21
N ASN A 1312 37.30 -1.38 36.49
CA ASN A 1312 38.16 -2.47 36.95
C ASN A 1312 37.53 -3.14 38.18
N LEU A 1313 36.22 -3.40 38.09
CA LEU A 1313 35.48 -3.87 39.26
C LEU A 1313 35.94 -5.25 39.72
N SER A 1314 36.70 -5.98 38.90
CA SER A 1314 37.22 -7.28 39.33
C SER A 1314 38.16 -7.13 40.53
N GLU A 1315 39.01 -6.10 40.51
CA GLU A 1315 39.95 -5.87 41.59
C GLU A 1315 39.45 -4.85 42.62
N VAL A 1316 38.52 -3.97 42.23
CA VAL A 1316 38.02 -2.98 43.18
C VAL A 1316 37.21 -3.65 44.28
N MET A 1317 36.48 -4.72 43.95
CA MET A 1317 35.66 -5.40 44.95
C MET A 1317 36.51 -6.00 46.06
N THR A 1318 37.75 -6.39 45.75
CA THR A 1318 38.63 -6.99 46.74
C THR A 1318 39.30 -5.96 47.64
N VAL A 1319 39.14 -4.67 47.36
CA VAL A 1319 39.76 -3.63 48.19
C VAL A 1319 39.05 -3.56 49.53
N PRO A 1320 39.75 -3.69 50.65
CA PRO A 1320 39.10 -3.61 51.96
C PRO A 1320 38.59 -2.21 52.25
N GLY A 1321 37.57 -2.15 53.11
CA GLY A 1321 36.97 -0.90 53.50
C GLY A 1321 35.78 -0.45 52.67
N ILE A 1322 35.45 -1.18 51.60
CA ILE A 1322 34.32 -0.84 50.76
C ILE A 1322 33.24 -1.91 50.96
N ASP A 1323 32.07 -1.65 50.37
CA ASP A 1323 30.96 -2.59 50.46
C ASP A 1323 30.86 -3.36 49.15
N PRO A 1324 31.21 -4.65 49.13
CA PRO A 1324 31.14 -5.41 47.86
C PRO A 1324 29.73 -5.80 47.46
N THR A 1325 28.75 -5.70 48.36
CA THR A 1325 27.38 -6.06 48.04
C THR A 1325 26.58 -4.91 47.45
N ARG A 1326 27.17 -3.72 47.35
CA ARG A 1326 26.47 -2.57 46.79
C ARG A 1326 27.24 -1.90 45.66
N ILE A 1327 28.38 -2.45 45.24
CA ILE A 1327 29.16 -1.84 44.17
C ILE A 1327 28.41 -1.97 42.85
N TYR A 1328 28.31 -0.87 42.11
CA TYR A 1328 27.58 -0.84 40.86
C TYR A 1328 28.46 -0.22 39.77
N THR A 1329 28.30 -0.74 38.55
CA THR A 1329 29.04 -0.27 37.40
C THR A 1329 28.06 0.03 36.27
N ASN A 1330 28.24 1.18 35.62
CA ASN A 1330 27.38 1.53 34.48
C ASN A 1330 27.66 0.68 33.26
N SER A 1331 28.75 -0.09 33.25
CA SER A 1331 29.08 -0.97 32.13
C SER A 1331 28.55 -2.36 32.45
N PHE A 1332 27.52 -2.78 31.71
CA PHE A 1332 26.92 -4.09 31.91
C PHE A 1332 27.66 -5.20 31.16
N ILE A 1333 28.57 -4.85 30.26
CA ILE A 1333 29.29 -5.88 29.50
C ILE A 1333 30.16 -6.71 30.43
N ASP A 1334 30.89 -6.06 31.33
CA ASP A 1334 31.76 -6.75 32.27
C ASP A 1334 31.09 -7.07 33.59
N ILE A 1335 29.80 -6.76 33.73
CA ILE A 1335 29.08 -7.10 34.96
C ILE A 1335 29.01 -8.60 35.14
N MET A 1336 28.68 -9.32 34.06
CA MET A 1336 28.59 -10.78 34.15
C MET A 1336 29.94 -11.47 34.08
N GLU A 1337 31.03 -10.72 33.86
CA GLU A 1337 32.36 -11.32 33.98
C GLU A 1337 32.63 -11.75 35.43
N VAL A 1338 32.17 -10.95 36.39
CA VAL A 1338 32.33 -11.28 37.80
C VAL A 1338 31.02 -11.72 38.44
N LEU A 1339 29.87 -11.30 37.92
CA LEU A 1339 28.57 -11.68 38.44
C LEU A 1339 27.88 -12.63 37.47
N GLY A 1340 26.62 -12.98 37.78
CA GLY A 1340 25.88 -13.91 36.96
C GLY A 1340 25.22 -13.26 35.77
N ILE A 1341 24.56 -14.10 34.98
CA ILE A 1341 23.81 -13.61 33.82
C ILE A 1341 22.59 -12.81 34.28
N GLU A 1342 21.95 -13.24 35.36
CA GLU A 1342 20.81 -12.50 35.88
C GLU A 1342 21.22 -11.12 36.37
N ALA A 1343 22.39 -11.02 37.01
CA ALA A 1343 22.90 -9.72 37.42
C ALA A 1343 23.17 -8.83 36.21
N GLY A 1344 23.70 -9.42 35.13
CA GLY A 1344 23.89 -8.65 33.91
C GLY A 1344 22.59 -8.16 33.32
N ARG A 1345 21.56 -9.00 33.34
CA ARG A 1345 20.24 -8.59 32.85
C ARG A 1345 19.67 -7.45 33.70
N ALA A 1346 19.81 -7.55 35.02
CA ALA A 1346 19.33 -6.48 35.89
C ALA A 1346 20.09 -5.18 35.64
N ALA A 1347 21.41 -5.27 35.45
CA ALA A 1347 22.19 -4.08 35.15
C ALA A 1347 21.78 -3.47 33.82
N LEU A 1348 21.53 -4.31 32.81
CA LEU A 1348 21.07 -3.80 31.52
C LEU A 1348 19.72 -3.11 31.63
N TYR A 1349 18.80 -3.69 32.40
CA TYR A 1349 17.50 -3.06 32.61
C TYR A 1349 17.65 -1.72 33.32
N LYS A 1350 18.51 -1.67 34.34
CA LYS A 1350 18.76 -0.41 35.04
C LYS A 1350 19.35 0.63 34.10
N GLU A 1351 20.28 0.21 33.24
CA GLU A 1351 20.88 1.14 32.28
C GLU A 1351 19.84 1.68 31.32
N VAL A 1352 18.95 0.81 30.82
CA VAL A 1352 17.91 1.27 29.90
C VAL A 1352 16.97 2.24 30.59
N TYR A 1353 16.58 1.93 31.83
CA TYR A 1353 15.70 2.81 32.59
C TYR A 1353 16.37 4.17 32.83
N ASN A 1354 17.67 4.17 33.11
CA ASN A 1354 18.39 5.43 33.25
C ASN A 1354 18.47 6.18 31.93
N VAL A 1355 18.57 5.46 30.81
CA VAL A 1355 18.58 6.11 29.50
C VAL A 1355 17.27 6.84 29.27
N ILE A 1356 16.14 6.16 29.48
CA ILE A 1356 14.83 6.81 29.39
C ILE A 1356 14.51 7.31 30.79
N ALA A 1357 15.14 8.43 31.15
CA ALA A 1357 14.85 9.09 32.42
C ALA A 1357 14.81 10.61 32.34
N SER A 1358 15.43 11.24 31.34
CA SER A 1358 15.58 12.69 31.34
C SER A 1358 14.50 13.40 30.53
N ASP A 1359 13.98 12.77 29.47
CA ASP A 1359 12.94 13.39 28.68
C ASP A 1359 11.61 13.50 29.43
N GLY A 1360 11.47 12.82 30.56
CA GLY A 1360 10.23 12.83 31.31
C GLY A 1360 9.24 11.78 30.88
N SER A 1361 9.51 11.05 29.80
CA SER A 1361 8.59 10.01 29.35
C SER A 1361 8.65 8.81 30.28
N TYR A 1362 7.50 8.22 30.53
CA TYR A 1362 7.38 7.04 31.39
C TYR A 1362 7.01 5.84 30.53
N VAL A 1363 7.76 4.76 30.67
CA VAL A 1363 7.54 3.52 29.93
C VAL A 1363 7.25 2.42 30.93
N ASN A 1364 6.24 1.60 30.61
CA ASN A 1364 5.86 0.51 31.50
C ASN A 1364 7.00 -0.49 31.65
N TYR A 1365 7.08 -1.09 32.85
CA TYR A 1365 8.17 -2.02 33.14
C TYR A 1365 8.14 -3.24 32.25
N ARG A 1366 6.96 -3.65 31.79
CA ARG A 1366 6.84 -4.90 31.04
C ARG A 1366 7.61 -4.83 29.72
N HIS A 1367 7.55 -3.69 29.04
CA HIS A 1367 8.22 -3.57 27.74
C HIS A 1367 9.73 -3.68 27.89
N MET A 1368 10.31 -2.92 28.82
CA MET A 1368 11.75 -2.96 29.02
C MET A 1368 12.20 -4.31 29.57
N ALA A 1369 11.39 -4.91 30.44
CA ALA A 1369 11.72 -6.23 30.96
C ALA A 1369 11.73 -7.27 29.83
N LEU A 1370 10.74 -7.20 28.93
CA LEU A 1370 10.72 -8.10 27.79
C LEU A 1370 11.93 -7.88 26.89
N LEU A 1371 12.30 -6.62 26.66
CA LEU A 1371 13.45 -6.33 25.81
C LEU A 1371 14.74 -6.89 26.42
N VAL A 1372 14.95 -6.69 27.72
CA VAL A 1372 16.18 -7.16 28.33
C VAL A 1372 16.17 -8.69 28.46
N ASP A 1373 15.00 -9.30 28.61
CA ASP A 1373 14.94 -10.77 28.64
C ASP A 1373 15.24 -11.35 27.27
N VAL A 1374 14.76 -10.70 26.20
CA VAL A 1374 15.11 -11.14 24.85
C VAL A 1374 16.61 -10.98 24.60
N MET A 1375 17.17 -9.85 25.03
CA MET A 1375 18.59 -9.60 24.85
C MET A 1375 19.46 -10.55 25.67
N THR A 1376 18.92 -11.19 26.69
CA THR A 1376 19.67 -12.09 27.56
C THR A 1376 19.02 -13.46 27.63
N THR A 1377 18.33 -13.87 26.58
CA THR A 1377 17.72 -15.21 26.55
C THR A 1377 18.78 -16.29 26.63
N GLN A 1378 19.87 -16.13 25.88
CA GLN A 1378 20.98 -17.06 25.94
C GLN A 1378 21.86 -16.72 27.15
N GLY A 1379 23.04 -17.32 27.23
CA GLY A 1379 23.93 -17.10 28.35
C GLY A 1379 24.72 -15.82 28.33
N GLY A 1380 24.63 -15.03 27.26
CA GLY A 1380 25.37 -13.80 27.14
C GLY A 1380 24.55 -12.72 26.46
N LEU A 1381 25.16 -11.54 26.33
CA LEU A 1381 24.48 -10.43 25.68
C LEU A 1381 24.25 -10.74 24.21
N THR A 1382 23.03 -10.43 23.73
CA THR A 1382 22.65 -10.62 22.33
C THR A 1382 22.35 -9.24 21.76
N SER A 1383 23.30 -8.69 21.01
CA SER A 1383 23.14 -7.36 20.46
C SER A 1383 22.04 -7.32 19.41
N VAL A 1384 21.39 -6.17 19.31
CA VAL A 1384 20.35 -5.96 18.28
C VAL A 1384 21.08 -5.45 17.05
N THR A 1385 21.61 -6.39 16.27
CA THR A 1385 22.37 -6.07 15.07
C THR A 1385 22.46 -7.34 14.21
N ARG A 1386 23.24 -7.27 13.13
CA ARG A 1386 23.39 -8.41 12.24
C ARG A 1386 24.25 -9.51 12.85
N HIS A 1387 25.04 -9.20 13.88
CA HIS A 1387 25.90 -10.18 14.52
C HIS A 1387 25.33 -10.67 15.85
N GLY A 1388 24.12 -10.25 16.21
CA GLY A 1388 23.54 -10.65 17.47
C GLY A 1388 22.34 -11.57 17.34
N PHE A 1389 21.14 -11.00 17.46
CA PHE A 1389 19.92 -11.80 17.34
C PHE A 1389 19.78 -12.44 15.97
N ASN A 1390 20.49 -11.92 14.97
CA ASN A 1390 20.44 -12.50 13.63
C ASN A 1390 20.97 -13.93 13.62
N ARG A 1391 22.11 -14.16 14.26
CA ARG A 1391 22.75 -15.48 14.24
C ARG A 1391 22.00 -16.42 15.19
N SER A 1392 20.79 -16.79 14.76
CA SER A 1392 19.92 -17.65 15.55
C SER A 1392 19.48 -18.85 14.73
N ASN A 1393 18.58 -19.66 15.29
CA ASN A 1393 18.07 -20.84 14.61
C ASN A 1393 16.69 -20.63 14.00
N THR A 1394 16.23 -19.39 13.91
CA THR A 1394 14.92 -19.10 13.36
C THR A 1394 14.92 -19.35 11.84
N GLY A 1395 13.75 -19.14 11.24
CA GLY A 1395 13.61 -19.39 9.81
C GLY A 1395 14.47 -18.45 8.99
N ALA A 1396 15.00 -18.98 7.88
CA ALA A 1396 15.84 -18.17 7.00
C ALA A 1396 15.05 -17.05 6.34
N LEU A 1397 13.81 -17.32 5.95
CA LEU A 1397 13.01 -16.30 5.29
C LEU A 1397 12.73 -15.12 6.21
N MET A 1398 12.42 -15.39 7.48
CA MET A 1398 12.16 -14.30 8.42
C MET A 1398 13.45 -13.59 8.82
N ARG A 1399 14.58 -14.30 8.81
CA ARG A 1399 15.85 -13.68 9.18
C ARG A 1399 16.33 -12.74 8.07
N CYS A 1400 16.26 -13.19 6.83
CA CYS A 1400 16.85 -12.50 5.69
C CYS A 1400 16.07 -11.27 5.24
N SER A 1401 15.07 -10.80 5.97
CA SER A 1401 14.27 -9.66 5.54
C SER A 1401 14.74 -8.34 6.12
N PHE A 1402 15.82 -8.33 6.90
CA PHE A 1402 16.31 -7.12 7.54
C PHE A 1402 17.71 -6.76 7.10
N GLU A 1403 18.64 -7.70 7.16
CA GLU A 1403 20.04 -7.50 6.78
C GLU A 1403 20.25 -7.90 5.32
N GLU A 1404 21.50 -8.09 4.93
CA GLU A 1404 21.82 -8.67 3.64
C GLU A 1404 21.13 -10.02 3.49
N THR A 1405 20.61 -10.28 2.30
CA THR A 1405 19.71 -11.41 2.08
C THR A 1405 20.38 -12.58 1.37
N VAL A 1406 21.10 -12.31 0.29
CA VAL A 1406 21.59 -13.40 -0.57
C VAL A 1406 22.60 -14.29 0.17
N GLU A 1407 23.32 -13.74 1.15
CA GLU A 1407 24.25 -14.57 1.91
C GLU A 1407 23.52 -15.68 2.66
N ILE A 1408 22.47 -15.31 3.39
CA ILE A 1408 21.73 -16.32 4.16
C ILE A 1408 20.96 -17.24 3.24
N LEU A 1409 20.49 -16.73 2.10
CA LEU A 1409 19.85 -17.62 1.12
C LEU A 1409 20.82 -18.65 0.59
N PHE A 1410 22.06 -18.24 0.31
CA PHE A 1410 23.08 -19.19 -0.14
C PHE A 1410 23.40 -20.19 0.97
N GLU A 1411 23.46 -19.73 2.22
CA GLU A 1411 23.70 -20.64 3.33
C GLU A 1411 22.57 -21.67 3.44
N ALA A 1412 21.33 -21.22 3.30
CA ALA A 1412 20.18 -22.13 3.35
C ALA A 1412 20.23 -23.13 2.20
N GLY A 1413 20.62 -22.67 1.01
CA GLY A 1413 20.76 -23.60 -0.11
C GLY A 1413 21.85 -24.62 0.11
N ALA A 1414 22.98 -24.18 0.67
CA ALA A 1414 24.07 -25.11 0.95
C ALA A 1414 23.66 -26.14 2.00
N SER A 1415 22.93 -25.71 3.02
CA SER A 1415 22.40 -26.63 4.02
C SER A 1415 21.04 -27.14 3.56
N ALA A 1416 20.31 -27.81 4.45
CA ALA A 1416 18.98 -28.29 4.15
C ALA A 1416 18.05 -28.06 5.33
N GLU A 1417 18.14 -26.89 5.95
CA GLU A 1417 17.30 -26.59 7.08
C GLU A 1417 15.85 -26.36 6.63
N LEU A 1418 14.92 -26.63 7.54
CA LEU A 1418 13.50 -26.54 7.26
C LEU A 1418 12.93 -25.30 7.92
N ASP A 1419 12.20 -24.50 7.13
CA ASP A 1419 11.51 -23.32 7.64
C ASP A 1419 10.09 -23.73 8.04
N ASP A 1420 9.78 -23.65 9.34
CA ASP A 1420 8.49 -24.08 9.82
C ASP A 1420 7.36 -23.14 9.39
N CYS A 1421 7.70 -21.94 8.93
CA CYS A 1421 6.72 -20.96 8.45
C CYS A 1421 5.68 -20.62 9.52
N ARG A 1422 6.11 -20.62 10.79
CA ARG A 1422 5.24 -20.24 11.89
C ARG A 1422 5.44 -18.80 12.33
N GLY A 1423 6.34 -18.06 11.68
CA GLY A 1423 6.56 -16.67 11.98
C GLY A 1423 5.63 -15.76 11.22
N VAL A 1424 5.84 -14.46 11.37
CA VAL A 1424 5.03 -13.46 10.70
C VAL A 1424 5.60 -13.11 9.33
N SER A 1425 6.92 -13.01 9.22
CA SER A 1425 7.54 -12.63 7.95
C SER A 1425 7.30 -13.71 6.89
N GLU A 1426 7.39 -14.99 7.27
CA GLU A 1426 7.17 -16.05 6.31
C GLU A 1426 5.74 -16.04 5.78
N ASN A 1427 4.77 -15.82 6.67
CA ASN A 1427 3.37 -15.77 6.23
C ASN A 1427 3.10 -14.53 5.40
N VAL A 1428 3.76 -13.42 5.72
CA VAL A 1428 3.62 -12.20 4.91
C VAL A 1428 4.16 -12.44 3.51
N ILE A 1429 5.33 -13.09 3.41
CA ILE A 1429 5.91 -13.40 2.11
C ILE A 1429 5.01 -14.34 1.32
N LEU A 1430 4.49 -15.38 1.99
CA LEU A 1430 3.62 -16.34 1.32
C LEU A 1430 2.20 -15.83 1.14
N GLY A 1431 1.86 -14.67 1.68
CA GLY A 1431 0.53 -14.12 1.53
C GLY A 1431 -0.56 -14.92 2.20
N GLN A 1432 -0.31 -15.40 3.42
CA GLN A 1432 -1.30 -16.16 4.18
C GLN A 1432 -1.53 -15.48 5.52
N MET A 1433 -2.65 -15.82 6.14
CA MET A 1433 -2.99 -15.25 7.44
C MET A 1433 -2.00 -15.73 8.49
N ALA A 1434 -1.19 -14.82 9.00
CA ALA A 1434 -0.22 -15.17 10.02
C ALA A 1434 -0.94 -15.61 11.30
N PRO A 1435 -0.40 -16.61 12.02
CA PRO A 1435 -1.03 -17.11 13.24
C PRO A 1435 -0.87 -16.17 14.43
N ILE A 1436 -1.22 -14.90 14.23
CA ILE A 1436 -1.07 -13.86 15.23
C ILE A 1436 -2.40 -13.13 15.38
N GLY A 1437 -2.72 -12.76 16.61
CA GLY A 1437 -3.96 -12.05 16.87
C GLY A 1437 -5.20 -12.87 16.55
N THR A 1438 -5.92 -12.48 15.50
CA THR A 1438 -7.11 -13.21 15.09
C THR A 1438 -6.78 -14.57 14.49
N GLY A 1439 -5.56 -14.78 14.04
CA GLY A 1439 -5.14 -16.03 13.46
C GLY A 1439 -4.56 -17.04 14.42
N ALA A 1440 -4.60 -16.77 15.73
CA ALA A 1440 -4.02 -17.67 16.71
C ALA A 1440 -4.89 -18.90 16.97
N PHE A 1441 -6.09 -18.96 16.40
CA PHE A 1441 -7.03 -20.05 16.65
C PHE A 1441 -7.67 -20.46 15.33
N ASP A 1442 -8.51 -21.48 15.40
CA ASP A 1442 -9.27 -21.96 14.25
C ASP A 1442 -10.75 -21.98 14.60
N VAL A 1443 -11.60 -21.70 13.60
CA VAL A 1443 -13.04 -21.66 13.77
C VAL A 1443 -13.65 -22.85 13.06
N MET A 1444 -14.43 -23.64 13.79
CA MET A 1444 -15.08 -24.82 13.25
C MET A 1444 -16.58 -24.76 13.54
N ILE A 1445 -17.34 -25.49 12.73
CA ILE A 1445 -18.79 -25.57 12.86
C ILE A 1445 -19.16 -26.94 13.39
N ASP A 1446 -20.10 -26.96 14.35
CA ASP A 1446 -20.51 -28.19 15.02
C ASP A 1446 -21.95 -28.54 14.62
N GLU A 1447 -22.18 -29.82 14.36
CA GLU A 1447 -23.52 -30.27 13.96
C GLU A 1447 -24.48 -30.29 15.13
N GLU A 1448 -23.99 -30.65 16.33
CA GLU A 1448 -24.87 -30.75 17.49
C GLU A 1448 -25.49 -29.41 17.84
N SER A 1449 -24.67 -28.36 17.88
CA SER A 1449 -25.21 -27.03 18.12
C SER A 1449 -26.07 -26.56 16.96
N LEU A 1450 -25.73 -26.97 15.73
CA LEU A 1450 -26.53 -26.57 14.57
C LEU A 1450 -27.94 -27.12 14.66
N VAL A 1451 -28.09 -28.39 15.06
CA VAL A 1451 -29.42 -28.96 15.23
C VAL A 1451 -30.05 -28.59 16.56
N LYS A 1452 -29.27 -28.05 17.50
CA LYS A 1452 -29.84 -27.63 18.78
C LYS A 1452 -30.79 -26.46 18.60
N TYR A 1453 -30.35 -25.41 17.90
CA TYR A 1453 -31.13 -24.18 17.82
C TYR A 1453 -32.45 -24.42 17.08
N MET A 1454 -32.40 -25.10 15.94
CA MET A 1454 -33.60 -25.41 15.15
C MET A 1454 -33.79 -26.91 15.08
N PRO A 1455 -34.71 -27.48 15.87
CA PRO A 1455 -34.99 -28.93 15.85
C PRO A 1455 -35.53 -29.40 14.51
N PHE B 18 27.04 74.89 4.43
CA PHE B 18 26.87 74.46 5.81
C PHE B 18 27.78 73.27 6.13
N GLU B 19 28.01 72.43 5.13
CA GLU B 19 28.85 71.26 5.32
C GLU B 19 30.32 71.66 5.44
N ASP B 20 31.05 70.93 6.27
CA ASP B 20 32.47 71.17 6.48
C ASP B 20 33.35 70.41 5.50
N GLU B 21 32.78 69.47 4.74
CA GLU B 21 33.51 68.65 3.77
C GLU B 21 34.55 67.77 4.46
N SER B 22 34.60 67.81 5.80
CA SER B 22 35.52 66.97 6.56
C SER B 22 34.89 66.42 7.83
N ALA B 23 33.60 66.67 8.05
CA ALA B 23 32.94 66.17 9.25
C ALA B 23 32.79 64.65 9.18
N PRO B 24 32.82 63.98 10.33
CA PRO B 24 32.61 62.52 10.34
C PRO B 24 31.23 62.16 9.83
N ILE B 25 31.15 61.01 9.15
CA ILE B 25 29.90 60.53 8.59
C ILE B 25 29.08 59.84 9.68
N THR B 26 27.77 59.82 9.48
CA THR B 26 26.85 59.17 10.39
C THR B 26 26.42 57.82 9.81
N ALA B 27 25.47 57.17 10.48
CA ALA B 27 24.98 55.88 10.00
C ALA B 27 24.11 56.02 8.75
N GLU B 28 23.58 57.21 8.47
CA GLU B 28 22.77 57.40 7.28
C GLU B 28 23.63 57.34 6.02
N ASP B 29 24.85 57.87 6.09
CA ASP B 29 25.76 57.82 4.94
C ASP B 29 26.25 56.42 4.63
N SER B 30 26.06 55.47 5.54
CA SER B 30 26.41 54.08 5.25
C SER B 30 25.61 53.55 4.07
N TRP B 31 24.33 53.90 3.99
CA TRP B 31 23.51 53.46 2.86
C TRP B 31 23.92 54.15 1.57
N ALA B 32 24.35 55.41 1.65
CA ALA B 32 24.90 56.08 0.46
C ALA B 32 26.16 55.37 -0.02
N VAL B 33 27.03 54.95 0.91
CA VAL B 33 28.22 54.20 0.54
C VAL B 33 27.84 52.85 -0.07
N ILE B 34 26.84 52.19 0.50
CA ILE B 34 26.36 50.92 -0.04
C ILE B 34 25.86 51.10 -1.47
N SER B 35 25.11 52.18 -1.71
CA SER B 35 24.77 52.55 -3.07
C SER B 35 26.04 52.93 -3.83
N ALA B 36 25.97 52.81 -5.16
CA ALA B 36 27.08 52.93 -6.11
C ALA B 36 28.05 51.77 -6.01
N PHE B 37 27.86 50.85 -5.07
CA PHE B 37 28.56 49.57 -5.08
C PHE B 37 27.77 48.53 -5.86
N PHE B 38 26.49 48.39 -5.53
CA PHE B 38 25.61 47.53 -6.33
C PHE B 38 25.45 48.08 -7.74
N ARG B 39 25.34 49.41 -7.87
CA ARG B 39 25.23 50.03 -9.18
C ARG B 39 26.43 49.71 -10.07
N GLU B 40 27.59 49.48 -9.46
CA GLU B 40 28.80 49.16 -10.21
C GLU B 40 28.95 47.65 -10.45
N LYS B 41 28.69 46.84 -9.43
CA LYS B 41 28.93 45.41 -9.52
C LYS B 41 27.68 44.62 -9.95
N GLY B 42 26.61 44.73 -9.19
CA GLY B 42 25.43 43.92 -9.39
C GLY B 42 25.39 42.71 -8.46
N LEU B 43 24.26 42.01 -8.51
CA LEU B 43 24.07 40.84 -7.67
C LEU B 43 24.71 39.59 -8.24
N VAL B 44 25.08 39.59 -9.51
CA VAL B 44 25.69 38.42 -10.16
C VAL B 44 27.06 38.80 -10.71
N SER B 45 27.74 39.74 -10.03
CA SER B 45 29.01 40.24 -10.54
C SER B 45 30.07 39.15 -10.57
N GLN B 46 30.06 38.24 -9.59
CA GLN B 46 31.12 37.24 -9.49
C GLN B 46 31.12 36.32 -10.71
N GLN B 47 29.93 35.84 -11.11
CA GLN B 47 29.86 34.90 -12.23
C GLN B 47 30.30 35.57 -13.53
N LEU B 48 29.81 36.78 -13.78
CA LEU B 48 30.19 37.50 -15.00
C LEU B 48 31.67 37.79 -15.03
N ASP B 49 32.23 38.23 -13.90
CA ASP B 49 33.66 38.51 -13.84
C ASP B 49 34.49 37.27 -14.09
N SER B 50 34.11 36.15 -13.44
CA SER B 50 34.85 34.90 -13.64
C SER B 50 34.79 34.44 -15.09
N PHE B 51 33.61 34.48 -15.69
CA PHE B 51 33.48 34.04 -17.09
C PHE B 51 34.27 34.94 -18.03
N ASN B 52 34.19 36.26 -17.82
CA ASN B 52 34.94 37.18 -18.67
C ASN B 52 36.43 36.96 -18.55
N GLN B 53 36.93 36.82 -17.32
CA GLN B 53 38.35 36.58 -17.12
C GLN B 53 38.77 35.26 -17.76
N PHE B 54 37.95 34.21 -17.61
CA PHE B 54 38.27 32.94 -18.23
C PHE B 54 38.38 33.08 -19.74
N VAL B 55 37.35 33.65 -20.38
CA VAL B 55 37.34 33.77 -21.83
C VAL B 55 38.52 34.62 -22.30
N ASP B 56 38.85 35.67 -21.55
CA ASP B 56 39.91 36.58 -22.00
C ASP B 56 41.29 35.95 -21.86
N TYR B 57 41.56 35.26 -20.75
CA TYR B 57 42.92 34.84 -20.43
C TYR B 57 43.12 33.33 -20.52
N THR B 58 42.26 32.55 -19.88
CA THR B 58 42.54 31.13 -19.70
C THR B 58 42.44 30.36 -21.01
N LEU B 59 41.58 30.79 -21.93
CA LEU B 59 41.50 30.14 -23.24
C LEU B 59 42.83 30.25 -23.97
N GLN B 60 43.39 31.45 -24.04
CA GLN B 60 44.69 31.64 -24.67
C GLN B 60 45.78 30.90 -23.92
N ASP B 61 45.72 30.90 -22.58
CA ASP B 61 46.73 30.21 -21.80
C ASP B 61 46.72 28.71 -22.08
N ILE B 62 45.54 28.12 -22.16
CA ILE B 62 45.43 26.68 -22.46
C ILE B 62 45.88 26.40 -23.89
N ILE B 63 45.52 27.28 -24.83
CA ILE B 63 45.92 27.08 -26.22
C ILE B 63 47.44 27.11 -26.35
N CYS B 64 48.09 28.08 -25.70
CA CYS B 64 49.54 28.22 -25.81
C CYS B 64 50.29 27.33 -24.83
N GLU B 65 49.61 26.61 -23.94
CA GLU B 65 50.29 25.73 -23.00
C GLU B 65 51.00 24.61 -23.73
N ASP B 66 50.25 23.77 -24.45
CA ASP B 66 50.80 22.66 -25.22
C ASP B 66 50.25 22.77 -26.64
N SER B 67 50.95 23.55 -27.47
CA SER B 67 50.52 23.78 -28.85
C SER B 67 51.49 23.20 -29.87
N THR B 68 52.70 22.80 -29.46
CA THR B 68 53.70 22.28 -30.37
C THR B 68 53.91 20.80 -30.10
N LEU B 69 53.73 19.98 -31.13
CA LEU B 69 53.97 18.54 -31.06
C LEU B 69 54.81 18.13 -32.26
N ILE B 70 55.78 17.26 -32.04
CA ILE B 70 56.75 16.86 -33.05
C ILE B 70 56.47 15.41 -33.43
N LEU B 71 56.29 15.16 -34.72
CA LEU B 71 56.11 13.82 -35.26
C LEU B 71 57.27 13.48 -36.18
N GLU B 72 57.91 12.34 -35.92
CA GLU B 72 59.05 11.91 -36.71
C GLU B 72 58.89 10.45 -37.15
N SER B 85 66.08 14.60 -42.14
CA SER B 85 65.47 15.81 -41.62
C SER B 85 63.98 15.85 -41.89
N ARG B 86 63.24 14.98 -41.23
CA ARG B 86 61.79 14.88 -41.36
C ARG B 86 61.16 15.22 -40.02
N LYS B 87 60.78 16.48 -39.85
CA LYS B 87 60.18 16.97 -38.62
C LYS B 87 58.84 17.62 -38.95
N TYR B 88 57.80 17.25 -38.21
CA TYR B 88 56.46 17.78 -38.40
C TYR B 88 56.02 18.50 -37.12
N GLU B 89 55.55 19.73 -37.26
CA GLU B 89 55.10 20.54 -36.14
C GLU B 89 53.75 21.17 -36.46
N ILE B 90 52.99 21.45 -35.41
CA ILE B 90 51.68 22.07 -35.56
C ILE B 90 51.76 23.53 -35.16
N SER B 91 52.13 23.78 -33.90
CA SER B 91 52.36 25.14 -33.39
C SER B 91 51.09 26.00 -33.52
N PHE B 92 50.08 25.60 -32.74
CA PHE B 92 48.83 26.34 -32.72
C PHE B 92 49.06 27.80 -32.32
N GLY B 93 48.40 28.70 -33.02
CA GLY B 93 48.57 30.13 -32.82
C GLY B 93 47.54 30.72 -31.87
N LYS B 94 47.22 32.00 -32.12
CA LYS B 94 46.28 32.72 -31.27
C LYS B 94 44.86 32.19 -31.47
N ILE B 95 43.99 32.53 -30.51
CA ILE B 95 42.61 32.08 -30.50
C ILE B 95 41.70 33.27 -30.21
N TYR B 96 40.55 33.31 -30.87
CA TYR B 96 39.57 34.35 -30.64
C TYR B 96 38.18 33.75 -30.65
N VAL B 97 37.24 34.48 -30.04
CA VAL B 97 35.85 34.04 -29.90
C VAL B 97 34.97 35.01 -30.65
N THR B 98 34.11 34.49 -31.52
CA THR B 98 33.22 35.30 -32.33
C THR B 98 31.88 35.49 -31.64
N LYS B 99 30.99 36.24 -32.29
CA LYS B 99 29.65 36.45 -31.76
C LYS B 99 28.81 35.18 -31.91
N PRO B 100 27.78 35.02 -31.07
CA PRO B 100 26.93 33.83 -31.19
C PRO B 100 26.18 33.81 -32.51
N MET B 101 26.30 32.70 -33.23
CA MET B 101 25.62 32.49 -34.50
C MET B 101 25.02 31.09 -34.52
N VAL B 102 24.02 30.91 -35.38
CA VAL B 102 23.33 29.64 -35.53
C VAL B 102 23.35 29.24 -37.00
N ASN B 103 23.64 27.96 -37.25
CA ASN B 103 23.67 27.41 -38.60
C ASN B 103 22.32 26.80 -38.92
N GLU B 104 21.68 27.26 -39.98
CA GLU B 104 20.37 26.79 -40.36
C GLU B 104 20.48 25.52 -41.22
N SER B 105 19.33 24.99 -41.64
CA SER B 105 19.32 23.78 -42.46
C SER B 105 19.91 24.04 -43.83
N ASP B 106 19.54 25.16 -44.46
CA ASP B 106 20.03 25.48 -45.80
C ASP B 106 21.49 25.91 -45.80
N GLY B 107 22.10 26.13 -44.63
CA GLY B 107 23.48 26.55 -44.54
C GLY B 107 23.67 28.02 -44.24
N VAL B 108 22.61 28.83 -44.29
CA VAL B 108 22.75 30.24 -43.98
C VAL B 108 23.00 30.43 -42.47
N THR B 109 23.58 31.58 -42.15
CA THR B 109 23.91 31.91 -40.77
C THR B 109 23.41 33.31 -40.43
N HIS B 110 22.99 33.47 -39.17
CA HIS B 110 22.49 34.76 -38.70
C HIS B 110 22.72 34.84 -37.20
N ALA B 111 22.64 36.05 -36.67
CA ALA B 111 22.83 36.27 -35.24
C ALA B 111 21.74 35.55 -34.45
N LEU B 112 22.15 34.86 -33.39
CA LEU B 112 21.24 34.10 -32.53
C LEU B 112 21.05 34.87 -31.24
N TYR B 113 19.85 35.39 -31.03
CA TYR B 113 19.51 36.13 -29.83
C TYR B 113 18.99 35.19 -28.74
N PRO B 114 19.14 35.58 -27.47
CA PRO B 114 18.70 34.68 -26.38
C PRO B 114 17.23 34.30 -26.44
N GLN B 115 16.35 35.23 -26.84
CA GLN B 115 14.94 34.89 -26.93
C GLN B 115 14.68 33.84 -27.99
N GLU B 116 15.30 33.99 -29.16
CA GLU B 116 15.14 32.99 -30.22
C GLU B 116 15.74 31.65 -29.80
N ALA B 117 16.87 31.67 -29.10
CA ALA B 117 17.49 30.43 -28.63
C ALA B 117 16.58 29.72 -27.64
N ARG B 118 15.97 30.47 -26.72
CA ARG B 118 15.06 29.87 -25.75
C ARG B 118 13.80 29.33 -26.43
N LEU B 119 13.28 30.06 -27.42
CA LEU B 119 12.03 29.64 -28.06
C LEU B 119 12.24 28.43 -28.95
N ARG B 120 13.37 28.36 -29.65
CA ARG B 120 13.63 27.31 -30.62
C ARG B 120 14.42 26.14 -30.03
N ASN B 121 14.62 26.12 -28.71
CA ASN B 121 15.35 25.04 -28.03
C ASN B 121 16.76 24.88 -28.59
N LEU B 122 17.42 25.99 -28.89
CA LEU B 122 18.78 25.99 -29.40
C LEU B 122 19.77 26.21 -28.26
N THR B 123 21.05 26.27 -28.60
CA THR B 123 22.11 26.49 -27.63
C THR B 123 22.75 27.86 -27.91
N TYR B 124 22.84 28.68 -26.86
CA TYR B 124 23.42 30.02 -26.99
C TYR B 124 24.95 29.91 -26.90
N SER B 125 25.52 29.37 -27.98
CA SER B 125 26.95 29.15 -28.07
C SER B 125 27.52 29.92 -29.24
N SER B 126 28.78 30.33 -29.11
CA SER B 126 29.48 31.11 -30.12
C SER B 126 30.68 30.33 -30.62
N GLY B 127 30.84 30.26 -31.94
CA GLY B 127 31.98 29.55 -32.50
C GLY B 127 33.28 30.29 -32.25
N LEU B 128 34.36 29.51 -32.16
CA LEU B 128 35.70 30.04 -31.91
C LEU B 128 36.68 29.40 -32.88
N PHE B 129 37.73 30.15 -33.23
CA PHE B 129 38.69 29.74 -34.23
C PHE B 129 40.11 29.89 -33.70
N VAL B 130 41.00 29.05 -34.21
CA VAL B 130 42.42 29.09 -33.85
C VAL B 130 43.23 29.14 -35.15
N ASP B 131 44.53 29.41 -34.99
CA ASP B 131 45.47 29.45 -36.10
C ASP B 131 46.34 28.20 -36.07
N VAL B 132 46.49 27.55 -37.23
CA VAL B 132 47.23 26.29 -37.31
C VAL B 132 48.71 26.57 -37.52
N LYS B 133 49.06 27.23 -38.63
CA LYS B 133 50.44 27.55 -38.98
C LYS B 133 51.27 26.27 -39.04
N LYS B 134 50.93 25.46 -40.04
CA LYS B 134 51.61 24.19 -40.27
C LYS B 134 52.96 24.43 -40.94
N ARG B 135 54.01 23.80 -40.40
CA ARG B 135 55.35 23.89 -40.95
C ARG B 135 55.97 22.51 -41.03
N THR B 136 56.71 22.26 -42.11
CA THR B 136 57.41 21.00 -42.33
C THR B 136 58.89 21.28 -42.44
N TYR B 137 59.69 20.64 -41.60
CA TYR B 137 61.13 20.82 -41.61
C TYR B 137 61.83 19.66 -40.89
N GLY B 163 45.71 28.92 -42.17
CA GLY B 163 44.86 30.04 -41.80
C GLY B 163 43.95 29.73 -40.62
N LYS B 164 42.89 30.51 -40.47
CA LYS B 164 41.94 30.31 -39.39
C LYS B 164 41.14 29.04 -39.63
N VAL B 165 41.01 28.21 -38.60
CA VAL B 165 40.31 26.94 -38.68
C VAL B 165 39.27 26.88 -37.56
N PHE B 166 38.24 26.07 -37.80
CA PHE B 166 37.16 25.88 -36.83
C PHE B 166 37.53 24.78 -35.85
N ILE B 167 37.36 25.06 -34.56
CA ILE B 167 37.71 24.11 -33.51
C ILE B 167 36.49 23.66 -32.71
N GLY B 168 35.43 24.45 -32.62
CA GLY B 168 34.25 24.03 -31.90
C GLY B 168 33.35 25.21 -31.61
N ARG B 169 32.37 24.97 -30.74
CA ARG B 169 31.43 25.99 -30.31
C ARG B 169 31.45 26.06 -28.79
N LEU B 170 31.58 27.28 -28.25
CA LEU B 170 31.67 27.49 -26.81
C LEU B 170 30.42 28.19 -26.32
N PRO B 171 29.69 27.62 -25.35
CA PRO B 171 28.53 28.32 -24.80
C PRO B 171 28.93 29.64 -24.16
N ILE B 172 28.07 30.64 -24.32
CA ILE B 172 28.33 32.00 -23.85
C ILE B 172 27.38 32.30 -22.69
N MET B 173 27.95 32.70 -21.56
CA MET B 173 27.15 33.11 -20.41
C MET B 173 26.39 34.39 -20.73
N LEU B 174 25.15 34.47 -20.25
CA LEU B 174 24.32 35.63 -20.52
C LEU B 174 24.90 36.89 -19.89
N ARG B 175 24.72 38.01 -20.59
CA ARG B 175 25.21 39.32 -20.13
C ARG B 175 26.72 39.31 -19.92
N SER B 176 27.44 38.64 -20.80
CA SER B 176 28.89 38.62 -20.76
C SER B 176 29.45 39.54 -21.85
N LYS B 177 30.78 39.58 -21.96
CA LYS B 177 31.41 40.46 -22.93
C LYS B 177 31.09 40.03 -24.36
N ASN B 178 30.84 38.75 -24.59
CA ASN B 178 30.50 38.25 -25.90
C ASN B 178 28.99 38.18 -26.14
N CYS B 179 28.18 38.56 -25.17
CA CYS B 179 26.74 38.54 -25.31
C CYS B 179 26.24 39.83 -25.94
N TYR B 180 25.12 39.72 -26.67
CA TYR B 180 24.54 40.89 -27.32
C TYR B 180 23.90 41.85 -26.32
N LEU B 181 23.60 41.40 -25.12
CA LEU B 181 22.89 42.21 -24.13
C LEU B 181 23.83 43.00 -23.22
N SER B 182 25.14 42.86 -23.39
CA SER B 182 26.08 43.58 -22.54
C SER B 182 25.98 45.09 -22.76
N GLU B 183 25.90 45.53 -24.01
CA GLU B 183 25.84 46.95 -24.33
C GLU B 183 24.42 47.43 -24.64
N ALA B 184 23.42 46.58 -24.49
CA ALA B 184 22.05 46.97 -24.81
C ALA B 184 21.48 47.85 -23.71
N THR B 185 20.72 48.87 -24.13
CA THR B 185 20.05 49.76 -23.20
C THR B 185 18.68 49.19 -22.84
N GLU B 186 17.91 49.96 -22.06
CA GLU B 186 16.58 49.51 -21.69
C GLU B 186 15.66 49.40 -22.90
N SER B 187 15.72 50.39 -23.80
CA SER B 187 14.91 50.34 -25.00
C SER B 187 15.31 49.16 -25.89
N ASP B 188 16.61 48.90 -26.02
CA ASP B 188 17.07 47.77 -26.82
C ASP B 188 16.62 46.45 -26.20
N LEU B 189 16.69 46.33 -24.88
CA LEU B 189 16.22 45.12 -24.21
C LEU B 189 14.73 44.92 -24.41
N TYR B 190 13.94 45.99 -24.32
CA TYR B 190 12.51 45.89 -24.56
C TYR B 190 12.22 45.48 -26.00
N LYS B 191 12.97 46.04 -26.95
CA LYS B 191 12.78 45.67 -28.35
C LYS B 191 13.14 44.20 -28.59
N LEU B 192 14.19 43.72 -27.94
CA LEU B 192 14.63 42.34 -28.09
C LEU B 192 13.82 41.36 -27.24
N LYS B 193 12.70 41.80 -26.67
CA LYS B 193 11.83 40.97 -25.84
C LYS B 193 12.60 40.35 -24.68
N GLU B 194 13.44 41.16 -24.03
CA GLU B 194 14.21 40.74 -22.86
C GLU B 194 13.87 41.62 -21.68
N CYS B 195 13.68 41.00 -20.53
CA CYS B 195 13.31 41.74 -19.32
C CYS B 195 14.50 42.56 -18.83
N PRO B 196 14.34 43.87 -18.65
CA PRO B 196 15.46 44.67 -18.10
C PRO B 196 15.85 44.28 -16.69
N PHE B 197 14.95 43.63 -15.93
CA PHE B 197 15.27 43.19 -14.59
C PHE B 197 16.10 41.91 -14.56
N ASP B 198 16.27 41.26 -15.70
CA ASP B 198 17.10 40.05 -15.75
C ASP B 198 18.55 40.41 -15.49
N MET B 199 19.24 39.55 -14.75
CA MET B 199 20.62 39.81 -14.36
C MET B 199 21.63 38.96 -15.13
N GLY B 200 21.18 37.92 -15.82
CA GLY B 200 22.11 37.07 -16.55
C GLY B 200 22.87 36.13 -15.64
N GLY B 201 24.06 35.72 -16.09
CA GLY B 201 24.88 34.82 -15.32
C GLY B 201 24.54 33.35 -15.47
N TYR B 202 23.76 32.99 -16.48
CA TYR B 202 23.37 31.61 -16.70
C TYR B 202 23.59 31.24 -18.17
N PHE B 203 23.74 29.94 -18.41
CA PHE B 203 23.95 29.40 -19.75
C PHE B 203 22.63 28.90 -20.32
N ILE B 204 22.39 29.20 -21.59
CA ILE B 204 21.20 28.73 -22.30
C ILE B 204 21.67 27.64 -23.24
N ILE B 205 21.42 26.38 -22.87
CA ILE B 205 21.76 25.23 -23.69
C ILE B 205 20.48 24.45 -23.95
N ASN B 206 20.26 24.06 -25.20
CA ASN B 206 19.08 23.30 -25.62
C ASN B 206 17.79 23.98 -25.21
N GLY B 207 17.79 25.31 -25.14
CA GLY B 207 16.61 26.06 -24.75
C GLY B 207 16.33 26.11 -23.27
N SER B 208 17.19 25.53 -22.44
CA SER B 208 17.01 25.53 -21.00
C SER B 208 18.10 26.35 -20.33
N GLU B 209 17.74 27.07 -19.27
CA GLU B 209 18.67 27.91 -18.55
C GLU B 209 19.39 27.10 -17.49
N LYS B 210 20.72 27.11 -17.52
CA LYS B 210 21.54 26.37 -16.59
C LYS B 210 22.46 27.33 -15.83
N VAL B 211 22.60 27.10 -14.53
CA VAL B 211 23.44 27.91 -13.66
C VAL B 211 24.48 27.01 -13.01
N LEU B 212 25.74 27.41 -13.05
CA LEU B 212 26.83 26.64 -12.48
C LEU B 212 26.96 26.98 -11.00
N ILE B 213 26.72 25.99 -10.15
CA ILE B 213 26.83 26.18 -8.71
C ILE B 213 28.29 26.18 -8.32
N ALA B 214 28.68 27.17 -7.51
CA ALA B 214 30.07 27.27 -7.07
C ALA B 214 30.44 26.05 -6.22
N GLN B 215 31.63 25.50 -6.48
CA GLN B 215 32.13 24.33 -5.77
C GLN B 215 33.17 24.77 -4.75
N GLU B 216 33.04 24.26 -3.54
CA GLU B 216 33.91 24.64 -2.43
C GLU B 216 34.96 23.57 -2.21
N ARG B 217 36.23 23.96 -2.21
CA ARG B 217 37.34 23.03 -2.07
C ARG B 217 38.40 23.65 -1.16
N SER B 218 39.22 22.77 -0.58
CA SER B 218 40.30 23.22 0.28
C SER B 218 41.39 23.89 -0.54
N ALA B 219 41.98 24.94 0.02
CA ALA B 219 43.02 25.68 -0.67
C ALA B 219 44.29 24.85 -0.77
N GLY B 220 44.97 24.96 -1.92
CA GLY B 220 46.22 24.24 -2.13
C GLY B 220 47.43 25.04 -1.68
N ASN B 221 48.57 24.34 -1.66
CA ASN B 221 49.85 24.94 -1.25
C ASN B 221 49.76 25.53 0.17
N ILE B 222 49.03 24.85 1.05
CA ILE B 222 48.85 25.28 2.42
C ILE B 222 49.27 24.14 3.34
N VAL B 223 50.15 24.43 4.29
CA VAL B 223 50.61 23.43 5.23
C VAL B 223 49.62 23.34 6.38
N GLN B 224 49.08 22.15 6.62
CA GLN B 224 48.11 21.92 7.68
C GLN B 224 48.56 20.74 8.52
N VAL B 225 48.37 20.84 9.84
CA VAL B 225 48.77 19.82 10.78
C VAL B 225 47.53 19.35 11.55
N PHE B 226 47.32 18.05 11.58
CA PHE B 226 46.22 17.45 12.33
C PHE B 226 46.74 16.27 13.14
N LYS B 227 46.02 15.96 14.21
CA LYS B 227 46.36 14.84 15.09
C LYS B 227 45.43 13.67 14.80
N LYS B 228 46.02 12.49 14.63
CA LYS B 228 45.24 11.31 14.30
C LYS B 228 44.64 10.69 15.56
N ALA B 229 43.96 9.57 15.39
CA ALA B 229 43.30 8.90 16.51
C ALA B 229 44.32 8.24 17.43
N ALA B 230 43.94 8.08 18.69
CA ALA B 230 44.82 7.42 19.66
C ALA B 230 45.15 5.99 19.29
N PRO B 231 44.20 5.12 18.90
CA PRO B 231 44.59 3.75 18.54
C PRO B 231 45.56 3.68 17.37
N SER B 232 45.48 4.62 16.43
CA SER B 232 46.39 4.61 15.30
C SER B 232 47.81 4.91 15.77
N PRO B 233 48.83 4.30 15.16
CA PRO B 233 50.22 4.55 15.55
C PRO B 233 50.78 5.89 15.09
N ILE B 234 49.96 6.75 14.49
CA ILE B 234 50.40 8.04 13.98
C ILE B 234 49.90 9.12 14.94
N SER B 235 50.81 9.98 15.38
CA SER B 235 50.45 11.05 16.31
C SER B 235 50.04 12.33 15.58
N HIS B 236 50.88 12.81 14.66
CA HIS B 236 50.61 14.04 13.93
C HIS B 236 50.97 13.87 12.46
N VAL B 237 50.21 14.53 11.60
CA VAL B 237 50.44 14.49 10.15
C VAL B 237 50.56 15.93 9.65
N ALA B 238 51.59 16.19 8.86
CA ALA B 238 51.77 17.49 8.21
C ALA B 238 51.82 17.25 6.71
N GLU B 239 50.77 17.67 6.00
CA GLU B 239 50.67 17.46 4.57
C GLU B 239 50.38 18.76 3.85
N ILE B 240 50.85 18.85 2.61
CA ILE B 240 50.61 20.00 1.74
C ILE B 240 50.10 19.49 0.40
N ARG B 241 49.03 20.10 -0.10
CA ARG B 241 48.45 19.71 -1.38
C ARG B 241 49.00 20.63 -2.46
N SER B 242 50.23 20.33 -2.87
CA SER B 242 50.90 21.13 -3.89
C SER B 242 50.23 20.95 -5.25
N ALA B 243 50.08 22.05 -5.98
CA ALA B 243 49.49 22.02 -7.31
C ALA B 243 49.97 23.24 -8.08
N LEU B 244 50.03 23.09 -9.40
CA LEU B 244 50.43 24.17 -10.29
C LEU B 244 49.22 24.99 -10.71
N GLU B 245 49.37 26.31 -10.68
CA GLU B 245 48.26 27.20 -11.05
C GLU B 245 48.16 27.34 -12.56
N LYS B 246 49.21 27.88 -13.19
CA LYS B 246 49.20 28.07 -14.64
C LYS B 246 49.39 26.77 -15.39
N GLY B 247 50.08 25.80 -14.81
CA GLY B 247 50.32 24.53 -15.46
C GLY B 247 49.15 23.58 -15.34
N SER B 248 49.38 22.35 -15.76
CA SER B 248 48.35 21.32 -15.71
C SER B 248 48.05 20.93 -14.27
N ARG B 249 46.87 20.36 -14.07
CA ARG B 249 46.44 19.94 -12.75
C ARG B 249 47.25 18.73 -12.30
N PHE B 250 47.95 18.86 -11.18
CA PHE B 250 48.79 17.80 -10.63
C PHE B 250 48.22 17.23 -9.34
N ILE B 251 47.99 18.08 -8.35
CA ILE B 251 47.47 17.68 -7.03
C ILE B 251 48.33 16.57 -6.45
N SER B 252 49.57 16.89 -6.09
CA SER B 252 50.47 15.95 -5.45
C SER B 252 50.54 16.27 -3.97
N THR B 253 50.25 15.28 -3.13
CA THR B 253 50.20 15.46 -1.68
C THR B 253 51.44 14.82 -1.07
N LEU B 254 52.20 15.62 -0.31
CA LEU B 254 53.35 15.16 0.44
C LEU B 254 52.99 15.18 1.92
N GLN B 255 52.92 14.00 2.54
CA GLN B 255 52.51 13.86 3.92
C GLN B 255 53.71 13.48 4.78
N VAL B 256 53.90 14.19 5.89
CA VAL B 256 54.93 13.88 6.86
C VAL B 256 54.25 13.51 8.16
N LYS B 257 54.51 12.30 8.64
CA LYS B 257 53.86 11.76 9.84
C LYS B 257 54.91 11.44 10.90
N LEU B 258 54.53 11.64 12.16
CA LEU B 258 55.40 11.34 13.30
C LEU B 258 55.02 9.97 13.83
N TYR B 259 55.85 8.97 13.54
CA TYR B 259 55.59 7.61 13.99
C TYR B 259 55.80 7.48 15.49
N GLY B 260 54.93 6.71 16.13
CA GLY B 260 55.03 6.48 17.56
C GLY B 260 54.24 7.46 18.39
N ARG B 261 53.56 6.97 19.43
CA ARG B 261 52.79 7.83 20.31
C ARG B 261 53.70 8.51 21.31
N GLU B 262 53.11 9.37 22.15
CA GLU B 262 53.89 10.07 23.16
C GLU B 262 54.50 9.10 24.16
N GLY B 263 53.73 8.10 24.59
CA GLY B 263 54.26 7.12 25.53
C GLY B 263 55.36 6.26 24.93
N SER B 264 55.22 5.88 23.66
CA SER B 264 56.22 5.06 23.01
C SER B 264 57.52 5.85 22.82
N SER B 265 58.64 5.19 23.10
CA SER B 265 59.96 5.80 22.95
C SER B 265 60.45 5.79 21.51
N ALA B 266 59.82 5.02 20.62
CA ALA B 266 60.25 4.94 19.23
C ALA B 266 59.59 6.07 18.43
N ARG B 267 60.02 7.28 18.75
CA ARG B 267 59.52 8.48 18.09
C ARG B 267 60.40 8.79 16.88
N THR B 268 59.88 8.53 15.69
CA THR B 268 60.60 8.79 14.46
C THR B 268 59.67 9.47 13.46
N ILE B 269 60.26 10.21 12.54
CA ILE B 269 59.52 10.95 11.52
C ILE B 269 59.86 10.34 10.16
N LYS B 270 58.83 10.01 9.39
CA LYS B 270 59.00 9.46 8.05
C LYS B 270 58.05 10.18 7.10
N ALA B 271 58.57 10.57 5.94
CA ALA B 271 57.79 11.30 4.94
C ALA B 271 57.11 10.30 4.00
N THR B 272 56.49 10.82 2.94
CA THR B 272 55.80 9.98 1.96
C THR B 272 55.95 10.61 0.59
N LEU B 273 56.96 10.17 -0.16
CA LEU B 273 57.20 10.69 -1.49
C LEU B 273 56.18 10.12 -2.48
N PRO B 274 55.82 10.89 -3.51
CA PRO B 274 54.87 10.37 -4.50
C PRO B 274 55.45 9.20 -5.28
N TYR B 275 54.55 8.28 -5.66
CA TYR B 275 54.86 7.06 -6.40
C TYR B 275 55.77 6.11 -5.64
N ILE B 276 56.07 6.39 -4.38
CA ILE B 276 56.85 5.50 -3.53
C ILE B 276 55.91 4.95 -2.47
N LYS B 277 55.89 3.62 -2.34
CA LYS B 277 54.90 2.93 -1.51
C LYS B 277 55.40 2.63 -0.10
N GLN B 278 56.49 3.26 0.33
CA GLN B 278 56.99 3.06 1.68
C GLN B 278 57.54 4.37 2.22
N ASP B 279 57.29 4.63 3.50
CA ASP B 279 57.73 5.87 4.12
C ASP B 279 59.25 5.91 4.23
N ILE B 280 59.81 7.10 4.03
CA ILE B 280 61.26 7.29 4.01
C ILE B 280 61.63 8.26 5.12
N PRO B 281 62.73 8.02 5.85
CA PRO B 281 63.15 8.96 6.88
C PRO B 281 63.50 10.32 6.30
N ILE B 282 63.27 11.37 7.10
CA ILE B 282 63.51 12.74 6.67
C ILE B 282 65.00 12.95 6.38
N VAL B 283 65.87 12.35 7.18
CA VAL B 283 67.30 12.54 7.01
C VAL B 283 67.75 12.02 5.65
N ILE B 284 67.19 10.89 5.22
CA ILE B 284 67.55 10.33 3.91
C ILE B 284 67.15 11.29 2.80
N ILE B 285 65.94 11.85 2.87
CA ILE B 285 65.48 12.80 1.87
C ILE B 285 66.36 14.04 1.85
N PHE B 286 66.73 14.53 3.03
CA PHE B 286 67.59 15.70 3.11
C PHE B 286 68.96 15.43 2.49
N ARG B 287 69.51 14.24 2.74
CA ARG B 287 70.78 13.87 2.11
C ARG B 287 70.63 13.76 0.60
N ALA B 288 69.48 13.27 0.13
CA ALA B 288 69.25 13.16 -1.30
C ALA B 288 69.19 14.51 -2.00
N LEU B 289 68.98 15.59 -1.24
CA LEU B 289 68.95 16.93 -1.81
C LEU B 289 70.32 17.60 -1.83
N GLY B 290 71.37 16.90 -1.40
CA GLY B 290 72.71 17.43 -1.40
C GLY B 290 73.21 17.93 -0.06
N ILE B 291 72.34 18.03 0.95
CA ILE B 291 72.73 18.51 2.27
C ILE B 291 73.22 17.28 3.04
N ILE B 292 74.52 17.02 2.94
CA ILE B 292 75.13 15.83 3.53
C ILE B 292 75.33 15.98 5.04
N PRO B 293 76.02 17.03 5.52
CA PRO B 293 76.34 17.07 6.96
C PRO B 293 75.10 17.18 7.82
N ASP B 294 75.17 16.53 8.99
CA ASP B 294 74.02 16.50 9.90
C ASP B 294 73.79 17.85 10.57
N GLY B 295 74.86 18.60 10.84
CA GLY B 295 74.71 19.92 11.42
C GLY B 295 73.91 20.84 10.54
N GLU B 296 74.14 20.78 9.22
CA GLU B 296 73.34 21.57 8.29
C GLU B 296 71.88 21.13 8.30
N ILE B 297 71.63 19.83 8.46
CA ILE B 297 70.25 19.33 8.56
C ILE B 297 69.57 19.94 9.78
N LEU B 298 70.25 19.91 10.93
CA LEU B 298 69.67 20.48 12.15
C LEU B 298 69.47 21.98 12.01
N GLU B 299 70.42 22.66 11.34
CA GLU B 299 70.28 24.09 11.11
C GLU B 299 69.06 24.40 10.25
N HIS B 300 68.83 23.58 9.22
CA HIS B 300 67.66 23.78 8.37
C HIS B 300 66.36 23.51 9.13
N ILE B 301 66.34 22.46 9.95
CA ILE B 301 65.10 22.10 10.64
C ILE B 301 64.73 23.14 11.69
N CYS B 302 65.69 23.53 12.52
CA CYS B 302 65.44 24.44 13.63
C CYS B 302 66.24 25.73 13.43
N TYR B 303 65.57 26.86 13.61
CA TYR B 303 66.20 28.17 13.47
C TYR B 303 66.70 28.74 14.80
N ASP B 304 66.52 28.02 15.89
CA ASP B 304 66.98 28.44 17.20
C ASP B 304 67.83 27.35 17.83
N VAL B 305 68.93 27.74 18.47
CA VAL B 305 69.83 26.78 19.09
C VAL B 305 69.49 26.50 20.55
N ASN B 306 68.50 27.18 21.11
CA ASN B 306 68.12 26.99 22.50
C ASN B 306 66.95 26.04 22.68
N ASP B 307 66.31 25.60 21.59
CA ASP B 307 65.18 24.68 21.67
C ASP B 307 65.72 23.25 21.74
N TRP B 308 66.05 22.82 22.96
CA TRP B 308 66.64 21.50 23.13
C TRP B 308 65.63 20.36 22.97
N GLN B 309 64.34 20.62 23.21
CA GLN B 309 63.34 19.57 23.04
C GLN B 309 63.22 19.14 21.59
N MET B 310 63.23 20.09 20.66
CA MET B 310 63.14 19.75 19.25
C MET B 310 64.37 18.97 18.80
N LEU B 311 65.55 19.36 19.28
CA LEU B 311 66.77 18.62 18.95
C LEU B 311 66.72 17.21 19.53
N GLU B 312 66.19 17.07 20.75
CA GLU B 312 66.04 15.75 21.35
C GLU B 312 65.10 14.87 20.54
N MET B 313 64.00 15.45 20.04
CA MET B 313 63.09 14.68 19.18
C MET B 313 63.74 14.33 17.85
N LEU B 314 64.58 15.23 17.31
CA LEU B 314 65.25 14.95 16.04
C LEU B 314 66.39 13.94 16.19
N LYS B 315 66.92 13.77 17.40
CA LYS B 315 68.02 12.83 17.58
C LYS B 315 67.71 11.41 17.12
N PRO B 316 66.54 10.83 17.40
CA PRO B 316 66.24 9.51 16.78
C PRO B 316 66.27 9.53 15.27
N CYS B 317 65.83 10.61 14.64
CA CYS B 317 65.87 10.69 13.18
C CYS B 317 67.30 10.68 12.66
N VAL B 318 68.17 11.50 13.27
CA VAL B 318 69.55 11.56 12.80
C VAL B 318 70.28 10.25 13.10
N GLU B 319 69.88 9.56 14.17
CA GLU B 319 70.42 8.23 14.42
C GLU B 319 69.96 7.24 13.35
N ASP B 320 68.69 7.33 12.94
CA ASP B 320 68.19 6.47 11.86
C ASP B 320 68.83 6.81 10.53
N GLY B 321 69.35 8.01 10.36
CA GLY B 321 70.05 8.39 9.16
C GLY B 321 71.52 8.02 9.13
N PHE B 322 71.96 7.16 10.06
CA PHE B 322 73.37 6.79 10.14
C PHE B 322 73.81 6.01 8.90
N VAL B 323 72.96 5.13 8.38
CA VAL B 323 73.35 4.25 7.28
C VAL B 323 73.72 5.07 6.06
N ILE B 324 72.90 6.05 5.71
CA ILE B 324 73.17 6.90 4.55
C ILE B 324 74.17 7.97 4.94
N GLN B 325 75.23 8.13 4.14
CA GLN B 325 76.28 9.10 4.43
C GLN B 325 76.61 10.02 3.27
N ASP B 326 76.20 9.70 2.04
CA ASP B 326 76.48 10.55 0.89
C ASP B 326 75.19 10.71 0.06
N ARG B 327 75.28 11.54 -0.97
CA ARG B 327 74.12 11.78 -1.82
C ARG B 327 73.82 10.61 -2.72
N GLU B 328 74.87 9.95 -3.24
CA GLU B 328 74.68 8.84 -4.17
C GLU B 328 73.97 7.67 -3.52
N THR B 329 74.36 7.33 -2.28
CA THR B 329 73.73 6.21 -1.61
C THR B 329 72.27 6.50 -1.30
N ALA B 330 71.96 7.74 -0.90
CA ALA B 330 70.56 8.12 -0.69
C ALA B 330 69.76 8.04 -1.98
N LEU B 331 70.36 8.50 -3.08
CA LEU B 331 69.67 8.49 -4.36
C LEU B 331 69.38 7.06 -4.81
N ASP B 332 70.35 6.16 -4.68
CA ASP B 332 70.10 4.78 -5.11
C ASP B 332 69.19 4.05 -4.14
N PHE B 333 69.19 4.43 -2.86
CA PHE B 333 68.22 3.88 -1.92
C PHE B 333 66.80 4.30 -2.29
N ILE B 334 66.62 5.57 -2.66
CA ILE B 334 65.31 6.03 -3.09
C ILE B 334 64.89 5.33 -4.38
N GLY B 335 65.82 5.19 -5.31
CA GLY B 335 65.50 4.49 -6.55
C GLY B 335 65.10 3.04 -6.34
N ARG B 336 65.81 2.36 -5.44
CA ARG B 336 65.46 0.98 -5.12
C ARG B 336 64.11 0.88 -4.41
N ARG B 337 63.64 1.96 -3.81
CA ARG B 337 62.33 1.98 -3.18
C ARG B 337 61.20 2.28 -4.16
N GLY B 338 61.53 2.52 -5.43
CA GLY B 338 60.53 2.82 -6.44
C GLY B 338 60.18 1.62 -7.29
N THR B 339 60.78 1.53 -8.47
CA THR B 339 60.54 0.39 -9.35
C THR B 339 61.03 -0.90 -8.69
N ALA B 340 60.31 -2.00 -8.97
CA ALA B 340 60.59 -3.28 -8.34
C ALA B 340 61.76 -3.99 -9.03
N LEU B 341 62.90 -3.30 -9.04
CA LEU B 341 64.15 -3.81 -9.62
C LEU B 341 63.97 -4.25 -11.06
N GLY B 342 63.17 -3.48 -11.81
CA GLY B 342 63.00 -3.77 -13.23
C GLY B 342 64.28 -3.57 -14.02
N ILE B 343 65.07 -2.57 -13.65
CA ILE B 343 66.33 -2.25 -14.31
C ILE B 343 67.41 -2.16 -13.25
N LYS B 344 68.66 -2.10 -13.70
CA LYS B 344 69.81 -2.04 -12.81
C LYS B 344 69.77 -0.77 -11.98
N LYS B 345 70.54 -0.78 -10.88
CA LYS B 345 70.56 0.35 -9.95
C LYS B 345 71.20 1.60 -10.54
N GLU B 346 71.86 1.49 -11.70
CA GLU B 346 72.44 2.67 -12.33
C GLU B 346 71.38 3.67 -12.72
N LYS B 347 70.26 3.20 -13.28
CA LYS B 347 69.16 4.07 -13.65
C LYS B 347 68.28 4.46 -12.46
N ARG B 348 68.43 3.78 -11.32
CA ARG B 348 67.64 4.12 -10.14
C ARG B 348 67.99 5.53 -9.64
N ILE B 349 69.28 5.88 -9.67
CA ILE B 349 69.69 7.21 -9.25
C ILE B 349 69.09 8.27 -10.16
N GLN B 350 69.12 8.04 -11.47
CA GLN B 350 68.52 8.98 -12.41
C GLN B 350 67.01 9.10 -12.19
N TYR B 351 66.34 7.98 -11.96
CA TYR B 351 64.90 8.02 -11.69
C TYR B 351 64.59 8.80 -10.43
N ALA B 352 65.35 8.59 -9.37
CA ALA B 352 65.14 9.32 -8.13
C ALA B 352 65.38 10.81 -8.33
N LYS B 353 66.45 11.17 -9.05
CA LYS B 353 66.73 12.57 -9.32
C LYS B 353 65.61 13.22 -10.12
N ASP B 354 65.10 12.52 -11.13
CA ASP B 354 64.01 13.06 -11.93
C ASP B 354 62.74 13.23 -11.11
N ILE B 355 62.43 12.25 -10.26
CA ILE B 355 61.21 12.35 -9.45
C ILE B 355 61.34 13.48 -8.43
N LEU B 356 62.54 13.70 -7.90
CA LEU B 356 62.75 14.79 -6.96
C LEU B 356 62.68 16.14 -7.66
N GLN B 357 63.17 16.21 -8.90
CA GLN B 357 63.14 17.47 -9.63
C GLN B 357 61.75 17.81 -10.15
N LYS B 358 60.91 16.80 -10.41
CA LYS B 358 59.59 17.03 -10.98
C LYS B 358 58.49 17.05 -9.92
N GLU B 359 58.34 15.95 -9.17
CA GLU B 359 57.15 15.77 -8.33
C GLU B 359 57.34 16.18 -6.88
N PHE B 360 58.57 16.35 -6.41
CA PHE B 360 58.80 16.73 -5.02
C PHE B 360 58.48 18.21 -4.85
N LEU B 361 57.27 18.49 -4.36
CA LEU B 361 56.78 19.84 -4.15
C LEU B 361 56.83 20.64 -5.45
N PRO B 362 56.00 20.31 -6.45
CA PRO B 362 56.05 20.98 -7.75
C PRO B 362 55.31 22.32 -7.78
N HIS B 363 55.54 23.14 -6.75
CA HIS B 363 54.97 24.48 -6.72
C HIS B 363 56.04 25.51 -6.42
N ILE B 364 57.07 25.11 -5.67
CA ILE B 364 58.19 26.00 -5.41
C ILE B 364 58.94 26.32 -6.70
N THR B 365 59.30 25.28 -7.46
CA THR B 365 60.03 25.42 -8.71
C THR B 365 60.11 24.05 -9.36
N GLN B 366 60.51 24.04 -10.63
CA GLN B 366 60.73 22.81 -11.37
C GLN B 366 62.04 22.78 -12.15
N LEU B 367 62.78 23.87 -12.20
CA LEU B 367 64.05 23.93 -12.91
C LEU B 367 65.19 23.58 -11.94
N GLU B 368 66.43 23.81 -12.37
CA GLU B 368 67.58 23.50 -11.55
C GLU B 368 67.71 24.51 -10.41
N GLY B 369 68.60 24.19 -9.47
CA GLY B 369 68.75 25.02 -8.29
C GLY B 369 67.64 24.88 -7.28
N PHE B 370 66.89 23.77 -7.33
CA PHE B 370 65.74 23.56 -6.46
C PHE B 370 66.11 22.98 -5.11
N GLU B 371 67.36 22.54 -4.94
CA GLU B 371 67.72 21.80 -3.73
C GLU B 371 67.57 22.65 -2.48
N SER B 372 68.10 23.88 -2.51
CA SER B 372 68.10 24.72 -1.32
C SER B 372 66.67 25.11 -0.93
N ARG B 373 65.87 25.55 -1.89
CA ARG B 373 64.50 26.00 -1.58
C ARG B 373 63.64 24.84 -1.09
N LYS B 374 63.73 23.69 -1.74
CA LYS B 374 62.93 22.54 -1.33
C LYS B 374 63.38 22.02 0.04
N ALA B 375 64.69 22.03 0.30
CA ALA B 375 65.19 21.63 1.61
C ALA B 375 64.69 22.59 2.70
N PHE B 376 64.70 23.89 2.41
CA PHE B 376 64.19 24.86 3.37
C PHE B 376 62.70 24.67 3.62
N PHE B 377 61.93 24.39 2.58
CA PHE B 377 60.50 24.14 2.75
C PHE B 377 60.25 22.89 3.58
N LEU B 378 61.02 21.84 3.32
CA LEU B 378 60.89 20.62 4.13
C LEU B 378 61.24 20.87 5.58
N GLY B 379 62.30 21.66 5.82
CA GLY B 379 62.65 22.01 7.18
C GLY B 379 61.56 22.82 7.86
N TYR B 380 60.93 23.74 7.13
CA TYR B 380 59.82 24.51 7.68
C TYR B 380 58.65 23.62 8.03
N MET B 381 58.34 22.64 7.16
CA MET B 381 57.26 21.71 7.44
C MET B 381 57.56 20.87 8.68
N ILE B 382 58.80 20.40 8.80
CA ILE B 382 59.19 19.63 9.98
C ILE B 382 59.09 20.48 11.23
N ASN B 383 59.51 21.76 11.14
CA ASN B 383 59.42 22.66 12.28
C ASN B 383 57.98 22.87 12.70
N ARG B 384 57.08 23.05 11.73
CA ARG B 384 55.66 23.20 12.07
C ARG B 384 55.10 21.95 12.72
N LEU B 385 55.47 20.78 12.19
CA LEU B 385 55.00 19.53 12.79
C LEU B 385 55.49 19.37 14.22
N LEU B 386 56.76 19.70 14.47
CA LEU B 386 57.31 19.58 15.81
C LEU B 386 56.69 20.60 16.75
N LEU B 387 56.41 21.80 16.26
CA LEU B 387 55.73 22.80 17.07
C LEU B 387 54.34 22.33 17.46
N CYS B 388 53.63 21.69 16.53
CA CYS B 388 52.33 21.10 16.87
C CYS B 388 52.50 19.97 17.89
N ALA B 389 53.55 19.17 17.74
CA ALA B 389 53.80 18.09 18.70
C ALA B 389 54.15 18.64 20.07
N LEU B 390 54.92 19.72 20.13
CA LEU B 390 55.34 20.34 21.38
C LEU B 390 54.25 21.20 22.02
N ASP B 391 53.00 21.05 21.57
CA ASP B 391 51.83 21.78 22.08
C ASP B 391 52.11 23.28 22.19
N ARG B 392 53.02 23.79 21.37
CA ARG B 392 53.23 25.24 21.27
C ARG B 392 52.26 25.89 20.30
N LYS B 393 51.56 25.09 19.49
CA LYS B 393 50.57 25.59 18.55
C LYS B 393 49.37 24.65 18.56
N ASP B 394 48.22 25.18 18.14
CA ASP B 394 46.99 24.41 18.13
C ASP B 394 46.82 23.69 16.79
N GLN B 395 46.06 22.61 16.82
CA GLN B 395 45.78 21.86 15.60
C GLN B 395 45.00 22.73 14.62
N ASP B 396 45.37 22.63 13.34
CA ASP B 396 44.71 23.43 12.31
C ASP B 396 43.24 23.06 12.19
N ASP B 397 42.40 24.06 11.95
CA ASP B 397 40.97 23.87 11.81
C ASP B 397 40.63 23.75 10.33
N ARG B 398 39.95 22.66 9.96
CA ARG B 398 39.56 22.45 8.57
C ARG B 398 38.34 23.27 8.17
N ASP B 399 37.62 23.85 9.12
CA ASP B 399 36.43 24.64 8.84
C ASP B 399 36.74 26.11 8.63
N HIS B 400 38.00 26.53 8.80
CA HIS B 400 38.36 27.93 8.58
C HIS B 400 38.10 28.33 7.14
N PHE B 401 37.43 29.46 6.95
CA PHE B 401 37.07 29.90 5.61
C PHE B 401 38.23 30.54 4.87
N GLY B 402 39.31 30.89 5.56
CA GLY B 402 40.48 31.42 4.88
C GLY B 402 41.34 30.39 4.19
N LYS B 403 41.07 29.09 4.43
CA LYS B 403 41.81 28.01 3.81
C LYS B 403 40.96 27.24 2.80
N LYS B 404 39.86 27.83 2.32
CA LYS B 404 38.98 27.20 1.35
C LYS B 404 38.71 28.16 0.21
N ARG B 405 38.48 27.60 -0.97
CA ARG B 405 38.27 28.39 -2.18
C ARG B 405 36.97 27.95 -2.85
N LEU B 406 36.37 28.88 -3.59
CA LEU B 406 35.12 28.63 -4.30
C LEU B 406 35.41 28.57 -5.80
N ASP B 407 34.89 27.53 -6.45
CA ASP B 407 35.12 27.32 -7.88
C ASP B 407 33.90 27.82 -8.64
N LEU B 408 34.00 29.01 -9.21
CA LEU B 408 32.96 29.58 -10.05
C LEU B 408 33.05 29.01 -11.46
N ALA B 409 32.39 29.64 -12.42
CA ALA B 409 32.48 29.18 -13.80
C ALA B 409 33.80 29.65 -14.40
N GLY B 410 34.88 29.39 -13.67
CA GLY B 410 36.22 29.72 -14.09
C GLY B 410 37.05 28.47 -14.31
N PRO B 411 37.81 28.08 -13.28
CA PRO B 411 38.68 26.90 -13.42
C PRO B 411 37.96 25.62 -13.78
N LEU B 412 36.66 25.50 -13.49
CA LEU B 412 35.92 24.32 -13.91
C LEU B 412 35.87 24.22 -15.43
N LEU B 413 35.46 25.30 -16.10
CA LEU B 413 35.48 25.33 -17.55
C LEU B 413 36.91 25.22 -18.08
N ALA B 414 37.89 25.74 -17.34
CA ALA B 414 39.28 25.62 -17.75
C ALA B 414 39.71 24.16 -17.78
N GLN B 415 39.37 23.40 -16.75
CA GLN B 415 39.70 21.98 -16.72
C GLN B 415 38.96 21.21 -17.81
N LEU B 416 37.68 21.55 -18.03
CA LEU B 416 36.92 20.89 -19.08
C LEU B 416 37.56 21.13 -20.45
N PHE B 417 37.91 22.37 -20.73
CA PHE B 417 38.55 22.70 -22.00
C PHE B 417 39.93 22.08 -22.12
N LYS B 418 40.65 21.97 -21.00
CA LYS B 418 41.96 21.31 -21.03
C LYS B 418 41.82 19.85 -21.41
N THR B 419 40.85 19.15 -20.81
CA THR B 419 40.63 17.75 -21.16
C THR B 419 40.21 17.60 -22.63
N LEU B 420 39.31 18.47 -23.08
CA LEU B 420 38.87 18.39 -24.47
C LEU B 420 40.01 18.68 -25.44
N PHE B 421 40.87 19.64 -25.10
CA PHE B 421 42.00 19.95 -25.97
C PHE B 421 43.06 18.87 -25.93
N LYS B 422 43.21 18.18 -24.80
CA LYS B 422 44.11 17.02 -24.76
C LYS B 422 43.60 15.91 -25.68
N LYS B 423 42.29 15.66 -25.65
CA LYS B 423 41.71 14.69 -26.58
C LYS B 423 41.92 15.12 -28.02
N LEU B 424 41.77 16.42 -28.29
CA LEU B 424 42.02 16.96 -29.62
C LEU B 424 43.46 16.74 -30.06
N THR B 425 44.41 17.02 -29.16
CA THR B 425 45.81 16.82 -29.50
C THR B 425 46.11 15.36 -29.80
N LYS B 426 45.54 14.45 -29.00
CA LYS B 426 45.73 13.02 -29.26
C LYS B 426 45.16 12.63 -30.62
N ASP B 427 43.94 13.09 -30.94
CA ASP B 427 43.32 12.73 -32.21
C ASP B 427 44.09 13.29 -33.40
N ILE B 428 44.52 14.55 -33.31
CA ILE B 428 45.23 15.15 -34.42
C ILE B 428 46.62 14.53 -34.57
N PHE B 429 47.24 14.13 -33.47
CA PHE B 429 48.52 13.42 -33.58
C PHE B 429 48.34 12.06 -34.24
N ARG B 430 47.26 11.36 -33.91
CA ARG B 430 46.97 10.09 -34.59
C ARG B 430 46.74 10.30 -36.08
N TYR B 431 45.99 11.35 -36.44
CA TYR B 431 45.76 11.65 -37.85
C TYR B 431 47.07 11.99 -38.56
N MET B 432 47.92 12.79 -37.92
CA MET B 432 49.20 13.15 -38.53
C MET B 432 50.09 11.93 -38.72
N GLN B 433 50.08 11.02 -37.74
CA GLN B 433 50.83 9.77 -37.89
C GLN B 433 50.28 8.93 -39.03
N ARG B 434 48.96 8.91 -39.19
CA ARG B 434 48.35 8.17 -40.28
C ARG B 434 48.70 8.78 -41.64
N THR B 435 48.82 10.10 -41.72
CA THR B 435 48.98 10.79 -43.00
C THR B 435 50.43 10.90 -43.46
N VAL B 436 51.37 10.26 -42.75
CA VAL B 436 52.78 10.34 -43.13
C VAL B 436 53.00 9.80 -44.54
N GLU B 437 52.15 8.86 -44.99
CA GLU B 437 52.31 8.29 -46.33
C GLU B 437 52.19 9.37 -47.41
N GLU B 438 51.11 10.15 -47.37
CA GLU B 438 50.92 11.22 -48.34
C GLU B 438 49.83 12.16 -47.84
N ALA B 439 49.95 13.43 -48.24
CA ALA B 439 48.95 14.47 -48.01
C ALA B 439 48.81 14.82 -46.53
N HIS B 440 48.46 16.09 -46.26
CA HIS B 440 48.19 16.52 -44.88
C HIS B 440 47.28 17.74 -44.95
N ASP B 441 45.99 17.54 -44.69
CA ASP B 441 45.00 18.61 -44.70
C ASP B 441 44.31 18.66 -43.35
N PHE B 442 44.27 19.85 -42.75
CA PHE B 442 43.62 20.05 -41.45
C PHE B 442 42.17 20.49 -41.56
N ASN B 443 41.67 20.73 -42.78
CA ASN B 443 40.29 21.18 -42.93
C ASN B 443 39.31 20.12 -42.47
N MET B 444 39.56 18.86 -42.81
CA MET B 444 38.67 17.76 -42.43
C MET B 444 39.12 17.07 -41.15
N LYS B 445 40.37 17.25 -40.74
CA LYS B 445 40.87 16.63 -39.51
C LYS B 445 40.28 17.26 -38.25
N LEU B 446 39.58 18.39 -38.37
CA LEU B 446 39.00 19.07 -37.23
C LEU B 446 37.48 19.01 -37.19
N ALA B 447 36.86 18.21 -38.07
CA ALA B 447 35.43 17.95 -37.94
C ALA B 447 35.14 17.23 -36.62
N ILE B 448 35.91 16.18 -36.34
CA ILE B 448 35.80 15.49 -35.06
C ILE B 448 36.20 16.43 -33.93
N ASN B 449 37.11 17.38 -34.19
CA ASN B 449 37.46 18.38 -33.20
C ASN B 449 36.24 19.19 -32.78
N ALA B 450 35.53 19.74 -33.77
CA ALA B 450 34.35 20.54 -33.49
C ALA B 450 33.29 19.69 -32.80
N LYS B 451 33.09 18.45 -33.28
CA LYS B 451 32.09 17.57 -32.68
C LYS B 451 32.40 17.31 -31.22
N THR B 452 33.65 16.97 -30.89
CA THR B 452 34.03 16.69 -29.52
C THR B 452 33.91 17.94 -28.65
N ILE B 453 34.38 19.08 -29.14
CA ILE B 453 34.35 20.31 -28.35
C ILE B 453 32.92 20.70 -28.02
N THR B 454 32.02 20.60 -29.01
CA THR B 454 30.62 20.92 -28.75
C THR B 454 29.97 19.89 -27.83
N SER B 455 30.19 18.60 -28.10
CA SER B 455 29.47 17.55 -27.39
C SER B 455 29.87 17.48 -25.93
N GLY B 456 31.17 17.56 -25.63
CA GLY B 456 31.59 17.48 -24.24
C GLY B 456 31.04 18.62 -23.40
N LEU B 457 31.15 19.85 -23.92
CA LEU B 457 30.63 21.01 -23.19
C LEU B 457 29.13 20.92 -23.02
N LYS B 458 28.40 20.53 -24.08
CA LYS B 458 26.95 20.43 -23.97
C LYS B 458 26.53 19.36 -22.97
N TYR B 459 27.19 18.20 -23.01
CA TYR B 459 26.87 17.13 -22.07
C TYR B 459 27.15 17.55 -20.64
N ALA B 460 28.29 18.19 -20.40
CA ALA B 460 28.62 18.62 -19.04
C ALA B 460 27.65 19.68 -18.54
N LEU B 461 27.26 20.62 -19.39
CA LEU B 461 26.36 21.68 -18.97
C LEU B 461 24.90 21.21 -18.88
N ALA B 462 24.56 20.10 -19.54
CA ALA B 462 23.19 19.59 -19.48
C ALA B 462 23.00 18.61 -18.33
N THR B 463 23.78 17.53 -18.31
CA THR B 463 23.61 16.51 -17.28
C THR B 463 24.14 16.96 -15.92
N GLY B 464 25.02 17.96 -15.90
CA GLY B 464 25.60 18.42 -14.65
C GLY B 464 26.79 17.61 -14.17
N ASN B 465 27.19 16.57 -14.89
CA ASN B 465 28.36 15.77 -14.55
C ASN B 465 29.57 16.39 -15.22
N TRP B 466 30.48 16.94 -14.41
CA TRP B 466 31.65 17.63 -14.94
C TRP B 466 32.67 16.60 -15.40
N GLY B 467 32.71 16.37 -16.70
CA GLY B 467 33.64 15.42 -17.27
C GLY B 467 33.18 14.99 -18.65
N GLU B 468 33.92 14.03 -19.20
CA GLU B 468 33.59 13.48 -20.52
C GLU B 468 32.38 12.55 -20.39
N GLN B 469 31.93 12.03 -21.54
CA GLN B 469 30.77 11.16 -21.55
C GLN B 469 31.03 9.89 -20.75
N LYS B 470 32.21 9.29 -20.90
CA LYS B 470 32.55 8.10 -20.13
C LYS B 470 33.06 8.49 -18.75
N LYS B 471 33.09 7.49 -17.86
CA LYS B 471 33.55 7.67 -16.48
C LYS B 471 32.73 8.74 -15.75
N ALA B 472 31.44 8.86 -16.09
CA ALA B 472 30.58 9.82 -15.43
C ALA B 472 30.27 9.42 -13.99
N MET B 473 30.37 8.12 -13.66
CA MET B 473 30.11 7.68 -12.30
C MET B 473 31.14 8.25 -11.33
N SER B 474 32.41 8.31 -11.74
CA SER B 474 33.48 8.82 -10.89
C SER B 474 33.57 10.34 -10.90
N SER B 475 32.78 11.02 -11.73
CA SER B 475 32.81 12.46 -11.79
C SER B 475 31.75 13.06 -10.85
N ARG B 476 31.94 14.34 -10.53
CA ARG B 476 31.01 15.03 -9.65
C ARG B 476 29.68 15.26 -10.35
N ALA B 477 28.62 15.36 -9.56
CA ALA B 477 27.28 15.58 -10.07
C ALA B 477 26.65 16.78 -9.37
N GLY B 478 25.69 17.41 -10.05
CA GLY B 478 25.03 18.58 -9.51
C GLY B 478 25.77 19.87 -9.71
N VAL B 479 26.85 19.89 -10.48
CA VAL B 479 27.58 21.12 -10.74
C VAL B 479 26.70 22.10 -11.53
N SER B 480 26.00 21.60 -12.54
CA SER B 480 25.09 22.40 -13.35
C SER B 480 23.65 22.04 -12.99
N GLN B 481 22.85 23.06 -12.71
CA GLN B 481 21.45 22.87 -12.36
C GLN B 481 20.58 23.84 -13.16
N VAL B 482 19.33 23.43 -13.39
CA VAL B 482 18.40 24.28 -14.11
C VAL B 482 18.05 25.49 -13.25
N LEU B 483 17.99 26.66 -13.88
CA LEU B 483 17.73 27.89 -13.15
C LEU B 483 16.32 27.89 -12.58
N ASN B 484 16.20 28.29 -11.31
CA ASN B 484 14.92 28.37 -10.63
C ASN B 484 14.30 29.73 -10.91
N ARG B 485 13.19 29.75 -11.63
CA ARG B 485 12.54 31.00 -12.04
C ARG B 485 11.12 31.10 -11.48
N TYR B 486 10.87 30.50 -10.31
CA TYR B 486 9.57 30.63 -9.68
C TYR B 486 9.34 32.05 -9.16
N THR B 487 10.38 32.66 -8.61
CA THR B 487 10.29 34.00 -8.05
C THR B 487 11.62 34.70 -8.27
N TYR B 488 11.57 36.03 -8.39
CA TYR B 488 12.79 36.80 -8.58
C TYR B 488 13.76 36.58 -7.43
N SER B 489 13.26 36.56 -6.19
CA SER B 489 14.13 36.28 -5.05
C SER B 489 14.71 34.86 -5.15
N SER B 490 13.91 33.90 -5.61
CA SER B 490 14.42 32.55 -5.77
C SER B 490 15.53 32.50 -6.80
N THR B 491 15.36 33.21 -7.92
CA THR B 491 16.41 33.26 -8.94
C THR B 491 17.68 33.90 -8.39
N LEU B 492 17.54 35.01 -7.65
CA LEU B 492 18.70 35.66 -7.08
C LEU B 492 19.43 34.76 -6.09
N SER B 493 18.67 34.03 -5.27
CA SER B 493 19.28 33.10 -4.33
C SER B 493 19.98 31.96 -5.06
N HIS B 494 19.37 31.44 -6.13
CA HIS B 494 19.98 30.34 -6.87
C HIS B 494 21.23 30.78 -7.60
N LEU B 495 21.31 32.04 -7.99
CA LEU B 495 22.48 32.53 -8.71
C LEU B 495 23.64 32.89 -7.79
N ARG B 496 23.47 32.76 -6.48
CA ARG B 496 24.52 33.04 -5.50
C ARG B 496 24.64 31.89 -4.51
N ARG B 497 24.65 30.66 -5.02
CA ARG B 497 24.65 29.46 -4.20
C ARG B 497 25.99 28.74 -4.31
N THR B 498 26.48 28.25 -3.18
CA THR B 498 27.71 27.49 -3.12
C THR B 498 27.45 26.13 -2.46
N ASN B 499 28.18 25.11 -2.91
CA ASN B 499 28.01 23.76 -2.41
C ASN B 499 29.37 23.13 -2.19
N THR B 500 29.52 22.46 -1.04
CA THR B 500 30.75 21.73 -0.73
C THR B 500 30.50 20.24 -0.83
N PRO B 501 31.15 19.53 -1.76
CA PRO B 501 30.91 18.08 -1.87
C PRO B 501 31.49 17.31 -0.71
N ILE B 502 30.63 16.79 0.16
CA ILE B 502 31.06 16.02 1.31
C ILE B 502 30.43 14.63 1.38
N GLY B 503 29.26 14.42 0.77
CA GLY B 503 28.61 13.13 0.81
C GLY B 503 27.23 13.17 1.44
N LYS B 507 26.52 12.37 8.78
CA LYS B 507 27.36 11.60 9.70
C LYS B 507 28.33 12.51 10.44
N LEU B 508 28.67 13.64 9.83
CA LEU B 508 29.58 14.62 10.40
C LEU B 508 28.82 15.91 10.69
N ALA B 509 28.96 16.42 11.91
CA ALA B 509 28.29 17.65 12.30
C ALA B 509 29.19 18.87 12.23
N LYS B 510 30.51 18.70 12.32
CA LYS B 510 31.41 19.85 12.28
C LYS B 510 31.33 20.61 10.96
N PRO B 511 31.42 19.99 9.78
CA PRO B 511 31.36 20.79 8.54
C PRO B 511 30.03 21.50 8.34
N ARG B 512 28.95 21.00 8.93
CA ARG B 512 27.65 21.64 8.78
C ARG B 512 27.45 22.80 9.73
N GLN B 513 28.28 22.94 10.75
CA GLN B 513 28.12 24.02 11.72
C GLN B 513 28.53 25.36 11.13
N LEU B 514 27.98 26.43 11.69
CA LEU B 514 28.30 27.78 11.26
C LEU B 514 29.56 28.24 11.98
N HIS B 515 30.67 28.29 11.26
CA HIS B 515 31.94 28.69 11.85
C HIS B 515 31.98 30.20 12.08
N ASN B 516 32.85 30.61 13.02
CA ASN B 516 33.00 32.03 13.32
C ASN B 516 33.63 32.80 12.18
N THR B 517 34.26 32.13 11.23
CA THR B 517 34.89 32.78 10.10
C THR B 517 33.92 33.09 8.96
N HIS B 518 32.65 32.74 9.12
CA HIS B 518 31.63 33.00 8.11
C HIS B 518 31.02 34.39 8.23
N TRP B 519 31.48 35.20 9.18
CA TRP B 519 30.91 36.52 9.39
C TRP B 519 31.12 37.40 8.17
N GLY B 520 30.03 37.82 7.54
CA GLY B 520 30.09 38.71 6.40
C GLY B 520 30.35 38.04 5.07
N LEU B 521 30.56 36.72 5.06
CA LEU B 521 30.84 35.99 3.82
C LEU B 521 29.66 35.14 3.36
N VAL B 522 29.13 34.28 4.24
CA VAL B 522 27.96 33.49 3.93
C VAL B 522 26.83 33.92 4.86
N CYS B 523 25.60 33.74 4.39
CA CYS B 523 24.44 34.21 5.13
C CYS B 523 24.06 33.19 6.22
N PRO B 524 24.03 33.59 7.48
CA PRO B 524 23.51 32.68 8.51
C PRO B 524 22.01 32.50 8.36
N ALA B 525 21.54 31.33 8.80
CA ALA B 525 20.11 30.98 8.75
C ALA B 525 19.57 31.08 7.34
N GLU B 526 20.30 30.48 6.40
CA GLU B 526 19.91 30.50 4.99
C GLU B 526 19.97 29.10 4.38
N THR B 527 20.80 28.24 4.96
CA THR B 527 20.99 26.91 4.41
C THR B 527 19.68 26.12 4.46
N PRO B 528 19.38 25.33 3.43
CA PRO B 528 18.13 24.56 3.44
C PRO B 528 18.12 23.51 4.53
N GLU B 529 16.93 23.26 5.07
CA GLU B 529 16.76 22.25 6.10
C GLU B 529 16.67 20.86 5.47
N GLY B 530 17.29 19.88 6.12
CA GLY B 530 17.29 18.53 5.62
C GLY B 530 18.67 17.89 5.63
N GLN B 531 18.95 17.03 4.65
CA GLN B 531 20.25 16.39 4.57
C GLN B 531 21.33 17.29 4.00
N ALA B 532 20.98 18.47 3.50
CA ALA B 532 21.94 19.44 2.98
C ALA B 532 22.16 20.60 3.94
N CYS B 533 21.69 20.50 5.18
CA CYS B 533 21.83 21.60 6.13
C CYS B 533 23.29 21.80 6.49
N GLY B 534 23.76 23.03 6.35
CA GLY B 534 25.14 23.37 6.64
C GLY B 534 26.12 23.08 5.52
N LEU B 535 25.67 22.50 4.42
CA LEU B 535 26.52 22.22 3.26
C LEU B 535 26.24 23.14 2.09
N VAL B 536 24.97 23.39 1.79
CA VAL B 536 24.59 24.33 0.73
C VAL B 536 24.53 25.71 1.36
N LYS B 537 25.46 26.58 0.97
CA LYS B 537 25.57 27.91 1.54
C LYS B 537 25.39 28.96 0.46
N ASN B 538 24.80 30.10 0.85
CA ASN B 538 24.57 31.21 -0.05
C ASN B 538 25.44 32.40 0.36
N LEU B 539 26.05 33.04 -0.63
CA LEU B 539 26.90 34.19 -0.36
C LEU B 539 26.08 35.35 0.19
N SER B 540 26.64 36.02 1.20
CA SER B 540 26.01 37.23 1.72
C SER B 540 26.11 38.36 0.71
N LEU B 541 25.26 39.37 0.89
CA LEU B 541 25.36 40.56 0.08
C LEU B 541 26.65 41.31 0.42
N MET B 542 27.13 42.10 -0.54
CA MET B 542 28.40 42.80 -0.43
C MET B 542 29.56 41.81 -0.21
N SER B 543 29.51 40.68 -0.90
CA SER B 543 30.57 39.69 -0.85
C SER B 543 30.97 39.32 -2.27
N CYS B 544 32.27 39.34 -2.54
CA CYS B 544 32.80 39.06 -3.87
C CYS B 544 33.83 37.94 -3.77
N ILE B 545 34.23 37.42 -4.93
CA ILE B 545 35.21 36.34 -5.02
C ILE B 545 36.28 36.76 -6.00
N SER B 546 37.55 36.60 -5.60
CA SER B 546 38.67 37.01 -6.43
C SER B 546 38.77 36.15 -7.69
N VAL B 547 39.33 36.74 -8.74
CA VAL B 547 39.48 36.03 -10.01
C VAL B 547 40.91 35.54 -10.24
N GLY B 548 41.89 36.07 -9.55
CA GLY B 548 43.27 35.63 -9.68
C GLY B 548 44.14 36.67 -10.34
N THR B 549 45.38 36.76 -9.88
CA THR B 549 46.34 37.71 -10.43
C THR B 549 47.74 37.12 -10.35
N ASP B 550 48.56 37.38 -11.36
CA ASP B 550 49.92 36.89 -11.35
C ASP B 550 50.73 37.58 -10.24
N PRO B 551 51.53 36.83 -9.48
CA PRO B 551 52.30 37.43 -8.39
C PRO B 551 53.68 37.96 -8.77
N MET B 552 54.04 37.93 -10.04
CA MET B 552 55.37 38.41 -10.46
C MET B 552 55.61 39.87 -10.12
N PRO B 553 54.68 40.81 -10.38
CA PRO B 553 54.93 42.19 -9.94
C PRO B 553 55.15 42.31 -8.44
N ILE B 554 54.42 41.53 -7.64
CA ILE B 554 54.60 41.58 -6.20
C ILE B 554 55.98 41.05 -5.82
N ILE B 555 56.44 39.99 -6.48
CA ILE B 555 57.78 39.47 -6.20
C ILE B 555 58.84 40.50 -6.56
N THR B 556 58.69 41.17 -7.70
CA THR B 556 59.64 42.21 -8.08
C THR B 556 59.63 43.36 -7.08
N PHE B 557 58.43 43.75 -6.60
CA PHE B 557 58.35 44.81 -5.60
C PHE B 557 59.05 44.40 -4.31
N LEU B 558 58.85 43.15 -3.88
CA LEU B 558 59.51 42.67 -2.68
C LEU B 558 61.03 42.66 -2.84
N SER B 559 61.52 42.20 -3.99
CA SER B 559 62.95 42.16 -4.22
C SER B 559 63.55 43.57 -4.27
N GLU B 560 62.86 44.51 -4.93
CA GLU B 560 63.39 45.85 -5.08
C GLU B 560 63.48 46.57 -3.73
N TRP B 561 62.47 46.41 -2.87
CA TRP B 561 62.41 47.14 -1.61
C TRP B 561 63.40 46.61 -0.59
N GLY B 562 64.08 45.49 -0.86
CA GLY B 562 65.03 44.93 0.08
C GLY B 562 64.52 43.66 0.71
N MET B 563 65.00 42.51 0.23
CA MET B 563 64.48 41.23 0.69
C MET B 563 65.53 40.17 0.39
N GLU B 564 66.05 39.54 1.45
CA GLU B 564 67.13 38.57 1.28
C GLU B 564 66.61 37.31 0.60
N PRO B 565 67.24 36.86 -0.48
CA PRO B 565 66.81 35.61 -1.12
C PRO B 565 67.03 34.41 -0.21
N LEU B 566 66.18 33.39 -0.38
CA LEU B 566 66.27 32.19 0.44
C LEU B 566 67.54 31.40 0.17
N GLU B 567 68.19 31.61 -0.97
CA GLU B 567 69.39 30.83 -1.30
C GLU B 567 70.53 31.13 -0.33
N ASP B 568 70.73 32.40 0.01
CA ASP B 568 71.83 32.81 0.88
C ASP B 568 71.39 33.00 2.33
N TYR B 569 70.13 32.72 2.65
CA TYR B 569 69.65 32.91 4.01
C TYR B 569 70.14 31.78 4.91
N VAL B 570 70.65 32.14 6.08
CA VAL B 570 71.08 31.19 7.09
C VAL B 570 70.32 31.50 8.38
N PRO B 571 69.71 30.50 9.04
CA PRO B 571 69.00 30.79 10.29
C PRO B 571 69.87 31.36 11.38
N HIS B 572 71.15 31.00 11.42
CA HIS B 572 72.05 31.57 12.41
C HIS B 572 72.30 33.05 12.11
N GLN B 573 72.77 33.76 13.14
CA GLN B 573 73.06 35.20 13.08
C GLN B 573 71.90 36.00 12.48
N SER B 574 70.69 35.46 12.57
CA SER B 574 69.50 36.11 12.06
C SER B 574 68.26 35.54 12.73
N PRO B 575 68.04 35.80 14.01
CA PRO B 575 66.87 35.24 14.69
C PRO B 575 65.63 36.10 14.53
N ASP B 576 65.81 37.36 14.15
CA ASP B 576 64.71 38.31 13.99
C ASP B 576 64.16 38.32 12.56
N ALA B 577 64.71 37.52 11.66
CA ALA B 577 64.21 37.50 10.30
C ALA B 577 62.83 36.88 10.23
N THR B 578 61.96 37.48 9.43
CA THR B 578 60.59 37.01 9.25
C THR B 578 60.44 36.42 7.84
N ARG B 579 59.93 35.20 7.77
CA ARG B 579 59.75 34.54 6.49
C ARG B 579 58.66 35.23 5.68
N VAL B 580 58.86 35.30 4.36
CA VAL B 580 57.91 35.93 3.45
C VAL B 580 57.37 34.85 2.52
N PHE B 581 56.04 34.71 2.50
CA PHE B 581 55.37 33.71 1.69
C PHE B 581 54.50 34.40 0.66
N VAL B 582 54.62 33.99 -0.60
CA VAL B 582 53.80 34.50 -1.69
C VAL B 582 53.10 33.31 -2.34
N ASN B 583 51.78 33.29 -2.28
CA ASN B 583 50.97 32.19 -2.82
C ASN B 583 51.40 30.85 -2.23
N GLY B 584 51.72 30.85 -0.95
CA GLY B 584 52.14 29.63 -0.28
C GLY B 584 53.54 29.18 -0.59
N VAL B 585 54.37 30.01 -1.21
CA VAL B 585 55.73 29.66 -1.59
C VAL B 585 56.68 30.54 -0.81
N TRP B 586 57.61 29.92 -0.09
CA TRP B 586 58.63 30.66 0.65
C TRP B 586 59.67 31.20 -0.32
N HIS B 587 59.83 32.53 -0.33
CA HIS B 587 60.76 33.18 -1.25
C HIS B 587 61.99 33.76 -0.58
N GLY B 588 61.91 34.09 0.71
CA GLY B 588 63.06 34.63 1.41
C GLY B 588 62.68 35.10 2.79
N VAL B 589 63.52 35.97 3.35
CA VAL B 589 63.31 36.50 4.69
C VAL B 589 63.47 38.01 4.64
N HIS B 590 62.87 38.69 5.61
CA HIS B 590 62.97 40.14 5.74
C HIS B 590 63.35 40.49 7.17
N ARG B 591 64.29 41.43 7.29
CA ARG B 591 64.74 41.91 8.59
C ARG B 591 63.89 43.02 9.17
N ASN B 592 63.13 43.74 8.33
CA ASN B 592 62.33 44.90 8.74
C ASN B 592 60.89 44.71 8.24
N PRO B 593 60.12 43.82 8.87
CA PRO B 593 58.78 43.50 8.36
C PRO B 593 57.80 44.66 8.38
N ALA B 594 57.85 45.54 9.38
CA ALA B 594 56.82 46.57 9.56
C ALA B 594 56.81 47.58 8.41
N ARG B 595 57.99 48.06 8.02
CA ARG B 595 58.09 48.99 6.90
C ARG B 595 57.67 48.33 5.58
N LEU B 596 58.03 47.06 5.38
CA LEU B 596 57.57 46.36 4.18
C LEU B 596 56.05 46.26 4.16
N MET B 597 55.46 45.94 5.31
CA MET B 597 54.01 45.83 5.41
C MET B 597 53.34 47.17 5.11
N GLU B 598 53.89 48.25 5.66
CA GLU B 598 53.34 49.58 5.43
C GLU B 598 53.43 49.95 3.95
N THR B 599 54.57 49.66 3.32
CA THR B 599 54.74 49.98 1.91
C THR B 599 53.76 49.18 1.05
N LEU B 600 53.59 47.89 1.35
CA LEU B 600 52.66 47.07 0.58
C LEU B 600 51.23 47.57 0.74
N ARG B 601 50.84 47.94 1.97
CA ARG B 601 49.49 48.44 2.20
C ARG B 601 49.27 49.76 1.47
N THR B 602 50.27 50.65 1.48
CA THR B 602 50.15 51.91 0.78
C THR B 602 50.03 51.69 -0.73
N LEU B 603 50.81 50.75 -1.26
CA LEU B 603 50.72 50.45 -2.69
C LEU B 603 49.36 49.87 -3.05
N ARG B 604 48.83 48.99 -2.21
CA ARG B 604 47.51 48.42 -2.48
C ARG B 604 46.42 49.48 -2.42
N ARG B 605 46.52 50.40 -1.44
CA ARG B 605 45.51 51.45 -1.32
C ARG B 605 45.61 52.48 -2.45
N LYS B 606 46.75 52.56 -3.13
CA LYS B 606 46.94 53.53 -4.20
C LYS B 606 46.59 52.96 -5.58
N GLY B 607 46.20 51.69 -5.66
CA GLY B 607 45.86 51.06 -6.91
C GLY B 607 47.01 50.42 -7.65
N ASP B 608 48.24 50.57 -7.17
CA ASP B 608 49.38 49.94 -7.81
C ASP B 608 49.27 48.42 -7.75
N ILE B 609 48.85 47.88 -6.61
CA ILE B 609 48.61 46.46 -6.44
C ILE B 609 47.10 46.22 -6.51
N ASN B 610 46.72 45.09 -7.08
CA ASN B 610 45.30 44.78 -7.23
C ASN B 610 44.65 44.67 -5.86
N PRO B 611 43.49 45.30 -5.65
CA PRO B 611 42.84 45.24 -4.33
C PRO B 611 42.45 43.84 -3.90
N GLU B 612 42.27 42.91 -4.84
CA GLU B 612 41.91 41.54 -4.48
C GLU B 612 43.04 40.80 -3.78
N VAL B 613 44.26 41.31 -3.85
CA VAL B 613 45.40 40.66 -3.21
C VAL B 613 45.33 40.89 -1.70
N SER B 614 45.47 39.81 -0.93
CA SER B 614 45.41 39.88 0.52
C SER B 614 46.80 39.66 1.10
N MET B 615 47.22 40.56 1.98
CA MET B 615 48.51 40.47 2.66
C MET B 615 48.27 40.37 4.16
N ILE B 616 48.85 39.34 4.79
CA ILE B 616 48.68 39.08 6.21
C ILE B 616 50.06 39.01 6.85
N ARG B 617 50.22 39.70 7.98
CA ARG B 617 51.46 39.67 8.75
C ARG B 617 51.18 39.08 10.13
N ASP B 618 51.98 38.09 10.53
CA ASP B 618 51.86 37.46 11.83
C ASP B 618 52.97 38.00 12.73
N ILE B 619 52.58 38.74 13.76
CA ILE B 619 53.57 39.36 14.65
C ILE B 619 54.33 38.29 15.43
N ARG B 620 53.60 37.36 16.05
CA ARG B 620 54.24 36.37 16.91
C ARG B 620 54.94 35.28 16.10
N GLU B 621 54.31 34.81 15.03
CA GLU B 621 54.90 33.76 14.21
C GLU B 621 56.00 34.26 13.29
N LYS B 622 56.18 35.58 13.16
CA LYS B 622 57.20 36.16 12.29
C LYS B 622 57.05 35.66 10.85
N GLU B 623 55.83 35.70 10.35
CA GLU B 623 55.52 35.26 8.99
C GLU B 623 54.71 36.32 8.27
N LEU B 624 55.04 36.54 7.00
CA LEU B 624 54.30 37.46 6.14
C LEU B 624 53.80 36.67 4.93
N LYS B 625 52.48 36.62 4.76
CA LYS B 625 51.85 35.84 3.70
C LYS B 625 51.10 36.75 2.75
N ILE B 626 51.31 36.54 1.45
CA ILE B 626 50.63 37.29 0.40
C ILE B 626 49.96 36.28 -0.52
N PHE B 627 48.66 36.48 -0.78
CA PHE B 627 47.89 35.58 -1.63
C PHE B 627 47.33 36.35 -2.81
N THR B 628 47.57 35.83 -4.02
CA THR B 628 47.07 36.43 -5.25
C THR B 628 46.27 35.45 -6.08
N ASP B 629 45.90 34.30 -5.53
CA ASP B 629 45.21 33.26 -6.28
C ASP B 629 43.72 33.60 -6.37
N ALA B 630 42.94 32.67 -6.92
CA ALA B 630 41.51 32.85 -7.11
C ALA B 630 40.74 31.99 -6.11
N GLY B 631 39.44 32.26 -6.00
CA GLY B 631 38.56 31.53 -5.12
C GLY B 631 38.42 32.10 -3.72
N ARG B 632 39.22 33.10 -3.36
CA ARG B 632 39.11 33.71 -2.05
C ARG B 632 37.88 34.62 -2.00
N VAL B 633 37.25 34.66 -0.82
CA VAL B 633 36.04 35.43 -0.58
C VAL B 633 36.41 36.64 0.28
N TYR B 634 36.03 37.83 -0.18
CA TYR B 634 36.37 39.06 0.50
C TYR B 634 35.15 39.99 0.51
N ARG B 635 35.14 40.90 1.48
CA ARG B 635 34.09 41.89 1.61
C ARG B 635 34.69 43.27 1.83
N PRO B 636 34.03 44.32 1.34
CA PRO B 636 34.55 45.68 1.56
C PRO B 636 34.40 46.10 3.01
N LEU B 637 35.31 46.98 3.43
CA LEU B 637 35.30 47.50 4.79
C LEU B 637 35.81 48.93 4.78
N PHE B 638 35.33 49.73 5.74
CA PHE B 638 35.84 51.07 5.91
C PHE B 638 37.24 51.03 6.49
N ILE B 639 37.98 52.13 6.31
CA ILE B 639 39.35 52.24 6.76
C ILE B 639 39.44 53.34 7.81
N VAL B 640 40.01 53.01 8.97
CA VAL B 640 40.16 53.95 10.08
C VAL B 640 41.62 54.35 10.16
N GLU B 641 41.87 55.65 10.20
CA GLU B 641 43.22 56.19 10.29
C GLU B 641 43.27 57.25 11.38
N ASP B 642 44.46 57.45 11.93
CA ASP B 642 44.64 58.44 12.98
C ASP B 642 44.56 59.85 12.40
N ASP B 643 43.74 60.70 13.02
CA ASP B 643 43.56 62.08 12.59
C ASP B 643 44.11 62.98 13.69
N GLU B 644 45.27 63.59 13.42
CA GLU B 644 45.89 64.48 14.39
C GLU B 644 45.10 65.76 14.59
N SER B 645 44.31 66.18 13.60
CA SER B 645 43.50 67.39 13.75
C SER B 645 42.43 67.20 14.83
N LEU B 646 41.77 66.04 14.85
CA LEU B 646 40.76 65.75 15.85
C LEU B 646 41.31 65.07 17.09
N GLY B 647 42.57 64.66 17.08
CA GLY B 647 43.19 64.05 18.23
C GLY B 647 42.78 62.61 18.50
N HIS B 648 42.05 61.98 17.59
CA HIS B 648 41.63 60.60 17.78
C HIS B 648 41.38 59.97 16.42
N LYS B 649 41.29 58.64 16.41
CA LYS B 649 41.07 57.91 15.17
C LYS B 649 39.70 58.25 14.59
N GLU B 650 39.65 58.39 13.27
CA GLU B 650 38.42 58.73 12.58
C GLU B 650 38.42 58.06 11.20
N LEU B 651 37.22 57.89 10.65
CA LEU B 651 37.09 57.28 9.34
C LEU B 651 37.72 58.16 8.27
N LYS B 652 38.35 57.52 7.29
CA LYS B 652 38.99 58.25 6.20
C LYS B 652 37.98 58.88 5.26
N VAL B 653 36.72 58.46 5.31
CA VAL B 653 35.66 58.99 4.44
C VAL B 653 34.90 60.06 5.22
N ARG B 654 34.69 61.21 4.58
CA ARG B 654 34.02 62.34 5.20
C ARG B 654 32.74 62.66 4.42
N LYS B 655 32.10 63.77 4.80
CA LYS B 655 30.83 64.15 4.18
C LYS B 655 30.98 64.58 2.74
N GLY B 656 32.17 65.05 2.33
CA GLY B 656 32.36 65.45 0.95
C GLY B 656 32.22 64.30 -0.02
N HIS B 657 32.80 63.15 0.32
CA HIS B 657 32.67 61.98 -0.54
C HIS B 657 31.22 61.51 -0.63
N ILE B 658 30.49 61.56 0.49
CA ILE B 658 29.09 61.19 0.48
C ILE B 658 28.29 62.14 -0.41
N ALA B 659 28.58 63.44 -0.32
CA ALA B 659 27.89 64.41 -1.16
C ALA B 659 28.19 64.18 -2.63
N LYS B 660 29.45 63.88 -2.96
CA LYS B 660 29.80 63.59 -4.35
C LYS B 660 29.09 62.35 -4.86
N LEU B 661 29.05 61.30 -4.03
CA LEU B 661 28.35 60.07 -4.43
C LEU B 661 26.87 60.32 -4.65
N MET B 662 26.23 61.07 -3.75
CA MET B 662 24.81 61.36 -3.92
C MET B 662 24.58 62.20 -5.18
N ALA B 663 25.46 63.17 -5.43
CA ALA B 663 25.31 64.01 -6.61
C ALA B 663 25.44 63.19 -7.89
N THR B 664 26.42 62.29 -7.94
CA THR B 664 26.57 61.45 -9.13
C THR B 664 25.48 60.39 -9.24
N GLU B 665 24.85 60.03 -8.12
CA GLU B 665 23.71 59.11 -8.19
C GLU B 665 22.46 59.80 -8.70
N TYR B 666 22.26 61.07 -8.33
CA TYR B 666 21.13 61.83 -8.82
C TYR B 666 21.34 62.41 -10.21
N GLN B 667 22.59 62.43 -10.70
CA GLN B 667 22.88 63.05 -11.98
C GLN B 667 22.45 62.17 -13.16
N ASP B 668 22.62 60.85 -13.03
CA ASP B 668 22.38 59.97 -14.17
C ASP B 668 20.90 59.94 -14.56
N ILE B 669 20.00 60.13 -13.60
CA ILE B 669 18.57 60.10 -13.90
C ILE B 669 18.20 61.26 -14.83
N GLU B 670 18.68 62.46 -14.52
CA GLU B 670 18.37 63.65 -15.29
C GLU B 670 19.48 64.07 -16.24
N GLY B 671 20.56 63.29 -16.32
CA GLY B 671 21.67 63.68 -17.18
C GLY B 671 22.39 64.90 -16.64
N GLY B 672 23.07 65.59 -17.55
CA GLY B 672 23.79 66.80 -17.20
C GLY B 672 25.15 66.81 -17.85
N PHE B 673 26.01 67.70 -17.35
CA PHE B 673 27.36 67.86 -17.88
C PHE B 673 28.30 66.84 -17.21
N GLU B 674 29.60 67.04 -17.38
CA GLU B 674 30.58 66.08 -16.89
C GLU B 674 30.50 65.92 -15.37
N ASP B 675 30.16 66.99 -14.65
CA ASP B 675 29.97 66.97 -13.19
C ASP B 675 31.30 66.61 -12.54
N VAL B 676 31.38 65.54 -11.75
CA VAL B 676 32.59 65.22 -11.00
C VAL B 676 33.26 63.99 -11.62
N GLU B 677 33.00 63.80 -12.92
CA GLU B 677 33.58 62.68 -13.68
C GLU B 677 33.15 61.33 -13.11
N GLU B 678 31.89 61.27 -12.65
CA GLU B 678 31.26 60.02 -12.20
C GLU B 678 32.06 59.38 -11.07
N TYR B 679 32.08 60.08 -9.93
CA TYR B 679 32.72 59.57 -8.72
C TYR B 679 32.02 58.28 -8.28
N THR B 680 32.69 57.15 -8.41
CA THR B 680 32.05 55.85 -8.20
C THR B 680 32.80 54.99 -7.20
N TRP B 681 32.41 53.72 -7.10
CA TRP B 681 33.06 52.79 -6.17
C TRP B 681 34.54 52.62 -6.52
N SER B 682 34.87 52.64 -7.81
CA SER B 682 36.27 52.55 -8.20
C SER B 682 37.06 53.74 -7.68
N SER B 683 36.47 54.93 -7.71
CA SER B 683 37.14 56.10 -7.16
C SER B 683 37.35 55.95 -5.65
N LEU B 684 36.37 55.38 -4.96
CA LEU B 684 36.54 55.13 -3.52
C LEU B 684 37.67 54.16 -3.26
N LEU B 685 37.77 53.10 -4.05
CA LEU B 685 38.85 52.14 -3.89
C LEU B 685 40.20 52.78 -4.18
N ASN B 686 40.28 53.59 -5.23
CA ASN B 686 41.55 54.24 -5.59
C ASN B 686 41.98 55.24 -4.53
N GLU B 687 41.04 55.99 -3.96
CA GLU B 687 41.37 56.98 -2.95
C GLU B 687 41.80 56.36 -1.62
N GLY B 688 41.63 55.05 -1.45
CA GLY B 688 42.01 54.40 -0.22
C GLY B 688 41.01 54.48 0.90
N LEU B 689 39.79 54.94 0.62
CA LEU B 689 38.77 55.01 1.67
C LEU B 689 38.18 53.65 2.00
N VAL B 690 38.05 52.77 1.02
CA VAL B 690 37.47 51.44 1.19
C VAL B 690 38.44 50.41 0.63
N GLU B 691 38.67 49.34 1.38
CA GLU B 691 39.57 48.26 0.95
C GLU B 691 38.88 46.91 1.17
N TYR B 692 39.35 45.92 0.41
CA TYR B 692 38.80 44.58 0.47
C TYR B 692 39.56 43.75 1.51
N ILE B 693 38.82 43.05 2.37
CA ILE B 693 39.39 42.20 3.40
C ILE B 693 38.77 40.81 3.27
N ASP B 694 39.62 39.80 3.18
CA ASP B 694 39.18 38.42 3.11
C ASP B 694 39.22 37.79 4.50
N ALA B 695 38.96 36.47 4.56
CA ALA B 695 38.93 35.79 5.84
C ALA B 695 40.32 35.76 6.49
N GLU B 696 41.37 35.55 5.68
CA GLU B 696 42.72 35.48 6.23
C GLU B 696 43.15 36.82 6.84
N GLU B 697 42.85 37.92 6.16
CA GLU B 697 43.24 39.23 6.67
C GLU B 697 42.43 39.64 7.90
N GLU B 698 41.25 39.07 8.09
CA GLU B 698 40.43 39.37 9.27
C GLU B 698 41.06 38.87 10.56
N GLU B 699 42.08 38.01 10.48
CA GLU B 699 42.70 37.44 11.66
C GLU B 699 43.60 38.43 12.40
N SER B 700 43.95 39.55 11.79
CA SER B 700 44.91 40.48 12.39
C SER B 700 44.41 41.92 12.30
N ILE B 701 43.11 42.13 12.29
CA ILE B 701 42.53 43.47 12.23
C ILE B 701 41.46 43.60 13.31
N LEU B 702 41.19 44.84 13.68
CA LEU B 702 40.13 45.17 14.62
C LEU B 702 39.07 45.99 13.90
N ILE B 703 37.81 45.55 14.00
CA ILE B 703 36.71 46.14 13.24
C ILE B 703 35.71 46.73 14.22
N ALA B 704 35.30 47.96 13.97
CA ALA B 704 34.25 48.61 14.75
C ALA B 704 32.89 48.28 14.15
N MET B 705 31.93 47.98 15.03
CA MET B 705 30.60 47.60 14.56
C MET B 705 29.91 48.74 13.83
N GLN B 706 29.99 49.95 14.38
CA GLN B 706 29.35 51.12 13.80
C GLN B 706 30.31 52.30 13.89
N PRO B 707 30.15 53.30 13.01
CA PRO B 707 31.02 54.48 13.09
C PRO B 707 30.85 55.26 14.38
N GLU B 708 29.75 55.08 15.10
CA GLU B 708 29.56 55.77 16.38
C GLU B 708 30.55 55.30 17.43
N ASP B 709 31.21 54.17 17.23
CA ASP B 709 32.24 53.69 18.15
C ASP B 709 33.56 54.41 17.97
N LEU B 710 33.71 55.22 16.92
CA LEU B 710 34.92 55.96 16.66
C LEU B 710 34.96 57.31 17.38
N GLU B 711 34.17 57.46 18.45
CA GLU B 711 34.17 58.67 19.24
C GLU B 711 35.49 58.76 20.02
N PRO B 712 35.72 59.87 20.74
CA PRO B 712 36.91 59.94 21.59
C PRO B 712 36.94 58.79 22.60
N ALA B 713 38.15 58.31 22.89
CA ALA B 713 38.31 57.10 23.70
C ALA B 713 37.68 57.26 25.07
N GLU B 714 37.83 58.44 25.69
CA GLU B 714 37.22 58.67 26.99
C GLU B 714 35.69 58.58 26.90
N ALA B 715 35.11 59.22 25.88
CA ALA B 715 33.68 59.18 25.63
C ALA B 715 32.89 59.58 26.88
N ASN B 716 33.36 60.62 27.56
CA ASN B 716 32.77 61.10 28.82
C ASN B 716 32.73 59.97 29.85
N GLU B 717 33.91 59.42 30.13
CA GLU B 717 34.02 58.33 31.10
C GLU B 717 33.70 58.82 32.51
N GLU B 718 33.17 57.91 33.32
CA GLU B 718 32.78 58.20 34.70
C GLU B 718 31.74 59.32 34.78
N ASN B 719 30.92 59.44 33.75
CA ASN B 719 29.85 60.45 33.69
C ASN B 719 28.54 59.74 33.42
N ASP B 720 27.67 59.70 34.43
CA ASP B 720 26.38 59.04 34.28
C ASP B 720 25.49 59.81 33.32
N LEU B 721 24.87 59.10 32.39
CA LEU B 721 23.98 59.70 31.39
C LEU B 721 22.70 58.90 31.30
N ASP B 722 21.62 59.59 30.95
CA ASP B 722 20.31 58.95 30.82
C ASP B 722 20.14 58.37 29.42
N VAL B 723 19.60 57.17 29.36
CA VAL B 723 19.37 56.46 28.10
C VAL B 723 17.93 55.95 28.07
N ASP B 724 17.47 55.64 26.88
CA ASP B 724 16.10 55.14 26.70
C ASP B 724 16.00 53.73 27.28
N PRO B 725 15.13 53.49 28.25
CA PRO B 725 15.01 52.13 28.80
C PRO B 725 14.46 51.11 27.82
N ALA B 726 13.81 51.55 26.74
CA ALA B 726 13.23 50.64 25.76
C ALA B 726 14.15 50.35 24.59
N LYS B 727 15.36 50.89 24.60
CA LYS B 727 16.31 50.67 23.52
C LYS B 727 17.27 49.53 23.87
N ARG B 728 17.95 49.02 22.85
CA ARG B 728 18.92 47.96 23.05
C ARG B 728 20.09 48.46 23.89
N ILE B 729 20.51 47.66 24.86
CA ILE B 729 21.68 47.96 25.68
C ILE B 729 22.88 47.27 25.06
N ARG B 730 23.92 48.05 24.75
CA ARG B 730 25.09 47.55 24.06
C ARG B 730 26.35 47.97 24.81
N VAL B 731 27.41 47.19 24.60
CA VAL B 731 28.73 47.48 25.15
C VAL B 731 29.72 47.54 24.01
N SER B 732 30.45 48.65 23.92
CA SER B 732 31.40 48.87 22.84
C SER B 732 32.40 49.93 23.30
N HIS B 733 33.21 50.41 22.36
CA HIS B 733 34.22 51.45 22.62
C HIS B 733 35.22 51.03 23.70
N HIS B 734 35.49 49.73 23.78
CA HIS B 734 36.45 49.21 24.75
C HIS B 734 37.88 49.20 24.24
N ALA B 735 38.09 49.49 22.95
CA ALA B 735 39.43 49.49 22.36
C ALA B 735 39.64 50.79 21.59
N THR B 736 40.88 51.29 21.63
CA THR B 736 41.25 52.52 20.94
C THR B 736 42.16 52.26 19.75
N THR B 737 42.32 51.02 19.33
CA THR B 737 43.21 50.65 18.23
C THR B 737 42.43 50.09 17.04
N PHE B 738 41.28 50.70 16.75
CA PHE B 738 40.47 50.25 15.62
C PHE B 738 41.18 50.54 14.31
N THR B 739 41.13 49.58 13.39
CA THR B 739 41.73 49.73 12.07
C THR B 739 40.71 49.71 10.93
N HIS B 740 39.51 49.20 11.17
CA HIS B 740 38.48 49.13 10.15
C HIS B 740 37.12 49.30 10.79
N CYS B 741 36.14 49.65 9.97
CA CYS B 741 34.76 49.81 10.43
C CYS B 741 33.82 49.12 9.45
N GLU B 742 32.79 48.47 9.98
CA GLU B 742 31.79 47.83 9.14
C GLU B 742 30.97 48.88 8.40
N ILE B 743 30.71 48.61 7.12
CA ILE B 743 29.85 49.52 6.34
C ILE B 743 28.44 49.52 6.92
N HIS B 744 27.90 48.33 7.20
CA HIS B 744 26.62 48.19 7.87
C HIS B 744 26.48 46.78 8.42
N PRO B 745 26.11 46.63 9.70
CA PRO B 745 25.97 45.28 10.25
C PRO B 745 24.91 44.43 9.56
N SER B 746 23.85 45.05 9.05
CA SER B 746 22.79 44.31 8.37
C SER B 746 23.21 43.79 7.02
N MET B 747 24.39 44.19 6.53
CA MET B 747 24.84 43.77 5.20
C MET B 747 25.27 42.30 5.16
N ILE B 748 25.35 41.64 6.32
CA ILE B 748 25.83 40.25 6.39
C ILE B 748 24.76 39.23 6.00
N LEU B 749 23.53 39.66 5.76
CA LEU B 749 22.45 38.75 5.41
C LEU B 749 22.44 38.48 3.92
N GLY B 750 21.79 37.37 3.55
CA GLY B 750 21.67 36.97 2.16
C GLY B 750 20.46 37.58 1.49
N VAL B 751 20.22 37.13 0.25
CA VAL B 751 19.10 37.65 -0.53
C VAL B 751 17.77 37.28 0.13
N ALA B 752 17.62 36.02 0.53
CA ALA B 752 16.37 35.59 1.15
C ALA B 752 16.18 36.21 2.52
N ALA B 753 17.26 36.33 3.30
CA ALA B 753 17.15 36.88 4.64
C ALA B 753 16.97 38.39 4.66
N SER B 754 17.23 39.07 3.55
CA SER B 754 17.06 40.52 3.50
C SER B 754 15.61 40.96 3.40
N ILE B 755 14.68 40.04 3.19
CA ILE B 755 13.27 40.39 3.10
C ILE B 755 12.56 40.33 4.45
N ILE B 756 13.12 39.60 5.42
CA ILE B 756 12.49 39.44 6.73
C ILE B 756 12.50 40.77 7.47
N PRO B 757 11.35 41.26 7.93
CA PRO B 757 11.33 42.48 8.74
C PRO B 757 11.68 42.16 10.19
N PHE B 758 12.58 42.96 10.75
CA PHE B 758 13.08 42.77 12.11
C PHE B 758 13.57 41.35 12.35
N PRO B 759 14.58 40.88 11.60
CA PRO B 759 15.10 39.52 11.84
C PRO B 759 15.77 39.36 13.19
N ASP B 760 16.17 40.44 13.84
CA ASP B 760 16.84 40.35 15.14
C ASP B 760 15.86 40.12 16.29
N HIS B 761 14.55 40.18 16.04
CA HIS B 761 13.56 39.92 17.07
C HIS B 761 12.97 38.52 16.98
N ASN B 762 13.56 37.65 16.15
CA ASN B 762 13.06 36.30 15.94
C ASN B 762 14.13 35.26 16.23
N GLN B 763 13.67 34.06 16.53
CA GLN B 763 14.57 32.94 16.73
C GLN B 763 15.23 32.53 15.41
N SER B 764 16.45 32.02 15.51
CA SER B 764 17.17 31.61 14.31
C SER B 764 16.45 30.55 13.48
N PRO B 765 15.86 29.50 14.05
CA PRO B 765 15.12 28.55 13.20
C PRO B 765 13.98 29.19 12.43
N ARG B 766 13.31 30.18 13.01
CA ARG B 766 12.26 30.88 12.29
C ARG B 766 12.81 31.62 11.08
N ASN B 767 13.96 32.28 11.25
CA ASN B 767 14.60 32.96 10.14
C ASN B 767 15.01 31.98 9.06
N THR B 768 15.55 30.82 9.46
CA THR B 768 15.93 29.81 8.47
C THR B 768 14.72 29.30 7.70
N TYR B 769 13.61 29.04 8.40
CA TYR B 769 12.40 28.58 7.74
C TYR B 769 11.87 29.64 6.77
N GLN B 770 11.87 30.90 7.20
CA GLN B 770 11.39 31.96 6.31
C GLN B 770 12.27 32.10 5.07
N SER B 771 13.59 32.02 5.26
CA SER B 771 14.50 32.09 4.13
C SER B 771 14.28 30.94 3.16
N ALA B 772 14.08 29.73 3.69
CA ALA B 772 13.83 28.58 2.82
C ALA B 772 12.50 28.71 2.08
N MET B 773 11.46 29.19 2.77
CA MET B 773 10.13 29.27 2.20
C MET B 773 9.91 30.51 1.32
N GLY B 774 10.81 31.48 1.37
CA GLY B 774 10.66 32.64 0.52
C GLY B 774 10.80 32.32 -0.96
N LYS B 775 11.64 31.34 -1.30
CA LYS B 775 11.83 30.95 -2.69
C LYS B 775 10.59 30.29 -3.27
N GLN B 776 9.70 29.77 -2.43
CA GLN B 776 8.45 29.15 -2.89
C GLN B 776 7.30 30.13 -2.93
N ALA B 777 7.52 31.40 -2.57
CA ALA B 777 6.47 32.40 -2.64
C ALA B 777 6.10 32.66 -4.10
N MET B 778 4.82 32.94 -4.33
CA MET B 778 4.28 33.13 -5.67
C MET B 778 4.19 34.61 -5.99
N GLY B 779 4.67 34.99 -7.16
CA GLY B 779 4.62 36.38 -7.55
C GLY B 779 5.09 36.54 -8.99
N VAL B 780 5.30 37.80 -9.37
CA VAL B 780 5.76 38.13 -10.72
C VAL B 780 7.26 37.84 -10.78
N PHE B 781 7.62 36.67 -11.32
CA PHE B 781 9.02 36.29 -11.38
C PHE B 781 9.79 37.12 -12.39
N LEU B 782 9.15 37.52 -13.48
CA LEU B 782 9.81 38.31 -14.51
C LEU B 782 8.76 39.04 -15.34
N THR B 783 9.10 40.24 -15.78
CA THR B 783 8.21 41.00 -16.66
C THR B 783 8.23 40.49 -18.10
N ASN B 784 9.12 39.55 -18.41
CA ASN B 784 9.24 39.01 -19.76
C ASN B 784 8.22 37.90 -20.05
N TYR B 785 7.37 37.56 -19.08
CA TYR B 785 6.36 36.54 -19.32
C TYR B 785 5.38 37.02 -20.39
N ASN B 786 4.54 36.09 -20.85
CA ASN B 786 3.60 36.20 -21.97
C ASN B 786 4.34 36.12 -23.30
N VAL B 787 5.67 36.17 -23.32
CA VAL B 787 6.45 35.88 -24.51
C VAL B 787 7.34 34.67 -24.35
N ARG B 788 7.53 34.17 -23.13
CA ARG B 788 8.33 32.98 -22.86
C ARG B 788 7.43 31.76 -22.77
N MET B 789 8.04 30.59 -22.96
CA MET B 789 7.35 29.30 -22.89
C MET B 789 8.08 28.43 -21.86
N ASP B 790 7.69 28.55 -20.61
CA ASP B 790 8.25 27.75 -19.53
C ASP B 790 7.29 26.64 -19.14
N THR B 791 7.83 25.58 -18.55
CA THR B 791 7.01 24.45 -18.16
C THR B 791 5.97 24.84 -17.11
N MET B 792 6.38 25.63 -16.12
CA MET B 792 5.48 26.12 -15.10
C MET B 792 5.73 27.61 -14.88
N ALA B 793 4.66 28.37 -14.66
CA ALA B 793 4.76 29.81 -14.44
C ALA B 793 3.57 30.25 -13.60
N ASN B 794 3.83 30.61 -12.34
CA ASN B 794 2.81 31.10 -11.43
C ASN B 794 3.05 32.58 -11.17
N ILE B 795 2.06 33.41 -11.49
CA ILE B 795 2.14 34.85 -11.27
C ILE B 795 0.91 35.30 -10.51
N LEU B 796 1.06 36.41 -9.79
CA LEU B 796 -0.01 36.92 -8.94
C LEU B 796 -0.88 37.93 -9.67
N TYR B 797 -2.16 37.94 -9.34
CA TYR B 797 -3.09 38.88 -9.96
C TYR B 797 -2.77 40.32 -9.59
N TYR B 798 -2.64 40.60 -8.30
CA TYR B 798 -2.42 41.95 -7.79
C TYR B 798 -1.29 41.92 -6.76
N PRO B 799 -0.04 41.81 -7.20
CA PRO B 799 1.08 41.89 -6.25
C PRO B 799 1.13 43.26 -5.58
N GLN B 800 1.51 43.27 -4.30
CA GLN B 800 1.54 44.48 -3.51
C GLN B 800 2.86 44.59 -2.75
N LYS B 801 3.38 45.81 -2.64
CA LYS B 801 4.58 46.04 -1.87
C LYS B 801 4.28 45.84 -0.38
N PRO B 802 5.22 45.28 0.38
CA PRO B 802 5.03 45.18 1.84
C PRO B 802 5.03 46.56 2.48
N LEU B 803 4.25 46.69 3.56
CA LEU B 803 4.22 47.94 4.30
C LEU B 803 5.47 48.11 5.16
N GLY B 804 5.97 47.02 5.74
CA GLY B 804 7.18 47.06 6.53
C GLY B 804 8.43 46.81 5.71
N THR B 805 8.79 47.79 4.89
CA THR B 805 9.94 47.63 4.00
C THR B 805 11.25 47.68 4.78
N THR B 806 12.29 47.09 4.19
CA THR B 806 13.64 47.12 4.73
C THR B 806 14.58 47.75 3.72
N ARG B 807 15.58 48.48 4.23
CA ARG B 807 16.53 49.17 3.35
C ARG B 807 17.37 48.20 2.52
N ALA B 808 17.53 46.96 2.98
CA ALA B 808 18.40 46.02 2.28
C ALA B 808 17.82 45.60 0.94
N MET B 809 16.50 45.48 0.84
CA MET B 809 15.87 44.96 -0.36
C MET B 809 15.56 46.05 -1.40
N GLU B 810 15.99 47.28 -1.15
CA GLU B 810 15.83 48.32 -2.16
C GLU B 810 16.64 47.99 -3.41
N TYR B 811 17.85 47.45 -3.23
CA TYR B 811 18.68 47.04 -4.35
C TYR B 811 18.31 45.67 -4.89
N LEU B 812 17.44 44.93 -4.21
CA LEU B 812 17.00 43.62 -4.67
C LEU B 812 15.77 43.70 -5.58
N LYS B 813 15.27 44.91 -5.85
CA LYS B 813 14.10 45.11 -6.71
C LYS B 813 12.87 44.38 -6.19
N PHE B 814 12.77 44.23 -4.86
CA PHE B 814 11.61 43.55 -4.29
C PHE B 814 10.35 44.39 -4.42
N ARG B 815 10.49 45.72 -4.28
CA ARG B 815 9.33 46.59 -4.43
C ARG B 815 8.82 46.62 -5.86
N GLU B 816 9.71 46.49 -6.84
CA GLU B 816 9.29 46.48 -8.24
C GLU B 816 8.60 45.16 -8.59
N LEU B 817 9.06 44.06 -8.01
CA LEU B 817 8.50 42.73 -8.27
C LEU B 817 8.19 42.06 -6.94
N PRO B 818 7.11 42.46 -6.28
CA PRO B 818 6.76 41.84 -4.99
C PRO B 818 6.20 40.45 -5.18
N ALA B 819 6.20 39.69 -4.08
CA ALA B 819 5.75 38.30 -4.07
C ALA B 819 4.78 38.06 -2.92
N GLY B 820 3.80 38.94 -2.77
CA GLY B 820 2.82 38.79 -1.72
C GLY B 820 1.81 39.92 -1.74
N GLN B 821 0.95 39.92 -0.72
CA GLN B 821 -0.08 40.92 -0.59
C GLN B 821 -0.20 41.35 0.86
N ASN B 822 -0.69 42.57 1.07
CA ASN B 822 -0.92 43.11 2.40
C ASN B 822 -2.34 42.76 2.84
N ALA B 823 -2.47 41.83 3.76
CA ALA B 823 -3.77 41.36 4.23
C ALA B 823 -3.95 41.71 5.70
N ILE B 824 -5.16 42.14 6.05
CA ILE B 824 -5.47 42.45 7.44
C ILE B 824 -5.62 41.16 8.22
N VAL B 825 -4.86 41.03 9.31
CA VAL B 825 -4.78 39.81 10.09
C VAL B 825 -5.27 40.10 11.50
N ALA B 826 -6.21 39.29 11.97
CA ALA B 826 -6.71 39.37 13.34
C ALA B 826 -6.29 38.11 14.09
N ILE B 827 -5.59 38.29 15.20
CA ILE B 827 -5.10 37.18 16.00
C ILE B 827 -6.17 36.89 17.05
N ALA B 828 -6.98 35.86 16.80
CA ALA B 828 -8.09 35.55 17.70
C ALA B 828 -8.44 34.07 17.59
N CYS B 829 -9.15 33.58 18.62
CA CYS B 829 -9.69 32.23 18.63
C CYS B 829 -11.16 32.32 18.27
N TYR B 830 -11.42 32.38 16.96
CA TYR B 830 -12.77 32.55 16.43
C TYR B 830 -13.24 31.25 15.83
N SER B 831 -14.36 30.73 16.35
CA SER B 831 -15.07 29.53 15.88
C SER B 831 -14.28 28.24 16.07
N GLY B 832 -13.04 28.31 16.56
CA GLY B 832 -12.26 27.10 16.76
C GLY B 832 -11.90 26.35 15.50
N TYR B 833 -11.92 27.03 14.35
CA TYR B 833 -11.59 26.40 13.08
C TYR B 833 -10.17 26.72 12.60
N ASN B 834 -9.40 27.46 13.39
CA ASN B 834 -8.03 27.82 13.02
C ASN B 834 -7.02 27.27 14.02
N GLN B 835 -7.31 26.11 14.60
CA GLN B 835 -6.42 25.52 15.59
C GLN B 835 -5.15 25.00 14.91
N GLU B 836 -4.16 24.69 15.75
CA GLU B 836 -2.84 24.24 15.30
C GLU B 836 -2.22 25.27 14.37
N ASP B 837 -2.25 24.99 13.06
CA ASP B 837 -1.70 25.91 12.07
C ASP B 837 -2.73 26.36 11.04
N SER B 838 -3.99 25.97 11.19
CA SER B 838 -5.01 26.37 10.24
C SER B 838 -5.32 27.87 10.39
N MET B 839 -5.85 28.45 9.32
CA MET B 839 -6.22 29.86 9.31
C MET B 839 -7.59 30.01 8.68
N ILE B 840 -8.28 31.10 9.05
CA ILE B 840 -9.59 31.44 8.53
C ILE B 840 -9.43 32.64 7.61
N MET B 841 -9.89 32.51 6.36
CA MET B 841 -9.73 33.56 5.37
C MET B 841 -11.10 33.99 4.87
N ASN B 842 -11.27 35.30 4.72
CA ASN B 842 -12.56 35.87 4.32
C ASN B 842 -12.92 35.44 2.90
N GLN B 843 -14.17 35.03 2.71
CA GLN B 843 -14.63 34.63 1.39
C GLN B 843 -14.91 35.82 0.49
N SER B 844 -15.38 36.94 1.05
CA SER B 844 -15.65 38.13 0.25
C SER B 844 -14.37 38.67 -0.37
N SER B 845 -13.27 38.67 0.39
CA SER B 845 -11.99 39.10 -0.15
C SER B 845 -11.55 38.21 -1.29
N ILE B 846 -11.75 36.90 -1.15
CA ILE B 846 -11.43 35.97 -2.23
C ILE B 846 -12.26 36.29 -3.47
N ASP B 847 -13.56 36.54 -3.29
CA ASP B 847 -14.42 36.88 -4.42
C ASP B 847 -14.01 38.19 -5.06
N ARG B 848 -13.44 39.11 -4.28
CA ARG B 848 -13.02 40.40 -4.80
C ARG B 848 -11.63 40.39 -5.42
N GLY B 849 -10.95 39.24 -5.40
CA GLY B 849 -9.67 39.12 -6.08
C GLY B 849 -8.46 39.17 -5.16
N LEU B 850 -8.53 38.48 -4.03
CA LEU B 850 -7.43 38.42 -3.08
C LEU B 850 -6.71 37.08 -3.21
N PHE B 851 -5.40 37.14 -3.42
CA PHE B 851 -4.49 36.00 -3.47
C PHE B 851 -4.77 35.06 -4.64
N ARG B 852 -5.68 35.40 -5.54
CA ARG B 852 -5.87 34.59 -6.73
C ARG B 852 -4.72 34.84 -7.71
N SER B 853 -4.46 33.84 -8.56
CA SER B 853 -3.26 33.86 -9.38
C SER B 853 -3.55 33.19 -10.72
N LEU B 854 -2.51 33.13 -11.56
CA LEU B 854 -2.58 32.51 -12.87
C LEU B 854 -1.60 31.34 -12.93
N PHE B 855 -1.94 30.35 -13.76
CA PHE B 855 -1.11 29.17 -13.94
C PHE B 855 -0.84 28.99 -15.43
N PHE B 856 0.43 28.78 -15.79
CA PHE B 856 0.82 28.56 -17.17
C PHE B 856 1.61 27.26 -17.26
N ARG B 857 1.20 26.40 -18.20
CA ARG B 857 1.90 25.15 -18.46
C ARG B 857 2.14 25.02 -19.96
N SER B 858 3.32 24.54 -20.33
CA SER B 858 3.73 24.44 -21.72
C SER B 858 4.05 23.00 -22.07
N TYR B 859 3.62 22.58 -23.27
CA TYR B 859 3.89 21.26 -23.80
C TYR B 859 4.71 21.38 -25.08
N MET B 860 5.57 20.39 -25.31
CA MET B 860 6.49 20.42 -26.43
C MET B 860 6.42 19.12 -27.22
N ASP B 861 6.64 19.23 -28.53
CA ASP B 861 6.67 18.08 -29.41
C ASP B 861 7.59 18.38 -30.59
N GLN B 862 8.07 17.32 -31.23
CA GLN B 862 8.99 17.44 -32.34
C GLN B 862 8.63 16.45 -33.44
N GLU B 863 8.99 16.80 -34.67
CA GLU B 863 8.76 15.93 -35.83
C GLU B 863 10.00 15.09 -36.11
N LYS B 864 10.40 14.31 -35.10
CA LYS B 864 11.65 13.55 -35.21
C LYS B 864 11.56 12.51 -36.32
N LYS B 865 12.70 12.24 -36.94
CA LYS B 865 12.79 11.39 -38.12
C LYS B 865 13.58 10.13 -37.81
N TYR B 866 13.03 8.98 -38.20
CA TYR B 866 13.71 7.70 -38.09
C TYR B 866 14.21 7.29 -39.47
N GLY B 867 15.51 7.05 -39.57
CA GLY B 867 16.08 6.68 -40.87
C GLY B 867 15.88 7.80 -41.88
N MET B 868 15.28 7.47 -43.01
CA MET B 868 15.02 8.44 -44.06
C MET B 868 13.52 8.64 -44.27
N SER B 869 12.79 7.57 -44.59
CA SER B 869 11.37 7.69 -44.92
C SER B 869 10.44 7.60 -43.72
N ILE B 870 10.94 7.14 -42.56
CA ILE B 870 10.09 7.00 -41.37
C ILE B 870 10.20 8.32 -40.62
N THR B 871 9.36 9.27 -41.03
CA THR B 871 9.28 10.58 -40.42
C THR B 871 7.86 10.81 -39.92
N GLU B 872 7.73 11.30 -38.70
CA GLU B 872 6.42 11.62 -38.17
C GLU B 872 5.84 12.84 -38.89
N THR B 873 4.52 12.99 -38.79
CA THR B 873 3.84 14.11 -39.42
C THR B 873 2.78 14.66 -38.47
N PHE B 874 2.48 15.94 -38.60
CA PHE B 874 1.50 16.63 -37.78
C PHE B 874 0.19 16.72 -38.56
N GLU B 875 -0.80 15.90 -38.16
CA GLU B 875 -2.09 15.89 -38.81
C GLU B 875 -3.11 15.28 -37.86
N LYS B 876 -4.37 15.54 -38.13
CA LYS B 876 -5.44 14.95 -37.32
C LYS B 876 -5.59 13.49 -37.68
N PRO B 877 -5.39 12.56 -36.75
CA PRO B 877 -5.51 11.13 -37.08
C PRO B 877 -6.95 10.72 -37.28
N GLN B 878 -7.12 9.64 -38.05
CA GLN B 878 -8.43 9.11 -38.38
C GLN B 878 -8.48 7.63 -38.00
N ARG B 879 -9.69 7.15 -37.71
CA ARG B 879 -9.89 5.75 -37.32
C ARG B 879 -9.58 4.79 -38.46
N THR B 880 -9.57 5.27 -39.70
CA THR B 880 -9.44 4.37 -40.86
C THR B 880 -8.07 3.71 -40.90
N ASN B 881 -7.01 4.45 -40.62
CA ASN B 881 -5.65 3.96 -40.83
C ASN B 881 -4.75 4.14 -39.61
N THR B 882 -5.33 4.37 -38.43
CA THR B 882 -4.55 4.52 -37.20
C THR B 882 -4.92 3.39 -36.25
N LEU B 883 -3.91 2.73 -35.70
CA LEU B 883 -4.11 1.60 -34.80
C LEU B 883 -3.53 1.91 -33.44
N ARG B 884 -4.14 1.33 -32.40
CA ARG B 884 -3.70 1.50 -31.02
C ARG B 884 -3.62 2.97 -30.64
N MET B 885 -4.62 3.73 -31.06
CA MET B 885 -4.67 5.16 -30.79
C MET B 885 -5.38 5.45 -29.48
N LYS B 886 -5.11 6.64 -28.94
CA LYS B 886 -5.69 7.04 -27.66
C LYS B 886 -7.19 7.31 -27.81
N HIS B 887 -7.90 7.19 -26.71
CA HIS B 887 -9.35 7.37 -26.68
C HIS B 887 -9.77 8.80 -26.39
N GLY B 888 -8.83 9.73 -26.27
CA GLY B 888 -9.18 11.11 -26.02
C GLY B 888 -9.85 11.76 -27.21
N THR B 889 -10.55 12.86 -26.94
CA THR B 889 -11.26 13.57 -27.99
C THR B 889 -10.29 14.25 -28.95
N TYR B 890 -10.61 14.18 -30.24
CA TYR B 890 -9.82 14.84 -31.28
C TYR B 890 -10.61 15.94 -31.99
N ASP B 891 -11.78 16.29 -31.48
CA ASP B 891 -12.61 17.29 -32.14
C ASP B 891 -11.96 18.67 -32.13
N LYS B 892 -11.31 19.02 -31.02
CA LYS B 892 -10.68 20.33 -30.91
C LYS B 892 -9.47 20.49 -31.82
N LEU B 893 -8.93 19.40 -32.35
CA LEU B 893 -7.80 19.48 -33.24
C LEU B 893 -8.21 20.06 -34.59
N ASP B 894 -7.23 20.65 -35.28
CA ASP B 894 -7.42 21.23 -36.60
C ASP B 894 -6.74 20.34 -37.64
N ASP B 895 -6.74 20.81 -38.89
CA ASP B 895 -6.11 20.04 -39.96
C ASP B 895 -4.62 19.87 -39.73
N ASP B 896 -3.95 20.94 -39.27
CA ASP B 896 -2.52 20.87 -39.00
C ASP B 896 -2.19 20.06 -37.76
N GLY B 897 -3.18 19.72 -36.95
CA GLY B 897 -2.95 18.92 -35.76
C GLY B 897 -2.74 19.71 -34.48
N LEU B 898 -3.04 20.99 -34.47
CA LEU B 898 -2.87 21.83 -33.30
C LEU B 898 -4.17 22.54 -32.96
N ILE B 899 -4.36 22.82 -31.67
CA ILE B 899 -5.54 23.51 -31.19
C ILE B 899 -5.31 25.01 -31.26
N ALA B 900 -6.26 25.72 -31.87
CA ALA B 900 -6.15 27.16 -31.97
C ALA B 900 -6.27 27.80 -30.58
N PRO B 901 -5.55 28.90 -30.35
CA PRO B 901 -5.62 29.57 -29.04
C PRO B 901 -7.04 30.08 -28.75
N GLY B 902 -7.41 30.02 -27.48
CA GLY B 902 -8.72 30.44 -27.06
C GLY B 902 -9.75 29.35 -26.91
N VAL B 903 -9.35 28.09 -27.08
CA VAL B 903 -10.25 26.95 -26.98
C VAL B 903 -10.07 26.31 -25.62
N ARG B 904 -11.15 26.18 -24.86
CA ARG B 904 -11.08 25.55 -23.55
C ARG B 904 -10.82 24.06 -23.70
N VAL B 905 -9.88 23.54 -22.90
CA VAL B 905 -9.52 22.13 -22.91
C VAL B 905 -9.55 21.60 -21.49
N SER B 906 -9.81 20.30 -21.37
CA SER B 906 -9.88 19.66 -20.06
C SER B 906 -9.68 18.17 -20.23
N GLY B 907 -9.34 17.51 -19.13
CA GLY B 907 -9.21 16.06 -19.13
C GLY B 907 -8.08 15.59 -20.02
N GLU B 908 -8.28 14.44 -20.67
CA GLU B 908 -7.28 13.83 -21.53
C GLU B 908 -7.39 14.31 -22.98
N ASP B 909 -7.89 15.51 -23.21
CA ASP B 909 -8.03 16.02 -24.57
C ASP B 909 -6.67 16.14 -25.25
N VAL B 910 -6.63 15.76 -26.52
CA VAL B 910 -5.39 15.79 -27.29
C VAL B 910 -5.16 17.21 -27.80
N ILE B 911 -3.98 17.75 -27.53
CA ILE B 911 -3.64 19.11 -27.94
C ILE B 911 -2.77 19.09 -29.19
N ILE B 912 -1.88 18.11 -29.32
CA ILE B 912 -1.00 17.98 -30.47
C ILE B 912 -1.23 16.62 -31.11
N GLY B 913 -1.49 16.61 -32.41
CA GLY B 913 -1.72 15.37 -33.12
C GLY B 913 -0.55 14.96 -33.99
N LYS B 914 0.15 13.89 -33.58
CA LYS B 914 1.30 13.39 -34.29
C LYS B 914 1.15 11.89 -34.54
N THR B 915 1.54 11.47 -35.74
CA THR B 915 1.46 10.06 -36.13
C THR B 915 2.79 9.64 -36.75
N THR B 916 3.21 8.41 -36.48
CA THR B 916 4.44 7.88 -37.02
C THR B 916 4.17 6.68 -37.92
N PRO B 917 4.85 6.57 -39.05
CA PRO B 917 4.65 5.42 -39.93
C PRO B 917 5.05 4.12 -39.24
N ILE B 918 4.29 3.06 -39.53
CA ILE B 918 4.59 1.75 -38.94
C ILE B 918 5.88 1.20 -39.53
N SER B 919 6.04 1.26 -40.85
CA SER B 919 7.23 0.76 -41.51
C SER B 919 7.42 1.44 -42.87
N ALA B 930 -2.74 -5.59 -44.42
CA ALA B 930 -3.09 -5.24 -43.05
C ALA B 930 -3.37 -3.75 -42.93
N TYR B 931 -2.76 -2.96 -43.81
CA TYR B 931 -2.89 -1.50 -43.84
C TYR B 931 -2.44 -0.95 -42.47
N HIS B 932 -3.07 0.13 -42.02
CA HIS B 932 -2.70 0.79 -40.77
C HIS B 932 -1.22 1.18 -40.79
N SER B 933 -0.81 1.87 -41.85
CA SER B 933 0.60 2.19 -42.04
C SER B 933 1.10 3.24 -41.05
N LYS B 934 0.20 3.96 -40.39
CA LYS B 934 0.58 5.02 -39.47
C LYS B 934 0.03 4.73 -38.08
N ARG B 935 0.84 5.01 -37.06
CA ARG B 935 0.46 4.84 -35.67
C ARG B 935 0.55 6.18 -34.95
N ASP B 936 -0.45 6.47 -34.13
CA ASP B 936 -0.52 7.77 -33.47
C ASP B 936 0.55 7.91 -32.40
N ALA B 937 0.96 9.16 -32.15
CA ALA B 937 1.90 9.49 -31.08
C ALA B 937 1.48 10.77 -30.37
N SER B 938 0.18 11.04 -30.32
CA SER B 938 -0.32 12.29 -29.74
C SER B 938 -0.11 12.31 -28.23
N THR B 939 0.13 13.52 -27.71
CA THR B 939 0.30 13.72 -26.28
C THR B 939 -0.93 14.40 -25.71
N PRO B 940 -1.71 13.73 -24.86
CA PRO B 940 -2.91 14.34 -24.31
C PRO B 940 -2.58 15.31 -23.17
N LEU B 941 -3.58 16.09 -22.80
CA LEU B 941 -3.46 16.99 -21.66
C LEU B 941 -3.45 16.18 -20.36
N ARG B 942 -2.87 16.79 -19.33
CA ARG B 942 -2.76 16.12 -18.04
C ARG B 942 -4.14 15.86 -17.44
N SER B 943 -4.23 14.77 -16.67
CA SER B 943 -5.52 14.35 -16.11
C SER B 943 -6.08 15.40 -15.15
N THR B 944 -5.23 15.94 -14.29
CA THR B 944 -5.68 16.88 -13.26
C THR B 944 -5.59 18.34 -13.69
N GLU B 945 -5.20 18.61 -14.93
CA GLU B 945 -5.03 19.97 -15.42
C GLU B 945 -6.06 20.30 -16.48
N ASN B 946 -6.48 21.56 -16.51
CA ASN B 946 -7.43 22.05 -17.49
C ASN B 946 -7.28 23.56 -17.60
N GLY B 947 -7.81 24.12 -18.68
CA GLY B 947 -7.74 25.55 -18.89
C GLY B 947 -8.02 25.90 -20.34
N ILE B 948 -7.58 27.09 -20.71
CA ILE B 948 -7.77 27.63 -22.06
C ILE B 948 -6.40 27.88 -22.67
N VAL B 949 -6.19 27.38 -23.88
CA VAL B 949 -4.93 27.60 -24.57
C VAL B 949 -4.84 29.06 -25.00
N ASP B 950 -3.72 29.70 -24.70
CA ASP B 950 -3.51 31.11 -24.98
C ASP B 950 -2.54 31.37 -26.12
N GLN B 951 -1.47 30.60 -26.23
CA GLN B 951 -0.47 30.81 -27.27
C GLN B 951 0.00 29.47 -27.80
N VAL B 952 0.07 29.35 -29.12
CA VAL B 952 0.59 28.16 -29.78
C VAL B 952 1.74 28.61 -30.68
N LEU B 953 2.91 28.00 -30.48
CA LEU B 953 4.12 28.39 -31.19
C LEU B 953 4.57 27.25 -32.10
N VAL B 954 4.77 27.56 -33.38
CA VAL B 954 5.24 26.60 -34.36
C VAL B 954 6.49 27.17 -35.03
N THR B 955 7.55 26.36 -35.08
CA THR B 955 8.81 26.80 -35.66
C THR B 955 9.57 25.56 -36.14
N THR B 956 10.84 25.73 -36.45
CA THR B 956 11.69 24.65 -36.93
C THR B 956 12.92 24.53 -36.05
N ASN B 957 13.38 23.29 -35.86
CA ASN B 957 14.55 23.02 -35.05
C ASN B 957 15.81 23.27 -35.88
N GLN B 958 16.96 22.85 -35.35
CA GLN B 958 18.23 23.11 -36.02
C GLN B 958 18.34 22.36 -37.34
N ASP B 959 17.96 21.07 -37.35
CA ASP B 959 18.17 20.27 -38.55
C ASP B 959 17.17 20.61 -39.65
N GLY B 960 15.94 20.99 -39.29
CA GLY B 960 14.98 21.40 -40.29
C GLY B 960 13.61 20.76 -40.17
N LEU B 961 13.37 20.05 -39.07
CA LEU B 961 12.06 19.44 -38.83
C LEU B 961 11.11 20.49 -38.23
N LYS B 962 9.95 20.04 -37.78
CA LYS B 962 8.94 20.95 -37.23
C LYS B 962 9.01 20.96 -35.70
N PHE B 963 8.91 22.15 -35.13
CA PHE B 963 8.91 22.35 -33.69
C PHE B 963 7.61 23.01 -33.28
N VAL B 964 6.91 22.42 -32.33
CA VAL B 964 5.58 22.88 -31.91
C VAL B 964 5.57 23.02 -30.40
N LYS B 965 5.13 24.19 -29.91
CA LYS B 965 4.98 24.45 -28.49
C LYS B 965 3.61 25.08 -28.25
N VAL B 966 2.93 24.61 -27.21
CA VAL B 966 1.62 25.11 -26.84
C VAL B 966 1.64 25.48 -25.35
N ARG B 967 0.73 26.37 -24.97
CA ARG B 967 0.63 26.84 -23.60
C ARG B 967 -0.82 26.82 -23.15
N VAL B 968 -1.03 26.51 -21.87
CA VAL B 968 -2.36 26.44 -21.28
C VAL B 968 -2.40 27.38 -20.09
N ARG B 969 -3.43 28.23 -20.03
CA ARG B 969 -3.58 29.23 -18.99
C ARG B 969 -4.74 28.87 -18.08
N THR B 970 -4.52 28.94 -16.77
CA THR B 970 -5.53 28.64 -15.78
C THR B 970 -5.42 29.63 -14.63
N THR B 971 -6.56 29.88 -13.97
CA THR B 971 -6.62 30.71 -12.78
C THR B 971 -6.90 29.84 -11.57
N LYS B 972 -6.11 30.03 -10.51
CA LYS B 972 -6.21 29.22 -9.30
C LYS B 972 -6.72 30.10 -8.17
N ILE B 973 -8.03 30.07 -7.95
CA ILE B 973 -8.63 30.82 -6.84
C ILE B 973 -8.33 30.10 -5.53
N PRO B 974 -7.93 30.81 -4.48
CA PRO B 974 -7.65 30.14 -3.20
C PRO B 974 -8.87 29.44 -2.65
N GLN B 975 -8.64 28.29 -2.01
CA GLN B 975 -9.70 27.51 -1.41
C GLN B 975 -9.16 26.84 -0.16
N ILE B 976 -9.98 25.95 0.43
CA ILE B 976 -9.57 25.27 1.65
C ILE B 976 -8.44 24.29 1.34
N GLY B 977 -7.38 24.34 2.13
CA GLY B 977 -6.24 23.48 1.96
C GLY B 977 -5.03 24.14 1.33
N ASP B 978 -5.19 25.31 0.73
CA ASP B 978 -4.06 26.00 0.13
C ASP B 978 -3.11 26.50 1.21
N LYS B 979 -1.81 26.37 0.94
CA LYS B 979 -0.79 26.75 1.92
C LYS B 979 -0.51 28.24 1.84
N PHE B 980 -0.51 28.90 3.00
CA PHE B 980 -0.20 30.31 3.11
C PHE B 980 0.78 30.53 4.25
N ALA B 981 1.59 31.57 4.14
CA ALA B 981 2.60 31.84 5.15
C ALA B 981 2.91 33.33 5.17
N SER B 982 3.45 33.78 6.30
CA SER B 982 3.88 35.16 6.48
C SER B 982 5.38 35.26 6.20
N ARG B 983 5.94 36.42 6.48
CA ARG B 983 7.36 36.68 6.27
C ARG B 983 8.22 36.32 7.48
N HIS B 984 7.69 35.48 8.39
CA HIS B 984 8.41 35.12 9.61
C HIS B 984 8.38 33.62 9.87
N GLY B 985 8.19 32.81 8.83
CA GLY B 985 8.17 31.36 9.02
C GLY B 985 6.92 30.82 9.66
N GLN B 986 5.81 31.56 9.62
CA GLN B 986 4.54 31.11 10.19
C GLN B 986 3.70 30.57 9.04
N LYS B 987 3.86 29.28 8.76
CA LYS B 987 3.13 28.63 7.68
C LYS B 987 1.80 28.08 8.18
N GLY B 988 0.91 27.83 7.23
CA GLY B 988 -0.40 27.28 7.57
C GLY B 988 -1.22 27.05 6.32
N THR B 989 -2.41 26.49 6.53
CA THR B 989 -3.34 26.19 5.45
C THR B 989 -4.73 26.68 5.83
N ILE B 990 -5.53 27.00 4.83
CA ILE B 990 -6.89 27.44 5.07
C ILE B 990 -7.72 26.25 5.53
N GLY B 991 -8.40 26.41 6.67
CA GLY B 991 -9.23 25.35 7.19
C GLY B 991 -10.71 25.61 6.93
N ILE B 992 -11.14 26.86 7.09
CA ILE B 992 -12.52 27.25 6.85
C ILE B 992 -12.52 28.61 6.18
N THR B 993 -13.65 28.94 5.56
CA THR B 993 -13.85 30.26 4.96
C THR B 993 -15.19 30.82 5.45
N TYR B 994 -15.21 32.14 5.62
CA TYR B 994 -16.39 32.84 6.11
C TYR B 994 -16.66 34.06 5.24
N ARG B 995 -17.93 34.44 5.18
CA ARG B 995 -18.31 35.63 4.44
C ARG B 995 -18.11 36.88 5.31
N ARG B 996 -18.39 38.05 4.74
CA ARG B 996 -18.19 39.29 5.46
C ARG B 996 -19.11 39.40 6.67
N GLU B 997 -20.35 38.94 6.55
CA GLU B 997 -21.30 39.07 7.65
C GLU B 997 -20.87 38.24 8.85
N ASP B 998 -20.37 37.03 8.62
CA ASP B 998 -19.99 36.14 9.71
C ASP B 998 -18.66 36.55 10.36
N MET B 999 -17.81 37.30 9.66
CA MET B 999 -16.53 37.69 10.22
C MET B 999 -16.72 38.75 11.29
N PRO B 1000 -15.87 38.75 12.32
CA PRO B 1000 -15.94 39.82 13.33
C PRO B 1000 -15.56 41.16 12.73
N PHE B 1001 -16.13 42.22 13.30
CA PHE B 1001 -15.95 43.57 12.78
C PHE B 1001 -15.65 44.52 13.93
N THR B 1002 -14.90 45.57 13.62
CA THR B 1002 -14.59 46.62 14.58
C THR B 1002 -15.72 47.66 14.60
N ALA B 1003 -15.54 48.70 15.41
CA ALA B 1003 -16.53 49.77 15.47
C ALA B 1003 -16.61 50.57 14.17
N GLU B 1004 -15.55 50.55 13.36
CA GLU B 1004 -15.53 51.26 12.09
C GLU B 1004 -15.97 50.41 10.92
N GLY B 1005 -16.38 49.16 11.16
CA GLY B 1005 -16.83 48.29 10.09
C GLY B 1005 -15.73 47.62 9.31
N ILE B 1006 -14.56 47.44 9.91
CA ILE B 1006 -13.43 46.80 9.24
C ILE B 1006 -13.39 45.33 9.64
N VAL B 1007 -13.40 44.45 8.64
CA VAL B 1007 -13.36 43.00 8.88
C VAL B 1007 -11.98 42.49 8.46
N PRO B 1008 -11.46 41.45 9.11
CA PRO B 1008 -10.14 40.94 8.74
C PRO B 1008 -10.19 39.98 7.57
N ASP B 1009 -9.15 40.04 6.75
CA ASP B 1009 -9.02 39.08 5.66
C ASP B 1009 -8.57 37.71 6.15
N LEU B 1010 -7.76 37.66 7.20
CA LEU B 1010 -7.25 36.41 7.74
C LEU B 1010 -7.36 36.42 9.26
N ILE B 1011 -7.51 35.24 9.83
CA ILE B 1011 -7.54 35.06 11.29
C ILE B 1011 -6.51 33.99 11.65
N ILE B 1012 -5.65 34.31 12.62
CA ILE B 1012 -4.57 33.43 13.03
C ILE B 1012 -4.74 33.11 14.51
N ASN B 1013 -4.56 31.84 14.85
CA ASN B 1013 -4.68 31.42 16.25
C ASN B 1013 -3.55 32.02 17.08
N PRO B 1014 -3.83 32.57 18.26
CA PRO B 1014 -2.77 33.13 19.10
C PRO B 1014 -1.82 32.09 19.68
N HIS B 1015 -2.18 30.80 19.65
CA HIS B 1015 -1.35 29.78 20.27
C HIS B 1015 -0.03 29.57 19.54
N ALA B 1016 0.08 30.03 18.29
CA ALA B 1016 1.31 29.87 17.54
C ALA B 1016 2.39 30.89 17.91
N ILE B 1017 2.04 31.95 18.63
CA ILE B 1017 2.97 33.01 18.97
C ILE B 1017 3.92 32.60 20.09
N PRO B 1018 3.44 32.20 21.28
CA PRO B 1018 4.38 31.98 22.40
C PRO B 1018 5.39 30.88 22.15
N SER B 1019 5.02 29.83 21.42
CA SER B 1019 5.94 28.72 21.23
C SER B 1019 7.04 29.07 20.23
N ARG B 1020 6.70 29.81 19.17
CA ARG B 1020 7.66 30.10 18.11
C ARG B 1020 8.46 31.37 18.36
N MET B 1021 8.14 32.13 19.41
CA MET B 1021 8.87 33.35 19.77
C MET B 1021 8.93 34.33 18.60
N THR B 1022 7.82 34.51 17.90
CA THR B 1022 7.76 35.35 16.72
C THR B 1022 7.27 36.75 17.11
N VAL B 1023 8.12 37.44 17.87
CA VAL B 1023 7.81 38.82 18.26
C VAL B 1023 7.83 39.74 17.06
N ALA B 1024 8.72 39.48 16.10
CA ALA B 1024 8.82 40.33 14.92
C ALA B 1024 7.52 40.34 14.12
N HIS B 1025 6.73 39.27 14.21
CA HIS B 1025 5.43 39.26 13.54
C HIS B 1025 4.53 40.37 14.09
N LEU B 1026 4.40 40.44 15.42
CA LEU B 1026 3.59 41.48 16.03
C LEU B 1026 4.18 42.85 15.81
N ILE B 1027 5.50 42.97 15.87
CA ILE B 1027 6.14 44.27 15.66
C ILE B 1027 5.88 44.75 14.24
N GLU B 1028 5.99 43.86 13.25
CA GLU B 1028 5.71 44.23 11.86
C GLU B 1028 4.25 44.56 11.67
N CYS B 1029 3.35 43.85 12.36
CA CYS B 1029 1.93 44.18 12.27
C CYS B 1029 1.67 45.60 12.77
N LEU B 1030 2.24 45.95 13.92
CA LEU B 1030 2.07 47.30 14.45
C LEU B 1030 2.68 48.34 13.52
N LEU B 1031 3.87 48.06 12.99
CA LEU B 1031 4.52 49.01 12.08
C LEU B 1031 3.70 49.20 10.81
N SER B 1032 3.13 48.12 10.28
CA SER B 1032 2.31 48.22 9.08
C SER B 1032 1.03 49.00 9.36
N LYS B 1033 0.43 48.80 10.53
CA LYS B 1033 -0.75 49.58 10.89
C LYS B 1033 -0.41 51.07 10.96
N VAL B 1034 0.71 51.40 11.59
CA VAL B 1034 1.13 52.80 11.69
C VAL B 1034 1.40 53.38 10.30
N ALA B 1035 2.08 52.61 9.45
CA ALA B 1035 2.39 53.09 8.10
C ALA B 1035 1.14 53.31 7.28
N ALA B 1036 0.17 52.40 7.38
CA ALA B 1036 -1.08 52.57 6.65
C ALA B 1036 -1.85 53.78 7.15
N LEU B 1037 -1.86 54.00 8.47
CA LEU B 1037 -2.56 55.15 9.02
C LEU B 1037 -1.89 56.46 8.60
N SER B 1038 -0.56 56.49 8.58
CA SER B 1038 0.17 57.72 8.29
C SER B 1038 0.46 57.89 6.80
N GLY B 1039 0.58 56.80 6.06
CA GLY B 1039 0.86 56.86 4.64
C GLY B 1039 2.33 56.83 4.26
N ASN B 1040 3.23 56.88 5.25
CA ASN B 1040 4.66 56.84 4.98
C ASN B 1040 5.19 55.42 5.19
N GLU B 1041 6.18 55.06 4.37
CA GLU B 1041 6.74 53.72 4.46
C GLU B 1041 7.45 53.51 5.79
N GLY B 1042 7.26 52.33 6.37
CA GLY B 1042 7.88 51.99 7.64
C GLY B 1042 9.18 51.24 7.44
N ASP B 1043 10.20 51.64 8.19
CA ASP B 1043 11.53 51.05 8.10
C ASP B 1043 11.63 49.89 9.09
N ALA B 1044 11.83 48.68 8.56
CA ALA B 1044 11.96 47.49 9.39
C ALA B 1044 13.34 46.85 9.28
N SER B 1045 14.35 47.63 8.90
CA SER B 1045 15.70 47.10 8.78
C SER B 1045 16.23 46.71 10.16
N PRO B 1046 17.01 45.64 10.25
CA PRO B 1046 17.55 45.23 11.54
C PRO B 1046 18.66 46.15 12.02
N PHE B 1047 18.95 46.06 13.31
CA PHE B 1047 20.03 46.82 13.95
C PHE B 1047 19.84 48.32 13.76
N THR B 1048 18.60 48.78 13.88
CA THR B 1048 18.26 50.19 13.77
C THR B 1048 17.83 50.72 15.14
N ASP B 1049 17.46 52.00 15.17
CA ASP B 1049 17.03 52.65 16.39
C ASP B 1049 15.53 52.59 16.60
N ILE B 1050 14.79 51.94 15.72
CA ILE B 1050 13.34 51.85 15.86
C ILE B 1050 13.01 50.88 16.99
N THR B 1051 12.17 51.33 17.92
CA THR B 1051 11.74 50.55 19.06
C THR B 1051 10.22 50.48 19.10
N VAL B 1052 9.71 49.55 19.90
CA VAL B 1052 8.26 49.39 20.02
C VAL B 1052 7.63 50.62 20.65
N GLU B 1053 8.36 51.32 21.52
CA GLU B 1053 7.80 52.49 22.18
C GLU B 1053 7.48 53.60 21.19
N GLY B 1054 8.35 53.83 20.20
CA GLY B 1054 8.08 54.85 19.20
C GLY B 1054 6.86 54.52 18.36
N ILE B 1055 6.74 53.25 17.95
CA ILE B 1055 5.57 52.84 17.18
C ILE B 1055 4.31 52.99 18.01
N SER B 1056 4.37 52.62 19.30
CA SER B 1056 3.22 52.77 20.17
C SER B 1056 2.83 54.24 20.32
N LYS B 1057 3.83 55.12 20.47
CA LYS B 1057 3.54 56.55 20.58
C LYS B 1057 2.90 57.08 19.31
N LEU B 1058 3.40 56.67 18.14
CA LEU B 1058 2.82 57.10 16.88
C LEU B 1058 1.38 56.61 16.74
N LEU B 1059 1.13 55.35 17.11
CA LEU B 1059 -0.22 54.80 17.04
C LEU B 1059 -1.17 55.54 17.97
N ARG B 1060 -0.71 55.84 19.19
CA ARG B 1060 -1.55 56.61 20.11
C ARG B 1060 -1.81 58.01 19.59
N GLU B 1061 -0.81 58.62 18.95
CA GLU B 1061 -1.02 59.94 18.34
C GLU B 1061 -2.07 59.87 17.24
N HIS B 1062 -2.06 58.79 16.45
CA HIS B 1062 -3.13 58.58 15.47
C HIS B 1062 -4.47 58.34 16.13
N GLY B 1063 -4.48 57.89 17.39
CA GLY B 1063 -5.71 57.77 18.14
C GLY B 1063 -6.43 56.45 17.98
N TYR B 1064 -5.70 55.34 17.96
CA TYR B 1064 -6.29 54.02 17.87
C TYR B 1064 -6.07 53.19 19.12
N GLN B 1065 -4.81 52.94 19.48
CA GLN B 1065 -4.45 52.15 20.65
C GLN B 1065 -2.94 52.18 20.80
N SER B 1066 -2.48 52.14 22.07
CA SER B 1066 -1.05 52.09 22.31
C SER B 1066 -0.44 50.80 21.81
N ARG B 1067 -1.11 49.67 22.03
CA ARG B 1067 -0.56 48.36 21.71
C ARG B 1067 -1.24 47.69 20.52
N GLY B 1068 -2.17 48.37 19.86
CA GLY B 1068 -2.82 47.82 18.68
C GLY B 1068 -4.07 47.02 18.93
N PHE B 1069 -4.46 46.82 20.20
CA PHE B 1069 -5.69 46.09 20.49
C PHE B 1069 -6.91 46.90 20.04
N GLU B 1070 -7.92 46.18 19.58
CA GLU B 1070 -9.15 46.79 19.10
C GLU B 1070 -10.36 46.05 19.66
N VAL B 1071 -11.47 46.76 19.77
CA VAL B 1071 -12.72 46.18 20.26
C VAL B 1071 -13.53 45.74 19.05
N MET B 1072 -13.82 44.45 18.96
CA MET B 1072 -14.60 43.88 17.88
C MET B 1072 -15.92 43.33 18.42
N TYR B 1073 -16.73 42.80 17.50
CA TYR B 1073 -18.03 42.24 17.81
C TYR B 1073 -18.14 40.85 17.21
N ASN B 1074 -19.04 40.05 17.78
CA ASN B 1074 -19.13 38.65 17.39
C ASN B 1074 -19.52 38.49 15.93
N GLY B 1075 -20.46 39.28 15.46
CA GLY B 1075 -20.92 39.17 14.08
C GLY B 1075 -22.10 38.24 13.89
N HIS B 1076 -22.05 37.04 14.48
CA HIS B 1076 -23.21 36.16 14.45
C HIS B 1076 -24.38 36.77 15.19
N THR B 1077 -24.13 37.37 16.35
CA THR B 1077 -25.15 38.00 17.15
C THR B 1077 -24.98 39.51 17.31
N GLY B 1078 -23.82 40.05 16.97
CA GLY B 1078 -23.57 41.47 17.12
C GLY B 1078 -23.18 41.90 18.52
N LYS B 1079 -23.10 40.98 19.47
CA LYS B 1079 -22.73 41.34 20.84
C LYS B 1079 -21.26 41.72 20.91
N LYS B 1080 -20.94 42.60 21.87
CA LYS B 1080 -19.56 43.00 22.07
C LYS B 1080 -18.72 41.81 22.53
N LEU B 1081 -17.47 41.80 22.10
CA LEU B 1081 -16.55 40.70 22.38
C LEU B 1081 -15.55 41.12 23.44
N MET B 1082 -15.42 40.29 24.48
CA MET B 1082 -14.39 40.50 25.48
C MET B 1082 -13.03 40.12 24.90
N ALA B 1083 -11.97 40.45 25.65
CA ALA B 1083 -10.59 40.11 25.28
C ALA B 1083 -10.25 40.71 23.90
N GLN B 1084 -10.18 42.04 23.89
CA GLN B 1084 -9.93 42.81 22.68
C GLN B 1084 -8.85 42.18 21.82
N ILE B 1085 -9.07 42.21 20.51
CA ILE B 1085 -8.31 41.43 19.53
C ILE B 1085 -7.20 42.29 18.93
N PHE B 1086 -6.04 41.67 18.72
CA PHE B 1086 -4.97 42.31 17.97
C PHE B 1086 -5.39 42.48 16.51
N PHE B 1087 -5.11 43.66 15.96
CA PHE B 1087 -5.53 43.99 14.62
C PHE B 1087 -4.40 44.72 13.90
N GLY B 1088 -4.39 44.61 12.57
CA GLY B 1088 -3.42 45.31 11.76
C GLY B 1088 -3.01 44.54 10.52
N PRO B 1089 -2.62 45.26 9.48
CA PRO B 1089 -2.15 44.59 8.25
C PRO B 1089 -0.85 43.83 8.48
N THR B 1090 -0.69 42.75 7.70
CA THR B 1090 0.52 41.94 7.76
C THR B 1090 0.76 41.32 6.39
N TYR B 1091 2.01 41.37 5.94
CA TYR B 1091 2.36 40.82 4.64
C TYR B 1091 2.25 39.30 4.66
N TYR B 1092 1.61 38.74 3.64
CA TYR B 1092 1.46 37.30 3.51
C TYR B 1092 1.76 36.90 2.07
N GLN B 1093 2.20 35.65 1.91
CA GLN B 1093 2.58 35.13 0.61
C GLN B 1093 1.92 33.78 0.36
N ARG B 1094 1.64 33.50 -0.90
CA ARG B 1094 1.04 32.24 -1.31
C ARG B 1094 2.13 31.29 -1.78
N LEU B 1095 2.13 30.07 -1.25
CA LEU B 1095 3.15 29.09 -1.58
C LEU B 1095 2.71 28.22 -2.76
N ARG B 1096 3.67 27.48 -3.30
CA ARG B 1096 3.43 26.65 -4.48
C ARG B 1096 2.62 25.40 -4.17
N HIS B 1097 2.39 25.08 -2.91
CA HIS B 1097 1.71 23.85 -2.52
C HIS B 1097 0.21 24.12 -2.45
N MET B 1098 -0.55 23.50 -3.37
CA MET B 1098 -2.00 23.61 -3.39
C MET B 1098 -2.61 22.22 -3.22
N VAL B 1099 -3.80 22.19 -2.61
CA VAL B 1099 -4.49 20.92 -2.39
C VAL B 1099 -4.94 20.27 -3.70
N ASP B 1100 -5.11 21.07 -4.76
CA ASP B 1100 -5.57 20.51 -6.03
C ASP B 1100 -4.53 19.60 -6.65
N ASP B 1101 -3.25 19.86 -6.40
CA ASP B 1101 -2.17 19.08 -6.99
C ASP B 1101 -1.71 17.94 -6.09
N LYS B 1102 -2.38 17.70 -4.97
CA LYS B 1102 -1.98 16.68 -4.01
C LYS B 1102 -3.04 15.63 -3.73
N ILE B 1103 -4.29 15.86 -4.11
CA ILE B 1103 -5.36 14.90 -3.84
C ILE B 1103 -5.26 13.75 -4.83
N HIS B 1104 -5.25 12.52 -4.32
CA HIS B 1104 -5.13 11.33 -5.15
C HIS B 1104 -6.03 10.23 -4.61
N ALA B 1105 -6.49 9.37 -5.51
CA ALA B 1105 -7.31 8.23 -5.15
C ALA B 1105 -7.23 7.20 -6.26
N ARG B 1106 -7.02 5.94 -5.89
CA ARG B 1106 -6.87 4.86 -6.85
C ARG B 1106 -7.78 3.69 -6.46
N ALA B 1107 -8.40 3.07 -7.47
CA ALA B 1107 -9.20 1.86 -7.26
C ALA B 1107 -9.07 1.01 -8.52
N ARG B 1108 -8.12 0.07 -8.50
CA ARG B 1108 -7.88 -0.85 -9.61
C ARG B 1108 -7.58 -0.11 -10.91
N GLY B 1109 -6.46 0.61 -10.91
CA GLY B 1109 -6.06 1.40 -12.04
C GLY B 1109 -5.08 0.66 -12.95
N PRO B 1110 -4.14 1.40 -13.53
CA PRO B 1110 -3.16 0.78 -14.43
C PRO B 1110 -2.26 -0.20 -13.70
N MET B 1111 -1.72 -1.16 -14.44
CA MET B 1111 -0.99 -2.27 -13.89
C MET B 1111 0.45 -2.23 -14.38
N GLN B 1112 1.37 -2.70 -13.55
CA GLN B 1112 2.79 -2.75 -13.93
C GLN B 1112 3.04 -3.97 -14.80
N VAL B 1113 4.32 -4.27 -15.05
CA VAL B 1113 4.73 -5.36 -15.93
C VAL B 1113 5.56 -6.40 -15.19
N LEU B 1114 6.65 -5.98 -14.54
CA LEU B 1114 7.56 -6.93 -13.93
C LEU B 1114 7.00 -7.48 -12.62
N THR B 1115 6.79 -6.61 -11.63
CA THR B 1115 6.34 -7.05 -10.33
C THR B 1115 4.83 -7.30 -10.26
N ARG B 1116 4.09 -6.85 -11.26
CA ARG B 1116 2.62 -6.98 -11.28
C ARG B 1116 2.00 -6.40 -10.01
N GLN B 1117 2.49 -5.23 -9.62
CA GLN B 1117 2.00 -4.47 -8.48
C GLN B 1117 1.63 -3.08 -8.95
N PRO B 1118 0.77 -2.38 -8.20
CA PRO B 1118 0.27 -1.08 -8.67
C PRO B 1118 1.40 -0.09 -8.97
N VAL B 1119 1.19 0.72 -10.01
CA VAL B 1119 2.18 1.69 -10.46
C VAL B 1119 2.31 2.80 -9.43
N GLU B 1120 3.33 3.63 -9.58
CA GLU B 1120 3.61 4.71 -8.63
C GLU B 1120 3.48 6.05 -9.36
N GLY B 1121 2.82 7.00 -8.70
CA GLY B 1121 2.73 8.34 -9.26
C GLY B 1121 1.31 8.85 -9.43
N ARG B 1122 1.07 10.09 -8.99
CA ARG B 1122 -0.25 10.69 -9.18
C ARG B 1122 -0.57 10.90 -10.65
N SER B 1123 0.44 11.27 -11.45
CA SER B 1123 0.20 11.55 -12.86
C SER B 1123 -0.22 10.31 -13.63
N ARG B 1124 0.27 9.13 -13.23
CA ARG B 1124 -0.05 7.89 -13.90
C ARG B 1124 -0.99 7.01 -13.09
N ASP B 1125 -1.77 7.60 -12.20
CA ASP B 1125 -2.76 6.91 -11.38
C ASP B 1125 -2.07 5.81 -10.58
N GLY B 1126 -1.21 6.25 -9.66
CA GLY B 1126 -0.48 5.34 -8.81
C GLY B 1126 -1.19 5.03 -7.51
N GLY B 1127 -0.64 4.07 -6.79
CA GLY B 1127 -1.20 3.63 -5.52
C GLY B 1127 -0.23 3.87 -4.39
N LEU B 1128 -0.77 4.23 -3.23
CA LEU B 1128 0.06 4.45 -2.05
C LEU B 1128 0.67 3.14 -1.57
N ARG B 1129 1.88 3.24 -1.02
CA ARG B 1129 2.65 2.08 -0.62
C ARG B 1129 2.37 1.73 0.84
N PHE B 1130 2.04 0.46 1.08
CA PHE B 1130 1.85 -0.06 2.43
C PHE B 1130 3.22 -0.52 2.93
N GLY B 1131 3.93 0.39 3.58
CA GLY B 1131 5.30 0.15 3.98
C GLY B 1131 5.40 -0.84 5.14
N GLU B 1132 6.66 -1.11 5.51
CA GLU B 1132 6.92 -2.06 6.58
C GLU B 1132 6.39 -1.56 7.92
N MET B 1133 6.54 -0.25 8.18
CA MET B 1133 6.09 0.31 9.46
C MET B 1133 4.60 0.09 9.65
N GLU B 1134 3.80 0.30 8.61
CA GLU B 1134 2.38 -0.02 8.68
C GLU B 1134 2.17 -1.50 8.92
N ARG B 1135 3.07 -2.35 8.39
CA ARG B 1135 2.94 -3.78 8.61
C ARG B 1135 3.10 -4.14 10.08
N ASP B 1136 4.14 -3.61 10.73
CA ASP B 1136 4.28 -3.93 12.15
C ASP B 1136 3.21 -3.25 12.99
N CYS B 1137 2.71 -2.09 12.56
CA CYS B 1137 1.60 -1.47 13.26
C CYS B 1137 0.36 -2.36 13.23
N MET B 1138 0.04 -2.90 12.04
CA MET B 1138 -1.09 -3.81 11.93
C MET B 1138 -0.85 -5.09 12.71
N ILE B 1139 0.39 -5.58 12.73
CA ILE B 1139 0.72 -6.77 13.50
C ILE B 1139 0.45 -6.52 14.99
N ALA B 1140 0.93 -5.38 15.50
CA ALA B 1140 0.69 -5.03 16.90
C ALA B 1140 -0.80 -4.85 17.18
N HIS B 1141 -1.55 -4.37 16.21
CA HIS B 1141 -3.00 -4.27 16.37
C HIS B 1141 -3.66 -5.64 16.45
N GLY B 1142 -3.00 -6.69 15.95
CA GLY B 1142 -3.59 -8.01 15.94
C GLY B 1142 -4.52 -8.29 14.80
N ALA B 1143 -4.66 -7.37 13.85
CA ALA B 1143 -5.57 -7.53 12.73
C ALA B 1143 -4.87 -8.33 11.64
N ALA B 1144 -4.96 -9.65 11.73
CA ALA B 1144 -4.28 -10.52 10.78
C ALA B 1144 -4.99 -10.53 9.42
N SER B 1145 -6.33 -10.52 9.44
CA SER B 1145 -7.08 -10.59 8.19
C SER B 1145 -6.85 -9.35 7.32
N PHE B 1146 -6.80 -8.17 7.94
CA PHE B 1146 -6.59 -6.95 7.17
C PHE B 1146 -5.23 -6.94 6.50
N LEU B 1147 -4.20 -7.41 7.19
CA LEU B 1147 -2.87 -7.47 6.60
C LEU B 1147 -2.85 -8.39 5.38
N LYS B 1148 -3.47 -9.57 5.52
CA LYS B 1148 -3.52 -10.50 4.39
C LYS B 1148 -4.29 -9.91 3.22
N GLU B 1149 -5.43 -9.26 3.49
CA GLU B 1149 -6.20 -8.66 2.42
C GLU B 1149 -5.42 -7.57 1.71
N ARG B 1150 -4.73 -6.72 2.48
CA ARG B 1150 -3.95 -5.65 1.87
C ARG B 1150 -2.80 -6.21 1.04
N LEU B 1151 -2.16 -7.28 1.52
CA LEU B 1151 -1.02 -7.83 0.82
C LEU B 1151 -1.42 -8.63 -0.42
N MET B 1152 -2.61 -9.24 -0.44
CA MET B 1152 -3.00 -10.13 -1.52
C MET B 1152 -4.10 -9.56 -2.40
N GLU B 1153 -5.24 -9.21 -1.83
CA GLU B 1153 -6.39 -8.82 -2.66
C GLU B 1153 -6.19 -7.43 -3.26
N ALA B 1154 -5.64 -6.50 -2.49
CA ALA B 1154 -5.40 -5.14 -2.95
C ALA B 1154 -4.07 -5.00 -3.68
N SER B 1155 -3.41 -6.12 -3.99
CA SER B 1155 -2.10 -6.10 -4.63
C SER B 1155 -2.01 -7.34 -5.51
N ASP B 1156 -0.78 -7.72 -5.89
CA ASP B 1156 -0.58 -8.89 -6.73
C ASP B 1156 -1.13 -10.14 -6.05
N ALA B 1157 -1.88 -10.93 -6.80
CA ALA B 1157 -2.43 -12.20 -6.32
C ALA B 1157 -2.33 -13.21 -7.45
N PHE B 1158 -1.60 -14.29 -7.21
CA PHE B 1158 -1.34 -15.29 -8.24
C PHE B 1158 -1.63 -16.68 -7.71
N ARG B 1159 -2.06 -17.56 -8.62
CA ARG B 1159 -2.31 -18.96 -8.31
C ARG B 1159 -1.38 -19.83 -9.15
N VAL B 1160 -0.65 -20.72 -8.49
CA VAL B 1160 0.29 -21.60 -9.16
C VAL B 1160 0.06 -23.03 -8.68
N HIS B 1161 0.53 -23.98 -9.49
CA HIS B 1161 0.45 -25.39 -9.17
C HIS B 1161 1.83 -25.92 -8.81
N ILE B 1162 1.93 -26.60 -7.68
CA ILE B 1162 3.19 -27.11 -7.17
C ILE B 1162 3.10 -28.62 -7.06
N CYS B 1163 4.13 -29.31 -7.56
CA CYS B 1163 4.17 -30.77 -7.47
C CYS B 1163 4.36 -31.21 -6.03
N GLY B 1164 3.64 -32.26 -5.65
CA GLY B 1164 3.71 -32.76 -4.28
C GLY B 1164 4.94 -33.56 -3.95
N ILE B 1165 5.75 -33.90 -4.96
CA ILE B 1165 6.97 -34.67 -4.74
C ILE B 1165 8.17 -33.73 -4.80
N CYS B 1166 8.34 -33.05 -5.94
CA CYS B 1166 9.45 -32.11 -6.08
C CYS B 1166 9.32 -30.95 -5.11
N GLY B 1167 8.10 -30.43 -4.93
CA GLY B 1167 7.89 -29.23 -4.14
C GLY B 1167 8.06 -27.93 -4.91
N LEU B 1168 8.45 -28.01 -6.18
CA LEU B 1168 8.62 -26.82 -7.01
C LEU B 1168 7.35 -26.52 -7.79
N MET B 1169 7.33 -25.36 -8.42
CA MET B 1169 6.17 -24.90 -9.19
C MET B 1169 6.23 -25.31 -10.65
N THR B 1170 7.22 -26.11 -11.04
CA THR B 1170 7.37 -26.55 -12.43
C THR B 1170 6.39 -27.69 -12.69
N VAL B 1171 5.12 -27.30 -12.88
CA VAL B 1171 4.04 -28.24 -13.16
C VAL B 1171 3.34 -27.80 -14.44
N ILE B 1172 3.20 -28.72 -15.38
CA ILE B 1172 2.53 -28.42 -16.65
C ILE B 1172 1.03 -28.60 -16.43
N ALA B 1173 0.29 -27.50 -16.46
CA ALA B 1173 -1.14 -27.49 -16.22
C ALA B 1173 -1.87 -27.11 -17.51
N LYS B 1174 -2.84 -27.94 -17.89
CA LYS B 1174 -3.68 -27.71 -19.07
C LYS B 1174 -5.13 -27.72 -18.61
N LEU B 1175 -5.66 -26.53 -18.29
CA LEU B 1175 -7.01 -26.42 -17.78
C LEU B 1175 -8.06 -26.80 -18.81
N ASN B 1176 -7.73 -26.71 -20.10
CA ASN B 1176 -8.71 -27.07 -21.14
C ASN B 1176 -9.07 -28.55 -21.07
N HIS B 1177 -8.08 -29.41 -20.91
CA HIS B 1177 -8.31 -30.86 -20.82
C HIS B 1177 -8.41 -31.35 -19.38
N ASN B 1178 -8.26 -30.46 -18.40
CA ASN B 1178 -8.38 -30.80 -16.98
C ASN B 1178 -7.40 -31.92 -16.59
N GLN B 1179 -6.12 -31.65 -16.82
CA GLN B 1179 -5.07 -32.59 -16.47
C GLN B 1179 -3.80 -31.83 -16.14
N PHE B 1180 -2.98 -32.41 -15.28
CA PHE B 1180 -1.71 -31.82 -14.87
C PHE B 1180 -0.62 -32.87 -14.90
N GLU B 1181 0.62 -32.42 -15.06
CA GLU B 1181 1.75 -33.32 -15.14
C GLU B 1181 3.01 -32.60 -14.66
N CYS B 1182 3.89 -33.34 -14.00
CA CYS B 1182 5.19 -32.85 -13.56
C CYS B 1182 6.26 -33.69 -14.24
N LYS B 1183 6.93 -33.12 -15.23
CA LYS B 1183 7.93 -33.85 -15.99
C LYS B 1183 9.15 -34.23 -15.16
N GLY B 1184 9.36 -33.55 -14.03
CA GLY B 1184 10.53 -33.85 -13.22
C GLY B 1184 10.51 -35.24 -12.62
N CYS B 1185 9.34 -35.68 -12.14
CA CYS B 1185 9.21 -36.98 -11.48
C CYS B 1185 8.01 -37.76 -12.00
N ASP B 1186 7.58 -37.46 -13.23
CA ASP B 1186 6.43 -38.09 -13.88
C ASP B 1186 5.27 -38.31 -12.91
N ASN B 1187 4.86 -37.23 -12.26
CA ASN B 1187 3.80 -37.25 -11.26
C ASN B 1187 2.53 -36.66 -11.85
N LYS B 1188 1.41 -37.37 -11.68
CA LYS B 1188 0.15 -36.92 -12.22
C LYS B 1188 -1.03 -37.05 -11.26
N ILE B 1189 -0.83 -37.57 -10.05
CA ILE B 1189 -1.95 -37.85 -9.15
C ILE B 1189 -1.82 -37.13 -7.81
N ASP B 1190 -0.94 -36.13 -7.71
CA ASP B 1190 -0.95 -35.23 -6.55
C ASP B 1190 -0.44 -33.87 -7.02
N ILE B 1191 -1.36 -32.97 -7.32
CA ILE B 1191 -1.04 -31.60 -7.71
C ILE B 1191 -1.87 -30.66 -6.83
N TYR B 1192 -1.21 -29.68 -6.23
CA TYR B 1192 -1.85 -28.72 -5.34
C TYR B 1192 -1.72 -27.33 -5.92
N GLN B 1193 -2.73 -26.49 -5.65
CA GLN B 1193 -2.73 -25.10 -6.07
C GLN B 1193 -2.67 -24.21 -4.83
N ILE B 1194 -1.83 -23.17 -4.90
CA ILE B 1194 -1.65 -22.25 -3.78
C ILE B 1194 -1.83 -20.82 -4.29
N HIS B 1195 -2.17 -19.94 -3.35
CA HIS B 1195 -2.37 -18.52 -3.64
C HIS B 1195 -1.24 -17.74 -3.00
N ILE B 1196 -0.32 -17.23 -3.82
CA ILE B 1196 0.83 -16.47 -3.34
C ILE B 1196 0.94 -15.19 -4.15
N PRO B 1197 1.52 -14.12 -3.62
CA PRO B 1197 1.70 -12.91 -4.41
C PRO B 1197 2.68 -13.14 -5.56
N TYR B 1198 2.48 -12.37 -6.64
CA TYR B 1198 3.34 -12.51 -7.80
C TYR B 1198 4.79 -12.18 -7.48
N ALA B 1199 5.03 -11.29 -6.52
CA ALA B 1199 6.39 -10.99 -6.10
C ALA B 1199 7.06 -12.21 -5.49
N ALA B 1200 6.32 -12.99 -4.70
CA ALA B 1200 6.87 -14.21 -4.13
C ALA B 1200 7.22 -15.21 -5.23
N LYS B 1201 6.35 -15.33 -6.24
CA LYS B 1201 6.65 -16.22 -7.37
C LYS B 1201 7.90 -15.77 -8.11
N LEU B 1202 8.04 -14.46 -8.33
CA LEU B 1202 9.23 -13.95 -9.00
C LEU B 1202 10.49 -14.22 -8.18
N LEU B 1203 10.40 -14.03 -6.86
CA LEU B 1203 11.54 -14.30 -5.99
C LEU B 1203 11.92 -15.78 -6.03
N PHE B 1204 10.93 -16.67 -6.00
CA PHE B 1204 11.21 -18.10 -6.06
C PHE B 1204 11.84 -18.48 -7.40
N GLN B 1205 11.34 -17.90 -8.49
CA GLN B 1205 11.92 -18.20 -9.80
C GLN B 1205 13.36 -17.68 -9.89
N GLU B 1206 13.63 -16.51 -9.33
CA GLU B 1206 15.00 -16.00 -9.31
C GLU B 1206 15.91 -16.88 -8.48
N LEU B 1207 15.41 -17.35 -7.33
CA LEU B 1207 16.21 -18.26 -6.50
C LEU B 1207 16.49 -19.57 -7.23
N MET B 1208 15.50 -20.09 -7.96
CA MET B 1208 15.74 -21.28 -8.77
C MET B 1208 16.76 -21.02 -9.86
N ALA B 1209 16.72 -19.81 -10.45
CA ALA B 1209 17.76 -19.42 -11.40
C ALA B 1209 19.14 -19.35 -10.74
N MET B 1210 19.18 -19.08 -9.44
CA MET B 1210 20.42 -19.08 -8.66
C MET B 1210 20.85 -20.47 -8.20
N ASN B 1211 20.33 -21.53 -8.82
CA ASN B 1211 20.67 -22.91 -8.43
C ASN B 1211 20.31 -23.20 -6.97
N ILE B 1212 19.25 -22.56 -6.48
CA ILE B 1212 18.73 -22.77 -5.14
C ILE B 1212 17.28 -23.21 -5.27
N THR B 1213 16.92 -24.30 -4.60
CA THR B 1213 15.58 -24.86 -4.73
C THR B 1213 14.74 -24.50 -3.52
N PRO B 1214 13.78 -23.58 -3.63
CA PRO B 1214 12.86 -23.28 -2.53
C PRO B 1214 11.61 -24.17 -2.58
N ARG B 1215 11.78 -25.43 -2.23
CA ARG B 1215 10.68 -26.39 -2.29
C ARG B 1215 9.60 -26.00 -1.29
N LEU B 1216 8.35 -26.02 -1.75
CA LEU B 1216 7.19 -25.68 -0.93
C LEU B 1216 6.34 -26.92 -0.72
N TYR B 1217 5.96 -27.18 0.52
CA TYR B 1217 5.16 -28.35 0.86
C TYR B 1217 3.94 -27.91 1.67
N THR B 1218 2.83 -28.64 1.47
CA THR B 1218 1.57 -28.32 2.11
C THR B 1218 1.32 -29.15 3.36
N ASP B 1219 2.30 -29.92 3.81
CA ASP B 1219 2.16 -30.75 5.00
C ASP B 1219 3.34 -30.51 5.93
N ARG B 1220 3.11 -30.74 7.22
CA ARG B 1220 4.13 -30.55 8.24
C ARG B 1220 4.95 -31.82 8.40
N SER B 1221 6.28 -31.67 8.40
CA SER B 1221 7.19 -32.80 8.54
C SER B 1221 7.63 -32.89 10.01
N ARG B 1222 7.18 -33.94 10.69
CA ARG B 1222 7.55 -34.16 12.08
C ARG B 1222 7.52 -35.65 12.37
N ASP B 1223 8.20 -36.03 13.46
CA ASP B 1223 8.30 -37.42 13.89
C ASP B 1223 8.85 -38.31 12.78
N PHE B 1224 7.99 -39.15 12.21
CA PHE B 1224 8.41 -40.05 11.14
C PHE B 1224 7.44 -39.99 9.97
N MET C 1 -42.48 59.22 14.30
CA MET C 1 -43.36 58.95 15.44
C MET C 1 -44.46 57.98 15.04
N SER C 2 -44.16 56.68 15.12
CA SER C 2 -45.12 55.64 14.77
C SER C 2 -45.00 54.54 15.81
N GLU C 3 -45.99 54.44 16.71
CA GLU C 3 -46.09 53.43 17.74
C GLU C 3 -44.85 53.39 18.64
N GLU C 4 -44.78 52.41 19.54
CA GLU C 4 -43.66 52.28 20.47
C GLU C 4 -42.54 51.41 19.93
N GLY C 5 -42.41 51.33 18.61
CA GLY C 5 -41.39 50.52 17.99
C GLY C 5 -40.04 51.22 17.96
N PRO C 6 -39.11 50.71 17.15
CA PRO C 6 -37.79 51.34 17.07
C PRO C 6 -37.86 52.78 16.59
N GLN C 7 -37.00 53.61 17.14
CA GLN C 7 -36.93 55.02 16.80
C GLN C 7 -35.59 55.33 16.13
N VAL C 8 -35.62 56.29 15.22
CA VAL C 8 -34.43 56.67 14.45
C VAL C 8 -34.15 58.14 14.68
N LYS C 9 -32.89 58.52 14.44
CA LYS C 9 -32.46 59.91 14.56
C LYS C 9 -31.24 60.08 13.67
N ILE C 10 -31.41 60.78 12.55
CA ILE C 10 -30.33 60.95 11.59
C ILE C 10 -29.44 62.09 12.03
N ARG C 11 -28.14 61.80 12.18
CA ARG C 11 -27.17 62.82 12.58
C ARG C 11 -26.59 63.54 11.36
N GLU C 12 -25.98 62.78 10.45
CA GLU C 12 -25.38 63.32 9.24
C GLU C 12 -25.87 62.53 8.03
N ALA C 13 -26.14 63.23 6.94
CA ALA C 13 -26.58 62.61 5.70
C ALA C 13 -25.76 63.14 4.54
N SER C 14 -25.56 62.29 3.54
CA SER C 14 -24.77 62.64 2.37
C SER C 14 -25.20 61.76 1.20
N LYS C 15 -24.51 61.90 0.09
CA LYS C 15 -24.79 61.10 -1.10
C LYS C 15 -24.20 59.71 -1.02
N ASP C 16 -23.28 59.45 -0.08
CA ASP C 16 -22.64 58.16 0.05
C ASP C 16 -22.68 57.57 1.45
N ASN C 17 -22.89 58.37 2.49
CA ASN C 17 -22.95 57.88 3.86
C ASN C 17 -24.16 58.49 4.56
N VAL C 18 -24.75 57.70 5.47
CA VAL C 18 -25.82 58.16 6.34
C VAL C 18 -25.50 57.75 7.76
N ASP C 19 -25.63 58.68 8.70
CA ASP C 19 -25.38 58.43 10.11
C ASP C 19 -26.68 58.57 10.88
N PHE C 20 -27.05 57.53 11.62
CA PHE C 20 -28.30 57.52 12.37
C PHE C 20 -28.12 56.77 13.67
N ILE C 21 -29.04 56.99 14.60
CA ILE C 21 -29.03 56.35 15.90
C ILE C 21 -30.30 55.51 16.03
N LEU C 22 -30.13 54.24 16.41
CA LEU C 22 -31.23 53.33 16.59
C LEU C 22 -31.54 53.20 18.08
N SER C 23 -32.80 53.42 18.45
CA SER C 23 -33.22 53.37 19.84
C SER C 23 -34.50 52.54 19.94
N ASN C 24 -34.75 52.05 21.16
CA ASN C 24 -35.92 51.21 21.46
C ASN C 24 -35.95 49.98 20.57
N VAL C 25 -34.78 49.36 20.35
CA VAL C 25 -34.65 48.19 19.52
C VAL C 25 -33.67 47.23 20.17
N ASP C 26 -33.92 45.94 20.02
CA ASP C 26 -33.05 44.92 20.59
C ASP C 26 -31.80 44.73 19.74
N LEU C 27 -30.78 44.13 20.35
CA LEU C 27 -29.50 43.93 19.67
C LEU C 27 -29.65 42.96 18.50
N ALA C 28 -30.44 41.91 18.66
CA ALA C 28 -30.59 40.91 17.61
C ALA C 28 -31.19 41.51 16.35
N MET C 29 -32.20 42.37 16.51
CA MET C 29 -32.81 43.01 15.34
C MET C 29 -31.82 43.89 14.60
N ALA C 30 -31.02 44.67 15.33
CA ALA C 30 -30.02 45.52 14.68
C ALA C 30 -28.96 44.70 13.97
N ASN C 31 -28.50 43.61 14.59
CA ASN C 31 -27.51 42.76 13.95
C ASN C 31 -28.08 42.11 12.69
N SER C 32 -29.33 41.64 12.75
CA SER C 32 -29.95 41.05 11.58
C SER C 32 -30.13 42.07 10.47
N LEU C 33 -30.51 43.31 10.82
CA LEU C 33 -30.63 44.35 9.81
C LEU C 33 -29.30 44.65 9.16
N ARG C 34 -28.22 44.71 9.95
CA ARG C 34 -26.90 44.95 9.39
C ARG C 34 -26.48 43.82 8.46
N ARG C 35 -26.72 42.57 8.88
CA ARG C 35 -26.35 41.43 8.04
C ARG C 35 -27.12 41.43 6.74
N VAL C 36 -28.42 41.75 6.80
CA VAL C 36 -29.24 41.81 5.58
C VAL C 36 -28.74 42.93 4.68
N MET C 37 -28.44 44.09 5.25
CA MET C 37 -27.98 45.22 4.46
C MET C 37 -26.63 44.96 3.81
N ILE C 38 -25.79 44.13 4.43
CA ILE C 38 -24.48 43.85 3.83
C ILE C 38 -24.48 42.63 2.90
N ALA C 39 -25.45 41.72 3.04
CA ALA C 39 -25.38 40.49 2.24
C ALA C 39 -26.72 40.02 1.69
N GLU C 40 -27.73 40.88 1.59
CA GLU C 40 -29.02 40.42 1.09
C GLU C 40 -29.70 41.33 0.07
N ILE C 41 -29.16 42.51 -0.22
CA ILE C 41 -29.81 43.44 -1.13
C ILE C 41 -29.56 43.00 -2.57
N PRO C 42 -30.61 42.80 -3.38
CA PRO C 42 -30.39 42.42 -4.78
C PRO C 42 -29.89 43.62 -5.59
N THR C 43 -28.86 43.39 -6.40
CA THR C 43 -28.31 44.44 -7.25
C THR C 43 -28.10 43.93 -8.67
N LEU C 44 -27.45 44.73 -9.51
CA LEU C 44 -27.18 44.37 -10.89
C LEU C 44 -25.69 44.44 -11.14
N ALA C 45 -25.14 43.37 -11.74
CA ALA C 45 -23.73 43.32 -12.05
C ALA C 45 -23.52 42.40 -13.25
N ILE C 46 -22.38 42.59 -13.92
CA ILE C 46 -22.05 41.79 -15.09
C ILE C 46 -21.71 40.37 -14.64
N ASP C 47 -22.35 39.39 -15.26
CA ASP C 47 -22.15 37.99 -14.91
C ASP C 47 -21.56 37.15 -16.03
N SER C 48 -21.84 37.46 -17.29
CA SER C 48 -21.32 36.71 -18.43
C SER C 48 -20.62 37.66 -19.39
N VAL C 49 -19.41 37.30 -19.79
CA VAL C 49 -18.61 38.10 -20.71
C VAL C 49 -18.23 37.23 -21.90
N GLU C 50 -18.50 37.73 -23.11
CA GLU C 50 -18.12 37.05 -24.34
C GLU C 50 -17.03 37.88 -25.03
N VAL C 51 -15.89 37.25 -25.28
CA VAL C 51 -14.71 37.94 -25.82
C VAL C 51 -14.57 37.59 -27.29
N GLU C 52 -14.49 38.61 -28.13
CA GLU C 52 -14.27 38.43 -29.56
C GLU C 52 -12.81 38.61 -29.93
N THR C 53 -12.23 39.77 -29.61
CA THR C 53 -10.82 40.04 -29.85
C THR C 53 -10.22 40.65 -28.59
N ASN C 54 -9.10 40.08 -28.14
CA ASN C 54 -8.39 40.57 -26.96
C ASN C 54 -6.89 40.52 -27.26
N THR C 55 -6.36 41.62 -27.76
CA THR C 55 -4.94 41.73 -28.08
C THR C 55 -4.16 42.49 -27.02
N THR C 56 -4.79 42.77 -25.88
CA THR C 56 -4.11 43.49 -24.80
C THR C 56 -3.17 42.55 -24.05
N VAL C 57 -2.42 43.13 -23.10
CA VAL C 57 -1.47 42.37 -22.30
C VAL C 57 -2.13 41.71 -21.09
N LEU C 58 -3.44 41.84 -20.93
CA LEU C 58 -4.16 41.25 -19.81
C LEU C 58 -4.90 40.01 -20.24
N ALA C 59 -4.99 39.04 -19.32
CA ALA C 59 -5.69 37.80 -19.60
C ALA C 59 -7.19 38.04 -19.67
N ASP C 60 -7.89 37.13 -20.35
CA ASP C 60 -9.33 37.24 -20.51
C ASP C 60 -10.04 37.15 -19.16
N GLU C 61 -9.59 36.23 -18.29
CA GLU C 61 -10.19 36.11 -16.97
C GLU C 61 -9.96 37.38 -16.15
N PHE C 62 -8.80 38.01 -16.30
CA PHE C 62 -8.52 39.27 -15.62
C PHE C 62 -9.55 40.33 -16.00
N ILE C 63 -9.78 40.52 -17.30
CA ILE C 63 -10.73 41.53 -17.75
C ILE C 63 -12.14 41.17 -17.34
N ALA C 64 -12.48 39.88 -17.39
CA ALA C 64 -13.82 39.45 -16.97
C ALA C 64 -14.07 39.75 -15.51
N HIS C 65 -13.08 39.45 -14.64
CA HIS C 65 -13.23 39.76 -13.23
C HIS C 65 -13.34 41.26 -13.00
N ARG C 66 -12.50 42.05 -13.68
CA ARG C 66 -12.54 43.49 -13.52
C ARG C 66 -13.89 44.07 -13.95
N LEU C 67 -14.43 43.56 -15.06
CA LEU C 67 -15.75 44.01 -15.50
C LEU C 67 -16.85 43.60 -14.54
N GLY C 68 -16.74 42.38 -13.98
CA GLY C 68 -17.74 41.95 -13.02
C GLY C 68 -17.68 42.72 -11.72
N LEU C 69 -16.53 43.30 -11.39
CA LEU C 69 -16.42 44.11 -10.18
C LEU C 69 -16.89 45.54 -10.37
N ILE C 70 -17.27 45.93 -11.58
CA ILE C 70 -17.70 47.30 -11.87
C ILE C 70 -19.13 47.50 -11.41
N PRO C 71 -19.41 48.49 -10.56
CA PRO C 71 -20.79 48.74 -10.13
C PRO C 71 -21.65 49.26 -11.27
N LEU C 72 -22.95 48.96 -11.19
CA LEU C 72 -23.92 49.39 -12.18
C LEU C 72 -25.16 49.92 -11.47
N GLN C 73 -25.90 50.76 -12.17
CA GLN C 73 -27.13 51.33 -11.61
C GLN C 73 -28.15 50.23 -11.33
N SER C 74 -28.75 50.28 -10.14
CA SER C 74 -29.72 49.28 -9.73
C SER C 74 -30.91 49.92 -9.02
N MET C 75 -31.27 51.15 -9.40
CA MET C 75 -32.41 51.82 -8.77
C MET C 75 -33.70 51.07 -9.03
N ASP C 76 -33.98 50.76 -10.29
CA ASP C 76 -35.18 49.99 -10.66
C ASP C 76 -34.86 48.50 -10.77
N ILE C 77 -34.27 47.95 -9.70
CA ILE C 77 -33.88 46.55 -9.73
C ILE C 77 -35.06 45.62 -9.45
N GLU C 78 -36.13 46.13 -8.84
CA GLU C 78 -37.29 45.30 -8.55
C GLU C 78 -38.09 44.95 -9.79
N GLN C 79 -37.85 45.64 -10.90
CA GLN C 79 -38.55 45.36 -12.15
C GLN C 79 -37.82 44.34 -13.02
N LEU C 80 -36.70 43.80 -12.55
CA LEU C 80 -35.93 42.80 -13.28
C LEU C 80 -36.11 41.44 -12.62
N GLU C 81 -36.42 40.43 -13.42
CA GLU C 81 -36.67 39.09 -12.92
C GLU C 81 -35.37 38.29 -12.89
N TYR C 82 -35.29 37.37 -11.93
CA TYR C 82 -34.13 36.50 -11.83
C TYR C 82 -34.01 35.63 -13.07
N SER C 83 -32.76 35.35 -13.47
CA SER C 83 -32.53 34.53 -14.65
C SER C 83 -33.07 33.12 -14.46
N ARG C 84 -32.90 32.55 -13.27
CA ARG C 84 -33.38 31.19 -13.02
C ARG C 84 -34.90 31.11 -13.08
N ASP C 85 -35.59 32.17 -12.67
CA ASP C 85 -37.05 32.20 -12.67
C ASP C 85 -37.65 32.75 -13.96
N CYS C 86 -36.82 33.07 -14.95
CA CYS C 86 -37.29 33.66 -16.19
C CYS C 86 -37.49 32.58 -17.25
N PHE C 87 -38.58 32.70 -18.00
CA PHE C 87 -38.90 31.74 -19.06
C PHE C 87 -38.21 32.18 -20.34
N CYS C 88 -36.92 31.84 -20.44
CA CYS C 88 -36.12 32.18 -21.59
C CYS C 88 -34.98 31.19 -21.70
N GLU C 89 -34.27 31.23 -22.83
CA GLU C 89 -33.17 30.30 -23.06
C GLU C 89 -31.91 30.73 -22.31
N ASP C 90 -31.37 31.90 -22.64
CA ASP C 90 -30.20 32.42 -21.95
C ASP C 90 -30.46 33.74 -21.24
N HIS C 91 -30.98 34.74 -21.94
CA HIS C 91 -31.24 36.04 -21.37
C HIS C 91 -32.10 36.85 -22.34
N CYS C 92 -33.06 37.59 -21.79
CA CYS C 92 -33.91 38.43 -22.62
C CYS C 92 -33.92 39.86 -22.07
N ASP C 93 -34.78 40.71 -22.62
CA ASP C 93 -34.82 42.11 -22.20
C ASP C 93 -35.45 42.29 -20.84
N LYS C 94 -36.26 41.33 -20.38
CA LYS C 94 -36.95 41.46 -19.11
C LYS C 94 -36.19 40.81 -17.96
N CYS C 95 -35.02 40.24 -18.20
CA CYS C 95 -34.25 39.61 -17.13
C CYS C 95 -32.75 39.88 -17.20
N SER C 96 -32.28 40.69 -18.14
CA SER C 96 -30.85 40.96 -18.27
C SER C 96 -30.64 42.26 -19.03
N VAL C 97 -29.44 42.81 -18.88
CA VAL C 97 -29.02 44.01 -19.61
C VAL C 97 -27.72 43.67 -20.33
N VAL C 98 -27.66 44.01 -21.62
CA VAL C 98 -26.51 43.70 -22.46
C VAL C 98 -25.69 44.95 -22.67
N LEU C 99 -24.38 44.86 -22.41
CA LEU C 99 -23.46 45.97 -22.58
C LEU C 99 -22.29 45.53 -23.46
N THR C 100 -21.88 46.41 -24.37
CA THR C 100 -20.78 46.15 -25.28
C THR C 100 -19.67 47.18 -25.07
N LEU C 101 -18.43 46.70 -25.09
CA LEU C 101 -17.27 47.56 -24.92
C LEU C 101 -16.32 47.36 -26.09
N GLN C 102 -15.95 48.46 -26.74
CA GLN C 102 -15.00 48.43 -27.86
C GLN C 102 -13.89 49.44 -27.59
N ALA C 103 -12.65 48.99 -27.70
CA ALA C 103 -11.49 49.85 -27.45
C ALA C 103 -10.43 49.57 -28.49
N PHE C 104 -9.79 50.63 -28.98
CA PHE C 104 -8.72 50.51 -29.96
C PHE C 104 -7.63 51.53 -29.64
N GLY C 105 -6.41 51.20 -30.04
CA GLY C 105 -5.29 52.10 -29.81
C GLY C 105 -4.92 52.92 -31.03
N GLU C 106 -5.28 54.20 -31.02
CA GLU C 106 -4.99 55.10 -32.13
C GLU C 106 -3.75 55.96 -31.87
N SER C 107 -3.73 56.67 -30.75
CA SER C 107 -2.59 57.53 -30.43
C SER C 107 -1.38 56.69 -30.04
N GLU C 108 -0.20 57.31 -30.19
CA GLU C 108 1.03 56.62 -29.82
C GLU C 108 1.11 56.40 -28.32
N SER C 109 0.59 57.33 -27.53
CA SER C 109 0.58 57.17 -26.09
C SER C 109 -0.44 56.12 -25.66
N THR C 110 -0.36 55.73 -24.39
CA THR C 110 -1.27 54.72 -23.86
C THR C 110 -2.70 55.25 -23.86
N THR C 111 -3.63 54.39 -24.28
CA THR C 111 -5.05 54.71 -24.33
C THR C 111 -5.76 53.93 -23.23
N ASN C 112 -6.21 54.63 -22.19
CA ASN C 112 -6.89 53.98 -21.09
C ASN C 112 -8.33 53.63 -21.47
N VAL C 113 -8.84 52.58 -20.84
CA VAL C 113 -10.22 52.13 -21.03
C VAL C 113 -10.95 52.30 -19.71
N TYR C 114 -12.03 53.07 -19.72
CA TYR C 114 -12.78 53.40 -18.53
C TYR C 114 -14.16 52.76 -18.58
N SER C 115 -14.83 52.76 -17.42
CA SER C 115 -16.18 52.22 -17.34
C SER C 115 -17.20 53.03 -18.12
N LYS C 116 -16.90 54.30 -18.41
CA LYS C 116 -17.80 55.12 -19.19
C LYS C 116 -17.87 54.68 -20.65
N ASP C 117 -16.90 53.88 -21.10
CA ASP C 117 -16.89 53.40 -22.48
C ASP C 117 -17.92 52.31 -22.73
N LEU C 118 -18.49 51.72 -21.67
CA LEU C 118 -19.52 50.70 -21.84
C LEU C 118 -20.78 51.32 -22.45
N VAL C 119 -21.36 50.62 -23.42
CA VAL C 119 -22.54 51.09 -24.14
C VAL C 119 -23.63 50.04 -24.00
N ILE C 120 -24.82 50.47 -23.61
CA ILE C 120 -25.96 49.58 -23.46
C ILE C 120 -26.64 49.43 -24.81
N VAL C 121 -26.72 48.18 -25.29
CA VAL C 121 -27.34 47.90 -26.58
C VAL C 121 -28.71 47.25 -26.44
N SER C 122 -29.09 46.84 -25.24
CA SER C 122 -30.40 46.23 -25.02
C SER C 122 -31.46 47.32 -24.85
N ASN C 123 -32.70 46.89 -24.64
CA ASN C 123 -33.82 47.80 -24.43
C ASN C 123 -34.18 47.83 -22.96
N LEU C 124 -34.00 48.99 -22.32
CA LEU C 124 -34.28 49.12 -20.90
C LEU C 124 -35.77 49.24 -20.60
N MET C 125 -36.58 49.53 -21.62
CA MET C 125 -38.03 49.69 -21.45
C MET C 125 -38.37 50.76 -20.42
N GLY C 126 -37.57 51.81 -20.35
CA GLY C 126 -37.79 52.90 -19.43
C GLY C 126 -37.26 52.69 -18.03
N ARG C 127 -36.71 51.52 -17.73
CA ARG C 127 -36.18 51.25 -16.41
C ARG C 127 -34.82 51.92 -16.22
N ASN C 128 -34.57 52.37 -14.99
CA ASN C 128 -33.33 53.06 -14.67
C ASN C 128 -32.32 52.08 -14.08
N ILE C 129 -31.80 51.23 -14.97
CA ILE C 129 -30.80 50.22 -14.62
C ILE C 129 -29.78 50.11 -15.73
N GLY C 130 -28.61 49.57 -15.38
CA GLY C 130 -27.57 49.26 -16.33
C GLY C 130 -26.54 50.35 -16.54
N HIS C 131 -26.84 51.58 -16.16
CA HIS C 131 -25.89 52.66 -16.36
C HIS C 131 -24.74 52.55 -15.37
N PRO C 132 -23.49 52.54 -15.83
CA PRO C 132 -22.36 52.50 -14.89
C PRO C 132 -22.36 53.72 -13.98
N ILE C 133 -21.92 53.50 -12.74
CA ILE C 133 -21.87 54.57 -11.75
C ILE C 133 -20.52 55.26 -11.86
N ILE C 134 -20.54 56.55 -12.15
CA ILE C 134 -19.32 57.35 -12.31
C ILE C 134 -19.35 58.42 -11.22
N GLN C 135 -18.69 58.15 -10.10
CA GLN C 135 -18.54 59.13 -9.02
C GLN C 135 -17.12 59.67 -9.09
N ASP C 136 -16.93 60.65 -9.98
CA ASP C 136 -15.59 61.21 -10.19
C ASP C 136 -15.75 62.60 -10.79
N LYS C 137 -14.82 63.50 -10.43
CA LYS C 137 -14.84 64.85 -10.97
C LYS C 137 -14.58 64.85 -12.47
N GLU C 138 -13.62 64.05 -12.92
CA GLU C 138 -13.30 63.99 -14.35
C GLU C 138 -14.38 63.27 -15.16
N GLY C 139 -15.16 62.41 -14.52
CA GLY C 139 -16.21 61.69 -15.21
C GLY C 139 -15.76 60.46 -15.98
N ASN C 140 -14.48 60.09 -15.87
CA ASN C 140 -13.99 58.93 -16.60
C ASN C 140 -14.58 57.64 -16.05
N GLY C 141 -14.56 57.48 -14.73
CA GLY C 141 -15.06 56.27 -14.10
C GLY C 141 -13.96 55.31 -13.72
N VAL C 142 -14.36 54.06 -13.54
CA VAL C 142 -13.42 53.01 -13.13
C VAL C 142 -12.55 52.62 -14.32
N LEU C 143 -11.24 52.63 -14.11
CA LEU C 143 -10.30 52.22 -15.15
C LEU C 143 -10.31 50.71 -15.29
N ILE C 144 -10.47 50.23 -16.53
CA ILE C 144 -10.57 48.80 -16.79
C ILE C 144 -9.21 48.25 -17.17
N CYS C 145 -8.64 48.74 -18.27
CA CYS C 145 -7.36 48.26 -18.74
C CYS C 145 -6.70 49.33 -19.58
N LYS C 146 -5.39 49.18 -19.78
CA LYS C 146 -4.60 50.10 -20.58
C LYS C 146 -4.04 49.35 -21.78
N LEU C 147 -4.19 49.94 -22.96
CA LEU C 147 -3.68 49.34 -24.20
C LEU C 147 -2.99 50.41 -25.02
N ARG C 148 -1.94 50.00 -25.73
CA ARG C 148 -1.15 50.91 -26.55
C ARG C 148 -1.64 50.85 -28.00
N LYS C 149 -0.89 51.48 -28.90
CA LYS C 149 -1.28 51.51 -30.30
C LYS C 149 -1.21 50.12 -30.91
N GLY C 150 -2.23 49.78 -31.70
CA GLY C 150 -2.29 48.49 -32.35
C GLY C 150 -3.17 47.49 -31.62
N GLN C 151 -3.11 47.50 -30.29
CA GLN C 151 -3.91 46.59 -29.49
C GLN C 151 -5.39 46.95 -29.59
N GLU C 152 -6.23 45.92 -29.65
CA GLU C 152 -7.67 46.09 -29.80
C GLU C 152 -8.40 45.21 -28.80
N LEU C 153 -9.43 45.78 -28.17
CA LEU C 153 -10.27 45.05 -27.22
C LEU C 153 -11.72 45.19 -27.66
N LYS C 154 -12.43 44.07 -27.73
CA LYS C 154 -13.84 44.06 -28.13
C LYS C 154 -14.53 42.89 -27.46
N LEU C 155 -15.57 43.17 -26.68
CA LEU C 155 -16.27 42.12 -25.95
C LEU C 155 -17.69 42.59 -25.66
N THR C 156 -18.53 41.62 -25.29
CA THR C 156 -19.91 41.87 -24.92
C THR C 156 -20.18 41.31 -23.53
N CYS C 157 -20.90 42.08 -22.71
CA CYS C 157 -21.17 41.71 -21.33
C CYS C 157 -22.68 41.64 -21.09
N VAL C 158 -23.07 40.75 -20.19
CA VAL C 158 -24.47 40.57 -19.82
C VAL C 158 -24.58 40.78 -18.31
N ALA C 159 -25.50 41.65 -17.90
CA ALA C 159 -25.72 41.96 -16.49
C ALA C 159 -26.99 41.26 -16.01
N LYS C 160 -26.89 40.62 -14.85
CA LYS C 160 -27.99 39.86 -14.28
C LYS C 160 -28.16 40.20 -12.81
N LYS C 161 -29.37 40.01 -12.31
CA LYS C 161 -29.67 40.28 -10.91
C LYS C 161 -29.01 39.25 -10.01
N GLY C 162 -28.62 39.69 -8.81
CA GLY C 162 -28.00 38.80 -7.84
C GLY C 162 -27.88 39.48 -6.51
N ILE C 163 -27.48 38.69 -5.51
CA ILE C 163 -27.30 39.17 -4.15
C ILE C 163 -25.85 38.96 -3.74
N ALA C 164 -25.44 39.69 -2.70
CA ALA C 164 -24.06 39.62 -2.23
C ALA C 164 -23.71 38.26 -1.64
N LYS C 165 -24.72 37.47 -1.24
CA LYS C 165 -24.45 36.15 -0.67
C LYS C 165 -23.83 35.22 -1.70
N GLU C 166 -24.32 35.27 -2.94
CA GLU C 166 -23.77 34.41 -3.99
C GLU C 166 -22.35 34.84 -4.36
N HIS C 167 -22.15 36.14 -4.56
CA HIS C 167 -20.83 36.66 -4.89
C HIS C 167 -20.71 38.07 -4.34
N ALA C 168 -19.49 38.44 -3.96
CA ALA C 168 -19.25 39.75 -3.36
C ALA C 168 -19.41 40.89 -4.34
N LYS C 169 -19.48 40.62 -5.64
CA LYS C 169 -19.63 41.67 -6.63
C LYS C 169 -21.03 42.29 -6.64
N TRP C 170 -22.00 41.67 -5.97
CA TRP C 170 -23.37 42.16 -5.93
C TRP C 170 -23.69 42.95 -4.67
N GLY C 171 -22.68 43.22 -3.83
CA GLY C 171 -22.89 43.95 -2.61
C GLY C 171 -23.00 45.45 -2.84
N PRO C 172 -24.08 46.05 -2.34
CA PRO C 172 -24.28 47.50 -2.50
C PRO C 172 -23.64 48.35 -1.42
N ALA C 173 -23.20 47.76 -0.31
CA ALA C 173 -22.62 48.49 0.80
C ALA C 173 -21.14 48.16 0.92
N ALA C 174 -20.34 49.18 1.26
CA ALA C 174 -18.90 49.01 1.39
C ALA C 174 -18.50 48.61 2.81
N ALA C 175 -18.83 49.46 3.79
CA ALA C 175 -18.53 49.18 5.18
C ALA C 175 -19.57 49.85 6.05
N ILE C 176 -20.04 49.13 7.07
CA ILE C 176 -21.08 49.61 7.95
C ILE C 176 -20.52 49.66 9.36
N GLU C 177 -20.52 50.85 9.96
CA GLU C 177 -20.05 51.02 11.32
C GLU C 177 -21.16 50.67 12.30
N PHE C 178 -20.87 49.80 13.27
CA PHE C 178 -21.82 49.37 14.27
C PHE C 178 -21.19 49.53 15.65
N GLU C 179 -21.90 50.21 16.54
CA GLU C 179 -21.38 50.45 17.88
C GLU C 179 -22.54 50.70 18.82
N TYR C 180 -22.36 50.32 20.08
CA TYR C 180 -23.34 50.56 21.12
C TYR C 180 -22.63 50.62 22.47
N ASP C 181 -23.22 51.36 23.41
CA ASP C 181 -22.69 51.50 24.75
C ASP C 181 -21.26 52.02 24.71
N PRO C 182 -21.04 53.30 24.35
CA PRO C 182 -19.66 53.81 24.29
C PRO C 182 -18.91 53.66 25.61
N TRP C 183 -19.58 53.85 26.73
CA TRP C 183 -19.02 53.55 28.03
C TRP C 183 -19.31 52.10 28.39
N ASN C 184 -18.48 51.56 29.29
CA ASN C 184 -18.66 50.17 29.70
C ASN C 184 -19.68 50.06 30.82
N LYS C 185 -20.89 50.61 30.58
CA LYS C 185 -21.92 50.55 31.60
C LYS C 185 -22.54 49.15 31.70
N LEU C 186 -22.62 48.43 30.58
CA LEU C 186 -23.16 47.08 30.56
C LEU C 186 -22.12 46.02 30.89
N LYS C 187 -20.84 46.41 30.98
CA LYS C 187 -19.75 45.47 31.28
C LYS C 187 -19.71 44.31 30.28
N HIS C 188 -19.96 44.62 29.01
CA HIS C 188 -19.94 43.60 27.98
C HIS C 188 -18.54 43.25 27.51
N THR C 189 -17.52 44.00 27.93
CA THR C 189 -16.14 43.70 27.58
C THR C 189 -15.23 44.07 28.76
N ASP C 190 -14.10 43.39 28.83
CA ASP C 190 -13.09 43.64 29.86
C ASP C 190 -11.87 44.25 29.19
N TYR C 191 -11.45 45.41 29.69
CA TYR C 191 -10.37 46.14 29.06
C TYR C 191 -9.02 45.56 29.45
N TRP C 192 -8.01 45.88 28.65
CA TRP C 192 -6.65 45.35 28.80
C TRP C 192 -5.70 46.38 29.41
N TYR C 193 -6.15 47.11 30.42
CA TYR C 193 -5.32 48.15 31.03
C TYR C 193 -4.00 47.58 31.51
N GLU C 194 -2.92 48.31 31.24
CA GLU C 194 -1.59 48.01 31.76
C GLU C 194 -1.26 48.82 33.00
N GLN C 195 -1.62 50.10 33.00
CA GLN C 195 -1.54 50.96 34.17
C GLN C 195 -2.87 51.59 34.54
N ASP C 196 -3.66 52.00 33.56
CA ASP C 196 -4.98 52.57 33.79
C ASP C 196 -5.83 52.36 32.55
N SER C 197 -7.11 52.07 32.76
CA SER C 197 -8.01 51.81 31.62
C SER C 197 -8.37 53.08 30.89
N ALA C 198 -8.65 54.16 31.63
CA ALA C 198 -9.12 55.39 31.00
C ALA C 198 -8.06 56.01 30.08
N LYS C 199 -6.81 56.05 30.54
CA LYS C 199 -5.77 56.72 29.76
C LYS C 199 -5.36 55.89 28.55
N GLU C 200 -5.26 54.57 28.70
CA GLU C 200 -4.74 53.74 27.63
C GLU C 200 -5.75 53.56 26.50
N TRP C 201 -7.04 53.54 26.82
CA TRP C 201 -8.06 53.29 25.81
C TRP C 201 -8.67 54.61 25.36
N PRO C 202 -8.55 54.98 24.09
CA PRO C 202 -9.15 56.24 23.63
C PRO C 202 -10.66 56.20 23.70
N GLN C 203 -11.24 57.37 23.94
CA GLN C 203 -12.69 57.50 24.00
C GLN C 203 -13.29 57.57 22.61
N SER C 204 -14.38 56.85 22.41
CA SER C 204 -15.06 56.85 21.12
C SER C 204 -15.75 58.19 20.88
N LYS C 205 -15.97 58.51 19.60
CA LYS C 205 -16.61 59.77 19.23
C LYS C 205 -18.08 59.80 19.63
N ASN C 206 -18.67 58.65 19.94
CA ASN C 206 -20.07 58.59 20.35
C ASN C 206 -20.27 58.81 21.84
N CYS C 207 -19.19 59.00 22.60
CA CYS C 207 -19.33 59.26 24.03
C CYS C 207 -20.05 60.57 24.29
N GLU C 208 -19.74 61.61 23.51
CA GLU C 208 -20.37 62.90 23.71
C GLU C 208 -21.85 62.85 23.33
N TYR C 209 -22.19 62.10 22.28
CA TYR C 209 -23.57 61.98 21.83
C TYR C 209 -24.34 61.14 22.84
N GLU C 210 -25.11 61.81 23.71
CA GLU C 210 -25.83 61.15 24.80
C GLU C 210 -24.88 60.33 25.65
N ASP C 211 -25.41 59.31 26.34
CA ASP C 211 -24.62 58.42 27.18
C ASP C 211 -23.76 59.21 28.17
N PRO C 212 -24.35 59.80 29.19
CA PRO C 212 -23.56 60.57 30.15
C PRO C 212 -22.56 59.67 30.86
N PRO C 213 -21.41 60.21 31.23
CA PRO C 213 -20.38 59.37 31.87
C PRO C 213 -20.87 58.76 33.16
N ASN C 214 -20.42 57.52 33.42
CA ASN C 214 -20.83 56.80 34.61
C ASN C 214 -20.14 57.39 35.86
N GLU C 215 -20.75 57.11 37.01
CA GLU C 215 -20.24 57.54 38.31
C GLU C 215 -19.93 56.31 39.16
N GLY C 216 -19.64 56.54 40.43
CA GLY C 216 -19.34 55.46 41.35
C GLY C 216 -20.58 54.74 41.86
N ASP C 217 -21.65 54.76 41.07
CA ASP C 217 -22.88 54.09 41.45
C ASP C 217 -22.73 52.58 41.30
N PRO C 218 -23.54 51.81 42.01
CA PRO C 218 -23.49 50.34 41.86
C PRO C 218 -23.86 49.91 40.45
N PHE C 219 -23.27 48.79 40.03
CA PHE C 219 -23.51 48.27 38.69
C PHE C 219 -24.98 47.90 38.50
N ASP C 220 -25.54 48.30 37.37
CA ASP C 220 -26.94 48.04 37.06
C ASP C 220 -27.03 46.73 36.30
N TYR C 221 -27.65 45.72 36.91
CA TYR C 221 -27.79 44.41 36.30
C TYR C 221 -29.08 44.26 35.50
N LYS C 222 -29.99 45.23 35.57
CA LYS C 222 -31.26 45.18 34.87
C LYS C 222 -31.24 45.97 33.56
N ALA C 223 -30.07 46.46 33.15
CA ALA C 223 -29.98 47.25 31.93
C ALA C 223 -29.61 46.37 30.74
N GLN C 224 -30.13 46.74 29.58
CA GLN C 224 -29.88 46.02 28.34
C GLN C 224 -29.56 47.02 27.23
N ALA C 225 -28.86 46.53 26.21
CA ALA C 225 -28.47 47.37 25.09
C ALA C 225 -29.72 47.75 24.28
N ASP C 226 -29.96 49.05 24.15
CA ASP C 226 -31.12 49.54 23.41
C ASP C 226 -30.80 50.68 22.47
N THR C 227 -29.64 51.31 22.57
CA THR C 227 -29.24 52.42 21.71
C THR C 227 -28.05 51.99 20.87
N PHE C 228 -28.16 52.17 19.55
CA PHE C 228 -27.11 51.77 18.62
C PHE C 228 -26.82 52.92 17.67
N TYR C 229 -25.53 53.13 17.41
CA TYR C 229 -25.07 54.14 16.47
C TYR C 229 -24.53 53.45 15.23
N MET C 230 -25.11 53.76 14.07
CA MET C 230 -24.78 53.07 12.83
C MET C 230 -24.47 54.09 11.74
N ASN C 231 -23.53 53.72 10.88
CA ASN C 231 -23.16 54.51 9.72
C ASN C 231 -23.06 53.59 8.51
N VAL C 232 -23.91 53.82 7.52
CA VAL C 232 -24.00 52.97 6.34
C VAL C 232 -23.37 53.70 5.16
N GLU C 233 -22.44 53.04 4.48
CA GLU C 233 -21.79 53.57 3.30
C GLU C 233 -22.20 52.74 2.08
N SER C 234 -22.50 53.43 0.99
CA SER C 234 -22.98 52.80 -0.24
C SER C 234 -21.90 52.85 -1.31
N VAL C 235 -21.81 51.78 -2.10
CA VAL C 235 -20.88 51.75 -3.22
C VAL C 235 -21.24 52.82 -4.25
N GLY C 236 -22.53 52.96 -4.54
CA GLY C 236 -23.00 53.94 -5.50
C GLY C 236 -24.14 53.44 -6.34
N SER C 237 -24.32 52.12 -6.39
CA SER C 237 -25.43 51.54 -7.14
C SER C 237 -26.78 51.95 -6.55
N ILE C 238 -26.88 51.96 -5.23
CA ILE C 238 -28.13 52.25 -4.54
C ILE C 238 -27.90 53.38 -3.54
N PRO C 239 -28.82 54.34 -3.42
CA PRO C 239 -28.67 55.37 -2.38
C PRO C 239 -28.75 54.76 -0.98
N VAL C 240 -28.10 55.44 -0.03
CA VAL C 240 -27.98 54.91 1.33
C VAL C 240 -29.35 54.73 1.97
N ASP C 241 -30.22 55.74 1.84
CA ASP C 241 -31.57 55.61 2.38
C ASP C 241 -32.32 54.46 1.72
N GLN C 242 -32.18 54.33 0.39
CA GLN C 242 -32.77 53.19 -0.30
C GLN C 242 -32.12 51.88 0.15
N VAL C 243 -30.83 51.90 0.48
CA VAL C 243 -30.18 50.70 0.99
C VAL C 243 -30.82 50.24 2.29
N VAL C 244 -31.03 51.18 3.22
CA VAL C 244 -31.64 50.84 4.50
C VAL C 244 -33.08 50.38 4.30
N VAL C 245 -33.83 51.07 3.45
CA VAL C 245 -35.22 50.70 3.20
C VAL C 245 -35.30 49.29 2.61
N ARG C 246 -34.43 48.98 1.64
CA ARG C 246 -34.43 47.67 1.03
C ARG C 246 -33.98 46.59 2.01
N GLY C 247 -33.06 46.92 2.92
CA GLY C 247 -32.69 45.95 3.94
C GLY C 247 -33.85 45.61 4.86
N ILE C 248 -34.58 46.63 5.31
CA ILE C 248 -35.74 46.40 6.15
C ILE C 248 -36.79 45.60 5.39
N ASP C 249 -37.01 45.94 4.12
CA ASP C 249 -37.98 45.22 3.30
C ASP C 249 -37.58 43.76 3.11
N THR C 250 -36.30 43.51 2.90
CA THR C 250 -35.82 42.13 2.73
C THR C 250 -36.01 41.32 4.00
N LEU C 251 -35.70 41.91 5.16
CA LEU C 251 -35.91 41.20 6.43
C LEU C 251 -37.39 40.90 6.63
N GLN C 252 -38.26 41.88 6.36
CA GLN C 252 -39.69 41.67 6.50
C GLN C 252 -40.18 40.58 5.54
N LYS C 253 -39.66 40.58 4.31
CA LYS C 253 -40.05 39.57 3.34
C LYS C 253 -39.61 38.18 3.77
N LYS C 254 -38.41 38.06 4.33
CA LYS C 254 -37.95 36.77 4.82
C LYS C 254 -38.83 36.25 5.95
N VAL C 255 -39.16 37.12 6.90
CA VAL C 255 -40.01 36.68 8.01
C VAL C 255 -41.41 36.33 7.51
N ALA C 256 -41.93 37.10 6.55
CA ALA C 256 -43.24 36.80 5.99
C ALA C 256 -43.23 35.49 5.23
N SER C 257 -42.13 35.19 4.53
CA SER C 257 -42.01 33.91 3.84
C SER C 257 -41.97 32.76 4.83
N ILE C 258 -41.28 32.94 5.96
CA ILE C 258 -41.28 31.92 7.01
C ILE C 258 -42.70 31.69 7.53
N LEU C 259 -43.43 32.77 7.78
CA LEU C 259 -44.82 32.65 8.25
C LEU C 259 -45.69 31.95 7.22
N LEU C 260 -45.52 32.29 5.94
CA LEU C 260 -46.31 31.66 4.88
C LEU C 260 -46.01 30.17 4.78
N ALA C 261 -44.73 29.80 4.90
CA ALA C 261 -44.38 28.38 4.89
C ALA C 261 -44.98 27.65 6.09
N LEU C 262 -44.96 28.29 7.25
CA LEU C 262 -45.58 27.68 8.43
C LEU C 262 -47.08 27.46 8.22
N THR C 263 -47.77 28.47 7.67
CA THR C 263 -49.20 28.33 7.42
C THR C 263 -49.48 27.25 6.38
N GLN C 264 -48.67 27.18 5.33
CA GLN C 264 -48.85 26.16 4.31
C GLN C 264 -48.66 24.77 4.88
N MET C 265 -47.63 24.59 5.72
CA MET C 265 -47.40 23.28 6.32
C MET C 265 -48.50 22.93 7.32
N ASP C 266 -49.05 23.92 8.02
CA ASP C 266 -50.18 23.66 8.91
C ASP C 266 -51.41 23.23 8.12
N GLN C 267 -51.67 23.89 6.98
CA GLN C 267 -52.80 23.50 6.14
C GLN C 267 -52.60 22.10 5.56
N ASP C 268 -51.37 21.79 5.14
CA ASP C 268 -51.10 20.46 4.60
C ASP C 268 -51.25 19.38 5.66
N LYS C 269 -50.83 19.68 6.89
CA LYS C 269 -50.96 18.71 7.98
C LYS C 269 -52.43 18.39 8.26
N VAL C 270 -53.28 19.40 8.25
CA VAL C 270 -54.71 19.20 8.50
C VAL C 270 -55.39 18.70 7.23
N SER D 4 -6.99 -37.02 -1.24
CA SER D 4 -7.57 -38.27 -0.77
C SER D 4 -6.48 -39.30 -0.47
N THR D 5 -6.10 -39.39 0.80
CA THR D 5 -5.07 -40.33 1.24
C THR D 5 -5.34 -40.73 2.68
N SER D 6 -4.78 -41.88 3.06
CA SER D 6 -4.94 -42.41 4.41
C SER D 6 -3.63 -42.55 5.17
N THR D 7 -2.48 -42.35 4.53
CA THR D 7 -1.19 -42.49 5.17
C THR D 7 -0.39 -41.21 4.99
N PHE D 8 0.16 -40.70 6.08
CA PHE D 8 0.99 -39.50 6.02
C PHE D 8 2.38 -39.83 5.49
N GLN D 9 3.12 -38.79 5.13
CA GLN D 9 4.44 -38.97 4.54
C GLN D 9 5.41 -39.56 5.57
N THR D 10 6.21 -40.52 5.11
CA THR D 10 7.19 -41.17 5.98
C THR D 10 8.30 -41.75 5.11
N ARG D 11 9.42 -42.06 5.77
CA ARG D 11 10.59 -42.64 5.10
C ARG D 11 11.06 -41.77 3.94
N ARG D 12 11.02 -40.44 4.14
CA ARG D 12 11.45 -39.47 3.14
C ARG D 12 10.69 -39.66 1.82
N ARG D 13 9.37 -39.48 1.90
CA ARG D 13 8.54 -39.62 0.71
C ARG D 13 8.70 -38.44 -0.25
N ARG D 14 9.27 -37.33 0.21
CA ARG D 14 9.41 -36.15 -0.65
C ARG D 14 10.42 -36.41 -1.76
N LEU D 15 11.60 -36.91 -1.41
CA LEU D 15 12.68 -37.11 -2.38
C LEU D 15 13.34 -38.47 -2.17
N LYS D 16 12.51 -39.52 -2.10
CA LYS D 16 13.05 -40.86 -1.92
C LYS D 16 13.97 -41.25 -3.07
N LYS D 17 13.57 -40.94 -4.30
CA LYS D 17 14.40 -41.14 -5.49
C LYS D 17 14.90 -42.59 -5.59
N VAL D 18 14.02 -43.54 -5.28
CA VAL D 18 14.32 -44.95 -5.38
C VAL D 18 13.62 -45.59 -6.58
N GLU D 19 12.34 -45.31 -6.77
CA GLU D 19 11.55 -45.82 -7.89
C GLU D 19 11.67 -47.34 -8.01
N GLU D 20 11.23 -48.03 -6.95
CA GLU D 20 11.26 -49.49 -6.91
C GLU D 20 10.06 -50.03 -7.69
N GLU D 21 10.07 -49.77 -8.99
CA GLU D 21 9.02 -50.16 -9.91
C GLU D 21 7.66 -49.65 -9.45
N GLU D 22 6.59 -50.30 -9.88
CA GLU D 22 5.25 -49.95 -9.44
C GLU D 22 4.48 -51.13 -8.86
N ASN D 23 4.67 -52.33 -9.41
CA ASN D 23 4.02 -53.53 -8.89
C ASN D 23 4.78 -54.74 -9.39
N ALA D 24 4.55 -55.87 -8.72
CA ALA D 24 5.18 -57.12 -9.11
C ALA D 24 4.29 -58.28 -8.67
N ALA D 25 4.48 -59.42 -9.32
CA ALA D 25 3.71 -60.61 -8.96
C ALA D 25 4.22 -61.25 -7.68
N THR D 26 5.54 -61.24 -7.47
CA THR D 26 6.14 -61.81 -6.26
C THR D 26 6.11 -60.76 -5.15
N LEU D 27 4.93 -60.62 -4.54
CA LEU D 27 4.66 -59.64 -3.48
C LEU D 27 4.99 -58.26 -4.05
N GLN D 28 5.80 -57.44 -3.37
CA GLN D 28 6.16 -56.10 -3.83
C GLN D 28 4.91 -55.28 -4.14
N LEU D 29 3.94 -55.33 -3.23
CA LEU D 29 2.69 -54.61 -3.40
C LEU D 29 2.93 -53.10 -3.31
N GLY D 30 1.93 -52.35 -3.74
CA GLY D 30 2.03 -50.90 -3.70
C GLY D 30 2.10 -50.36 -2.29
N GLN D 31 2.55 -49.10 -2.19
CA GLN D 31 2.70 -48.48 -0.88
C GLN D 31 1.34 -48.33 -0.19
N GLU D 32 0.31 -47.95 -0.94
CA GLU D 32 -1.03 -47.82 -0.35
C GLU D 32 -1.55 -49.16 0.14
N PHE D 33 -1.35 -50.22 -0.64
CA PHE D 33 -1.73 -51.57 -0.22
C PHE D 33 -0.52 -52.30 0.37
N GLN D 34 -0.15 -51.87 1.57
CA GLN D 34 0.96 -52.44 2.31
C GLN D 34 0.47 -53.15 3.56
N LEU D 35 1.27 -54.11 4.02
CA LEU D 35 0.89 -54.88 5.20
C LEU D 35 0.88 -53.99 6.45
N LYS D 36 0.05 -54.38 7.41
CA LYS D 36 -0.13 -53.64 8.66
C LYS D 36 -0.59 -52.21 8.39
N GLN D 37 -1.79 -52.10 7.82
CA GLN D 37 -2.37 -50.81 7.50
C GLN D 37 -2.75 -50.06 8.79
N ILE D 38 -3.14 -48.81 8.62
CA ILE D 38 -3.53 -47.94 9.73
C ILE D 38 -5.04 -47.74 9.66
N ASN D 39 -5.72 -48.14 10.73
CA ASN D 39 -7.17 -47.97 10.81
C ASN D 39 -7.49 -46.56 11.31
N HIS D 40 -8.73 -46.12 11.06
CA HIS D 40 -9.11 -44.75 11.40
C HIS D 40 -8.94 -44.47 12.89
N GLN D 41 -9.38 -45.40 13.73
CA GLN D 41 -9.21 -45.25 15.18
C GLN D 41 -8.16 -46.17 15.77
N GLY D 42 -7.97 -47.36 15.19
CA GLY D 42 -6.94 -48.28 15.65
C GLY D 42 -5.64 -48.12 14.89
N GLU D 43 -4.77 -49.11 15.06
CA GLU D 43 -3.47 -49.11 14.40
C GLU D 43 -2.96 -50.54 14.34
N GLU D 44 -1.94 -50.73 13.49
CA GLU D 44 -1.27 -52.02 13.33
C GLU D 44 -2.25 -53.13 12.93
N GLU D 45 -3.13 -52.82 11.99
CA GLU D 45 -4.09 -53.77 11.46
C GLU D 45 -3.65 -54.19 10.06
N GLU D 46 -3.57 -55.50 9.82
CA GLU D 46 -3.11 -56.01 8.54
C GLU D 46 -4.14 -55.73 7.45
N LEU D 47 -3.67 -55.80 6.20
CA LEU D 47 -4.54 -55.57 5.06
C LEU D 47 -5.57 -56.69 4.93
N ILE D 48 -6.80 -56.32 4.62
CA ILE D 48 -7.88 -57.28 4.44
C ILE D 48 -7.97 -57.66 2.97
N ALA D 49 -7.92 -58.96 2.70
CA ALA D 49 -8.01 -59.50 1.35
C ALA D 49 -9.32 -60.27 1.21
N LEU D 50 -10.05 -60.00 0.14
CA LEU D 50 -11.35 -60.61 -0.11
C LEU D 50 -11.27 -61.49 -1.35
N ASN D 51 -11.84 -62.69 -1.26
CA ASN D 51 -11.92 -63.58 -2.39
C ASN D 51 -13.03 -63.12 -3.34
N LEU D 52 -13.19 -63.86 -4.45
CA LEU D 52 -14.25 -63.53 -5.39
C LEU D 52 -15.63 -63.71 -4.75
N SER D 53 -15.82 -64.79 -3.99
CA SER D 53 -17.11 -65.03 -3.36
C SER D 53 -17.34 -64.09 -2.19
N GLU D 54 -16.30 -63.81 -1.41
CA GLU D 54 -16.45 -62.94 -0.24
C GLU D 54 -16.83 -61.53 -0.65
N ALA D 55 -16.19 -61.00 -1.70
CA ALA D 55 -16.48 -59.64 -2.13
C ALA D 55 -17.92 -59.50 -2.60
N ARG D 56 -18.42 -60.50 -3.35
CA ARG D 56 -19.79 -60.45 -3.83
C ARG D 56 -20.77 -60.45 -2.67
N LEU D 57 -20.54 -61.30 -1.67
CA LEU D 57 -21.40 -61.31 -0.49
C LEU D 57 -21.35 -59.97 0.24
N VAL D 58 -20.16 -59.37 0.33
CA VAL D 58 -20.02 -58.10 1.03
C VAL D 58 -20.81 -57.01 0.32
N ILE D 59 -20.67 -56.91 -1.01
CA ILE D 59 -21.37 -55.84 -1.71
C ILE D 59 -22.88 -56.10 -1.68
N LYS D 60 -23.30 -57.36 -1.80
CA LYS D 60 -24.72 -57.67 -1.74
C LYS D 60 -25.30 -57.30 -0.38
N GLU D 61 -24.60 -57.65 0.71
CA GLU D 61 -25.12 -57.35 2.04
C GLU D 61 -25.15 -55.84 2.29
N ALA D 62 -24.13 -55.12 1.82
CA ALA D 62 -24.15 -53.66 1.96
C ALA D 62 -25.32 -53.07 1.19
N LEU D 63 -25.58 -53.58 -0.02
CA LEU D 63 -26.67 -53.06 -0.83
C LEU D 63 -28.03 -53.31 -0.18
N VAL D 64 -28.25 -54.52 0.35
CA VAL D 64 -29.55 -54.79 0.96
C VAL D 64 -29.70 -53.99 2.25
N GLU D 65 -28.60 -53.80 3.00
CA GLU D 65 -28.68 -52.97 4.20
C GLU D 65 -29.04 -51.54 3.85
N ARG D 66 -28.42 -50.98 2.81
CA ARG D 66 -28.75 -49.62 2.39
C ARG D 66 -30.19 -49.52 1.90
N ARG D 67 -30.64 -50.52 1.15
CA ARG D 67 -32.04 -50.52 0.68
C ARG D 67 -33.01 -50.58 1.83
N ARG D 68 -32.72 -51.41 2.84
CA ARG D 68 -33.58 -51.50 4.01
C ARG D 68 -33.60 -50.20 4.78
N ALA D 69 -32.44 -49.56 4.93
CA ALA D 69 -32.39 -48.27 5.61
C ALA D 69 -33.21 -47.22 4.87
N PHE D 70 -33.08 -47.17 3.55
CA PHE D 70 -33.86 -46.21 2.76
C PHE D 70 -35.35 -46.49 2.86
N LYS D 71 -35.74 -47.77 2.83
CA LYS D 71 -37.15 -48.13 2.94
C LYS D 71 -37.72 -47.75 4.30
N ARG D 72 -36.95 -47.99 5.36
CA ARG D 72 -37.41 -47.62 6.70
C ARG D 72 -37.49 -46.10 6.85
N SER D 73 -36.56 -45.37 6.24
CA SER D 73 -36.63 -43.91 6.26
C SER D 73 -37.88 -43.42 5.53
N GLN D 74 -38.18 -44.00 4.37
CA GLN D 74 -39.39 -43.62 3.64
C GLN D 74 -40.64 -43.95 4.43
N LYS D 75 -40.66 -45.12 5.09
CA LYS D 75 -41.82 -45.50 5.89
C LYS D 75 -42.01 -44.55 7.07
N LYS D 76 -40.92 -44.17 7.75
CA LYS D 76 -41.04 -43.24 8.86
C LYS D 76 -41.41 -41.85 8.39
N HIS D 77 -41.03 -41.47 7.16
CA HIS D 77 -41.45 -40.19 6.61
C HIS D 77 -42.93 -40.18 6.27
N LYS D 78 -43.43 -41.29 5.71
CA LYS D 78 -44.84 -41.39 5.35
C LYS D 78 -45.72 -41.49 6.58
N GLU D 117 -33.94 -70.13 -13.22
CA GLU D 117 -33.51 -69.73 -11.87
C GLU D 117 -31.98 -69.69 -11.78
N THR D 118 -31.46 -69.91 -10.57
CA THR D 118 -30.03 -69.90 -10.29
C THR D 118 -29.37 -68.61 -10.78
N ARG D 119 -28.56 -68.72 -11.83
CA ARG D 119 -27.89 -67.54 -12.37
C ARG D 119 -28.90 -66.56 -12.96
N GLU D 120 -29.91 -67.06 -13.67
CA GLU D 120 -30.92 -66.18 -14.25
C GLU D 120 -31.70 -65.43 -13.18
N LYS D 121 -32.08 -66.13 -12.10
CA LYS D 121 -32.79 -65.48 -11.01
C LYS D 121 -31.89 -64.50 -10.26
N GLU D 122 -30.60 -64.81 -10.17
CA GLU D 122 -29.67 -63.92 -9.47
C GLU D 122 -29.56 -62.57 -10.16
N LEU D 123 -29.56 -62.56 -11.50
CA LEU D 123 -29.42 -61.31 -12.23
C LEU D 123 -30.59 -60.37 -11.96
N GLU D 124 -31.81 -60.91 -11.90
CA GLU D 124 -32.96 -60.07 -11.58
C GLU D 124 -32.84 -59.50 -10.18
N SER D 125 -32.34 -60.29 -9.23
CA SER D 125 -32.26 -59.84 -7.84
C SER D 125 -31.35 -58.63 -7.70
N ILE D 126 -30.11 -58.74 -8.19
CA ILE D 126 -29.21 -57.59 -8.01
C ILE D 126 -29.55 -56.47 -9.00
N ASP D 127 -30.22 -56.77 -10.11
CA ASP D 127 -30.71 -55.71 -10.98
C ASP D 127 -31.72 -54.84 -10.24
N VAL D 128 -32.74 -55.47 -9.64
CA VAL D 128 -33.74 -54.71 -8.90
C VAL D 128 -33.16 -54.11 -7.62
N LEU D 129 -32.08 -54.69 -7.09
CA LEU D 129 -31.41 -54.10 -5.94
C LEU D 129 -30.66 -52.83 -6.31
N LEU D 130 -29.94 -52.86 -7.43
CA LEU D 130 -29.14 -51.71 -7.86
C LEU D 130 -29.99 -50.61 -8.47
N GLU D 131 -31.13 -50.96 -9.06
CA GLU D 131 -31.94 -49.97 -9.78
C GLU D 131 -32.50 -48.89 -8.86
N GLN D 132 -32.50 -49.12 -7.55
CA GLN D 132 -33.07 -48.14 -6.61
C GLN D 132 -32.16 -47.81 -5.43
N THR D 133 -31.17 -48.62 -5.11
CA THR D 133 -30.34 -48.36 -3.94
C THR D 133 -29.27 -47.32 -4.23
N THR D 134 -28.35 -47.62 -5.16
CA THR D 134 -27.25 -46.72 -5.44
C THR D 134 -27.73 -45.48 -6.19
N GLY D 135 -28.56 -45.68 -7.21
CA GLY D 135 -29.02 -44.57 -8.02
C GLY D 135 -27.93 -44.03 -8.93
N GLY D 136 -28.25 -42.89 -9.55
CA GLY D 136 -27.30 -42.26 -10.45
C GLY D 136 -27.09 -43.06 -11.72
N ASN D 137 -25.95 -42.81 -12.35
CA ASN D 137 -25.60 -43.54 -13.57
C ASN D 137 -25.32 -45.00 -13.27
N ASN D 138 -24.48 -45.27 -12.26
CA ASN D 138 -24.13 -46.60 -11.78
C ASN D 138 -23.85 -47.59 -12.91
N LYS D 139 -23.28 -47.10 -14.01
CA LYS D 139 -22.97 -47.97 -15.15
C LYS D 139 -21.87 -48.97 -14.79
N ASP D 140 -20.87 -48.52 -14.04
CA ASP D 140 -19.73 -49.39 -13.74
C ASP D 140 -20.12 -50.53 -12.79
N LEU D 141 -21.14 -50.31 -11.95
CA LEU D 141 -21.50 -51.32 -10.95
C LEU D 141 -22.10 -52.56 -11.60
N LYS D 142 -22.79 -52.41 -12.74
CA LYS D 142 -23.44 -53.54 -13.37
C LYS D 142 -22.43 -54.59 -13.81
N ASN D 143 -21.34 -54.15 -14.46
CA ASN D 143 -20.36 -55.09 -14.97
C ASN D 143 -19.66 -55.84 -13.84
N THR D 144 -19.32 -55.14 -12.76
CA THR D 144 -18.64 -55.79 -11.64
C THR D 144 -19.53 -56.85 -11.00
N MET D 145 -20.81 -56.53 -10.78
CA MET D 145 -21.72 -57.49 -10.17
C MET D 145 -21.96 -58.67 -11.11
N GLN D 146 -22.09 -58.41 -12.41
CA GLN D 146 -22.27 -59.50 -13.36
C GLN D 146 -21.05 -60.43 -13.38
N TYR D 147 -19.85 -59.85 -13.35
CA TYR D 147 -18.64 -60.67 -13.32
C TYR D 147 -18.55 -61.47 -12.03
N LEU D 148 -18.93 -60.85 -10.90
CA LEU D 148 -18.91 -61.57 -9.63
C LEU D 148 -19.88 -62.74 -9.64
N THR D 149 -21.09 -62.53 -10.18
CA THR D 149 -22.09 -63.59 -10.20
C THR D 149 -21.68 -64.71 -11.15
N ASN D 150 -21.15 -64.36 -12.33
CA ASN D 150 -20.79 -65.38 -13.31
C ASN D 150 -19.63 -66.23 -12.82
N PHE D 151 -18.65 -65.62 -12.16
CA PHE D 151 -17.44 -66.31 -11.73
C PHE D 151 -17.46 -66.67 -10.25
N SER D 152 -18.62 -66.59 -9.60
CA SER D 152 -18.70 -66.94 -8.19
C SER D 152 -18.40 -68.42 -7.98
N ARG D 153 -17.58 -68.71 -6.96
CA ARG D 153 -17.19 -70.06 -6.64
C ARG D 153 -18.00 -70.66 -5.49
N PHE D 154 -18.27 -69.88 -4.46
CA PHE D 154 -19.02 -70.35 -3.30
C PHE D 154 -20.34 -69.58 -3.22
N ARG D 155 -21.44 -70.32 -3.06
CA ARG D 155 -22.76 -69.73 -2.95
C ARG D 155 -23.46 -70.03 -1.63
N ASP D 156 -22.81 -70.76 -0.72
CA ASP D 156 -23.38 -71.11 0.56
C ASP D 156 -22.67 -70.32 1.66
N GLN D 157 -23.46 -69.73 2.56
CA GLN D 157 -22.90 -68.90 3.62
C GLN D 157 -21.98 -69.71 4.54
N GLU D 158 -22.38 -70.94 4.88
CA GLU D 158 -21.57 -71.76 5.76
C GLU D 158 -20.21 -72.08 5.12
N THR D 159 -20.20 -72.39 3.83
CA THR D 159 -18.96 -72.76 3.16
C THR D 159 -18.00 -71.57 3.09
N VAL D 160 -18.49 -70.41 2.68
CA VAL D 160 -17.61 -69.25 2.62
C VAL D 160 -17.14 -68.85 4.01
N GLY D 161 -18.02 -68.97 5.01
CA GLY D 161 -17.60 -68.68 6.37
C GLY D 161 -16.51 -69.61 6.87
N ALA D 162 -16.63 -70.91 6.56
CA ALA D 162 -15.62 -71.86 6.96
C ALA D 162 -14.35 -71.79 6.10
N VAL D 163 -14.40 -71.08 4.97
CA VAL D 163 -13.21 -70.94 4.14
C VAL D 163 -12.09 -70.25 4.91
N ILE D 164 -12.41 -69.16 5.62
CA ILE D 164 -11.40 -68.47 6.42
C ILE D 164 -10.89 -69.36 7.53
N GLN D 165 -11.78 -70.11 8.18
CA GLN D 165 -11.35 -71.01 9.25
C GLN D 165 -10.38 -72.06 8.72
N LEU D 166 -10.66 -72.60 7.54
CA LEU D 166 -9.75 -73.59 6.93
C LEU D 166 -8.42 -72.96 6.55
N LEU D 167 -8.45 -71.75 5.99
CA LEU D 167 -7.24 -71.12 5.49
C LEU D 167 -6.39 -70.46 6.58
N LYS D 168 -6.95 -70.26 7.77
CA LYS D 168 -6.20 -69.60 8.85
C LYS D 168 -5.10 -70.49 9.42
N SER D 169 -5.07 -71.78 9.06
CA SER D 169 -4.03 -72.66 9.58
C SER D 169 -2.64 -72.20 9.13
N THR D 170 -2.51 -71.80 7.87
CA THR D 170 -1.23 -71.34 7.36
C THR D 170 -1.03 -69.85 7.68
N GLY D 171 0.23 -69.43 7.65
CA GLY D 171 0.58 -68.05 7.91
C GLY D 171 0.87 -67.28 6.63
N LEU D 172 0.30 -67.73 5.53
CA LEU D 172 0.56 -67.12 4.24
C LEU D 172 -0.05 -65.71 4.17
N HIS D 173 0.47 -64.92 3.25
CA HIS D 173 -0.03 -63.56 3.05
C HIS D 173 -1.46 -63.64 2.53
N PRO D 174 -2.40 -62.88 3.09
CA PRO D 174 -3.82 -63.06 2.70
C PRO D 174 -4.10 -62.86 1.22
N PHE D 175 -3.21 -62.20 0.48
CA PHE D 175 -3.43 -62.00 -0.95
C PHE D 175 -3.36 -63.32 -1.70
N GLU D 176 -2.32 -64.12 -1.45
CA GLU D 176 -2.17 -65.38 -2.17
C GLU D 176 -3.22 -66.40 -1.76
N VAL D 177 -3.64 -66.39 -0.49
CA VAL D 177 -4.71 -67.28 -0.07
C VAL D 177 -6.01 -66.89 -0.76
N ALA D 178 -6.24 -65.59 -0.97
CA ALA D 178 -7.39 -65.15 -1.74
C ALA D 178 -7.29 -65.61 -3.19
N GLN D 179 -6.08 -65.56 -3.76
CA GLN D 179 -5.89 -65.99 -5.14
C GLN D 179 -6.19 -67.48 -5.30
N LEU D 180 -5.72 -68.31 -4.36
CA LEU D 180 -5.98 -69.74 -4.46
C LEU D 180 -7.44 -70.05 -4.15
N GLY D 181 -8.08 -69.29 -3.26
CA GLY D 181 -9.49 -69.48 -3.02
C GLY D 181 -10.36 -69.13 -4.21
N SER D 182 -10.00 -68.07 -4.93
CA SER D 182 -10.79 -67.64 -6.08
C SER D 182 -10.50 -68.49 -7.31
N LEU D 183 -9.24 -68.55 -7.72
CA LEU D 183 -8.87 -69.32 -8.90
C LEU D 183 -9.02 -70.82 -8.64
N ALA D 184 -9.47 -71.54 -9.66
CA ALA D 184 -9.63 -72.98 -9.55
C ALA D 184 -8.27 -73.68 -9.65
N CYS D 185 -8.25 -74.95 -9.24
CA CYS D 185 -7.03 -75.72 -9.25
C CYS D 185 -7.38 -77.21 -9.31
N ASP D 186 -6.38 -78.01 -9.67
CA ASP D 186 -6.51 -79.46 -9.69
C ASP D 186 -5.46 -80.17 -8.85
N THR D 187 -4.24 -79.66 -8.80
CA THR D 187 -3.20 -80.21 -7.94
C THR D 187 -2.20 -79.11 -7.65
N ALA D 188 -1.04 -79.49 -7.09
CA ALA D 188 -0.06 -78.50 -6.65
C ALA D 188 0.57 -77.76 -7.83
N ASP D 189 0.67 -78.41 -8.99
CA ASP D 189 1.34 -77.77 -10.12
C ASP D 189 0.60 -76.52 -10.58
N GLU D 190 -0.73 -76.57 -10.63
CA GLU D 190 -1.50 -75.40 -11.04
C GLU D 190 -1.31 -74.25 -10.07
N ALA D 191 -1.35 -74.52 -8.76
CA ALA D 191 -1.15 -73.48 -7.77
C ALA D 191 0.25 -72.88 -7.86
N LYS D 192 1.27 -73.73 -8.06
CA LYS D 192 2.63 -73.24 -8.15
C LYS D 192 2.83 -72.39 -9.41
N THR D 193 2.25 -72.81 -10.53
CA THR D 193 2.45 -72.09 -11.79
C THR D 193 1.61 -70.82 -11.86
N LEU D 194 0.48 -70.77 -11.15
CA LEU D 194 -0.43 -69.64 -11.27
C LEU D 194 0.24 -68.35 -10.77
N ILE D 195 0.91 -68.41 -9.63
CA ILE D 195 1.56 -67.23 -9.08
C ILE D 195 3.01 -67.54 -8.70
N PRO D 196 3.91 -66.57 -8.79
CA PRO D 196 5.31 -66.78 -8.37
C PRO D 196 5.61 -66.39 -6.93
N SER D 197 4.59 -66.21 -6.09
CA SER D 197 4.79 -65.79 -4.71
C SER D 197 4.80 -66.95 -3.72
N LEU D 198 4.73 -68.19 -4.20
CA LEU D 198 4.67 -69.34 -3.29
C LEU D 198 5.83 -70.30 -3.51
N ASN D 199 7.05 -69.78 -3.63
CA ASN D 199 8.24 -70.62 -3.79
C ASN D 199 8.67 -71.13 -2.42
N ASN D 200 8.55 -72.44 -2.22
CA ASN D 200 8.98 -73.14 -1.00
C ASN D 200 8.40 -72.51 0.27
N LYS D 201 7.35 -71.70 0.15
CA LYS D 201 6.70 -71.10 1.30
C LYS D 201 5.66 -72.01 1.94
N ILE D 202 5.25 -73.07 1.25
CA ILE D 202 4.25 -73.99 1.78
C ILE D 202 4.71 -75.41 1.43
N SER D 203 4.63 -76.31 2.40
CA SER D 203 4.99 -77.70 2.16
C SER D 203 4.04 -78.33 1.15
N ASP D 204 4.58 -79.19 0.29
CA ASP D 204 3.77 -79.78 -0.78
C ASP D 204 2.64 -80.63 -0.23
N ASP D 205 2.92 -81.42 0.82
CA ASP D 205 1.88 -82.27 1.39
C ASP D 205 0.73 -81.45 1.95
N GLU D 206 1.05 -80.40 2.73
CA GLU D 206 0.01 -79.50 3.22
C GLU D 206 -0.66 -78.76 2.08
N LEU D 207 0.12 -78.35 1.07
CA LEU D 207 -0.45 -77.65 -0.08
C LEU D 207 -1.46 -78.53 -0.81
N GLU D 208 -1.09 -79.76 -1.13
CA GLU D 208 -2.04 -80.65 -1.80
C GLU D 208 -3.22 -80.97 -0.88
N ARG D 209 -2.98 -81.07 0.43
CA ARG D 209 -4.06 -81.39 1.35
C ARG D 209 -5.14 -80.29 1.35
N ILE D 210 -4.73 -79.04 1.55
CA ILE D 210 -5.75 -78.01 1.58
C ILE D 210 -6.25 -77.65 0.18
N LEU D 211 -5.48 -77.99 -0.86
CA LEU D 211 -6.01 -77.84 -2.22
C LEU D 211 -7.15 -78.82 -2.47
N LYS D 212 -7.01 -80.08 -2.06
CA LYS D 212 -8.12 -81.01 -2.16
C LYS D 212 -9.27 -80.61 -1.25
N GLU D 213 -8.95 -80.06 -0.08
CA GLU D 213 -10.00 -79.56 0.82
C GLU D 213 -10.82 -78.47 0.14
N LEU D 214 -10.14 -77.50 -0.49
CA LEU D 214 -10.85 -76.45 -1.21
C LEU D 214 -11.57 -77.00 -2.44
N SER D 215 -11.02 -78.04 -3.08
CA SER D 215 -11.68 -78.64 -4.23
C SER D 215 -13.03 -79.24 -3.83
N ASN D 216 -13.05 -80.00 -2.73
CA ASN D 216 -14.35 -80.54 -2.31
C ASN D 216 -15.27 -79.44 -1.78
N LEU D 217 -14.70 -78.43 -1.09
CA LEU D 217 -15.51 -77.34 -0.57
C LEU D 217 -16.09 -76.47 -1.68
N GLU D 218 -15.52 -76.51 -2.88
CA GLU D 218 -16.09 -75.79 -4.02
C GLU D 218 -16.96 -76.69 -4.89
N THR D 219 -16.76 -78.01 -4.85
CA THR D 219 -17.62 -78.90 -5.62
C THR D 219 -18.88 -79.31 -4.88
N LEU D 220 -18.95 -79.10 -3.56
CA LEU D 220 -20.18 -79.45 -2.85
C LEU D 220 -21.32 -78.48 -3.13
N TYR D 221 -21.01 -77.27 -3.60
CA TYR D 221 -22.02 -76.28 -3.94
C TYR D 221 -21.70 -75.58 -5.25
N MET E 1 57.14 -4.87 55.66
CA MET E 1 57.01 -6.31 55.50
C MET E 1 55.73 -6.82 56.15
N ASP E 2 55.24 -6.08 57.13
CA ASP E 2 54.01 -6.47 57.83
C ASP E 2 52.77 -6.22 56.98
N GLN E 3 52.80 -5.19 56.13
CA GLN E 3 51.62 -4.86 55.34
C GLN E 3 51.26 -5.99 54.37
N GLU E 4 52.26 -6.51 53.65
CA GLU E 4 52.01 -7.59 52.70
C GLU E 4 51.54 -8.85 53.42
N ASN E 5 52.15 -9.17 54.56
CA ASN E 5 51.75 -10.35 55.30
C ASN E 5 50.31 -10.23 55.79
N GLU E 6 49.95 -9.06 56.33
CA GLU E 6 48.58 -8.86 56.80
C GLU E 6 47.59 -8.92 55.65
N ARG E 7 47.94 -8.32 54.51
CA ARG E 7 47.05 -8.37 53.35
C ARG E 7 46.84 -9.79 52.87
N ASN E 8 47.93 -10.58 52.80
CA ASN E 8 47.80 -11.97 52.37
C ASN E 8 46.98 -12.78 53.36
N ILE E 9 47.17 -12.53 54.67
CA ILE E 9 46.39 -13.26 55.67
C ILE E 9 44.92 -12.93 55.54
N SER E 10 44.58 -11.64 55.38
CA SER E 10 43.19 -11.25 55.23
C SER E 10 42.57 -11.83 53.97
N ARG E 11 43.30 -11.81 52.85
CA ARG E 11 42.78 -12.36 51.62
C ARG E 11 42.57 -13.87 51.73
N LEU E 12 43.50 -14.57 52.37
CA LEU E 12 43.36 -16.01 52.57
C LEU E 12 42.16 -16.32 53.46
N TRP E 13 41.96 -15.53 54.52
CA TRP E 13 40.82 -15.74 55.40
C TRP E 13 39.50 -15.52 54.65
N ARG E 14 39.44 -14.46 53.85
CA ARG E 14 38.23 -14.19 53.07
C ARG E 14 37.97 -15.30 52.05
N ALA E 15 39.02 -15.79 51.40
CA ALA E 15 38.87 -16.88 50.44
C ALA E 15 38.40 -18.15 51.14
N PHE E 16 38.93 -18.43 52.34
CA PHE E 16 38.49 -19.59 53.09
C PHE E 16 37.02 -19.48 53.48
N ARG E 17 36.59 -18.29 53.92
CA ARG E 17 35.19 -18.08 54.25
C ARG E 17 34.30 -18.27 53.03
N THR E 18 34.72 -17.75 51.88
CA THR E 18 33.94 -17.91 50.66
C THR E 18 33.87 -19.37 50.24
N VAL E 19 34.96 -20.12 50.40
CA VAL E 19 34.97 -21.53 50.05
C VAL E 19 34.02 -22.29 50.97
N LYS E 20 34.04 -21.98 52.26
CA LYS E 20 33.12 -22.64 53.20
C LYS E 20 31.66 -22.31 52.83
N GLU E 21 31.38 -21.06 52.48
CA GLU E 21 30.03 -20.69 52.08
C GLU E 21 29.61 -21.43 50.81
N MET E 22 30.53 -21.55 49.85
CA MET E 22 30.23 -22.29 48.62
C MET E 22 29.93 -23.75 48.91
N VAL E 23 30.72 -24.37 49.77
CA VAL E 23 30.49 -25.78 50.10
C VAL E 23 29.16 -25.95 50.82
N LYS E 24 28.85 -25.04 51.74
CA LYS E 24 27.57 -25.12 52.45
C LYS E 24 26.40 -24.94 51.49
N ASP E 25 26.52 -24.01 50.54
CA ASP E 25 25.43 -23.77 49.60
C ASP E 25 25.30 -24.91 48.59
N ARG E 26 26.38 -25.63 48.34
CA ARG E 26 26.33 -26.76 47.42
C ARG E 26 25.54 -27.94 47.98
N GLY E 27 25.20 -27.92 49.27
CA GLY E 27 24.43 -28.98 49.89
C GLY E 27 25.21 -29.85 50.85
N TYR E 28 26.48 -29.56 51.11
CA TYR E 28 27.28 -30.36 52.00
C TYR E 28 27.08 -29.91 53.45
N PHE E 29 27.81 -30.53 54.37
CA PHE E 29 27.68 -30.27 55.80
C PHE E 29 28.80 -29.35 56.25
N ILE E 30 28.46 -28.07 56.48
CA ILE E 30 29.37 -27.10 57.04
C ILE E 30 28.64 -26.36 58.15
N THR E 31 29.19 -26.39 59.36
CA THR E 31 28.58 -25.71 60.49
C THR E 31 28.64 -24.21 60.30
N GLN E 32 27.59 -23.52 60.78
CA GLN E 32 27.54 -22.07 60.67
C GLN E 32 28.66 -21.41 61.46
N GLU E 33 29.10 -22.03 62.55
CA GLU E 33 30.21 -21.49 63.33
C GLU E 33 31.50 -21.49 62.52
N GLU E 34 31.74 -22.57 61.76
CA GLU E 34 32.96 -22.64 60.94
C GLU E 34 32.91 -21.65 59.79
N VAL E 35 31.71 -21.29 59.33
CA VAL E 35 31.59 -20.33 58.23
C VAL E 35 32.15 -18.98 58.64
N GLU E 36 31.78 -18.51 59.82
CA GLU E 36 32.21 -17.21 60.34
C GLU E 36 33.20 -17.45 61.48
N LEU E 37 34.47 -17.55 61.14
CA LEU E 37 35.50 -17.71 62.16
C LEU E 37 36.34 -16.43 62.26
N PRO E 38 36.70 -16.01 63.47
CA PRO E 38 37.45 -14.77 63.62
C PRO E 38 38.87 -14.89 63.09
N LEU E 39 39.43 -13.72 62.73
CA LEU E 39 40.78 -13.69 62.19
C LEU E 39 41.81 -14.11 63.25
N GLU E 40 41.58 -13.74 64.50
CA GLU E 40 42.57 -14.02 65.53
C GLU E 40 42.76 -15.53 65.74
N ASP E 41 41.67 -16.25 65.97
CA ASP E 41 41.82 -17.69 66.13
C ASP E 41 42.03 -18.42 64.80
N PHE E 42 41.65 -17.80 63.68
CA PHE E 42 42.05 -18.37 62.39
C PHE E 42 43.57 -18.38 62.26
N LYS E 43 44.22 -17.27 62.59
CA LYS E 43 45.68 -17.22 62.57
C LYS E 43 46.28 -18.10 63.65
N ALA E 44 45.61 -18.23 64.79
CA ALA E 44 46.10 -19.13 65.84
C ALA E 44 46.10 -20.58 65.37
N LYS E 45 45.04 -21.00 64.69
CA LYS E 45 44.90 -22.39 64.25
C LYS E 45 45.49 -22.65 62.87
N TYR E 46 46.02 -21.63 62.20
CA TYR E 46 46.61 -21.79 60.88
C TYR E 46 47.90 -20.99 60.82
N CYS E 47 48.41 -20.80 59.61
CA CYS E 47 49.66 -20.07 59.36
C CYS E 47 50.78 -20.81 60.10
N ASP E 48 51.71 -20.10 60.74
CA ASP E 48 52.80 -20.73 61.47
C ASP E 48 53.17 -19.84 62.64
N SER E 49 54.29 -20.17 63.29
CA SER E 49 54.75 -19.38 64.44
C SER E 49 55.15 -17.98 64.01
N MET E 50 55.83 -17.85 62.88
CA MET E 50 56.32 -16.56 62.41
C MET E 50 55.25 -15.74 61.70
N GLY E 51 54.08 -16.32 61.42
CA GLY E 51 52.99 -15.61 60.79
C GLY E 51 52.82 -15.85 59.31
N ARG E 52 53.73 -16.59 58.68
CA ARG E 52 53.57 -16.90 57.27
C ARG E 52 52.36 -17.78 57.05
N PRO E 53 51.52 -17.48 56.06
CA PRO E 53 50.33 -18.31 55.82
C PRO E 53 50.71 -19.74 55.43
N GLN E 54 49.88 -20.68 55.88
CA GLN E 54 50.06 -22.10 55.61
C GLN E 54 48.92 -22.60 54.74
N ARG E 55 49.26 -23.31 53.67
CA ARG E 55 48.27 -23.84 52.74
C ARG E 55 47.78 -25.23 53.10
N LYS E 56 48.21 -25.77 54.24
CA LYS E 56 47.75 -27.08 54.69
C LYS E 56 46.40 -26.97 55.41
N MET E 57 45.43 -26.41 54.69
CA MET E 57 44.07 -26.21 55.18
C MET E 57 43.12 -26.88 54.20
N MET E 58 42.85 -28.16 54.42
CA MET E 58 41.98 -28.95 53.56
C MET E 58 40.81 -29.50 54.36
N SER E 59 39.66 -29.59 53.70
CA SER E 59 38.43 -30.08 54.33
C SER E 59 37.76 -31.09 53.42
N PHE E 60 36.97 -31.97 54.04
CA PHE E 60 36.22 -33.00 53.33
C PHE E 60 34.73 -32.82 53.58
N GLN E 61 33.94 -32.98 52.53
CA GLN E 61 32.50 -32.83 52.63
C GLN E 61 31.87 -34.05 53.28
N ALA E 62 30.58 -33.94 53.60
CA ALA E 62 29.86 -35.01 54.27
C ALA E 62 28.58 -35.43 53.56
N ASN E 63 27.95 -34.57 52.75
CA ASN E 63 26.71 -34.90 52.04
C ASN E 63 25.62 -35.31 53.01
N PRO E 64 25.06 -34.37 53.76
CA PRO E 64 24.07 -34.73 54.79
C PRO E 64 22.85 -35.44 54.19
N THR E 65 22.32 -36.39 54.95
CA THR E 65 21.15 -37.15 54.52
C THR E 65 19.84 -36.45 54.83
N GLU E 66 19.87 -35.27 55.46
CA GLU E 66 18.64 -34.58 55.80
C GLU E 66 17.87 -34.17 54.56
N GLU E 67 18.53 -33.47 53.62
CA GLU E 67 17.88 -33.08 52.39
C GLU E 67 18.76 -33.35 51.17
N SER E 68 20.08 -33.32 51.35
CA SER E 68 20.99 -33.45 50.22
C SER E 68 20.94 -34.84 49.62
N ILE E 69 21.05 -35.88 50.47
CA ILE E 69 21.01 -37.24 49.97
C ILE E 69 19.62 -37.58 49.45
N SER E 70 18.57 -37.07 50.10
CA SER E 70 17.21 -37.33 49.65
C SER E 70 16.97 -36.74 48.27
N LYS E 71 17.44 -35.50 48.03
CA LYS E 71 17.23 -34.88 46.74
C LYS E 71 18.12 -35.49 45.66
N PHE E 72 19.40 -35.72 45.99
CA PHE E 72 20.37 -36.26 45.04
C PHE E 72 21.05 -37.47 45.67
N PRO E 73 20.47 -38.66 45.49
CA PRO E 73 21.10 -39.87 46.07
C PRO E 73 22.47 -40.19 45.51
N ASP E 74 22.83 -39.66 44.35
CA ASP E 74 24.11 -39.93 43.72
C ASP E 74 25.17 -38.88 44.05
N MET E 75 25.08 -38.26 45.23
CA MET E 75 26.04 -37.25 45.67
C MET E 75 27.06 -37.90 46.59
N GLY E 76 28.33 -37.69 46.30
CA GLY E 76 29.43 -38.28 47.05
C GLY E 76 30.05 -37.31 48.02
N SER E 77 31.38 -37.35 48.11
CA SER E 77 32.14 -36.48 49.01
C SER E 77 33.03 -35.57 48.20
N LEU E 78 33.30 -34.39 48.76
CA LEU E 78 34.08 -33.35 48.08
C LEU E 78 35.35 -33.07 48.87
N TRP E 79 36.45 -32.91 48.14
CA TRP E 79 37.75 -32.60 48.72
C TRP E 79 38.22 -31.25 48.20
N VAL E 80 38.60 -30.37 49.12
CA VAL E 80 39.08 -29.03 48.78
C VAL E 80 40.54 -28.93 49.23
N GLU E 81 41.42 -28.61 48.29
CA GLU E 81 42.84 -28.51 48.56
C GLU E 81 43.36 -27.17 48.07
N PHE E 82 44.23 -26.54 48.86
CA PHE E 82 44.86 -25.28 48.51
C PHE E 82 46.31 -25.54 48.11
N CYS E 83 46.68 -25.09 46.91
CA CYS E 83 48.04 -25.29 46.44
C CYS E 83 49.01 -24.40 47.21
N ASP E 84 50.19 -24.95 47.52
CA ASP E 84 51.20 -24.22 48.27
C ASP E 84 52.15 -23.45 47.37
N GLU E 85 52.59 -24.06 46.27
CA GLU E 85 53.48 -23.37 45.35
C GLU E 85 52.73 -22.25 44.64
N PRO E 86 53.43 -21.16 44.29
CA PRO E 86 52.75 -20.02 43.65
C PRO E 86 52.12 -20.37 42.32
N SER E 87 52.92 -20.87 41.38
CA SER E 87 52.45 -21.21 40.04
C SER E 87 52.30 -22.72 39.94
N VAL E 88 51.07 -23.17 39.67
CA VAL E 88 50.78 -24.60 39.60
C VAL E 88 51.20 -25.14 38.25
N GLY E 89 52.01 -26.19 38.26
CA GLY E 89 52.47 -26.87 37.07
C GLY E 89 51.64 -28.09 36.75
N VAL E 90 52.29 -29.09 36.17
CA VAL E 90 51.64 -30.33 35.81
C VAL E 90 51.86 -31.42 36.86
N LYS E 91 53.03 -31.43 37.49
CA LYS E 91 53.35 -32.47 38.46
C LYS E 91 52.48 -32.35 39.72
N THR E 92 52.31 -31.13 40.22
CA THR E 92 51.57 -30.94 41.47
C THR E 92 50.12 -31.39 41.31
N MET E 93 49.48 -31.02 40.20
CA MET E 93 48.11 -31.48 40.01
C MET E 93 48.07 -32.97 39.70
N LYS E 94 49.15 -33.54 39.17
CA LYS E 94 49.21 -34.99 39.01
C LYS E 94 49.18 -35.67 40.37
N THR E 95 49.94 -35.15 41.33
CA THR E 95 49.87 -35.67 42.69
C THR E 95 48.48 -35.47 43.29
N PHE E 96 47.87 -34.31 43.05
CA PHE E 96 46.51 -34.07 43.51
C PHE E 96 45.55 -35.10 42.93
N VAL E 97 45.69 -35.41 41.63
CA VAL E 97 44.79 -36.33 40.96
C VAL E 97 44.97 -37.74 41.51
N ILE E 98 46.21 -38.20 41.70
CA ILE E 98 46.36 -39.58 42.15
C ILE E 98 46.03 -39.68 43.64
N HIS E 99 46.10 -38.56 44.38
CA HIS E 99 45.61 -38.54 45.75
C HIS E 99 44.09 -38.63 45.79
N ILE E 100 43.42 -37.95 44.85
CA ILE E 100 41.96 -38.09 44.74
C ILE E 100 41.59 -39.51 44.38
N GLN E 101 42.33 -40.11 43.44
CA GLN E 101 42.07 -41.50 43.05
C GLN E 101 42.27 -42.45 44.21
N GLU E 102 43.35 -42.28 44.97
CA GLU E 102 43.61 -43.15 46.11
C GLU E 102 42.53 -43.00 47.18
N LYS E 103 42.08 -41.77 47.42
CA LYS E 103 41.02 -41.50 48.39
C LYS E 103 39.64 -41.49 47.75
N ASN E 104 39.51 -41.99 46.52
CA ASN E 104 38.28 -42.12 45.74
C ASN E 104 37.25 -41.05 46.07
N PHE E 105 37.63 -39.78 45.95
CA PHE E 105 36.71 -38.68 46.18
C PHE E 105 35.91 -38.38 44.91
N GLN E 106 34.60 -38.18 45.08
CA GLN E 106 33.73 -37.92 43.94
C GLN E 106 34.05 -36.57 43.32
N THR E 107 34.24 -35.54 44.13
CA THR E 107 34.46 -34.19 43.66
C THR E 107 35.72 -33.62 44.30
N GLY E 108 36.49 -32.90 43.52
CA GLY E 108 37.70 -32.26 44.02
C GLY E 108 37.79 -30.82 43.55
N ILE E 109 38.17 -29.94 44.46
CA ILE E 109 38.26 -28.51 44.19
C ILE E 109 39.71 -28.08 44.44
N PHE E 110 40.31 -27.45 43.43
CA PHE E 110 41.67 -26.95 43.50
C PHE E 110 41.66 -25.43 43.39
N VAL E 111 42.36 -24.77 44.30
CA VAL E 111 42.42 -23.31 44.33
C VAL E 111 43.87 -22.91 44.08
N TYR E 112 44.17 -22.44 42.88
CA TYR E 112 45.51 -21.98 42.56
C TYR E 112 45.70 -20.54 43.04
N GLN E 113 46.95 -20.08 43.01
CA GLN E 113 47.30 -18.78 43.55
C GLN E 113 47.27 -17.68 42.50
N ASN E 114 48.11 -17.80 41.46
CA ASN E 114 48.23 -16.75 40.47
C ASN E 114 47.83 -17.19 39.07
N ASN E 115 48.39 -18.28 38.56
CA ASN E 115 48.18 -18.66 37.17
C ASN E 115 48.21 -20.18 37.04
N ILE E 116 47.68 -20.66 35.92
CA ILE E 116 47.64 -22.09 35.61
C ILE E 116 47.94 -22.27 34.14
N THR E 117 48.67 -23.38 33.81
CA THR E 117 49.12 -23.62 32.45
C THR E 117 48.04 -24.26 31.60
N PRO E 118 48.06 -24.02 30.28
CA PRO E 118 47.09 -24.69 29.40
C PRO E 118 47.19 -26.21 29.43
N SER E 119 48.39 -26.75 29.54
CA SER E 119 48.53 -28.20 29.71
C SER E 119 47.87 -28.66 31.01
N ALA E 120 48.03 -27.86 32.08
CA ALA E 120 47.39 -28.17 33.34
C ALA E 120 45.87 -28.17 33.20
N MET E 121 45.33 -27.20 32.46
CA MET E 121 43.90 -27.19 32.19
C MET E 121 43.48 -28.42 31.38
N LYS E 122 44.30 -28.84 30.42
CA LYS E 122 43.96 -30.01 29.62
C LYS E 122 43.91 -31.26 30.50
N LEU E 123 44.80 -31.34 31.49
CA LEU E 123 44.86 -32.51 32.36
C LEU E 123 43.60 -32.71 33.17
N VAL E 124 42.91 -31.61 33.49
CA VAL E 124 41.78 -31.64 34.44
C VAL E 124 40.64 -32.55 33.95
N PRO E 125 40.13 -32.40 32.72
CA PRO E 125 39.01 -33.26 32.30
C PRO E 125 39.46 -34.63 31.83
N SER E 126 40.04 -35.42 32.73
CA SER E 126 40.50 -36.76 32.38
C SER E 126 40.17 -37.80 33.44
N ILE E 127 39.30 -37.49 34.39
CA ILE E 127 38.98 -38.39 35.50
C ILE E 127 37.49 -38.67 35.46
N PRO E 128 37.07 -39.74 34.79
CA PRO E 128 35.66 -40.14 34.82
C PRO E 128 35.40 -41.12 35.94
N PRO E 129 34.22 -41.06 36.57
CA PRO E 129 33.14 -40.11 36.38
C PRO E 129 33.26 -38.90 37.31
N ALA E 130 34.42 -38.74 37.96
CA ALA E 130 34.60 -37.67 38.91
C ALA E 130 34.69 -36.32 38.20
N THR E 131 34.70 -35.25 38.99
CA THR E 131 34.80 -33.90 38.48
C THR E 131 35.85 -33.12 39.26
N ILE E 132 36.61 -32.30 38.55
CA ILE E 132 37.64 -31.45 39.14
C ILE E 132 37.32 -30.01 38.79
N GLU E 133 37.26 -29.15 39.81
CA GLU E 133 36.97 -27.74 39.63
C GLU E 133 38.16 -26.91 40.08
N THR E 134 38.49 -25.89 39.30
CA THR E 134 39.60 -24.99 39.58
C THR E 134 39.08 -23.60 39.89
N PHE E 135 39.62 -22.97 40.92
CA PHE E 135 39.19 -21.66 41.37
C PHE E 135 40.40 -20.78 41.62
N ASN E 136 40.16 -19.47 41.59
CA ASN E 136 41.21 -18.48 41.82
C ASN E 136 40.95 -17.77 43.15
N GLU E 137 42.02 -17.49 43.88
CA GLU E 137 41.88 -16.81 45.16
C GLU E 137 41.34 -15.39 44.99
N ALA E 138 41.79 -14.70 43.93
CA ALA E 138 41.30 -13.35 43.68
C ALA E 138 39.80 -13.35 43.43
N ALA E 139 39.31 -14.32 42.65
CA ALA E 139 37.87 -14.43 42.42
C ALA E 139 37.12 -14.90 43.65
N LEU E 140 37.78 -15.62 44.56
CA LEU E 140 37.16 -16.13 45.76
C LEU E 140 37.29 -15.19 46.96
N VAL E 141 37.95 -14.04 46.79
CA VAL E 141 38.06 -13.09 47.88
C VAL E 141 36.68 -12.56 48.29
N VAL E 142 35.85 -12.25 47.31
CA VAL E 142 34.52 -11.68 47.54
C VAL E 142 33.48 -12.66 47.04
N ASN E 143 32.49 -12.96 47.88
CA ASN E 143 31.42 -13.87 47.51
C ASN E 143 30.49 -13.19 46.51
N ILE E 144 30.32 -13.82 45.33
CA ILE E 144 29.49 -13.24 44.29
C ILE E 144 28.02 -13.27 44.67
N THR E 145 27.56 -14.37 45.27
CA THR E 145 26.15 -14.55 45.55
C THR E 145 25.62 -13.57 46.60
N HIS E 146 26.50 -12.91 47.34
CA HIS E 146 26.07 -11.94 48.34
C HIS E 146 25.75 -10.57 47.75
N HIS E 147 26.00 -10.37 46.47
CA HIS E 147 25.70 -9.09 45.83
C HIS E 147 24.19 -8.87 45.76
N GLU E 148 23.79 -7.60 45.75
CA GLU E 148 22.37 -7.25 45.72
C GLU E 148 21.75 -7.49 44.36
N LEU E 149 22.56 -7.58 43.31
CA LEU E 149 22.06 -7.80 41.96
C LEU E 149 21.99 -9.27 41.58
N VAL E 150 22.46 -10.17 42.43
CA VAL E 150 22.50 -11.61 42.14
C VAL E 150 21.32 -12.25 42.87
N PRO E 151 20.32 -12.77 42.16
CA PRO E 151 19.20 -13.44 42.84
C PRO E 151 19.58 -14.84 43.28
N LYS E 152 18.64 -15.47 44.00
CA LYS E 152 18.87 -16.81 44.51
C LYS E 152 18.81 -17.83 43.38
N HIS E 153 19.78 -18.75 43.39
CA HIS E 153 19.84 -19.84 42.41
C HIS E 153 19.70 -21.15 43.15
N ILE E 154 18.72 -21.96 42.73
CA ILE E 154 18.45 -23.26 43.34
C ILE E 154 18.54 -24.33 42.27
N ARG E 155 19.32 -25.36 42.53
CA ARG E 155 19.48 -26.46 41.58
C ARG E 155 18.28 -27.40 41.66
N LEU E 156 17.80 -27.84 40.50
CA LEU E 156 16.66 -28.73 40.41
C LEU E 156 17.12 -30.15 40.15
N SER E 157 16.49 -31.11 40.83
CA SER E 157 16.80 -32.51 40.63
C SER E 157 16.22 -33.00 39.31
N SER E 158 16.57 -34.25 38.96
CA SER E 158 16.08 -34.83 37.71
C SER E 158 14.57 -34.96 37.72
N ASP E 159 14.00 -35.40 38.85
CA ASP E 159 12.55 -35.52 38.94
C ASP E 159 11.87 -34.15 38.82
N GLU E 160 12.43 -33.14 39.47
CA GLU E 160 11.86 -31.80 39.38
C GLU E 160 11.96 -31.25 37.96
N LYS E 161 13.08 -31.47 37.30
CA LYS E 161 13.23 -31.02 35.92
C LYS E 161 12.23 -31.72 34.99
N ARG E 162 12.07 -33.03 35.17
CA ARG E 162 11.10 -33.76 34.36
C ARG E 162 9.69 -33.27 34.61
N GLU E 163 9.34 -33.02 35.87
CA GLU E 163 8.01 -32.53 36.20
C GLU E 163 7.77 -31.15 35.59
N LEU E 164 8.78 -30.27 35.65
CA LEU E 164 8.64 -28.94 35.06
C LEU E 164 8.46 -29.04 33.55
N LEU E 165 9.26 -29.88 32.88
CA LEU E 165 9.14 -30.03 31.44
C LEU E 165 7.78 -30.59 31.05
N LYS E 166 7.27 -31.54 31.83
CA LYS E 166 5.96 -32.11 31.53
C LYS E 166 4.85 -31.10 31.75
N ARG E 167 4.91 -30.36 32.87
CA ARG E 167 3.85 -29.40 33.17
C ARG E 167 3.82 -28.25 32.17
N TYR E 168 4.98 -27.73 31.79
CA TYR E 168 5.02 -26.65 30.82
C TYR E 168 5.03 -27.13 29.38
N ARG E 169 5.14 -28.44 29.16
CA ARG E 169 5.16 -29.04 27.82
C ARG E 169 6.23 -28.38 26.95
N LEU E 170 7.47 -28.51 27.40
CA LEU E 170 8.61 -27.86 26.77
C LEU E 170 9.70 -28.89 26.49
N LYS E 171 10.54 -28.56 25.52
CA LYS E 171 11.73 -29.35 25.23
C LYS E 171 12.93 -28.77 25.99
N GLU E 172 14.03 -29.52 26.00
CA GLU E 172 15.23 -29.05 26.66
C GLU E 172 15.77 -27.78 26.02
N SER E 173 15.73 -27.72 24.68
CA SER E 173 16.24 -26.55 23.98
C SER E 173 15.32 -25.35 24.12
N GLN E 174 14.08 -25.55 24.53
CA GLN E 174 13.12 -24.45 24.68
C GLN E 174 13.14 -23.87 26.09
N LEU E 175 14.33 -23.50 26.54
CA LEU E 175 14.52 -22.91 27.86
C LEU E 175 15.64 -21.88 27.79
N PRO E 176 15.62 -20.88 28.67
CA PRO E 176 16.76 -19.96 28.75
C PRO E 176 18.03 -20.70 29.10
N ARG E 177 19.15 -20.24 28.54
CA ARG E 177 20.42 -20.93 28.67
C ARG E 177 21.38 -20.11 29.52
N ILE E 178 22.20 -20.81 30.30
CA ILE E 178 23.23 -20.19 31.13
C ILE E 178 24.55 -20.88 30.81
N GLN E 179 25.59 -20.07 30.55
CA GLN E 179 26.89 -20.62 30.18
C GLN E 179 27.47 -21.45 31.31
N ARG E 180 28.20 -22.51 30.93
CA ARG E 180 28.88 -23.33 31.93
C ARG E 180 30.01 -22.58 32.62
N ALA E 181 30.51 -21.50 32.00
CA ALA E 181 31.57 -20.68 32.59
C ALA E 181 31.03 -19.51 33.39
N ASP E 182 29.71 -19.45 33.59
CA ASP E 182 29.13 -18.36 34.37
C ASP E 182 29.63 -18.44 35.81
N PRO E 183 29.93 -17.31 36.45
CA PRO E 183 30.41 -17.36 37.85
C PRO E 183 29.44 -18.04 38.79
N VAL E 184 28.14 -17.85 38.60
CA VAL E 184 27.16 -18.53 39.44
C VAL E 184 27.16 -20.04 39.16
N ALA E 185 27.30 -20.41 37.90
CA ALA E 185 27.36 -21.83 37.55
C ALA E 185 28.59 -22.49 38.17
N LEU E 186 29.73 -21.80 38.13
CA LEU E 186 30.93 -22.32 38.79
C LEU E 186 30.75 -22.38 40.29
N TYR E 187 30.07 -21.39 40.87
CA TYR E 187 29.81 -21.40 42.31
C TYR E 187 28.97 -22.61 42.70
N LEU E 188 27.94 -22.93 41.92
CA LEU E 188 27.07 -24.06 42.20
C LEU E 188 27.58 -25.38 41.61
N GLY E 189 28.62 -25.33 40.79
CA GLY E 189 29.14 -26.55 40.17
C GLY E 189 28.14 -27.22 39.25
N LEU E 190 27.43 -26.43 38.45
CA LEU E 190 26.41 -26.98 37.56
C LEU E 190 27.07 -27.80 36.45
N LYS E 191 26.45 -28.93 36.12
CA LYS E 191 26.89 -29.78 35.03
C LYS E 191 26.09 -29.44 33.77
N ARG E 192 26.42 -30.13 32.68
CA ARG E 192 25.72 -29.90 31.43
C ARG E 192 24.32 -30.52 31.48
N GLY E 193 23.33 -29.75 31.06
CA GLY E 193 21.95 -30.21 31.04
C GLY E 193 21.18 -30.01 32.32
N GLU E 194 21.82 -29.53 33.39
CA GLU E 194 21.13 -29.28 34.64
C GLU E 194 20.31 -28.01 34.56
N VAL E 195 19.21 -27.99 35.31
CA VAL E 195 18.28 -26.86 35.33
C VAL E 195 18.34 -26.22 36.71
N VAL E 196 18.52 -24.90 36.74
CA VAL E 196 18.61 -24.13 37.97
C VAL E 196 17.41 -23.19 38.05
N LYS E 197 16.78 -23.15 39.23
CA LYS E 197 15.64 -22.29 39.46
C LYS E 197 16.10 -20.95 40.04
N ILE E 198 15.62 -19.86 39.46
CA ILE E 198 16.03 -18.51 39.85
C ILE E 198 14.80 -17.78 40.38
N ILE E 199 14.92 -17.25 41.59
CA ILE E 199 13.86 -16.48 42.23
C ILE E 199 14.35 -15.05 42.42
N ARG E 200 13.63 -14.10 41.85
CA ARG E 200 14.02 -12.70 41.90
C ARG E 200 12.82 -11.84 42.25
N LYS E 201 13.10 -10.67 42.82
CA LYS E 201 12.06 -9.71 43.14
C LYS E 201 11.65 -8.91 41.92
N SER E 202 10.36 -8.58 41.85
CA SER E 202 9.81 -7.82 40.73
C SER E 202 9.03 -6.62 41.26
N GLU E 203 8.96 -5.59 40.43
CA GLU E 203 8.22 -4.38 40.78
C GLU E 203 6.75 -4.46 40.42
N THR E 204 6.33 -5.48 39.67
CA THR E 204 4.91 -5.68 39.36
C THR E 204 4.29 -6.82 40.15
N SER E 205 5.07 -7.84 40.50
CA SER E 205 4.61 -8.92 41.35
C SER E 205 5.62 -9.12 42.47
N GLY E 206 5.13 -9.61 43.60
CA GLY E 206 6.00 -9.78 44.76
C GLY E 206 7.14 -10.75 44.51
N ARG E 207 6.84 -11.87 43.87
CA ARG E 207 7.83 -12.91 43.60
C ARG E 207 7.71 -13.36 42.16
N TYR E 208 8.85 -13.76 41.59
CA TYR E 208 8.89 -14.29 40.23
C TYR E 208 9.94 -15.39 40.15
N ALA E 209 9.57 -16.51 39.56
CA ALA E 209 10.45 -17.67 39.43
C ALA E 209 10.76 -17.92 37.96
N SER E 210 12.04 -18.07 37.64
CA SER E 210 12.49 -18.35 36.29
C SER E 210 13.46 -19.52 36.32
N TYR E 211 13.55 -20.21 35.19
CA TYR E 211 14.39 -21.41 35.07
C TYR E 211 15.36 -21.24 33.91
N ARG E 212 16.60 -21.67 34.12
CA ARG E 212 17.62 -21.68 33.10
C ARG E 212 18.33 -23.03 33.09
N ILE E 213 18.73 -23.48 31.91
CA ILE E 213 19.37 -24.77 31.73
C ILE E 213 20.82 -24.53 31.34
N CYS E 214 21.74 -25.22 32.02
CA CYS E 214 23.16 -25.08 31.72
C CYS E 214 23.50 -25.76 30.40
N MET E 215 24.25 -25.06 29.56
CA MET E 215 24.64 -25.60 28.26
C MET E 215 26.15 -25.69 28.14
N ALA F 73 -5.87 -35.83 21.16
CA ALA F 73 -5.22 -34.69 21.81
C ALA F 73 -6.22 -33.56 22.06
N ILE F 74 -7.41 -33.92 22.51
CA ILE F 74 -8.47 -32.95 22.79
C ILE F 74 -8.99 -33.18 24.21
N PRO F 75 -8.25 -32.79 25.24
CA PRO F 75 -8.74 -32.99 26.61
C PRO F 75 -9.93 -32.10 26.92
N LYS F 76 -10.78 -32.58 27.82
CA LYS F 76 -11.93 -31.83 28.29
C LYS F 76 -11.86 -31.52 29.78
N ASP F 77 -11.62 -32.53 30.62
CA ASP F 77 -11.50 -32.31 32.05
C ASP F 77 -10.20 -31.63 32.45
N GLN F 78 -9.24 -31.52 31.52
CA GLN F 78 -7.96 -30.89 31.79
C GLN F 78 -7.77 -29.61 30.98
N ARG F 79 -8.86 -28.90 30.69
CA ARG F 79 -8.80 -27.65 29.94
C ARG F 79 -8.34 -26.55 30.86
N ALA F 80 -7.08 -26.14 30.73
CA ALA F 80 -6.50 -25.11 31.58
C ALA F 80 -6.62 -23.71 31.01
N THR F 81 -7.19 -23.56 29.81
CA THR F 81 -7.34 -22.25 29.22
C THR F 81 -8.42 -21.45 29.94
N THR F 82 -8.37 -20.14 29.77
CA THR F 82 -9.32 -19.26 30.44
C THR F 82 -10.72 -19.49 29.88
N PRO F 83 -11.75 -19.51 30.74
CA PRO F 83 -13.13 -19.67 30.25
C PRO F 83 -13.68 -18.43 29.57
N TYR F 84 -13.00 -17.30 29.69
CA TYR F 84 -13.48 -16.06 29.08
C TYR F 84 -13.12 -16.03 27.60
N MET F 85 -13.73 -15.07 26.89
CA MET F 85 -13.63 -14.98 25.44
C MET F 85 -12.82 -13.74 25.09
N THR F 86 -11.74 -13.93 24.34
CA THR F 86 -10.80 -12.86 24.07
C THR F 86 -11.34 -11.90 23.02
N LYS F 87 -10.71 -10.72 22.95
CA LYS F 87 -11.13 -9.71 21.99
C LYS F 87 -10.91 -10.19 20.56
N TYR F 88 -9.78 -10.85 20.30
CA TYR F 88 -9.52 -11.38 18.97
C TYR F 88 -10.55 -12.44 18.59
N GLU F 89 -10.88 -13.33 19.53
CA GLU F 89 -11.91 -14.33 19.26
C GLU F 89 -13.26 -13.68 18.98
N ARG F 90 -13.61 -12.66 19.76
CA ARG F 90 -14.88 -11.96 19.54
C ARG F 90 -14.91 -11.31 18.16
N ALA F 91 -13.83 -10.63 17.78
CA ALA F 91 -13.78 -9.99 16.47
C ALA F 91 -13.88 -11.01 15.35
N ARG F 92 -13.16 -12.13 15.47
CA ARG F 92 -13.19 -13.16 14.43
C ARG F 92 -14.58 -13.78 14.31
N ILE F 93 -15.22 -14.07 15.45
CA ILE F 93 -16.55 -14.67 15.41
C ILE F 93 -17.56 -13.71 14.80
N LEU F 94 -17.51 -12.43 15.21
CA LEU F 94 -18.44 -11.45 14.66
C LEU F 94 -18.23 -11.29 13.16
N GLY F 95 -16.97 -11.22 12.72
CA GLY F 95 -16.70 -11.09 11.30
C GLY F 95 -17.18 -12.30 10.51
N THR F 96 -16.90 -13.50 11.00
CA THR F 96 -17.31 -14.71 10.29
C THR F 96 -18.83 -14.79 10.19
N ARG F 97 -19.53 -14.52 11.29
CA ARG F 97 -20.99 -14.55 11.26
C ARG F 97 -21.54 -13.49 10.31
N ALA F 98 -20.98 -12.28 10.33
CA ALA F 98 -21.44 -11.23 9.43
C ALA F 98 -21.21 -11.60 7.98
N LEU F 99 -20.05 -12.18 7.66
CA LEU F 99 -19.76 -12.57 6.29
C LEU F 99 -20.70 -13.66 5.82
N GLN F 100 -20.95 -14.66 6.68
CA GLN F 100 -21.87 -15.74 6.32
C GLN F 100 -23.27 -15.20 6.09
N ILE F 101 -23.74 -14.30 6.95
CA ILE F 101 -25.06 -13.70 6.78
C ILE F 101 -25.12 -12.90 5.48
N SER F 102 -24.04 -12.17 5.17
CA SER F 102 -24.00 -11.38 3.95
C SER F 102 -24.08 -12.27 2.71
N MET F 103 -23.42 -13.42 2.75
CA MET F 103 -23.46 -14.35 1.62
C MET F 103 -24.66 -15.31 1.71
N ASN F 104 -25.72 -14.91 2.40
CA ASN F 104 -27.00 -15.63 2.47
C ASN F 104 -26.85 -17.00 3.13
N ALA F 105 -26.46 -16.96 4.40
CA ALA F 105 -26.53 -18.12 5.27
C ALA F 105 -27.75 -18.03 6.17
N PRO F 106 -28.33 -19.16 6.58
CA PRO F 106 -29.53 -19.10 7.43
C PRO F 106 -29.25 -18.40 8.75
N VAL F 107 -30.26 -17.67 9.23
CA VAL F 107 -30.18 -16.91 10.47
C VAL F 107 -31.10 -17.57 11.48
N PHE F 108 -30.57 -17.82 12.68
CA PHE F 108 -31.29 -18.55 13.72
C PHE F 108 -32.01 -17.63 14.70
N VAL F 109 -31.99 -16.32 14.47
CA VAL F 109 -32.68 -15.37 15.34
C VAL F 109 -33.45 -14.39 14.47
N ASP F 110 -34.51 -13.81 15.05
CA ASP F 110 -35.26 -12.78 14.36
C ASP F 110 -34.46 -11.48 14.31
N LEU F 111 -34.69 -10.71 13.26
CA LEU F 111 -33.86 -9.54 12.95
C LEU F 111 -34.41 -8.23 13.49
N GLU F 112 -35.68 -8.19 13.91
CA GLU F 112 -36.33 -6.93 14.31
C GLU F 112 -36.24 -5.89 13.21
N GLY F 113 -36.30 -6.32 11.96
CA GLY F 113 -36.21 -5.41 10.84
C GLY F 113 -34.82 -4.91 10.52
N GLU F 114 -33.79 -5.47 11.15
CA GLU F 114 -32.42 -5.04 10.88
C GLU F 114 -31.98 -5.54 9.50
N THR F 115 -31.05 -4.80 8.89
CA THR F 115 -30.60 -5.10 7.54
C THR F 115 -29.08 -5.11 7.41
N ASP F 116 -28.34 -4.96 8.50
CA ASP F 116 -26.89 -4.92 8.44
C ASP F 116 -26.36 -6.23 9.02
N PRO F 117 -25.58 -7.01 8.25
CA PRO F 117 -25.13 -8.32 8.75
C PRO F 117 -24.32 -8.25 10.03
N LEU F 118 -23.49 -7.21 10.19
CA LEU F 118 -22.64 -7.14 11.38
C LEU F 118 -23.47 -7.00 12.65
N ARG F 119 -24.47 -6.12 12.62
CA ARG F 119 -25.33 -5.95 13.79
C ARG F 119 -26.16 -7.21 14.05
N ILE F 120 -26.55 -7.93 13.00
CA ILE F 120 -27.22 -9.22 13.19
C ILE F 120 -26.28 -10.19 13.90
N ALA F 121 -25.00 -10.18 13.52
CA ALA F 121 -24.02 -11.03 14.19
C ALA F 121 -23.88 -10.66 15.67
N MET F 122 -23.84 -9.37 15.97
CA MET F 122 -23.77 -8.94 17.37
C MET F 122 -25.02 -9.38 18.13
N LYS F 123 -26.19 -9.26 17.52
CA LYS F 123 -27.43 -9.69 18.16
C LYS F 123 -27.41 -11.19 18.44
N GLU F 124 -26.91 -11.98 17.48
CA GLU F 124 -26.79 -13.42 17.71
C GLU F 124 -25.81 -13.72 18.83
N LEU F 125 -24.69 -13.00 18.88
CA LEU F 125 -23.72 -13.22 19.95
C LEU F 125 -24.27 -12.79 21.31
N ALA F 126 -25.22 -11.86 21.33
CA ALA F 126 -25.78 -11.39 22.59
C ALA F 126 -26.48 -12.51 23.33
N GLU F 127 -27.25 -13.33 22.61
CA GLU F 127 -28.00 -14.44 23.21
C GLU F 127 -27.32 -15.78 23.02
N LYS F 128 -26.08 -15.79 22.51
CA LYS F 128 -25.29 -17.02 22.34
C LYS F 128 -26.03 -18.03 21.45
N LYS F 129 -26.26 -17.63 20.21
CA LYS F 129 -26.92 -18.48 19.23
C LYS F 129 -26.07 -18.65 17.97
N ILE F 130 -24.75 -18.67 18.13
CA ILE F 130 -23.82 -18.81 17.02
C ILE F 130 -23.26 -20.22 17.06
N PRO F 131 -23.55 -21.06 16.06
CA PRO F 131 -23.05 -22.45 16.06
C PRO F 131 -21.61 -22.54 15.55
N LEU F 132 -20.68 -22.13 16.40
CA LEU F 132 -19.26 -22.14 16.05
C LEU F 132 -18.47 -22.69 17.23
N VAL F 133 -17.30 -23.24 16.93
CA VAL F 133 -16.40 -23.82 17.93
C VAL F 133 -15.03 -23.19 17.77
N ILE F 134 -14.46 -22.72 18.88
CA ILE F 134 -13.13 -22.13 18.88
C ILE F 134 -12.11 -23.21 19.21
N ARG F 135 -11.10 -23.34 18.35
CA ARG F 135 -10.01 -24.31 18.54
C ARG F 135 -8.76 -23.53 18.94
N ARG F 136 -8.44 -23.57 20.23
CA ARG F 136 -7.26 -22.87 20.74
C ARG F 136 -6.06 -23.79 20.66
N TYR F 137 -5.05 -23.37 19.89
CA TYR F 137 -3.88 -24.20 19.63
C TYR F 137 -2.80 -23.92 20.68
N LEU F 138 -2.39 -24.97 21.38
CA LEU F 138 -1.27 -24.85 22.31
C LEU F 138 0.03 -24.74 21.52
N PRO F 139 1.07 -24.14 22.12
CA PRO F 139 2.33 -23.97 21.39
C PRO F 139 2.96 -25.27 20.92
N ASP F 140 2.83 -26.34 21.69
CA ASP F 140 3.42 -27.61 21.28
C ASP F 140 2.73 -28.18 20.04
N GLY F 141 1.42 -28.04 19.96
CA GLY F 141 0.66 -28.58 18.84
C GLY F 141 -0.69 -29.12 19.27
N SER F 142 -0.86 -29.35 20.57
CA SER F 142 -2.14 -29.80 21.08
C SER F 142 -3.16 -28.66 21.05
N PHE F 143 -4.44 -29.02 21.24
CA PHE F 143 -5.50 -28.03 21.18
C PHE F 143 -6.68 -28.52 22.01
N GLU F 144 -7.54 -27.57 22.38
CA GLU F 144 -8.81 -27.87 23.02
C GLU F 144 -9.90 -27.04 22.37
N ASP F 145 -11.09 -27.62 22.28
CA ASP F 145 -12.21 -27.01 21.58
C ASP F 145 -13.16 -26.35 22.59
N TRP F 146 -13.43 -25.07 22.37
CA TRP F 146 -14.34 -24.30 23.22
C TRP F 146 -15.52 -23.85 22.37
N SER F 147 -16.73 -24.15 22.83
CA SER F 147 -17.93 -23.69 22.14
C SER F 147 -18.15 -22.20 22.40
N VAL F 148 -18.77 -21.53 21.42
CA VAL F 148 -19.04 -20.10 21.56
C VAL F 148 -20.03 -19.87 22.70
N GLU F 149 -21.08 -20.69 22.79
CA GLU F 149 -22.09 -20.50 23.81
C GLU F 149 -21.56 -20.75 25.22
N GLU F 150 -20.48 -21.50 25.37
CA GLU F 150 -19.91 -21.78 26.68
C GLU F 150 -18.82 -20.78 27.07
N LEU F 151 -18.45 -19.86 26.20
CA LEU F 151 -17.44 -18.86 26.49
C LEU F 151 -18.08 -17.61 27.08
N ILE F 152 -17.57 -17.16 28.21
CA ILE F 152 -18.10 -15.98 28.88
C ILE F 152 -17.62 -14.73 28.15
N VAL F 153 -18.54 -13.84 27.81
CA VAL F 153 -18.24 -12.57 27.15
C VAL F 153 -18.42 -11.47 28.18
N ASP F 154 -17.33 -10.76 28.48
CA ASP F 154 -17.35 -9.70 29.47
C ASP F 154 -16.87 -8.36 28.94
N LEU F 155 -16.02 -8.33 27.93
CA LEU F 155 -15.52 -7.08 27.37
C LEU F 155 -16.61 -6.36 26.58
N MET G 1 -8.31 -60.48 -4.37
CA MET G 1 -7.84 -59.31 -5.09
C MET G 1 -8.59 -58.09 -4.55
N PHE G 2 -9.87 -58.30 -4.23
CA PHE G 2 -10.69 -57.23 -3.67
C PHE G 2 -10.18 -56.84 -2.29
N PHE G 3 -10.01 -55.53 -2.08
CA PHE G 3 -9.57 -55.00 -0.80
C PHE G 3 -10.56 -53.94 -0.32
N ILE G 4 -10.58 -53.73 0.99
CA ILE G 4 -11.34 -52.65 1.61
C ILE G 4 -10.36 -51.81 2.41
N LYS G 5 -10.32 -50.51 2.13
CA LYS G 5 -9.38 -49.60 2.76
C LYS G 5 -10.12 -48.42 3.37
N ASP G 6 -9.55 -47.87 4.43
CA ASP G 6 -10.13 -46.71 5.13
C ASP G 6 -9.71 -45.44 4.41
N LEU G 7 -10.38 -45.17 3.30
CA LEU G 7 -10.09 -44.00 2.50
C LEU G 7 -10.56 -42.73 3.21
N SER G 8 -10.07 -41.59 2.73
CA SER G 8 -10.45 -40.29 3.25
C SER G 8 -10.78 -39.36 2.09
N LEU G 9 -11.75 -38.46 2.31
CA LEU G 9 -12.19 -37.51 1.31
C LEU G 9 -12.34 -36.13 1.94
N ASN G 10 -11.94 -35.10 1.19
CA ASN G 10 -12.08 -33.72 1.61
C ASN G 10 -13.08 -33.01 0.70
N ILE G 11 -14.09 -32.39 1.31
CA ILE G 11 -15.13 -31.69 0.56
C ILE G 11 -15.33 -30.31 1.17
N THR G 12 -15.83 -29.39 0.33
CA THR G 12 -16.10 -28.02 0.73
C THR G 12 -17.59 -27.75 0.59
N LEU G 13 -18.20 -27.23 1.66
CA LEU G 13 -19.62 -26.96 1.70
C LEU G 13 -19.87 -25.47 1.80
N HIS G 14 -20.75 -24.96 0.94
CA HIS G 14 -21.11 -23.56 0.98
C HIS G 14 -21.90 -23.25 2.25
N PRO G 15 -21.64 -22.11 2.91
CA PRO G 15 -22.39 -21.79 4.12
C PRO G 15 -23.87 -21.55 3.90
N SER G 16 -24.30 -21.32 2.67
CA SER G 16 -25.74 -21.18 2.39
C SER G 16 -26.49 -22.48 2.67
N PHE G 17 -25.78 -23.61 2.73
CA PHE G 17 -26.36 -24.90 3.04
C PHE G 17 -26.18 -25.30 4.49
N PHE G 18 -25.73 -24.38 5.35
CA PHE G 18 -25.44 -24.69 6.74
C PHE G 18 -26.73 -24.86 7.54
N GLY G 19 -27.44 -25.97 7.32
CA GLY G 19 -28.65 -26.25 8.05
C GLY G 19 -28.53 -27.51 8.87
N PRO G 20 -29.64 -27.93 9.50
CA PRO G 20 -29.62 -29.19 10.28
C PRO G 20 -29.35 -30.41 9.43
N ARG G 21 -29.54 -30.34 8.11
CA ARG G 21 -29.36 -31.47 7.21
C ARG G 21 -27.97 -31.54 6.60
N MET G 22 -26.98 -30.89 7.23
CA MET G 22 -25.61 -30.93 6.71
C MET G 22 -25.06 -32.35 6.69
N LYS G 23 -25.38 -33.15 7.72
CA LYS G 23 -24.88 -34.51 7.77
C LYS G 23 -25.36 -35.33 6.58
N GLN G 24 -26.67 -35.29 6.29
CA GLN G 24 -27.18 -36.03 5.15
C GLN G 24 -26.73 -35.41 3.83
N TYR G 25 -26.50 -34.10 3.80
CA TYR G 25 -25.98 -33.48 2.60
C TYR G 25 -24.59 -34.02 2.27
N LEU G 26 -23.71 -34.06 3.28
CA LEU G 26 -22.39 -34.65 3.08
C LEU G 26 -22.48 -36.13 2.74
N LYS G 27 -23.44 -36.84 3.35
CA LYS G 27 -23.61 -38.25 3.06
C LYS G 27 -23.89 -38.48 1.58
N THR G 28 -24.88 -37.77 1.03
CA THR G 28 -25.16 -37.92 -0.40
C THR G 28 -24.02 -37.39 -1.28
N LYS G 29 -23.33 -36.34 -0.84
CA LYS G 29 -22.16 -35.86 -1.57
C LYS G 29 -21.13 -36.97 -1.75
N LEU G 30 -20.74 -37.60 -0.64
CA LEU G 30 -19.81 -38.72 -0.71
C LEU G 30 -20.39 -39.85 -1.55
N LEU G 31 -21.68 -40.15 -1.38
CA LEU G 31 -22.29 -41.27 -2.06
C LEU G 31 -22.19 -41.13 -3.57
N GLU G 32 -22.52 -39.96 -4.11
CA GLU G 32 -22.40 -39.85 -5.56
C GLU G 32 -20.97 -39.59 -5.99
N GLU G 33 -20.09 -39.17 -5.07
CA GLU G 33 -18.72 -38.84 -5.44
C GLU G 33 -17.87 -40.10 -5.63
N VAL G 34 -17.82 -40.96 -4.61
CA VAL G 34 -16.91 -42.10 -4.69
C VAL G 34 -17.48 -43.28 -5.47
N GLU G 35 -18.76 -43.22 -5.83
CA GLU G 35 -19.38 -44.29 -6.61
C GLU G 35 -18.93 -44.16 -8.06
N GLY G 36 -18.34 -45.22 -8.61
CA GLY G 36 -17.88 -45.21 -9.97
C GLY G 36 -16.61 -44.44 -10.23
N SER G 37 -15.88 -44.07 -9.19
CA SER G 37 -14.66 -43.29 -9.36
C SER G 37 -13.56 -44.15 -9.98
N CYS G 38 -12.63 -43.48 -10.65
CA CYS G 38 -11.52 -44.12 -11.36
C CYS G 38 -10.20 -43.49 -10.94
N THR G 39 -9.99 -43.34 -9.63
CA THR G 39 -8.75 -42.76 -9.13
C THR G 39 -7.57 -43.66 -9.49
N GLY G 40 -6.45 -43.02 -9.85
CA GLY G 40 -5.27 -43.75 -10.26
C GLY G 40 -4.45 -44.35 -9.15
N LYS G 41 -4.68 -43.91 -7.90
CA LYS G 41 -3.93 -44.44 -6.77
C LYS G 41 -4.63 -45.63 -6.13
N PHE G 42 -5.86 -45.43 -5.67
CA PHE G 42 -6.62 -46.52 -5.06
C PHE G 42 -7.09 -47.51 -6.11
N GLY G 43 -7.59 -47.01 -7.24
CA GLY G 43 -8.10 -47.87 -8.28
C GLY G 43 -9.56 -47.64 -8.61
N TYR G 44 -10.35 -48.71 -8.64
CA TYR G 44 -11.77 -48.63 -8.92
C TYR G 44 -12.55 -48.77 -7.62
N ILE G 45 -13.44 -47.81 -7.37
CA ILE G 45 -14.33 -47.85 -6.21
C ILE G 45 -15.69 -48.33 -6.69
N LEU G 46 -16.15 -49.44 -6.11
CA LEU G 46 -17.39 -50.08 -6.56
C LEU G 46 -18.56 -49.82 -5.61
N CYS G 47 -18.39 -50.14 -4.34
CA CYS G 47 -19.45 -49.99 -3.35
C CYS G 47 -18.91 -49.33 -2.10
N VAL G 48 -19.76 -48.54 -1.44
CA VAL G 48 -19.40 -47.88 -0.19
C VAL G 48 -20.14 -48.53 0.96
N LEU G 49 -19.50 -49.51 1.59
CA LEU G 49 -20.11 -50.23 2.70
C LEU G 49 -20.00 -49.43 3.98
N ASP G 50 -20.65 -49.95 5.03
CA ASP G 50 -20.61 -49.37 6.37
C ASP G 50 -21.17 -47.94 6.37
N TYR G 51 -22.46 -47.86 6.04
CA TYR G 51 -23.18 -46.58 6.08
C TYR G 51 -23.62 -46.22 7.49
N ASP G 52 -22.68 -46.24 8.43
CA ASP G 52 -22.95 -45.92 9.82
C ASP G 52 -21.65 -45.43 10.46
N ASN G 53 -21.81 -44.59 11.49
CA ASN G 53 -20.71 -43.93 12.18
C ASN G 53 -19.64 -43.42 11.20
N ILE G 54 -20.11 -42.60 10.25
CA ILE G 54 -19.22 -41.97 9.29
C ILE G 54 -18.21 -41.08 10.01
N ASP G 55 -18.60 -40.52 11.15
CA ASP G 55 -17.74 -39.69 11.99
C ASP G 55 -17.25 -38.46 11.23
N ILE G 56 -18.22 -37.64 10.80
CA ILE G 56 -17.92 -36.38 10.15
C ILE G 56 -17.32 -35.44 11.18
N GLN G 57 -16.05 -35.10 11.02
CA GLN G 57 -15.38 -34.24 11.98
C GLN G 57 -15.84 -32.80 11.82
N ARG G 58 -15.35 -31.93 12.70
CA ARG G 58 -15.70 -30.51 12.63
C ARG G 58 -15.17 -29.89 11.35
N GLY G 59 -15.97 -29.02 10.74
CA GLY G 59 -15.58 -28.40 9.49
C GLY G 59 -14.87 -27.07 9.68
N ARG G 60 -13.56 -27.06 9.44
CA ARG G 60 -12.79 -25.83 9.53
C ARG G 60 -13.25 -24.84 8.48
N ILE G 61 -13.43 -23.59 8.87
CA ILE G 61 -13.91 -22.54 7.98
C ILE G 61 -12.70 -21.83 7.36
N LEU G 62 -12.66 -21.79 6.03
CA LEU G 62 -11.57 -21.11 5.35
C LEU G 62 -11.62 -19.62 5.65
N PRO G 63 -10.47 -18.98 5.84
CA PRO G 63 -10.47 -17.53 6.10
C PRO G 63 -10.99 -16.70 4.94
N THR G 64 -10.94 -17.22 3.71
CA THR G 64 -11.31 -16.42 2.55
C THR G 64 -12.80 -16.16 2.49
N ASP G 65 -13.61 -17.19 2.68
CA ASP G 65 -15.06 -17.07 2.57
C ASP G 65 -15.70 -17.85 3.71
N GLY G 66 -17.02 -18.00 3.65
CA GLY G 66 -17.74 -18.71 4.68
C GLY G 66 -17.81 -20.21 4.52
N SER G 67 -17.19 -20.76 3.49
CA SER G 67 -17.23 -22.20 3.25
C SER G 67 -16.44 -22.94 4.32
N ALA G 68 -16.82 -24.20 4.54
CA ALA G 68 -16.18 -25.06 5.52
C ALA G 68 -15.67 -26.32 4.84
N GLU G 69 -14.47 -26.74 5.23
CA GLU G 69 -13.85 -27.95 4.69
C GLU G 69 -14.08 -29.11 5.65
N PHE G 70 -14.58 -30.22 5.12
CA PHE G 70 -14.89 -31.41 5.91
C PHE G 70 -13.99 -32.56 5.49
N ASN G 71 -13.55 -33.34 6.49
CA ASN G 71 -12.72 -34.51 6.26
C ASN G 71 -13.51 -35.73 6.73
N VAL G 72 -14.20 -36.37 5.79
CA VAL G 72 -15.04 -37.52 6.09
C VAL G 72 -14.21 -38.79 6.06
N LYS G 73 -14.49 -39.70 6.99
CA LYS G 73 -13.81 -40.99 7.07
C LYS G 73 -14.78 -42.09 6.66
N TYR G 74 -14.34 -42.96 5.76
CA TYR G 74 -15.20 -43.99 5.20
C TYR G 74 -14.34 -45.14 4.71
N ARG G 75 -15.00 -46.28 4.49
CA ARG G 75 -14.36 -47.48 3.95
C ARG G 75 -15.17 -47.95 2.75
N ALA G 76 -14.46 -48.46 1.74
CA ALA G 76 -15.12 -48.89 0.51
C ALA G 76 -14.29 -50.00 -0.14
N VAL G 77 -14.95 -50.76 -1.00
CA VAL G 77 -14.28 -51.83 -1.75
C VAL G 77 -13.52 -51.23 -2.91
N VAL G 78 -12.26 -51.60 -3.07
CA VAL G 78 -11.41 -51.06 -4.11
C VAL G 78 -11.10 -52.16 -5.12
N PHE G 79 -10.63 -51.73 -6.30
CA PHE G 79 -10.29 -52.65 -7.39
C PHE G 79 -9.10 -52.05 -8.13
N LYS G 80 -7.97 -52.75 -8.09
CA LYS G 80 -6.77 -52.31 -8.79
C LYS G 80 -6.17 -53.51 -9.52
N PRO G 81 -5.81 -53.37 -10.80
CA PRO G 81 -5.21 -54.50 -11.56
C PRO G 81 -3.73 -54.66 -11.29
N PHE G 82 -3.41 -55.37 -10.22
CA PHE G 82 -2.02 -55.60 -9.84
C PHE G 82 -1.28 -56.34 -10.95
N LYS G 83 -0.08 -55.87 -11.27
CA LYS G 83 0.70 -56.45 -12.34
C LYS G 83 1.15 -57.86 -11.97
N GLY G 84 1.13 -58.76 -12.96
CA GLY G 84 1.54 -60.12 -12.72
C GLY G 84 0.52 -60.99 -12.05
N GLU G 85 -0.74 -60.57 -12.01
CA GLU G 85 -1.79 -61.30 -11.32
C GLU G 85 -2.67 -62.04 -12.33
N VAL G 86 -2.94 -63.30 -12.05
CA VAL G 86 -3.75 -64.13 -12.93
C VAL G 86 -5.22 -63.91 -12.58
N VAL G 87 -6.01 -63.53 -13.59
CA VAL G 87 -7.44 -63.29 -13.43
C VAL G 87 -8.19 -64.00 -14.55
N ASP G 88 -9.47 -64.24 -14.32
CA ASP G 88 -10.34 -64.92 -15.28
C ASP G 88 -11.47 -64.01 -15.67
N GLY G 89 -11.72 -63.91 -16.97
CA GLY G 89 -12.78 -63.06 -17.48
C GLY G 89 -13.49 -63.62 -18.70
N THR G 90 -14.14 -62.75 -19.46
CA THR G 90 -14.87 -63.15 -20.65
C THR G 90 -14.50 -62.26 -21.82
N VAL G 91 -14.55 -62.82 -23.02
CA VAL G 91 -14.20 -62.08 -24.23
C VAL G 91 -15.38 -61.22 -24.65
N VAL G 92 -15.11 -59.94 -24.93
CA VAL G 92 -16.13 -58.99 -25.36
C VAL G 92 -15.92 -58.54 -26.79
N SER G 93 -14.71 -58.10 -27.12
CA SER G 93 -14.37 -57.64 -28.45
C SER G 93 -13.13 -58.37 -28.94
N CYS G 94 -13.04 -58.54 -30.27
CA CYS G 94 -11.92 -59.26 -30.87
C CYS G 94 -11.67 -58.67 -32.25
N SER G 95 -10.69 -57.78 -32.35
CA SER G 95 -10.25 -57.23 -33.62
C SER G 95 -9.00 -57.97 -34.09
N GLN G 96 -8.41 -57.50 -35.18
CA GLN G 96 -7.18 -58.13 -35.67
C GLN G 96 -5.98 -57.85 -34.76
N HIS G 97 -6.06 -56.82 -33.91
CA HIS G 97 -4.99 -56.57 -32.95
C HIS G 97 -4.98 -57.63 -31.84
N GLY G 98 -6.14 -58.10 -31.44
CA GLY G 98 -6.22 -59.09 -30.39
C GLY G 98 -7.63 -59.20 -29.86
N PHE G 99 -7.79 -60.06 -28.86
CA PHE G 99 -9.07 -60.28 -28.21
C PHE G 99 -9.04 -59.69 -26.81
N GLU G 100 -10.07 -58.91 -26.47
CA GLU G 100 -10.16 -58.26 -25.17
C GLU G 100 -10.82 -59.19 -24.16
N VAL G 101 -10.69 -58.83 -22.88
CA VAL G 101 -11.24 -59.60 -21.78
C VAL G 101 -12.07 -58.66 -20.91
N GLN G 102 -12.99 -59.25 -20.16
CA GLN G 102 -13.93 -58.47 -19.35
C GLN G 102 -13.72 -58.78 -17.87
N VAL G 103 -12.47 -58.82 -17.43
CA VAL G 103 -12.17 -59.01 -16.02
C VAL G 103 -12.63 -57.76 -15.26
N GLY G 104 -13.68 -57.91 -14.46
CA GLY G 104 -14.26 -56.79 -13.73
C GLY G 104 -14.79 -55.74 -14.67
N PRO G 105 -14.64 -54.46 -14.30
CA PRO G 105 -15.08 -53.36 -15.15
C PRO G 105 -14.05 -52.86 -16.14
N MET G 106 -12.95 -53.58 -16.35
CA MET G 106 -11.84 -53.10 -17.16
C MET G 106 -11.97 -53.59 -18.60
N LYS G 107 -10.97 -53.23 -19.41
CA LYS G 107 -10.91 -53.58 -20.82
C LYS G 107 -9.52 -54.09 -21.17
N VAL G 108 -9.03 -55.04 -20.38
CA VAL G 108 -7.68 -55.57 -20.56
C VAL G 108 -7.53 -56.13 -21.97
N PHE G 109 -6.46 -55.76 -22.65
CA PHE G 109 -6.21 -56.10 -24.03
C PHE G 109 -5.15 -57.19 -24.11
N VAL G 110 -5.45 -58.27 -24.81
CA VAL G 110 -4.47 -59.32 -25.11
C VAL G 110 -4.01 -59.05 -26.54
N THR G 111 -2.93 -58.30 -26.68
CA THR G 111 -2.43 -57.92 -27.99
C THR G 111 -1.81 -59.13 -28.69
N LYS G 112 -1.83 -59.10 -30.03
CA LYS G 112 -1.41 -60.26 -30.82
C LYS G 112 0.02 -60.69 -30.52
N HIS G 113 0.89 -59.76 -30.15
CA HIS G 113 2.28 -60.11 -29.89
C HIS G 113 2.48 -60.85 -28.57
N LEU G 114 1.44 -60.95 -27.73
CA LEU G 114 1.59 -61.57 -26.42
C LEU G 114 1.41 -63.08 -26.47
N MET G 115 0.25 -63.55 -26.92
CA MET G 115 0.01 -64.98 -27.02
C MET G 115 0.75 -65.56 -28.22
N PRO G 116 1.05 -66.86 -28.21
CA PRO G 116 1.85 -67.44 -29.31
C PRO G 116 1.18 -67.38 -30.66
N GLN G 117 1.91 -67.76 -31.71
CA GLN G 117 1.43 -67.68 -33.09
C GLN G 117 0.38 -68.74 -33.42
N ASP G 118 0.08 -69.64 -32.48
CA ASP G 118 -0.93 -70.67 -32.73
C ASP G 118 -2.29 -70.04 -33.03
N LEU G 119 -2.65 -68.99 -32.31
CA LEU G 119 -3.95 -68.37 -32.50
C LEU G 119 -3.97 -67.59 -33.81
N THR G 120 -4.97 -67.89 -34.66
CA THR G 120 -5.10 -67.24 -35.96
C THR G 120 -6.47 -66.59 -36.06
N PHE G 121 -6.50 -65.44 -36.73
CA PHE G 121 -7.74 -64.70 -36.95
C PHE G 121 -8.50 -65.33 -38.10
N ASN G 122 -9.50 -66.14 -37.78
CA ASN G 122 -10.35 -66.79 -38.77
C ASN G 122 -11.67 -66.02 -38.84
N ALA G 123 -11.84 -65.24 -39.91
CA ALA G 123 -13.05 -64.46 -40.11
C ALA G 123 -14.16 -65.24 -40.79
N GLY G 124 -13.89 -66.47 -41.21
CA GLY G 124 -14.93 -67.27 -41.85
C GLY G 124 -16.07 -67.61 -40.91
N SER G 125 -15.75 -67.91 -39.65
CA SER G 125 -16.77 -68.21 -38.66
C SER G 125 -17.59 -66.96 -38.37
N ASN G 126 -18.87 -67.18 -38.02
CA ASN G 126 -19.77 -66.05 -37.79
C ASN G 126 -19.30 -65.12 -36.68
N PRO G 127 -18.92 -65.58 -35.49
CA PRO G 127 -18.33 -64.66 -34.51
C PRO G 127 -16.83 -64.52 -34.75
N PRO G 128 -16.36 -63.30 -35.03
CA PRO G 128 -14.93 -63.10 -35.27
C PRO G 128 -14.12 -63.39 -34.00
N SER G 129 -13.22 -64.35 -34.09
CA SER G 129 -12.46 -64.81 -32.94
C SER G 129 -11.14 -65.40 -33.44
N TYR G 130 -10.45 -66.13 -32.57
CA TYR G 130 -9.12 -66.65 -32.86
C TYR G 130 -9.09 -68.18 -32.84
N GLN G 131 -10.03 -68.80 -33.53
CA GLN G 131 -10.18 -70.25 -33.50
C GLN G 131 -8.88 -70.96 -33.88
N SER G 132 -8.46 -71.91 -33.06
CA SER G 132 -7.25 -72.68 -33.28
C SER G 132 -7.33 -73.97 -32.49
N SER G 133 -6.21 -74.69 -32.40
CA SER G 133 -6.15 -75.95 -31.67
C SER G 133 -5.91 -75.66 -30.18
N GLU G 134 -5.66 -76.72 -29.41
CA GLU G 134 -5.66 -76.67 -27.95
C GLU G 134 -6.87 -75.90 -27.43
N ASP G 135 -8.06 -76.48 -27.60
CA ASP G 135 -9.32 -76.00 -27.06
C ASP G 135 -9.87 -74.83 -27.86
N VAL G 136 -11.12 -74.47 -27.61
CA VAL G 136 -11.86 -73.50 -28.40
C VAL G 136 -12.14 -72.27 -27.56
N ILE G 137 -11.82 -71.09 -28.09
CA ILE G 137 -12.11 -69.81 -27.46
C ILE G 137 -12.95 -68.98 -28.42
N THR G 138 -13.96 -68.29 -27.90
CA THR G 138 -14.85 -67.47 -28.70
C THR G 138 -15.29 -66.27 -27.88
N ILE G 139 -16.18 -65.46 -28.46
CA ILE G 139 -16.74 -64.31 -27.75
C ILE G 139 -17.63 -64.79 -26.63
N LYS G 140 -17.55 -64.12 -25.48
CA LYS G 140 -18.32 -64.48 -24.28
C LYS G 140 -18.03 -65.91 -23.84
N SER G 141 -16.73 -66.23 -23.73
CA SER G 141 -16.28 -67.54 -23.32
C SER G 141 -15.27 -67.39 -22.19
N ARG G 142 -15.17 -68.45 -21.37
CA ARG G 142 -14.25 -68.43 -20.24
C ARG G 142 -12.80 -68.34 -20.72
N ILE G 143 -12.02 -67.48 -20.08
CA ILE G 143 -10.63 -67.29 -20.43
C ILE G 143 -9.89 -66.72 -19.22
N ARG G 144 -8.73 -67.30 -18.93
CA ARG G 144 -7.87 -66.84 -17.85
C ARG G 144 -6.69 -66.09 -18.46
N VAL G 145 -6.47 -64.85 -18.01
CA VAL G 145 -5.49 -63.96 -18.61
C VAL G 145 -4.67 -63.31 -17.50
N LYS G 146 -3.36 -63.23 -17.71
CA LYS G 146 -2.46 -62.57 -16.79
C LYS G 146 -2.33 -61.09 -17.14
N ILE G 147 -1.82 -60.31 -16.20
CA ILE G 147 -1.64 -58.87 -16.35
C ILE G 147 -0.16 -58.56 -16.43
N GLU G 148 0.25 -57.83 -17.47
CA GLU G 148 1.66 -57.50 -17.63
C GLU G 148 2.03 -56.25 -16.84
N GLY G 149 1.16 -55.25 -16.81
CA GLY G 149 1.46 -54.03 -16.09
C GLY G 149 0.28 -53.08 -16.16
N CYS G 150 0.46 -51.94 -15.48
CA CYS G 150 -0.57 -50.91 -15.39
C CYS G 150 -0.16 -49.71 -16.23
N ILE G 151 -1.08 -49.22 -17.06
CA ILE G 151 -0.85 -48.05 -17.89
C ILE G 151 -2.02 -47.10 -17.77
N SER G 152 -1.78 -45.84 -18.15
CA SER G 152 -2.79 -44.78 -18.11
C SER G 152 -3.36 -44.62 -16.70
N GLN G 153 -2.49 -44.23 -15.77
CA GLN G 153 -2.91 -44.03 -14.38
C GLN G 153 -3.95 -42.93 -14.27
N VAL G 154 -3.92 -41.96 -15.17
CA VAL G 154 -4.92 -40.89 -15.18
C VAL G 154 -6.09 -41.34 -16.04
N SER G 155 -7.26 -40.73 -15.80
CA SER G 155 -8.50 -41.00 -16.54
C SER G 155 -8.86 -42.47 -16.32
N SER G 156 -9.22 -43.20 -17.37
CA SER G 156 -9.61 -44.60 -17.23
C SER G 156 -8.41 -45.46 -16.86
N ILE G 157 -8.68 -46.56 -16.16
CA ILE G 157 -7.66 -47.50 -15.71
C ILE G 157 -7.88 -48.81 -16.45
N HIS G 158 -6.82 -49.35 -17.04
CA HIS G 158 -6.87 -50.62 -17.74
C HIS G 158 -5.45 -51.19 -17.78
N ALA G 159 -5.32 -52.37 -18.37
CA ALA G 159 -4.04 -53.07 -18.42
C ALA G 159 -3.93 -53.82 -19.74
N ILE G 160 -2.88 -54.62 -19.86
CA ILE G 160 -2.61 -55.42 -21.05
C ILE G 160 -2.47 -56.88 -20.63
N GLY G 161 -3.09 -57.77 -21.42
CA GLY G 161 -3.10 -59.18 -21.06
C GLY G 161 -2.26 -60.07 -21.96
N SER G 162 -1.90 -61.25 -21.45
CA SER G 162 -1.11 -62.21 -22.21
C SER G 162 -1.60 -63.62 -21.90
N ILE G 163 -1.45 -64.51 -22.87
CA ILE G 163 -1.84 -65.91 -22.71
C ILE G 163 -0.65 -66.86 -22.77
N LYS G 164 0.53 -66.39 -23.18
CA LYS G 164 1.69 -67.26 -23.34
C LYS G 164 2.22 -67.65 -21.97
N GLU G 165 1.60 -68.68 -21.38
CA GLU G 165 2.00 -69.20 -20.09
C GLU G 165 1.40 -70.58 -19.92
N ASP G 166 2.16 -71.49 -19.32
CA ASP G 166 1.66 -72.84 -19.10
C ASP G 166 0.48 -72.84 -18.16
N TYR G 167 -0.55 -73.60 -18.51
CA TYR G 167 -1.78 -73.73 -17.73
C TYR G 167 -2.42 -72.37 -17.45
N LEU G 168 -2.49 -71.53 -18.48
CA LEU G 168 -3.10 -70.22 -18.38
C LEU G 168 -4.29 -70.03 -19.32
N GLY G 169 -4.20 -70.54 -20.54
CA GLY G 169 -5.26 -70.38 -21.52
C GLY G 169 -6.34 -71.44 -21.40
N ALA G 170 -7.18 -71.49 -22.44
CA ALA G 170 -8.26 -72.47 -22.54
C ALA G 170 -9.22 -72.38 -21.37
N ILE G 171 -9.11 -73.33 -20.44
CA ILE G 171 -10.00 -73.50 -19.28
C ILE G 171 -11.46 -73.14 -19.51
N ASN H 3 -39.78 25.61 56.13
CA ASN H 3 -38.65 24.91 55.52
C ASN H 3 -37.32 25.54 55.96
N THR H 4 -37.41 26.54 56.85
CA THR H 4 -36.22 27.20 57.35
C THR H 4 -35.39 26.25 58.20
N LEU H 5 -34.07 26.29 58.00
CA LEU H 5 -33.15 25.44 58.74
C LEU H 5 -32.10 26.20 59.55
N PHE H 6 -31.88 27.48 59.26
CA PHE H 6 -30.88 28.25 59.98
C PHE H 6 -31.25 29.72 59.99
N ASP H 7 -30.74 30.45 60.98
CA ASP H 7 -30.97 31.88 61.10
C ASP H 7 -30.00 32.49 62.11
N ASP H 8 -29.34 33.59 61.73
CA ASP H 8 -28.40 34.26 62.62
C ASP H 8 -28.16 35.67 62.07
N ILE H 9 -27.31 36.41 62.77
CA ILE H 9 -26.95 37.78 62.39
C ILE H 9 -25.65 37.81 61.60
N PHE H 10 -24.60 37.19 62.12
CA PHE H 10 -23.35 36.96 61.40
C PHE H 10 -22.72 38.28 60.93
N GLN H 11 -22.30 39.07 61.92
CA GLN H 11 -21.53 40.28 61.63
C GLN H 11 -20.26 39.92 60.86
N VAL H 12 -20.02 40.63 59.77
CA VAL H 12 -18.96 40.28 58.83
C VAL H 12 -17.73 41.14 59.10
N SER H 13 -16.55 40.56 58.89
CA SER H 13 -15.29 41.28 59.04
C SER H 13 -14.25 40.64 58.15
N GLU H 14 -13.19 41.40 57.85
CA GLU H 14 -12.04 40.94 57.09
C GLU H 14 -12.46 40.41 55.71
N VAL H 15 -12.98 41.32 54.90
CA VAL H 15 -13.39 41.00 53.53
C VAL H 15 -12.20 41.24 52.60
N ASP H 16 -11.76 40.19 51.92
CA ASP H 16 -10.65 40.27 50.98
C ASP H 16 -10.79 39.19 49.92
N PRO H 17 -11.16 39.54 48.68
CA PRO H 17 -11.39 38.51 47.66
C PRO H 17 -10.14 37.73 47.28
N GLY H 18 -9.12 38.42 46.80
CA GLY H 18 -7.87 37.78 46.42
C GLY H 18 -7.84 37.42 44.96
N ARG H 19 -7.11 38.20 44.15
CA ARG H 19 -6.94 37.94 42.72
C ARG H 19 -8.29 37.75 42.02
N TYR H 20 -9.27 38.57 42.39
CA TYR H 20 -10.60 38.49 41.82
C TYR H 20 -11.21 39.88 41.75
N ASN H 21 -12.22 40.02 40.88
CA ASN H 21 -12.91 41.29 40.71
C ASN H 21 -14.41 41.21 40.88
N LYS H 22 -15.02 40.03 40.75
CA LYS H 22 -16.46 39.89 40.89
C LYS H 22 -16.89 39.08 42.11
N VAL H 23 -16.01 38.24 42.65
CA VAL H 23 -16.34 37.35 43.76
C VAL H 23 -15.45 37.70 44.94
N CYS H 24 -16.07 37.90 46.10
CA CYS H 24 -15.35 38.22 47.34
C CYS H 24 -15.61 37.13 48.37
N ARG H 25 -14.61 36.92 49.23
CA ARG H 25 -14.73 35.97 50.34
C ARG H 25 -14.95 36.76 51.62
N ILE H 26 -16.08 36.51 52.28
CA ILE H 26 -16.44 37.21 53.50
C ILE H 26 -16.47 36.22 54.65
N GLU H 27 -15.82 36.58 55.76
CA GLU H 27 -15.86 35.81 56.99
C GLU H 27 -16.74 36.54 58.00
N ALA H 28 -17.64 35.81 58.64
CA ALA H 28 -18.57 36.40 59.58
C ALA H 28 -18.68 35.53 60.82
N ALA H 29 -19.05 36.15 61.93
CA ALA H 29 -19.29 35.47 63.19
C ALA H 29 -20.62 35.92 63.76
N SER H 30 -21.40 34.96 64.27
CA SER H 30 -22.72 35.27 64.80
C SER H 30 -22.60 36.12 66.06
N THR H 31 -23.51 37.09 66.20
CA THR H 31 -23.52 37.95 67.36
C THR H 31 -24.26 37.35 68.56
N THR H 32 -24.96 36.23 68.37
CA THR H 32 -25.66 35.57 69.46
C THR H 32 -24.85 34.40 70.02
N GLN H 33 -24.44 33.48 69.16
CA GLN H 33 -23.63 32.34 69.58
C GLN H 33 -22.16 32.68 69.47
N ASP H 34 -21.38 32.26 70.47
CA ASP H 34 -19.95 32.53 70.50
C ASP H 34 -19.13 31.51 69.73
N GLN H 35 -19.76 30.46 69.21
CA GLN H 35 -19.05 29.42 68.47
C GLN H 35 -19.40 29.38 66.99
N CYS H 36 -20.48 30.03 66.58
CA CYS H 36 -20.87 30.03 65.17
C CYS H 36 -19.87 30.83 64.34
N LYS H 37 -19.53 30.31 63.17
CA LYS H 37 -18.60 30.97 62.27
C LYS H 37 -19.04 30.73 60.83
N LEU H 38 -18.73 31.69 59.96
CA LEU H 38 -19.11 31.60 58.56
C LEU H 38 -17.95 32.06 57.68
N THR H 39 -17.81 31.41 56.53
CA THR H 39 -16.81 31.78 55.52
C THR H 39 -17.44 31.51 54.16
N LEU H 40 -18.01 32.54 53.54
CA LEU H 40 -18.85 32.39 52.37
C LEU H 40 -18.34 33.26 51.23
N ASP H 41 -18.44 32.75 50.01
CA ASP H 41 -18.10 33.49 48.80
C ASP H 41 -19.37 34.07 48.18
N ILE H 42 -19.34 35.37 47.89
CA ILE H 42 -20.49 36.07 47.33
C ILE H 42 -20.06 36.88 46.12
N ASN H 43 -21.04 37.26 45.32
CA ASN H 43 -20.83 38.10 44.14
C ASN H 43 -21.10 39.55 44.51
N VAL H 44 -20.04 40.34 44.65
CA VAL H 44 -20.18 41.74 45.06
C VAL H 44 -20.71 42.64 43.96
N GLU H 45 -20.77 42.15 42.72
CA GLU H 45 -21.36 42.94 41.64
C GLU H 45 -22.84 43.18 41.89
N LEU H 46 -23.54 42.17 42.42
CA LEU H 46 -24.95 42.30 42.76
C LEU H 46 -25.20 42.53 44.24
N PHE H 47 -24.29 42.09 45.11
CA PHE H 47 -24.41 42.25 46.55
C PHE H 47 -23.12 42.84 47.10
N PRO H 48 -22.94 44.15 46.98
CA PRO H 48 -21.70 44.80 47.44
C PRO H 48 -21.65 45.05 48.95
N VAL H 49 -21.26 44.01 49.69
CA VAL H 49 -21.15 44.11 51.15
C VAL H 49 -19.85 44.79 51.52
N ALA H 50 -19.74 45.21 52.78
CA ALA H 50 -18.54 45.87 53.30
C ALA H 50 -18.23 45.32 54.68
N ALA H 51 -17.02 45.63 55.15
CA ALA H 51 -16.59 45.16 56.47
C ALA H 51 -17.43 45.80 57.57
N GLN H 52 -17.56 45.07 58.68
CA GLN H 52 -18.35 45.50 59.83
C GLN H 52 -19.80 45.77 59.44
N ASP H 53 -20.45 44.72 58.94
CA ASP H 53 -21.84 44.80 58.52
C ASP H 53 -22.59 43.60 59.05
N SER H 54 -23.90 43.75 59.22
CA SER H 54 -24.78 42.68 59.68
C SER H 54 -25.57 42.16 58.50
N LEU H 55 -25.46 40.86 58.24
CA LEU H 55 -26.13 40.21 57.12
C LEU H 55 -26.88 38.99 57.63
N THR H 56 -28.20 39.12 57.78
CA THR H 56 -29.02 38.00 58.23
C THR H 56 -29.02 36.90 57.18
N VAL H 57 -28.57 35.71 57.56
CA VAL H 57 -28.51 34.58 56.65
C VAL H 57 -29.61 33.60 57.01
N THR H 58 -29.99 32.77 56.04
CA THR H 58 -31.05 31.79 56.22
C THR H 58 -30.81 30.63 55.29
N ILE H 59 -30.91 29.41 55.81
CA ILE H 59 -30.78 28.19 55.02
C ILE H 59 -32.15 27.55 54.94
N ALA H 60 -32.63 27.35 53.72
CA ALA H 60 -33.96 26.79 53.48
C ALA H 60 -33.85 25.60 52.53
N SER H 61 -34.65 24.57 52.81
CA SER H 61 -34.67 23.40 51.93
C SER H 61 -35.40 23.68 50.62
N SER H 62 -36.37 24.60 50.65
CA SER H 62 -37.11 24.95 49.45
C SER H 62 -37.56 26.39 49.54
N LEU H 63 -37.87 26.98 48.39
CA LEU H 63 -38.33 28.36 48.31
C LEU H 63 -39.85 28.49 48.38
N ASN H 64 -40.56 27.37 48.54
CA ASN H 64 -42.01 27.44 48.62
C ASN H 64 -42.45 28.04 49.95
N LEU H 65 -43.67 28.57 49.97
CA LEU H 65 -44.20 29.21 51.16
C LEU H 65 -44.53 28.16 52.22
N GLU H 66 -44.95 28.64 53.39
CA GLU H 66 -45.28 27.76 54.50
C GLU H 66 -46.50 26.89 54.21
N ASP H 67 -47.33 27.28 53.25
CA ASP H 67 -48.50 26.46 52.91
C ASP H 67 -48.09 25.10 52.36
N THR H 68 -47.06 25.07 51.53
CA THR H 68 -46.58 23.82 50.95
C THR H 68 -45.47 23.24 51.82
N PRO H 69 -45.65 22.05 52.39
CA PRO H 69 -44.59 21.45 53.20
C PRO H 69 -43.42 21.00 52.35
N ALA H 70 -42.30 20.75 53.02
CA ALA H 70 -41.10 20.30 52.32
C ALA H 70 -41.32 18.94 51.69
N ASN H 71 -40.88 18.79 50.45
CA ASN H 71 -41.04 17.55 49.70
C ASN H 71 -39.81 17.30 48.85
N ASP H 72 -39.62 16.05 48.48
CA ASP H 72 -38.47 15.63 47.66
C ASP H 72 -38.76 15.69 46.17
N SER H 73 -39.94 16.14 45.77
CA SER H 73 -40.29 16.22 44.36
C SER H 73 -39.74 17.45 43.67
N SER H 74 -39.11 18.36 44.42
CA SER H 74 -38.59 19.60 43.85
C SER H 74 -37.22 19.44 43.22
N ALA H 75 -36.61 18.26 43.32
CA ALA H 75 -35.30 18.04 42.73
C ALA H 75 -35.42 17.75 41.24
N THR H 76 -34.56 18.38 40.44
CA THR H 76 -34.52 18.21 38.98
C THR H 76 -35.88 18.51 38.37
N ARG H 77 -36.33 19.75 38.55
CA ARG H 77 -37.64 20.19 38.08
C ARG H 77 -37.57 21.04 36.83
N SER H 78 -36.40 21.14 36.19
CA SER H 78 -36.21 21.92 34.97
C SER H 78 -36.62 23.38 35.20
N TRP H 79 -35.83 24.03 36.05
CA TRP H 79 -36.07 25.39 36.52
C TRP H 79 -36.61 26.29 35.41
N ARG H 80 -37.72 26.97 35.69
CA ARG H 80 -38.41 27.85 34.78
C ARG H 80 -38.20 29.31 35.18
N PRO H 81 -38.22 30.23 34.22
CA PRO H 81 -38.07 31.66 34.57
C PRO H 81 -39.19 32.12 35.49
N PRO H 82 -38.88 32.99 36.44
CA PRO H 82 -39.93 33.45 37.36
C PRO H 82 -41.03 34.21 36.65
N GLN H 83 -42.25 34.04 37.14
CA GLN H 83 -43.42 34.71 36.57
C GLN H 83 -43.68 36.00 37.34
N ALA H 84 -44.83 36.62 37.08
CA ALA H 84 -45.20 37.86 37.76
C ALA H 84 -46.00 37.60 39.04
N GLY H 85 -46.98 36.70 38.97
CA GLY H 85 -47.85 36.42 40.09
C GLY H 85 -47.34 35.40 41.08
N ASP H 86 -46.24 34.71 40.77
CA ASP H 86 -45.73 33.70 41.69
C ASP H 86 -45.11 34.34 42.93
N ARG H 87 -45.09 33.58 44.02
CA ARG H 87 -44.56 34.04 45.29
C ARG H 87 -43.59 33.00 45.84
N SER H 88 -42.58 33.48 46.57
CA SER H 88 -41.57 32.59 47.13
C SER H 88 -40.93 33.30 48.33
N LEU H 89 -40.19 32.51 49.11
CA LEU H 89 -39.48 33.06 50.26
C LEU H 89 -38.38 34.02 49.85
N ALA H 90 -37.90 33.95 48.61
CA ALA H 90 -36.82 34.81 48.17
C ALA H 90 -37.22 36.28 48.11
N ASP H 91 -38.51 36.59 48.08
CA ASP H 91 -38.96 37.97 47.99
C ASP H 91 -38.62 38.78 49.23
N ASP H 92 -38.39 38.13 50.37
CA ASP H 92 -38.06 38.82 51.61
C ASP H 92 -36.56 39.02 51.79
N TYR H 93 -35.74 38.50 50.89
CA TYR H 93 -34.29 38.62 51.00
C TYR H 93 -33.73 39.32 49.77
N ASP H 94 -32.44 39.64 49.83
CA ASP H 94 -31.76 40.36 48.77
C ASP H 94 -30.75 39.52 48.01
N TYR H 95 -30.35 38.38 48.55
CA TYR H 95 -29.35 37.52 47.89
C TYR H 95 -29.69 36.07 48.20
N VAL H 96 -30.09 35.32 47.18
CA VAL H 96 -30.46 33.92 47.32
C VAL H 96 -29.55 33.09 46.42
N MET H 97 -28.97 32.03 46.98
CA MET H 97 -28.07 31.17 46.25
C MET H 97 -28.46 29.71 46.46
N TYR H 98 -28.22 28.91 45.42
CA TYR H 98 -28.56 27.49 45.42
C TYR H 98 -27.28 26.67 45.31
N GLY H 99 -27.19 25.61 46.12
CA GLY H 99 -25.99 24.81 46.14
C GLY H 99 -26.23 23.45 46.76
N THR H 100 -25.17 22.66 46.83
CA THR H 100 -25.22 21.29 47.34
C THR H 100 -24.20 21.13 48.47
N ALA H 101 -24.60 20.38 49.49
CA ALA H 101 -23.68 20.03 50.58
C ALA H 101 -22.83 18.85 50.17
N TYR H 102 -21.53 18.92 50.49
CA TYR H 102 -20.61 17.86 50.08
C TYR H 102 -19.65 17.40 51.16
N LYS H 103 -19.73 17.95 52.38
CA LYS H 103 -18.82 17.53 53.43
C LYS H 103 -19.46 17.79 54.79
N PHE H 104 -19.17 16.90 55.74
CA PHE H 104 -19.64 17.03 57.13
C PHE H 104 -18.47 16.61 58.02
N GLU H 105 -17.68 17.58 58.44
CA GLU H 105 -16.48 17.33 59.22
C GLU H 105 -16.76 17.54 60.72
N GLU H 106 -15.99 16.84 61.54
CA GLU H 106 -16.11 16.90 62.99
C GLU H 106 -14.84 17.53 63.56
N VAL H 107 -15.01 18.60 64.33
CA VAL H 107 -13.89 19.32 64.94
C VAL H 107 -14.16 19.44 66.43
N SER H 108 -13.12 19.20 67.23
CA SER H 108 -13.19 19.26 68.70
C SER H 108 -14.15 18.16 69.15
N LYS H 109 -15.14 18.45 69.99
CA LYS H 109 -16.04 17.42 70.52
C LYS H 109 -17.51 17.68 70.21
N ASP H 110 -17.92 18.95 70.06
CA ASP H 110 -19.33 19.27 69.81
C ASP H 110 -19.51 20.24 68.65
N LEU H 111 -18.45 20.54 67.90
CA LEU H 111 -18.52 21.46 66.78
C LEU H 111 -18.45 20.66 65.48
N ILE H 112 -19.35 20.96 64.56
CA ILE H 112 -19.37 20.33 63.25
C ILE H 112 -19.36 21.42 62.19
N ALA H 113 -18.71 21.12 61.07
CA ALA H 113 -18.62 22.03 59.94
C ALA H 113 -19.36 21.46 58.75
N VAL H 114 -20.16 22.29 58.10
CA VAL H 114 -20.94 21.90 56.92
C VAL H 114 -20.42 22.68 55.73
N TYR H 115 -20.10 21.97 54.65
CA TYR H 115 -19.54 22.57 53.45
C TYR H 115 -20.58 22.54 52.34
N TYR H 116 -20.78 23.69 51.69
CA TYR H 116 -21.72 23.81 50.58
C TYR H 116 -20.98 24.38 49.37
N SER H 117 -21.48 24.06 48.18
CA SER H 117 -20.91 24.54 46.93
C SER H 117 -22.02 25.10 46.07
N PHE H 118 -22.07 26.43 45.95
CA PHE H 118 -23.11 27.09 45.15
C PHE H 118 -22.59 27.32 43.72
N GLY H 119 -22.36 26.22 43.03
CA GLY H 119 -21.87 26.27 41.67
C GLY H 119 -20.41 26.62 41.54
N GLY H 120 -19.66 26.65 42.63
CA GLY H 120 -18.27 27.04 42.60
C GLY H 120 -17.91 27.92 43.79
N LEU H 121 -18.90 28.57 44.36
CA LEU H 121 -18.72 29.39 45.56
C LEU H 121 -18.94 28.51 46.78
N LEU H 122 -17.93 28.41 47.63
CA LEU H 122 -17.95 27.53 48.79
C LEU H 122 -18.25 28.31 50.06
N MET H 123 -19.04 27.72 50.95
CA MET H 123 -19.35 28.33 52.24
C MET H 123 -19.14 27.29 53.33
N ARG H 124 -18.48 27.69 54.41
CA ARG H 124 -18.23 26.83 55.57
C ARG H 124 -18.98 27.38 56.77
N LEU H 125 -19.77 26.52 57.41
CA LEU H 125 -20.60 26.91 58.54
C LEU H 125 -20.28 26.01 59.73
N GLU H 126 -20.07 26.63 60.90
CA GLU H 126 -19.77 25.92 62.12
C GLU H 126 -20.86 26.17 63.15
N GLY H 127 -20.95 25.27 64.13
CA GLY H 127 -21.95 25.41 65.17
C GLY H 127 -21.91 24.22 66.10
N ASN H 128 -22.89 24.19 67.00
CA ASN H 128 -22.99 23.12 67.99
C ASN H 128 -23.73 21.93 67.39
N TYR H 129 -23.10 20.76 67.41
CA TYR H 129 -23.70 19.55 66.89
C TYR H 129 -24.93 19.17 67.71
N ARG H 130 -25.96 18.66 67.02
CA ARG H 130 -27.23 18.25 67.61
C ARG H 130 -27.97 19.41 68.26
N ASN H 131 -27.46 20.63 68.14
CA ASN H 131 -28.10 21.81 68.71
C ASN H 131 -28.49 22.84 67.66
N LEU H 132 -27.58 23.17 66.74
CA LEU H 132 -27.88 24.12 65.67
C LEU H 132 -27.87 23.47 64.30
N ASN H 133 -26.77 22.84 63.91
CA ASN H 133 -26.63 22.25 62.59
C ASN H 133 -26.99 20.76 62.62
N ASN H 134 -28.22 20.48 63.04
CA ASN H 134 -28.71 19.12 63.13
C ASN H 134 -29.80 18.82 62.11
N LEU H 135 -30.06 19.73 61.17
CA LEU H 135 -31.11 19.54 60.17
C LEU H 135 -30.61 19.95 58.80
N LYS H 136 -29.34 19.66 58.50
CA LYS H 136 -28.73 19.97 57.21
C LYS H 136 -28.28 18.68 56.56
N GLN H 137 -28.87 18.35 55.41
CA GLN H 137 -28.52 17.11 54.71
C GLN H 137 -27.88 17.39 53.35
N GLU H 138 -28.56 18.09 52.44
CA GLU H 138 -28.07 18.40 51.11
C GLU H 138 -29.12 19.24 50.38
N ASN H 139 -28.67 19.92 49.33
CA ASN H 139 -29.55 20.65 48.42
C ASN H 139 -30.39 21.69 49.18
N ALA H 140 -29.71 22.67 49.75
CA ALA H 140 -30.34 23.70 50.55
C ALA H 140 -30.04 25.07 49.98
N TYR H 141 -31.06 25.94 49.97
CA TYR H 141 -30.90 27.30 49.54
C TYR H 141 -30.18 28.12 50.60
N LEU H 142 -29.67 29.28 50.20
CA LEU H 142 -29.01 30.22 51.11
C LEU H 142 -29.53 31.61 50.79
N LEU H 143 -30.27 32.20 51.73
CA LEU H 143 -30.86 33.52 51.57
C LEU H 143 -30.18 34.50 52.52
N ILE H 144 -29.77 35.64 51.99
CA ILE H 144 -29.06 36.66 52.75
C ILE H 144 -29.86 37.97 52.67
N ARG H 145 -30.06 38.60 53.81
CA ARG H 145 -30.78 39.86 53.89
C ARG H 145 -29.82 40.96 54.38
N ARG H 146 -30.04 42.17 53.87
CA ARG H 146 -29.20 43.30 54.24
C ARG H 146 -29.39 43.68 55.70
N MET I 1 69.58 15.70 26.69
CA MET I 1 70.67 16.51 26.15
C MET I 1 70.25 17.96 25.99
N THR I 2 70.61 18.80 26.97
CA THR I 2 70.29 20.22 26.87
C THR I 2 71.02 20.89 25.73
N THR I 3 72.25 20.45 25.43
CA THR I 3 73.04 20.99 24.33
C THR I 3 73.57 19.85 23.49
N PHE I 4 73.73 20.12 22.19
CA PHE I 4 74.24 19.15 21.25
C PHE I 4 75.68 19.49 20.89
N ARG I 5 76.58 18.51 21.05
CA ARG I 5 77.99 18.71 20.78
C ARG I 5 78.27 18.38 19.31
N PHE I 6 78.80 19.35 18.58
CA PHE I 6 79.10 19.20 17.16
C PHE I 6 80.60 19.10 16.95
N CYS I 7 81.01 18.16 16.10
CA CYS I 7 82.42 17.97 15.81
C CYS I 7 83.01 19.22 15.16
N ARG I 8 84.19 19.63 15.62
CA ARG I 8 84.85 20.79 15.03
C ARG I 8 85.19 20.54 13.57
N ASP I 9 85.87 19.43 13.29
CA ASP I 9 85.99 18.98 11.91
C ASP I 9 84.64 18.48 11.43
N CYS I 10 84.50 18.40 10.11
CA CYS I 10 83.25 18.04 9.43
C CYS I 10 82.10 18.86 10.05
N ASN I 11 80.89 18.32 10.08
CA ASN I 11 79.79 19.00 10.76
C ASN I 11 78.87 18.04 11.52
N ASN I 12 79.21 16.76 11.61
CA ASN I 12 78.37 15.83 12.35
C ASN I 12 78.51 16.06 13.86
N MET I 13 77.53 15.54 14.60
CA MET I 13 77.54 15.66 16.05
C MET I 13 78.30 14.49 16.68
N LEU I 14 78.43 14.52 18.00
CA LEU I 14 79.31 13.63 18.74
C LEU I 14 78.50 12.62 19.54
N TYR I 15 78.85 11.33 19.38
CA TYR I 15 78.27 10.27 20.20
C TYR I 15 78.88 10.25 21.60
N PRO I 16 78.11 9.81 22.60
CA PRO I 16 78.67 9.65 23.94
C PRO I 16 79.37 8.31 24.11
N ARG I 17 80.47 8.33 24.86
CA ARG I 17 81.26 7.13 25.11
C ARG I 17 82.09 7.34 26.37
N GLU I 18 82.61 6.23 26.90
CA GLU I 18 83.45 6.24 28.09
C GLU I 18 84.83 5.74 27.74
N ASP I 19 85.85 6.37 28.33
CA ASP I 19 87.23 5.99 28.06
C ASP I 19 87.63 4.70 28.77
N LYS I 20 86.84 4.23 29.74
CA LYS I 20 87.08 2.98 30.45
C LYS I 20 88.39 3.02 31.22
N GLU I 21 89.52 3.01 30.51
CA GLU I 21 90.82 3.05 31.18
C GLU I 21 91.01 4.35 31.94
N ASN I 22 90.63 5.47 31.34
CA ASN I 22 90.74 6.77 32.00
C ASN I 22 89.54 7.09 32.88
N ASN I 23 88.47 6.30 32.81
CA ASN I 23 87.27 6.50 33.62
C ASN I 23 86.70 7.91 33.43
N ARG I 24 86.71 8.38 32.18
CA ARG I 24 86.19 9.70 31.85
C ARG I 24 85.36 9.59 30.59
N LEU I 25 84.14 10.13 30.63
CA LEU I 25 83.28 10.13 29.46
C LEU I 25 83.82 11.07 28.39
N LEU I 26 83.81 10.61 27.15
CA LEU I 26 84.33 11.38 26.02
C LEU I 26 83.33 11.34 24.88
N PHE I 27 83.29 12.43 24.11
CA PHE I 27 82.45 12.54 22.92
C PHE I 27 83.32 12.35 21.69
N GLU I 28 82.88 11.48 20.78
CA GLU I 28 83.63 11.15 19.58
C GLU I 28 82.74 11.22 18.36
N CYS I 29 83.29 11.77 17.28
CA CYS I 29 82.61 11.78 15.99
C CYS I 29 82.95 10.51 15.22
N ARG I 30 82.19 10.25 14.16
CA ARG I 30 82.38 9.04 13.35
C ARG I 30 83.18 9.28 12.08
N THR I 31 82.99 10.42 11.41
CA THR I 31 83.81 10.72 10.26
C THR I 31 85.28 10.90 10.65
N CYS I 32 85.52 11.53 11.80
CA CYS I 32 86.86 11.73 12.32
C CYS I 32 86.83 11.51 13.82
N SER I 33 88.00 11.24 14.40
CA SER I 33 88.06 10.90 15.81
C SER I 33 87.65 12.08 16.70
N TYR I 34 88.44 13.16 16.64
CA TYR I 34 88.21 14.37 17.45
C TYR I 34 87.94 14.01 18.92
N VAL I 35 88.96 13.44 19.54
CA VAL I 35 88.88 13.02 20.94
C VAL I 35 89.20 14.19 21.85
N GLU I 36 88.30 14.47 22.79
CA GLU I 36 88.50 15.51 23.78
C GLU I 36 88.02 15.00 25.13
N GLU I 37 88.21 15.81 26.18
CA GLU I 37 87.89 15.36 27.53
C GLU I 37 86.39 15.29 27.77
N ALA I 38 85.60 16.11 27.05
CA ALA I 38 84.15 16.15 27.20
C ALA I 38 83.75 16.35 28.67
N GLY I 39 84.18 17.47 29.23
CA GLY I 39 83.89 17.79 30.61
C GLY I 39 82.50 18.32 30.84
N SER I 40 81.49 17.46 30.70
CA SER I 40 80.11 17.86 30.91
C SER I 40 79.32 16.73 31.58
N PRO I 41 78.88 16.93 32.82
CA PRO I 41 78.09 15.89 33.49
C PRO I 41 76.74 15.63 32.83
N LEU I 42 76.22 16.58 32.06
CA LEU I 42 74.93 16.41 31.42
C LEU I 42 75.03 15.40 30.28
N VAL I 43 74.27 14.31 30.40
CA VAL I 43 74.23 13.29 29.36
C VAL I 43 72.82 13.22 28.78
N TYR I 44 71.82 13.54 29.61
CA TYR I 44 70.43 13.50 29.18
C TYR I 44 69.56 14.21 30.22
N ARG I 45 68.67 15.09 29.76
CA ARG I 45 67.68 15.73 30.61
C ARG I 45 66.31 15.54 29.97
N HIS I 46 65.36 15.08 30.76
CA HIS I 46 63.98 14.87 30.30
C HIS I 46 63.06 15.86 31.01
N GLU I 47 62.12 16.42 30.25
CA GLU I 47 61.19 17.40 30.77
C GLU I 47 59.77 16.85 30.73
N LEU I 48 59.01 17.11 31.81
CA LEU I 48 57.65 16.59 31.93
C LEU I 48 56.59 17.67 32.09
N ILE I 49 56.94 18.89 32.48
CA ILE I 49 55.96 19.96 32.64
C ILE I 49 56.39 21.18 31.85
N THR I 50 55.42 22.07 31.61
CA THR I 50 55.69 23.28 30.85
C THR I 50 56.64 24.19 31.61
N ASN I 51 57.54 24.84 30.86
CA ASN I 51 58.53 25.72 31.47
C ASN I 51 57.86 26.94 32.07
N ILE I 52 58.34 27.35 33.24
CA ILE I 52 57.82 28.54 33.91
C ILE I 52 58.23 29.77 33.12
N GLY I 53 57.28 30.70 32.93
CA GLY I 53 57.55 31.89 32.16
C GLY I 53 57.85 31.61 30.71
N GLU I 54 57.03 30.77 30.07
CA GLU I 54 57.24 30.43 28.67
C GLU I 54 57.10 31.67 27.79
N THR I 55 56.08 32.50 28.05
CA THR I 55 55.79 33.74 27.31
C THR I 55 55.76 33.39 25.81
N ALA I 56 56.43 34.16 24.95
CA ALA I 56 56.42 33.91 23.52
C ALA I 56 57.67 34.55 22.93
N GLY I 57 57.68 34.70 21.60
CA GLY I 57 58.81 35.33 20.92
C GLY I 57 59.02 36.78 21.31
N VAL I 58 57.98 37.43 21.86
CA VAL I 58 57.96 38.83 22.29
C VAL I 58 58.86 39.71 21.43
N VAL I 59 58.59 39.73 20.13
CA VAL I 59 59.36 40.58 19.23
C VAL I 59 59.14 42.06 19.57
N GLN I 60 60.05 42.91 19.10
CA GLN I 60 59.95 44.34 19.37
C GLN I 60 58.72 44.96 18.73
N ASP I 61 58.09 44.27 17.78
CA ASP I 61 56.89 44.75 17.13
C ASP I 61 55.62 44.25 17.81
N ILE I 62 55.72 43.76 19.05
CA ILE I 62 54.56 43.28 19.77
C ILE I 62 53.56 44.40 20.06
N GLY I 63 54.02 45.65 20.09
CA GLY I 63 53.12 46.77 20.31
C GLY I 63 52.40 47.26 19.08
N SER I 64 52.72 46.71 17.91
CA SER I 64 52.07 47.10 16.66
C SER I 64 50.86 46.24 16.33
N ASP I 65 50.49 45.30 17.19
CA ASP I 65 49.33 44.46 16.96
C ASP I 65 48.08 45.18 17.45
N PRO I 66 47.13 45.51 16.57
CA PRO I 66 45.93 46.21 17.03
C PRO I 66 44.96 45.31 17.81
N THR I 67 45.08 43.99 17.68
CA THR I 67 44.17 43.07 18.36
C THR I 67 44.57 42.80 19.80
N LEU I 68 45.76 43.22 20.22
CA LEU I 68 46.21 42.98 21.59
C LEU I 68 45.52 43.94 22.55
N PRO I 69 44.86 43.44 23.58
CA PRO I 69 44.21 44.35 24.54
C PRO I 69 45.22 45.13 25.36
N ARG I 70 44.79 46.30 25.82
CA ARG I 70 45.63 47.20 26.59
C ARG I 70 45.05 47.40 27.99
N SER I 71 45.93 47.59 28.96
CA SER I 71 45.52 47.82 30.34
C SER I 71 46.29 48.98 30.96
N ASP I 72 46.11 49.20 32.26
CA ASP I 72 46.78 50.28 32.98
C ASP I 72 47.65 49.77 34.13
N ARG I 73 48.09 48.52 34.07
CA ARG I 73 48.91 47.96 35.14
C ARG I 73 50.23 48.70 35.24
N GLU I 74 50.66 48.95 36.48
CA GLU I 74 51.89 49.69 36.71
C GLU I 74 53.11 48.85 36.37
N CYS I 75 54.04 49.43 35.62
CA CYS I 75 55.27 48.72 35.28
C CYS I 75 56.19 48.67 36.50
N PRO I 76 56.72 47.49 36.86
CA PRO I 76 57.56 47.42 38.06
C PRO I 76 58.82 48.26 37.99
N LYS I 77 59.40 48.44 36.81
CA LYS I 77 60.68 49.14 36.68
C LYS I 77 60.51 50.58 36.23
N CYS I 78 59.90 50.80 35.07
CA CYS I 78 59.78 52.14 34.49
C CYS I 78 58.52 52.87 34.95
N HIS I 79 57.65 52.21 35.70
CA HIS I 79 56.46 52.85 36.29
C HIS I 79 55.57 53.49 35.23
N SER I 80 55.35 52.78 34.13
CA SER I 80 54.46 53.25 33.09
C SER I 80 53.04 52.73 33.34
N ARG I 81 52.06 53.51 32.87
CA ARG I 81 50.65 53.17 33.03
C ARG I 81 50.05 52.58 31.76
N GLU I 82 50.86 51.89 30.96
CA GLU I 82 50.39 51.30 29.71
C GLU I 82 51.14 50.00 29.47
N ASN I 83 50.45 49.02 28.92
CA ASN I 83 51.02 47.72 28.61
C ASN I 83 49.99 46.92 27.81
N VAL I 84 50.43 45.76 27.33
CA VAL I 84 49.56 44.81 26.62
C VAL I 84 49.68 43.47 27.32
N PHE I 85 48.54 42.82 27.53
CA PHE I 85 48.49 41.56 28.27
C PHE I 85 47.91 40.46 27.40
N PHE I 86 48.43 39.24 27.59
CA PHE I 86 47.94 38.07 26.91
C PHE I 86 48.13 36.86 27.81
N GLN I 87 47.33 35.82 27.56
CA GLN I 87 47.40 34.61 28.37
C GLN I 87 48.56 33.73 27.90
N SER I 88 48.74 32.60 28.60
CA SER I 88 49.79 31.67 28.23
C SER I 88 49.51 31.07 26.86
N GLN I 89 50.59 30.81 26.11
CA GLN I 89 50.48 30.29 24.76
C GLN I 89 50.50 28.77 24.68
N GLN I 90 50.53 28.09 25.82
CA GLN I 90 50.47 26.63 25.82
C GLN I 90 49.11 26.17 25.33
N ARG I 91 49.11 25.11 24.52
CA ARG I 91 47.93 24.69 23.76
C ARG I 91 47.23 23.49 24.38
N ARG I 92 47.12 23.44 25.70
CA ARG I 92 46.39 22.38 26.39
C ARG I 92 45.64 22.99 27.56
N LYS I 93 44.93 22.14 28.30
CA LYS I 93 44.15 22.57 29.45
C LYS I 93 44.93 22.57 30.75
N ASP I 94 46.19 22.13 30.73
CA ASP I 94 46.98 22.08 31.94
C ASP I 94 47.43 23.47 32.38
N THR I 95 47.58 24.40 31.43
CA THR I 95 48.05 25.73 31.77
C THR I 95 46.98 26.51 32.52
N SER I 96 47.42 27.47 33.33
CA SER I 96 46.52 28.32 34.09
C SER I 96 46.08 29.51 33.24
N MET I 97 45.26 30.38 33.83
CA MET I 97 44.76 31.57 33.17
C MET I 97 45.54 32.82 33.56
N VAL I 98 46.83 32.68 33.86
CA VAL I 98 47.63 33.83 34.23
C VAL I 98 47.86 34.72 33.02
N LEU I 99 48.08 36.01 33.27
CA LEU I 99 48.27 37.01 32.23
C LEU I 99 49.68 37.54 32.26
N PHE I 100 50.30 37.66 31.09
CA PHE I 100 51.63 38.22 30.94
C PHE I 100 51.52 39.63 30.38
N PHE I 101 52.00 40.61 31.14
CA PHE I 101 51.94 42.01 30.73
C PHE I 101 53.27 42.42 30.14
N VAL I 102 53.23 43.05 28.97
CA VAL I 102 54.42 43.52 28.27
C VAL I 102 54.34 45.04 28.13
N CYS I 103 55.33 45.74 28.66
CA CYS I 103 55.39 47.18 28.53
C CYS I 103 55.98 47.56 27.18
N LEU I 104 55.37 48.54 26.53
CA LEU I 104 55.83 49.00 25.23
C LEU I 104 56.85 50.13 25.31
N SER I 105 57.23 50.54 26.52
CA SER I 105 58.24 51.58 26.71
C SER I 105 59.62 51.01 27.03
N CYS I 106 59.69 49.99 27.88
CA CYS I 106 60.96 49.38 28.25
C CYS I 106 61.06 47.91 27.85
N SER I 107 60.03 47.35 27.21
CA SER I 107 60.03 45.97 26.75
C SER I 107 60.30 44.99 27.90
N HIS I 108 59.65 45.22 29.03
CA HIS I 108 59.76 44.37 30.20
C HIS I 108 58.51 43.52 30.34
N ILE I 109 58.70 42.23 30.58
CA ILE I 109 57.60 41.27 30.71
C ILE I 109 57.41 40.97 32.19
N PHE I 110 56.25 41.33 32.73
CA PHE I 110 55.91 41.05 34.11
C PHE I 110 54.53 40.42 34.17
N THR I 111 54.38 39.42 35.04
CA THR I 111 53.14 38.67 35.16
C THR I 111 52.29 39.21 36.31
N SER I 112 51.04 38.77 36.34
CA SER I 112 50.09 39.16 37.38
C SER I 112 49.92 38.10 38.46
N ASP I 113 50.81 37.11 38.50
CA ASP I 113 50.72 36.01 39.47
C ASP I 113 51.18 36.55 40.83
N GLN I 114 50.27 37.26 41.49
CA GLN I 114 50.56 37.78 42.82
C GLN I 114 50.75 36.65 43.82
N LYS I 115 49.91 35.62 43.75
CA LYS I 115 49.98 34.46 44.65
C LYS I 115 49.90 34.89 46.11
N MET J 1 -0.65 44.30 -11.42
CA MET J 1 -0.46 44.89 -12.74
C MET J 1 -1.20 46.22 -12.84
N ILE J 2 -2.50 46.18 -12.54
CA ILE J 2 -3.36 47.35 -12.60
C ILE J 2 -4.09 47.47 -11.27
N VAL J 3 -4.57 48.68 -10.98
CA VAL J 3 -5.18 48.95 -9.67
C VAL J 3 -6.42 48.10 -9.49
N PRO J 4 -6.59 47.43 -8.35
CA PRO J 4 -7.82 46.65 -8.14
C PRO J 4 -9.05 47.54 -8.15
N VAL J 5 -10.15 46.99 -8.66
CA VAL J 5 -11.37 47.76 -8.79
C VAL J 5 -11.94 48.12 -7.42
N ARG J 6 -11.97 47.16 -6.50
CA ARG J 6 -12.58 47.34 -5.20
C ARG J 6 -11.60 46.95 -4.09
N CYS J 7 -11.79 47.56 -2.93
CA CYS J 7 -10.98 47.22 -1.77
C CYS J 7 -11.29 45.81 -1.31
N PHE J 8 -10.24 45.06 -1.00
CA PHE J 8 -10.40 43.64 -0.65
C PHE J 8 -11.20 43.47 0.64
N SER J 9 -10.93 44.31 1.64
CA SER J 9 -11.50 44.09 2.97
C SER J 9 -12.98 44.46 3.01
N CYS J 10 -13.29 45.73 2.76
CA CYS J 10 -14.66 46.20 2.88
C CYS J 10 -15.43 46.11 1.57
N GLY J 11 -14.89 46.70 0.51
CA GLY J 11 -15.54 46.65 -0.79
C GLY J 11 -15.72 48.01 -1.42
N LYS J 12 -15.06 49.03 -0.88
CA LYS J 12 -15.13 50.36 -1.45
C LYS J 12 -14.50 50.36 -2.84
N VAL J 13 -15.16 51.04 -3.78
CA VAL J 13 -14.71 51.06 -5.16
C VAL J 13 -13.61 52.11 -5.29
N VAL J 14 -12.40 51.65 -5.63
CA VAL J 14 -11.27 52.54 -5.91
C VAL J 14 -10.71 52.12 -7.27
N GLY J 15 -11.27 52.69 -8.34
CA GLY J 15 -10.76 52.44 -9.67
C GLY J 15 -10.42 53.73 -10.39
N ASP J 16 -11.08 54.80 -9.97
CA ASP J 16 -10.83 56.14 -10.51
C ASP J 16 -9.89 56.95 -9.63
N LYS J 17 -9.48 56.40 -8.49
CA LYS J 17 -8.63 57.12 -7.55
C LYS J 17 -7.14 57.03 -7.89
N TRP J 18 -6.75 56.14 -8.80
CA TRP J 18 -5.34 55.99 -9.12
C TRP J 18 -4.81 57.21 -9.88
N GLU J 19 -5.54 57.63 -10.91
CA GLU J 19 -5.12 58.80 -11.68
C GLU J 19 -5.09 60.05 -10.82
N SER J 20 -6.13 60.25 -9.98
CA SER J 20 -6.17 61.40 -9.10
C SER J 20 -5.03 61.33 -8.07
N TYR J 21 -4.73 60.14 -7.57
CA TYR J 21 -3.63 59.98 -6.62
C TYR J 21 -2.30 60.37 -7.25
N LEU J 22 -2.06 59.90 -8.48
CA LEU J 22 -0.82 60.26 -9.17
C LEU J 22 -0.74 61.76 -9.44
N ASN J 23 -1.87 62.35 -9.87
CA ASN J 23 -1.90 63.79 -10.15
C ASN J 23 -1.61 64.60 -8.89
N LEU J 24 -2.22 64.22 -7.76
CA LEU J 24 -1.95 64.90 -6.51
C LEU J 24 -0.52 64.69 -6.05
N LEU J 25 0.07 63.54 -6.39
CA LEU J 25 1.45 63.29 -6.00
C LEU J 25 2.42 64.12 -6.85
N GLN J 26 2.05 64.45 -8.09
CA GLN J 26 3.03 65.03 -9.02
C GLN J 26 2.76 66.49 -9.38
N GLU J 27 1.52 66.98 -9.24
CA GLU J 27 1.24 68.43 -9.26
C GLU J 27 1.42 69.10 -7.91
N ASP J 28 0.61 68.72 -6.90
CA ASP J 28 0.53 69.49 -5.67
C ASP J 28 1.65 69.19 -4.69
N GLU J 29 2.50 68.19 -4.94
CA GLU J 29 3.62 67.87 -4.06
C GLU J 29 3.15 67.55 -2.65
N LEU J 30 2.01 66.88 -2.52
CA LEU J 30 1.55 66.44 -1.21
C LEU J 30 2.17 65.09 -0.86
N ASP J 31 2.27 64.84 0.45
CA ASP J 31 2.71 63.54 0.90
C ASP J 31 1.60 62.50 0.69
N GLU J 32 1.97 61.23 0.87
CA GLU J 32 1.02 60.16 0.61
C GLU J 32 -0.19 60.22 1.53
N GLY J 33 0.03 60.53 2.81
CA GLY J 33 -1.08 60.57 3.75
C GLY J 33 -2.09 61.66 3.43
N THR J 34 -1.60 62.86 3.10
CA THR J 34 -2.52 63.96 2.78
C THR J 34 -3.29 63.68 1.50
N ALA J 35 -2.63 63.12 0.48
CA ALA J 35 -3.32 62.75 -0.74
C ALA J 35 -4.38 61.68 -0.48
N LEU J 36 -4.05 60.70 0.37
CA LEU J 36 -5.02 59.66 0.72
C LEU J 36 -6.23 60.27 1.44
N SER J 37 -5.99 61.19 2.37
CA SER J 37 -7.08 61.84 3.07
C SER J 37 -7.94 62.67 2.12
N ARG J 38 -7.30 63.36 1.18
CA ARG J 38 -8.03 64.17 0.21
C ARG J 38 -8.89 63.30 -0.69
N LEU J 39 -8.37 62.14 -1.11
CA LEU J 39 -9.14 61.25 -1.97
C LEU J 39 -10.36 60.66 -1.30
N GLY J 40 -10.43 60.72 0.03
CA GLY J 40 -11.56 60.20 0.77
C GLY J 40 -11.36 58.83 1.39
N LEU J 41 -10.18 58.25 1.28
CA LEU J 41 -9.90 56.95 1.87
C LEU J 41 -9.57 57.14 3.35
N LYS J 42 -10.54 56.83 4.21
CA LYS J 42 -10.38 57.05 5.65
C LYS J 42 -9.83 55.80 6.35
N ARG J 43 -10.49 54.66 6.17
CA ARG J 43 -10.01 53.42 6.78
C ARG J 43 -8.70 53.00 6.13
N TYR J 44 -7.81 52.41 6.95
CA TYR J 44 -6.52 51.97 6.43
C TYR J 44 -6.65 50.79 5.50
N CYS J 45 -7.77 50.06 5.55
CA CYS J 45 -7.99 48.97 4.61
C CYS J 45 -8.01 49.47 3.18
N CYS J 46 -8.69 50.61 2.94
CA CYS J 46 -8.68 51.22 1.62
C CYS J 46 -7.36 51.93 1.34
N ARG J 47 -6.73 52.49 2.37
CA ARG J 47 -5.48 53.20 2.17
C ARG J 47 -4.38 52.27 1.66
N ARG J 48 -4.29 51.06 2.23
CA ARG J 48 -3.27 50.12 1.81
C ARG J 48 -3.48 49.62 0.38
N MET J 49 -4.71 49.72 -0.14
CA MET J 49 -4.98 49.21 -1.48
C MET J 49 -4.21 49.99 -2.53
N ILE J 50 -4.16 51.32 -2.42
CA ILE J 50 -3.45 52.14 -3.39
C ILE J 50 -2.11 52.66 -2.88
N LEU J 51 -1.86 52.59 -1.56
CA LEU J 51 -0.57 53.02 -1.05
C LEU J 51 0.53 52.03 -1.41
N THR J 52 0.20 50.74 -1.49
CA THR J 52 1.17 49.69 -1.75
C THR J 52 0.83 48.94 -3.04
N HIS J 53 0.50 49.67 -4.09
CA HIS J 53 0.15 49.10 -5.38
C HIS J 53 1.29 49.29 -6.37
N VAL J 54 1.60 48.25 -7.13
CA VAL J 54 2.65 48.27 -8.13
C VAL J 54 2.01 48.28 -9.50
N ASP J 55 2.36 49.28 -10.32
CA ASP J 55 1.81 49.41 -11.66
C ASP J 55 2.74 48.72 -12.65
N LEU J 56 2.58 47.39 -12.74
CA LEU J 56 3.37 46.59 -13.65
C LEU J 56 2.81 46.57 -15.07
N ILE J 57 1.67 47.21 -15.30
CA ILE J 57 1.08 47.21 -16.64
C ILE J 57 1.94 47.99 -17.62
N GLU J 58 2.61 49.05 -17.16
CA GLU J 58 3.46 49.83 -18.05
C GLU J 58 4.64 49.02 -18.57
N LYS J 59 5.23 48.20 -17.70
CA LYS J 59 6.34 47.35 -18.12
C LYS J 59 5.91 46.37 -19.20
N PHE J 60 4.72 45.78 -19.05
CA PHE J 60 4.19 44.90 -20.08
C PHE J 60 3.90 45.67 -21.36
N LEU J 61 3.37 46.89 -21.24
CA LEU J 61 3.09 47.70 -22.42
C LEU J 61 4.34 48.19 -23.12
N ARG J 62 5.49 48.14 -22.45
CA ARG J 62 6.74 48.55 -23.09
C ARG J 62 7.08 47.64 -24.26
N TYR J 63 6.82 46.34 -24.13
CA TYR J 63 7.09 45.41 -25.21
C TYR J 63 6.21 45.69 -26.42
N ASN J 64 6.77 45.50 -27.61
CA ASN J 64 6.03 45.76 -28.83
C ASN J 64 4.91 44.74 -28.99
N PRO J 65 3.68 45.18 -29.25
CA PRO J 65 2.56 44.24 -29.39
C PRO J 65 2.51 43.69 -30.82
N LEU J 66 1.46 42.91 -31.08
CA LEU J 66 1.24 42.34 -32.41
C LEU J 66 0.31 43.24 -33.22
N MET K 1 -12.46 19.41 -8.82
CA MET K 1 -12.90 20.42 -7.86
C MET K 1 -14.21 20.02 -7.18
N ASN K 2 -14.20 20.02 -5.84
CA ASN K 2 -15.37 19.65 -5.05
C ASN K 2 -16.12 20.88 -4.54
N ALA K 3 -15.76 22.07 -4.98
CA ALA K 3 -16.35 23.28 -4.43
C ALA K 3 -17.85 23.32 -4.71
N PRO K 4 -18.69 23.47 -3.68
CA PRO K 4 -20.14 23.53 -3.91
C PRO K 4 -20.53 24.81 -4.62
N ASP K 5 -21.67 24.74 -5.31
CA ASP K 5 -22.21 25.91 -5.98
C ASP K 5 -22.61 26.97 -4.97
N ARG K 6 -22.40 28.24 -5.33
CA ARG K 6 -22.66 29.33 -4.40
C ARG K 6 -24.14 29.50 -4.12
N PHE K 7 -25.01 29.15 -5.08
CA PHE K 7 -26.45 29.30 -4.89
C PHE K 7 -27.05 28.21 -4.03
N GLU K 8 -26.31 27.13 -3.75
CA GLU K 8 -26.85 26.04 -2.95
C GLU K 8 -27.11 26.43 -1.51
N LEU K 9 -26.53 27.53 -1.04
CA LEU K 9 -26.69 27.95 0.35
C LEU K 9 -27.87 28.89 0.55
N PHE K 10 -28.54 29.33 -0.51
CA PHE K 10 -29.70 30.19 -0.36
C PHE K 10 -30.86 29.83 -1.29
N LEU K 11 -30.75 28.77 -2.09
CA LEU K 11 -31.80 28.34 -2.99
C LEU K 11 -32.31 26.97 -2.54
N LEU K 12 -33.63 26.84 -2.45
CA LEU K 12 -34.23 25.58 -2.04
C LEU K 12 -34.17 24.57 -3.17
N GLY K 13 -33.52 23.44 -2.92
CA GLY K 13 -33.39 22.40 -3.93
C GLY K 13 -34.65 21.59 -4.11
N GLU K 14 -34.66 20.79 -5.17
CA GLU K 14 -35.80 19.93 -5.46
C GLU K 14 -35.94 18.86 -4.39
N GLY K 15 -37.18 18.65 -3.94
CA GLY K 15 -37.44 17.68 -2.90
C GLY K 15 -37.15 18.13 -1.49
N GLU K 16 -36.85 19.41 -1.29
CA GLU K 16 -36.54 19.95 0.03
C GLU K 16 -37.59 20.97 0.44
N SER K 17 -37.90 21.00 1.73
CA SER K 17 -38.89 21.91 2.28
C SER K 17 -38.21 22.92 3.19
N LYS K 18 -38.71 24.16 3.17
CA LYS K 18 -38.13 25.21 4.00
C LYS K 18 -38.25 24.90 5.48
N LEU K 19 -39.40 24.37 5.89
CA LEU K 19 -39.67 24.07 7.29
C LEU K 19 -39.91 22.57 7.47
N LYS K 20 -39.52 22.05 8.62
CA LYS K 20 -39.69 20.63 8.92
C LYS K 20 -39.70 20.49 10.44
N ILE K 21 -40.84 20.11 11.00
CA ILE K 21 -41.06 20.11 12.44
C ILE K 21 -41.05 18.66 12.93
N ASP K 22 -40.26 18.40 13.98
CA ASP K 22 -40.21 17.10 14.62
C ASP K 22 -40.49 17.26 16.11
N PRO K 23 -41.42 16.49 16.67
CA PRO K 23 -41.65 16.56 18.11
C PRO K 23 -40.45 16.08 18.90
N ASP K 24 -40.26 16.67 20.08
CA ASP K 24 -39.15 16.34 20.96
C ASP K 24 -39.67 15.50 22.12
N THR K 25 -39.10 14.31 22.31
CA THR K 25 -39.52 13.42 23.38
C THR K 25 -38.75 13.65 24.68
N LYS K 26 -37.70 14.48 24.65
CA LYS K 26 -36.95 14.75 25.87
C LYS K 26 -37.79 15.48 26.91
N ALA K 27 -38.57 16.46 26.47
CA ALA K 27 -39.41 17.25 27.36
C ALA K 27 -40.80 17.38 26.78
N PRO K 28 -41.82 17.47 27.62
CA PRO K 28 -43.19 17.65 27.12
C PRO K 28 -43.36 19.02 26.47
N ASN K 29 -44.26 19.06 25.49
CA ASN K 29 -44.60 20.29 24.76
C ASN K 29 -43.36 20.95 24.16
N ALA K 30 -42.47 20.13 23.60
CA ALA K 30 -41.26 20.61 22.96
C ALA K 30 -41.19 20.08 21.54
N VAL K 31 -40.80 20.95 20.60
CA VAL K 31 -40.66 20.59 19.21
C VAL K 31 -39.32 21.12 18.69
N VAL K 32 -38.85 20.50 17.62
CA VAL K 32 -37.61 20.91 16.95
C VAL K 32 -37.95 21.24 15.50
N ILE K 33 -37.59 22.44 15.08
CA ILE K 33 -37.87 22.93 13.74
C ILE K 33 -36.55 23.12 13.01
N THR K 34 -36.45 22.55 11.81
CA THR K 34 -35.25 22.63 10.99
C THR K 34 -35.50 23.59 9.83
N PHE K 35 -34.66 24.61 9.73
CA PHE K 35 -34.74 25.59 8.66
C PHE K 35 -33.69 25.29 7.59
N GLU K 36 -33.95 25.77 6.38
CA GLU K 36 -33.05 25.56 5.26
C GLU K 36 -32.68 26.90 4.64
N LYS K 37 -31.41 27.02 4.22
CA LYS K 37 -30.84 28.15 3.53
C LYS K 37 -30.72 29.40 4.40
N GLU K 38 -30.90 29.28 5.71
CA GLU K 38 -30.74 30.39 6.64
C GLU K 38 -29.42 30.27 7.39
N ASP K 39 -28.73 31.40 7.58
CA ASP K 39 -27.45 31.43 8.29
C ASP K 39 -27.50 32.50 9.37
N HIS K 40 -28.08 32.12 10.52
CA HIS K 40 -28.06 32.89 11.77
C HIS K 40 -28.93 34.14 11.71
N THR K 41 -29.30 34.57 10.50
CA THR K 41 -29.92 35.88 10.34
C THR K 41 -31.35 35.87 10.87
N LEU K 42 -32.12 34.85 10.51
CA LEU K 42 -33.44 34.71 11.11
C LEU K 42 -33.37 33.97 12.44
N GLY K 43 -32.34 33.14 12.63
CA GLY K 43 -32.24 32.38 13.86
C GLY K 43 -32.09 33.26 15.10
N ASN K 44 -31.18 34.24 15.03
CA ASN K 44 -30.97 35.10 16.19
C ASN K 44 -32.23 35.91 16.51
N LEU K 45 -32.85 36.48 15.48
CA LEU K 45 -34.05 37.29 15.68
C LEU K 45 -35.19 36.46 16.25
N ILE K 46 -35.41 35.26 15.70
CA ILE K 46 -36.50 34.41 16.17
C ILE K 46 -36.25 33.97 17.61
N ARG K 47 -35.00 33.58 17.92
CA ARG K 47 -34.70 33.16 19.28
C ARG K 47 -34.90 34.31 20.27
N ALA K 48 -34.45 35.51 19.91
CA ALA K 48 -34.63 36.66 20.80
C ALA K 48 -36.10 36.97 21.01
N GLU K 49 -36.90 36.95 19.94
CA GLU K 49 -38.31 37.27 20.08
C GLU K 49 -39.04 36.19 20.88
N LEU K 50 -38.69 34.93 20.68
CA LEU K 50 -39.30 33.86 21.46
C LEU K 50 -38.95 33.98 22.94
N LEU K 51 -37.70 34.33 23.24
CA LEU K 51 -37.31 34.55 24.63
C LEU K 51 -38.01 35.77 25.22
N ASN K 52 -38.37 36.74 24.38
CA ASN K 52 -39.14 37.89 24.86
C ASN K 52 -40.53 37.50 25.32
N ASP K 53 -41.04 36.35 24.89
CA ASP K 53 -42.36 35.91 25.31
C ASP K 53 -42.33 35.41 26.75
N ARG K 54 -43.51 35.41 27.37
CA ARG K 54 -43.64 34.98 28.76
C ARG K 54 -44.13 33.54 28.91
N LYS K 55 -44.76 32.98 27.89
CA LYS K 55 -45.25 31.61 27.93
C LYS K 55 -44.26 30.60 27.37
N VAL K 56 -43.08 31.05 26.97
CA VAL K 56 -42.05 30.17 26.40
C VAL K 56 -41.04 29.85 27.49
N LEU K 57 -40.83 28.56 27.74
CA LEU K 57 -39.90 28.13 28.76
C LEU K 57 -38.51 27.82 28.21
N PHE K 58 -38.36 27.67 26.90
CA PHE K 58 -37.08 27.35 26.31
C PHE K 58 -37.08 27.78 24.86
N ALA K 59 -35.96 28.38 24.43
CA ALA K 59 -35.82 28.83 23.04
C ALA K 59 -34.33 28.92 22.72
N ALA K 60 -33.86 28.07 21.83
CA ALA K 60 -32.45 28.06 21.45
C ALA K 60 -32.32 27.58 20.02
N TYR K 61 -31.19 27.92 19.41
CA TYR K 61 -30.90 27.53 18.04
C TYR K 61 -29.41 27.26 17.90
N LYS K 62 -29.05 26.47 16.91
CA LYS K 62 -27.65 26.15 16.65
C LYS K 62 -27.47 25.78 15.19
N VAL K 63 -26.25 25.97 14.70
CA VAL K 63 -25.86 25.59 13.35
C VAL K 63 -24.87 24.43 13.47
N GLU K 64 -25.25 23.26 12.95
CA GLU K 64 -24.44 22.07 13.13
C GLU K 64 -23.09 22.21 12.43
N HIS K 65 -23.08 22.73 11.22
CA HIS K 65 -21.84 22.85 10.46
C HIS K 65 -21.91 24.06 9.54
N PRO K 66 -20.83 24.84 9.46
CA PRO K 66 -20.83 26.00 8.55
C PRO K 66 -20.93 25.62 7.08
N PHE K 67 -20.61 24.37 6.73
CA PHE K 67 -20.67 23.96 5.33
C PHE K 67 -22.09 24.05 4.77
N PHE K 68 -23.08 23.64 5.56
CA PHE K 68 -24.47 23.62 5.14
C PHE K 68 -25.24 24.74 5.81
N ALA K 69 -25.99 25.51 5.02
CA ALA K 69 -26.78 26.63 5.53
C ALA K 69 -28.10 26.09 6.04
N ARG K 70 -28.10 25.68 7.32
CA ARG K 70 -29.28 25.13 7.95
C ARG K 70 -29.08 25.13 9.46
N PHE K 71 -30.12 25.55 10.18
CA PHE K 71 -30.06 25.59 11.64
C PHE K 71 -31.33 24.97 12.21
N LYS K 72 -31.21 24.43 13.42
CA LYS K 72 -32.32 23.80 14.13
C LYS K 72 -32.75 24.68 15.28
N LEU K 73 -34.06 24.90 15.41
CA LEU K 73 -34.63 25.72 16.47
C LEU K 73 -35.52 24.87 17.34
N ARG K 74 -35.29 24.90 18.65
CA ARG K 74 -36.06 24.14 19.62
C ARG K 74 -36.84 25.08 20.52
N ILE K 75 -38.16 24.85 20.58
CA ILE K 75 -39.06 25.69 21.38
C ILE K 75 -39.80 24.79 22.35
N GLN K 76 -39.83 25.19 23.62
CA GLN K 76 -40.62 24.52 24.64
C GLN K 76 -41.49 25.57 25.32
N THR K 77 -42.81 25.35 25.28
CA THR K 77 -43.77 26.30 25.82
C THR K 77 -44.44 25.72 27.06
N THR K 78 -45.24 26.57 27.71
CA THR K 78 -45.98 26.15 28.89
C THR K 78 -47.13 25.23 28.49
N GLU K 79 -47.75 24.62 29.50
CA GLU K 79 -48.85 23.70 29.25
C GLU K 79 -50.03 24.42 28.62
N GLY K 80 -50.61 23.81 27.59
CA GLY K 80 -51.74 24.37 26.88
C GLY K 80 -51.40 25.38 25.81
N TYR K 81 -50.12 25.63 25.56
CA TYR K 81 -49.69 26.59 24.56
C TYR K 81 -48.97 25.87 23.43
N ASP K 82 -49.43 26.07 22.20
CA ASP K 82 -48.81 25.44 21.04
C ASP K 82 -47.55 26.20 20.64
N PRO K 83 -46.42 25.51 20.48
CA PRO K 83 -45.19 26.21 20.05
C PRO K 83 -45.34 26.90 18.69
N LYS K 84 -46.15 26.33 17.79
CA LYS K 84 -46.39 26.98 16.51
C LYS K 84 -47.08 28.33 16.70
N ASP K 85 -48.00 28.41 17.66
CA ASP K 85 -48.63 29.68 17.96
C ASP K 85 -47.62 30.70 18.46
N ALA K 86 -46.68 30.27 19.31
CA ALA K 86 -45.63 31.16 19.78
C ALA K 86 -44.76 31.64 18.62
N LEU K 87 -44.42 30.74 17.70
CA LEU K 87 -43.62 31.13 16.54
C LEU K 87 -44.37 32.14 15.68
N LYS K 88 -45.67 31.91 15.47
CA LYS K 88 -46.46 32.85 14.68
C LYS K 88 -46.54 34.22 15.36
N ASN K 89 -46.72 34.24 16.68
CA ASN K 89 -46.76 35.50 17.41
C ASN K 89 -45.43 36.24 17.31
N ALA K 90 -44.32 35.52 17.45
CA ALA K 90 -43.01 36.16 17.32
C ALA K 90 -42.81 36.72 15.92
N CYS K 91 -43.21 35.98 14.90
CA CYS K 91 -43.07 36.47 13.53
C CYS K 91 -43.93 37.72 13.30
N ASN K 92 -45.17 37.71 13.81
CA ASN K 92 -46.03 38.88 13.65
C ASN K 92 -45.46 40.10 14.36
N SER K 93 -44.92 39.90 15.56
CA SER K 93 -44.29 41.01 16.28
C SER K 93 -43.08 41.54 15.52
N ILE K 94 -42.29 40.64 14.93
CA ILE K 94 -41.14 41.06 14.14
C ILE K 94 -41.59 41.89 12.93
N ILE K 95 -42.65 41.44 12.26
CA ILE K 95 -43.16 42.18 11.11
C ILE K 95 -43.62 43.58 11.54
N ASN K 96 -44.36 43.65 12.65
CA ASN K 96 -44.84 44.95 13.11
C ASN K 96 -43.69 45.88 13.46
N LYS K 97 -42.69 45.36 14.17
CA LYS K 97 -41.54 46.18 14.55
C LYS K 97 -40.78 46.67 13.32
N LEU K 98 -40.58 45.78 12.34
CA LEU K 98 -39.86 46.18 11.13
C LEU K 98 -40.64 47.22 10.34
N GLY K 99 -41.95 47.08 10.24
CA GLY K 99 -42.76 48.08 9.57
C GLY K 99 -42.70 49.44 10.26
N ALA K 100 -42.80 49.44 11.59
CA ALA K 100 -42.70 50.69 12.34
C ALA K 100 -41.34 51.33 12.15
N LEU K 101 -40.27 50.53 12.19
CA LEU K 101 -38.93 51.06 11.98
C LEU K 101 -38.76 51.66 10.59
N LYS K 102 -39.28 50.97 9.58
CA LYS K 102 -39.19 51.49 8.21
C LYS K 102 -39.96 52.79 8.07
N THR K 103 -41.16 52.88 8.63
CA THR K 103 -41.92 54.12 8.57
C THR K 103 -41.19 55.25 9.28
N ASN K 104 -40.64 54.98 10.46
CA ASN K 104 -39.91 56.02 11.19
C ASN K 104 -38.68 56.48 10.43
N PHE K 105 -37.94 55.55 9.83
CA PHE K 105 -36.76 55.93 9.06
C PHE K 105 -37.14 56.76 7.85
N GLU K 106 -38.22 56.39 7.15
CA GLU K 106 -38.65 57.17 6.01
C GLU K 106 -39.07 58.59 6.44
N THR K 107 -39.80 58.68 7.55
CA THR K 107 -40.21 59.99 8.04
C THR K 107 -38.99 60.85 8.42
N GLU K 108 -38.01 60.25 9.07
CA GLU K 108 -36.81 61.00 9.45
C GLU K 108 -36.01 61.44 8.23
N TRP K 109 -35.90 60.57 7.21
CA TRP K 109 -35.15 60.93 6.02
C TRP K 109 -35.87 61.98 5.18
N ASN K 110 -37.20 62.01 5.25
CA ASN K 110 -37.96 62.99 4.48
C ASN K 110 -37.64 64.42 4.88
N LEU K 111 -37.15 64.63 6.11
CA LEU K 111 -36.78 65.97 6.56
C LEU K 111 -35.29 66.05 6.87
N ALA L 25 -5.61 26.35 -40.47
CA ALA L 25 -4.36 26.47 -41.22
C ALA L 25 -4.27 27.82 -41.92
N THR L 26 -5.10 28.01 -42.95
CA THR L 26 -5.10 29.26 -43.68
C THR L 26 -5.61 30.40 -42.79
N LEU L 27 -4.96 31.56 -42.90
CA LEU L 27 -5.27 32.73 -42.09
C LEU L 27 -5.19 32.40 -40.60
N LYS L 28 -4.23 31.56 -40.24
CA LYS L 28 -4.09 31.12 -38.85
C LYS L 28 -2.62 31.06 -38.43
N TYR L 29 -1.79 31.95 -38.97
CA TYR L 29 -0.37 31.97 -38.62
C TYR L 29 0.11 33.42 -38.64
N ILE L 30 0.45 33.95 -37.47
CA ILE L 30 0.93 35.32 -37.33
C ILE L 30 2.42 35.28 -37.07
N CYS L 31 3.19 35.99 -37.88
CA CYS L 31 4.64 36.04 -37.70
C CYS L 31 4.99 36.93 -36.52
N ALA L 32 6.05 36.55 -35.80
CA ALA L 32 6.53 37.35 -34.70
C ALA L 32 7.11 38.67 -35.20
N GLU L 33 6.91 39.73 -34.42
CA GLU L 33 7.36 41.10 -34.72
C GLU L 33 7.00 41.54 -36.15
N CYS L 34 5.98 40.93 -36.73
CA CYS L 34 5.49 41.30 -38.05
C CYS L 34 3.99 41.55 -38.08
N SER L 35 3.22 40.79 -37.29
CA SER L 35 1.76 40.91 -37.27
C SER L 35 1.15 40.76 -38.66
N SER L 36 1.69 39.80 -39.42
CA SER L 36 1.22 39.54 -40.78
C SER L 36 0.36 38.30 -40.78
N LYS L 37 -0.83 38.40 -41.41
CA LYS L 37 -1.76 37.28 -41.45
C LYS L 37 -1.43 36.35 -42.61
N LEU L 38 -0.20 35.89 -42.68
CA LEU L 38 0.22 34.96 -43.73
C LEU L 38 -0.35 33.57 -43.47
N SER L 39 -0.65 32.85 -44.54
CA SER L 39 -1.27 31.54 -44.46
C SER L 39 -0.30 30.46 -44.94
N LEU L 40 -0.37 29.30 -44.31
CA LEU L 40 0.47 28.15 -44.62
C LEU L 40 -0.39 27.01 -45.16
N SER L 41 0.28 25.91 -45.50
CA SER L 41 -0.38 24.69 -45.94
C SER L 41 0.49 23.52 -45.52
N ARG L 42 0.23 22.34 -46.09
CA ARG L 42 0.98 21.14 -45.73
C ARG L 42 2.37 21.10 -46.37
N THR L 43 2.68 21.99 -47.29
CA THR L 43 3.95 21.95 -48.01
C THR L 43 4.84 23.17 -47.77
N ASP L 44 4.27 24.33 -47.50
CA ASP L 44 5.08 25.53 -47.33
C ASP L 44 5.93 25.45 -46.06
N ALA L 45 7.13 26.01 -46.15
CA ALA L 45 8.03 26.02 -45.01
C ALA L 45 7.57 27.04 -43.97
N VAL L 46 8.08 26.87 -42.75
CA VAL L 46 7.72 27.76 -41.64
C VAL L 46 8.61 29.00 -41.68
N ARG L 47 8.15 30.03 -42.39
CA ARG L 47 8.91 31.26 -42.52
C ARG L 47 7.96 32.40 -42.87
N CYS L 48 8.44 33.62 -42.69
CA CYS L 48 7.69 34.83 -42.99
C CYS L 48 8.14 35.41 -44.32
N LYS L 49 7.18 35.90 -45.11
CA LYS L 49 7.49 36.47 -46.41
C LYS L 49 7.95 37.93 -46.35
N ASP L 50 7.84 38.58 -45.19
CA ASP L 50 8.30 39.97 -45.04
C ASP L 50 9.67 40.06 -44.38
N CYS L 51 9.89 39.33 -43.30
CA CYS L 51 11.16 39.40 -42.57
C CYS L 51 11.95 38.10 -42.58
N GLY L 52 11.32 36.96 -42.86
CA GLY L 52 12.02 35.70 -42.88
C GLY L 52 12.17 35.03 -41.54
N HIS L 53 11.41 35.44 -40.53
CA HIS L 53 11.52 34.81 -39.22
C HIS L 53 11.05 33.37 -39.29
N ARG L 54 11.69 32.51 -38.49
CA ARG L 54 11.38 31.08 -38.46
C ARG L 54 10.36 30.73 -37.39
N ILE L 55 9.81 31.72 -36.68
CA ILE L 55 8.87 31.48 -35.59
C ILE L 55 7.53 32.09 -35.98
N LEU L 56 6.47 31.28 -35.93
CA LEU L 56 5.12 31.73 -36.23
C LEU L 56 4.19 31.31 -35.11
N LEU L 57 3.09 32.04 -34.96
CA LEU L 57 2.10 31.78 -33.93
C LEU L 57 0.71 31.73 -34.55
N LYS L 58 -0.11 30.79 -34.07
CA LYS L 58 -1.49 30.72 -34.52
C LYS L 58 -2.27 31.94 -34.03
N ALA L 59 -3.07 32.51 -34.93
CA ALA L 59 -3.77 33.76 -34.63
C ALA L 59 -4.76 33.60 -33.48
N ARG L 60 -5.82 32.82 -33.71
CA ARG L 60 -6.86 32.60 -32.70
C ARG L 60 -7.89 31.61 -33.21
N THR L 61 -8.88 31.30 -32.38
CA THR L 61 -9.98 30.43 -32.77
C THR L 61 -11.21 31.28 -33.09
N LYS L 62 -12.07 30.74 -33.96
CA LYS L 62 -13.31 31.40 -34.35
C LYS L 62 -14.51 30.98 -33.52
N ARG L 63 -14.33 30.05 -32.58
CA ARG L 63 -15.43 29.57 -31.77
C ARG L 63 -15.79 30.61 -30.69
N LEU L 64 -16.93 30.38 -30.04
CA LEU L 64 -17.37 31.26 -28.97
C LEU L 64 -16.46 31.12 -27.77
N VAL L 65 -16.00 32.25 -27.24
CA VAL L 65 -15.15 32.29 -26.05
C VAL L 65 -15.90 33.12 -25.01
N GLN L 66 -16.53 32.45 -24.05
CA GLN L 66 -17.35 33.10 -23.04
C GLN L 66 -16.81 32.79 -21.65
N PHE L 67 -16.74 33.83 -20.81
CA PHE L 67 -16.29 33.70 -19.44
C PHE L 67 -17.34 34.27 -18.51
N GLU L 68 -17.39 33.72 -17.29
CA GLU L 68 -18.26 34.22 -16.24
C GLU L 68 -17.45 35.05 -15.28
N ALA L 69 -18.03 36.16 -14.83
CA ALA L 69 -17.34 37.06 -13.91
C ALA L 69 -17.28 36.53 -12.48
N ARG L 70 -18.14 35.57 -12.14
CA ARG L 70 -18.16 35.00 -10.80
C ARG L 70 -16.94 34.12 -10.57
N VAL M 16 -8.63 -15.88 -41.56
CA VAL M 16 -9.86 -16.48 -41.06
C VAL M 16 -11.03 -16.02 -41.92
N PRO M 17 -11.97 -16.92 -42.19
CA PRO M 17 -13.14 -16.56 -43.01
C PRO M 17 -13.96 -15.47 -42.36
N SER M 18 -14.49 -14.57 -43.20
CA SER M 18 -15.28 -13.45 -42.69
C SER M 18 -16.59 -13.92 -42.07
N PHE M 19 -17.20 -14.96 -42.64
CA PHE M 19 -18.48 -15.44 -42.13
C PHE M 19 -18.35 -15.98 -40.71
N PHE M 20 -17.26 -16.71 -40.44
CA PHE M 20 -17.09 -17.30 -39.11
C PHE M 20 -16.95 -16.23 -38.04
N ARG M 21 -16.07 -15.26 -38.27
CA ARG M 21 -15.91 -14.19 -37.29
C ARG M 21 -17.16 -13.31 -37.21
N TRP M 22 -17.88 -13.16 -38.32
CA TRP M 22 -19.11 -12.37 -38.30
C TRP M 22 -20.16 -13.03 -37.41
N LEU M 23 -20.37 -14.34 -37.58
CA LEU M 23 -21.31 -15.04 -36.72
C LEU M 23 -20.80 -15.17 -35.30
N SER M 24 -19.48 -15.11 -35.09
CA SER M 24 -18.94 -15.13 -33.74
C SER M 24 -19.23 -13.82 -33.01
N ARG M 25 -18.97 -12.69 -33.67
CA ARG M 25 -19.18 -11.40 -33.01
C ARG M 25 -20.66 -11.03 -32.91
N LYS M 26 -21.46 -11.42 -33.91
CA LYS M 26 -22.89 -11.14 -33.84
C LYS M 26 -23.60 -12.10 -32.89
N TYR M 27 -23.16 -13.36 -32.85
CA TYR M 27 -23.77 -14.37 -32.00
C TYR M 27 -22.66 -15.05 -31.19
N PRO M 28 -22.28 -14.46 -30.06
CA PRO M 28 -21.23 -15.08 -29.23
C PRO M 28 -21.71 -16.35 -28.54
N LYS M 29 -20.83 -16.98 -27.75
CA LYS M 29 -21.11 -18.18 -26.95
C LYS M 29 -21.78 -19.29 -27.77
N ILE M 30 -21.64 -19.24 -29.10
CA ILE M 30 -22.16 -20.30 -29.96
C ILE M 30 -21.09 -21.35 -30.24
N ILE M 31 -19.86 -20.91 -30.52
CA ILE M 31 -18.78 -21.84 -30.81
C ILE M 31 -18.36 -22.54 -29.52
N SER M 32 -18.35 -23.88 -29.55
CA SER M 32 -17.96 -24.68 -28.41
C SER M 32 -16.87 -25.66 -28.81
N PRO M 33 -15.85 -25.84 -27.98
CA PRO M 33 -14.78 -26.77 -28.33
C PRO M 33 -15.23 -28.22 -28.19
N VAL M 34 -14.50 -29.10 -28.86
CA VAL M 34 -14.78 -30.53 -28.84
C VAL M 34 -13.88 -31.18 -27.81
N LEU M 35 -14.48 -31.94 -26.88
CA LEU M 35 -13.73 -32.69 -25.87
C LEU M 35 -13.28 -34.02 -26.50
N GLU M 36 -12.39 -33.89 -27.48
CA GLU M 36 -11.90 -35.06 -28.19
C GLU M 36 -10.96 -35.86 -27.30
N GLU M 37 -11.17 -37.17 -27.24
CA GLU M 37 -10.31 -38.05 -26.46
C GLU M 37 -9.05 -38.37 -27.25
N GLN M 38 -7.90 -38.28 -26.58
CA GLN M 38 -6.62 -38.52 -27.22
C GLN M 38 -6.20 -39.96 -26.97
N PRO M 39 -6.05 -40.78 -28.02
CA PRO M 39 -5.60 -42.16 -27.80
C PRO M 39 -4.16 -42.20 -27.29
N GLN M 40 -3.87 -43.24 -26.52
CA GLN M 40 -2.55 -43.44 -25.92
C GLN M 40 -1.93 -44.72 -26.44
N ILE M 41 -0.62 -44.69 -26.66
CA ILE M 41 0.14 -45.83 -27.14
C ILE M 41 1.20 -46.14 -26.09
N VAL M 42 1.21 -47.39 -25.61
CA VAL M 42 2.16 -47.84 -24.60
C VAL M 42 2.75 -49.16 -25.05
N ASP M 43 4.09 -49.28 -24.96
CA ASP M 43 4.80 -50.50 -25.34
C ASP M 43 4.51 -50.90 -26.79
N GLY M 44 4.34 -49.90 -27.65
CA GLY M 44 4.05 -50.18 -29.05
C GLY M 44 2.66 -50.71 -29.30
N VAL M 45 1.75 -50.56 -28.34
CA VAL M 45 0.38 -51.06 -28.45
C VAL M 45 -0.57 -49.89 -28.31
N ILE M 46 -1.50 -49.76 -29.26
CA ILE M 46 -2.50 -48.70 -29.26
C ILE M 46 -3.82 -49.30 -28.79
N LEU M 47 -4.34 -48.79 -27.68
CA LEU M 47 -5.60 -49.29 -27.14
C LEU M 47 -6.77 -48.77 -27.97
N PRO M 48 -7.71 -49.62 -28.35
CA PRO M 48 -8.86 -49.15 -29.13
C PRO M 48 -9.77 -48.26 -28.30
N LEU M 49 -10.44 -47.34 -28.98
CA LEU M 49 -11.35 -46.42 -28.32
C LEU M 49 -12.65 -47.12 -27.96
N ASP M 50 -13.18 -46.80 -26.79
CA ASP M 50 -14.42 -47.42 -26.30
C ASP M 50 -15.60 -46.70 -26.94
N TYR M 51 -16.17 -47.30 -27.97
CA TYR M 51 -17.33 -46.69 -28.63
C TYR M 51 -18.54 -46.66 -27.72
N SER M 52 -18.73 -47.71 -26.91
CA SER M 52 -19.88 -47.78 -26.02
C SER M 52 -19.79 -46.80 -24.86
N ALA M 53 -18.63 -46.18 -24.63
CA ALA M 53 -18.49 -45.22 -23.56
C ALA M 53 -19.31 -43.96 -23.85
N SER M 54 -19.76 -43.31 -22.78
CA SER M 54 -20.56 -42.11 -22.92
C SER M 54 -19.74 -40.99 -23.55
N ASN M 55 -20.34 -40.29 -24.50
CA ASN M 55 -19.66 -39.21 -25.18
C ASN M 55 -19.62 -37.97 -24.29
N PRO M 56 -18.44 -37.43 -24.00
CA PRO M 56 -18.37 -36.20 -23.17
C PRO M 56 -19.01 -34.99 -23.82
N ASN M 57 -19.19 -35.00 -25.14
CA ASN M 57 -19.79 -33.87 -25.85
C ASN M 57 -21.31 -33.97 -25.93
N GLY M 58 -21.93 -34.75 -25.05
CA GLY M 58 -23.36 -34.91 -25.04
C GLY M 58 -23.84 -36.08 -25.88
N GLU M 59 -25.08 -36.49 -25.63
CA GLU M 59 -25.65 -37.62 -26.34
C GLU M 59 -25.95 -37.24 -27.79
N LEU M 60 -25.60 -38.14 -28.71
CA LEU M 60 -25.85 -37.96 -30.13
C LEU M 60 -26.51 -39.20 -30.70
N ASP M 61 -27.49 -39.00 -31.57
CA ASP M 61 -28.25 -40.10 -32.17
C ASP M 61 -28.06 -40.17 -33.68
N ASN M 62 -28.20 -39.06 -34.38
CA ASN M 62 -28.10 -39.02 -35.84
C ASN M 62 -26.86 -38.25 -36.25
N LEU M 63 -26.18 -38.76 -37.29
CA LEU M 63 -24.94 -38.18 -37.79
C LEU M 63 -24.97 -38.07 -39.31
N TYR M 64 -26.04 -37.48 -39.85
CA TYR M 64 -26.10 -37.21 -41.27
C TYR M 64 -24.88 -36.43 -41.72
N LEU M 65 -24.05 -37.06 -42.57
CA LEU M 65 -22.74 -36.56 -42.90
C LEU M 65 -22.56 -36.52 -44.41
N ASP M 66 -21.79 -35.53 -44.87
CA ASP M 66 -21.48 -35.36 -46.29
C ASP M 66 -20.08 -35.89 -46.56
N MET M 67 -19.99 -36.93 -47.39
CA MET M 67 -18.71 -37.53 -47.69
C MET M 67 -17.89 -36.67 -48.65
N ASN M 68 -18.57 -35.86 -49.48
CA ASN M 68 -17.87 -35.02 -50.44
C ASN M 68 -17.02 -33.96 -49.75
N GLY M 69 -17.43 -33.52 -48.57
CA GLY M 69 -16.64 -32.57 -47.80
C GLY M 69 -15.50 -33.15 -47.03
N ILE M 70 -15.29 -34.47 -47.09
CA ILE M 70 -14.19 -35.11 -46.38
C ILE M 70 -13.24 -35.75 -47.38
N VAL M 71 -13.77 -36.20 -48.53
CA VAL M 71 -12.89 -36.79 -49.54
C VAL M 71 -12.02 -35.72 -50.18
N HIS M 72 -12.59 -34.53 -50.43
CA HIS M 72 -11.82 -33.48 -51.10
C HIS M 72 -10.66 -32.96 -50.26
N PRO M 73 -10.82 -32.64 -48.97
CA PRO M 73 -9.65 -32.15 -48.20
C PRO M 73 -8.51 -33.15 -48.15
N CYS M 74 -8.80 -34.45 -48.10
CA CYS M 74 -7.74 -35.44 -48.09
C CYS M 74 -6.96 -35.45 -49.40
N SER M 75 -7.66 -35.34 -50.52
CA SER M 75 -7.02 -35.35 -51.83
C SER M 75 -6.44 -33.99 -52.18
N HIS M 76 -5.26 -34.00 -52.80
CA HIS M 76 -4.49 -32.83 -53.22
C HIS M 76 -4.57 -31.69 -52.21
N PRO M 77 -4.01 -31.86 -51.02
CA PRO M 77 -4.06 -30.79 -50.01
C PRO M 77 -2.93 -29.78 -50.25
N GLU M 78 -2.83 -28.81 -49.34
CA GLU M 78 -1.82 -27.78 -49.46
C GLU M 78 -0.40 -28.30 -49.22
N ASN M 79 -0.27 -29.48 -48.59
CA ASN M 79 1.04 -30.07 -48.34
C ASN M 79 0.91 -31.58 -48.32
N LYS M 80 2.04 -32.25 -48.57
CA LYS M 80 2.13 -33.70 -48.60
C LYS M 80 1.10 -34.30 -49.55
N PRO M 81 1.26 -34.13 -50.86
CA PRO M 81 0.30 -34.72 -51.80
C PRO M 81 0.38 -36.23 -51.75
N PRO M 82 -0.74 -36.93 -51.99
CA PRO M 82 -0.73 -38.39 -51.96
C PRO M 82 -0.15 -38.96 -53.24
N PRO M 83 0.99 -39.65 -53.16
CA PRO M 83 1.57 -40.23 -54.39
C PRO M 83 0.76 -41.38 -54.95
N GLU M 84 0.07 -42.13 -54.11
CA GLU M 84 -0.74 -43.25 -54.58
C GLU M 84 -1.94 -42.75 -55.37
N THR M 85 -2.32 -43.52 -56.40
CA THR M 85 -3.44 -43.13 -57.24
C THR M 85 -4.75 -43.12 -56.45
N GLU M 86 -5.04 -44.22 -55.74
CA GLU M 86 -6.26 -44.32 -54.95
C GLU M 86 -6.06 -44.88 -53.56
N ASP M 87 -4.99 -45.64 -53.30
CA ASP M 87 -4.82 -46.28 -52.00
C ASP M 87 -4.65 -45.24 -50.90
N GLU M 88 -3.82 -44.22 -51.14
CA GLU M 88 -3.61 -43.19 -50.13
C GLU M 88 -4.90 -42.40 -49.86
N MET M 89 -5.64 -42.06 -50.92
CA MET M 89 -6.89 -41.34 -50.74
C MET M 89 -7.90 -42.16 -49.95
N LEU M 90 -8.01 -43.46 -50.27
CA LEU M 90 -8.94 -44.31 -49.54
C LEU M 90 -8.54 -44.44 -48.07
N LEU M 91 -7.24 -44.61 -47.81
CA LEU M 91 -6.79 -44.68 -46.42
C LEU M 91 -7.07 -43.39 -45.67
N ALA M 92 -6.83 -42.25 -46.32
CA ALA M 92 -7.07 -40.95 -45.68
C ALA M 92 -8.55 -40.75 -45.37
N VAL M 93 -9.43 -41.07 -46.32
CA VAL M 93 -10.85 -40.89 -46.07
C VAL M 93 -11.33 -41.88 -45.01
N PHE M 94 -10.78 -43.09 -45.00
CA PHE M 94 -11.16 -44.07 -43.98
C PHE M 94 -10.77 -43.59 -42.59
N GLU M 95 -9.54 -43.08 -42.44
CA GLU M 95 -9.10 -42.63 -41.12
C GLU M 95 -9.85 -41.37 -40.71
N TYR M 96 -10.17 -40.48 -41.65
CA TYR M 96 -10.96 -39.30 -41.32
C TYR M 96 -12.36 -39.69 -40.86
N THR M 97 -12.99 -40.64 -41.56
CA THR M 97 -14.31 -41.10 -41.14
C THR M 97 -14.26 -41.75 -39.76
N ASN M 98 -13.23 -42.56 -39.51
CA ASN M 98 -13.10 -43.17 -38.19
C ASN M 98 -12.93 -42.10 -37.11
N ARG M 99 -12.12 -41.08 -37.38
CA ARG M 99 -11.89 -40.02 -36.40
C ARG M 99 -13.17 -39.25 -36.11
N VAL M 100 -13.91 -38.87 -37.15
CA VAL M 100 -15.13 -38.11 -36.93
C VAL M 100 -16.20 -38.96 -36.26
N LEU M 101 -16.27 -40.25 -36.59
CA LEU M 101 -17.23 -41.14 -35.95
C LEU M 101 -16.92 -41.31 -34.47
N ASN M 102 -15.64 -41.47 -34.13
CA ASN M 102 -15.26 -41.56 -32.72
C ASN M 102 -15.53 -40.25 -32.00
N MET M 103 -15.28 -39.13 -32.66
CA MET M 103 -15.51 -37.82 -32.05
C MET M 103 -17.00 -37.60 -31.77
N ALA M 104 -17.86 -37.94 -32.73
CA ALA M 104 -19.29 -37.71 -32.56
C ALA M 104 -19.95 -38.78 -31.73
N ARG M 105 -19.57 -40.04 -31.94
CA ARG M 105 -20.10 -41.20 -31.22
C ARG M 105 -21.62 -41.30 -31.37
N PRO M 106 -22.12 -41.62 -32.56
CA PRO M 106 -23.57 -41.78 -32.72
C PRO M 106 -24.06 -43.06 -32.07
N ARG M 107 -25.37 -43.12 -31.85
CA ARG M 107 -26.00 -44.27 -31.20
C ARG M 107 -27.20 -44.83 -31.93
N LYS M 108 -27.83 -44.07 -32.84
CA LYS M 108 -29.05 -44.53 -33.50
C LYS M 108 -28.85 -44.74 -34.99
N VAL M 109 -28.39 -43.73 -35.72
CA VAL M 109 -28.30 -43.80 -37.18
C VAL M 109 -27.13 -42.93 -37.64
N LEU M 110 -26.34 -43.46 -38.57
CA LEU M 110 -25.29 -42.72 -39.24
C LEU M 110 -25.55 -42.74 -40.74
N VAL M 111 -25.56 -41.55 -41.35
CA VAL M 111 -25.87 -41.41 -42.77
C VAL M 111 -24.74 -40.66 -43.44
N MET M 112 -24.21 -41.22 -44.53
CA MET M 112 -23.19 -40.58 -45.34
C MET M 112 -23.73 -40.35 -46.75
N ALA M 113 -23.53 -39.15 -47.27
CA ALA M 113 -24.05 -38.76 -48.58
C ALA M 113 -22.91 -38.32 -49.49
N VAL M 114 -23.02 -38.65 -50.77
CA VAL M 114 -22.05 -38.28 -51.78
C VAL M 114 -22.76 -37.50 -52.88
N ASP M 115 -22.15 -36.39 -53.30
CA ASP M 115 -22.74 -35.55 -54.32
C ASP M 115 -22.91 -36.32 -55.63
N GLY M 116 -24.07 -36.14 -56.25
CA GLY M 116 -24.37 -36.79 -57.51
C GLY M 116 -24.96 -35.85 -58.54
N VAL M 117 -26.11 -36.23 -59.10
CA VAL M 117 -26.78 -35.38 -60.08
C VAL M 117 -27.40 -34.18 -59.38
N ALA M 118 -27.32 -33.02 -60.01
CA ALA M 118 -27.80 -31.76 -59.47
C ALA M 118 -28.72 -31.10 -60.48
N PRO M 119 -29.51 -30.07 -60.07
CA PRO M 119 -30.30 -29.32 -61.03
C PRO M 119 -29.43 -28.52 -62.00
N ARG M 120 -29.98 -28.14 -63.15
CA ARG M 120 -29.21 -27.42 -64.19
C ARG M 120 -28.52 -26.18 -63.61
N ALA M 121 -29.04 -25.62 -62.52
CA ALA M 121 -28.44 -24.38 -61.99
C ALA M 121 -27.08 -24.71 -61.38
N LYS M 122 -27.12 -25.58 -60.36
CA LYS M 122 -25.83 -26.01 -59.80
C LYS M 122 -25.00 -26.50 -60.98
N MET M 123 -25.64 -27.02 -62.03
CA MET M 123 -24.89 -27.58 -63.18
C MET M 123 -24.00 -26.49 -63.78
N ASN M 124 -24.60 -25.45 -64.35
CA ASN M 124 -23.80 -24.31 -64.87
C ASN M 124 -22.76 -23.88 -63.84
N GLN M 125 -23.16 -23.76 -62.57
CA GLN M 125 -22.16 -23.21 -61.60
C GLN M 125 -20.92 -24.11 -61.56
N GLN M 126 -21.11 -25.41 -61.37
CA GLN M 126 -19.99 -26.38 -61.28
C GLN M 126 -19.21 -26.31 -62.58
N ARG M 127 -19.89 -26.27 -63.72
CA ARG M 127 -19.19 -26.11 -65.01
C ARG M 127 -18.15 -25.01 -64.82
N ALA M 128 -18.64 -23.79 -64.60
CA ALA M 128 -17.70 -22.67 -64.40
C ALA M 128 -16.57 -23.09 -63.45
N ARG M 129 -16.91 -23.40 -62.20
CA ARG M 129 -15.88 -23.74 -61.19
C ARG M 129 -14.79 -24.64 -61.78
N ARG M 130 -15.16 -25.83 -62.26
CA ARG M 130 -14.17 -26.82 -62.78
C ARG M 130 -13.37 -26.19 -63.91
N PHE M 131 -14.05 -25.79 -64.98
CA PHE M 131 -13.33 -25.15 -66.12
C PHE M 131 -12.20 -24.29 -65.55
N ARG M 132 -12.52 -23.43 -64.59
CA ARG M 132 -11.43 -22.64 -63.95
C ARG M 132 -10.34 -23.60 -63.44
N SER M 133 -10.67 -24.46 -62.48
CA SER M 133 -9.72 -25.40 -61.90
C SER M 133 -8.81 -26.00 -62.98
N ALA M 134 -9.40 -26.36 -64.13
CA ALA M 134 -8.59 -26.88 -65.23
C ALA M 134 -7.62 -25.84 -65.74
N ARG M 135 -8.06 -24.58 -65.82
CA ARG M 135 -7.17 -23.51 -66.29
C ARG M 135 -6.00 -23.31 -65.35
N ASP M 136 -6.26 -23.27 -64.04
CA ASP M 136 -5.15 -23.08 -63.11
C ASP M 136 -4.25 -24.30 -63.03
N ALA M 137 -4.82 -25.50 -63.22
CA ALA M 137 -3.98 -26.70 -63.32
C ALA M 137 -3.08 -26.65 -64.54
N GLN M 138 -3.61 -26.18 -65.68
CA GLN M 138 -2.78 -26.01 -66.86
C GLN M 138 -1.68 -25.00 -66.62
N ILE M 139 -2.01 -23.88 -65.96
CA ILE M 139 -1.01 -22.87 -65.67
C ILE M 139 0.09 -23.44 -64.79
N GLU M 140 -0.29 -24.17 -63.73
CA GLU M 140 0.70 -24.70 -62.81
C GLU M 140 1.56 -25.78 -63.47
N ASN M 141 0.97 -26.61 -64.32
CA ASN M 141 1.78 -27.66 -64.94
C ASN M 141 2.68 -27.11 -66.03
N GLU M 142 2.25 -26.08 -66.76
CA GLU M 142 3.16 -25.45 -67.71
C GLU M 142 4.27 -24.68 -67.00
N ALA M 143 3.97 -24.09 -65.84
CA ALA M 143 5.02 -23.47 -65.04
C ALA M 143 6.04 -24.51 -64.57
N ARG M 144 5.56 -25.68 -64.13
CA ARG M 144 6.47 -26.76 -63.77
C ARG M 144 7.29 -27.22 -64.97
N GLU M 145 6.64 -27.32 -66.13
CA GLU M 145 7.34 -27.75 -67.34
C GLU M 145 8.48 -26.80 -67.68
N GLU M 146 8.22 -25.50 -67.64
CA GLU M 146 9.31 -24.55 -67.88
C GLU M 146 10.32 -24.57 -66.74
N ILE M 147 9.90 -24.98 -65.53
CA ILE M 147 10.84 -25.07 -64.41
C ILE M 147 11.85 -26.18 -64.66
N MET M 148 11.40 -27.37 -65.06
CA MET M 148 12.39 -28.37 -65.46
C MET M 148 13.08 -28.02 -66.77
N ARG M 149 12.47 -27.18 -67.61
CA ARG M 149 13.17 -26.70 -68.80
C ARG M 149 14.39 -25.89 -68.42
N GLN M 150 14.26 -25.02 -67.42
CA GLN M 150 15.35 -24.16 -66.98
C GLN M 150 16.21 -24.82 -65.91
N ARG M 151 16.09 -26.12 -65.70
CA ARG M 151 16.89 -26.83 -64.71
C ARG M 151 18.36 -26.84 -65.11
N ASP M 160 13.44 -35.54 -66.61
CA ASP M 160 12.55 -36.00 -67.67
C ASP M 160 11.11 -35.63 -67.35
N ALA M 161 10.18 -36.50 -67.78
CA ALA M 161 8.76 -36.28 -67.56
C ALA M 161 8.24 -36.96 -66.31
N VAL M 162 9.11 -37.62 -65.54
CA VAL M 162 8.68 -38.29 -64.31
C VAL M 162 8.68 -37.37 -63.09
N ARG M 163 9.28 -36.19 -63.20
CA ARG M 163 9.35 -35.25 -62.09
C ARG M 163 8.20 -34.23 -62.11
N ASN M 164 7.26 -34.37 -63.04
CA ASN M 164 6.14 -33.42 -63.10
C ASN M 164 5.27 -33.50 -61.86
N LYS M 165 5.04 -34.72 -61.35
CA LYS M 165 4.20 -34.94 -60.17
C LYS M 165 2.81 -34.33 -60.36
N LYS M 166 2.27 -34.49 -61.56
CA LYS M 166 0.96 -33.92 -61.90
C LYS M 166 -0.14 -34.74 -61.23
N THR M 167 -0.67 -34.24 -60.13
CA THR M 167 -1.75 -34.91 -59.44
C THR M 167 -3.05 -34.79 -60.25
N TRP M 168 -4.01 -35.66 -59.92
CA TRP M 168 -5.28 -35.64 -60.63
C TRP M 168 -6.02 -34.34 -60.38
N ASP M 169 -6.69 -33.84 -61.41
CA ASP M 169 -7.43 -32.58 -61.30
C ASP M 169 -8.66 -32.76 -60.41
N SER M 170 -9.08 -31.65 -59.80
CA SER M 170 -10.28 -31.68 -58.98
C SER M 170 -11.53 -31.96 -59.79
N ASN M 171 -11.48 -31.77 -61.11
CA ASN M 171 -12.61 -32.07 -61.97
C ASN M 171 -12.89 -33.56 -62.07
N ALA M 172 -11.93 -34.41 -61.68
CA ALA M 172 -12.14 -35.85 -61.73
C ALA M 172 -13.18 -36.32 -60.73
N ILE M 173 -13.48 -35.52 -59.70
CA ILE M 173 -14.50 -35.88 -58.72
C ILE M 173 -15.83 -35.40 -59.27
N THR M 174 -16.51 -36.28 -60.01
CA THR M 174 -17.76 -35.97 -60.67
C THR M 174 -18.54 -37.28 -60.80
N PRO M 175 -19.83 -37.27 -60.52
CA PRO M 175 -20.61 -38.52 -60.65
C PRO M 175 -20.54 -39.09 -62.05
N GLY M 176 -20.48 -40.42 -62.13
CA GLY M 176 -20.33 -41.13 -63.37
C GLY M 176 -18.91 -41.63 -63.64
N THR M 177 -17.92 -41.09 -62.95
CA THR M 177 -16.55 -41.54 -63.10
C THR M 177 -16.31 -42.84 -62.33
N PRO M 178 -15.33 -43.64 -62.76
CA PRO M 178 -15.01 -44.85 -61.98
C PRO M 178 -14.52 -44.56 -60.57
N PHE M 179 -14.02 -43.36 -60.32
CA PHE M 179 -13.62 -43.01 -58.95
C PHE M 179 -14.82 -43.00 -58.02
N MET M 180 -15.98 -42.56 -58.51
CA MET M 180 -17.19 -42.60 -57.70
C MET M 180 -17.58 -44.04 -57.37
N ASP M 181 -17.46 -44.94 -58.34
CA ASP M 181 -17.76 -46.35 -58.09
C ASP M 181 -16.80 -46.93 -57.05
N LYS M 182 -15.51 -46.60 -57.17
CA LYS M 182 -14.54 -47.07 -56.18
C LYS M 182 -14.85 -46.54 -54.79
N LEU M 183 -15.24 -45.27 -54.69
CA LEU M 183 -15.60 -44.69 -53.41
C LEU M 183 -16.83 -45.37 -52.83
N ALA M 184 -17.84 -45.63 -53.66
CA ALA M 184 -19.04 -46.31 -53.18
C ALA M 184 -18.72 -47.73 -52.71
N ALA M 185 -17.89 -48.45 -53.45
CA ALA M 185 -17.49 -49.79 -53.04
C ALA M 185 -16.66 -49.75 -51.76
N ALA M 186 -15.78 -48.76 -51.63
CA ALA M 186 -14.93 -48.67 -50.45
C ALA M 186 -15.75 -48.38 -49.19
N LEU M 187 -16.76 -47.52 -49.30
CA LEU M 187 -17.55 -47.16 -48.13
C LEU M 187 -18.29 -48.37 -47.57
N ARG M 188 -18.87 -49.19 -48.44
CA ARG M 188 -19.59 -50.38 -47.96
C ARG M 188 -18.67 -51.34 -47.24
N TYR M 189 -17.48 -51.60 -47.81
CA TYR M 189 -16.53 -52.48 -47.15
C TYR M 189 -16.06 -51.89 -45.83
N TRP M 190 -15.81 -50.59 -45.79
CA TRP M 190 -15.35 -49.94 -44.56
C TRP M 190 -16.40 -50.05 -43.46
N THR M 191 -17.67 -49.77 -43.80
CA THR M 191 -18.71 -49.84 -42.77
C THR M 191 -18.99 -51.28 -42.36
N ALA M 192 -18.87 -52.23 -43.28
CA ALA M 192 -19.03 -53.63 -42.90
C ALA M 192 -17.92 -54.06 -41.94
N PHE M 193 -16.67 -53.67 -42.23
CA PHE M 193 -15.57 -53.99 -41.34
C PHE M 193 -15.75 -53.36 -39.97
N LYS M 194 -16.19 -52.08 -39.94
CA LYS M 194 -16.41 -51.41 -38.67
C LYS M 194 -17.53 -52.09 -37.87
N LEU M 195 -18.62 -52.46 -38.54
CA LEU M 195 -19.72 -53.13 -37.85
C LEU M 195 -19.29 -54.49 -37.32
N ALA M 196 -18.48 -55.22 -38.08
CA ALA M 196 -18.03 -56.54 -37.63
C ALA M 196 -17.05 -56.43 -36.46
N THR M 197 -16.15 -55.45 -36.51
CA THR M 197 -15.08 -55.36 -35.52
C THR M 197 -15.43 -54.52 -34.30
N ASP M 198 -16.55 -53.81 -34.30
CA ASP M 198 -16.91 -52.97 -33.18
C ASP M 198 -18.16 -53.49 -32.49
N PRO M 199 -18.07 -53.98 -31.25
CA PRO M 199 -19.28 -54.41 -30.54
C PRO M 199 -20.24 -53.27 -30.23
N GLY M 200 -19.76 -52.03 -30.23
CA GLY M 200 -20.62 -50.89 -29.94
C GLY M 200 -21.55 -50.48 -31.06
N TRP M 201 -21.39 -51.05 -32.25
CA TRP M 201 -22.25 -50.76 -33.39
C TRP M 201 -23.41 -51.75 -33.52
N LYS M 202 -23.85 -52.34 -32.40
CA LYS M 202 -24.94 -53.31 -32.45
C LYS M 202 -26.24 -52.67 -32.91
N ASN M 203 -26.54 -51.47 -32.42
CA ASN M 203 -27.79 -50.78 -32.70
C ASN M 203 -27.57 -49.52 -33.54
N LEU M 204 -26.68 -49.60 -34.52
CA LEU M 204 -26.39 -48.49 -35.42
C LEU M 204 -26.73 -48.88 -36.84
N GLN M 205 -27.42 -48.00 -37.55
CA GLN M 205 -27.81 -48.21 -38.94
C GLN M 205 -27.03 -47.27 -39.82
N VAL M 206 -26.50 -47.79 -40.92
CA VAL M 206 -25.67 -47.02 -41.84
C VAL M 206 -26.38 -46.95 -43.19
N ILE M 207 -26.54 -45.73 -43.71
CA ILE M 207 -27.16 -45.49 -45.00
C ILE M 207 -26.12 -44.82 -45.89
N ILE M 208 -25.90 -45.39 -47.08
CA ILE M 208 -24.92 -44.90 -48.03
C ILE M 208 -25.65 -44.42 -49.28
N SER M 209 -25.40 -43.17 -49.67
CA SER M 209 -25.97 -42.59 -50.89
C SER M 209 -24.82 -42.32 -51.85
N ASP M 210 -24.68 -43.17 -52.86
CA ASP M 210 -23.59 -43.05 -53.81
C ASP M 210 -23.86 -41.90 -54.79
N ALA M 211 -22.95 -41.72 -55.74
CA ALA M 211 -23.09 -40.66 -56.73
C ALA M 211 -24.23 -40.91 -57.70
N THR M 212 -24.72 -42.15 -57.79
CA THR M 212 -25.84 -42.44 -58.68
C THR M 212 -27.10 -41.69 -58.25
N VAL M 213 -27.36 -41.64 -56.95
CA VAL M 213 -28.54 -40.92 -56.44
C VAL M 213 -28.35 -39.42 -56.65
N PRO M 214 -29.30 -38.73 -57.28
CA PRO M 214 -29.15 -37.29 -57.48
C PRO M 214 -29.14 -36.53 -56.16
N GLY M 215 -28.42 -35.43 -56.16
CA GLY M 215 -28.29 -34.58 -54.99
C GLY M 215 -26.87 -34.04 -54.87
N GLU M 216 -26.74 -32.98 -54.06
CA GLU M 216 -25.45 -32.32 -53.84
C GLU M 216 -24.86 -32.66 -52.47
N GLY M 217 -25.28 -33.77 -51.86
CA GLY M 217 -24.79 -34.19 -50.56
C GLY M 217 -25.61 -33.70 -49.39
N GLU M 218 -25.99 -32.42 -49.40
CA GLU M 218 -26.82 -31.85 -48.36
C GLU M 218 -28.30 -31.87 -48.69
N HIS M 219 -28.64 -31.81 -49.98
CA HIS M 219 -30.04 -31.88 -50.38
C HIS M 219 -30.65 -33.23 -50.02
N LYS M 220 -29.91 -34.32 -50.27
CA LYS M 220 -30.36 -35.64 -49.83
C LYS M 220 -30.53 -35.67 -48.32
N ILE M 221 -29.64 -34.99 -47.60
CA ILE M 221 -29.71 -34.98 -46.14
C ILE M 221 -31.00 -34.31 -45.67
N MET M 222 -31.32 -33.14 -46.24
CA MET M 222 -32.52 -32.46 -45.76
C MET M 222 -33.78 -33.19 -46.22
N ASN M 223 -33.74 -33.80 -47.40
CA ASN M 223 -34.86 -34.62 -47.84
C ASN M 223 -35.10 -35.77 -46.88
N PHE M 224 -34.04 -36.46 -46.47
CA PHE M 224 -34.17 -37.56 -45.53
C PHE M 224 -34.66 -37.07 -44.17
N ILE M 225 -34.18 -35.91 -43.73
CA ILE M 225 -34.62 -35.36 -42.43
C ILE M 225 -36.11 -35.07 -42.47
N ARG M 226 -36.57 -34.43 -43.55
CA ARG M 226 -38.00 -34.12 -43.67
C ARG M 226 -38.83 -35.39 -43.77
N SER M 227 -38.34 -36.40 -44.51
CA SER M 227 -39.07 -37.65 -44.61
C SER M 227 -39.17 -38.35 -43.25
N GLN M 228 -38.09 -38.33 -42.48
CA GLN M 228 -38.11 -38.94 -41.15
C GLN M 228 -39.04 -38.17 -40.21
N ARG M 229 -39.09 -36.85 -40.34
CA ARG M 229 -39.97 -36.05 -39.50
C ARG M 229 -41.44 -36.30 -39.80
N ALA M 230 -41.75 -36.87 -40.96
CA ALA M 230 -43.13 -37.17 -41.34
C ALA M 230 -43.61 -38.51 -40.82
N ASP M 231 -42.74 -39.29 -40.17
CA ASP M 231 -43.15 -40.59 -39.66
C ASP M 231 -44.09 -40.41 -38.46
N PRO M 232 -45.18 -41.18 -38.39
CA PRO M 232 -46.09 -41.04 -37.24
C PRO M 232 -45.43 -41.33 -35.90
N GLU M 233 -44.46 -42.24 -35.85
CA GLU M 233 -43.79 -42.62 -34.62
C GLU M 233 -42.46 -41.91 -34.44
N TYR M 234 -42.21 -40.84 -35.19
CA TYR M 234 -40.95 -40.12 -35.06
C TYR M 234 -40.85 -39.47 -33.68
N ASN M 235 -39.65 -39.53 -33.11
CA ASN M 235 -39.41 -38.97 -31.78
C ASN M 235 -38.97 -37.52 -31.92
N PRO M 236 -39.72 -36.56 -31.37
CA PRO M 236 -39.28 -35.15 -31.45
C PRO M 236 -38.00 -34.86 -30.70
N ASN M 237 -37.59 -35.73 -29.77
CA ASN M 237 -36.41 -35.50 -28.95
C ASN M 237 -35.13 -36.02 -29.57
N THR M 238 -35.18 -36.54 -30.79
CA THR M 238 -33.99 -37.06 -31.45
C THR M 238 -33.02 -35.93 -31.75
N THR M 239 -31.73 -36.19 -31.54
CA THR M 239 -30.67 -35.23 -31.79
C THR M 239 -29.92 -35.60 -33.06
N HIS M 240 -29.71 -34.62 -33.93
CA HIS M 240 -29.03 -34.84 -35.21
C HIS M 240 -27.84 -33.89 -35.32
N CYS M 241 -26.76 -34.39 -35.91
CA CYS M 241 -25.56 -33.60 -36.15
C CYS M 241 -25.13 -33.73 -37.60
N ILE M 242 -24.74 -32.61 -38.20
CA ILE M 242 -24.31 -32.55 -39.58
C ILE M 242 -22.87 -32.08 -39.62
N TYR M 243 -22.03 -32.80 -40.35
CA TYR M 243 -20.62 -32.44 -40.51
C TYR M 243 -20.40 -31.91 -41.92
N GLY M 244 -19.84 -30.71 -42.02
CA GLY M 244 -19.59 -30.10 -43.31
C GLY M 244 -18.97 -28.72 -43.19
N LEU M 245 -18.09 -28.38 -44.14
CA LEU M 245 -17.40 -27.11 -44.13
C LEU M 245 -18.10 -26.06 -45.01
N ASP M 246 -19.27 -26.38 -45.54
CA ASP M 246 -20.02 -25.42 -46.33
C ASP M 246 -20.56 -24.31 -45.43
N ALA M 247 -20.80 -23.14 -46.04
CA ALA M 247 -21.25 -21.97 -45.32
C ALA M 247 -22.77 -21.81 -45.28
N ASP M 248 -23.52 -22.68 -45.98
CA ASP M 248 -24.96 -22.59 -46.02
C ASP M 248 -25.67 -23.65 -45.18
N LEU M 249 -24.96 -24.70 -44.76
CA LEU M 249 -25.58 -25.74 -43.95
C LEU M 249 -25.99 -25.24 -42.58
N ILE M 250 -25.37 -24.17 -42.08
CA ILE M 250 -25.79 -23.57 -40.82
C ILE M 250 -27.21 -23.02 -40.94
N PHE M 251 -27.49 -22.31 -42.03
CA PHE M 251 -28.84 -21.82 -42.26
C PHE M 251 -29.78 -22.95 -42.67
N LEU M 252 -29.25 -23.99 -43.32
CA LEU M 252 -30.07 -25.14 -43.69
C LEU M 252 -30.64 -25.84 -42.46
N GLY M 253 -29.82 -25.96 -41.41
CA GLY M 253 -30.31 -26.58 -40.18
C GLY M 253 -31.44 -25.82 -39.54
N LEU M 254 -31.39 -24.49 -39.60
CA LEU M 254 -32.47 -23.67 -39.07
C LEU M 254 -33.71 -23.71 -39.96
N ALA M 255 -33.54 -24.04 -41.25
CA ALA M 255 -34.68 -24.05 -42.17
C ALA M 255 -35.59 -25.24 -41.92
N THR M 256 -35.04 -26.36 -41.44
CA THR M 256 -35.85 -27.56 -41.22
C THR M 256 -36.61 -27.52 -39.90
N HIS M 257 -36.40 -26.50 -39.07
CA HIS M 257 -37.14 -26.33 -37.82
C HIS M 257 -36.99 -27.54 -36.90
N GLU M 258 -35.79 -28.11 -36.86
CA GLU M 258 -35.52 -29.26 -36.01
C GLU M 258 -34.61 -28.83 -34.87
N PRO M 259 -35.10 -28.78 -33.62
CA PRO M 259 -34.23 -28.44 -32.50
C PRO M 259 -33.25 -29.55 -32.17
N HIS M 260 -32.43 -29.33 -31.13
CA HIS M 260 -31.37 -30.28 -30.76
C HIS M 260 -30.45 -30.56 -31.94
N PHE M 261 -30.09 -29.49 -32.66
CA PHE M 261 -29.28 -29.59 -33.87
C PHE M 261 -27.91 -28.98 -33.60
N LYS M 262 -26.86 -29.75 -33.88
CA LYS M 262 -25.49 -29.30 -33.68
C LYS M 262 -24.71 -29.49 -34.98
N ILE M 263 -23.85 -28.54 -35.30
CA ILE M 263 -23.04 -28.56 -36.51
C ILE M 263 -21.59 -28.72 -36.10
N LEU M 264 -20.91 -29.70 -36.68
CA LEU M 264 -19.52 -29.99 -36.39
C LEU M 264 -18.64 -29.55 -37.56
N ARG M 265 -17.56 -28.83 -37.25
CA ARG M 265 -16.65 -28.36 -38.29
C ARG M 265 -15.27 -28.19 -37.69
N GLU M 266 -14.27 -28.18 -38.57
CA GLU M 266 -12.89 -27.99 -38.13
C GLU M 266 -12.66 -26.54 -37.72
N ASP M 267 -11.87 -26.37 -36.65
CA ASP M 267 -11.58 -25.03 -36.15
C ASP M 267 -10.48 -24.38 -36.97
N VAL M 268 -10.69 -23.14 -37.38
CA VAL M 268 -9.73 -22.37 -38.15
C VAL M 268 -9.34 -21.06 -37.48
N PHE M 269 -9.89 -20.77 -36.29
CA PHE M 269 -9.58 -19.52 -35.61
C PHE M 269 -8.13 -19.46 -35.15
N ALA M 270 -7.55 -20.61 -34.79
CA ALA M 270 -6.17 -20.62 -34.33
C ALA M 270 -5.20 -20.21 -35.43
N GLN M 271 -5.22 -20.94 -36.55
CA GLN M 271 -4.36 -20.67 -37.70
C GLN M 271 -2.89 -20.64 -37.29
N ASP M 272 -2.42 -21.77 -36.79
CA ASP M 272 -1.04 -21.88 -36.33
C ASP M 272 -0.08 -21.88 -37.52
N ASN M 273 1.18 -21.61 -37.22
CA ASN M 273 2.21 -21.56 -38.26
C ASN M 273 2.41 -22.95 -38.86
N ARG M 274 2.62 -22.99 -40.18
CA ARG M 274 2.82 -24.24 -40.90
C ARG M 274 4.28 -24.68 -40.77
N LYS M 275 4.64 -25.73 -41.50
CA LYS M 275 6.00 -26.24 -41.47
C LYS M 275 6.97 -25.23 -42.09
N ARG M 276 8.11 -25.06 -41.46
CA ARG M 276 9.12 -24.13 -41.94
C ARG M 276 10.41 -24.85 -42.31
N GLU M 287 13.42 -34.25 -35.62
CA GLU M 287 13.79 -34.25 -34.21
C GLU M 287 12.57 -34.06 -33.32
N GLU M 288 12.80 -33.64 -32.07
CA GLU M 288 11.69 -33.39 -31.16
C GLU M 288 10.81 -32.24 -31.63
N GLU M 289 11.40 -31.22 -32.26
CA GLU M 289 10.61 -30.13 -32.82
C GLU M 289 9.69 -30.65 -33.93
N LYS M 290 10.23 -31.50 -34.82
CA LYS M 290 9.42 -32.07 -35.88
C LYS M 290 8.32 -32.96 -35.33
N GLN M 291 8.62 -33.73 -34.28
CA GLN M 291 7.61 -34.59 -33.67
C GLN M 291 6.51 -33.76 -33.02
N PHE M 292 6.88 -32.67 -32.35
CA PHE M 292 5.89 -31.77 -31.77
C PHE M 292 5.01 -31.15 -32.86
N LEU M 293 5.63 -30.72 -33.96
CA LEU M 293 4.85 -30.17 -35.07
C LEU M 293 3.91 -31.21 -35.66
N GLN M 294 4.37 -32.47 -35.74
CA GLN M 294 3.53 -33.54 -36.26
C GLN M 294 2.33 -33.78 -35.35
N LYS M 295 2.54 -33.82 -34.03
CA LYS M 295 1.41 -34.05 -33.14
C LYS M 295 0.48 -32.84 -33.09
N GLN M 296 1.01 -31.64 -33.32
CA GLN M 296 0.15 -30.46 -33.40
C GLN M 296 -0.81 -30.57 -34.58
N ASN M 297 -0.31 -31.02 -35.74
CA ASN M 297 -1.18 -31.21 -36.89
C ASN M 297 -2.11 -32.39 -36.70
N SER M 298 -1.67 -33.42 -35.97
CA SER M 298 -2.49 -34.61 -35.73
C SER M 298 -3.61 -34.35 -34.73
N GLU M 299 -3.62 -33.19 -34.08
CA GLU M 299 -4.64 -32.88 -33.08
C GLU M 299 -5.38 -31.61 -33.44
N GLN M 300 -5.81 -31.48 -34.69
CA GLN M 300 -6.56 -30.31 -35.12
C GLN M 300 -7.89 -30.25 -34.35
N PRO M 301 -8.21 -29.14 -33.72
CA PRO M 301 -9.43 -29.06 -32.92
C PRO M 301 -10.67 -28.86 -33.78
N PHE M 302 -11.82 -29.17 -33.19
CA PHE M 302 -13.12 -29.02 -33.84
C PHE M 302 -14.02 -28.17 -32.97
N LEU M 303 -14.95 -27.47 -33.60
CA LEU M 303 -15.84 -26.54 -32.91
C LEU M 303 -17.29 -26.92 -33.14
N TRP M 304 -18.10 -26.71 -32.11
CA TRP M 304 -19.53 -26.97 -32.16
C TRP M 304 -20.29 -25.71 -32.57
N LEU M 305 -21.44 -25.91 -33.22
CA LEU M 305 -22.29 -24.83 -33.71
C LEU M 305 -23.74 -25.09 -33.32
N HIS M 306 -23.98 -25.39 -32.05
CA HIS M 306 -25.33 -25.67 -31.58
C HIS M 306 -26.27 -24.52 -31.92
N ILE M 307 -27.42 -24.86 -32.48
CA ILE M 307 -28.42 -23.85 -32.86
C ILE M 307 -29.60 -23.82 -31.90
N ASN M 308 -29.72 -24.78 -30.98
CA ASN M 308 -30.79 -24.74 -29.99
C ASN M 308 -30.65 -23.51 -29.11
N VAL M 309 -29.43 -23.18 -28.69
CA VAL M 309 -29.21 -21.95 -27.95
C VAL M 309 -29.18 -20.73 -28.86
N LEU M 310 -28.93 -20.93 -30.15
CA LEU M 310 -29.05 -19.84 -31.12
C LEU M 310 -30.49 -19.51 -31.44
N ARG M 311 -31.42 -20.47 -31.27
CA ARG M 311 -32.83 -20.18 -31.49
C ARG M 311 -33.31 -19.09 -30.54
N GLU M 312 -32.80 -19.09 -29.30
CA GLU M 312 -33.10 -17.99 -28.39
C GLU M 312 -32.54 -16.67 -28.92
N TYR M 313 -31.36 -16.70 -29.53
CA TYR M 313 -30.77 -15.50 -30.10
C TYR M 313 -31.67 -14.92 -31.19
N LEU M 314 -32.17 -15.78 -32.08
CA LEU M 314 -33.10 -15.30 -33.10
C LEU M 314 -34.42 -14.82 -32.49
N SER M 315 -34.93 -15.55 -31.48
CA SER M 315 -36.19 -15.16 -30.86
C SER M 315 -36.10 -13.80 -30.20
N ALA M 316 -34.92 -13.44 -29.68
CA ALA M 316 -34.69 -12.13 -29.10
C ALA M 316 -34.19 -11.12 -30.13
N GLU M 317 -34.37 -11.40 -31.42
CA GLU M 317 -33.91 -10.51 -32.46
C GLU M 317 -34.99 -10.14 -33.47
N LEU M 318 -35.91 -11.05 -33.77
CA LEU M 318 -36.94 -10.81 -34.76
C LEU M 318 -38.22 -10.23 -34.17
N TRP M 319 -38.24 -9.94 -32.87
CA TRP M 319 -39.44 -9.38 -32.26
C TRP M 319 -39.71 -7.98 -32.82
N VAL M 320 -40.97 -7.71 -33.13
CA VAL M 320 -41.40 -6.45 -33.71
C VAL M 320 -42.35 -5.78 -32.73
N PRO M 321 -42.14 -4.52 -32.35
CA PRO M 321 -43.03 -3.86 -31.39
C PRO M 321 -44.40 -3.56 -32.01
N GLY M 322 -45.44 -4.16 -31.44
CA GLY M 322 -46.80 -3.88 -31.86
C GLY M 322 -47.12 -4.30 -33.29
N LEU M 323 -46.65 -5.46 -33.70
CA LEU M 323 -46.98 -5.95 -35.04
C LEU M 323 -48.45 -6.36 -35.09
N PRO M 324 -49.14 -6.15 -36.22
CA PRO M 324 -50.57 -6.44 -36.30
C PRO M 324 -50.90 -7.92 -36.10
N PHE M 325 -50.31 -8.78 -36.91
CA PHE M 325 -50.59 -10.20 -36.84
C PHE M 325 -49.82 -10.85 -35.70
N THR M 326 -50.12 -12.13 -35.46
CA THR M 326 -49.44 -12.86 -34.40
C THR M 326 -47.97 -13.10 -34.76
N PHE M 327 -47.14 -13.23 -33.73
CA PHE M 327 -45.71 -13.43 -33.90
C PHE M 327 -45.30 -14.74 -33.23
N ASP M 328 -44.55 -15.56 -33.95
CA ASP M 328 -44.03 -16.81 -33.40
C ASP M 328 -42.62 -17.03 -33.93
N LEU M 329 -41.83 -17.78 -33.16
CA LEU M 329 -40.45 -18.04 -33.54
C LEU M 329 -40.35 -18.90 -34.79
N GLU M 330 -41.29 -19.84 -34.97
CA GLU M 330 -41.21 -20.75 -36.11
C GLU M 330 -41.33 -20.01 -37.43
N ARG M 331 -42.22 -19.02 -37.51
CA ARG M 331 -42.36 -18.25 -38.74
C ARG M 331 -41.24 -17.25 -38.94
N ALA M 332 -40.54 -16.87 -37.88
CA ALA M 332 -39.47 -15.88 -38.00
C ALA M 332 -38.20 -16.47 -38.60
N ILE M 333 -37.87 -17.72 -38.25
CA ILE M 333 -36.60 -18.30 -38.66
C ILE M 333 -36.59 -18.58 -40.16
N ASP M 334 -37.72 -19.05 -40.71
CA ASP M 334 -37.76 -19.33 -42.13
C ASP M 334 -37.61 -18.06 -42.96
N ASP M 335 -38.20 -16.95 -42.50
CA ASP M 335 -38.02 -15.68 -43.17
C ASP M 335 -36.56 -15.24 -43.15
N TRP M 336 -35.90 -15.42 -42.00
CA TRP M 336 -34.48 -15.07 -41.90
C TRP M 336 -33.64 -15.92 -42.84
N VAL M 337 -33.96 -17.22 -42.93
CA VAL M 337 -33.24 -18.10 -43.85
C VAL M 337 -33.45 -17.65 -45.29
N PHE M 338 -34.68 -17.29 -45.64
CA PHE M 338 -34.97 -16.81 -46.99
C PHE M 338 -34.19 -15.54 -47.29
N MET M 339 -34.14 -14.61 -46.34
CA MET M 339 -33.38 -13.37 -46.55
C MET M 339 -31.90 -13.67 -46.71
N CYS M 340 -31.36 -14.58 -45.90
CA CYS M 340 -29.94 -14.94 -46.01
C CYS M 340 -29.65 -15.56 -47.36
N PHE M 341 -30.54 -16.43 -47.85
CA PHE M 341 -30.36 -17.00 -49.19
C PHE M 341 -30.44 -15.92 -50.26
N PHE M 342 -31.32 -14.93 -50.06
CA PHE M 342 -31.40 -13.81 -50.98
C PHE M 342 -30.11 -12.99 -50.98
N CYS M 343 -29.41 -12.95 -49.85
CA CYS M 343 -28.12 -12.26 -49.80
C CYS M 343 -27.13 -12.89 -50.76
N GLY M 344 -27.05 -14.21 -50.79
CA GLY M 344 -26.16 -14.90 -51.69
C GLY M 344 -26.41 -16.40 -51.72
N ASN M 345 -26.53 -16.97 -52.91
CA ASN M 345 -26.77 -18.40 -53.07
C ASN M 345 -25.86 -18.95 -54.14
N ASP M 346 -25.58 -20.25 -54.05
CA ASP M 346 -24.73 -20.91 -55.02
C ASP M 346 -25.39 -21.09 -56.39
N PHE M 347 -26.69 -20.84 -56.49
CA PHE M 347 -27.40 -21.00 -57.75
C PHE M 347 -27.44 -19.70 -58.55
N LEU M 348 -28.02 -18.65 -57.97
CA LEU M 348 -28.14 -17.37 -58.66
C LEU M 348 -26.95 -16.46 -58.32
N PRO M 349 -26.54 -15.61 -59.26
CA PRO M 349 -25.45 -14.68 -58.98
C PRO M 349 -25.85 -13.66 -57.93
N HIS M 350 -24.85 -13.21 -57.17
CA HIS M 350 -25.09 -12.22 -56.12
C HIS M 350 -25.44 -10.87 -56.74
N LEU M 351 -26.31 -10.14 -56.04
CA LEU M 351 -26.70 -8.82 -56.50
C LEU M 351 -25.51 -7.85 -56.42
N PRO M 352 -25.45 -6.88 -57.34
CA PRO M 352 -24.35 -5.89 -57.27
C PRO M 352 -24.33 -5.12 -55.96
N CYS M 353 -25.49 -4.80 -55.40
CA CYS M 353 -25.54 -4.10 -54.13
C CYS M 353 -25.24 -5.03 -52.96
N LEU M 354 -25.52 -6.32 -53.09
CA LEU M 354 -25.29 -7.30 -52.04
C LEU M 354 -24.12 -8.18 -52.46
N ASP M 355 -22.91 -7.74 -52.16
CA ASP M 355 -21.69 -8.46 -52.51
C ASP M 355 -20.88 -8.88 -51.31
N VAL M 356 -20.80 -8.05 -50.27
CA VAL M 356 -20.05 -8.41 -49.07
C VAL M 356 -20.70 -9.59 -48.36
N ARG M 357 -22.04 -9.59 -48.29
CA ARG M 357 -22.80 -10.65 -47.64
C ARG M 357 -22.45 -10.78 -46.16
N GLU M 358 -21.99 -9.69 -45.54
CA GLU M 358 -21.65 -9.69 -44.13
C GLU M 358 -22.32 -8.53 -43.41
N ASN M 359 -22.54 -7.43 -44.14
CA ASN M 359 -23.13 -6.22 -43.57
C ASN M 359 -24.49 -5.87 -44.14
N SER M 360 -24.73 -6.17 -45.43
CA SER M 360 -26.03 -5.88 -46.04
C SER M 360 -27.14 -6.72 -45.44
N ILE M 361 -26.81 -7.86 -44.83
CA ILE M 361 -27.82 -8.70 -44.21
C ILE M 361 -28.54 -7.95 -43.10
N ASP M 362 -27.79 -7.23 -42.27
CA ASP M 362 -28.40 -6.41 -41.22
C ASP M 362 -29.26 -5.31 -41.83
N ILE M 363 -28.81 -4.73 -42.95
CA ILE M 363 -29.57 -3.65 -43.58
C ILE M 363 -30.93 -4.17 -44.05
N LEU M 364 -30.94 -5.30 -44.78
CA LEU M 364 -32.22 -5.84 -45.22
C LEU M 364 -33.04 -6.37 -44.06
N LEU M 365 -32.39 -6.82 -42.99
CA LEU M 365 -33.13 -7.28 -41.81
C LEU M 365 -33.89 -6.12 -41.17
N ASP M 366 -33.24 -4.97 -41.00
CA ASP M 366 -33.94 -3.83 -40.42
C ASP M 366 -34.98 -3.26 -41.39
N ILE M 367 -34.73 -3.36 -42.70
CA ILE M 367 -35.73 -2.94 -43.67
C ILE M 367 -36.98 -3.81 -43.53
N TRP M 368 -36.79 -5.12 -43.44
CA TRP M 368 -37.92 -6.03 -43.24
C TRP M 368 -38.63 -5.75 -41.92
N LYS M 369 -37.87 -5.45 -40.87
CA LYS M 369 -38.46 -5.15 -39.58
C LYS M 369 -39.34 -3.90 -39.65
N VAL M 370 -38.86 -2.86 -40.33
CA VAL M 370 -39.63 -1.61 -40.38
C VAL M 370 -40.82 -1.73 -41.32
N VAL M 371 -40.73 -2.57 -42.37
CA VAL M 371 -41.85 -2.71 -43.29
C VAL M 371 -42.83 -3.80 -42.88
N LEU M 372 -42.50 -4.61 -41.88
CA LEU M 372 -43.44 -5.64 -41.43
C LEU M 372 -44.76 -5.08 -40.93
N PRO M 373 -44.81 -4.02 -40.11
CA PRO M 373 -46.13 -3.49 -39.71
C PRO M 373 -46.99 -3.02 -40.86
N LYS M 374 -46.38 -2.62 -41.98
CA LYS M 374 -47.13 -2.21 -43.15
C LYS M 374 -47.82 -3.37 -43.85
N LEU M 375 -47.50 -4.61 -43.49
CA LEU M 375 -48.10 -5.80 -44.09
C LEU M 375 -48.93 -6.53 -43.04
N LYS M 376 -50.06 -7.09 -43.49
CA LYS M 376 -50.98 -7.79 -42.59
C LYS M 376 -50.72 -9.29 -42.51
N THR M 377 -49.68 -9.79 -43.18
CA THR M 377 -49.37 -11.21 -43.15
C THR M 377 -47.85 -11.36 -43.08
N TYR M 378 -47.38 -12.60 -43.21
CA TYR M 378 -45.96 -12.90 -43.15
C TYR M 378 -45.36 -12.81 -44.56
N MET M 379 -44.11 -13.24 -44.69
CA MET M 379 -43.41 -13.20 -45.97
C MET M 379 -43.41 -14.54 -46.69
N THR M 380 -43.04 -15.62 -45.99
CA THR M 380 -42.97 -16.95 -46.58
C THR M 380 -43.85 -17.91 -45.79
N CYS M 381 -44.56 -18.77 -46.52
CA CYS M 381 -45.45 -19.77 -45.93
C CYS M 381 -45.08 -21.13 -46.51
N ASP M 382 -44.17 -21.83 -45.82
CA ASP M 382 -43.70 -23.16 -46.24
C ASP M 382 -43.16 -23.14 -47.66
N GLY M 383 -42.40 -22.10 -47.99
CA GLY M 383 -41.81 -21.95 -49.30
C GLY M 383 -42.60 -21.09 -50.26
N VAL M 384 -43.86 -20.80 -49.96
CA VAL M 384 -44.67 -19.94 -50.81
C VAL M 384 -44.24 -18.49 -50.60
N LEU M 385 -43.97 -17.79 -51.71
CA LEU M 385 -43.48 -16.41 -51.66
C LEU M 385 -44.65 -15.46 -51.85
N ASN M 386 -44.74 -14.46 -50.97
CA ASN M 386 -45.77 -13.43 -51.05
C ASN M 386 -45.27 -12.31 -51.94
N LEU M 387 -45.91 -12.14 -53.09
CA LEU M 387 -45.43 -11.15 -54.07
C LEU M 387 -45.47 -9.72 -53.56
N PRO M 388 -46.57 -9.22 -52.97
CA PRO M 388 -46.55 -7.83 -52.51
C PRO M 388 -45.50 -7.55 -51.45
N SER M 389 -45.25 -8.49 -50.55
CA SER M 389 -44.23 -8.28 -49.52
C SER M 389 -42.85 -8.17 -50.13
N VAL M 390 -42.53 -9.06 -51.08
CA VAL M 390 -41.23 -8.99 -51.76
C VAL M 390 -41.12 -7.70 -52.55
N GLU M 391 -42.22 -7.27 -53.17
CA GLU M 391 -42.21 -6.02 -53.94
C GLU M 391 -41.90 -4.83 -53.03
N THR M 392 -42.56 -4.78 -51.87
CA THR M 392 -42.28 -3.69 -50.94
C THR M 392 -40.84 -3.75 -50.44
N LEU M 393 -40.34 -4.96 -50.15
CA LEU M 393 -38.97 -5.09 -49.66
C LEU M 393 -37.97 -4.62 -50.71
N LEU M 394 -38.15 -5.02 -51.96
CA LEU M 394 -37.22 -4.60 -53.00
C LEU M 394 -37.34 -3.11 -53.30
N GLN M 395 -38.54 -2.54 -53.23
CA GLN M 395 -38.68 -1.10 -53.41
C GLN M 395 -37.95 -0.34 -52.32
N HIS M 396 -38.08 -0.79 -51.07
CA HIS M 396 -37.36 -0.14 -49.98
C HIS M 396 -35.85 -0.31 -50.12
N LEU M 397 -35.41 -1.49 -50.57
CA LEU M 397 -33.98 -1.71 -50.78
C LEU M 397 -33.45 -0.79 -51.88
N GLY M 398 -34.20 -0.64 -52.98
CA GLY M 398 -33.78 0.27 -54.02
C GLY M 398 -33.77 1.71 -53.58
N SER M 399 -34.71 2.09 -52.72
CA SER M 399 -34.67 3.42 -52.13
C SER M 399 -33.42 3.60 -51.27
N ARG M 400 -33.03 2.57 -50.52
CA ARG M 400 -31.82 2.60 -49.72
C ARG M 400 -30.59 2.20 -50.51
N GLU M 401 -30.75 1.78 -51.77
CA GLU M 401 -29.60 1.32 -52.55
C GLU M 401 -28.61 2.44 -52.81
N GLY M 402 -29.11 3.65 -53.08
CA GLY M 402 -28.22 4.77 -53.37
C GLY M 402 -27.33 5.12 -52.20
N ASP M 403 -27.89 5.15 -50.99
CA ASP M 403 -27.10 5.47 -49.81
C ASP M 403 -26.01 4.44 -49.57
N ILE M 404 -26.33 3.15 -49.72
CA ILE M 404 -25.34 2.09 -49.54
C ILE M 404 -24.22 2.22 -50.57
N PHE M 405 -24.58 2.49 -51.82
CA PHE M 405 -23.58 2.66 -52.86
C PHE M 405 -22.67 3.85 -52.59
N LYS M 406 -23.26 4.97 -52.14
CA LYS M 406 -22.45 6.14 -51.81
C LYS M 406 -21.51 5.86 -50.65
N THR M 407 -22.01 5.18 -49.61
CA THR M 407 -21.16 4.86 -48.47
C THR M 407 -20.03 3.93 -48.86
N ARG M 408 -20.31 2.93 -49.71
CA ARG M 408 -19.25 2.03 -50.16
C ARG M 408 -18.25 2.74 -51.04
N HIS M 409 -18.70 3.70 -51.86
CA HIS M 409 -17.77 4.51 -52.65
C HIS M 409 -16.87 5.33 -51.74
N ILE M 410 -17.44 5.93 -50.70
CA ILE M 410 -16.65 6.72 -49.77
C ILE M 410 -15.62 5.85 -49.07
N GLN M 411 -16.04 4.66 -48.63
CA GLN M 411 -15.12 3.75 -47.95
C GLN M 411 -14.00 3.30 -48.89
N GLU M 412 -14.33 2.98 -50.14
CA GLU M 412 -13.31 2.56 -51.10
C GLU M 412 -12.33 3.69 -51.40
N ALA M 413 -12.85 4.92 -51.55
CA ALA M 413 -11.98 6.06 -51.79
C ALA M 413 -11.05 6.32 -50.61
N ARG M 414 -11.58 6.21 -49.39
CA ARG M 414 -10.74 6.40 -48.20
C ARG M 414 -9.67 5.32 -48.11
N LYS M 415 -10.04 4.07 -48.42
CA LYS M 415 -9.06 2.99 -48.40
C LYS M 415 -7.96 3.21 -49.45
N LYS M 416 -8.36 3.63 -50.66
CA LYS M 416 -7.38 3.88 -51.71
C LYS M 416 -6.45 5.04 -51.34
N GLU M 417 -7.00 6.10 -50.77
CA GLU M 417 -6.22 7.27 -50.38
C GLU M 417 -5.41 6.98 -49.12
N GLU M 608 -17.45 -2.71 -65.42
CA GLU M 608 -16.64 -2.20 -64.33
C GLU M 608 -15.57 -1.24 -64.85
N PHE M 609 -15.36 -1.24 -66.17
CA PHE M 609 -14.36 -0.36 -66.77
C PHE M 609 -14.73 1.10 -66.60
N VAL M 610 -16.01 1.44 -66.78
CA VAL M 610 -16.50 2.80 -66.64
C VAL M 610 -17.65 2.79 -65.63
N LYS M 611 -17.55 3.65 -64.62
CA LYS M 611 -18.55 3.71 -63.55
C LYS M 611 -18.78 5.19 -63.21
N LEU M 612 -19.90 5.73 -63.67
CA LEU M 612 -20.31 7.09 -63.32
C LEU M 612 -21.09 7.03 -62.02
N PHE M 613 -20.46 7.40 -60.92
CA PHE M 613 -21.05 7.21 -59.60
C PHE M 613 -22.24 8.13 -59.33
N GLU M 614 -22.30 9.29 -60.00
CA GLU M 614 -23.39 10.22 -59.73
C GLU M 614 -24.77 9.66 -60.07
N PRO M 615 -25.02 9.07 -61.24
CA PRO M 615 -26.34 8.51 -61.52
C PRO M 615 -26.51 7.03 -61.15
N GLY M 616 -25.55 6.44 -60.43
CA GLY M 616 -25.67 5.04 -60.06
C GLY M 616 -25.31 4.04 -61.14
N TYR M 617 -24.72 4.52 -62.25
CA TYR M 617 -24.26 3.73 -63.39
C TYR M 617 -25.19 2.57 -63.75
N HIS M 618 -26.50 2.79 -63.73
CA HIS M 618 -27.42 1.71 -64.13
C HIS M 618 -27.32 1.44 -65.63
N GLU M 619 -27.40 2.51 -66.45
CA GLU M 619 -27.29 2.34 -67.89
C GLU M 619 -25.89 1.88 -68.29
N ARG M 620 -24.86 2.43 -67.64
CA ARG M 620 -23.49 2.00 -67.93
C ARG M 620 -23.29 0.54 -67.56
N TYR M 621 -23.84 0.11 -66.42
CA TYR M 621 -23.75 -1.29 -66.01
C TYR M 621 -24.44 -2.19 -67.02
N TYR M 622 -25.64 -1.80 -67.47
CA TYR M 622 -26.36 -2.61 -68.46
C TYR M 622 -25.57 -2.71 -69.76
N THR M 623 -25.06 -1.57 -70.25
CA THR M 623 -24.34 -1.57 -71.53
C THR M 623 -22.97 -2.22 -71.43
N ALA M 624 -22.41 -2.32 -70.23
CA ALA M 624 -21.11 -2.97 -70.06
C ALA M 624 -21.23 -4.47 -69.82
N LYS M 625 -22.31 -4.92 -69.19
CA LYS M 625 -22.50 -6.34 -68.95
C LYS M 625 -23.33 -7.03 -70.03
N PHE M 626 -23.96 -6.28 -70.93
CA PHE M 626 -24.78 -6.88 -71.99
C PHE M 626 -24.55 -6.28 -73.37
N HIS M 627 -24.04 -5.06 -73.48
CA HIS M 627 -23.79 -4.39 -74.76
C HIS M 627 -25.04 -4.37 -75.64
N VAL M 628 -26.07 -3.68 -75.14
CA VAL M 628 -27.36 -3.62 -75.82
C VAL M 628 -27.90 -2.19 -75.82
N THR M 629 -28.81 -1.92 -76.75
CA THR M 629 -29.41 -0.61 -76.98
C THR M 629 -30.52 -0.33 -75.96
N PRO M 630 -30.82 0.97 -75.69
CA PRO M 630 -31.84 1.33 -74.71
C PRO M 630 -33.14 0.51 -74.73
N GLN M 631 -33.75 0.33 -75.89
CA GLN M 631 -34.93 -0.53 -75.94
C GLN M 631 -34.58 -1.95 -75.53
N ASP M 632 -33.42 -2.44 -75.98
CA ASP M 632 -32.97 -3.76 -75.59
C ASP M 632 -32.67 -3.82 -74.10
N ILE M 633 -32.11 -2.74 -73.54
CA ILE M 633 -31.82 -2.77 -72.10
C ILE M 633 -33.12 -2.78 -71.29
N GLU M 634 -34.16 -2.10 -71.78
CA GLU M 634 -35.44 -2.14 -71.10
C GLU M 634 -36.05 -3.55 -71.14
N GLN M 635 -36.10 -4.15 -72.33
CA GLN M 635 -36.61 -5.51 -72.42
C GLN M 635 -35.76 -6.49 -71.62
N LEU M 636 -34.45 -6.23 -71.57
CA LEU M 636 -33.54 -7.11 -70.84
C LEU M 636 -33.73 -6.98 -69.34
N ARG M 637 -34.01 -5.75 -68.86
CA ARG M 637 -34.29 -5.60 -67.43
C ARG M 637 -35.61 -6.27 -67.07
N LYS M 638 -36.60 -6.21 -67.97
CA LYS M 638 -37.85 -6.91 -67.73
C LYS M 638 -37.62 -8.43 -67.64
N ASP M 639 -36.90 -8.98 -68.62
CA ASP M 639 -36.62 -10.41 -68.62
C ASP M 639 -35.77 -10.80 -67.43
N MET M 640 -34.82 -9.95 -67.04
CA MET M 640 -33.96 -10.24 -65.88
C MET M 640 -34.77 -10.26 -64.59
N VAL M 641 -35.71 -9.32 -64.45
CA VAL M 641 -36.59 -9.33 -63.27
C VAL M 641 -37.40 -10.62 -63.24
N LYS M 642 -37.98 -10.99 -64.39
CA LYS M 642 -38.79 -12.21 -64.46
C LYS M 642 -37.96 -13.44 -64.08
N CYS M 643 -36.80 -13.61 -64.69
CA CYS M 643 -35.99 -14.80 -64.45
C CYS M 643 -35.42 -14.80 -63.03
N TYR M 644 -35.12 -13.62 -62.49
CA TYR M 644 -34.57 -13.54 -61.14
C TYR M 644 -35.62 -13.91 -60.11
N ILE M 645 -36.85 -13.41 -60.25
CA ILE M 645 -37.89 -13.78 -59.30
C ILE M 645 -38.24 -15.26 -59.44
N GLU M 646 -38.24 -15.78 -60.67
CA GLU M 646 -38.48 -17.21 -60.87
C GLU M 646 -37.38 -18.04 -60.20
N GLY M 647 -36.13 -17.62 -60.33
CA GLY M 647 -35.03 -18.33 -59.70
C GLY M 647 -35.08 -18.26 -58.19
N VAL M 648 -35.48 -17.10 -57.65
CA VAL M 648 -35.62 -16.97 -56.19
C VAL M 648 -36.70 -17.91 -55.68
N ALA M 649 -37.84 -17.96 -56.38
CA ALA M 649 -38.89 -18.90 -56.01
C ALA M 649 -38.39 -20.34 -56.10
N TRP M 650 -37.63 -20.65 -57.15
CA TRP M 650 -37.13 -22.01 -57.33
C TRP M 650 -36.15 -22.40 -56.23
N VAL M 651 -35.22 -21.51 -55.86
CA VAL M 651 -34.24 -21.87 -54.84
C VAL M 651 -34.91 -21.98 -53.48
N LEU M 652 -35.90 -21.11 -53.19
CA LEU M 652 -36.66 -21.26 -51.95
C LEU M 652 -37.39 -22.60 -51.92
N MET M 653 -38.04 -22.95 -53.04
CA MET M 653 -38.80 -24.19 -53.09
C MET M 653 -37.88 -25.39 -52.91
N TYR M 654 -36.70 -25.34 -53.53
CA TYR M 654 -35.72 -26.41 -53.39
C TYR M 654 -35.21 -26.53 -51.97
N TYR M 655 -34.90 -25.40 -51.32
CA TYR M 655 -34.33 -25.45 -49.98
C TYR M 655 -35.38 -25.64 -48.90
N TYR M 656 -36.67 -25.61 -49.23
CA TYR M 656 -37.72 -25.77 -48.23
C TYR M 656 -38.41 -27.12 -48.30
N GLN M 657 -38.82 -27.57 -49.49
CA GLN M 657 -39.56 -28.83 -49.59
C GLN M 657 -39.35 -29.41 -50.99
N GLY M 658 -38.51 -30.44 -51.09
CA GLY M 658 -38.30 -31.12 -52.36
C GLY M 658 -37.59 -30.25 -53.38
N CYS M 659 -37.77 -30.61 -54.64
CA CYS M 659 -37.20 -29.89 -55.77
C CYS M 659 -38.31 -29.37 -56.66
N ALA M 660 -38.28 -28.07 -56.96
CA ALA M 660 -39.32 -27.49 -57.81
C ALA M 660 -39.19 -27.97 -59.25
N SER M 661 -37.98 -27.92 -59.81
CA SER M 661 -37.76 -28.32 -61.19
C SER M 661 -36.28 -28.64 -61.39
N TRP M 662 -36.02 -29.63 -62.23
CA TRP M 662 -34.66 -30.04 -62.56
C TRP M 662 -34.14 -29.42 -63.85
N ASN M 663 -34.92 -28.55 -64.50
CA ASN M 663 -34.54 -27.97 -65.77
C ASN M 663 -34.43 -26.45 -65.74
N TRP M 664 -34.73 -25.81 -64.61
CA TRP M 664 -34.62 -24.36 -64.53
C TRP M 664 -33.17 -23.91 -64.63
N PHE M 665 -32.96 -22.83 -65.38
CA PHE M 665 -31.62 -22.29 -65.58
C PHE M 665 -31.70 -20.77 -65.65
N TYR M 666 -30.56 -20.12 -65.39
CA TYR M 666 -30.47 -18.68 -65.44
C TYR M 666 -29.68 -18.27 -66.67
N PRO M 667 -30.33 -17.76 -67.73
CA PRO M 667 -29.64 -17.40 -68.97
C PRO M 667 -29.00 -16.01 -68.95
N TYR M 668 -28.30 -15.71 -67.85
CA TYR M 668 -27.62 -14.44 -67.71
C TYR M 668 -26.40 -14.62 -66.83
N HIS M 669 -25.46 -13.69 -66.96
CA HIS M 669 -24.23 -13.71 -66.17
C HIS M 669 -24.24 -12.70 -65.02
N TYR M 670 -25.29 -11.88 -64.91
CA TYR M 670 -25.36 -10.85 -63.88
C TYR M 670 -26.80 -10.74 -63.40
N ALA M 671 -27.03 -9.79 -62.50
CA ALA M 671 -28.37 -9.53 -61.97
C ALA M 671 -28.65 -8.03 -62.00
N PRO M 672 -29.89 -7.64 -62.25
CA PRO M 672 -30.23 -6.21 -62.27
C PRO M 672 -30.25 -5.63 -60.86
N LEU M 673 -30.16 -4.30 -60.80
CA LEU M 673 -30.10 -3.58 -59.53
C LEU M 673 -30.92 -2.31 -59.66
N ALA M 674 -30.75 -1.40 -58.69
CA ALA M 674 -31.41 -0.11 -58.64
C ALA M 674 -32.92 -0.26 -58.46
N THR M 675 -33.69 0.54 -59.20
CA THR M 675 -35.14 0.60 -59.03
C THR M 675 -35.88 -0.46 -59.84
N ASP M 676 -35.22 -1.56 -60.18
CA ASP M 676 -35.85 -2.63 -60.93
C ASP M 676 -36.68 -3.51 -59.99
N PHE M 677 -37.13 -4.66 -60.50
CA PHE M 677 -37.87 -5.68 -59.77
C PHE M 677 -39.27 -5.22 -59.35
N HIS M 678 -39.70 -4.03 -59.77
CA HIS M 678 -41.00 -3.51 -59.38
C HIS M 678 -42.14 -4.04 -60.25
N GLY M 679 -41.84 -4.67 -61.38
CA GLY M 679 -42.87 -5.14 -62.28
C GLY M 679 -43.15 -6.63 -62.20
N PHE M 680 -42.65 -7.28 -61.15
CA PHE M 680 -42.83 -8.72 -60.98
C PHE M 680 -44.12 -9.09 -60.28
N SER M 681 -44.90 -8.10 -59.82
CA SER M 681 -46.12 -8.41 -59.08
C SER M 681 -47.13 -9.13 -59.96
N HIS M 682 -47.28 -8.71 -61.21
CA HIS M 682 -48.23 -9.33 -62.13
C HIS M 682 -47.59 -10.55 -62.81
N LEU M 683 -47.36 -11.58 -61.98
CA LEU M 683 -46.75 -12.81 -62.47
C LEU M 683 -47.11 -13.93 -61.53
N GLU M 684 -46.97 -15.16 -62.03
CA GLU M 684 -47.23 -16.37 -61.26
C GLU M 684 -46.09 -17.36 -61.48
N ILE M 685 -45.80 -18.15 -60.45
CA ILE M 685 -44.72 -19.12 -60.48
C ILE M 685 -45.32 -20.51 -60.61
N LYS M 686 -44.84 -21.28 -61.59
CA LYS M 686 -45.34 -22.63 -61.84
C LYS M 686 -44.23 -23.42 -62.52
N PHE M 687 -43.70 -24.41 -61.82
CA PHE M 687 -42.64 -25.27 -62.36
C PHE M 687 -43.20 -26.65 -62.66
N GLU M 688 -42.31 -27.55 -63.10
CA GLU M 688 -42.66 -28.93 -63.40
C GLU M 688 -41.64 -29.86 -62.75
N GLU M 689 -42.07 -31.07 -62.44
CA GLU M 689 -41.19 -32.03 -61.80
C GLU M 689 -40.00 -32.38 -62.68
N GLY M 690 -40.25 -32.62 -63.96
CA GLY M 690 -39.18 -32.97 -64.87
C GLY M 690 -38.59 -34.35 -64.56
N THR M 691 -37.38 -34.55 -65.07
CA THR M 691 -36.65 -35.79 -64.87
C THR M 691 -35.21 -35.49 -64.51
N PRO M 692 -34.60 -36.29 -63.63
CA PRO M 692 -33.19 -36.08 -63.30
C PRO M 692 -32.29 -36.36 -64.50
N PHE M 693 -31.19 -35.63 -64.54
CA PHE M 693 -30.22 -35.80 -65.63
C PHE M 693 -29.44 -37.10 -65.46
N LEU M 694 -29.10 -37.70 -66.59
CA LEU M 694 -28.29 -38.91 -66.57
C LEU M 694 -26.84 -38.56 -66.20
N PRO M 695 -26.10 -39.52 -65.63
CA PRO M 695 -24.71 -39.22 -65.25
C PRO M 695 -23.83 -38.79 -66.42
N TYR M 696 -24.05 -39.36 -67.61
CA TYR M 696 -23.17 -39.06 -68.73
C TYR M 696 -23.38 -37.65 -69.26
N GLU M 697 -24.64 -37.23 -69.42
CA GLU M 697 -24.91 -35.88 -69.90
C GLU M 697 -24.44 -34.84 -68.89
N GLN M 698 -24.65 -35.10 -67.60
CA GLN M 698 -24.16 -34.19 -66.57
C GLN M 698 -22.63 -34.12 -66.58
N LEU M 699 -21.97 -35.27 -66.76
CA LEU M 699 -20.52 -35.29 -66.85
C LEU M 699 -20.03 -34.47 -68.04
N MET M 700 -20.70 -34.61 -69.19
CA MET M 700 -20.32 -33.82 -70.35
C MET M 700 -20.52 -32.34 -70.08
N SER M 701 -21.64 -31.97 -69.46
CA SER M 701 -21.94 -30.57 -69.21
C SER M 701 -20.95 -29.94 -68.25
N VAL M 702 -20.56 -30.66 -67.20
CA VAL M 702 -19.73 -30.09 -66.14
C VAL M 702 -18.24 -30.17 -66.48
N LEU M 703 -17.78 -31.28 -67.03
CA LEU M 703 -16.35 -31.46 -67.27
C LEU M 703 -15.85 -30.47 -68.31
N PRO M 704 -14.78 -29.72 -68.03
CA PRO M 704 -14.23 -28.80 -69.02
C PRO M 704 -13.42 -29.51 -70.10
N ALA M 705 -12.76 -28.74 -70.95
CA ALA M 705 -11.93 -29.32 -71.99
C ALA M 705 -10.78 -30.11 -71.38
N ALA M 706 -10.19 -30.97 -72.21
CA ALA M 706 -9.12 -31.90 -71.80
C ALA M 706 -9.71 -32.79 -70.70
N SER M 707 -8.92 -33.17 -69.69
CA SER M 707 -9.37 -34.03 -68.60
C SER M 707 -9.96 -35.33 -69.14
N GLY M 708 -9.22 -35.95 -70.07
CA GLY M 708 -9.70 -37.16 -70.70
C GLY M 708 -9.78 -38.37 -69.79
N HIS M 709 -9.13 -38.31 -68.63
CA HIS M 709 -9.17 -39.41 -67.69
C HIS M 709 -10.58 -39.58 -67.12
N ALA M 710 -10.92 -40.82 -66.77
CA ALA M 710 -12.23 -41.17 -66.23
C ALA M 710 -13.35 -40.77 -67.18
N LEU M 711 -13.14 -40.99 -68.48
CA LEU M 711 -14.11 -40.66 -69.50
C LEU M 711 -14.29 -41.85 -70.44
N PRO M 712 -15.50 -42.05 -70.97
CA PRO M 712 -15.69 -43.12 -71.94
C PRO M 712 -14.98 -42.82 -73.26
N LYS M 713 -14.66 -43.89 -73.98
CA LYS M 713 -13.95 -43.74 -75.26
C LYS M 713 -14.80 -43.01 -76.29
N ILE M 714 -16.13 -43.15 -76.20
CA ILE M 714 -17.00 -42.44 -77.15
C ILE M 714 -16.89 -40.94 -76.95
N PHE M 715 -16.85 -40.48 -75.69
CA PHE M 715 -16.70 -39.06 -75.42
C PHE M 715 -15.33 -38.56 -75.87
N ARG M 716 -14.29 -39.38 -75.70
CA ARG M 716 -12.97 -39.01 -76.18
C ARG M 716 -12.95 -38.87 -77.70
N SER M 717 -13.62 -39.78 -78.41
CA SER M 717 -13.70 -39.68 -79.86
C SER M 717 -14.49 -38.44 -80.28
N LEU M 718 -15.56 -38.12 -79.56
CA LEU M 718 -16.31 -36.91 -79.85
C LEU M 718 -15.45 -35.66 -79.62
N MET M 719 -14.62 -35.68 -78.58
CA MET M 719 -13.69 -34.59 -78.35
C MET M 719 -12.67 -34.47 -79.47
N SER M 720 -12.17 -35.60 -79.96
CA SER M 720 -11.10 -35.60 -80.94
C SER M 720 -11.61 -35.41 -82.36
N GLU M 721 -12.39 -34.35 -82.59
CA GLU M 721 -12.83 -33.98 -83.92
C GLU M 721 -13.36 -32.56 -83.89
N PRO M 722 -13.06 -31.74 -84.90
CA PRO M 722 -13.54 -30.33 -84.91
C PRO M 722 -15.02 -30.21 -85.26
N ASP M 723 -15.86 -30.44 -84.27
CA ASP M 723 -17.30 -30.34 -84.44
C ASP M 723 -17.76 -28.89 -84.23
N SER M 724 -18.88 -28.55 -84.86
CA SER M 724 -19.40 -27.18 -84.75
C SER M 724 -19.83 -26.86 -83.32
N GLU M 725 -20.51 -27.80 -82.66
CA GLU M 725 -20.97 -27.55 -81.30
C GLU M 725 -19.87 -27.75 -80.26
N ILE M 726 -18.77 -28.42 -80.62
CA ILE M 726 -17.70 -28.66 -79.66
C ILE M 726 -17.00 -27.37 -79.29
N ILE M 727 -16.65 -26.55 -80.29
CA ILE M 727 -15.89 -25.33 -80.04
C ILE M 727 -16.75 -24.30 -79.30
N ASP M 728 -18.02 -24.17 -79.68
CA ASP M 728 -18.87 -23.16 -79.09
C ASP M 728 -19.18 -23.48 -77.63
N PHE M 729 -19.59 -24.72 -77.36
CA PHE M 729 -19.97 -25.09 -75.99
C PHE M 729 -18.76 -25.27 -75.09
N TYR M 730 -17.69 -25.87 -75.61
CA TYR M 730 -16.50 -26.19 -74.82
C TYR M 730 -15.26 -25.66 -75.54
N PRO M 731 -14.96 -24.37 -75.38
CA PRO M 731 -13.75 -23.81 -75.99
C PRO M 731 -12.51 -24.23 -75.22
N GLU M 732 -11.36 -23.75 -75.69
CA GLU M 732 -10.09 -24.12 -75.10
C GLU M 732 -9.52 -23.07 -74.15
N GLU M 733 -10.05 -21.85 -74.17
CA GLU M 733 -9.57 -20.77 -73.31
C GLU M 733 -10.75 -20.12 -72.62
N PHE M 734 -10.69 -20.04 -71.31
CA PHE M 734 -11.76 -19.39 -70.54
C PHE M 734 -11.43 -17.91 -70.37
N PRO M 735 -12.26 -17.00 -70.88
CA PRO M 735 -12.03 -15.57 -70.66
C PRO M 735 -12.42 -15.18 -69.24
N ILE M 736 -11.42 -14.83 -68.43
CA ILE M 736 -11.64 -14.50 -67.03
C ILE M 736 -11.47 -12.98 -66.89
N ASP M 737 -11.72 -12.26 -67.98
CA ASP M 737 -11.68 -10.80 -67.93
C ASP M 737 -12.78 -10.23 -67.04
N MET M 738 -13.80 -11.03 -66.76
CA MET M 738 -14.87 -10.58 -65.84
C MET M 738 -14.44 -10.88 -64.41
N ASN M 739 -13.76 -9.92 -63.76
CA ASN M 739 -13.42 -10.11 -62.32
C ASN M 739 -14.55 -9.48 -61.51
N GLY M 740 -15.38 -8.66 -62.15
CA GLY M 740 -16.56 -8.08 -61.46
C GLY M 740 -16.22 -7.58 -60.07
N LYS M 741 -15.17 -6.79 -59.93
CA LYS M 741 -14.84 -6.19 -58.60
C LYS M 741 -14.54 -7.29 -57.58
N LYS M 742 -13.34 -7.88 -57.66
CA LYS M 742 -12.95 -8.90 -56.66
C LYS M 742 -11.42 -9.08 -56.71
N MET M 743 -10.85 -9.86 -55.78
CA MET M 743 -9.39 -10.08 -55.74
C MET M 743 -9.08 -11.50 -55.28
N SER M 744 -9.57 -12.50 -56.01
CA SER M 744 -9.29 -13.93 -55.68
C SER M 744 -9.67 -14.81 -56.85
N TRP M 745 -9.65 -16.14 -56.66
CA TRP M 745 -10.11 -17.05 -57.73
C TRP M 745 -11.55 -16.67 -58.07
N GLN M 746 -12.21 -15.96 -57.17
CA GLN M 746 -13.59 -15.50 -57.43
C GLN M 746 -13.64 -14.77 -58.77
N GLY M 747 -14.71 -15.01 -59.55
CA GLY M 747 -14.86 -14.37 -60.87
C GLY M 747 -16.29 -14.51 -61.38
N ILE M 748 -16.49 -14.58 -62.69
CA ILE M 748 -17.85 -14.78 -63.27
C ILE M 748 -17.76 -15.79 -64.42
N ALA M 749 -18.91 -16.29 -64.89
CA ALA M 749 -18.93 -17.33 -65.95
C ALA M 749 -19.12 -16.69 -67.34
N LEU M 750 -18.01 -16.33 -68.00
CA LEU M 750 -18.11 -15.80 -69.35
C LEU M 750 -18.31 -16.89 -70.39
N LEU M 751 -18.21 -18.15 -69.99
CA LEU M 751 -18.42 -19.25 -70.92
C LEU M 751 -19.85 -19.20 -71.46
N PRO M 752 -20.05 -19.50 -72.76
CA PRO M 752 -21.40 -19.48 -73.31
C PRO M 752 -22.30 -20.50 -72.60
N PHE M 753 -23.56 -20.13 -72.42
CA PHE M 753 -24.52 -20.99 -71.75
C PHE M 753 -24.91 -22.13 -72.69
N ILE M 754 -24.59 -23.36 -72.29
CA ILE M 754 -24.90 -24.52 -73.13
C ILE M 754 -26.41 -24.70 -73.22
N ASP M 755 -26.89 -25.03 -74.42
CA ASP M 755 -28.31 -25.24 -74.63
C ASP M 755 -28.69 -26.66 -74.19
N GLN M 756 -29.94 -27.03 -74.47
CA GLN M 756 -30.46 -28.34 -74.09
C GLN M 756 -30.56 -29.30 -75.26
N ASP M 757 -31.14 -28.87 -76.38
CA ASP M 757 -31.44 -29.78 -77.47
C ASP M 757 -30.17 -30.35 -78.10
N ARG M 758 -29.15 -29.50 -78.32
CA ARG M 758 -27.95 -29.96 -79.01
C ARG M 758 -27.19 -30.98 -78.16
N LEU M 759 -26.93 -30.65 -76.89
CA LEU M 759 -26.21 -31.56 -76.01
C LEU M 759 -27.01 -32.84 -75.78
N LEU M 760 -28.32 -32.72 -75.58
CA LEU M 760 -29.14 -33.90 -75.38
C LEU M 760 -29.12 -34.83 -76.59
N THR M 761 -29.24 -34.26 -77.79
CA THR M 761 -29.20 -35.07 -79.00
C THR M 761 -27.83 -35.73 -79.17
N ALA M 762 -26.75 -34.99 -78.89
CA ALA M 762 -25.42 -35.57 -79.01
C ALA M 762 -25.23 -36.73 -78.05
N VAL M 763 -25.68 -36.56 -76.81
CA VAL M 763 -25.53 -37.63 -75.81
C VAL M 763 -26.38 -38.84 -76.20
N ARG M 764 -27.62 -38.61 -76.63
CA ARG M 764 -28.48 -39.73 -77.00
C ARG M 764 -27.98 -40.43 -78.25
N ALA M 765 -27.29 -39.71 -79.14
CA ALA M 765 -26.71 -40.34 -80.32
C ALA M 765 -25.45 -41.11 -80.00
N GLN M 766 -24.66 -40.64 -79.01
CA GLN M 766 -23.47 -41.37 -78.60
C GLN M 766 -23.79 -42.53 -77.67
N TYR M 767 -24.98 -42.56 -77.09
CA TYR M 767 -25.35 -43.65 -76.19
C TYR M 767 -25.34 -45.03 -76.83
N PRO M 768 -25.99 -45.27 -77.99
CA PRO M 768 -26.14 -46.66 -78.47
C PRO M 768 -24.83 -47.38 -78.72
N LEU M 769 -23.80 -46.69 -79.22
CA LEU M 769 -22.55 -47.38 -79.54
C LEU M 769 -21.66 -47.61 -78.32
N LEU M 770 -22.05 -47.09 -77.16
CA LEU M 770 -21.30 -47.38 -75.94
C LEU M 770 -21.47 -48.85 -75.54
N SER M 771 -20.45 -49.41 -74.92
CA SER M 771 -20.49 -50.81 -74.51
C SER M 771 -21.54 -51.02 -73.44
N ASP M 772 -22.09 -52.24 -73.42
CA ASP M 772 -23.14 -52.56 -72.46
C ASP M 772 -22.62 -52.50 -71.03
N ALA M 773 -21.39 -52.95 -70.80
CA ALA M 773 -20.81 -52.90 -69.45
C ALA M 773 -20.71 -51.46 -68.95
N GLU M 774 -20.27 -50.55 -69.82
CA GLU M 774 -20.20 -49.14 -69.43
C GLU M 774 -21.58 -48.52 -69.34
N ARG M 775 -22.50 -48.94 -70.22
CA ARG M 775 -23.85 -48.41 -70.19
C ARG M 775 -24.63 -48.88 -68.97
N ALA M 776 -24.18 -49.95 -68.31
CA ALA M 776 -24.86 -50.43 -67.11
C ALA M 776 -24.80 -49.41 -65.97
N ARG M 777 -23.84 -48.50 -66.00
CA ARG M 777 -23.73 -47.45 -64.98
C ARG M 777 -24.57 -46.23 -65.35
N ASN M 778 -25.87 -46.46 -65.58
CA ASN M 778 -26.77 -45.37 -65.94
C ASN M 778 -28.10 -45.47 -65.19
N ILE M 779 -28.13 -46.16 -64.06
CA ILE M 779 -29.35 -46.31 -63.27
C ILE M 779 -29.35 -45.27 -62.16
N ARG M 780 -30.55 -44.83 -61.77
CA ARG M 780 -30.68 -43.85 -60.71
C ARG M 780 -30.14 -44.39 -59.38
N GLY M 781 -30.46 -45.64 -59.06
CA GLY M 781 -29.98 -46.26 -57.85
C GLY M 781 -30.81 -45.87 -56.64
N GLU M 782 -30.54 -46.56 -55.53
CA GLU M 782 -31.22 -46.32 -54.27
C GLU M 782 -30.21 -46.42 -53.13
N PRO M 783 -30.47 -45.72 -52.03
CA PRO M 783 -29.59 -45.86 -50.86
C PRO M 783 -29.59 -47.29 -50.34
N VAL M 784 -28.44 -47.70 -49.80
CA VAL M 784 -28.22 -49.06 -49.35
C VAL M 784 -28.17 -49.08 -47.82
N LEU M 785 -28.97 -49.94 -47.22
CA LEU M 785 -28.98 -50.12 -45.78
C LEU M 785 -28.03 -51.26 -45.40
N LEU M 786 -27.31 -51.07 -44.29
CA LEU M 786 -26.28 -51.99 -43.83
C LEU M 786 -26.43 -52.28 -42.35
N ILE M 787 -27.66 -52.64 -41.94
CA ILE M 787 -27.91 -52.94 -40.53
C ILE M 787 -27.06 -54.12 -40.09
N SER M 788 -26.75 -54.16 -38.79
CA SER M 788 -25.88 -55.18 -38.24
C SER M 788 -26.65 -56.49 -38.03
N ASN M 789 -25.94 -57.50 -37.55
CA ASN M 789 -26.52 -58.82 -37.31
C ASN M 789 -27.29 -58.90 -36.00
N LYS M 790 -27.11 -57.94 -35.09
CA LYS M 790 -27.77 -57.93 -33.80
C LYS M 790 -28.87 -56.87 -33.71
N ASN M 791 -29.29 -56.33 -34.85
CA ASN M 791 -30.35 -55.32 -34.86
C ASN M 791 -31.67 -55.92 -34.43
N ALA M 792 -32.51 -55.09 -33.80
CA ALA M 792 -33.82 -55.55 -33.35
C ALA M 792 -34.69 -55.96 -34.52
N ASN M 793 -34.65 -55.21 -35.61
CA ASN M 793 -35.45 -55.50 -36.80
C ASN M 793 -34.74 -56.42 -37.78
N TYR M 794 -33.54 -56.92 -37.43
CA TYR M 794 -32.80 -57.79 -38.34
C TYR M 794 -33.56 -59.09 -38.60
N GLU M 795 -34.09 -59.69 -37.53
CA GLU M 795 -34.83 -60.95 -37.70
C GLU M 795 -36.08 -60.74 -38.53
N ARG M 796 -36.81 -59.65 -38.29
CA ARG M 796 -38.02 -59.38 -39.07
C ARG M 796 -37.68 -59.15 -40.54
N PHE M 797 -36.62 -58.39 -40.81
CA PHE M 797 -36.22 -58.13 -42.20
C PHE M 797 -35.80 -59.41 -42.89
N SER M 798 -35.02 -60.26 -42.19
CA SER M 798 -34.59 -61.52 -42.78
C SER M 798 -35.78 -62.42 -43.08
N LYS M 799 -36.73 -62.51 -42.14
CA LYS M 799 -37.91 -63.33 -42.36
C LYS M 799 -38.74 -62.80 -43.53
N LYS M 800 -38.86 -61.48 -43.65
CA LYS M 800 -39.70 -60.91 -44.69
C LYS M 800 -39.07 -61.06 -46.07
N LEU M 801 -37.77 -60.82 -46.18
CA LEU M 801 -37.11 -60.76 -47.48
C LEU M 801 -36.39 -62.05 -47.87
N TYR M 802 -36.34 -63.04 -47.00
CA TYR M 802 -35.62 -64.26 -47.37
C TYR M 802 -36.44 -65.53 -47.17
N SER M 803 -37.28 -65.58 -46.13
CA SER M 803 -38.09 -66.78 -45.91
C SER M 803 -39.15 -66.92 -47.00
N LYS M 804 -39.71 -65.80 -47.46
CA LYS M 804 -40.70 -65.85 -48.54
C LYS M 804 -40.08 -66.30 -49.85
N GLU M 805 -38.78 -66.05 -50.04
CA GLU M 805 -38.03 -66.37 -51.26
C GLU M 805 -38.86 -66.13 -52.52
N ASN M 806 -39.46 -64.93 -52.60
CA ASN M 806 -40.27 -64.57 -53.76
C ASN M 806 -39.43 -64.39 -55.02
N ASN M 807 -38.14 -64.10 -54.88
CA ASN M 807 -37.23 -63.88 -56.01
C ASN M 807 -37.75 -62.79 -56.94
N ASN M 808 -38.30 -61.73 -56.34
CA ASN M 808 -38.84 -60.62 -57.11
C ASN M 808 -38.75 -59.36 -56.27
N ASN M 809 -38.77 -58.21 -56.95
CA ASN M 809 -38.72 -56.91 -56.28
C ASN M 809 -40.14 -56.44 -55.93
N ASN M 810 -40.78 -57.20 -55.04
CA ASN M 810 -42.12 -56.90 -54.60
C ASN M 810 -42.31 -56.91 -53.09
N VAL M 811 -41.42 -57.54 -52.33
CA VAL M 811 -41.54 -57.60 -50.87
C VAL M 811 -40.94 -56.31 -50.30
N VAL M 812 -41.82 -55.41 -49.83
CA VAL M 812 -41.41 -54.14 -49.26
C VAL M 812 -42.06 -54.01 -47.89
N VAL M 813 -41.24 -53.73 -46.87
CA VAL M 813 -41.73 -53.54 -45.52
C VAL M 813 -41.91 -52.05 -45.26
N LYS M 814 -42.70 -51.74 -44.25
CA LYS M 814 -43.02 -50.35 -43.89
C LYS M 814 -42.85 -50.13 -42.40
N PHE M 815 -41.73 -50.60 -41.86
CA PHE M 815 -41.44 -50.42 -40.45
C PHE M 815 -41.22 -48.95 -40.13
N GLN M 816 -41.77 -48.51 -39.00
CA GLN M 816 -41.76 -47.11 -38.60
C GLN M 816 -40.60 -46.85 -37.65
N HIS M 817 -40.57 -45.63 -37.08
CA HIS M 817 -39.50 -45.22 -36.18
C HIS M 817 -39.70 -45.72 -34.75
N PHE M 818 -40.84 -46.37 -34.46
CA PHE M 818 -41.07 -46.86 -33.10
C PHE M 818 -40.05 -47.93 -32.73
N LYS M 819 -39.75 -48.85 -33.65
CA LYS M 819 -38.76 -49.89 -33.42
C LYS M 819 -37.39 -49.36 -33.86
N SER M 820 -36.48 -49.21 -32.90
CA SER M 820 -35.15 -48.67 -33.16
C SER M 820 -35.22 -47.30 -33.82
N GLY M 821 -35.15 -47.26 -35.14
CA GLY M 821 -35.22 -45.99 -35.85
C GLY M 821 -35.19 -46.21 -37.34
N LEU M 822 -34.87 -45.14 -38.06
CA LEU M 822 -34.72 -45.16 -39.52
C LEU M 822 -36.02 -45.62 -40.19
N SER M 823 -37.07 -44.83 -39.99
CA SER M 823 -38.36 -45.14 -40.59
C SER M 823 -38.28 -44.99 -42.11
N GLY M 824 -38.77 -46.00 -42.82
CA GLY M 824 -38.73 -45.97 -44.27
C GLY M 824 -39.20 -47.30 -44.84
N ILE M 825 -39.07 -47.40 -46.16
CA ILE M 825 -39.46 -48.60 -46.90
C ILE M 825 -38.20 -49.20 -47.52
N VAL M 826 -38.00 -50.50 -47.31
CA VAL M 826 -36.83 -51.19 -47.81
C VAL M 826 -37.29 -52.20 -48.87
N SER M 827 -36.31 -52.72 -49.62
CA SER M 827 -36.58 -53.67 -50.69
C SER M 827 -35.36 -54.55 -50.88
N LYS M 828 -35.54 -55.60 -51.68
CA LYS M 828 -34.44 -56.53 -51.94
C LYS M 828 -33.32 -55.83 -52.70
N ASP M 829 -32.09 -56.13 -52.32
CA ASP M 829 -30.93 -55.49 -52.93
C ASP M 829 -30.78 -55.92 -54.38
N VAL M 830 -30.39 -54.97 -55.23
CA VAL M 830 -30.13 -55.26 -56.64
C VAL M 830 -28.66 -55.31 -56.98
N GLU M 831 -27.77 -54.96 -56.03
CA GLU M 831 -26.34 -55.01 -56.30
C GLU M 831 -25.87 -56.44 -56.51
N GLY M 832 -26.41 -57.39 -55.74
CA GLY M 832 -26.00 -58.77 -55.86
C GLY M 832 -25.59 -59.39 -54.54
N PHE M 833 -26.01 -58.76 -53.45
CA PHE M 833 -25.69 -59.28 -52.12
C PHE M 833 -26.35 -60.63 -51.89
N GLU M 834 -25.61 -61.55 -51.27
CA GLU M 834 -26.09 -62.90 -51.00
C GLU M 834 -25.74 -63.29 -49.58
N LEU M 835 -26.50 -64.23 -49.03
CA LEU M 835 -26.28 -64.71 -47.68
C LEU M 835 -25.20 -65.79 -47.66
N ASN M 836 -24.49 -65.87 -46.53
CA ASN M 836 -23.43 -66.86 -46.34
C ASN M 836 -22.36 -66.75 -47.42
N GLY M 837 -22.03 -65.51 -47.81
CA GLY M 837 -21.03 -65.24 -48.79
C GLY M 837 -19.82 -64.54 -48.22
N LYS M 838 -19.01 -63.96 -49.10
CA LYS M 838 -17.81 -63.23 -48.72
C LYS M 838 -17.73 -61.95 -49.53
N ILE M 839 -17.07 -60.94 -48.95
CA ILE M 839 -16.87 -59.65 -49.59
C ILE M 839 -15.37 -59.42 -49.74
N VAL M 840 -14.94 -59.12 -50.95
CA VAL M 840 -13.53 -58.90 -51.25
C VAL M 840 -13.17 -57.46 -50.95
N CYS M 841 -11.91 -57.25 -50.59
CA CYS M 841 -11.43 -55.90 -50.30
C CYS M 841 -11.37 -55.09 -51.59
N PRO M 842 -11.94 -53.89 -51.64
CA PRO M 842 -11.95 -53.12 -52.89
C PRO M 842 -10.60 -52.46 -53.19
N ILE M 843 -9.86 -52.10 -52.14
CA ILE M 843 -8.58 -51.44 -52.35
C ILE M 843 -7.42 -52.42 -52.37
N GLN M 844 -7.57 -53.59 -51.72
CA GLN M 844 -6.52 -54.60 -51.65
C GLN M 844 -5.23 -54.02 -51.06
N GLY M 845 -5.38 -53.15 -50.07
CA GLY M 845 -4.24 -52.53 -49.42
C GLY M 845 -4.46 -52.44 -47.93
N GLY M 846 -3.34 -52.50 -47.20
CA GLY M 846 -3.39 -52.46 -45.75
C GLY M 846 -3.68 -53.78 -45.07
N SER M 847 -3.80 -54.87 -45.83
CA SER M 847 -4.09 -56.19 -45.29
C SER M 847 -5.37 -56.19 -44.46
N LEU M 848 -6.41 -55.55 -44.99
CA LEU M 848 -7.69 -55.51 -44.30
C LEU M 848 -8.30 -56.90 -44.25
N PRO M 849 -8.88 -57.30 -43.12
CA PRO M 849 -9.48 -58.65 -43.02
C PRO M 849 -10.63 -58.82 -43.98
N ASN M 850 -10.77 -60.04 -44.50
CA ASN M 850 -11.87 -60.40 -45.39
C ASN M 850 -13.00 -60.97 -44.56
N LEU M 851 -14.12 -60.25 -44.50
CA LEU M 851 -15.25 -60.64 -43.68
C LEU M 851 -16.25 -61.46 -44.49
N SER M 852 -17.31 -61.91 -43.83
CA SER M 852 -18.36 -62.68 -44.45
C SER M 852 -19.68 -61.92 -44.39
N THR M 853 -20.69 -62.47 -45.06
CA THR M 853 -22.01 -61.84 -45.14
C THR M 853 -22.93 -62.26 -44.01
N THR M 854 -22.46 -63.06 -43.06
CA THR M 854 -23.29 -63.51 -41.95
C THR M 854 -23.39 -62.47 -40.83
N LEU M 855 -22.64 -61.38 -40.91
CA LEU M 855 -22.67 -60.35 -39.90
C LEU M 855 -23.32 -59.05 -40.35
N ILE M 856 -23.50 -58.85 -41.66
CA ILE M 856 -24.11 -57.64 -42.20
C ILE M 856 -25.13 -58.03 -43.26
N LEU M 857 -26.04 -57.09 -43.54
CA LEU M 857 -27.07 -57.28 -44.55
C LEU M 857 -27.07 -56.07 -45.47
N LYS M 858 -26.78 -56.30 -46.74
CA LYS M 858 -26.80 -55.24 -47.76
C LYS M 858 -28.13 -55.30 -48.48
N MET M 859 -29.00 -54.32 -48.20
CA MET M 859 -30.33 -54.27 -48.79
C MET M 859 -30.65 -52.84 -49.20
N SER M 860 -31.49 -52.71 -50.23
CA SER M 860 -31.86 -51.40 -50.73
C SER M 860 -32.81 -50.69 -49.77
N TYR M 861 -32.68 -49.37 -49.71
CA TYR M 861 -33.52 -48.53 -48.86
C TYR M 861 -34.16 -47.45 -49.71
N ARG M 862 -35.44 -47.18 -49.45
CA ARG M 862 -36.19 -46.18 -50.19
C ARG M 862 -36.84 -45.19 -49.22
N LEU M 863 -36.84 -43.92 -49.59
CA LEU M 863 -37.45 -42.89 -48.77
C LEU M 863 -38.97 -42.91 -48.92
N ILE M 864 -39.67 -42.83 -47.80
CA ILE M 864 -41.13 -42.81 -47.83
C ILE M 864 -41.61 -41.48 -48.42
N PRO M 865 -42.45 -41.49 -49.44
CA PRO M 865 -42.94 -40.22 -50.00
C PRO M 865 -43.74 -39.44 -48.98
N LEU M 866 -43.61 -38.12 -49.04
CA LEU M 866 -44.30 -37.24 -48.10
C LEU M 866 -45.79 -37.21 -48.43
N PRO M 867 -46.67 -37.55 -47.49
CA PRO M 867 -48.12 -37.47 -47.78
C PRO M 867 -48.58 -36.07 -48.12
N SER M 868 -48.00 -35.04 -47.51
CA SER M 868 -48.38 -33.66 -47.77
C SER M 868 -47.10 -32.81 -47.73
N ARG M 869 -47.29 -31.49 -47.72
CA ARG M 869 -46.17 -30.57 -47.66
C ARG M 869 -45.49 -30.64 -46.30
N ASN M 870 -44.17 -30.42 -46.30
CA ASN M 870 -43.37 -30.45 -45.08
C ASN M 870 -43.64 -29.18 -44.29
N LYS M 871 -44.73 -29.21 -43.53
CA LYS M 871 -45.12 -28.06 -42.73
C LYS M 871 -44.10 -27.82 -41.61
N SER M 872 -43.73 -26.55 -41.43
CA SER M 872 -42.75 -26.16 -40.41
C SER M 872 -43.48 -25.93 -39.09
N ILE M 873 -43.84 -27.03 -38.44
CA ILE M 873 -44.54 -27.00 -37.15
C ILE M 873 -43.79 -27.90 -36.19
N ILE M 874 -43.53 -27.39 -34.98
CA ILE M 874 -42.84 -28.18 -33.96
C ILE M 874 -43.71 -29.36 -33.57
N LEU M 875 -43.12 -30.55 -33.56
CA LEU M 875 -43.86 -31.76 -33.22
C LEU M 875 -44.29 -31.74 -31.76
N ASN M 876 -45.45 -32.33 -31.51
CA ASN M 876 -46.00 -32.39 -30.16
C ASN M 876 -45.11 -33.23 -29.25
N GLY M 877 -45.04 -32.84 -27.99
CA GLY M 877 -44.22 -33.52 -27.02
C GLY M 877 -42.76 -33.12 -27.01
N PHE M 878 -42.38 -32.10 -27.78
CA PHE M 878 -41.00 -31.64 -27.81
C PHE M 878 -40.63 -30.97 -26.49
N ILE M 879 -39.50 -31.34 -25.93
CA ILE M 879 -39.02 -30.79 -24.67
C ILE M 879 -38.18 -29.56 -24.99
N PRO M 880 -38.58 -28.36 -24.54
CA PRO M 880 -37.81 -27.16 -24.86
C PRO M 880 -36.41 -27.22 -24.25
N SER M 881 -35.45 -26.63 -24.97
CA SER M 881 -34.09 -26.59 -24.49
C SER M 881 -33.96 -25.61 -23.33
N GLU M 882 -33.17 -25.98 -22.33
CA GLU M 882 -32.97 -25.10 -21.18
C GLU M 882 -32.14 -23.89 -21.61
N PRO M 883 -32.44 -22.70 -21.13
CA PRO M 883 -31.64 -21.53 -21.51
C PRO M 883 -30.26 -21.54 -20.87
N VAL M 884 -29.22 -21.67 -21.71
CA VAL M 884 -27.84 -21.55 -21.23
C VAL M 884 -27.47 -20.09 -21.23
N LEU M 885 -28.43 -19.23 -21.53
CA LEU M 885 -28.21 -17.81 -21.76
C LEU M 885 -28.93 -16.97 -20.71
N THR M 886 -28.23 -15.96 -20.20
CA THR M 886 -28.81 -15.02 -19.25
C THR M 886 -29.59 -13.93 -19.98
N ALA M 887 -30.50 -13.28 -19.24
CA ALA M 887 -31.32 -12.23 -19.84
C ALA M 887 -30.53 -10.98 -20.17
N TYR M 888 -29.35 -10.81 -19.55
CA TYR M 888 -28.56 -9.60 -19.80
C TYR M 888 -28.15 -9.49 -21.27
N ASP M 889 -27.60 -10.58 -21.82
CA ASP M 889 -27.20 -10.54 -23.22
C ASP M 889 -28.42 -10.51 -24.13
N LEU M 890 -29.54 -11.09 -23.67
CA LEU M 890 -30.79 -10.96 -24.41
C LEU M 890 -31.15 -9.49 -24.62
N ASP M 891 -31.18 -8.72 -23.53
CA ASP M 891 -31.52 -7.30 -23.67
C ASP M 891 -30.40 -6.53 -24.36
N SER M 892 -29.16 -7.02 -24.27
CA SER M 892 -28.05 -6.38 -24.97
C SER M 892 -28.26 -6.44 -26.49
N ILE M 893 -28.63 -7.61 -27.00
CA ILE M 893 -28.93 -7.73 -28.43
C ILE M 893 -30.22 -6.98 -28.77
N MET M 894 -31.22 -7.03 -27.88
CA MET M 894 -32.49 -6.39 -28.17
C MET M 894 -32.34 -4.87 -28.31
N TYR M 895 -31.56 -4.24 -27.43
CA TYR M 895 -31.42 -2.80 -27.41
C TYR M 895 -30.26 -2.30 -28.26
N LYS M 896 -29.57 -3.18 -28.98
CA LYS M 896 -28.39 -2.82 -29.76
C LYS M 896 -27.35 -2.15 -28.85
N TYR M 897 -26.94 -2.91 -27.83
CA TYR M 897 -25.92 -2.43 -26.90
C TYR M 897 -24.54 -2.51 -27.52
N ASN M 898 -24.27 -3.58 -28.28
CA ASN M 898 -23.01 -3.80 -28.98
C ASN M 898 -21.83 -3.96 -28.02
N ASN M 899 -20.68 -4.35 -28.54
CA ASN M 899 -19.47 -4.47 -27.75
C ASN M 899 -18.71 -3.15 -27.64
N GLN M 900 -19.17 -2.10 -28.32
CA GLN M 900 -18.54 -0.79 -28.18
C GLN M 900 -18.68 -0.26 -26.75
N ASN M 901 -19.87 -0.42 -26.17
CA ASN M 901 -20.05 -0.02 -24.78
C ASN M 901 -19.19 -0.86 -23.84
N TYR M 902 -19.10 -2.17 -24.10
CA TYR M 902 -18.28 -3.07 -23.31
C TYR M 902 -16.82 -2.84 -23.67
N SER M 903 -16.22 -1.85 -23.01
CA SER M 903 -14.82 -1.50 -23.27
C SER M 903 -13.85 -2.59 -22.86
N ARG M 904 -14.28 -3.56 -22.06
CA ARG M 904 -13.40 -4.66 -21.68
C ARG M 904 -13.07 -5.52 -22.91
N ARG M 905 -11.85 -6.04 -22.92
CA ARG M 905 -11.38 -6.86 -24.03
C ARG M 905 -12.17 -8.17 -24.06
N TRP M 906 -13.03 -8.32 -25.05
CA TRP M 906 -13.86 -9.51 -25.21
C TRP M 906 -13.03 -10.57 -25.91
N ASN M 907 -12.19 -11.26 -25.14
CA ASN M 907 -11.34 -12.31 -25.69
C ASN M 907 -12.19 -13.51 -26.07
N PHE M 908 -12.39 -13.71 -27.38
CA PHE M 908 -13.16 -14.87 -27.83
C PHE M 908 -12.47 -16.18 -27.49
N GLY M 909 -11.14 -16.17 -27.39
CA GLY M 909 -10.43 -17.36 -26.92
C GLY M 909 -10.84 -17.75 -25.52
N ASN M 910 -10.92 -16.77 -24.61
CA ASN M 910 -11.46 -17.04 -23.28
C ASN M 910 -12.94 -17.37 -23.33
N ASP M 911 -13.64 -16.92 -24.37
CA ASP M 911 -15.04 -17.29 -24.53
C ASP M 911 -15.20 -18.74 -24.98
N LEU M 912 -14.09 -19.39 -25.38
CA LEU M 912 -14.17 -20.77 -25.81
C LEU M 912 -13.95 -21.74 -24.63
N LYS M 913 -13.46 -21.23 -23.50
CA LYS M 913 -13.21 -22.10 -22.36
C LYS M 913 -14.48 -22.43 -21.58
N GLN M 914 -15.20 -21.41 -21.12
CA GLN M 914 -16.30 -21.60 -20.18
C GLN M 914 -17.64 -21.72 -20.92
N ASN M 915 -17.74 -22.76 -21.74
CA ASN M 915 -18.99 -23.07 -22.42
C ASN M 915 -19.11 -24.57 -22.58
N ILE M 916 -20.25 -25.12 -22.15
CA ILE M 916 -20.50 -26.55 -22.22
C ILE M 916 -21.66 -26.81 -23.18
N VAL M 917 -22.68 -25.95 -23.11
CA VAL M 917 -23.88 -26.05 -23.94
C VAL M 917 -24.47 -27.46 -23.81
N PRO M 918 -25.11 -27.78 -22.69
CA PRO M 918 -25.73 -29.11 -22.55
C PRO M 918 -26.75 -29.37 -23.65
N VAL M 919 -26.70 -30.57 -24.21
CA VAL M 919 -27.59 -30.98 -25.29
C VAL M 919 -28.27 -32.28 -24.87
N GLY M 920 -29.60 -32.33 -25.01
CA GLY M 920 -30.37 -33.46 -24.58
C GLY M 920 -31.56 -33.02 -23.74
N PRO M 921 -32.74 -33.58 -24.01
CA PRO M 921 -33.97 -33.08 -23.38
C PRO M 921 -33.90 -33.01 -21.86
N LYS M 922 -34.44 -31.93 -21.29
CA LYS M 922 -34.36 -31.65 -19.85
C LYS M 922 -35.78 -31.56 -19.30
N GLY M 923 -36.23 -32.64 -18.68
CA GLY M 923 -37.52 -32.64 -18.00
C GLY M 923 -38.62 -33.40 -18.72
N ILE M 924 -39.45 -34.10 -17.95
CA ILE M 924 -40.59 -34.80 -18.54
C ILE M 924 -41.60 -33.81 -19.09
N THR M 925 -41.90 -32.75 -18.34
CA THR M 925 -42.87 -31.77 -18.78
C THR M 925 -42.33 -31.00 -20.00
N GLN M 926 -43.19 -30.82 -20.99
CA GLN M 926 -42.82 -30.12 -22.22
C GLN M 926 -43.16 -28.64 -22.18
N TYR M 927 -43.68 -28.14 -21.06
CA TYR M 927 -44.04 -26.73 -20.91
C TYR M 927 -43.27 -26.13 -19.75
N LYS M 928 -42.60 -25.01 -20.01
CA LYS M 928 -41.87 -24.31 -18.96
C LYS M 928 -42.86 -23.68 -17.98
N PRO M 929 -42.45 -23.48 -16.73
CA PRO M 929 -43.37 -22.88 -15.74
C PRO M 929 -43.80 -21.48 -16.16
N ARG M 930 -45.11 -21.27 -16.19
CA ARG M 930 -45.73 -19.99 -16.53
C ARG M 930 -46.78 -19.63 -15.49
N THR M 931 -46.40 -19.71 -14.22
CA THR M 931 -47.30 -19.50 -13.09
C THR M 931 -48.46 -20.49 -13.11
N GLY M 932 -49.55 -20.17 -12.42
CA GLY M 932 -50.66 -21.10 -12.31
C GLY M 932 -50.90 -21.54 -10.88
N GLY M 933 -50.63 -22.81 -10.58
CA GLY M 933 -50.84 -23.30 -9.24
C GLY M 933 -50.20 -24.66 -9.06
N TYR M 934 -50.33 -25.18 -7.84
CA TYR M 934 -49.81 -26.49 -7.46
C TYR M 934 -48.30 -26.57 -7.69
N ARG M 935 -47.90 -27.20 -8.79
CA ARG M 935 -46.47 -27.33 -9.10
C ARG M 935 -45.83 -25.96 -9.33
N ALA M 936 -46.53 -25.07 -10.01
CA ALA M 936 -46.01 -23.72 -10.22
C ALA M 936 -45.83 -22.98 -8.90
N PHE M 937 -46.81 -23.10 -7.99
CA PHE M 937 -46.69 -22.47 -6.68
C PHE M 937 -45.53 -23.05 -5.90
N PHE M 938 -45.35 -24.37 -5.95
CA PHE M 938 -44.23 -25.00 -5.25
C PHE M 938 -42.90 -24.52 -5.81
N TYR M 939 -42.80 -24.42 -7.15
CA TYR M 939 -41.57 -23.93 -7.78
C TYR M 939 -41.29 -22.49 -7.37
N PHE M 940 -42.33 -21.65 -7.35
CA PHE M 940 -42.14 -20.26 -6.94
C PHE M 940 -41.69 -20.17 -5.48
N ALA M 941 -42.28 -20.99 -4.61
CA ALA M 941 -41.88 -21.00 -3.20
C ALA M 941 -40.44 -21.46 -3.04
N GLU M 942 -40.04 -22.48 -3.80
CA GLU M 942 -38.65 -22.94 -3.75
C GLU M 942 -37.69 -21.87 -4.25
N LEU M 943 -38.07 -21.16 -5.31
CA LEU M 943 -37.22 -20.09 -5.83
C LEU M 943 -37.10 -18.96 -4.81
N SER M 944 -38.20 -18.60 -4.16
CA SER M 944 -38.18 -17.54 -3.16
C SER M 944 -37.54 -18.02 -1.87
N LYS O 19 -55.38 -55.95 -11.99
CA LYS O 19 -54.59 -56.51 -13.08
C LYS O 19 -54.34 -55.47 -14.16
N GLN O 20 -53.53 -55.83 -15.15
CA GLN O 20 -53.22 -54.92 -16.25
C GLN O 20 -54.43 -54.79 -17.16
N PRO O 21 -54.93 -53.58 -17.42
CA PRO O 21 -56.07 -53.43 -18.33
C PRO O 21 -55.74 -53.92 -19.73
N LYS O 22 -56.73 -54.54 -20.38
CA LYS O 22 -56.57 -55.07 -21.72
C LYS O 22 -57.68 -54.51 -22.61
N GLU O 23 -57.29 -54.01 -23.78
CA GLU O 23 -58.26 -53.46 -24.71
C GLU O 23 -59.11 -54.56 -25.32
N ILE O 24 -60.42 -54.31 -25.42
CA ILE O 24 -61.35 -55.24 -26.03
C ILE O 24 -61.81 -54.76 -27.40
N GLY O 25 -62.07 -53.47 -27.54
CA GLY O 25 -62.51 -52.92 -28.80
C GLY O 25 -62.68 -51.42 -28.70
N PHE O 26 -63.06 -50.83 -29.82
CA PHE O 26 -63.28 -49.38 -29.92
C PHE O 26 -64.62 -49.11 -30.58
N TYR O 27 -65.37 -48.17 -29.99
CA TYR O 27 -66.73 -47.87 -30.42
C TYR O 27 -66.90 -46.36 -30.55
N SER O 28 -67.70 -45.95 -31.53
CA SER O 28 -67.93 -44.54 -31.81
C SER O 28 -69.41 -44.23 -31.67
N ARG O 29 -69.72 -43.13 -30.98
CA ARG O 29 -71.09 -42.67 -30.77
C ARG O 29 -71.16 -41.23 -31.25
N THR O 30 -71.49 -41.03 -32.53
CA THR O 30 -71.59 -39.71 -33.12
C THR O 30 -72.95 -39.11 -32.80
N LYS O 31 -73.27 -37.98 -33.44
CA LYS O 31 -74.54 -37.33 -33.23
C LYS O 31 -75.67 -38.11 -33.91
N ASP O 32 -76.90 -37.73 -33.58
CA ASP O 32 -78.13 -38.32 -34.10
C ASP O 32 -78.30 -39.78 -33.70
N GLU O 33 -77.51 -40.27 -32.75
CA GLU O 33 -77.63 -41.62 -32.21
C GLU O 33 -77.51 -42.67 -33.32
N GLU O 34 -76.34 -42.69 -33.96
CA GLU O 34 -76.07 -43.66 -35.02
C GLU O 34 -75.29 -44.87 -34.55
N TYR O 35 -74.57 -44.76 -33.44
CA TYR O 35 -73.84 -45.85 -32.80
C TYR O 35 -73.10 -46.73 -33.81
N LEU O 36 -72.17 -46.09 -34.53
CA LEU O 36 -71.33 -46.81 -35.47
C LEU O 36 -70.30 -47.65 -34.72
N ILE O 37 -69.92 -48.77 -35.32
CA ILE O 37 -69.01 -49.73 -34.70
C ILE O 37 -67.74 -49.85 -35.54
N SER O 38 -66.60 -49.93 -34.87
CA SER O 38 -65.31 -50.26 -35.48
C SER O 38 -64.89 -49.24 -36.53
N ASP O 39 -64.69 -48.00 -36.07
CA ASP O 39 -64.03 -46.98 -36.87
C ASP O 39 -63.46 -45.92 -35.95
N ASP O 40 -62.51 -45.14 -36.48
CA ASP O 40 -61.83 -44.10 -35.72
C ASP O 40 -62.22 -42.70 -36.20
N THR O 41 -63.48 -42.52 -36.62
CA THR O 41 -63.93 -41.23 -37.10
C THR O 41 -64.15 -40.22 -35.97
N ASN O 42 -64.23 -40.68 -34.73
CA ASN O 42 -64.47 -39.82 -33.58
C ASN O 42 -63.25 -39.70 -32.67
N LEU O 43 -62.06 -39.75 -33.26
CA LEU O 43 -60.81 -39.66 -32.52
C LEU O 43 -60.18 -38.29 -32.70
N ASN O 44 -59.50 -37.81 -31.66
CA ASN O 44 -58.85 -36.51 -31.68
C ASN O 44 -57.39 -36.67 -31.23
N TYR O 45 -56.57 -35.73 -31.67
CA TYR O 45 -55.14 -35.73 -31.37
C TYR O 45 -54.74 -34.42 -30.70
N TYR O 46 -53.95 -34.54 -29.63
CA TYR O 46 -53.52 -33.36 -28.90
C TYR O 46 -52.45 -32.60 -29.67
N TYR O 47 -52.58 -31.27 -29.67
CA TYR O 47 -51.60 -30.41 -30.33
C TYR O 47 -51.69 -29.02 -29.71
N LEU O 48 -50.67 -28.65 -28.93
CA LEU O 48 -50.65 -27.35 -28.26
C LEU O 48 -49.21 -26.91 -28.10
N PRO O 49 -48.70 -26.11 -29.04
CA PRO O 49 -47.33 -25.60 -28.92
C PRO O 49 -47.21 -24.61 -27.77
N ASP O 50 -45.98 -24.49 -27.26
CA ASP O 50 -45.71 -23.56 -26.17
C ASP O 50 -45.98 -22.11 -26.58
N ALA O 51 -45.88 -21.81 -27.88
CA ALA O 51 -46.20 -20.46 -28.35
C ALA O 51 -47.66 -20.12 -28.10
N GLU O 52 -48.56 -21.08 -28.31
CA GLU O 52 -49.97 -20.85 -28.02
C GLU O 52 -50.20 -20.60 -26.53
N LEU O 53 -49.49 -21.34 -25.67
CA LEU O 53 -49.60 -21.11 -24.24
C LEU O 53 -49.10 -19.72 -23.85
N ASP O 54 -47.99 -19.29 -24.47
CA ASP O 54 -47.49 -17.95 -24.21
C ASP O 54 -48.48 -16.89 -24.68
N ARG O 55 -49.12 -17.12 -25.81
CA ARG O 55 -50.11 -16.18 -26.33
C ARG O 55 -51.32 -16.10 -25.40
N LYS O 56 -51.95 -14.92 -25.37
CA LYS O 56 -53.11 -14.68 -24.52
C LYS O 56 -54.37 -15.16 -25.24
N LEU O 57 -54.51 -16.49 -25.30
CA LEU O 57 -55.66 -17.09 -25.95
C LEU O 57 -56.94 -16.83 -25.16
N ASP O 58 -58.04 -16.63 -25.87
CA ASP O 58 -59.34 -16.38 -25.27
C ASP O 58 -60.20 -17.63 -25.40
N LEU O 59 -60.76 -18.09 -24.27
CA LEU O 59 -61.56 -19.31 -24.23
C LEU O 59 -63.03 -19.02 -23.97
N SER O 60 -63.50 -17.83 -24.35
CA SER O 60 -64.90 -17.47 -24.12
C SER O 60 -65.57 -16.80 -25.31
N SER O 61 -64.88 -16.67 -26.45
CA SER O 61 -65.48 -16.04 -27.62
C SER O 61 -66.49 -16.98 -28.28
N GLY O 62 -67.50 -16.39 -28.90
CA GLY O 62 -68.52 -17.15 -29.59
C GLY O 62 -69.36 -18.03 -28.69
N PHE O 63 -69.83 -17.46 -27.57
CA PHE O 63 -70.65 -18.23 -26.64
C PHE O 63 -71.97 -18.65 -27.27
N GLN O 64 -72.46 -17.90 -28.25
CA GLN O 64 -73.72 -18.21 -28.92
C GLN O 64 -73.59 -19.28 -29.98
N LYS O 65 -72.37 -19.75 -30.27
CA LYS O 65 -72.14 -20.75 -31.29
C LYS O 65 -72.23 -22.18 -30.75
N PHE O 66 -72.60 -22.35 -29.48
CA PHE O 66 -72.68 -23.68 -28.89
C PHE O 66 -73.73 -24.53 -29.60
N LYS O 67 -73.35 -25.76 -29.95
CA LYS O 67 -74.25 -26.73 -30.53
C LYS O 67 -74.23 -27.97 -29.64
N ASP O 68 -75.38 -28.28 -29.03
CA ASP O 68 -75.47 -29.36 -28.06
C ASP O 68 -76.20 -30.56 -28.66
N TYR O 69 -75.59 -31.74 -28.54
CA TYR O 69 -76.19 -32.98 -28.96
C TYR O 69 -76.24 -33.98 -27.80
N TYR O 70 -76.31 -33.46 -26.58
CA TYR O 70 -76.32 -34.27 -25.37
C TYR O 70 -77.76 -34.61 -24.99
N LYS O 71 -77.97 -35.05 -23.74
CA LYS O 71 -79.26 -35.51 -23.23
C LYS O 71 -80.43 -34.61 -23.63
N ASP O 72 -80.17 -33.32 -23.83
CA ASP O 72 -81.23 -32.42 -24.26
C ASP O 72 -81.76 -32.81 -25.64
N PHE O 73 -80.87 -33.18 -26.55
CA PHE O 73 -81.30 -33.59 -27.89
C PHE O 73 -82.03 -34.93 -27.84
N GLU O 74 -81.44 -35.92 -27.15
CA GLU O 74 -82.04 -37.24 -27.04
C GLU O 74 -81.47 -37.92 -25.81
N ASP O 75 -82.18 -38.92 -25.32
CA ASP O 75 -81.79 -39.61 -24.08
C ASP O 75 -80.55 -40.46 -24.35
N ARG O 76 -79.38 -39.89 -24.04
CA ARG O 76 -78.12 -40.62 -24.20
C ARG O 76 -77.90 -41.64 -23.10
N CYS O 77 -78.74 -41.66 -22.06
CA CYS O 77 -78.58 -42.59 -20.96
C CYS O 77 -78.98 -44.00 -21.38
N SER O 78 -78.15 -44.64 -22.20
CA SER O 78 -78.44 -45.98 -22.68
C SER O 78 -77.13 -46.69 -22.98
N LEU O 79 -77.19 -48.01 -23.04
CA LEU O 79 -76.02 -48.85 -23.31
C LEU O 79 -76.19 -49.65 -24.61
N ARG O 80 -77.03 -49.14 -25.52
CA ARG O 80 -77.25 -49.84 -26.78
C ARG O 80 -75.96 -49.93 -27.60
N GLY O 81 -75.20 -48.84 -27.66
CA GLY O 81 -73.94 -48.88 -28.38
C GLY O 81 -72.93 -49.82 -27.74
N LEU O 82 -72.85 -49.82 -26.41
CA LEU O 82 -71.97 -50.74 -25.72
C LEU O 82 -72.39 -52.19 -25.96
N LEU O 83 -73.70 -52.46 -25.92
CA LEU O 83 -74.18 -53.80 -26.20
C LEU O 83 -73.82 -54.22 -27.62
N GLU O 84 -74.00 -53.33 -28.59
CA GLU O 84 -73.68 -53.65 -29.97
C GLU O 84 -72.19 -53.92 -30.14
N THR O 85 -71.33 -53.10 -29.52
CA THR O 85 -69.89 -53.30 -29.71
C THR O 85 -69.40 -54.56 -29.00
N ILE O 86 -69.95 -54.87 -27.82
CA ILE O 86 -69.54 -56.12 -27.17
C ILE O 86 -70.06 -57.32 -27.93
N GLU O 87 -71.26 -57.22 -28.52
CA GLU O 87 -71.75 -58.31 -29.35
C GLU O 87 -70.86 -58.52 -30.57
N SER O 88 -70.43 -57.42 -31.19
CA SER O 88 -69.52 -57.54 -32.34
C SER O 88 -68.20 -58.15 -31.93
N SER O 89 -67.65 -57.73 -30.79
CA SER O 89 -66.39 -58.30 -30.32
C SER O 89 -66.54 -59.79 -30.02
N GLU O 90 -67.65 -60.19 -29.40
CA GLU O 90 -67.88 -61.61 -29.13
C GLU O 90 -68.05 -62.40 -30.42
N ARG O 91 -68.73 -61.84 -31.41
CA ARG O 91 -68.85 -62.49 -32.70
C ARG O 91 -67.48 -62.68 -33.35
N HIS O 92 -66.62 -61.66 -33.27
CA HIS O 92 -65.29 -61.76 -33.85
C HIS O 92 -64.43 -62.79 -33.12
N LYS O 93 -64.55 -62.85 -31.80
CA LYS O 93 -63.70 -63.73 -30.99
C LYS O 93 -64.37 -65.05 -30.65
N GLY O 94 -65.54 -65.00 -30.00
CA GLY O 94 -66.25 -66.20 -29.59
C GLY O 94 -66.29 -66.33 -28.08
N LYS O 95 -66.98 -67.38 -27.64
CA LYS O 95 -67.14 -67.73 -26.23
C LYS O 95 -67.81 -66.57 -25.49
N LYS O 96 -67.60 -66.47 -24.19
CA LYS O 96 -68.19 -65.44 -23.35
C LYS O 96 -67.12 -64.76 -22.52
N ILE O 97 -67.21 -63.45 -22.40
CA ILE O 97 -66.25 -62.69 -21.60
C ILE O 97 -66.41 -63.07 -20.13
N ASN O 98 -65.28 -63.31 -19.46
CA ASN O 98 -65.32 -63.74 -18.07
C ASN O 98 -65.75 -62.64 -17.11
N ALA O 99 -65.70 -61.38 -17.54
CA ALA O 99 -66.09 -60.27 -16.68
C ALA O 99 -67.59 -60.32 -16.39
N ASP O 100 -67.98 -59.80 -15.22
CA ASP O 100 -69.35 -59.91 -14.76
C ASP O 100 -70.04 -58.57 -14.53
N ILE O 101 -69.34 -57.45 -14.59
CA ILE O 101 -69.93 -56.14 -14.35
C ILE O 101 -69.58 -55.22 -15.51
N ILE O 102 -70.61 -54.60 -16.10
CA ILE O 102 -70.44 -53.59 -17.14
C ILE O 102 -70.84 -52.24 -16.55
N THR O 103 -69.98 -51.24 -16.74
CA THR O 103 -70.24 -49.91 -16.22
C THR O 103 -69.52 -48.90 -17.10
N PHE O 104 -70.14 -47.74 -17.29
CA PHE O 104 -69.50 -46.65 -18.00
C PHE O 104 -68.36 -46.07 -17.16
N ARG O 105 -67.37 -45.50 -17.85
CA ARG O 105 -66.21 -44.96 -17.16
C ARG O 105 -66.60 -43.80 -16.25
N GLY O 106 -67.45 -42.90 -16.73
CA GLY O 106 -67.90 -41.80 -15.90
C GLY O 106 -68.79 -42.26 -14.75
N ILE O 107 -69.66 -43.23 -15.01
CA ILE O 107 -70.59 -43.71 -13.98
C ILE O 107 -69.84 -44.36 -12.83
N ALA O 108 -68.83 -45.19 -13.15
CA ALA O 108 -68.10 -45.90 -12.10
C ALA O 108 -67.36 -44.94 -11.18
N ARG O 109 -66.93 -43.78 -11.71
CA ARG O 109 -66.27 -42.79 -10.86
C ARG O 109 -67.23 -42.24 -9.82
N LYS O 110 -68.48 -41.98 -10.21
CA LYS O 110 -69.45 -41.45 -9.27
C LYS O 110 -69.86 -42.47 -8.22
N LEU O 111 -69.76 -43.76 -8.55
CA LEU O 111 -70.14 -44.81 -7.60
C LEU O 111 -69.24 -44.79 -6.36
N ILE O 112 -67.94 -44.61 -6.55
CA ILE O 112 -67.00 -44.60 -5.44
C ILE O 112 -66.73 -43.21 -4.89
N SER O 113 -67.14 -42.16 -5.62
CA SER O 113 -66.90 -40.79 -5.14
C SER O 113 -67.74 -40.43 -3.93
N CYS O 114 -68.79 -41.20 -3.64
CA CYS O 114 -69.67 -40.90 -2.51
C CYS O 114 -69.00 -41.13 -1.17
N ALA O 115 -67.83 -41.76 -1.13
CA ALA O 115 -67.15 -42.00 0.14
C ALA O 115 -66.75 -40.68 0.81
N PHE O 116 -66.25 -39.73 0.02
CA PHE O 116 -65.83 -38.43 0.54
C PHE O 116 -66.68 -37.29 0.04
N ASP O 117 -67.78 -37.58 -0.65
CA ASP O 117 -68.69 -36.57 -1.17
C ASP O 117 -70.09 -36.81 -0.61
N SER O 118 -70.79 -35.73 -0.30
CA SER O 118 -72.14 -35.85 0.23
C SER O 118 -73.08 -36.40 -0.85
N PRO O 119 -74.14 -37.11 -0.44
CA PRO O 119 -75.09 -37.63 -1.43
C PRO O 119 -75.74 -36.55 -2.27
N SER O 120 -75.95 -35.36 -1.72
CA SER O 120 -76.53 -34.27 -2.49
C SER O 120 -75.62 -33.87 -3.65
N PHE O 121 -74.31 -33.78 -3.40
CA PHE O 121 -73.38 -33.42 -4.46
C PHE O 121 -73.31 -34.50 -5.53
N ASN O 122 -73.30 -35.76 -5.11
CA ASN O 122 -73.17 -36.91 -6.02
C ASN O 122 -74.40 -37.80 -5.85
N THR O 123 -75.41 -37.58 -6.69
CA THR O 123 -76.61 -38.38 -6.70
C THR O 123 -76.59 -39.27 -7.94
N VAL O 124 -76.61 -40.58 -7.73
CA VAL O 124 -76.51 -41.57 -8.80
C VAL O 124 -77.73 -42.47 -8.74
N ASP O 125 -78.40 -42.63 -9.87
CA ASP O 125 -79.53 -43.54 -10.00
C ASP O 125 -79.21 -44.56 -11.08
N LEU O 126 -79.19 -45.84 -10.70
CA LEU O 126 -78.79 -46.91 -11.62
C LEU O 126 -79.69 -48.12 -11.42
N ARG O 127 -79.77 -48.93 -12.47
CA ARG O 127 -80.51 -50.19 -12.44
C ARG O 127 -79.60 -51.32 -12.89
N ILE O 128 -79.73 -52.47 -12.25
CA ILE O 128 -78.90 -53.64 -12.55
C ILE O 128 -79.76 -54.72 -13.18
N VAL O 129 -79.11 -55.58 -13.96
CA VAL O 129 -79.77 -56.69 -14.64
C VAL O 129 -78.91 -57.93 -14.46
N SER O 130 -79.54 -59.03 -14.05
CA SER O 130 -78.84 -60.30 -13.82
C SER O 130 -79.33 -61.39 -14.76
N PHE O 131 -79.69 -61.01 -15.99
CA PHE O 131 -80.17 -62.01 -16.96
C PHE O 131 -79.04 -62.93 -17.42
N ASN O 132 -77.81 -62.45 -17.39
CA ASN O 132 -76.65 -63.21 -17.85
C ASN O 132 -75.88 -63.85 -16.71
N GLY O 133 -76.45 -63.90 -15.51
CA GLY O 133 -75.69 -64.29 -14.34
C GLY O 133 -74.57 -63.32 -14.04
N GLN O 134 -74.79 -62.04 -14.31
CA GLN O 134 -73.76 -61.01 -14.20
C GLN O 134 -74.44 -59.72 -13.76
N LEU O 135 -73.72 -58.60 -13.89
CA LEU O 135 -74.23 -57.29 -13.53
C LEU O 135 -74.29 -56.41 -14.76
N PHE O 136 -75.43 -55.76 -14.98
CA PHE O 136 -75.63 -54.87 -16.13
C PHE O 136 -76.14 -53.54 -15.62
N ILE O 137 -75.25 -52.57 -15.47
CA ILE O 137 -75.61 -51.25 -14.95
C ILE O 137 -76.25 -50.44 -16.07
N LYS O 138 -77.42 -49.87 -15.79
CA LYS O 138 -78.15 -49.04 -16.74
C LYS O 138 -78.18 -47.60 -16.23
N GLU O 139 -77.84 -46.66 -17.10
CA GLU O 139 -77.81 -45.26 -16.72
C GLU O 139 -79.24 -44.71 -16.62
N VAL O 140 -79.53 -44.06 -15.49
CA VAL O 140 -80.84 -43.45 -15.27
C VAL O 140 -80.64 -41.99 -14.88
N PRO O 141 -81.30 -41.05 -15.57
CA PRO O 141 -81.19 -39.61 -15.27
C PRO O 141 -81.68 -39.26 -13.87
N GLN O 161 -71.32 -22.72 -14.50
CA GLN O 161 -72.47 -23.41 -15.08
C GLN O 161 -72.34 -23.52 -16.59
N ASP O 162 -73.24 -22.84 -17.31
CA ASP O 162 -73.19 -22.86 -18.78
C ASP O 162 -71.90 -22.24 -19.29
N LEU O 163 -71.48 -21.13 -18.68
CA LEU O 163 -70.23 -20.49 -19.08
C LEU O 163 -69.03 -21.40 -18.82
N ASN O 164 -69.02 -22.08 -17.67
CA ASN O 164 -67.93 -23.01 -17.38
C ASN O 164 -67.90 -24.17 -18.36
N VAL O 165 -69.07 -24.71 -18.70
CA VAL O 165 -69.14 -25.80 -19.68
C VAL O 165 -68.64 -25.32 -21.03
N PHE O 166 -69.03 -24.11 -21.44
CA PHE O 166 -68.58 -23.57 -22.72
C PHE O 166 -67.07 -23.37 -22.72
N THR O 167 -66.51 -22.87 -21.62
CA THR O 167 -65.06 -22.68 -21.55
C THR O 167 -64.33 -24.02 -21.62
N GLY O 168 -64.85 -25.04 -20.94
CA GLY O 168 -64.25 -26.36 -21.02
C GLY O 168 -64.30 -26.93 -22.42
N TYR O 169 -65.43 -26.78 -23.09
CA TYR O 169 -65.55 -27.26 -24.47
C TYR O 169 -64.62 -26.50 -25.40
N LYS O 170 -64.47 -25.19 -25.18
CA LYS O 170 -63.54 -24.40 -25.99
C LYS O 170 -62.11 -24.86 -25.78
N PHE O 171 -61.72 -25.10 -24.53
CA PHE O 171 -60.38 -25.59 -24.25
C PHE O 171 -60.15 -26.95 -24.91
N GLU O 172 -61.16 -27.81 -24.87
CA GLU O 172 -61.06 -29.10 -25.56
C GLU O 172 -60.89 -28.92 -27.06
N THR O 173 -61.63 -27.97 -27.66
CA THR O 173 -61.57 -27.78 -29.10
C THR O 173 -60.20 -27.28 -29.53
N LEU O 174 -59.68 -26.24 -28.87
CA LEU O 174 -58.33 -25.81 -29.21
C LEU O 174 -57.23 -26.72 -28.68
N ALA O 175 -57.57 -27.72 -27.87
CA ALA O 175 -56.60 -28.70 -27.41
C ALA O 175 -56.65 -30.00 -28.18
N THR O 176 -57.44 -30.08 -29.26
CA THR O 176 -57.60 -31.32 -30.01
C THR O 176 -57.57 -31.02 -31.49
N LEU O 177 -57.24 -32.05 -32.27
CA LEU O 177 -57.21 -31.98 -33.72
C LEU O 177 -57.92 -33.20 -34.29
N SER O 178 -58.66 -32.98 -35.39
CA SER O 178 -59.46 -34.05 -36.00
C SER O 178 -58.58 -35.19 -36.49
N ASN O 179 -57.72 -34.90 -37.47
CA ASN O 179 -56.82 -35.90 -38.03
C ASN O 179 -55.42 -35.67 -37.49
N PRO O 180 -54.51 -36.64 -37.67
CA PRO O 180 -53.13 -36.44 -37.19
C PRO O 180 -52.47 -35.22 -37.82
N LEU O 181 -51.59 -34.59 -37.03
CA LEU O 181 -51.03 -33.30 -37.42
C LEU O 181 -50.20 -33.41 -38.70
N GLN O 182 -49.42 -34.49 -38.83
CA GLN O 182 -48.56 -34.67 -40.00
C GLN O 182 -49.37 -34.67 -41.29
N TYR O 183 -50.59 -35.17 -41.24
CA TYR O 183 -51.49 -35.17 -42.38
C TYR O 183 -52.48 -34.01 -42.34
N THR O 184 -52.29 -33.07 -41.41
CA THR O 184 -53.21 -31.94 -41.27
C THR O 184 -52.64 -30.73 -42.00
N PRO O 185 -53.35 -30.17 -42.97
CA PRO O 185 -52.87 -28.96 -43.65
C PRO O 185 -52.81 -27.77 -42.69
N ARG O 186 -51.94 -26.82 -43.03
CA ARG O 186 -51.76 -25.63 -42.19
C ARG O 186 -53.05 -24.81 -42.13
N GLU O 187 -53.76 -24.70 -43.26
CA GLU O 187 -55.02 -23.95 -43.29
C GLU O 187 -56.04 -24.56 -42.35
N VAL O 188 -56.03 -25.88 -42.22
CA VAL O 188 -56.93 -26.55 -41.27
C VAL O 188 -56.59 -26.11 -39.85
N ILE O 189 -55.30 -26.02 -39.52
CA ILE O 189 -54.89 -25.57 -38.20
C ILE O 189 -55.34 -24.13 -37.98
N GLU O 190 -55.17 -23.27 -38.97
CA GLU O 190 -55.57 -21.87 -38.84
C GLU O 190 -57.08 -21.76 -38.61
N LYS O 191 -57.87 -22.55 -39.35
CA LYS O 191 -59.31 -22.56 -39.15
C LYS O 191 -59.66 -23.08 -37.76
N ARG O 192 -58.95 -24.11 -37.30
CA ARG O 192 -59.20 -24.67 -35.97
C ARG O 192 -58.93 -23.65 -34.87
N THR O 193 -57.91 -22.81 -35.06
CA THR O 193 -57.58 -21.81 -34.05
C THR O 193 -58.72 -20.83 -33.80
N LYS O 194 -59.64 -20.69 -34.76
CA LYS O 194 -60.81 -19.83 -34.59
C LYS O 194 -62.08 -20.56 -35.03
N ARG O 195 -62.14 -21.87 -34.81
CA ARG O 195 -63.29 -22.66 -35.22
C ARG O 195 -64.44 -22.53 -34.22
N ILE O 196 -65.59 -23.08 -34.61
CA ILE O 196 -66.79 -23.04 -33.77
C ILE O 196 -66.67 -24.03 -32.62
N VAL O 197 -67.58 -23.92 -31.66
CA VAL O 197 -67.64 -24.83 -30.51
C VAL O 197 -68.84 -25.73 -30.69
N SER O 198 -68.60 -27.04 -30.69
CA SER O 198 -69.67 -28.01 -30.87
C SER O 198 -69.36 -29.26 -30.03
N HIS O 199 -70.41 -30.02 -29.75
CA HIS O 199 -70.30 -31.24 -28.97
C HIS O 199 -70.42 -32.45 -29.90
N GLY O 200 -69.48 -33.37 -29.79
CA GLY O 200 -69.49 -34.55 -30.62
C GLY O 200 -68.11 -35.18 -30.67
N ASP O 201 -67.92 -36.05 -31.66
CA ASP O 201 -66.65 -36.76 -31.87
C ASP O 201 -66.23 -37.51 -30.61
N GLU O 202 -67.20 -38.18 -29.97
CA GLU O 202 -66.92 -38.92 -28.75
C GLU O 202 -66.36 -40.30 -29.07
N TYR O 203 -65.22 -40.62 -28.46
CA TYR O 203 -64.55 -41.90 -28.66
C TYR O 203 -64.72 -42.73 -27.40
N ILE O 204 -65.30 -43.92 -27.56
CA ILE O 204 -65.55 -44.84 -26.45
C ILE O 204 -64.75 -46.11 -26.68
N SER O 205 -63.96 -46.50 -25.68
CA SER O 205 -63.17 -47.71 -25.73
C SER O 205 -63.60 -48.64 -24.61
N VAL O 206 -63.79 -49.92 -24.93
CA VAL O 206 -64.21 -50.92 -23.95
C VAL O 206 -62.96 -51.64 -23.44
N VAL O 207 -62.74 -51.57 -22.13
CA VAL O 207 -61.57 -52.15 -21.49
C VAL O 207 -62.02 -53.07 -20.37
N ARG O 208 -61.45 -54.27 -20.32
CA ARG O 208 -61.73 -55.24 -19.26
C ARG O 208 -60.64 -55.13 -18.21
N THR O 209 -60.98 -54.58 -17.05
CA THR O 209 -60.04 -54.37 -15.96
C THR O 209 -60.42 -55.29 -14.80
N GLY O 210 -59.46 -56.12 -14.37
CA GLY O 210 -59.68 -57.05 -13.29
C GLY O 210 -59.01 -56.58 -12.02
N VAL O 211 -59.82 -56.40 -10.97
CA VAL O 211 -59.34 -55.96 -9.66
C VAL O 211 -59.70 -57.03 -8.64
N GLY O 212 -58.71 -57.49 -7.89
CA GLY O 212 -58.96 -58.52 -6.90
C GLY O 212 -59.23 -59.87 -7.55
N ASN O 213 -60.14 -60.62 -6.95
CA ASN O 213 -60.50 -61.95 -7.44
C ASN O 213 -61.60 -61.91 -8.48
N CYS O 214 -62.10 -60.72 -8.85
CA CYS O 214 -63.16 -60.57 -9.82
C CYS O 214 -62.68 -59.75 -11.00
N LYS O 215 -63.20 -60.07 -12.18
CA LYS O 215 -62.85 -59.38 -13.41
C LYS O 215 -64.02 -58.50 -13.84
N LEU O 216 -63.72 -57.27 -14.24
CA LEU O 216 -64.72 -56.31 -14.64
C LEU O 216 -64.40 -55.75 -16.03
N ILE O 217 -65.44 -55.33 -16.74
CA ILE O 217 -65.32 -54.74 -18.06
C ILE O 217 -65.93 -53.34 -18.02
N LEU O 218 -65.18 -52.35 -18.48
CA LEU O 218 -65.56 -50.95 -18.37
C LEU O 218 -65.46 -50.28 -19.73
N GLY O 219 -66.43 -49.42 -20.04
CA GLY O 219 -66.40 -48.66 -21.26
C GLY O 219 -65.76 -47.29 -21.07
N ALA O 220 -64.50 -47.16 -21.46
CA ALA O 220 -63.75 -45.94 -21.23
C ALA O 220 -64.13 -44.87 -22.25
N GLU O 221 -63.76 -43.63 -21.95
CA GLU O 221 -63.99 -42.49 -22.82
C GLU O 221 -62.64 -41.89 -23.20
N VAL O 222 -62.45 -41.65 -24.50
CA VAL O 222 -61.21 -41.12 -25.04
C VAL O 222 -61.48 -39.75 -25.63
N ASP O 223 -60.68 -38.76 -25.24
CA ASP O 223 -60.83 -37.38 -25.70
C ASP O 223 -59.76 -36.96 -26.68
N CYS O 224 -58.50 -37.36 -26.47
CA CYS O 224 -57.42 -36.97 -27.36
C CYS O 224 -56.31 -38.01 -27.30
N ILE O 225 -55.47 -38.00 -28.33
CA ILE O 225 -54.31 -38.90 -28.43
C ILE O 225 -53.08 -38.00 -28.46
N PHE O 226 -52.37 -37.92 -27.34
CA PHE O 226 -51.19 -37.06 -27.26
C PHE O 226 -50.06 -37.60 -28.12
N ASP O 227 -49.76 -38.89 -27.99
CA ASP O 227 -48.68 -39.52 -28.74
C ASP O 227 -49.20 -40.09 -30.05
N PHE O 228 -48.39 -40.92 -30.71
CA PHE O 228 -48.79 -41.53 -31.96
C PHE O 228 -49.93 -42.52 -31.74
N LYS O 229 -50.50 -42.99 -32.84
CA LYS O 229 -51.60 -43.93 -32.82
C LYS O 229 -51.20 -45.21 -33.56
N GLU O 230 -51.55 -46.36 -32.97
CA GLU O 230 -51.27 -47.66 -33.54
C GLU O 230 -52.55 -48.28 -34.08
N ASN O 231 -52.50 -48.74 -35.33
CA ASN O 231 -53.66 -49.35 -35.97
C ASN O 231 -53.74 -50.83 -35.61
N GLY O 232 -54.92 -51.27 -35.17
CA GLY O 232 -55.11 -52.66 -34.80
C GLY O 232 -54.27 -53.10 -33.62
N ARG O 233 -54.06 -52.22 -32.66
CA ARG O 233 -53.25 -52.53 -31.48
C ARG O 233 -53.82 -51.79 -30.28
N ASP O 234 -53.41 -52.24 -29.09
CA ASP O 234 -53.85 -51.60 -27.86
C ASP O 234 -53.40 -50.14 -27.83
N ASN O 235 -54.33 -49.25 -27.47
CA ASN O 235 -54.06 -47.82 -27.41
C ASN O 235 -54.29 -47.25 -26.02
N LEU O 236 -54.31 -48.10 -25.00
CA LEU O 236 -54.49 -47.60 -23.64
C LEU O 236 -53.36 -46.69 -23.22
N LYS O 237 -52.12 -47.07 -23.57
CA LYS O 237 -50.98 -46.20 -23.28
C LYS O 237 -50.95 -44.97 -24.17
N HIS O 238 -51.71 -44.97 -25.26
CA HIS O 238 -51.77 -43.84 -26.18
C HIS O 238 -52.90 -42.88 -25.86
N TYR O 239 -53.76 -43.20 -24.90
CA TYR O 239 -54.89 -42.35 -24.56
C TYR O 239 -54.44 -41.19 -23.67
N ALA O 240 -55.38 -40.32 -23.34
CA ALA O 240 -55.09 -39.16 -22.49
C ALA O 240 -56.38 -38.71 -21.83
N GLU O 241 -56.26 -37.70 -20.97
CA GLU O 241 -57.41 -37.14 -20.28
C GLU O 241 -57.12 -35.67 -19.99
N LEU O 242 -58.10 -34.80 -20.25
CA LEU O 242 -57.91 -33.37 -20.09
C LEU O 242 -59.14 -32.77 -19.40
N LYS O 243 -58.92 -31.65 -18.74
CA LYS O 243 -59.98 -30.92 -18.05
C LYS O 243 -59.50 -29.49 -17.82
N CYS O 244 -60.36 -28.69 -17.19
CA CYS O 244 -60.07 -27.29 -16.93
C CYS O 244 -60.36 -26.96 -15.47
N THR O 245 -59.60 -26.02 -14.92
CA THR O 245 -59.76 -25.60 -13.53
C THR O 245 -59.36 -24.14 -13.40
N GLN O 246 -59.81 -23.52 -12.31
CA GLN O 246 -59.52 -22.12 -12.06
C GLN O 246 -58.14 -21.95 -11.42
N GLN O 247 -57.60 -20.75 -11.55
CA GLN O 247 -56.31 -20.43 -10.96
C GLN O 247 -56.43 -20.32 -9.44
N VAL O 248 -55.41 -20.78 -8.74
CA VAL O 248 -55.42 -20.74 -7.28
C VAL O 248 -54.92 -19.38 -6.80
N ALA O 249 -55.36 -19.01 -5.60
CA ALA O 249 -54.97 -17.72 -5.01
C ALA O 249 -54.49 -17.90 -3.58
N ASN O 250 -54.95 -18.95 -2.91
CA ASN O 250 -54.58 -19.20 -1.51
C ASN O 250 -54.56 -20.71 -1.29
N ILE O 251 -54.54 -21.11 -0.01
CA ILE O 251 -54.47 -22.52 0.32
C ILE O 251 -55.82 -23.22 0.16
N SER O 252 -56.93 -22.46 0.18
CA SER O 252 -58.24 -23.07 -0.03
C SER O 252 -58.37 -23.58 -1.47
N ASP O 253 -57.99 -22.75 -2.44
CA ASP O 253 -57.99 -23.19 -3.83
C ASP O 253 -56.97 -24.29 -4.07
N THR O 254 -55.85 -24.27 -3.34
CA THR O 254 -54.89 -25.35 -3.43
C THR O 254 -55.49 -26.67 -2.95
N HIS O 255 -56.24 -26.63 -1.85
CA HIS O 255 -56.90 -27.84 -1.36
C HIS O 255 -57.99 -28.31 -2.33
N LYS O 256 -58.71 -27.36 -2.93
CA LYS O 256 -59.71 -27.73 -3.94
C LYS O 256 -59.06 -28.41 -5.13
N PHE O 257 -57.93 -27.88 -5.60
CA PHE O 257 -57.21 -28.51 -6.70
C PHE O 257 -56.67 -29.87 -6.29
N GLU O 258 -56.24 -30.02 -5.04
CA GLU O 258 -55.80 -31.32 -4.56
C GLU O 258 -56.94 -32.33 -4.56
N ARG O 259 -58.14 -31.89 -4.17
CA ARG O 259 -59.30 -32.77 -4.23
C ARG O 259 -59.65 -33.15 -5.67
N LYS O 260 -59.54 -32.19 -6.58
CA LYS O 260 -59.78 -32.50 -8.00
C LYS O 260 -58.75 -33.49 -8.52
N LEU O 261 -57.49 -33.34 -8.11
CA LEU O 261 -56.45 -34.29 -8.50
C LEU O 261 -56.72 -35.67 -7.90
N PHE O 262 -57.22 -35.71 -6.66
CA PHE O 262 -57.66 -36.97 -6.07
C PHE O 262 -58.73 -37.64 -6.93
N ARG O 263 -59.74 -36.86 -7.34
CA ARG O 263 -60.82 -37.42 -8.15
C ARG O 263 -60.30 -37.94 -9.49
N THR O 264 -59.44 -37.16 -10.16
CA THR O 264 -58.94 -37.59 -11.46
C THR O 264 -57.97 -38.76 -11.33
N TRP O 265 -57.22 -38.86 -10.22
CA TRP O 265 -56.34 -39.99 -10.01
C TRP O 265 -57.15 -41.26 -9.74
N LEU O 266 -58.24 -41.14 -8.99
CA LEU O 266 -59.14 -42.27 -8.81
C LEU O 266 -59.74 -42.70 -10.14
N GLN O 267 -60.12 -41.72 -10.97
CA GLN O 267 -60.64 -42.01 -12.30
C GLN O 267 -59.61 -42.82 -13.09
N CYS O 268 -58.39 -42.31 -13.18
CA CYS O 268 -57.35 -42.97 -13.95
C CYS O 268 -57.03 -44.35 -13.41
N PHE O 269 -56.93 -44.51 -12.09
CA PHE O 269 -56.70 -45.82 -11.52
C PHE O 269 -57.85 -46.77 -11.83
N LEU O 270 -59.07 -46.24 -11.95
CA LEU O 270 -60.20 -47.07 -12.33
C LEU O 270 -60.08 -47.55 -13.76
N VAL O 271 -59.64 -46.69 -14.68
CA VAL O 271 -59.55 -47.05 -16.10
C VAL O 271 -58.13 -47.41 -16.50
N GLY O 272 -57.16 -46.56 -16.17
CA GLY O 272 -55.81 -46.68 -16.69
C GLY O 272 -55.57 -45.67 -17.79
N ILE O 273 -54.93 -44.55 -17.44
CA ILE O 273 -54.73 -43.45 -18.37
C ILE O 273 -53.35 -42.85 -18.12
N PRO O 274 -52.49 -42.74 -19.14
CA PRO O 274 -51.14 -42.21 -18.89
C PRO O 274 -51.10 -40.71 -18.67
N ARG O 275 -51.87 -39.94 -19.43
CA ARG O 275 -51.79 -38.48 -19.41
C ARG O 275 -53.00 -37.89 -18.72
N ILE O 276 -52.75 -37.06 -17.70
CA ILE O 276 -53.81 -36.46 -16.90
C ILE O 276 -53.68 -34.94 -17.05
N ILE O 277 -53.30 -34.50 -18.26
CA ILE O 277 -53.07 -33.08 -18.52
C ILE O 277 -54.26 -32.25 -18.06
N TYR O 278 -53.97 -31.14 -17.38
CA TYR O 278 -54.97 -30.24 -16.83
C TYR O 278 -54.73 -28.83 -17.36
N GLY O 279 -55.83 -28.08 -17.50
CA GLY O 279 -55.78 -26.70 -17.95
C GLY O 279 -56.09 -25.75 -16.81
N PHE O 280 -55.51 -24.56 -16.87
CA PHE O 280 -55.69 -23.54 -15.84
C PHE O 280 -56.35 -22.32 -16.44
N LYS O 281 -57.36 -21.80 -15.76
CA LYS O 281 -58.08 -20.61 -16.18
C LYS O 281 -58.12 -19.60 -15.05
N ASP O 282 -58.46 -18.36 -15.40
CA ASP O 282 -58.52 -17.29 -14.41
C ASP O 282 -59.87 -16.60 -14.44
N ASP O 283 -59.99 -15.48 -13.71
CA ASP O 283 -61.25 -14.74 -13.70
C ASP O 283 -61.57 -14.16 -15.06
N HIS O 284 -60.55 -13.83 -15.86
CA HIS O 284 -60.75 -13.31 -17.20
C HIS O 284 -60.92 -14.40 -18.24
N TYR O 285 -60.87 -15.68 -17.84
CA TYR O 285 -61.03 -16.82 -18.72
C TYR O 285 -59.97 -16.82 -19.83
N VAL O 286 -58.71 -16.80 -19.39
CA VAL O 286 -57.56 -16.83 -20.28
C VAL O 286 -56.67 -17.99 -19.86
N LEU O 287 -56.27 -18.81 -20.83
CA LEU O 287 -55.40 -19.94 -20.54
C LEU O 287 -54.04 -19.44 -20.06
N LYS O 288 -53.55 -20.03 -18.98
CA LYS O 288 -52.29 -19.61 -18.37
C LYS O 288 -51.23 -20.69 -18.40
N THR O 289 -51.53 -21.89 -17.90
CA THR O 289 -50.54 -22.95 -17.79
C THR O 289 -51.18 -24.30 -18.13
N VAL O 290 -50.42 -25.15 -18.80
CA VAL O 290 -50.82 -26.51 -19.11
C VAL O 290 -49.76 -27.45 -18.56
N GLU O 291 -50.19 -28.44 -17.79
CA GLU O 291 -49.27 -29.34 -17.11
C GLU O 291 -49.22 -30.71 -17.80
N GLU O 292 -48.33 -31.57 -17.31
CA GLU O 292 -48.05 -32.87 -17.91
C GLU O 292 -47.97 -33.96 -16.85
N PHE O 293 -48.97 -34.03 -15.98
CA PHE O 293 -48.98 -35.02 -14.91
C PHE O 293 -48.93 -36.44 -15.47
N SER O 294 -48.24 -37.32 -14.74
CA SER O 294 -48.14 -38.73 -15.08
C SER O 294 -48.89 -39.56 -14.05
N THR O 295 -49.33 -40.75 -14.48
CA THR O 295 -50.14 -41.61 -13.62
C THR O 295 -49.39 -42.04 -12.38
N GLU O 296 -48.11 -42.39 -12.52
CA GLU O 296 -47.32 -42.82 -11.37
C GLU O 296 -46.88 -41.66 -10.49
N GLU O 297 -46.64 -40.49 -11.08
CA GLU O 297 -46.12 -39.35 -10.32
C GLU O 297 -47.19 -38.71 -9.44
N VAL O 298 -48.46 -38.76 -9.86
CA VAL O 298 -49.51 -38.06 -9.13
C VAL O 298 -49.67 -38.57 -7.70
N PRO O 299 -49.79 -39.87 -7.43
CA PRO O 299 -49.96 -40.31 -6.04
C PRO O 299 -48.80 -39.95 -5.13
N VAL O 300 -47.56 -39.98 -5.64
CA VAL O 300 -46.41 -39.69 -4.80
C VAL O 300 -46.43 -38.23 -4.33
N LEU O 301 -46.63 -37.31 -5.27
CA LEU O 301 -46.71 -35.89 -4.90
C LEU O 301 -47.94 -35.63 -4.04
N LEU O 302 -49.05 -36.31 -4.33
CA LEU O 302 -50.27 -36.12 -3.56
C LEU O 302 -50.07 -36.54 -2.11
N LYS O 303 -49.38 -37.66 -1.89
CA LYS O 303 -49.08 -38.10 -0.52
C LYS O 303 -48.06 -37.17 0.14
N ASN O 304 -47.07 -36.71 -0.63
CA ASN O 304 -46.04 -35.83 -0.07
C ASN O 304 -46.65 -34.51 0.40
N ASN O 305 -47.63 -33.98 -0.34
CA ASN O 305 -48.24 -32.72 0.04
C ASN O 305 -48.97 -32.86 1.38
N ASN O 306 -49.96 -33.74 1.44
CA ASN O 306 -50.74 -33.97 2.65
C ASN O 306 -50.91 -35.47 2.88
N PRO O 307 -50.61 -35.97 4.07
CA PRO O 307 -50.88 -37.39 4.35
C PRO O 307 -52.36 -37.73 4.32
N GLN O 308 -53.24 -36.76 4.63
CA GLN O 308 -54.67 -37.06 4.73
C GLN O 308 -55.25 -37.47 3.38
N VAL O 309 -54.87 -36.78 2.31
CA VAL O 309 -55.41 -37.14 0.99
C VAL O 309 -54.86 -38.48 0.53
N GLY O 310 -53.62 -38.82 0.89
CA GLY O 310 -53.11 -40.15 0.58
C GLY O 310 -53.84 -41.24 1.33
N SER O 311 -54.14 -41.01 2.61
CA SER O 311 -54.95 -41.96 3.36
C SER O 311 -56.34 -42.09 2.75
N ALA O 312 -56.90 -40.98 2.28
CA ALA O 312 -58.19 -41.04 1.57
C ALA O 312 -58.08 -41.85 0.29
N CYS O 313 -56.96 -41.71 -0.43
CA CYS O 313 -56.74 -42.51 -1.63
C CYS O 313 -56.73 -44.00 -1.29
N LEU O 314 -55.99 -44.37 -0.24
CA LEU O 314 -55.95 -45.78 0.17
C LEU O 314 -57.33 -46.27 0.58
N GLU O 315 -58.06 -45.46 1.34
CA GLU O 315 -59.39 -45.85 1.78
C GLU O 315 -60.33 -46.04 0.60
N ALA O 316 -60.24 -45.16 -0.41
CA ALA O 316 -61.10 -45.27 -1.58
C ALA O 316 -60.76 -46.50 -2.42
N ILE O 317 -59.47 -46.77 -2.61
CA ILE O 317 -59.10 -47.93 -3.42
C ILE O 317 -59.45 -49.23 -2.70
N LYS O 318 -59.44 -49.23 -1.37
CA LYS O 318 -59.90 -50.41 -0.64
C LYS O 318 -61.42 -50.52 -0.68
N TRP O 319 -62.12 -49.39 -0.58
CA TRP O 319 -63.58 -49.41 -0.56
C TRP O 319 -64.16 -49.81 -1.92
N TYR O 320 -63.47 -49.49 -3.01
CA TYR O 320 -63.94 -49.95 -4.32
C TYR O 320 -63.96 -51.47 -4.39
N GLY O 321 -62.87 -52.11 -3.95
CA GLY O 321 -62.84 -53.56 -3.92
C GLY O 321 -63.85 -54.15 -2.95
N LEU O 322 -64.02 -53.51 -1.79
CA LEU O 322 -65.01 -53.98 -0.83
C LEU O 322 -66.42 -53.91 -1.42
N LEU O 323 -66.74 -52.81 -2.09
CA LEU O 323 -68.06 -52.68 -2.72
C LEU O 323 -68.27 -53.70 -3.82
N THR O 324 -67.23 -53.95 -4.64
CA THR O 324 -67.37 -54.96 -5.67
C THR O 324 -67.60 -56.35 -5.07
N GLU O 325 -66.83 -56.69 -4.03
CA GLU O 325 -66.98 -58.00 -3.39
C GLU O 325 -68.33 -58.13 -2.69
N TRP O 326 -68.89 -57.02 -2.21
CA TRP O 326 -70.22 -57.08 -1.63
C TRP O 326 -71.29 -57.21 -2.70
N LEU O 327 -71.09 -56.56 -3.85
CA LEU O 327 -72.05 -56.66 -4.94
C LEU O 327 -72.09 -58.07 -5.52
N LEU O 328 -70.93 -58.72 -5.67
CA LEU O 328 -70.89 -60.07 -6.21
C LEU O 328 -71.22 -61.13 -5.17
N LYS O 329 -71.78 -60.75 -4.01
CA LYS O 329 -72.04 -61.68 -2.93
C LYS O 329 -73.49 -62.14 -2.90
N MET O 330 -74.44 -61.20 -2.81
CA MET O 330 -75.84 -61.54 -2.62
C MET O 330 -76.71 -61.35 -3.86
N ILE O 331 -76.18 -60.79 -4.94
CA ILE O 331 -76.96 -60.59 -6.15
C ILE O 331 -77.21 -61.93 -6.81
N PRO O 332 -78.47 -62.30 -7.06
CA PRO O 332 -78.76 -63.61 -7.67
C PRO O 332 -78.30 -63.69 -9.12
N ARG O 333 -77.30 -64.52 -9.39
CA ARG O 333 -76.76 -64.70 -10.72
C ARG O 333 -77.22 -66.04 -11.28
N ASP O 334 -77.82 -66.00 -12.47
CA ASP O 334 -78.29 -67.20 -13.15
C ASP O 334 -77.76 -67.18 -14.58
N GLU O 335 -76.93 -68.16 -14.92
CA GLU O 335 -76.34 -68.22 -16.25
C GLU O 335 -77.34 -68.65 -17.32
N ASP O 336 -78.51 -69.13 -16.94
CA ASP O 336 -79.51 -69.54 -17.92
C ASP O 336 -80.15 -68.32 -18.55
N PRO O 337 -80.09 -68.17 -19.88
CA PRO O 337 -80.75 -67.02 -20.51
C PRO O 337 -82.25 -66.99 -20.30
N HIS O 338 -82.90 -68.15 -20.21
CA HIS O 338 -84.35 -68.22 -20.05
C HIS O 338 -84.80 -67.91 -18.63
N SER O 339 -83.87 -67.77 -17.68
CA SER O 339 -84.24 -67.46 -16.30
C SER O 339 -84.86 -66.06 -16.20
N GLN O 340 -85.74 -65.89 -15.22
CA GLN O 340 -86.39 -64.61 -15.02
C GLN O 340 -85.39 -63.54 -14.62
N ILE O 341 -85.54 -62.35 -15.21
CA ILE O 341 -84.65 -61.24 -14.94
C ILE O 341 -85.18 -60.44 -13.76
N ARG O 342 -84.26 -59.94 -12.93
CA ARG O 342 -84.60 -59.15 -11.76
C ARG O 342 -83.99 -57.76 -11.89
N ALA O 343 -84.78 -56.74 -11.51
CA ALA O 343 -84.34 -55.35 -11.56
C ALA O 343 -84.14 -54.82 -10.15
N PHE O 344 -83.03 -54.10 -9.96
CA PHE O 344 -82.67 -53.56 -8.66
C PHE O 344 -82.40 -52.07 -8.78
N LYS O 345 -82.55 -51.37 -7.67
CA LYS O 345 -82.28 -49.94 -7.58
C LYS O 345 -81.27 -49.70 -6.46
N LEU O 346 -80.23 -48.93 -6.76
CA LEU O 346 -79.15 -48.68 -5.81
C LEU O 346 -79.11 -47.19 -5.50
N VAL O 347 -79.40 -46.83 -4.24
CA VAL O 347 -79.37 -45.46 -3.77
C VAL O 347 -78.49 -45.42 -2.52
N PHE O 348 -77.56 -44.46 -2.48
CA PHE O 348 -76.64 -44.31 -1.36
C PHE O 348 -77.29 -43.40 -0.32
N GLU O 349 -77.81 -44.00 0.75
CA GLU O 349 -78.46 -43.27 1.83
C GLU O 349 -77.90 -43.73 3.17
N ASN O 350 -77.72 -42.78 4.09
CA ASN O 350 -77.24 -43.06 5.44
C ASN O 350 -75.91 -43.81 5.42
N ASN O 351 -75.02 -43.39 4.52
CA ASN O 351 -73.69 -43.99 4.34
C ASN O 351 -73.76 -45.48 4.01
N HIS O 352 -74.88 -45.94 3.46
CA HIS O 352 -75.06 -47.33 3.07
C HIS O 352 -75.66 -47.41 1.69
N LEU O 353 -75.32 -48.47 0.96
CA LEU O 353 -75.85 -48.70 -0.38
C LEU O 353 -77.12 -49.53 -0.25
N ARG O 354 -78.25 -48.88 -0.52
CA ARG O 354 -79.56 -49.53 -0.40
C ARG O 354 -79.91 -50.22 -1.71
N LEU O 355 -79.88 -51.54 -1.72
CA LEU O 355 -80.21 -52.33 -2.90
C LEU O 355 -81.47 -53.14 -2.61
N SER O 356 -82.47 -53.02 -3.49
CA SER O 356 -83.72 -53.73 -3.33
C SER O 356 -84.26 -54.09 -4.70
N GLU O 357 -84.90 -55.25 -4.79
CA GLU O 357 -85.44 -55.74 -6.05
C GLU O 357 -86.79 -55.07 -6.32
N ILE O 358 -86.88 -54.38 -7.46
CA ILE O 358 -88.13 -53.73 -7.84
C ILE O 358 -89.13 -54.77 -8.29
N GLU O 359 -90.38 -54.62 -7.85
CA GLU O 359 -91.42 -55.57 -8.21
C GLU O 359 -91.68 -55.53 -9.71
N GLU O 360 -91.99 -56.69 -10.28
CA GLU O 360 -92.25 -56.79 -11.72
C GLU O 360 -93.50 -56.02 -12.13
N SER O 361 -94.44 -55.80 -11.21
CA SER O 361 -95.65 -55.05 -11.55
C SER O 361 -95.39 -53.55 -11.67
N ASP O 362 -94.22 -53.07 -11.25
CA ASP O 362 -93.92 -51.66 -11.36
C ASP O 362 -93.77 -51.24 -12.82
N GLU O 363 -94.16 -50.01 -13.12
CA GLU O 363 -94.08 -49.50 -14.49
C GLU O 363 -92.64 -49.33 -14.96
N GLU O 364 -91.69 -49.22 -14.04
CA GLU O 364 -90.29 -49.08 -14.42
C GLU O 364 -89.79 -50.34 -15.14
N TYR O 365 -90.14 -51.51 -14.63
CA TYR O 365 -89.73 -52.76 -15.27
C TYR O 365 -90.37 -52.90 -16.64
N SER O 366 -91.66 -52.52 -16.76
CA SER O 366 -92.34 -52.63 -18.05
C SER O 366 -91.69 -51.73 -19.10
N GLY O 367 -91.31 -50.51 -18.71
CA GLY O 367 -90.66 -49.60 -19.63
C GLY O 367 -89.20 -49.86 -19.87
N LEU O 368 -88.60 -50.81 -19.15
CA LEU O 368 -87.19 -51.15 -19.30
C LEU O 368 -86.97 -52.47 -20.03
N ILE O 369 -87.60 -53.54 -19.56
CA ILE O 369 -87.44 -54.86 -20.16
C ILE O 369 -88.61 -55.21 -21.07
N ASP O 370 -89.85 -55.05 -20.58
CA ASP O 370 -91.01 -55.32 -21.41
C ASP O 370 -91.12 -54.34 -22.57
N GLY O 371 -90.71 -53.10 -22.37
CA GLY O 371 -90.69 -52.10 -23.42
C GLY O 371 -89.50 -52.16 -24.33
N GLU O 372 -88.58 -53.10 -24.11
CA GLU O 372 -87.39 -53.29 -24.93
C GLU O 372 -86.51 -52.04 -24.94
N HIS O 373 -86.45 -51.32 -23.81
CA HIS O 373 -85.53 -50.20 -23.70
C HIS O 373 -84.08 -50.67 -23.79
N ILE O 374 -83.77 -51.77 -23.10
CA ILE O 374 -82.45 -52.41 -23.20
C ILE O 374 -82.66 -53.84 -23.65
N LEU O 375 -81.57 -54.61 -23.77
CA LEU O 375 -81.61 -56.00 -24.21
C LEU O 375 -82.26 -56.11 -25.59
N SER O 376 -81.58 -55.53 -26.57
CA SER O 376 -82.09 -55.48 -27.94
C SER O 376 -82.27 -56.90 -28.49
N ASN O 377 -82.99 -56.97 -29.62
CA ASN O 377 -83.31 -58.26 -30.22
C ASN O 377 -82.05 -59.00 -30.65
N GLY O 378 -81.10 -58.28 -31.26
CA GLY O 378 -79.85 -58.92 -31.66
C GLY O 378 -79.03 -59.38 -30.47
N PHE O 379 -78.95 -58.55 -29.43
CA PHE O 379 -78.22 -58.93 -28.22
C PHE O 379 -78.85 -60.14 -27.56
N LYS O 380 -80.19 -60.17 -27.47
CA LYS O 380 -80.86 -61.32 -26.89
C LYS O 380 -80.66 -62.57 -27.73
N GLU O 381 -80.68 -62.42 -29.07
CA GLU O 381 -80.42 -63.56 -29.94
C GLU O 381 -79.02 -64.11 -29.75
N TRP O 382 -78.03 -63.21 -29.64
CA TRP O 382 -76.66 -63.67 -29.38
C TRP O 382 -76.56 -64.36 -28.03
N ARG O 383 -77.26 -63.84 -27.02
CA ARG O 383 -77.26 -64.49 -25.71
C ARG O 383 -77.87 -65.89 -25.78
N LYS O 384 -78.98 -66.02 -26.51
CA LYS O 384 -79.61 -67.33 -26.65
C LYS O 384 -78.71 -68.30 -27.42
N SER O 385 -77.96 -67.80 -28.40
CA SER O 385 -77.03 -68.65 -29.14
C SER O 385 -75.94 -69.18 -28.25
N LEU O 386 -75.51 -68.40 -27.24
CA LEU O 386 -74.49 -68.88 -26.32
C LEU O 386 -74.99 -70.05 -25.48
N LYS O 387 -76.30 -70.12 -25.24
CA LYS O 387 -76.88 -71.20 -24.46
C LYS O 387 -76.74 -72.54 -25.17
N ARG R 797 -23.39 6.88 -32.16
CA ARG R 797 -23.75 7.75 -33.28
C ARG R 797 -24.66 8.88 -32.83
N GLU R 798 -24.56 9.24 -31.56
CA GLU R 798 -25.38 10.31 -31.02
C GLU R 798 -25.01 11.65 -31.65
N VAL R 799 -26.03 12.45 -31.98
CA VAL R 799 -25.79 13.75 -32.57
C VAL R 799 -25.14 14.70 -31.57
N ALA R 800 -25.54 14.60 -30.31
CA ALA R 800 -25.02 15.48 -29.26
C ALA R 800 -23.66 14.95 -28.78
N LEU R 801 -22.66 15.11 -29.64
CA LEU R 801 -21.30 14.69 -29.35
C LEU R 801 -20.33 15.69 -29.95
N GLY R 802 -19.52 16.32 -29.10
CA GLY R 802 -18.54 17.29 -29.58
C GLY R 802 -19.16 18.52 -30.23
N LYS R 803 -20.24 19.04 -29.65
CA LYS R 803 -20.90 20.22 -30.17
C LYS R 803 -21.01 21.28 -29.07
N THR R 804 -20.74 22.53 -29.44
CA THR R 804 -20.85 23.63 -28.49
C THR R 804 -22.31 23.85 -28.12
N VAL R 805 -22.60 23.90 -26.82
CA VAL R 805 -23.96 23.99 -26.32
C VAL R 805 -24.04 25.05 -25.24
N ARG R 806 -25.26 25.50 -24.97
CA ARG R 806 -25.56 26.46 -23.91
C ARG R 806 -26.63 25.89 -23.01
N ILE R 807 -26.40 25.94 -21.71
CA ILE R 807 -27.32 25.37 -20.72
C ILE R 807 -28.39 26.40 -20.39
N ARG R 808 -29.65 25.99 -20.50
CA ARG R 808 -30.79 26.82 -20.14
C ARG R 808 -31.44 26.29 -18.86
N SER R 809 -32.17 27.17 -18.19
CA SER R 809 -32.86 26.87 -16.94
C SER R 809 -31.88 26.43 -15.86
N ALA R 810 -32.40 25.93 -14.74
CA ALA R 810 -31.61 25.47 -13.61
C ALA R 810 -30.65 26.54 -13.11
N GLY R 811 -29.62 26.14 -12.37
CA GLY R 811 -28.64 27.05 -11.83
C GLY R 811 -27.50 27.40 -12.76
N TYR R 812 -27.42 26.78 -13.93
CA TYR R 812 -26.35 27.01 -14.90
C TYR R 812 -26.87 27.67 -16.16
N LYS R 813 -27.86 28.55 -16.02
CA LYS R 813 -28.44 29.22 -17.18
C LYS R 813 -27.44 30.18 -17.80
N GLY R 814 -27.30 30.13 -19.12
CA GLY R 814 -26.40 31.00 -19.84
C GLY R 814 -24.97 30.52 -19.94
N GLN R 815 -24.63 29.42 -19.29
CA GLN R 815 -23.27 28.90 -19.36
C GLN R 815 -23.00 28.26 -20.72
N LEU R 816 -21.73 28.27 -21.10
CA LEU R 816 -21.29 27.72 -22.38
C LEU R 816 -20.40 26.50 -22.12
N GLY R 817 -20.67 25.42 -22.85
CA GLY R 817 -19.89 24.20 -22.69
C GLY R 817 -19.97 23.34 -23.93
N ILE R 818 -19.24 22.23 -23.88
CA ILE R 818 -19.19 21.26 -24.98
C ILE R 818 -19.55 19.89 -24.42
N VAL R 819 -20.47 19.21 -25.11
CA VAL R 819 -20.88 17.87 -24.69
C VAL R 819 -19.72 16.90 -24.87
N LYS R 820 -19.51 16.05 -23.87
CA LYS R 820 -18.43 15.07 -23.89
C LYS R 820 -18.94 13.64 -23.97
N ASP R 821 -19.81 13.23 -23.05
CA ASP R 821 -20.35 11.88 -23.02
C ASP R 821 -21.85 11.93 -22.83
N VAL R 822 -22.54 10.95 -23.42
CA VAL R 822 -23.99 10.82 -23.32
C VAL R 822 -24.30 9.46 -22.70
N ASN R 823 -25.10 9.47 -21.64
CA ASN R 823 -25.51 8.25 -20.94
C ASN R 823 -27.03 8.25 -20.87
N GLY R 824 -27.66 7.71 -21.90
CA GLY R 824 -29.12 7.69 -21.95
C GLY R 824 -29.67 9.11 -22.02
N ASP R 825 -30.64 9.39 -21.16
CA ASP R 825 -31.25 10.71 -21.13
C ASP R 825 -30.34 11.76 -20.52
N LYS R 826 -29.28 11.35 -19.83
CA LYS R 826 -28.36 12.27 -19.19
C LYS R 826 -27.08 12.37 -20.00
N ALA R 827 -26.55 13.59 -20.11
CA ALA R 827 -25.33 13.85 -20.85
C ALA R 827 -24.38 14.67 -20.00
N THR R 828 -23.09 14.41 -20.18
CA THR R 828 -22.04 15.11 -19.43
C THR R 828 -21.54 16.30 -20.26
N VAL R 829 -21.66 17.50 -19.71
CA VAL R 829 -21.27 18.73 -20.38
C VAL R 829 -20.24 19.44 -19.52
N GLU R 830 -19.11 19.81 -20.13
CA GLU R 830 -18.09 20.58 -19.44
C GLU R 830 -18.48 22.06 -19.42
N LEU R 831 -17.63 22.87 -18.79
CA LEU R 831 -17.88 24.29 -18.68
C LEU R 831 -16.64 25.07 -19.10
N HIS R 832 -16.87 26.25 -19.68
CA HIS R 832 -15.77 27.07 -20.18
C HIS R 832 -15.09 27.83 -19.04
N SER R 833 -15.86 28.67 -18.33
CA SER R 833 -15.29 29.44 -17.24
C SER R 833 -14.98 28.57 -16.03
N LYS R 834 -15.89 27.67 -15.68
CA LYS R 834 -15.72 26.81 -14.52
C LYS R 834 -15.00 25.52 -14.92
N ASN R 835 -14.08 25.08 -14.06
CA ASN R 835 -13.32 23.85 -14.30
C ASN R 835 -14.00 22.69 -13.59
N LYS R 836 -15.18 22.33 -14.10
CA LYS R 836 -15.95 21.23 -13.53
C LYS R 836 -16.85 20.66 -14.61
N HIS R 837 -17.35 19.45 -14.35
CA HIS R 837 -18.24 18.75 -15.26
C HIS R 837 -19.59 18.52 -14.58
N ILE R 838 -20.67 18.75 -15.32
CA ILE R 838 -22.02 18.59 -14.82
C ILE R 838 -22.81 17.72 -15.77
N THR R 839 -23.78 16.98 -15.21
CA THR R 839 -24.64 16.10 -15.98
C THR R 839 -26.08 16.60 -15.92
N ILE R 840 -26.68 16.78 -17.09
CA ILE R 840 -28.06 17.27 -17.20
C ILE R 840 -28.76 16.52 -18.34
N ASP R 841 -30.07 16.71 -18.41
CA ASP R 841 -30.85 16.07 -19.46
C ASP R 841 -30.49 16.64 -20.83
N LYS R 842 -30.31 15.74 -21.80
CA LYS R 842 -29.92 16.17 -23.14
C LYS R 842 -31.02 16.94 -23.84
N HIS R 843 -32.28 16.68 -23.47
CA HIS R 843 -33.41 17.38 -24.07
C HIS R 843 -33.56 18.81 -23.58
N LYS R 844 -32.82 19.20 -22.54
CA LYS R 844 -32.97 20.52 -21.95
C LYS R 844 -32.05 21.55 -22.62
N LEU R 845 -30.75 21.27 -22.64
CA LEU R 845 -29.77 22.22 -23.15
C LEU R 845 -29.98 22.48 -24.64
N THR R 846 -29.76 23.72 -25.05
CA THR R 846 -29.85 24.11 -26.45
C THR R 846 -28.56 23.75 -27.18
N TYR R 847 -28.61 23.87 -28.51
CA TYR R 847 -27.48 23.51 -29.36
C TYR R 847 -27.12 24.69 -30.25
N TYR R 848 -25.82 25.02 -30.28
CA TYR R 848 -25.29 26.12 -31.07
C TYR R 848 -24.34 25.58 -32.13
N ASN R 849 -23.82 26.50 -32.95
CA ASN R 849 -22.83 26.14 -33.96
C ASN R 849 -21.42 26.22 -33.38
N ARG R 850 -20.52 25.41 -33.96
CA ARG R 850 -19.14 25.41 -33.50
C ARG R 850 -18.49 26.77 -33.72
N GLU R 851 -18.68 27.36 -34.91
CA GLU R 851 -18.13 28.68 -35.17
C GLU R 851 -18.93 29.77 -34.44
N GLY R 852 -20.26 29.64 -34.43
CA GLY R 852 -21.10 30.62 -33.77
C GLY R 852 -22.26 31.09 -34.62
N GLY R 853 -23.45 31.09 -34.05
CA GLY R 853 -24.63 31.53 -34.76
C GLY R 853 -25.91 31.37 -33.95
N GLU R 854 -27.01 31.05 -34.62
CA GLU R 854 -28.28 30.88 -33.93
C GLU R 854 -28.28 29.57 -33.13
N GLY R 855 -29.14 29.52 -32.12
CA GLY R 855 -29.29 28.35 -31.28
C GLY R 855 -30.65 27.71 -31.47
N ILE R 856 -30.69 26.38 -31.39
CA ILE R 856 -31.91 25.62 -31.58
C ILE R 856 -32.05 24.59 -30.45
N THR R 857 -33.25 24.07 -30.32
CA THR R 857 -33.57 23.08 -29.29
C THR R 857 -33.09 21.70 -29.74
N TYR R 858 -33.56 20.65 -29.07
CA TYR R 858 -33.19 19.28 -29.35
C TYR R 858 -33.82 18.74 -30.64
N ASP R 859 -34.41 19.59 -31.48
CA ASP R 859 -34.99 19.19 -32.77
C ASP R 859 -33.93 18.81 -33.80
N GLU R 860 -32.67 18.70 -33.42
CA GLU R 860 -31.59 18.33 -34.33
C GLU R 860 -31.70 16.89 -34.84
N LEU R 861 -32.66 16.11 -34.33
CA LEU R 861 -32.85 14.75 -34.83
C LEU R 861 -33.24 14.76 -36.30
N VAL R 862 -34.10 15.69 -36.71
CA VAL R 862 -34.53 15.78 -38.10
C VAL R 862 -33.48 16.40 -39.01
N ASN R 863 -32.43 17.00 -38.44
CA ASN R 863 -31.36 17.63 -39.22
C ASN R 863 -30.03 17.28 -38.55
N ARG R 864 -29.40 16.20 -39.04
CA ARG R 864 -28.14 15.71 -38.46
C ARG R 864 -26.99 16.61 -38.93
N ARG R 865 -26.95 17.80 -38.35
CA ARG R 865 -25.91 18.78 -38.65
C ARG R 865 -25.66 19.63 -37.41
N GLY R 866 -24.95 20.74 -37.58
CA GLY R 866 -24.65 21.62 -36.48
C GLY R 866 -25.67 22.72 -36.30
N ARG R 867 -25.21 23.93 -36.04
CA ARG R 867 -26.08 25.10 -35.85
C ARG R 867 -27.13 24.87 -34.77
#